data_9O9U
#
_entry.id   9O9U
#
_cell.length_a   1.00
_cell.length_b   1.00
_cell.length_c   1.00
_cell.angle_alpha   90.00
_cell.angle_beta   90.00
_cell.angle_gamma   90.00
#
_symmetry.space_group_name_H-M   'P 1'
#
loop_
_entity.id
_entity.type
_entity.pdbx_description
1 polymer Erlin-1
2 polymer Erlin-2
3 non-polymer 2-acetamido-2-deoxy-beta-D-glucopyranose
#
loop_
_entity_poly.entity_id
_entity_poly.type
_entity_poly.pdbx_seq_one_letter_code
_entity_poly.pdbx_strand_id
1 'polypeptide(L)'
;MSAWSHPQFEKGGGSGGGSGGSAWSHPQFEKGSGSMTQARVLVAAVVGLVAVLLYASIHKIEEGHLAVYYRGGALLTSPS
GPGYHIMLPFITTFRSVQTTLQTDEVKNVPCGTSGGVMIYIDRIEVVNMLAPYAVFDIVRNYTADYDKTLIFNKIHHELN
QFCSAHTLQEVYIELFDQIDENLKQALQKDLNLMAPGLTIQAVRVTKPKIPEAIRRNFELMEAEKTKLLIAAQKQKVVEK
EAETERKKAVIEAEKIAQVAKIRFQQKVMEKETEKRISEIEDAAFLAREKAKADAEYYAAHKYATSNKHKLTPEYLELKK
YQAIASNSKIYFGSNIPNMFVDSSCALKYSDIRTGRESSLPSKEALEPSGENVIQNKESTG
;
A,B,C,D,E,F,G,H,I,J,K,L,M
2 'polypeptide(L)'
;MAQLGAVVAVASSFFCASLFSAVHKIEEGHIGVYYRGGALLTSTSGPGFHLMLPFITSYKSVQTTLQTDEVKNVPCGTSG
GVMIYFDRIEVVNFLVPNAVYDIVKNYTADYDKALIFNKIHHELNQFCSVHTLQEVYIELFDQIDENLKLALQQDLTSMA
PGLVIQAVRVTKPNIPEAIRRNYELMESEKTKLLIAAQKQKVVEKEAETERKKALIEAEKVAQVAEITYGQKVMEKETEK
KISEIEDAAFLAREKAKADAECYTAMKIAEANKLKLTPEYLQLMKYKAIASNSKIYFGKDIPNMFMDSAGSVSKQFEGLA
DKLSFGLEDEPLETATKEN
;
a,b,c,d,e,f,g,h,i,j,k,l,m
#
# COMPACT_ATOMS: atom_id res chain seq x y z
N VAL A 52 2.11 57.95 108.93
CA VAL A 52 1.19 58.51 109.93
C VAL A 52 0.75 57.41 110.87
N LEU A 53 0.85 57.67 112.18
CA LEU A 53 0.53 56.66 113.18
C LEU A 53 -0.91 56.20 113.05
N LEU A 54 -1.86 57.15 113.01
CA LEU A 54 -3.27 56.78 112.98
C LEU A 54 -3.60 56.01 111.69
N TYR A 55 -3.12 56.50 110.55
CA TYR A 55 -3.41 55.84 109.29
C TYR A 55 -2.83 54.43 109.26
N ALA A 56 -1.60 54.27 109.76
CA ALA A 56 -0.99 52.95 109.78
C ALA A 56 -1.68 52.00 110.75
N SER A 57 -2.19 52.51 111.86
CA SER A 57 -2.77 51.67 112.89
C SER A 57 -4.27 51.44 112.72
N ILE A 58 -4.93 52.14 111.81
CA ILE A 58 -6.37 52.04 111.62
C ILE A 58 -6.64 51.17 110.39
N HIS A 59 -7.57 50.23 110.52
CA HIS A 59 -7.91 49.32 109.44
C HIS A 59 -9.32 48.79 109.67
N LYS A 60 -9.92 48.27 108.61
CA LYS A 60 -11.27 47.70 108.65
C LYS A 60 -11.25 46.31 108.06
N ILE A 61 -12.13 45.46 108.56
CA ILE A 61 -12.20 44.05 108.18
C ILE A 61 -13.59 43.78 107.62
N GLU A 62 -13.64 43.25 106.39
CA GLU A 62 -14.91 43.07 105.70
C GLU A 62 -15.80 42.07 106.44
N GLU A 63 -17.11 42.23 106.26
CA GLU A 63 -18.05 41.26 106.81
C GLU A 63 -17.83 39.90 106.18
N GLY A 64 -17.99 38.85 106.98
CA GLY A 64 -17.69 37.52 106.52
C GLY A 64 -16.22 37.20 106.45
N HIS A 65 -15.35 38.09 106.94
CA HIS A 65 -13.93 37.86 107.03
C HIS A 65 -13.51 37.82 108.49
N LEU A 66 -12.27 37.37 108.70
CA LEU A 66 -11.69 37.37 110.03
C LEU A 66 -10.20 37.66 109.89
N ALA A 67 -9.69 38.56 110.72
CA ALA A 67 -8.34 39.08 110.55
C ALA A 67 -7.35 38.35 111.44
N VAL A 68 -6.13 38.19 110.92
CA VAL A 68 -5.01 37.63 111.66
C VAL A 68 -3.83 38.59 111.48
N TYR A 69 -3.14 38.85 112.59
CA TYR A 69 -2.10 39.87 112.64
C TYR A 69 -0.72 39.23 112.79
N TYR A 70 0.28 39.88 112.20
CA TYR A 70 1.67 39.46 112.26
C TYR A 70 2.50 40.59 112.84
N ARG A 71 3.08 40.37 114.01
CA ARG A 71 4.02 41.30 114.63
C ARG A 71 5.34 40.58 114.79
N GLY A 72 6.35 41.01 114.04
CA GLY A 72 7.63 40.33 114.07
C GLY A 72 7.64 38.99 113.38
N GLY A 73 6.65 38.72 112.54
CA GLY A 73 6.57 37.45 111.84
C GLY A 73 5.78 36.37 112.55
N ALA A 74 5.41 36.59 113.81
CA ALA A 74 4.63 35.62 114.56
C ALA A 74 3.14 35.88 114.38
N LEU A 75 2.35 34.86 114.66
CA LEU A 75 0.89 34.93 114.58
C LEU A 75 0.35 35.21 115.98
N LEU A 76 -0.07 36.46 116.20
CA LEU A 76 -0.63 36.82 117.50
C LEU A 76 -1.88 36.01 117.78
N THR A 77 -2.04 35.61 119.05
CA THR A 77 -3.20 34.84 119.48
C THR A 77 -4.42 35.71 119.75
N SER A 78 -4.81 36.54 118.79
CA SER A 78 -5.93 37.46 118.96
C SER A 78 -6.58 37.72 117.60
N PRO A 79 -7.41 36.79 117.13
CA PRO A 79 -8.20 37.05 115.92
C PRO A 79 -9.33 38.04 116.24
N SER A 80 -9.37 39.13 115.48
CA SER A 80 -10.24 40.25 115.82
C SER A 80 -11.68 40.04 115.36
N GLY A 81 -11.89 39.93 114.05
CA GLY A 81 -13.22 39.82 113.50
C GLY A 81 -13.55 41.00 112.59
N PRO A 82 -14.81 41.12 112.21
CA PRO A 82 -15.22 42.20 111.29
C PRO A 82 -15.59 43.47 112.03
N GLY A 83 -15.16 44.59 111.47
CA GLY A 83 -15.47 45.90 112.02
C GLY A 83 -14.25 46.80 111.93
N TYR A 84 -14.24 47.81 112.79
CA TYR A 84 -13.12 48.74 112.91
C TYR A 84 -12.23 48.29 114.06
N HIS A 85 -10.92 48.20 113.79
CA HIS A 85 -9.97 47.71 114.78
C HIS A 85 -8.68 48.49 114.67
N ILE A 86 -7.91 48.44 115.76
CA ILE A 86 -6.67 49.19 115.90
C ILE A 86 -5.53 48.23 116.20
N MET A 87 -4.39 48.43 115.54
CA MET A 87 -3.21 47.60 115.75
C MET A 87 -1.99 48.49 115.85
N LEU A 88 -0.95 47.97 116.49
CA LEU A 88 0.30 48.72 116.61
C LEU A 88 0.88 48.97 115.23
N PRO A 89 1.16 50.22 114.85
CA PRO A 89 1.55 50.50 113.47
C PRO A 89 3.02 50.23 113.20
N PHE A 90 3.33 50.06 111.93
CA PHE A 90 4.67 50.01 111.36
C PHE A 90 5.42 48.71 111.68
N ILE A 91 4.89 47.85 112.55
CA ILE A 91 5.55 46.59 112.86
C ILE A 91 4.56 45.44 112.77
N THR A 92 3.27 45.77 112.73
CA THR A 92 2.20 44.76 112.70
C THR A 92 1.46 44.88 111.38
N THR A 93 1.41 43.78 110.63
CA THR A 93 0.61 43.68 109.42
C THR A 93 -0.60 42.79 109.69
N PHE A 94 -1.54 42.80 108.76
CA PHE A 94 -2.77 42.03 108.94
C PHE A 94 -3.17 41.39 107.62
N ARG A 95 -3.90 40.27 107.73
CA ARG A 95 -4.52 39.63 106.58
C ARG A 95 -5.91 39.15 106.99
N SER A 96 -6.90 39.42 106.16
CA SER A 96 -8.27 38.99 106.41
C SER A 96 -8.54 37.75 105.58
N VAL A 97 -8.86 36.64 106.26
CA VAL A 97 -9.22 35.40 105.60
C VAL A 97 -10.74 35.30 105.61
N GLN A 98 -11.32 34.97 104.45
CA GLN A 98 -12.77 34.87 104.35
C GLN A 98 -13.25 33.63 105.07
N THR A 99 -14.26 33.80 105.92
CA THR A 99 -14.85 32.71 106.69
C THR A 99 -16.21 32.28 106.16
N THR A 100 -16.62 32.79 105.00
CA THR A 100 -17.90 32.45 104.39
C THR A 100 -17.66 31.69 103.09
N LEU A 101 -18.76 31.36 102.41
CA LEU A 101 -18.70 30.55 101.20
C LEU A 101 -17.82 31.20 100.15
N GLN A 102 -16.68 30.57 99.85
CA GLN A 102 -15.78 31.02 98.81
C GLN A 102 -16.03 30.21 97.55
N THR A 103 -15.21 30.43 96.52
CA THR A 103 -15.34 29.67 95.28
C THR A 103 -14.11 29.88 94.41
N ASP A 104 -13.51 28.78 93.93
CA ASP A 104 -12.40 28.91 93.00
C ASP A 104 -12.35 27.68 92.12
N GLU A 105 -11.79 27.85 90.92
CA GLU A 105 -11.86 26.82 89.89
C GLU A 105 -10.47 26.56 89.30
N VAL A 106 -10.29 25.32 88.86
CA VAL A 106 -9.10 24.89 88.12
C VAL A 106 -9.51 24.63 86.69
N LYS A 107 -8.59 24.89 85.77
CA LYS A 107 -8.87 24.93 84.33
C LYS A 107 -8.13 23.82 83.61
N ASN A 108 -8.79 23.25 82.59
CA ASN A 108 -8.16 22.29 81.69
C ASN A 108 -7.46 21.17 82.45
N VAL A 109 -8.17 20.59 83.41
CA VAL A 109 -7.61 19.51 84.21
C VAL A 109 -7.66 18.24 83.37
N PRO A 110 -6.54 17.58 83.09
CA PRO A 110 -6.58 16.34 82.32
C PRO A 110 -7.15 15.19 83.14
N CYS A 111 -7.64 14.18 82.43
CA CYS A 111 -8.17 12.98 83.07
C CYS A 111 -7.97 11.83 82.10
N GLY A 112 -7.12 10.88 82.48
CA GLY A 112 -6.84 9.74 81.65
C GLY A 112 -7.75 8.57 81.97
N THR A 113 -8.69 8.27 81.08
CA THR A 113 -9.67 7.23 81.36
C THR A 113 -9.02 5.85 81.27
N SER A 114 -9.72 4.85 81.81
CA SER A 114 -9.18 3.51 81.83
C SER A 114 -9.00 2.95 80.42
N GLY A 115 -9.62 3.56 79.43
CA GLY A 115 -9.43 3.16 78.05
C GLY A 115 -8.16 3.66 77.42
N GLY A 116 -7.35 4.42 78.16
CA GLY A 116 -6.11 4.94 77.65
C GLY A 116 -6.21 6.25 76.90
N VAL A 117 -7.37 6.89 76.88
CA VAL A 117 -7.57 8.15 76.19
C VAL A 117 -7.70 9.26 77.21
N MET A 118 -7.24 10.45 76.82
CA MET A 118 -7.24 11.62 77.68
C MET A 118 -8.43 12.50 77.35
N ILE A 119 -9.15 12.93 78.39
CA ILE A 119 -10.23 13.90 78.26
C ILE A 119 -9.94 15.04 79.23
N TYR A 120 -10.05 16.27 78.75
CA TYR A 120 -9.72 17.44 79.54
C TYR A 120 -11.01 18.08 80.06
N ILE A 121 -11.18 18.09 81.37
CA ILE A 121 -12.32 18.76 81.99
C ILE A 121 -11.99 20.25 82.06
N ASP A 122 -12.80 21.08 81.40
CA ASP A 122 -12.41 22.46 81.19
C ASP A 122 -12.42 23.26 82.48
N ARG A 123 -13.37 23.02 83.37
CA ARG A 123 -13.50 23.82 84.58
C ARG A 123 -14.01 22.94 85.72
N ILE A 124 -13.26 22.92 86.81
CA ILE A 124 -13.66 22.25 88.04
C ILE A 124 -13.68 23.30 89.14
N GLU A 125 -14.87 23.68 89.60
CA GLU A 125 -15.04 24.67 90.64
C GLU A 125 -15.27 23.99 91.97
N VAL A 126 -14.76 24.60 93.04
CA VAL A 126 -14.97 24.14 94.40
C VAL A 126 -15.45 25.31 95.23
N VAL A 127 -16.52 25.10 95.99
CA VAL A 127 -17.06 26.07 96.93
C VAL A 127 -16.84 25.51 98.33
N ASN A 128 -16.13 26.26 99.17
CA ASN A 128 -15.73 25.81 100.49
C ASN A 128 -16.02 26.89 101.52
N MET A 129 -15.82 26.54 102.78
CA MET A 129 -16.01 27.47 103.88
C MET A 129 -15.41 26.88 105.14
N LEU A 130 -14.85 27.73 105.99
CA LEU A 130 -14.23 27.30 107.23
C LEU A 130 -14.89 28.00 108.41
N ALA A 131 -15.11 27.25 109.49
CA ALA A 131 -15.72 27.83 110.67
C ALA A 131 -14.81 28.90 111.26
N PRO A 132 -15.39 29.96 111.83
CA PRO A 132 -14.54 31.05 112.35
C PRO A 132 -13.53 30.60 113.38
N TYR A 133 -13.90 29.64 114.25
CA TYR A 133 -13.03 29.28 115.36
C TYR A 133 -11.75 28.59 114.91
N ALA A 134 -11.71 28.06 113.69
CA ALA A 134 -10.54 27.37 113.18
C ALA A 134 -9.59 28.29 112.42
N VAL A 135 -9.88 29.59 112.36
CA VAL A 135 -9.06 30.50 111.57
C VAL A 135 -7.64 30.54 112.11
N PHE A 136 -7.49 30.69 113.42
CA PHE A 136 -6.16 30.81 114.00
C PHE A 136 -5.31 29.61 113.63
N ASP A 137 -5.83 28.40 113.87
CA ASP A 137 -5.06 27.19 113.59
C ASP A 137 -4.78 27.06 112.10
N ILE A 138 -5.77 27.36 111.26
CA ILE A 138 -5.58 27.18 109.81
C ILE A 138 -4.45 28.08 109.31
N VAL A 139 -4.49 29.37 109.69
CA VAL A 139 -3.45 30.27 109.21
C VAL A 139 -2.10 29.95 109.84
N ARG A 140 -2.09 29.48 111.09
CA ARG A 140 -0.81 29.07 111.68
C ARG A 140 -0.21 27.92 110.91
N ASN A 141 -1.03 26.92 110.58
CA ASN A 141 -0.50 25.71 109.93
C ASN A 141 -0.10 25.98 108.50
N TYR A 142 -0.97 26.62 107.71
CA TYR A 142 -0.78 26.71 106.27
C TYR A 142 -0.85 28.14 105.74
N THR A 143 -0.71 29.14 106.62
CA THR A 143 -0.74 30.52 106.17
C THR A 143 -2.11 30.87 105.59
N ALA A 144 -2.17 31.92 104.77
CA ALA A 144 -3.41 32.35 104.16
C ALA A 144 -3.68 31.69 102.81
N ASP A 145 -2.71 30.94 102.27
CA ASP A 145 -2.89 30.22 101.01
C ASP A 145 -3.39 28.80 101.23
N TYR A 146 -4.09 28.56 102.33
CA TYR A 146 -4.57 27.21 102.62
C TYR A 146 -5.44 26.65 101.51
N ASP A 147 -6.15 27.52 100.77
CA ASP A 147 -6.94 27.02 99.65
C ASP A 147 -6.06 26.31 98.62
N LYS A 148 -5.01 26.99 98.16
CA LYS A 148 -4.12 26.38 97.18
C LYS A 148 -3.35 25.21 97.78
N THR A 149 -3.06 25.28 99.08
CA THR A 149 -2.28 24.20 99.69
C THR A 149 -3.11 22.94 99.89
N LEU A 150 -4.44 23.07 100.02
CA LEU A 150 -5.27 21.97 100.48
C LEU A 150 -6.29 21.47 99.48
N ILE A 151 -6.66 22.25 98.46
CA ILE A 151 -7.74 21.86 97.58
C ILE A 151 -7.32 21.81 96.12
N PHE A 152 -6.91 22.96 95.60
CA PHE A 152 -6.73 23.14 94.15
C PHE A 152 -5.41 22.58 93.65
N ASN A 153 -4.54 22.12 94.54
CA ASN A 153 -3.38 21.35 94.13
C ASN A 153 -3.67 19.86 94.10
N LYS A 154 -4.56 19.39 94.96
CA LYS A 154 -4.96 17.99 94.97
C LYS A 154 -6.04 17.67 93.95
N ILE A 155 -6.72 18.70 93.42
CA ILE A 155 -7.86 18.45 92.53
C ILE A 155 -7.44 17.59 91.36
N HIS A 156 -6.33 17.93 90.69
CA HIS A 156 -5.96 17.21 89.47
C HIS A 156 -5.59 15.76 89.78
N HIS A 157 -4.85 15.53 90.87
CA HIS A 157 -4.49 14.17 91.22
C HIS A 157 -5.71 13.34 91.58
N GLU A 158 -6.65 13.93 92.34
CA GLU A 158 -7.86 13.20 92.70
C GLU A 158 -8.67 12.87 91.47
N LEU A 159 -8.79 13.82 90.54
CA LEU A 159 -9.53 13.56 89.31
C LEU A 159 -8.87 12.47 88.50
N ASN A 160 -7.54 12.48 88.40
CA ASN A 160 -6.85 11.42 87.67
C ASN A 160 -7.09 10.06 88.32
N GLN A 161 -7.04 10.01 89.65
CA GLN A 161 -7.28 8.75 90.34
C GLN A 161 -8.70 8.25 90.08
N PHE A 162 -9.68 9.15 90.11
CA PHE A 162 -11.05 8.74 89.82
C PHE A 162 -11.20 8.28 88.38
N CYS A 163 -10.55 8.96 87.43
CA CYS A 163 -10.73 8.64 86.02
C CYS A 163 -10.06 7.32 85.67
N SER A 164 -8.90 7.03 86.27
CA SER A 164 -8.16 5.84 85.88
C SER A 164 -8.96 4.56 86.06
N ALA A 165 -9.98 4.57 86.91
CA ALA A 165 -10.79 3.40 87.18
C ALA A 165 -12.10 3.38 86.39
N HIS A 166 -12.27 4.30 85.43
CA HIS A 166 -13.50 4.38 84.66
C HIS A 166 -13.16 4.62 83.20
N THR A 167 -14.07 4.20 82.33
CA THR A 167 -13.90 4.34 80.89
C THR A 167 -14.39 5.71 80.43
N LEU A 168 -14.18 5.98 79.14
CA LEU A 168 -14.61 7.27 78.58
C LEU A 168 -16.12 7.42 78.67
N GLN A 169 -16.86 6.35 78.37
CA GLN A 169 -18.32 6.44 78.46
C GLN A 169 -18.78 6.73 79.89
N GLU A 170 -18.22 6.01 80.86
CA GLU A 170 -18.68 6.15 82.23
C GLU A 170 -18.46 7.56 82.75
N VAL A 171 -17.31 8.15 82.46
CA VAL A 171 -17.01 9.49 82.96
C VAL A 171 -17.75 10.54 82.15
N TYR A 172 -17.76 10.39 80.82
CA TYR A 172 -18.32 11.43 79.96
C TYR A 172 -19.84 11.51 80.11
N ILE A 173 -20.51 10.37 80.26
CA ILE A 173 -21.97 10.35 80.21
C ILE A 173 -22.57 9.77 81.48
N GLU A 174 -22.25 8.51 81.78
CA GLU A 174 -22.99 7.79 82.81
C GLU A 174 -22.70 8.35 84.20
N LEU A 175 -21.44 8.31 84.62
CA LEU A 175 -21.07 8.68 85.98
C LEU A 175 -20.77 10.16 86.14
N PHE A 176 -21.14 10.98 85.16
CA PHE A 176 -20.98 12.43 85.33
C PHE A 176 -21.81 12.95 86.48
N ASP A 177 -22.91 12.28 86.80
CA ASP A 177 -23.71 12.66 87.96
C ASP A 177 -22.95 12.46 89.26
N GLN A 178 -21.92 11.61 89.26
CA GLN A 178 -21.20 11.26 90.47
C GLN A 178 -19.75 11.73 90.50
N ILE A 179 -19.24 12.28 89.39
CA ILE A 179 -17.87 12.79 89.41
C ILE A 179 -17.70 13.81 90.53
N ASP A 180 -18.62 14.77 90.61
CA ASP A 180 -18.50 15.84 91.60
C ASP A 180 -18.59 15.28 93.01
N GLU A 181 -19.52 14.36 93.26
CA GLU A 181 -19.66 13.79 94.59
C GLU A 181 -18.41 13.03 95.00
N ASN A 182 -17.86 12.23 94.09
CA ASN A 182 -16.65 11.50 94.41
C ASN A 182 -15.48 12.44 94.72
N LEU A 183 -15.32 13.47 93.90
CA LEU A 183 -14.22 14.42 94.13
C LEU A 183 -14.40 15.16 95.46
N LYS A 184 -15.63 15.57 95.75
CA LYS A 184 -15.89 16.26 97.01
C LYS A 184 -15.59 15.36 98.20
N GLN A 185 -16.02 14.09 98.12
CA GLN A 185 -15.72 13.18 99.22
C GLN A 185 -14.23 12.96 99.37
N ALA A 186 -13.51 12.83 98.26
CA ALA A 186 -12.08 12.64 98.32
C ALA A 186 -11.40 13.82 99.01
N LEU A 187 -11.78 15.04 98.64
CA LEU A 187 -11.18 16.23 99.26
C LEU A 187 -11.51 16.30 100.74
N GLN A 188 -12.79 16.10 101.08
CA GLN A 188 -13.21 16.23 102.46
C GLN A 188 -12.58 15.18 103.35
N LYS A 189 -12.34 13.98 102.82
CA LYS A 189 -11.73 12.94 103.64
C LYS A 189 -10.36 13.37 104.15
N ASP A 190 -9.56 14.00 103.29
CA ASP A 190 -8.25 14.49 103.72
C ASP A 190 -8.37 15.71 104.61
N LEU A 191 -9.25 16.65 104.24
CA LEU A 191 -9.34 17.90 104.99
C LEU A 191 -9.79 17.64 106.42
N ASN A 192 -10.78 16.76 106.61
CA ASN A 192 -11.29 16.49 107.95
C ASN A 192 -10.16 16.10 108.88
N LEU A 193 -9.30 15.18 108.43
CA LEU A 193 -8.22 14.71 109.30
C LEU A 193 -7.12 15.74 109.45
N MET A 194 -6.73 16.42 108.37
CA MET A 194 -5.51 17.22 108.42
C MET A 194 -5.77 18.65 108.91
N ALA A 195 -6.80 19.32 108.38
CA ALA A 195 -7.10 20.71 108.69
C ALA A 195 -8.56 20.84 109.11
N PRO A 196 -8.89 20.47 110.34
CA PRO A 196 -10.30 20.55 110.77
C PRO A 196 -10.82 21.98 110.69
N GLY A 197 -12.10 22.10 110.36
CA GLY A 197 -12.75 23.39 110.28
C GLY A 197 -13.10 23.78 108.85
N LEU A 198 -12.18 23.52 107.93
CA LEU A 198 -12.43 23.79 106.52
C LEU A 198 -13.25 22.66 105.91
N THR A 199 -14.35 23.02 105.24
CA THR A 199 -15.26 22.05 104.65
C THR A 199 -15.54 22.44 103.21
N ILE A 200 -15.78 21.44 102.38
CA ILE A 200 -16.10 21.62 100.98
C ILE A 200 -17.61 21.56 100.86
N GLN A 201 -18.24 22.74 100.76
CA GLN A 201 -19.70 22.79 100.66
C GLN A 201 -20.18 22.17 99.34
N ALA A 202 -19.47 22.41 98.24
CA ALA A 202 -19.93 21.86 96.98
C ALA A 202 -18.78 21.81 95.98
N VAL A 203 -18.96 20.97 94.96
CA VAL A 203 -18.03 20.85 93.84
C VAL A 203 -18.83 20.87 92.56
N ARG A 204 -18.17 21.25 91.46
CA ARG A 204 -18.83 21.41 90.18
C ARG A 204 -17.81 21.11 89.09
N VAL A 205 -18.25 20.44 88.03
CA VAL A 205 -17.37 20.04 86.94
C VAL A 205 -18.08 20.24 85.62
N THR A 206 -17.37 20.72 84.61
CA THR A 206 -17.93 20.83 83.28
C THR A 206 -17.77 19.51 82.54
N LYS A 207 -18.50 19.38 81.43
CA LYS A 207 -18.43 18.16 80.63
C LYS A 207 -17.03 18.01 80.05
N PRO A 208 -16.39 16.84 80.18
CA PRO A 208 -15.05 16.67 79.63
C PRO A 208 -15.05 16.75 78.11
N LYS A 209 -13.94 17.25 77.57
CA LYS A 209 -13.74 17.26 76.12
C LYS A 209 -13.21 15.91 75.67
N ILE A 210 -13.74 15.41 74.56
CA ILE A 210 -13.35 14.10 74.03
C ILE A 210 -12.69 14.30 72.68
N PRO A 211 -11.83 13.39 72.23
CA PRO A 211 -11.16 13.56 70.94
C PRO A 211 -12.17 13.76 69.82
N GLU A 212 -11.68 14.32 68.71
CA GLU A 212 -12.57 14.61 67.59
C GLU A 212 -13.15 13.33 67.00
N ALA A 213 -12.32 12.29 66.87
CA ALA A 213 -12.81 11.04 66.28
C ALA A 213 -13.94 10.44 67.10
N ILE A 214 -13.80 10.42 68.43
CA ILE A 214 -14.85 9.87 69.28
C ILE A 214 -16.08 10.77 69.25
N ARG A 215 -15.88 12.08 69.25
CA ARG A 215 -17.01 12.99 69.19
C ARG A 215 -17.80 12.82 67.91
N ARG A 216 -17.10 12.62 66.78
CA ARG A 216 -17.78 12.44 65.51
C ARG A 216 -18.63 11.18 65.51
N ASN A 217 -18.11 10.09 66.07
CA ASN A 217 -18.86 8.84 66.11
C ASN A 217 -20.13 8.99 66.94
N PHE A 218 -20.04 9.69 68.07
CA PHE A 218 -21.23 9.91 68.88
C PHE A 218 -22.30 10.65 68.10
N GLU A 219 -21.90 11.50 67.15
CA GLU A 219 -22.89 12.20 66.32
C GLU A 219 -23.49 11.26 65.29
N LEU A 220 -22.67 10.39 64.69
CA LEU A 220 -23.20 9.42 63.73
C LEU A 220 -24.20 8.50 64.40
N MET A 221 -23.93 8.08 65.64
CA MET A 221 -24.89 7.25 66.36
C MET A 221 -26.23 7.95 66.48
N GLU A 222 -26.22 9.27 66.67
CA GLU A 222 -27.47 10.01 66.79
C GLU A 222 -28.16 10.20 65.44
N ALA A 223 -27.40 10.28 64.36
CA ALA A 223 -28.02 10.35 63.04
C ALA A 223 -28.81 9.09 62.74
N GLU A 224 -28.26 7.93 63.12
CA GLU A 224 -28.97 6.67 62.88
C GLU A 224 -30.29 6.63 63.65
N LYS A 225 -30.33 7.22 64.84
CA LYS A 225 -31.58 7.24 65.60
C LYS A 225 -32.66 8.01 64.85
N THR A 226 -32.28 9.11 64.20
CA THR A 226 -33.25 9.88 63.43
C THR A 226 -33.57 9.19 62.10
N LYS A 227 -32.58 8.55 61.48
CA LYS A 227 -32.83 7.86 60.22
C LYS A 227 -33.87 6.77 60.37
N LEU A 228 -34.05 6.23 61.58
CA LEU A 228 -35.11 5.26 61.80
C LEU A 228 -36.49 5.90 61.66
N LEU A 229 -36.60 7.19 61.96
CA LEU A 229 -37.88 7.87 61.84
C LEU A 229 -38.21 8.20 60.39
N ILE A 230 -37.21 8.52 59.58
CA ILE A 230 -37.46 8.84 58.17
C ILE A 230 -38.01 7.62 57.44
N ALA A 231 -37.44 6.45 57.72
CA ALA A 231 -37.92 5.22 57.10
C ALA A 231 -39.35 4.89 57.50
N ALA A 232 -39.73 5.18 58.74
CA ALA A 232 -41.09 4.91 59.20
C ALA A 232 -42.14 5.67 58.41
N GLN A 233 -41.76 6.76 57.76
CA GLN A 233 -42.66 7.54 56.91
C GLN A 233 -42.49 7.20 55.43
N LYS A 234 -41.26 6.96 54.99
CA LYS A 234 -41.05 6.46 53.64
C LYS A 234 -41.80 5.16 53.42
N GLN A 235 -42.02 4.40 54.49
CA GLN A 235 -42.83 3.19 54.40
C GLN A 235 -44.24 3.53 53.91
N LYS A 236 -44.89 4.50 54.55
CA LYS A 236 -46.22 4.89 54.14
C LYS A 236 -46.23 5.45 52.73
N VAL A 237 -45.22 6.24 52.39
CA VAL A 237 -45.16 6.81 51.03
C VAL A 237 -45.09 5.69 49.99
N VAL A 238 -44.22 4.71 50.23
CA VAL A 238 -44.06 3.60 49.28
C VAL A 238 -45.35 2.80 49.20
N GLU A 239 -46.00 2.57 50.35
CA GLU A 239 -47.25 1.83 50.34
C GLU A 239 -48.30 2.54 49.50
N LYS A 240 -48.41 3.86 49.64
CA LYS A 240 -49.41 4.59 48.87
C LYS A 240 -49.09 4.54 47.38
N GLU A 241 -47.82 4.67 47.01
CA GLU A 241 -47.47 4.59 45.60
C GLU A 241 -47.80 3.20 45.03
N ALA A 242 -47.50 2.15 45.78
CA ALA A 242 -47.84 0.80 45.31
C ALA A 242 -49.34 0.62 45.18
N GLU A 243 -50.12 1.17 46.12
CA GLU A 243 -51.57 1.08 46.02
C GLU A 243 -52.08 1.80 44.79
N THR A 244 -51.51 2.97 44.48
CA THR A 244 -51.90 3.68 43.27
C THR A 244 -51.63 2.84 42.03
N GLU A 245 -50.45 2.21 41.97
CA GLU A 245 -50.14 1.36 40.82
C GLU A 245 -51.12 0.19 40.73
N ARG A 246 -51.49 -0.39 41.87
CA ARG A 246 -52.45 -1.49 41.88
C ARG A 246 -53.78 -1.04 41.30
N LYS A 247 -54.26 0.12 41.72
CA LYS A 247 -55.54 0.62 41.21
C LYS A 247 -55.49 0.86 39.71
N LYS A 248 -54.38 1.44 39.24
CA LYS A 248 -54.24 1.67 37.79
C LYS A 248 -54.27 0.34 37.04
N ALA A 249 -53.56 -0.66 37.55
CA ALA A 249 -53.53 -1.96 36.87
C ALA A 249 -54.92 -2.59 36.83
N VAL A 250 -55.67 -2.48 37.92
CA VAL A 250 -57.03 -3.04 37.94
C VAL A 250 -57.90 -2.35 36.92
N ILE A 251 -57.78 -1.02 36.82
CA ILE A 251 -58.57 -0.29 35.83
C ILE A 251 -58.23 -0.75 34.42
N GLU A 252 -56.94 -0.93 34.14
CA GLU A 252 -56.54 -1.40 32.82
C GLU A 252 -57.10 -2.79 32.52
N ALA A 253 -57.08 -3.67 33.52
CA ALA A 253 -57.63 -5.01 33.32
C ALA A 253 -59.11 -4.94 32.99
N GLU A 254 -59.86 -4.10 33.70
CA GLU A 254 -61.29 -3.97 33.39
C GLU A 254 -61.50 -3.42 31.99
N LYS A 255 -60.69 -2.45 31.59
CA LYS A 255 -60.77 -1.94 30.22
C LYS A 255 -60.60 -3.07 29.22
N ILE A 256 -59.57 -3.90 29.41
CA ILE A 256 -59.32 -5.00 28.48
C ILE A 256 -60.51 -5.94 28.45
N ALA A 257 -61.10 -6.22 29.61
CA ALA A 257 -62.24 -7.13 29.67
C ALA A 257 -63.40 -6.61 28.84
N GLN A 258 -63.73 -5.32 29.00
CA GLN A 258 -64.86 -4.76 28.25
C GLN A 258 -64.58 -4.73 26.75
N VAL A 259 -63.36 -4.37 26.37
CA VAL A 259 -63.02 -4.38 24.94
C VAL A 259 -63.16 -5.78 24.37
N ALA A 260 -62.72 -6.79 25.12
CA ALA A 260 -62.86 -8.17 24.66
C ALA A 260 -64.32 -8.54 24.50
N LYS A 261 -65.17 -8.11 25.43
CA LYS A 261 -66.61 -8.37 25.29
C LYS A 261 -67.13 -7.82 23.96
N ILE A 262 -66.77 -6.58 23.65
CA ILE A 262 -67.22 -5.98 22.39
C ILE A 262 -66.72 -6.80 21.20
N ARG A 263 -65.44 -7.15 21.22
CA ARG A 263 -64.88 -7.89 20.09
C ARG A 263 -65.55 -9.25 19.93
N PHE A 264 -65.96 -9.87 21.03
CA PHE A 264 -66.57 -11.19 20.92
C PHE A 264 -67.99 -11.10 20.38
N GLN A 265 -68.72 -10.04 20.76
CA GLN A 265 -70.01 -9.80 20.09
C GLN A 265 -69.80 -9.63 18.59
N GLN A 266 -68.77 -8.88 18.20
CA GLN A 266 -68.46 -8.71 16.79
C GLN A 266 -68.17 -10.04 16.12
N LYS A 267 -67.42 -10.91 16.81
CA LYS A 267 -67.09 -12.22 16.23
C LYS A 267 -68.33 -13.07 16.02
N VAL A 268 -69.27 -13.02 16.97
CA VAL A 268 -70.51 -13.78 16.81
C VAL A 268 -71.27 -13.30 15.59
N MET A 269 -71.37 -11.97 15.42
CA MET A 269 -72.03 -11.45 14.24
C MET A 269 -71.30 -11.90 12.98
N GLU A 270 -69.97 -11.87 13.00
CA GLU A 270 -69.16 -12.30 11.87
C GLU A 270 -69.51 -13.72 11.47
N LYS A 271 -69.59 -14.62 12.45
CA LYS A 271 -69.84 -16.02 12.14
C LYS A 271 -71.26 -16.24 11.64
N GLU A 272 -72.24 -15.50 12.16
CA GLU A 272 -73.59 -15.62 11.62
C GLU A 272 -73.61 -15.21 10.15
N THR A 273 -72.95 -14.10 9.81
CA THR A 273 -72.90 -13.69 8.42
C THR A 273 -72.17 -14.72 7.56
N GLU A 274 -71.10 -15.31 8.10
CA GLU A 274 -70.39 -16.34 7.36
C GLU A 274 -71.26 -17.57 7.13
N LYS A 275 -72.15 -17.89 8.08
CA LYS A 275 -73.09 -18.97 7.86
C LYS A 275 -74.02 -18.65 6.70
N ARG A 276 -74.52 -17.41 6.65
CA ARG A 276 -75.36 -17.03 5.51
C ARG A 276 -74.58 -17.14 4.19
N ILE A 277 -73.33 -16.69 4.18
CA ILE A 277 -72.50 -16.81 2.99
C ILE A 277 -72.35 -18.27 2.60
N SER A 278 -72.17 -19.15 3.58
CA SER A 278 -72.03 -20.57 3.28
C SER A 278 -73.30 -21.13 2.67
N GLU A 279 -74.46 -20.67 3.15
CA GLU A 279 -75.71 -21.11 2.53
C GLU A 279 -75.77 -20.67 1.07
N ILE A 280 -75.36 -19.44 0.78
CA ILE A 280 -75.34 -18.97 -0.60
C ILE A 280 -74.39 -19.83 -1.44
N GLU A 281 -73.22 -20.15 -0.87
CA GLU A 281 -72.25 -20.98 -1.59
C GLU A 281 -72.83 -22.36 -1.87
N ASP A 282 -73.56 -22.93 -0.93
CA ASP A 282 -74.20 -24.23 -1.17
C ASP A 282 -75.23 -24.13 -2.29
N ALA A 283 -76.01 -23.05 -2.29
CA ALA A 283 -76.99 -22.88 -3.36
C ALA A 283 -76.30 -22.80 -4.72
N ALA A 284 -75.17 -22.09 -4.79
CA ALA A 284 -74.48 -21.95 -6.07
C ALA A 284 -73.79 -23.25 -6.48
N PHE A 285 -73.14 -23.92 -5.53
CA PHE A 285 -72.39 -25.14 -5.84
C PHE A 285 -73.32 -26.25 -6.31
N LEU A 286 -74.50 -26.36 -5.70
CA LEU A 286 -75.43 -27.42 -6.09
C LEU A 286 -75.82 -27.30 -7.55
N ALA A 287 -76.10 -26.08 -8.01
CA ALA A 287 -76.48 -25.90 -9.41
C ALA A 287 -75.31 -26.17 -10.35
N ARG A 288 -74.10 -25.75 -9.96
CA ARG A 288 -72.94 -25.97 -10.81
C ARG A 288 -72.69 -27.46 -11.02
N GLU A 289 -72.81 -28.26 -9.95
CA GLU A 289 -72.57 -29.69 -10.08
C GLU A 289 -73.66 -30.36 -10.91
N LYS A 290 -74.88 -29.86 -10.86
CA LYS A 290 -75.92 -30.38 -11.74
C LYS A 290 -75.58 -30.12 -13.20
N ALA A 291 -75.08 -28.93 -13.51
CA ALA A 291 -74.72 -28.61 -14.89
C ALA A 291 -73.60 -29.52 -15.38
N LYS A 292 -72.58 -29.75 -14.55
CA LYS A 292 -71.51 -30.65 -14.94
C LYS A 292 -72.04 -32.07 -15.15
N ALA A 293 -72.98 -32.50 -14.30
CA ALA A 293 -73.56 -33.83 -14.46
C ALA A 293 -74.28 -33.95 -15.80
N ASP A 294 -75.05 -32.93 -16.18
CA ASP A 294 -75.78 -33.00 -17.45
C ASP A 294 -74.83 -32.91 -18.64
N ALA A 295 -73.78 -32.11 -18.53
CA ALA A 295 -72.82 -32.00 -19.62
C ALA A 295 -72.11 -33.33 -19.86
N GLU A 296 -71.73 -34.02 -18.77
CA GLU A 296 -71.12 -35.34 -18.92
C GLU A 296 -72.13 -36.36 -19.44
N TYR A 297 -73.38 -36.26 -18.99
CA TYR A 297 -74.41 -37.19 -19.45
C TYR A 297 -74.62 -37.07 -20.95
N TYR A 298 -74.68 -35.83 -21.47
CA TYR A 298 -74.88 -35.65 -22.90
C TYR A 298 -73.69 -36.15 -23.69
N ALA A 299 -72.47 -35.83 -23.24
CA ALA A 299 -71.29 -36.27 -23.96
C ALA A 299 -71.22 -37.79 -24.02
N ALA A 300 -71.53 -38.47 -22.91
CA ALA A 300 -71.49 -39.93 -22.90
C ALA A 300 -72.51 -40.51 -23.86
N HIS A 301 -73.70 -39.91 -23.94
CA HIS A 301 -74.73 -40.42 -24.84
C HIS A 301 -74.30 -40.32 -26.28
N LYS A 302 -73.65 -39.23 -26.67
CA LYS A 302 -73.16 -39.10 -28.03
C LYS A 302 -71.95 -40.00 -28.28
N TYR A 303 -71.09 -40.18 -27.27
CA TYR A 303 -70.04 -41.18 -27.37
C TYR A 303 -70.65 -42.57 -27.52
N ALA A 304 -71.66 -42.87 -26.71
CA ALA A 304 -72.28 -44.20 -26.76
C ALA A 304 -72.89 -44.48 -28.12
N THR A 305 -73.61 -43.52 -28.68
CA THR A 305 -74.25 -43.73 -29.98
C THR A 305 -73.26 -43.70 -31.13
N SER A 306 -72.11 -43.05 -30.95
CA SER A 306 -71.07 -43.09 -31.97
C SER A 306 -70.32 -44.41 -31.96
N ASN A 307 -70.21 -45.06 -30.80
CA ASN A 307 -69.50 -46.32 -30.71
C ASN A 307 -70.15 -47.39 -31.57
N LYS A 308 -71.48 -47.33 -31.73
CA LYS A 308 -72.17 -48.38 -32.47
C LYS A 308 -71.73 -48.45 -33.92
N HIS A 309 -71.06 -47.41 -34.42
CA HIS A 309 -70.52 -47.40 -35.77
C HIS A 309 -69.00 -47.60 -35.79
N LYS A 310 -68.28 -46.86 -34.95
CA LYS A 310 -66.82 -46.94 -34.96
C LYS A 310 -66.33 -48.29 -34.45
N LEU A 311 -66.88 -48.75 -33.32
CA LEU A 311 -66.39 -49.96 -32.67
C LEU A 311 -66.86 -51.18 -33.46
N THR A 312 -66.08 -51.51 -34.47
CA THR A 312 -66.28 -52.69 -35.31
C THR A 312 -65.17 -53.69 -35.07
N PRO A 313 -65.33 -54.92 -35.56
CA PRO A 313 -64.27 -55.92 -35.36
C PRO A 313 -62.91 -55.47 -35.85
N GLU A 314 -62.85 -54.77 -36.98
CA GLU A 314 -61.56 -54.36 -37.53
C GLU A 314 -60.93 -53.26 -36.68
N TYR A 315 -61.73 -52.28 -36.26
CA TYR A 315 -61.20 -51.23 -35.40
C TYR A 315 -60.72 -51.81 -34.08
N LEU A 316 -61.47 -52.76 -33.52
CA LEU A 316 -61.04 -53.39 -32.28
C LEU A 316 -59.75 -54.19 -32.48
N GLU A 317 -59.61 -54.87 -33.62
CA GLU A 317 -58.37 -55.57 -33.92
C GLU A 317 -57.19 -54.61 -33.99
N LEU A 318 -57.39 -53.46 -34.65
CA LEU A 318 -56.32 -52.48 -34.75
C LEU A 318 -55.93 -51.97 -33.37
N LYS A 319 -56.92 -51.64 -32.54
CA LYS A 319 -56.62 -51.16 -31.19
C LYS A 319 -55.92 -52.24 -30.39
N LYS A 320 -56.34 -53.50 -30.55
CA LYS A 320 -55.68 -54.61 -29.86
C LYS A 320 -54.21 -54.68 -30.24
N TYR A 321 -53.92 -54.62 -31.54
CA TYR A 321 -52.53 -54.65 -31.98
C TYR A 321 -51.74 -53.51 -31.35
N GLN A 322 -52.27 -52.30 -31.45
CA GLN A 322 -51.53 -51.14 -30.94
C GLN A 322 -51.29 -51.24 -29.45
N ALA A 323 -52.30 -51.64 -28.69
CA ALA A 323 -52.14 -51.71 -27.23
C ALA A 323 -51.19 -52.83 -26.83
N ILE A 324 -51.31 -54.01 -27.45
CA ILE A 324 -50.45 -55.11 -27.08
C ILE A 324 -48.99 -54.79 -27.40
N ALA A 325 -48.74 -54.19 -28.55
CA ALA A 325 -47.37 -53.92 -28.97
C ALA A 325 -46.87 -52.54 -28.56
N SER A 326 -47.65 -51.78 -27.80
CA SER A 326 -47.25 -50.41 -27.48
C SER A 326 -45.90 -50.36 -26.79
N ASN A 327 -45.74 -51.12 -25.71
CA ASN A 327 -44.53 -51.07 -24.89
C ASN A 327 -44.20 -52.50 -24.50
N SER A 328 -43.35 -53.15 -25.31
CA SER A 328 -43.05 -54.57 -25.13
C SER A 328 -41.56 -54.78 -25.31
N LYS A 329 -41.13 -56.02 -25.10
CA LYS A 329 -39.74 -56.42 -25.29
C LYS A 329 -39.79 -57.88 -25.75
N ILE A 330 -39.73 -58.08 -27.06
CA ILE A 330 -40.09 -59.36 -27.65
C ILE A 330 -38.92 -60.32 -27.61
N TYR A 331 -39.15 -61.51 -27.06
CA TYR A 331 -38.25 -62.65 -27.22
C TYR A 331 -38.98 -63.70 -28.06
N PHE A 332 -38.37 -64.13 -29.15
CA PHE A 332 -39.02 -65.09 -30.02
C PHE A 332 -37.97 -65.92 -30.72
N GLY A 333 -38.42 -67.03 -31.30
CA GLY A 333 -37.52 -67.95 -31.99
C GLY A 333 -37.92 -69.39 -31.74
N SER A 334 -36.93 -70.29 -31.78
CA SER A 334 -37.17 -71.70 -31.53
C SER A 334 -36.19 -72.29 -30.51
N ASN A 335 -35.36 -71.46 -29.90
CA ASN A 335 -34.41 -71.91 -28.89
C ASN A 335 -34.37 -70.92 -27.74
N ILE A 336 -35.53 -70.39 -27.35
CA ILE A 336 -35.54 -69.38 -26.29
C ILE A 336 -34.94 -70.00 -25.03
N PRO A 337 -33.96 -69.36 -24.40
CA PRO A 337 -33.35 -69.97 -23.21
C PRO A 337 -34.34 -70.07 -22.06
N ASN A 338 -34.12 -71.07 -21.21
CA ASN A 338 -34.98 -71.31 -20.06
C ASN A 338 -34.55 -70.52 -18.82
N MET A 339 -33.52 -69.70 -18.93
CA MET A 339 -33.08 -68.83 -17.84
C MET A 339 -33.39 -67.38 -18.17
N PHE A 340 -33.45 -66.55 -17.13
CA PHE A 340 -33.74 -65.14 -17.32
C PHE A 340 -33.37 -64.41 -16.04
N VAL A 341 -32.84 -63.20 -16.20
CA VAL A 341 -32.37 -62.39 -15.07
C VAL A 341 -32.78 -60.94 -15.31
N ASP A 342 -33.12 -60.25 -14.23
CA ASP A 342 -33.46 -58.83 -14.31
C ASP A 342 -32.44 -57.99 -13.53
N SER B 18 -21.41 66.23 103.06
CA SER B 18 -21.92 65.42 104.16
C SER B 18 -23.44 65.42 104.19
N LEU B 19 -24.03 66.59 103.91
CA LEU B 19 -25.49 66.69 103.96
C LEU B 19 -26.14 65.77 102.94
N PHE B 20 -25.61 65.73 101.71
CA PHE B 20 -26.16 64.83 100.70
C PHE B 20 -25.85 63.38 101.03
N SER B 21 -24.65 63.11 101.53
CA SER B 21 -24.26 61.73 101.83
C SER B 21 -25.09 61.14 102.95
N ALA B 22 -25.58 61.97 103.86
CA ALA B 22 -26.36 61.46 104.99
C ALA B 22 -27.64 60.78 104.52
N VAL B 23 -28.33 61.38 103.54
CA VAL B 23 -29.60 60.86 103.06
C VAL B 23 -29.34 60.00 101.83
N HIS B 24 -30.16 58.96 101.67
CA HIS B 24 -30.02 58.04 100.56
C HIS B 24 -31.40 57.54 100.14
N LYS B 25 -31.43 56.87 99.00
CA LYS B 25 -32.68 56.47 98.34
C LYS B 25 -32.79 54.96 98.33
N ILE B 26 -33.92 54.43 98.77
CA ILE B 26 -34.22 53.00 98.73
C ILE B 26 -35.53 52.83 97.99
N GLU B 27 -35.47 52.16 96.83
CA GLU B 27 -36.64 52.03 95.97
C GLU B 27 -37.64 51.06 96.59
N GLU B 28 -38.84 51.04 96.00
CA GLU B 28 -39.87 50.11 96.44
C GLU B 28 -39.46 48.69 96.08
N GLY B 29 -39.79 47.75 96.97
CA GLY B 29 -39.41 46.37 96.79
C GLY B 29 -37.98 46.05 97.16
N HIS B 30 -37.22 47.03 97.63
CA HIS B 30 -35.84 46.83 98.05
C HIS B 30 -35.74 46.95 99.57
N ILE B 31 -34.63 46.48 100.11
CA ILE B 31 -34.30 46.65 101.52
C ILE B 31 -32.86 47.09 101.62
N GLY B 32 -32.59 48.04 102.52
CA GLY B 32 -31.26 48.58 102.68
C GLY B 32 -30.48 47.82 103.74
N VAL B 33 -29.19 47.61 103.46
CA VAL B 33 -28.27 47.00 104.41
C VAL B 33 -27.04 47.89 104.47
N TYR B 34 -26.65 48.25 105.69
CA TYR B 34 -25.63 49.27 105.91
C TYR B 34 -24.35 48.64 106.46
N TYR B 35 -23.22 49.20 106.05
CA TYR B 35 -21.89 48.77 106.48
C TYR B 35 -21.21 49.95 107.16
N ARG B 36 -21.09 49.88 108.49
CA ARG B 36 -20.36 50.92 109.21
C ARG B 36 -18.90 50.96 108.78
N GLY B 37 -18.24 49.82 108.84
CA GLY B 37 -17.02 49.59 108.09
C GLY B 37 -16.70 48.11 108.09
N GLY B 38 -16.57 47.54 106.91
CA GLY B 38 -16.37 46.11 106.78
C GLY B 38 -17.30 45.27 107.64
N ALA B 39 -18.42 45.83 108.08
CA ALA B 39 -19.29 45.14 109.01
C ALA B 39 -20.74 45.47 108.70
N LEU B 40 -21.57 44.44 108.68
CA LEU B 40 -22.98 44.56 108.30
C LEU B 40 -23.80 44.87 109.54
N LEU B 41 -24.45 46.04 109.55
CA LEU B 41 -25.25 46.46 110.70
C LEU B 41 -26.45 45.53 110.89
N THR B 42 -26.86 45.37 112.15
CA THR B 42 -27.98 44.50 112.48
C THR B 42 -29.32 45.11 112.08
N SER B 43 -29.37 46.38 111.71
CA SER B 43 -30.62 47.07 111.43
C SER B 43 -30.80 47.23 109.93
N THR B 44 -31.95 46.79 109.42
CA THR B 44 -32.32 46.98 108.02
C THR B 44 -33.12 48.28 107.90
N SER B 45 -33.66 48.54 106.71
CA SER B 45 -34.43 49.75 106.48
C SER B 45 -35.34 49.53 105.28
N GLY B 46 -36.62 49.90 105.42
CA GLY B 46 -37.55 49.75 104.35
C GLY B 46 -37.39 50.83 103.31
N PRO B 47 -38.24 50.81 102.28
CA PRO B 47 -38.16 51.82 101.23
C PRO B 47 -38.53 53.20 101.75
N GLY B 48 -37.95 54.22 101.11
CA GLY B 48 -38.23 55.60 101.43
C GLY B 48 -36.94 56.37 101.61
N PHE B 49 -37.03 57.48 102.33
CA PHE B 49 -35.86 58.29 102.67
C PHE B 49 -35.32 57.84 104.01
N HIS B 50 -34.00 57.65 104.08
CA HIS B 50 -33.37 57.15 105.29
C HIS B 50 -32.02 57.84 105.48
N LEU B 51 -31.57 57.83 106.72
CA LEU B 51 -30.32 58.47 107.12
C LEU B 51 -29.31 57.42 107.58
N MET B 52 -28.04 57.65 107.24
CA MET B 52 -26.95 56.83 107.73
C MET B 52 -25.82 57.78 108.16
N LEU B 53 -24.74 57.21 108.68
CA LEU B 53 -23.63 58.04 109.12
C LEU B 53 -23.01 58.74 107.90
N PRO B 54 -22.43 59.93 108.11
CA PRO B 54 -22.09 60.79 106.96
C PRO B 54 -21.16 60.16 105.95
N PHE B 55 -19.96 59.75 106.38
CA PHE B 55 -18.95 59.26 105.44
C PHE B 55 -18.62 57.78 105.63
N ILE B 56 -18.35 57.35 106.86
CA ILE B 56 -17.81 56.02 107.07
C ILE B 56 -18.78 54.95 106.57
N THR B 57 -20.06 55.09 106.87
CA THR B 57 -21.03 54.05 106.56
C THR B 57 -21.40 54.08 105.08
N SER B 58 -21.53 52.89 104.49
CA SER B 58 -22.04 52.71 103.14
C SER B 58 -23.33 51.90 103.20
N TYR B 59 -24.00 51.80 102.06
CA TYR B 59 -25.26 51.08 102.00
C TYR B 59 -25.37 50.29 100.71
N LYS B 60 -26.17 49.23 100.75
CA LYS B 60 -26.49 48.43 99.58
C LYS B 60 -27.98 48.13 99.60
N SER B 61 -28.64 48.32 98.47
CA SER B 61 -30.05 48.02 98.32
C SER B 61 -30.20 46.65 97.67
N VAL B 62 -30.85 45.72 98.36
CA VAL B 62 -31.05 44.36 97.89
C VAL B 62 -32.53 44.19 97.58
N GLN B 63 -32.81 43.75 96.35
CA GLN B 63 -34.19 43.64 95.90
C GLN B 63 -34.91 42.52 96.63
N THR B 64 -36.21 42.73 96.85
CA THR B 64 -37.04 41.77 97.58
C THR B 64 -38.16 41.18 96.75
N THR B 65 -38.50 41.78 95.60
CA THR B 65 -39.59 41.31 94.76
C THR B 65 -39.04 40.42 93.66
N LEU B 66 -39.95 39.87 92.85
CA LEU B 66 -39.56 38.97 91.78
C LEU B 66 -38.58 39.66 90.82
N GLN B 67 -37.49 38.97 90.53
CA GLN B 67 -36.50 39.44 89.58
C GLN B 67 -35.99 38.27 88.77
N THR B 68 -35.65 38.53 87.51
CA THR B 68 -35.28 37.49 86.56
C THR B 68 -33.88 37.75 86.01
N ASP B 69 -33.12 36.67 85.85
CA ASP B 69 -31.82 36.75 85.19
C ASP B 69 -31.55 35.45 84.48
N GLU B 70 -30.72 35.51 83.44
CA GLU B 70 -30.57 34.41 82.51
C GLU B 70 -29.11 34.00 82.37
N VAL B 71 -28.92 32.74 81.97
CA VAL B 71 -27.62 32.20 81.60
C VAL B 71 -27.69 31.84 80.12
N LYS B 72 -26.63 32.15 79.39
CA LYS B 72 -26.61 32.03 77.93
C LYS B 72 -25.65 30.93 77.49
N ASN B 73 -26.01 30.27 76.39
CA ASN B 73 -25.16 29.27 75.75
C ASN B 73 -24.72 28.20 76.76
N VAL B 74 -25.68 27.70 77.51
CA VAL B 74 -25.41 26.64 78.48
C VAL B 74 -25.29 25.32 77.74
N PRO B 75 -24.17 24.61 77.81
CA PRO B 75 -24.07 23.32 77.13
C PRO B 75 -24.78 22.21 77.89
N CYS B 76 -25.11 21.14 77.17
CA CYS B 76 -25.81 20.01 77.75
C CYS B 76 -25.49 18.78 76.93
N GLY B 77 -24.81 17.82 77.54
CA GLY B 77 -24.49 16.60 76.82
C GLY B 77 -25.53 15.53 77.05
N THR B 78 -26.25 15.16 75.99
CA THR B 78 -27.30 14.17 76.11
C THR B 78 -26.70 12.79 76.31
N SER B 79 -27.55 11.84 76.74
CA SER B 79 -27.08 10.49 77.00
C SER B 79 -26.53 9.83 75.74
N GLY B 80 -26.86 10.35 74.57
CA GLY B 80 -26.32 9.83 73.33
C GLY B 80 -24.93 10.31 73.01
N GLY B 81 -24.36 11.18 73.82
CA GLY B 81 -23.01 11.68 73.61
C GLY B 81 -22.91 12.96 72.82
N VAL B 82 -24.01 13.47 72.27
CA VAL B 82 -23.99 14.71 71.50
C VAL B 82 -24.28 15.87 72.44
N MET B 83 -23.64 17.00 72.19
CA MET B 83 -23.80 18.21 72.99
C MET B 83 -24.76 19.16 72.29
N ILE B 84 -25.77 19.63 73.03
CA ILE B 84 -26.74 20.60 72.56
C ILE B 84 -26.69 21.79 73.49
N TYR B 85 -26.78 22.99 72.92
CA TYR B 85 -26.59 24.22 73.67
C TYR B 85 -27.92 24.93 73.83
N PHE B 86 -28.33 25.18 75.07
CA PHE B 86 -29.48 26.00 75.36
C PHE B 86 -29.06 27.46 75.31
N ASP B 87 -29.65 28.22 74.38
CA ASP B 87 -29.22 29.60 74.18
C ASP B 87 -29.59 30.49 75.36
N ARG B 88 -30.63 30.12 76.10
CA ARG B 88 -31.14 30.97 77.16
C ARG B 88 -31.85 30.13 78.21
N ILE B 89 -31.45 30.29 79.46
CA ILE B 89 -32.12 29.70 80.61
C ILE B 89 -32.35 30.81 81.61
N GLU B 90 -33.59 31.23 81.76
CA GLU B 90 -33.96 32.31 82.66
C GLU B 90 -34.48 31.74 83.97
N VAL B 91 -34.07 32.35 85.08
CA VAL B 91 -34.58 32.01 86.40
C VAL B 91 -35.16 33.27 87.01
N VAL B 92 -36.38 33.16 87.54
CA VAL B 92 -37.05 34.24 88.24
C VAL B 92 -37.20 33.82 89.69
N ASN B 93 -36.74 34.69 90.60
CA ASN B 93 -36.71 34.39 92.02
C ASN B 93 -37.07 35.64 92.81
N PHE B 94 -37.54 35.41 94.04
CA PHE B 94 -37.87 36.50 94.93
C PHE B 94 -37.41 36.16 96.34
N LEU B 95 -37.11 37.20 97.12
CA LEU B 95 -36.54 37.07 98.45
C LEU B 95 -37.56 37.51 99.49
N VAL B 96 -37.75 36.69 100.52
CA VAL B 96 -38.62 37.08 101.63
C VAL B 96 -38.01 38.27 102.35
N PRO B 97 -38.78 39.30 102.71
CA PRO B 97 -38.16 40.49 103.32
C PRO B 97 -37.43 40.21 104.62
N ASN B 98 -37.95 39.30 105.45
CA ASN B 98 -37.35 39.09 106.77
C ASN B 98 -35.99 38.43 106.67
N ALA B 99 -35.82 37.50 105.73
CA ALA B 99 -34.58 36.74 105.62
C ALA B 99 -33.48 37.51 104.89
N VAL B 100 -33.73 38.76 104.50
CA VAL B 100 -32.74 39.51 103.73
C VAL B 100 -31.47 39.71 104.55
N TYR B 101 -31.62 40.05 105.83
CA TYR B 101 -30.46 40.30 106.68
C TYR B 101 -29.58 39.07 106.75
N ASP B 102 -30.18 37.91 107.05
CA ASP B 102 -29.40 36.68 107.16
C ASP B 102 -28.77 36.31 105.82
N ILE B 103 -29.51 36.48 104.72
CA ILE B 103 -28.96 36.12 103.41
C ILE B 103 -27.74 36.97 103.10
N VAL B 104 -27.82 38.28 103.33
CA VAL B 104 -26.69 39.14 103.01
C VAL B 104 -25.54 38.88 103.97
N LYS B 105 -25.84 38.48 105.21
CA LYS B 105 -24.77 38.16 106.14
C LYS B 105 -24.02 36.90 105.70
N ASN B 106 -24.75 35.83 105.41
CA ASN B 106 -24.11 34.58 105.02
C ASN B 106 -23.38 34.72 103.70
N TYR B 107 -23.99 35.38 102.73
CA TYR B 107 -23.43 35.56 101.40
C TYR B 107 -23.51 37.02 101.01
N THR B 108 -22.54 37.46 100.21
CA THR B 108 -22.47 38.86 99.84
C THR B 108 -23.76 39.29 99.13
N ALA B 109 -23.90 40.61 98.94
CA ALA B 109 -25.10 41.13 98.30
C ALA B 109 -25.36 40.46 96.96
N ASP B 110 -24.30 40.11 96.23
CA ASP B 110 -24.45 39.39 94.97
C ASP B 110 -24.62 37.90 95.23
N TYR B 111 -25.56 37.55 96.10
CA TYR B 111 -25.77 36.15 96.45
C TYR B 111 -26.28 35.36 95.26
N ASP B 112 -27.20 35.95 94.48
CA ASP B 112 -27.92 35.19 93.47
C ASP B 112 -26.97 34.48 92.52
N LYS B 113 -25.85 35.10 92.18
CA LYS B 113 -24.91 34.47 91.26
C LYS B 113 -24.51 33.11 91.81
N ALA B 114 -23.81 33.10 92.94
CA ALA B 114 -23.29 31.86 93.50
C ALA B 114 -24.39 30.92 93.96
N LEU B 115 -25.61 31.42 94.18
CA LEU B 115 -26.67 30.57 94.71
C LEU B 115 -27.52 29.93 93.62
N ILE B 116 -27.59 30.51 92.42
CA ILE B 116 -28.44 29.99 91.36
C ILE B 116 -27.65 29.81 90.07
N PHE B 117 -27.01 30.87 89.61
CA PHE B 117 -26.55 30.92 88.23
C PHE B 117 -25.18 30.28 88.04
N ASN B 118 -24.50 29.93 89.12
CA ASN B 118 -23.31 29.10 89.04
C ASN B 118 -23.65 27.61 89.04
N LYS B 119 -24.79 27.23 89.61
CA LYS B 119 -25.24 25.85 89.62
C LYS B 119 -26.17 25.51 88.47
N ILE B 120 -26.68 26.50 87.75
CA ILE B 120 -27.63 26.22 86.67
C ILE B 120 -27.00 25.24 85.68
N HIS B 121 -25.78 25.51 85.24
CA HIS B 121 -25.17 24.69 84.21
C HIS B 121 -24.89 23.27 84.71
N HIS B 122 -24.46 23.14 85.96
CA HIS B 122 -24.21 21.81 86.50
C HIS B 122 -25.49 21.01 86.62
N GLU B 123 -26.56 21.63 87.13
CA GLU B 123 -27.83 20.92 87.23
C GLU B 123 -28.35 20.53 85.85
N LEU B 124 -28.21 21.42 84.87
CA LEU B 124 -28.67 21.10 83.53
C LEU B 124 -27.87 19.93 82.94
N ASN B 125 -26.55 19.92 83.16
CA ASN B 125 -25.74 18.82 82.67
C ASN B 125 -26.13 17.50 83.34
N GLN B 126 -26.38 17.54 84.64
CA GLN B 126 -26.82 16.34 85.34
C GLN B 126 -28.14 15.83 84.78
N PHE B 127 -29.07 16.75 84.50
CA PHE B 127 -30.36 16.36 83.93
C PHE B 127 -30.17 15.77 82.55
N CYS B 128 -29.32 16.38 81.72
CA CYS B 128 -29.15 15.92 80.35
C CYS B 128 -28.44 14.56 80.28
N SER B 129 -27.52 14.30 81.22
CA SER B 129 -26.78 13.05 81.16
C SER B 129 -27.71 11.83 81.23
N VAL B 130 -28.91 12.00 81.77
CA VAL B 130 -29.82 10.88 81.94
C VAL B 130 -30.81 10.73 80.79
N HIS B 131 -31.02 11.77 79.99
CA HIS B 131 -32.03 11.77 78.96
C HIS B 131 -31.39 11.86 77.58
N THR B 132 -31.96 11.13 76.62
CA THR B 132 -31.44 11.13 75.27
C THR B 132 -31.78 12.43 74.56
N LEU B 133 -31.25 12.60 73.35
CA LEU B 133 -31.47 13.83 72.61
C LEU B 133 -32.95 14.02 72.29
N GLN B 134 -33.64 12.95 71.88
CA GLN B 134 -35.06 13.07 71.56
C GLN B 134 -35.85 13.52 72.77
N GLU B 135 -35.58 12.94 73.94
CA GLU B 135 -36.37 13.26 75.12
C GLU B 135 -36.22 14.73 75.50
N VAL B 136 -34.99 15.23 75.50
CA VAL B 136 -34.75 16.62 75.90
C VAL B 136 -35.28 17.57 74.84
N TYR B 137 -35.09 17.24 73.57
CA TYR B 137 -35.42 18.17 72.49
C TYR B 137 -36.92 18.25 72.27
N ILE B 138 -37.63 17.12 72.40
CA ILE B 138 -39.04 17.05 71.99
C ILE B 138 -39.94 16.63 73.13
N GLU B 139 -39.74 15.41 73.64
CA GLU B 139 -40.72 14.81 74.53
C GLU B 139 -40.65 15.39 75.94
N LEU B 140 -39.52 15.25 76.61
CA LEU B 140 -39.38 15.69 77.99
C LEU B 140 -39.10 17.18 78.10
N PHE B 141 -39.30 17.95 77.04
CA PHE B 141 -38.93 19.36 77.06
C PHE B 141 -39.73 20.12 78.12
N ASP B 142 -41.03 19.86 78.21
CA ASP B 142 -41.86 20.60 79.15
C ASP B 142 -41.53 20.31 80.60
N GLN B 143 -40.75 19.27 80.89
CA GLN B 143 -40.38 18.93 82.26
C GLN B 143 -39.04 19.52 82.69
N ILE B 144 -38.29 20.13 81.76
CA ILE B 144 -37.00 20.70 82.11
C ILE B 144 -37.16 21.79 83.16
N ASP B 145 -38.16 22.65 82.98
CA ASP B 145 -38.39 23.72 83.95
C ASP B 145 -38.61 23.15 85.34
N GLU B 146 -39.52 22.19 85.47
CA GLU B 146 -39.83 21.64 86.78
C GLU B 146 -38.61 20.96 87.38
N ASN B 147 -37.88 20.18 86.57
CA ASN B 147 -36.73 19.47 87.11
C ASN B 147 -35.67 20.44 87.61
N LEU B 148 -35.31 21.44 86.80
CA LEU B 148 -34.28 22.38 87.21
C LEU B 148 -34.73 23.22 88.40
N LYS B 149 -35.99 23.63 88.41
CA LYS B 149 -36.50 24.42 89.52
C LYS B 149 -36.46 23.63 90.82
N LEU B 150 -36.87 22.35 90.78
CA LEU B 150 -36.79 21.54 91.99
C LEU B 150 -35.35 21.33 92.42
N ALA B 151 -34.45 21.10 91.46
CA ALA B 151 -33.05 20.90 91.81
C ALA B 151 -32.47 22.13 92.52
N LEU B 152 -32.83 23.32 92.04
CA LEU B 152 -32.34 24.54 92.68
C LEU B 152 -33.00 24.75 94.04
N GLN B 153 -34.32 24.54 94.13
CA GLN B 153 -35.05 24.86 95.35
C GLN B 153 -34.68 23.92 96.49
N GLN B 154 -34.50 22.63 96.19
CA GLN B 154 -34.14 21.69 97.25
C GLN B 154 -32.81 22.06 97.88
N ASP B 155 -31.87 22.53 97.06
CA ASP B 155 -30.58 22.97 97.59
C ASP B 155 -30.73 24.27 98.37
N LEU B 156 -31.50 25.22 97.86
CA LEU B 156 -31.61 26.52 98.52
C LEU B 156 -32.34 26.43 99.84
N THR B 157 -33.33 25.54 99.96
CA THR B 157 -34.20 25.55 101.14
C THR B 157 -33.42 25.30 102.43
N SER B 158 -32.23 24.74 102.36
CA SER B 158 -31.47 24.41 103.57
C SER B 158 -30.57 25.56 104.00
N MET B 159 -29.68 26.00 103.11
CA MET B 159 -28.67 26.99 103.44
C MET B 159 -29.05 28.41 102.99
N ALA B 160 -30.30 28.62 102.59
CA ALA B 160 -30.75 29.95 102.22
C ALA B 160 -32.27 30.03 102.34
N PRO B 161 -32.82 29.84 103.54
CA PRO B 161 -34.28 29.88 103.68
C PRO B 161 -34.83 31.28 103.54
N GLY B 162 -35.50 31.55 102.42
CA GLY B 162 -36.07 32.86 102.16
C GLY B 162 -35.88 33.29 100.72
N LEU B 163 -34.85 32.77 100.07
CA LEU B 163 -34.60 33.07 98.66
C LEU B 163 -35.35 32.03 97.84
N VAL B 164 -36.62 32.30 97.57
CA VAL B 164 -37.48 31.37 96.86
C VAL B 164 -37.28 31.56 95.36
N ILE B 165 -37.33 30.45 94.62
CA ILE B 165 -37.22 30.46 93.17
C ILE B 165 -38.64 30.29 92.62
N GLN B 166 -39.16 31.34 91.99
CA GLN B 166 -40.55 31.32 91.54
C GLN B 166 -40.71 30.55 90.24
N ALA B 167 -39.81 30.75 89.27
CA ALA B 167 -40.03 30.12 87.97
C ALA B 167 -38.72 29.95 87.23
N VAL B 168 -38.73 29.04 86.25
CA VAL B 168 -37.61 28.82 85.35
C VAL B 168 -38.16 28.66 83.94
N ARG B 169 -37.48 29.24 82.96
CA ARG B 169 -37.84 29.14 81.57
C ARG B 169 -36.61 28.80 80.75
N VAL B 170 -36.80 28.04 79.67
CA VAL B 170 -35.69 27.50 78.90
C VAL B 170 -36.04 27.60 77.41
N THR B 171 -35.05 27.98 76.61
CA THR B 171 -35.25 27.93 75.16
C THR B 171 -34.94 26.54 74.63
N LYS B 172 -35.46 26.23 73.45
CA LYS B 172 -35.21 24.93 72.86
C LYS B 172 -33.73 24.82 72.48
N PRO B 173 -33.10 23.67 72.74
CA PRO B 173 -31.66 23.55 72.50
C PRO B 173 -31.32 23.62 71.01
N ASN B 174 -30.03 23.84 70.76
CA ASN B 174 -29.49 23.87 69.40
C ASN B 174 -28.94 22.50 69.06
N ILE B 175 -29.30 22.00 67.88
CA ILE B 175 -28.99 20.62 67.48
C ILE B 175 -27.92 20.68 66.40
N PRO B 176 -27.05 19.68 66.28
CA PRO B 176 -26.08 19.67 65.18
C PRO B 176 -26.79 19.69 63.83
N GLU B 177 -26.12 20.30 62.85
CA GLU B 177 -26.72 20.44 61.53
C GLU B 177 -27.12 19.09 60.96
N ALA B 178 -26.27 18.07 61.12
CA ALA B 178 -26.56 16.77 60.54
C ALA B 178 -27.85 16.19 61.10
N ILE B 179 -28.04 16.29 62.42
CA ILE B 179 -29.27 15.76 63.02
C ILE B 179 -30.46 16.62 62.62
N ARG B 180 -30.28 17.93 62.55
CA ARG B 180 -31.39 18.82 62.22
C ARG B 180 -31.92 18.53 60.83
N ARG B 181 -31.03 18.25 59.87
CA ARG B 181 -31.49 17.97 58.51
C ARG B 181 -32.41 16.77 58.48
N ASN B 182 -32.08 15.71 59.22
CA ASN B 182 -32.91 14.51 59.22
C ASN B 182 -34.32 14.83 59.74
N TYR B 183 -34.42 15.65 60.78
CA TYR B 183 -35.72 16.02 61.29
C TYR B 183 -36.54 16.73 60.22
N GLU B 184 -35.89 17.60 59.43
CA GLU B 184 -36.57 18.23 58.31
C GLU B 184 -36.98 17.20 57.27
N LEU B 185 -36.12 16.22 56.99
CA LEU B 185 -36.43 15.20 55.99
C LEU B 185 -37.63 14.37 56.41
N MET B 186 -37.79 14.12 57.71
CA MET B 186 -38.95 13.35 58.17
C MET B 186 -40.25 14.05 57.80
N GLU B 187 -40.31 15.37 57.99
CA GLU B 187 -41.53 16.09 57.66
C GLU B 187 -41.83 16.02 56.17
N SER B 188 -40.80 16.11 55.33
CA SER B 188 -41.01 15.97 53.90
C SER B 188 -41.74 14.67 53.57
N GLU B 189 -41.36 13.58 54.24
CA GLU B 189 -42.07 12.32 54.05
C GLU B 189 -43.52 12.45 54.51
N LYS B 190 -43.75 13.14 55.63
CA LYS B 190 -45.11 13.32 56.11
C LYS B 190 -45.96 14.07 55.11
N THR B 191 -45.34 14.90 54.27
CA THR B 191 -46.06 15.66 53.26
C THR B 191 -46.09 14.96 51.91
N LYS B 192 -45.01 14.26 51.55
CA LYS B 192 -45.01 13.50 50.31
C LYS B 192 -46.05 12.39 50.32
N LEU B 193 -46.50 11.97 51.50
CA LEU B 193 -47.62 11.03 51.57
C LEU B 193 -48.90 11.67 51.07
N LEU B 194 -49.13 12.94 51.42
CA LEU B 194 -50.35 13.61 50.99
C LEU B 194 -50.37 13.83 49.49
N ILE B 195 -49.21 14.09 48.89
CA ILE B 195 -49.13 14.27 47.45
C ILE B 195 -49.57 13.00 46.73
N ALA B 196 -49.16 11.85 47.25
CA ALA B 196 -49.54 10.57 46.66
C ALA B 196 -51.04 10.34 46.69
N ALA B 197 -51.72 10.76 47.75
CA ALA B 197 -53.16 10.58 47.84
C ALA B 197 -53.92 11.31 46.74
N GLN B 198 -53.34 12.36 46.17
CA GLN B 198 -53.96 13.08 45.06
C GLN B 198 -53.47 12.57 43.71
N LYS B 199 -52.18 12.24 43.61
CA LYS B 199 -51.69 11.62 42.39
C LYS B 199 -52.43 10.31 42.12
N GLN B 200 -52.91 9.64 43.16
CA GLN B 200 -53.72 8.45 42.98
C GLN B 200 -54.97 8.76 42.16
N LYS B 201 -55.72 9.79 42.57
CA LYS B 201 -56.94 10.14 41.85
C LYS B 201 -56.62 10.60 40.44
N VAL B 202 -55.52 11.33 40.27
CA VAL B 202 -55.15 11.79 38.93
C VAL B 202 -54.90 10.59 38.02
N VAL B 203 -54.14 9.61 38.50
CA VAL B 203 -53.84 8.43 37.70
C VAL B 203 -55.11 7.63 37.42
N GLU B 204 -56.00 7.54 38.40
CA GLU B 204 -57.26 6.84 38.20
C GLU B 204 -58.06 7.49 37.08
N LYS B 205 -58.15 8.81 37.09
CA LYS B 205 -58.92 9.50 36.05
C LYS B 205 -58.29 9.31 34.68
N GLU B 206 -56.96 9.36 34.60
CA GLU B 206 -56.30 9.13 33.31
C GLU B 206 -56.58 7.71 32.80
N ALA B 207 -56.52 6.72 33.69
CA ALA B 207 -56.81 5.35 33.28
C ALA B 207 -58.25 5.21 32.81
N GLU B 208 -59.18 5.88 33.49
CA GLU B 208 -60.58 5.84 33.06
C GLU B 208 -60.74 6.46 31.69
N THR B 209 -60.02 7.55 31.42
CA THR B 209 -60.06 8.16 30.09
C THR B 209 -59.57 7.17 29.03
N GLU B 210 -58.46 6.49 29.32
CA GLU B 210 -57.96 5.49 28.38
C GLU B 210 -58.99 4.39 28.14
N ARG B 211 -59.65 3.94 29.20
CA ARG B 211 -60.66 2.90 29.05
C ARG B 211 -61.79 3.36 28.15
N LYS B 212 -62.27 4.59 28.35
CA LYS B 212 -63.36 5.11 27.51
C LYS B 212 -62.92 5.18 26.06
N LYS B 213 -61.70 5.65 25.80
CA LYS B 213 -61.22 5.72 24.42
C LYS B 213 -61.17 4.33 23.79
N ALA B 214 -60.68 3.34 24.55
CA ALA B 214 -60.60 1.98 24.01
C ALA B 214 -61.98 1.43 23.69
N LEU B 215 -62.96 1.69 24.55
CA LEU B 215 -64.31 1.24 24.27
C LEU B 215 -64.87 1.89 23.01
N ILE B 216 -64.61 3.19 22.84
CA ILE B 216 -65.07 3.87 21.63
C ILE B 216 -64.46 3.22 20.39
N GLU B 217 -63.16 2.93 20.45
CA GLU B 217 -62.50 2.30 19.31
C GLU B 217 -63.10 0.92 19.02
N ALA B 218 -63.39 0.15 20.07
CA ALA B 218 -63.99 -1.16 19.86
C ALA B 218 -65.34 -1.06 19.17
N GLU B 219 -66.17 -0.10 19.60
CA GLU B 219 -67.46 0.09 18.94
C GLU B 219 -67.27 0.47 17.47
N LYS B 220 -66.30 1.35 17.20
CA LYS B 220 -66.01 1.71 15.81
C LYS B 220 -65.71 0.47 14.99
N VAL B 221 -64.81 -0.38 15.48
CA VAL B 221 -64.41 -1.56 14.72
C VAL B 221 -65.61 -2.48 14.52
N ALA B 222 -66.45 -2.62 15.53
CA ALA B 222 -67.63 -3.48 15.40
C ALA B 222 -68.53 -3.00 14.27
N GLN B 223 -68.84 -1.71 14.26
CA GLN B 223 -69.73 -1.19 13.22
C GLN B 223 -69.11 -1.33 11.83
N VAL B 224 -67.81 -1.04 11.71
CA VAL B 224 -67.14 -1.19 10.43
C VAL B 224 -67.22 -2.62 9.95
N ALA B 225 -67.00 -3.58 10.86
CA ALA B 225 -67.08 -4.99 10.48
C ALA B 225 -68.48 -5.35 10.03
N GLU B 226 -69.51 -4.82 10.70
CA GLU B 226 -70.87 -5.11 10.27
C GLU B 226 -71.09 -4.66 8.83
N ILE B 227 -70.68 -3.43 8.52
CA ILE B 227 -70.84 -2.95 7.15
C ILE B 227 -70.08 -3.83 6.17
N THR B 228 -68.83 -4.17 6.51
CA THR B 228 -68.02 -4.96 5.62
C THR B 228 -68.65 -6.31 5.33
N TYR B 229 -69.26 -6.93 6.34
CA TYR B 229 -69.80 -8.27 6.12
C TYR B 229 -71.15 -8.23 5.40
N GLY B 230 -71.92 -7.16 5.57
CA GLY B 230 -73.04 -6.97 4.66
C GLY B 230 -72.57 -6.89 3.20
N GLN B 231 -71.47 -6.14 2.98
CA GLN B 231 -70.91 -6.08 1.64
C GLN B 231 -70.49 -7.46 1.15
N LYS B 232 -69.90 -8.27 2.03
CA LYS B 232 -69.47 -9.61 1.64
C LYS B 232 -70.66 -10.48 1.23
N VAL B 233 -71.77 -10.37 1.98
CA VAL B 233 -72.96 -11.14 1.61
C VAL B 233 -73.45 -10.74 0.22
N MET B 234 -73.48 -9.43 -0.04
CA MET B 234 -73.89 -8.99 -1.37
C MET B 234 -72.92 -9.52 -2.44
N GLU B 235 -71.63 -9.49 -2.14
CA GLU B 235 -70.63 -10.02 -3.06
C GLU B 235 -70.91 -11.47 -3.40
N LYS B 236 -71.24 -12.28 -2.39
CA LYS B 236 -71.46 -13.70 -2.65
C LYS B 236 -72.76 -13.93 -3.42
N GLU B 237 -73.78 -13.11 -3.19
CA GLU B 237 -74.98 -13.21 -4.01
C GLU B 237 -74.66 -12.95 -5.48
N THR B 238 -73.88 -11.90 -5.75
CA THR B 238 -73.49 -11.64 -7.13
C THR B 238 -72.64 -12.76 -7.69
N GLU B 239 -71.77 -13.35 -6.85
CA GLU B 239 -70.97 -14.48 -7.31
C GLU B 239 -71.84 -15.67 -7.68
N LYS B 240 -72.93 -15.88 -6.93
CA LYS B 240 -73.87 -16.93 -7.30
C LYS B 240 -74.50 -16.65 -8.66
N LYS B 241 -74.88 -15.40 -8.90
CA LYS B 241 -75.41 -15.04 -10.23
C LYS B 241 -74.39 -15.36 -11.33
N ILE B 242 -73.12 -14.97 -11.09
CA ILE B 242 -72.08 -15.22 -12.07
C ILE B 242 -71.90 -16.71 -12.29
N SER B 243 -72.00 -17.50 -11.22
CA SER B 243 -71.86 -18.94 -11.34
C SER B 243 -72.99 -19.53 -12.18
N GLU B 244 -74.20 -19.00 -12.02
CA GLU B 244 -75.31 -19.45 -12.86
C GLU B 244 -75.03 -19.14 -14.33
N ILE B 245 -74.53 -17.94 -14.61
CA ILE B 245 -74.18 -17.59 -15.99
C ILE B 245 -73.12 -18.53 -16.53
N GLU B 246 -72.11 -18.82 -15.71
CA GLU B 246 -71.03 -19.71 -16.14
C GLU B 246 -71.54 -21.12 -16.40
N ASP B 247 -72.50 -21.59 -15.59
CA ASP B 247 -73.10 -22.89 -15.83
C ASP B 247 -73.84 -22.90 -17.16
N ALA B 248 -74.57 -21.83 -17.44
CA ALA B 248 -75.27 -21.74 -18.72
C ALA B 248 -74.28 -21.77 -19.89
N ALA B 249 -73.16 -21.06 -19.75
CA ALA B 249 -72.18 -21.03 -20.83
C ALA B 249 -71.48 -22.37 -21.01
N PHE B 250 -71.05 -22.99 -19.90
CA PHE B 250 -70.29 -24.23 -19.98
C PHE B 250 -71.12 -25.38 -20.51
N LEU B 251 -72.37 -25.49 -20.04
CA LEU B 251 -73.22 -26.59 -20.49
C LEU B 251 -73.38 -26.56 -22.01
N ALA B 252 -73.55 -25.37 -22.59
CA ALA B 252 -73.66 -25.26 -24.03
C ALA B 252 -72.33 -25.52 -24.72
N ARG B 253 -71.21 -25.20 -24.05
CA ARG B 253 -69.90 -25.48 -24.63
C ARG B 253 -69.68 -26.98 -24.80
N GLU B 254 -70.08 -27.77 -23.80
CA GLU B 254 -69.88 -29.21 -23.88
C GLU B 254 -70.80 -29.87 -24.90
N LYS B 255 -71.95 -29.27 -25.19
CA LYS B 255 -72.79 -29.80 -26.27
C LYS B 255 -72.09 -29.68 -27.61
N ALA B 256 -71.40 -28.56 -27.84
CA ALA B 256 -70.64 -28.42 -29.08
C ALA B 256 -69.51 -29.42 -29.16
N LYS B 257 -68.78 -29.61 -28.06
CA LYS B 257 -67.69 -30.57 -28.06
C LYS B 257 -68.21 -31.98 -28.32
N ALA B 258 -69.33 -32.34 -27.69
CA ALA B 258 -69.92 -33.65 -27.93
C ALA B 258 -70.33 -33.82 -29.38
N ASP B 259 -70.98 -32.81 -29.96
CA ASP B 259 -71.38 -32.88 -31.35
C ASP B 259 -70.18 -32.94 -32.28
N ALA B 260 -69.15 -32.14 -32.01
CA ALA B 260 -67.98 -32.13 -32.88
C ALA B 260 -67.28 -33.48 -32.87
N GLU B 261 -67.16 -34.09 -31.70
CA GLU B 261 -66.53 -35.41 -31.62
C GLU B 261 -67.42 -36.50 -32.19
N CYS B 262 -68.74 -36.36 -32.00
CA CYS B 262 -69.66 -37.36 -32.54
C CYS B 262 -69.63 -37.36 -34.06
N TYR B 263 -69.56 -36.17 -34.67
CA TYR B 263 -69.49 -36.12 -36.13
C TYR B 263 -68.18 -36.71 -36.64
N THR B 264 -67.07 -36.40 -35.99
CA THR B 264 -65.78 -36.95 -36.41
C THR B 264 -65.78 -38.48 -36.30
N ALA B 265 -66.34 -39.01 -35.21
CA ALA B 265 -66.32 -40.44 -35.01
C ALA B 265 -67.09 -41.18 -36.10
N MET B 266 -68.26 -40.65 -36.48
CA MET B 266 -69.00 -41.27 -37.57
C MET B 266 -68.23 -41.18 -38.88
N LYS B 267 -67.54 -40.07 -39.10
CA LYS B 267 -66.74 -39.92 -40.32
C LYS B 267 -65.56 -40.88 -40.32
N ILE B 268 -64.91 -41.06 -39.17
CA ILE B 268 -63.85 -42.06 -39.08
C ILE B 268 -64.43 -43.46 -39.25
N ALA B 269 -65.64 -43.68 -38.73
CA ALA B 269 -66.29 -44.97 -38.91
C ALA B 269 -66.56 -45.25 -40.38
N GLU B 270 -67.00 -44.24 -41.13
CA GLU B 270 -67.26 -44.43 -42.56
C GLU B 270 -65.97 -44.76 -43.30
N ALA B 271 -64.88 -44.07 -42.99
CA ALA B 271 -63.61 -44.34 -43.65
C ALA B 271 -63.06 -45.70 -43.26
N ASN B 272 -63.31 -46.15 -42.03
CA ASN B 272 -62.75 -47.41 -41.58
C ASN B 272 -63.24 -48.58 -42.43
N LYS B 273 -64.44 -48.48 -43.00
CA LYS B 273 -64.97 -49.59 -43.79
C LYS B 273 -64.06 -49.92 -44.96
N LEU B 274 -63.57 -48.90 -45.67
CA LEU B 274 -62.68 -49.11 -46.80
C LEU B 274 -61.22 -49.21 -46.38
N LYS B 275 -60.82 -48.47 -45.35
CA LYS B 275 -59.42 -48.45 -44.95
C LYS B 275 -59.02 -49.76 -44.29
N LEU B 276 -59.84 -50.27 -43.38
CA LEU B 276 -59.48 -51.45 -42.58
C LEU B 276 -59.80 -52.73 -43.38
N THR B 277 -58.97 -52.97 -44.38
CA THR B 277 -58.99 -54.23 -45.11
C THR B 277 -58.01 -55.21 -44.47
N PRO B 278 -58.12 -56.50 -44.79
CA PRO B 278 -57.18 -57.46 -44.20
C PRO B 278 -55.72 -57.11 -44.47
N GLU B 279 -55.42 -56.64 -45.68
CA GLU B 279 -54.03 -56.30 -45.99
C GLU B 279 -53.54 -55.14 -45.14
N TYR B 280 -54.36 -54.10 -44.99
CA TYR B 280 -53.96 -52.97 -44.15
C TYR B 280 -53.81 -53.39 -42.70
N LEU B 281 -54.71 -54.25 -42.22
CA LEU B 281 -54.59 -54.72 -40.85
C LEU B 281 -53.30 -55.49 -40.64
N GLN B 282 -52.93 -56.34 -41.60
CA GLN B 282 -51.66 -57.05 -41.50
C GLN B 282 -50.49 -56.08 -41.52
N LEU B 283 -50.54 -55.08 -42.40
CA LEU B 283 -49.46 -54.10 -42.47
C LEU B 283 -49.29 -53.39 -41.13
N MET B 284 -50.40 -52.97 -40.53
CA MET B 284 -50.31 -52.28 -39.25
C MET B 284 -49.85 -53.22 -38.15
N LYS B 285 -50.27 -54.49 -38.21
CA LYS B 285 -49.79 -55.47 -37.26
C LYS B 285 -48.26 -55.52 -37.28
N TYR B 286 -47.68 -55.62 -38.47
CA TYR B 286 -46.23 -55.72 -38.55
C TYR B 286 -45.53 -54.39 -38.30
N LYS B 287 -46.20 -53.26 -38.54
CA LYS B 287 -45.61 -51.97 -38.22
C LYS B 287 -45.65 -51.63 -36.75
N ALA B 288 -46.57 -52.25 -35.99
CA ALA B 288 -46.71 -51.93 -34.58
C ALA B 288 -45.54 -52.41 -33.73
N ILE B 289 -44.68 -53.28 -34.27
CA ILE B 289 -43.60 -53.90 -33.51
C ILE B 289 -42.22 -53.45 -33.96
N ALA B 290 -42.14 -52.62 -35.00
CA ALA B 290 -40.84 -52.24 -35.53
C ALA B 290 -39.98 -51.56 -34.47
N SER B 291 -40.59 -50.80 -33.56
CA SER B 291 -39.83 -50.08 -32.55
C SER B 291 -39.37 -51.00 -31.43
N ASN B 292 -40.19 -51.96 -31.01
CA ASN B 292 -39.88 -52.77 -29.85
C ASN B 292 -38.56 -53.52 -30.03
N SER B 293 -37.73 -53.50 -29.00
CA SER B 293 -36.49 -54.26 -29.02
C SER B 293 -36.80 -55.75 -29.06
N LYS B 294 -35.98 -56.49 -29.80
CA LYS B 294 -36.22 -57.91 -30.01
C LYS B 294 -34.92 -58.68 -29.83
N ILE B 295 -35.07 -59.95 -29.43
CA ILE B 295 -33.95 -60.89 -29.34
C ILE B 295 -34.42 -62.21 -29.93
N TYR B 296 -33.60 -62.80 -30.80
CA TYR B 296 -33.99 -63.96 -31.57
C TYR B 296 -33.05 -65.12 -31.28
N PHE B 297 -33.62 -66.27 -30.92
CA PHE B 297 -32.88 -67.51 -30.74
C PHE B 297 -33.45 -68.53 -31.72
N GLY B 298 -32.67 -68.89 -32.73
CA GLY B 298 -33.17 -69.78 -33.77
C GLY B 298 -32.07 -70.56 -34.44
N LYS B 299 -32.48 -71.52 -35.27
CA LYS B 299 -31.52 -72.37 -35.96
C LYS B 299 -30.70 -71.59 -36.97
N ASP B 300 -31.35 -70.69 -37.72
CA ASP B 300 -30.66 -69.97 -38.79
C ASP B 300 -31.36 -68.65 -39.05
N ILE B 301 -30.71 -67.82 -39.86
CA ILE B 301 -31.24 -66.49 -40.17
C ILE B 301 -32.59 -66.57 -40.86
N PRO B 302 -32.76 -67.34 -41.94
CA PRO B 302 -34.03 -67.26 -42.68
C PRO B 302 -35.25 -67.57 -41.85
N ASN B 303 -35.12 -68.40 -40.82
CA ASN B 303 -36.28 -68.76 -40.01
C ASN B 303 -36.82 -67.59 -39.20
N MET B 304 -36.10 -66.48 -39.12
CA MET B 304 -36.59 -65.35 -38.35
C MET B 304 -37.85 -64.74 -38.96
N PHE B 305 -37.95 -64.75 -40.29
CA PHE B 305 -39.03 -64.09 -41.01
C PHE B 305 -40.14 -65.06 -41.40
N MET B 306 -40.43 -66.06 -40.57
CA MET B 306 -41.49 -67.01 -40.82
C MET B 306 -42.23 -67.29 -39.53
N ASP B 307 -43.43 -67.86 -39.68
CA ASP B 307 -44.28 -68.15 -38.53
C ASP B 307 -43.82 -69.41 -37.81
N VAL C 52 -40.32 75.26 87.31
CA VAL C 52 -39.89 75.00 88.68
C VAL C 52 -41.05 75.34 89.62
N LEU C 53 -40.78 75.48 90.90
CA LEU C 53 -41.80 75.76 91.93
C LEU C 53 -43.00 74.86 91.65
N LEU C 54 -44.20 75.38 91.91
CA LEU C 54 -45.43 74.66 91.58
C LEU C 54 -45.83 74.84 90.12
N TYR C 55 -45.16 75.71 89.37
CA TYR C 55 -45.46 75.84 87.95
C TYR C 55 -45.19 74.53 87.22
N ALA C 56 -44.07 73.88 87.53
CA ALA C 56 -43.65 72.66 86.84
C ALA C 56 -44.08 71.38 87.55
N SER C 57 -44.85 71.49 88.63
CA SER C 57 -45.23 70.32 89.43
C SER C 57 -46.63 69.81 89.11
N ILE C 58 -47.27 70.32 88.07
CA ILE C 58 -48.57 69.80 87.65
C ILE C 58 -48.35 68.64 86.68
N HIS C 59 -49.31 67.72 86.65
CA HIS C 59 -49.21 66.57 85.77
C HIS C 59 -50.60 66.15 85.33
N LYS C 60 -50.64 65.41 84.22
CA LYS C 60 -51.87 64.92 83.62
C LYS C 60 -51.93 63.41 83.72
N ILE C 61 -53.14 62.88 83.91
CA ILE C 61 -53.38 61.44 83.97
C ILE C 61 -54.48 61.13 82.95
N GLU C 62 -54.08 60.64 81.79
CA GLU C 62 -55.02 60.44 80.69
C GLU C 62 -56.16 59.52 81.13
N GLU C 63 -57.25 59.58 80.38
CA GLU C 63 -58.38 58.69 80.64
C GLU C 63 -57.95 57.24 80.46
N GLY C 64 -58.49 56.37 81.30
CA GLY C 64 -58.09 54.97 81.27
C GLY C 64 -56.72 54.70 81.85
N HIS C 65 -56.20 55.63 82.66
CA HIS C 65 -54.94 55.45 83.35
C HIS C 65 -55.13 55.69 84.83
N LEU C 66 -54.25 55.11 85.64
CA LEU C 66 -54.18 55.39 87.06
C LEU C 66 -52.75 55.74 87.41
N ALA C 67 -52.58 56.75 88.26
CA ALA C 67 -51.27 57.27 88.60
C ALA C 67 -50.80 56.70 89.93
N VAL C 68 -49.52 56.39 90.01
CA VAL C 68 -48.88 55.91 91.22
C VAL C 68 -47.66 56.79 91.48
N TYR C 69 -47.53 57.26 92.73
CA TYR C 69 -46.53 58.24 93.08
C TYR C 69 -45.45 57.59 93.93
N TYR C 70 -44.19 57.95 93.66
CA TYR C 70 -43.03 57.50 94.41
C TYR C 70 -42.40 58.70 95.11
N ARG C 71 -42.30 58.62 96.43
CA ARG C 71 -41.64 59.64 97.24
C ARG C 71 -40.49 58.98 97.98
N GLY C 72 -39.26 59.28 97.55
CA GLY C 72 -38.10 58.65 98.15
C GLY C 72 -38.01 57.17 97.91
N GLY C 73 -38.63 56.67 96.85
CA GLY C 73 -38.61 55.27 96.53
C GLY C 73 -39.80 54.48 97.02
N ALA C 74 -40.53 54.99 98.00
CA ALA C 74 -41.73 54.33 98.48
C ALA C 74 -42.84 54.46 97.44
N LEU C 75 -43.93 53.73 97.67
CA LEU C 75 -45.11 53.78 96.81
C LEU C 75 -46.29 54.20 97.68
N LEU C 76 -46.68 55.47 97.57
CA LEU C 76 -47.74 55.99 98.41
C LEU C 76 -49.05 55.27 98.10
N THR C 77 -49.78 54.93 99.16
CA THR C 77 -51.07 54.24 99.02
C THR C 77 -52.18 55.25 98.67
N SER C 78 -52.00 55.92 97.54
CA SER C 78 -52.95 56.94 97.08
C SER C 78 -52.92 57.01 95.56
N PRO C 79 -53.44 55.99 94.88
CA PRO C 79 -53.64 56.11 93.43
C PRO C 79 -54.66 57.18 93.13
N SER C 80 -54.47 57.88 92.01
CA SER C 80 -55.35 58.97 91.60
C SER C 80 -55.84 58.70 90.19
N GLY C 81 -57.17 58.76 90.01
CA GLY C 81 -57.76 58.53 88.73
C GLY C 81 -57.37 59.60 87.72
N PRO C 82 -57.94 59.51 86.53
CA PRO C 82 -57.61 60.50 85.49
C PRO C 82 -58.13 61.88 85.85
N GLY C 83 -57.41 62.89 85.39
CA GLY C 83 -57.75 64.27 85.60
C GLY C 83 -56.52 65.10 85.89
N TYR C 84 -56.72 66.23 86.55
CA TYR C 84 -55.64 67.10 86.98
C TYR C 84 -55.33 66.83 88.45
N HIS C 85 -54.04 66.63 88.75
CA HIS C 85 -53.62 66.31 90.10
C HIS C 85 -52.30 66.99 90.38
N ILE C 86 -52.00 67.16 91.67
CA ILE C 86 -50.82 67.87 92.14
C ILE C 86 -50.07 66.99 93.14
N MET C 87 -48.75 66.93 92.99
CA MET C 87 -47.90 66.14 93.86
C MET C 87 -46.77 67.03 94.40
N LEU C 88 -46.15 66.57 95.48
CA LEU C 88 -45.09 67.34 96.10
C LEU C 88 -43.95 67.58 95.10
N PRO C 89 -43.48 68.81 94.93
CA PRO C 89 -42.48 69.07 93.89
C PRO C 89 -41.09 68.65 94.30
N PHE C 90 -40.36 68.07 93.35
CA PHE C 90 -38.94 67.79 93.50
C PHE C 90 -38.66 66.65 94.47
N ILE C 91 -39.71 66.13 95.12
CA ILE C 91 -39.55 65.10 96.15
C ILE C 91 -40.29 63.85 95.70
N THR C 92 -41.29 64.02 94.85
CA THR C 92 -42.13 62.93 94.37
C THR C 92 -42.08 62.87 92.85
N THR C 93 -42.18 61.65 92.32
CA THR C 93 -42.38 61.42 90.90
C THR C 93 -43.62 60.56 90.72
N PHE C 94 -44.11 60.49 89.49
CA PHE C 94 -45.34 59.76 89.20
C PHE C 94 -45.17 58.89 87.96
N ARG C 95 -45.92 57.80 87.92
CA ARG C 95 -46.00 56.94 86.76
C ARG C 95 -47.46 56.56 86.54
N SER C 96 -47.93 56.73 85.31
CA SER C 96 -49.30 56.41 84.96
C SER C 96 -49.33 55.06 84.24
N VAL C 97 -50.14 54.15 84.76
CA VAL C 97 -50.29 52.80 84.20
C VAL C 97 -51.69 52.67 83.65
N GLN C 98 -51.80 52.15 82.42
CA GLN C 98 -53.08 52.06 81.75
C GLN C 98 -53.93 50.97 82.37
N THR C 99 -55.17 51.30 82.73
CA THR C 99 -56.11 50.35 83.30
C THR C 99 -57.13 49.85 82.28
N THR C 100 -57.05 50.30 81.03
CA THR C 100 -57.99 49.90 80.00
C THR C 100 -57.35 48.85 79.08
N LEU C 101 -58.09 48.46 78.06
CA LEU C 101 -57.64 47.42 77.15
C LEU C 101 -56.32 47.81 76.50
N GLN C 102 -55.25 47.09 76.84
CA GLN C 102 -53.93 47.29 76.28
C GLN C 102 -53.58 46.12 75.37
N THR C 103 -52.63 46.35 74.47
CA THR C 103 -52.25 45.30 73.52
C THR C 103 -50.77 45.45 73.17
N ASP C 104 -50.07 44.33 73.12
CA ASP C 104 -48.68 44.35 72.68
C ASP C 104 -48.30 42.98 72.14
N GLU C 105 -47.25 42.95 71.33
CA GLU C 105 -46.92 41.76 70.55
C GLU C 105 -45.47 41.36 70.77
N VAL C 106 -45.20 40.09 70.45
CA VAL C 106 -43.86 39.51 70.46
C VAL C 106 -43.58 38.97 69.06
N LYS C 107 -42.34 39.12 68.62
CA LYS C 107 -41.96 38.87 67.23
C LYS C 107 -41.08 37.63 67.11
N ASN C 108 -41.26 36.91 66.00
CA ASN C 108 -40.38 35.82 65.60
C ASN C 108 -40.20 34.81 66.74
N VAL C 109 -41.31 34.41 67.34
CA VAL C 109 -41.26 33.44 68.43
C VAL C 109 -41.03 32.06 67.84
N PRO C 110 -39.95 31.36 68.19
CA PRO C 110 -39.75 30.01 67.66
C PRO C 110 -40.68 29.01 68.33
N CYS C 111 -40.91 27.90 67.64
CA CYS C 111 -41.74 26.83 68.16
C CYS C 111 -41.26 25.53 67.56
N GLY C 112 -40.82 24.60 68.41
CA GLY C 112 -40.36 23.31 67.95
C GLY C 112 -41.47 22.29 67.93
N THR C 113 -41.89 21.88 66.73
CA THR C 113 -42.99 20.95 66.62
C THR C 113 -42.57 19.56 67.09
N SER C 114 -43.57 18.73 67.38
CA SER C 114 -43.28 17.38 67.85
C SER C 114 -42.50 16.57 66.83
N GLY C 115 -42.52 16.98 65.56
CA GLY C 115 -41.74 16.33 64.54
C GLY C 115 -40.28 16.74 64.49
N GLY C 116 -39.87 17.66 65.36
CA GLY C 116 -38.49 18.10 65.41
C GLY C 116 -38.14 19.25 64.48
N VAL C 117 -39.11 19.81 63.79
CA VAL C 117 -38.87 20.94 62.89
C VAL C 117 -39.23 22.23 63.62
N MET C 118 -38.45 23.28 63.37
CA MET C 118 -38.67 24.58 63.98
C MET C 118 -39.49 25.44 63.04
N ILE C 119 -40.59 25.99 63.57
CA ILE C 119 -41.43 26.94 62.83
C ILE C 119 -41.52 28.22 63.66
N TYR C 120 -41.33 29.35 62.99
CA TYR C 120 -41.28 30.64 63.66
C TYR C 120 -42.59 31.38 63.45
N ILE C 121 -43.32 31.61 64.54
CA ILE C 121 -44.55 32.41 64.48
C ILE C 121 -44.14 33.87 64.48
N ASP C 122 -44.50 34.59 63.40
CA ASP C 122 -43.97 35.92 63.19
C ASP C 122 -44.45 36.91 64.25
N ARG C 123 -45.72 36.84 64.63
CA ARG C 123 -46.29 37.84 65.53
C ARG C 123 -47.31 37.17 66.43
N ILE C 124 -47.10 37.28 67.75
CA ILE C 124 -48.07 36.84 68.74
C ILE C 124 -48.48 38.06 69.53
N GLU C 125 -49.73 38.48 69.39
CA GLU C 125 -50.26 39.67 70.05
C GLU C 125 -51.11 39.25 71.23
N VAL C 126 -50.91 39.91 72.36
CA VAL C 126 -51.69 39.69 73.57
C VAL C 126 -52.41 40.99 73.91
N VAL C 127 -53.72 40.90 74.12
CA VAL C 127 -54.54 42.02 74.56
C VAL C 127 -55.00 41.69 75.97
N ASN C 128 -54.75 42.60 76.91
CA ASN C 128 -55.01 42.37 78.32
C ASN C 128 -55.63 43.63 78.93
N MET C 129 -55.93 43.54 80.23
CA MET C 129 -56.49 44.65 80.97
C MET C 129 -56.49 44.30 82.44
N LEU C 130 -56.26 45.32 83.29
CA LEU C 130 -56.22 45.13 84.73
C LEU C 130 -57.26 46.01 85.40
N ALA C 131 -57.99 45.42 86.36
CA ALA C 131 -59.02 46.16 87.05
C ALA C 131 -58.39 47.32 87.83
N PRO C 132 -59.11 48.43 88.00
CA PRO C 132 -58.50 49.58 88.69
C PRO C 132 -58.04 49.28 90.11
N TYR C 133 -58.75 48.40 90.83
CA TYR C 133 -58.42 48.21 92.24
C TYR C 133 -57.11 47.47 92.43
N ALA C 134 -56.71 46.62 91.48
CA ALA C 134 -55.51 45.82 91.60
C ALA C 134 -54.25 46.56 91.17
N VAL C 135 -54.39 47.80 90.71
CA VAL C 135 -53.24 48.54 90.20
C VAL C 135 -52.20 48.74 91.28
N PHE C 136 -52.65 49.09 92.50
CA PHE C 136 -51.72 49.36 93.60
C PHE C 136 -50.86 48.13 93.89
N ASP C 137 -51.51 46.97 94.06
CA ASP C 137 -50.75 45.75 94.34
C ASP C 137 -49.85 45.40 93.17
N ILE C 138 -50.32 45.62 91.94
CA ILE C 138 -49.49 45.29 90.78
C ILE C 138 -48.21 46.12 90.79
N VAL C 139 -48.32 47.42 91.05
CA VAL C 139 -47.13 48.26 91.03
C VAL C 139 -46.22 47.91 92.20
N ARG C 140 -46.82 47.62 93.36
CA ARG C 140 -46.01 47.26 94.52
C ARG C 140 -45.20 46.01 94.25
N ASN C 141 -45.80 45.01 93.59
CA ASN C 141 -45.15 43.73 93.42
C ASN C 141 -44.21 43.67 92.21
N TYR C 142 -44.63 44.22 91.07
CA TYR C 142 -43.87 44.04 89.83
C TYR C 142 -43.63 45.37 89.11
N THR C 143 -43.54 46.47 89.85
CA THR C 143 -43.25 47.77 89.25
C THR C 143 -44.28 48.10 88.18
N ALA C 144 -43.90 48.94 87.21
CA ALA C 144 -44.77 49.30 86.10
C ALA C 144 -44.50 48.51 84.84
N ASP C 145 -43.51 47.60 84.86
CA ASP C 145 -43.23 46.73 83.73
C ASP C 145 -43.85 45.34 83.93
N TYR C 146 -44.94 45.27 84.68
CA TYR C 146 -45.60 43.99 84.92
C TYR C 146 -45.98 43.32 83.63
N ASP C 147 -46.29 44.08 82.57
CA ASP C 147 -46.62 43.47 81.30
C ASP C 147 -45.49 42.55 80.82
N LYS C 148 -44.28 43.08 80.75
CA LYS C 148 -43.15 42.28 80.31
C LYS C 148 -42.76 41.22 81.33
N THR C 149 -42.93 41.51 82.62
CA THR C 149 -42.55 40.55 83.65
C THR C 149 -43.54 39.39 83.75
N LEU C 150 -44.76 39.54 83.25
CA LEU C 150 -45.81 38.56 83.48
C LEU C 150 -46.39 37.93 82.21
N ILE C 151 -46.21 38.52 81.04
CA ILE C 151 -46.86 37.98 79.84
C ILE C 151 -45.84 37.68 78.76
N PHE C 152 -45.16 38.72 78.28
CA PHE C 152 -44.37 38.60 77.06
C PHE C 152 -43.03 37.93 77.29
N ASN C 153 -42.60 37.77 78.54
CA ASN C 153 -41.46 36.90 78.82
C ASN C 153 -41.86 35.43 78.77
N LYS C 154 -43.06 35.10 79.23
CA LYS C 154 -43.53 33.71 79.22
C LYS C 154 -44.12 33.29 77.89
N ILE C 155 -44.41 34.22 76.99
CA ILE C 155 -45.07 33.87 75.73
C ILE C 155 -44.26 32.81 74.99
N HIS C 156 -42.95 33.03 74.83
CA HIS C 156 -42.15 32.12 74.02
C HIS C 156 -42.10 30.74 74.64
N HIS C 157 -41.94 30.66 75.96
CA HIS C 157 -41.86 29.35 76.60
C HIS C 157 -43.19 28.63 76.56
N GLU C 158 -44.30 29.35 76.76
CA GLU C 158 -45.60 28.71 76.67
C GLU C 158 -45.85 28.19 75.26
N LEU C 159 -45.47 28.97 74.24
CA LEU C 159 -45.62 28.51 72.87
C LEU C 159 -44.78 27.26 72.62
N ASN C 160 -43.54 27.25 73.11
CA ASN C 160 -42.71 26.05 72.93
C ASN C 160 -43.32 24.84 73.62
N GLN C 161 -43.83 25.03 74.83
CA GLN C 161 -44.45 23.92 75.54
C GLN C 161 -45.66 23.39 74.78
N PHE C 162 -46.49 24.28 74.25
CA PHE C 162 -47.65 23.83 73.49
C PHE C 162 -47.22 23.12 72.21
N CYS C 163 -46.22 23.66 71.50
CA CYS C 163 -45.80 23.07 70.24
C CYS C 163 -45.19 21.69 70.43
N SER C 164 -44.42 21.50 71.50
CA SER C 164 -43.69 20.25 71.67
C SER C 164 -44.62 19.05 71.68
N ALA C 165 -45.87 19.23 72.08
CA ALA C 165 -46.82 18.14 72.18
C ALA C 165 -47.68 17.97 70.92
N HIS C 166 -47.44 18.79 69.88
CA HIS C 166 -48.22 18.73 68.66
C HIS C 166 -47.30 18.71 67.45
N THR C 167 -47.74 18.05 66.39
CA THR C 167 -46.95 17.93 65.18
C THR C 167 -47.08 19.19 64.33
N LEU C 168 -46.27 19.26 63.27
CA LEU C 168 -46.28 20.44 62.42
C LEU C 168 -47.65 20.66 61.78
N GLN C 169 -48.27 19.58 61.30
CA GLN C 169 -49.57 19.71 60.67
C GLN C 169 -50.61 20.26 61.64
N GLU C 170 -50.61 19.77 62.87
CA GLU C 170 -51.63 20.19 63.83
C GLU C 170 -51.53 21.68 64.13
N VAL C 171 -50.34 22.17 64.45
CA VAL C 171 -50.18 23.57 64.81
C VAL C 171 -50.36 24.46 63.58
N TYR C 172 -49.86 24.02 62.43
CA TYR C 172 -49.89 24.87 61.25
C TYR C 172 -51.30 24.99 60.68
N ILE C 173 -52.02 23.88 60.58
CA ILE C 173 -53.30 23.86 59.86
C ILE C 173 -54.44 23.40 60.76
N GLU C 174 -54.40 22.15 61.21
CA GLU C 174 -55.57 21.54 61.83
C GLU C 174 -55.93 22.24 63.14
N LEU C 175 -54.96 22.41 64.03
CA LEU C 175 -55.19 23.01 65.34
C LEU C 175 -54.67 24.44 65.43
N PHE C 176 -54.62 25.15 64.30
CA PHE C 176 -54.15 26.54 64.35
C PHE C 176 -55.08 27.39 65.18
N ASP C 177 -56.38 27.20 65.06
CA ASP C 177 -57.34 28.03 65.78
C ASP C 177 -57.31 27.81 67.29
N GLN C 178 -56.63 26.77 67.76
CA GLN C 178 -56.55 26.49 69.20
C GLN C 178 -55.32 27.10 69.85
N ILE C 179 -54.35 27.58 69.08
CA ILE C 179 -53.13 28.11 69.67
C ILE C 179 -53.45 29.29 70.57
N ASP C 180 -54.27 30.21 70.08
CA ASP C 180 -54.60 31.40 70.86
C ASP C 180 -55.32 31.03 72.15
N GLU C 181 -56.30 30.12 72.06
CA GLU C 181 -57.04 29.74 73.26
C GLU C 181 -56.12 29.07 74.28
N ASN C 182 -55.23 28.18 73.82
CA ASN C 182 -54.35 27.49 74.75
C ASN C 182 -53.38 28.47 75.40
N LEU C 183 -52.81 29.40 74.63
CA LEU C 183 -51.90 30.38 75.20
C LEU C 183 -52.61 31.28 76.20
N LYS C 184 -53.83 31.71 75.86
CA LYS C 184 -54.60 32.54 76.77
C LYS C 184 -54.87 31.82 78.08
N GLN C 185 -55.27 30.55 77.99
CA GLN C 185 -55.52 29.78 79.20
C GLN C 185 -54.24 29.62 80.02
N ALA C 186 -53.12 29.33 79.36
CA ALA C 186 -51.87 29.13 80.07
C ALA C 186 -51.46 30.39 80.82
N LEU C 187 -51.54 31.55 80.16
CA LEU C 187 -51.16 32.80 80.82
C LEU C 187 -52.12 33.14 81.96
N GLN C 188 -53.43 32.98 81.73
CA GLN C 188 -54.39 33.32 82.76
C GLN C 188 -54.27 32.40 83.97
N LYS C 189 -53.87 31.14 83.77
CA LYS C 189 -53.70 30.23 84.89
C LYS C 189 -52.67 30.77 85.87
N ASP C 190 -51.52 31.22 85.35
CA ASP C 190 -50.50 31.79 86.21
C ASP C 190 -50.96 33.12 86.82
N LEU C 191 -51.57 33.98 85.99
CA LEU C 191 -51.91 35.32 86.46
C LEU C 191 -52.94 35.27 87.57
N ASN C 192 -53.93 34.39 87.45
CA ASN C 192 -55.01 34.34 88.44
C ASN C 192 -54.43 34.18 89.84
N LEU C 193 -53.36 33.38 89.96
CA LEU C 193 -52.80 33.11 91.28
C LEU C 193 -51.71 34.11 91.66
N MET C 194 -50.92 34.57 90.70
CA MET C 194 -49.76 35.40 91.00
C MET C 194 -50.06 36.90 91.02
N ALA C 195 -50.84 37.39 90.06
CA ALA C 195 -51.15 38.82 89.94
C ALA C 195 -52.64 38.98 89.72
N PRO C 196 -53.45 38.77 90.76
CA PRO C 196 -54.90 38.89 90.58
C PRO C 196 -55.31 40.29 90.15
N GLY C 197 -56.35 40.36 89.32
CA GLY C 197 -56.85 41.60 88.79
C GLY C 197 -56.42 41.89 87.37
N LEU C 198 -55.36 41.23 86.89
CA LEU C 198 -54.90 41.35 85.52
C LEU C 198 -55.43 40.17 84.72
N THR C 199 -56.06 40.45 83.58
CA THR C 199 -56.71 39.44 82.76
C THR C 199 -56.26 39.57 81.32
N ILE C 200 -56.20 38.43 80.64
CA ILE C 200 -55.83 38.36 79.23
C ILE C 200 -57.13 38.30 78.44
N GLN C 201 -57.54 39.46 77.90
CA GLN C 201 -58.79 39.51 77.15
C GLN C 201 -58.72 38.66 75.89
N ALA C 202 -57.60 38.70 75.18
CA ALA C 202 -57.52 37.95 73.93
C ALA C 202 -56.08 37.72 73.53
N VAL C 203 -55.88 36.75 72.63
CA VAL C 203 -54.58 36.44 72.07
C VAL C 203 -54.76 36.14 70.59
N ARG C 204 -53.80 36.57 69.77
CA ARG C 204 -53.80 36.29 68.34
C ARG C 204 -52.40 35.89 67.92
N VAL C 205 -52.32 35.03 66.91
CA VAL C 205 -51.04 34.50 66.43
C VAL C 205 -51.07 34.45 64.91
N THR C 206 -49.96 34.83 64.30
CA THR C 206 -49.84 34.67 62.85
C THR C 206 -49.61 33.21 62.50
N LYS C 207 -49.76 32.88 61.23
CA LYS C 207 -49.52 31.52 60.77
C LYS C 207 -48.01 31.26 60.74
N PRO C 208 -47.53 30.19 61.35
CA PRO C 208 -46.08 29.98 61.44
C PRO C 208 -45.44 29.79 60.09
N LYS C 209 -44.17 30.19 59.99
CA LYS C 209 -43.37 30.02 58.77
C LYS C 209 -42.74 28.63 58.81
N ILE C 210 -43.09 27.80 57.84
CA ILE C 210 -42.56 26.44 57.76
C ILE C 210 -41.34 26.46 56.83
N PRO C 211 -40.44 25.48 56.93
CA PRO C 211 -39.28 25.46 56.03
C PRO C 211 -39.71 25.50 54.58
N GLU C 212 -38.74 25.87 53.72
CA GLU C 212 -39.04 25.98 52.30
C GLU C 212 -39.39 24.63 51.70
N ALA C 213 -38.66 23.58 52.07
CA ALA C 213 -38.91 22.27 51.49
C ALA C 213 -40.31 21.78 51.80
N ILE C 214 -40.76 21.93 53.05
CA ILE C 214 -42.10 21.50 53.41
C ILE C 214 -43.14 22.40 52.76
N ARG C 215 -42.86 23.69 52.68
CA ARG C 215 -43.80 24.61 52.03
C ARG C 215 -44.02 24.23 50.57
N ARG C 216 -42.94 23.87 49.87
CA ARG C 216 -43.06 23.51 48.46
C ARG C 216 -43.93 22.27 48.29
N ASN C 217 -43.76 21.28 49.17
CA ASN C 217 -44.57 20.07 49.06
C ASN C 217 -46.04 20.37 49.20
N PHE C 218 -46.40 21.24 50.16
CA PHE C 218 -47.80 21.64 50.30
C PHE C 218 -48.32 22.27 49.01
N GLU C 219 -47.44 22.91 48.23
CA GLU C 219 -47.86 23.47 46.95
C GLU C 219 -48.10 22.38 45.93
N LEU C 220 -47.19 21.40 45.84
CA LEU C 220 -47.37 20.31 44.89
C LEU C 220 -48.63 19.51 45.18
N MET C 221 -49.01 19.41 46.46
CA MET C 221 -50.25 18.73 46.79
C MET C 221 -51.44 19.42 46.15
N GLU C 222 -51.47 20.76 46.19
CA GLU C 222 -52.57 21.49 45.60
C GLU C 222 -52.55 21.42 44.08
N ALA C 223 -51.35 21.35 43.48
CA ALA C 223 -51.28 21.20 42.03
C ALA C 223 -51.96 19.92 41.57
N GLU C 224 -51.75 18.83 42.31
CA GLU C 224 -52.42 17.57 41.97
C GLU C 224 -53.93 17.69 42.08
N LYS C 225 -54.41 18.50 43.03
CA LYS C 225 -55.85 18.65 43.18
C LYS C 225 -56.48 19.26 41.93
N THR C 226 -55.83 20.26 41.35
CA THR C 226 -56.33 20.86 40.12
C THR C 226 -56.05 19.99 38.90
N LYS C 227 -54.92 19.26 38.91
CA LYS C 227 -54.61 18.39 37.78
C LYS C 227 -55.71 17.36 37.57
N LEU C 228 -56.42 16.98 38.63
CA LEU C 228 -57.56 16.09 38.46
C LEU C 228 -58.64 16.74 37.61
N LEU C 229 -58.89 18.04 37.81
CA LEU C 229 -59.92 18.72 37.05
C LEU C 229 -59.58 18.79 35.57
N ILE C 230 -58.29 18.99 35.24
CA ILE C 230 -57.89 19.05 33.85
C ILE C 230 -58.21 17.73 33.14
N ALA C 231 -57.93 16.61 33.82
CA ALA C 231 -58.23 15.30 33.25
C ALA C 231 -59.72 15.09 33.04
N ALA C 232 -60.56 15.61 33.93
CA ALA C 232 -62.00 15.46 33.80
C ALA C 232 -62.55 16.10 32.53
N GLN C 233 -61.80 17.01 31.91
CA GLN C 233 -62.18 17.64 30.65
C GLN C 233 -61.42 17.05 29.46
N LYS C 234 -60.15 16.71 29.66
CA LYS C 234 -59.43 16.00 28.61
C LYS C 234 -60.11 14.67 28.29
N GLN C 235 -60.82 14.09 29.26
CA GLN C 235 -61.60 12.90 29.00
C GLN C 235 -62.63 13.16 27.91
N LYS C 236 -63.41 14.24 28.05
CA LYS C 236 -64.43 14.56 27.06
C LYS C 236 -63.80 14.90 25.72
N VAL C 237 -62.67 15.61 25.74
CA VAL C 237 -62.00 15.95 24.48
C VAL C 237 -61.58 14.67 23.74
N VAL C 238 -60.97 13.73 24.47
CA VAL C 238 -60.52 12.49 23.84
C VAL C 238 -61.71 11.68 23.34
N GLU C 239 -62.81 11.67 24.11
CA GLU C 239 -63.99 10.95 23.68
C GLU C 239 -64.53 11.53 22.37
N LYS C 240 -64.57 12.86 22.26
CA LYS C 240 -65.07 13.47 21.03
C LYS C 240 -64.15 13.15 19.86
N GLU C 241 -62.84 13.18 20.07
CA GLU C 241 -61.93 12.83 18.98
C GLU C 241 -62.13 11.38 18.53
N ALA C 242 -62.29 10.47 19.49
CA ALA C 242 -62.52 9.07 19.14
C ALA C 242 -63.84 8.91 18.38
N GLU C 243 -64.87 9.63 18.78
CA GLU C 243 -66.14 9.57 18.06
C GLU C 243 -65.99 10.08 16.64
N THR C 244 -65.22 11.16 16.45
CA THR C 244 -64.97 11.66 15.10
C THR C 244 -64.29 10.60 14.25
N GLU C 245 -63.27 9.95 14.82
CA GLU C 245 -62.58 8.90 14.06
C GLU C 245 -63.53 7.77 13.72
N ARG C 246 -64.41 7.39 14.65
CA ARG C 246 -65.38 6.34 14.39
C ARG C 246 -66.27 6.71 13.21
N LYS C 247 -66.78 7.94 13.21
CA LYS C 247 -67.67 8.37 12.12
C LYS C 247 -66.93 8.35 10.79
N LYS C 248 -65.69 8.82 10.77
CA LYS C 248 -64.92 8.80 9.53
C LYS C 248 -64.74 7.37 9.02
N ALA C 249 -64.40 6.44 9.93
CA ALA C 249 -64.20 5.05 9.51
C ALA C 249 -65.49 4.44 8.97
N VAL C 250 -66.63 4.76 9.59
CA VAL C 250 -67.90 4.22 9.12
C VAL C 250 -68.21 4.75 7.73
N ILE C 251 -67.96 6.04 7.49
CA ILE C 251 -68.20 6.60 6.17
C ILE C 251 -67.31 5.92 5.13
N GLU C 252 -66.04 5.68 5.48
CA GLU C 252 -65.15 5.00 4.55
C GLU C 252 -65.66 3.59 4.24
N ALA C 253 -66.15 2.88 5.25
CA ALA C 253 -66.68 1.53 5.03
C ALA C 253 -67.86 1.57 4.08
N GLU C 254 -68.77 2.53 4.26
CA GLU C 254 -69.91 2.63 3.36
C GLU C 254 -69.46 2.94 1.93
N LYS C 255 -68.46 3.81 1.79
CA LYS C 255 -67.90 4.08 0.47
C LYS C 255 -67.42 2.80 -0.19
N ILE C 256 -66.65 2.00 0.55
CA ILE C 256 -66.13 0.75 0.00
C ILE C 256 -67.27 -0.17 -0.40
N ALA C 257 -68.32 -0.23 0.42
CA ALA C 257 -69.45 -1.10 0.11
C ALA C 257 -70.09 -0.70 -1.22
N GLN C 258 -70.34 0.59 -1.41
CA GLN C 258 -70.99 1.02 -2.65
C GLN C 258 -70.10 0.79 -3.86
N VAL C 259 -68.80 1.07 -3.73
CA VAL C 259 -67.88 0.81 -4.84
C VAL C 259 -67.89 -0.66 -5.20
N ALA C 260 -67.89 -1.54 -4.19
CA ALA C 260 -67.94 -2.97 -4.46
C ALA C 260 -69.23 -3.35 -5.16
N LYS C 261 -70.35 -2.74 -4.78
CA LYS C 261 -71.61 -3.01 -5.48
C LYS C 261 -71.48 -2.71 -6.97
N ILE C 262 -70.92 -1.55 -7.29
CA ILE C 262 -70.77 -1.18 -8.69
C ILE C 262 -69.85 -2.17 -9.41
N ARG C 263 -68.74 -2.55 -8.76
CA ARG C 263 -67.81 -3.49 -9.38
C ARG C 263 -68.50 -4.83 -9.65
N PHE C 264 -69.38 -5.26 -8.75
CA PHE C 264 -70.05 -6.54 -8.93
C PHE C 264 -71.06 -6.48 -10.07
N GLN C 265 -71.77 -5.37 -10.20
CA GLN C 265 -72.61 -5.21 -11.39
C GLN C 265 -71.78 -5.31 -12.66
N GLN C 266 -70.62 -4.64 -12.67
CA GLN C 266 -69.75 -4.72 -13.84
C GLN C 266 -69.30 -6.15 -14.10
N LYS C 267 -69.00 -6.90 -13.04
CA LYS C 267 -68.56 -8.29 -13.21
C LYS C 267 -69.67 -9.14 -13.81
N VAL C 268 -70.92 -8.92 -13.39
CA VAL C 268 -72.03 -9.69 -13.96
C VAL C 268 -72.15 -9.39 -15.45
N MET C 269 -72.05 -8.12 -15.82
CA MET C 269 -72.07 -7.78 -17.25
C MET C 269 -70.91 -8.44 -17.99
N GLU C 270 -69.72 -8.40 -17.39
CA GLU C 270 -68.55 -9.08 -17.95
C GLU C 270 -68.86 -10.53 -18.27
N LYS C 271 -69.46 -11.24 -17.31
CA LYS C 271 -69.68 -12.66 -17.50
C LYS C 271 -70.78 -12.93 -18.52
N GLU C 272 -71.79 -12.06 -18.61
CA GLU C 272 -72.78 -12.21 -19.67
C GLU C 272 -72.11 -12.10 -21.04
N THR C 273 -71.26 -11.09 -21.21
CA THR C 273 -70.56 -10.95 -22.48
C THR C 273 -69.63 -12.12 -22.73
N GLU C 274 -69.01 -12.65 -21.67
CA GLU C 274 -68.16 -13.83 -21.83
C GLU C 274 -68.97 -15.01 -22.32
N LYS C 275 -70.19 -15.17 -21.80
CA LYS C 275 -71.06 -16.25 -22.29
C LYS C 275 -71.38 -16.08 -23.76
N ARG C 276 -71.67 -14.85 -24.19
CA ARG C 276 -71.94 -14.63 -25.62
C ARG C 276 -70.71 -14.95 -26.47
N ILE C 277 -69.53 -14.53 -26.01
CA ILE C 277 -68.30 -14.86 -26.72
C ILE C 277 -68.10 -16.37 -26.77
N SER C 278 -68.46 -17.06 -25.68
CA SER C 278 -68.34 -18.51 -25.65
C SER C 278 -69.24 -19.15 -26.69
N GLU C 279 -70.45 -18.61 -26.84
CA GLU C 279 -71.33 -19.12 -27.90
C GLU C 279 -70.73 -18.91 -29.28
N ILE C 280 -70.13 -17.74 -29.51
CA ILE C 280 -69.52 -17.46 -30.80
C ILE C 280 -68.38 -18.45 -31.06
N GLU C 281 -67.54 -18.67 -30.06
CA GLU C 281 -66.42 -19.60 -30.22
C GLU C 281 -66.92 -21.02 -30.39
N ASP C 282 -68.03 -21.38 -29.74
CA ASP C 282 -68.66 -22.66 -29.99
C ASP C 282 -69.02 -22.83 -31.45
N ALA C 283 -69.67 -21.82 -32.02
CA ALA C 283 -70.05 -21.90 -33.42
C ALA C 283 -68.82 -22.04 -34.31
N ALA C 284 -67.76 -21.28 -34.00
CA ALA C 284 -66.55 -21.36 -34.81
C ALA C 284 -65.89 -22.72 -34.72
N PHE C 285 -65.76 -23.25 -33.50
CA PHE C 285 -65.05 -24.50 -33.28
C PHE C 285 -65.78 -25.68 -33.90
N LEU C 286 -67.11 -25.69 -33.81
CA LEU C 286 -67.87 -26.79 -34.38
C LEU C 286 -67.63 -26.91 -35.88
N ALA C 287 -67.61 -25.78 -36.58
CA ALA C 287 -67.36 -25.81 -38.02
C ALA C 287 -65.95 -26.28 -38.32
N ARG C 288 -64.97 -25.84 -37.52
CA ARG C 288 -63.59 -26.26 -37.75
C ARG C 288 -63.43 -27.76 -37.61
N GLU C 289 -64.07 -28.35 -36.60
CA GLU C 289 -63.98 -29.80 -36.43
C GLU C 289 -64.66 -30.55 -37.56
N LYS C 290 -65.74 -29.98 -38.12
CA LYS C 290 -66.35 -30.59 -39.29
C LYS C 290 -65.39 -30.60 -40.46
N ALA C 291 -64.67 -29.50 -40.68
CA ALA C 291 -63.71 -29.46 -41.78
C ALA C 291 -62.57 -30.44 -41.56
N LYS C 292 -62.05 -30.51 -40.33
CA LYS C 292 -60.97 -31.45 -40.04
C LYS C 292 -61.42 -32.89 -40.25
N ALA C 293 -62.65 -33.21 -39.83
CA ALA C 293 -63.16 -34.56 -40.02
C ALA C 293 -63.27 -34.90 -41.51
N ASP C 294 -63.77 -33.97 -42.31
CA ASP C 294 -63.92 -34.22 -43.75
C ASP C 294 -62.56 -34.37 -44.42
N ALA C 295 -61.58 -33.55 -44.02
CA ALA C 295 -60.24 -33.67 -44.60
C ALA C 295 -59.64 -35.02 -44.29
N GLU C 296 -59.78 -35.49 -43.06
CA GLU C 296 -59.30 -36.83 -42.70
C GLU C 296 -60.05 -37.89 -43.49
N TYR C 297 -61.36 -37.74 -43.62
CA TYR C 297 -62.15 -38.72 -44.34
C TYR C 297 -61.70 -38.84 -45.80
N TYR C 298 -61.46 -37.70 -46.45
CA TYR C 298 -61.04 -37.75 -47.84
C TYR C 298 -59.68 -38.43 -48.00
N ALA C 299 -58.73 -38.10 -47.12
CA ALA C 299 -57.42 -38.74 -47.20
C ALA C 299 -57.53 -40.24 -46.94
N ALA C 300 -58.37 -40.64 -45.98
CA ALA C 300 -58.53 -42.06 -45.68
C ALA C 300 -59.09 -42.81 -46.88
N HIS C 301 -60.07 -42.23 -47.57
CA HIS C 301 -60.60 -42.87 -48.78
C HIS C 301 -59.55 -42.94 -49.87
N LYS C 302 -58.77 -41.88 -50.04
CA LYS C 302 -57.70 -41.90 -51.04
C LYS C 302 -56.59 -42.85 -50.61
N TYR C 303 -56.30 -42.93 -49.32
CA TYR C 303 -55.31 -43.89 -48.85
C TYR C 303 -55.85 -45.32 -48.99
N ALA C 304 -57.14 -45.52 -48.71
CA ALA C 304 -57.72 -46.85 -48.84
C ALA C 304 -57.75 -47.32 -50.29
N THR C 305 -58.13 -46.43 -51.21
CA THR C 305 -58.22 -46.83 -52.61
C THR C 305 -56.84 -47.05 -53.21
N SER C 306 -55.82 -46.39 -52.67
CA SER C 306 -54.46 -46.62 -53.13
C SER C 306 -53.89 -47.93 -52.59
N ASN C 307 -54.29 -48.33 -51.39
CA ASN C 307 -53.76 -49.55 -50.80
C ASN C 307 -54.09 -50.78 -51.62
N LYS C 308 -55.15 -50.73 -52.43
CA LYS C 308 -55.51 -51.90 -53.23
C LYS C 308 -54.39 -52.31 -54.16
N HIS C 309 -53.55 -51.35 -54.59
CA HIS C 309 -52.43 -51.63 -55.47
C HIS C 309 -51.10 -51.71 -54.74
N LYS C 310 -50.91 -50.87 -53.72
CA LYS C 310 -49.62 -50.80 -53.04
C LYS C 310 -49.37 -52.01 -52.15
N LEU C 311 -50.42 -52.65 -51.65
CA LEU C 311 -50.31 -53.66 -50.61
C LEU C 311 -50.32 -55.08 -51.18
N THR C 312 -49.65 -55.28 -52.31
CA THR C 312 -49.54 -56.62 -52.86
C THR C 312 -48.70 -57.51 -51.95
N PRO C 313 -48.82 -58.83 -52.11
CA PRO C 313 -48.08 -59.74 -51.21
C PRO C 313 -46.59 -59.47 -51.15
N GLU C 314 -45.97 -59.09 -52.26
CA GLU C 314 -44.53 -58.82 -52.23
C GLU C 314 -44.21 -57.62 -51.36
N TYR C 315 -44.99 -56.54 -51.49
CA TYR C 315 -44.76 -55.37 -50.64
C TYR C 315 -45.00 -55.71 -49.18
N LEU C 316 -46.06 -56.49 -48.89
CA LEU C 316 -46.31 -56.87 -47.51
C LEU C 316 -45.15 -57.69 -46.96
N GLU C 317 -44.60 -58.60 -47.76
CA GLU C 317 -43.47 -59.41 -47.33
C GLU C 317 -42.25 -58.54 -47.06
N LEU C 318 -41.98 -57.56 -47.94
CA LEU C 318 -40.85 -56.68 -47.73
C LEU C 318 -40.99 -55.90 -46.43
N LYS C 319 -42.19 -55.36 -46.18
CA LYS C 319 -42.39 -54.61 -44.94
C LYS C 319 -42.28 -55.53 -43.73
N LYS C 320 -42.74 -56.77 -43.85
CA LYS C 320 -42.59 -57.73 -42.77
C LYS C 320 -41.12 -57.96 -42.46
N TYR C 321 -40.30 -58.16 -43.50
CA TYR C 321 -38.87 -58.33 -43.30
C TYR C 321 -38.28 -57.14 -42.58
N GLN C 322 -38.59 -55.94 -43.06
CA GLN C 322 -38.01 -54.73 -42.46
C GLN C 322 -38.41 -54.60 -40.99
N ALA C 323 -39.69 -54.80 -40.70
CA ALA C 323 -40.16 -54.64 -39.32
C ALA C 323 -39.57 -55.69 -38.41
N ILE C 324 -39.51 -56.94 -38.84
CA ILE C 324 -39.00 -58.00 -37.99
C ILE C 324 -37.51 -57.83 -37.74
N ALA C 325 -36.76 -57.41 -38.76
CA ALA C 325 -35.33 -57.25 -38.59
C ALA C 325 -34.96 -55.99 -37.83
N SER C 326 -35.80 -54.96 -37.89
CA SER C 326 -35.46 -53.68 -37.26
C SER C 326 -35.30 -53.85 -35.76
N ASN C 327 -34.21 -53.28 -35.22
CA ASN C 327 -33.96 -53.26 -33.79
C ASN C 327 -34.05 -54.66 -33.20
N SER C 328 -33.14 -55.53 -33.66
CA SER C 328 -33.16 -56.93 -33.28
C SER C 328 -31.76 -57.38 -32.90
N LYS C 329 -31.70 -58.40 -32.04
CA LYS C 329 -30.47 -59.08 -31.68
C LYS C 329 -30.65 -60.56 -31.97
N ILE C 330 -29.68 -61.16 -32.64
CA ILE C 330 -29.81 -62.50 -33.19
C ILE C 330 -28.83 -63.42 -32.49
N TYR C 331 -29.31 -64.57 -32.02
CA TYR C 331 -28.49 -65.58 -31.37
C TYR C 331 -28.50 -66.87 -32.17
N PHE C 332 -28.54 -66.77 -33.49
CA PHE C 332 -28.64 -67.95 -34.33
C PHE C 332 -27.44 -68.87 -34.09
N GLY C 333 -27.55 -70.07 -34.62
CA GLY C 333 -26.54 -71.10 -34.45
C GLY C 333 -27.18 -72.46 -34.27
N SER C 334 -26.41 -73.51 -34.58
CA SER C 334 -26.94 -74.86 -34.48
C SER C 334 -27.32 -75.21 -33.04
N ASN C 335 -26.48 -74.80 -32.08
CA ASN C 335 -26.69 -75.14 -30.67
C ASN C 335 -26.41 -73.91 -29.81
N ILE C 336 -27.46 -73.14 -29.54
CA ILE C 336 -27.40 -71.99 -28.65
C ILE C 336 -27.26 -72.50 -27.22
N PRO C 337 -26.56 -71.80 -26.32
CA PRO C 337 -26.50 -72.26 -24.94
C PRO C 337 -27.89 -72.36 -24.33
N ASN C 338 -28.06 -73.35 -23.46
CA ASN C 338 -29.37 -73.61 -22.88
C ASN C 338 -29.83 -72.43 -22.03
N MET C 339 -28.93 -71.85 -21.25
CA MET C 339 -29.27 -70.75 -20.34
C MET C 339 -28.79 -69.43 -20.92
N PHE C 340 -29.13 -68.35 -20.22
CA PHE C 340 -28.78 -67.01 -20.67
C PHE C 340 -29.10 -66.04 -19.54
N VAL C 341 -28.32 -64.96 -19.46
CA VAL C 341 -28.46 -63.95 -18.42
C VAL C 341 -28.54 -62.58 -19.08
N ASP C 342 -29.50 -61.77 -18.63
CA ASP C 342 -29.63 -60.40 -19.10
C ASP C 342 -28.92 -59.46 -18.14
N SER D 18 -58.35 83.64 72.30
CA SER D 18 -58.89 82.58 73.15
C SER D 18 -60.22 82.08 72.63
N LEU D 19 -60.99 82.97 71.98
CA LEU D 19 -62.28 82.58 71.44
C LEU D 19 -62.14 81.55 70.33
N PHE D 20 -61.06 81.63 69.55
CA PHE D 20 -60.83 80.63 68.52
C PHE D 20 -60.61 79.25 69.14
N SER D 21 -59.85 79.18 70.24
CA SER D 21 -59.65 77.91 70.92
C SER D 21 -60.89 77.48 71.68
N ALA D 22 -61.81 78.41 71.98
CA ALA D 22 -63.03 78.05 72.67
C ALA D 22 -64.04 77.44 71.71
N VAL D 23 -64.34 78.12 70.61
CA VAL D 23 -65.33 77.65 69.65
C VAL D 23 -64.66 76.70 68.66
N HIS D 24 -65.42 75.72 68.19
CA HIS D 24 -64.88 74.71 67.28
C HIS D 24 -66.03 74.13 66.47
N LYS D 25 -65.66 73.27 65.52
CA LYS D 25 -66.58 72.76 64.51
C LYS D 25 -66.76 71.26 64.68
N ILE D 26 -68.00 70.81 64.66
CA ILE D 26 -68.35 69.39 64.74
C ILE D 26 -69.22 69.07 63.52
N GLU D 27 -68.68 68.27 62.60
CA GLU D 27 -69.35 68.01 61.34
C GLU D 27 -70.62 67.20 61.57
N GLU D 28 -71.38 67.00 60.49
CA GLU D 28 -72.60 66.20 60.55
C GLU D 28 -72.24 64.71 60.62
N GLY D 29 -73.07 63.97 61.36
CA GLY D 29 -72.82 62.56 61.54
C GLY D 29 -71.71 62.24 62.51
N HIS D 30 -71.18 63.24 63.21
CA HIS D 30 -70.13 63.04 64.21
C HIS D 30 -70.68 63.35 65.60
N ILE D 31 -69.89 62.98 66.60
CA ILE D 31 -70.12 63.41 67.97
C ILE D 31 -68.78 63.80 68.57
N GLY D 32 -68.77 64.91 69.29
CA GLY D 32 -67.54 65.41 69.87
C GLY D 32 -67.32 64.89 71.28
N VAL D 33 -66.06 64.66 71.62
CA VAL D 33 -65.64 64.24 72.95
C VAL D 33 -64.52 65.16 73.40
N TYR D 34 -64.63 65.67 74.63
CA TYR D 34 -63.71 66.66 75.15
C TYR D 34 -62.90 66.06 76.30
N TYR D 35 -61.63 66.41 76.36
CA TYR D 35 -60.73 65.99 77.41
C TYR D 35 -60.21 67.23 78.14
N ARG D 36 -60.46 67.30 79.44
CA ARG D 36 -60.07 68.48 80.21
C ARG D 36 -58.61 68.41 80.63
N GLY D 37 -58.27 67.42 81.46
CA GLY D 37 -56.90 67.25 81.93
C GLY D 37 -56.38 65.86 81.68
N GLY D 38 -56.71 65.31 80.51
CA GLY D 38 -56.45 63.92 80.21
C GLY D 38 -57.63 63.01 80.43
N ALA D 39 -58.55 63.39 81.31
CA ALA D 39 -59.82 62.69 81.44
C ALA D 39 -60.76 63.13 80.32
N LEU D 40 -61.96 62.55 80.31
CA LEU D 40 -63.00 62.97 79.39
C LEU D 40 -64.25 63.34 80.18
N LEU D 41 -64.99 64.32 79.69
CA LEU D 41 -66.16 64.81 80.41
C LEU D 41 -67.38 63.96 80.09
N THR D 42 -68.27 63.83 81.08
CA THR D 42 -69.46 63.01 80.93
C THR D 42 -70.41 63.54 79.86
N SER D 43 -70.28 64.79 79.45
CA SER D 43 -71.18 65.41 78.49
C SER D 43 -70.54 65.41 77.12
N THR D 44 -71.22 64.78 76.16
CA THR D 44 -70.78 64.75 74.77
C THR D 44 -71.73 65.58 73.92
N SER D 45 -71.16 66.38 73.03
CA SER D 45 -71.93 67.32 72.22
C SER D 45 -72.37 66.68 70.92
N GLY D 46 -73.20 67.41 70.18
CA GLY D 46 -73.67 66.99 68.88
C GLY D 46 -72.95 67.71 67.77
N PRO D 47 -73.55 67.73 66.58
CA PRO D 47 -72.95 68.45 65.45
C PRO D 47 -73.38 69.90 65.40
N GLY D 48 -72.47 70.74 64.92
CA GLY D 48 -72.69 72.16 64.75
C GLY D 48 -71.57 72.95 65.37
N PHE D 49 -71.81 74.25 65.55
CA PHE D 49 -70.87 75.10 66.25
C PHE D 49 -70.99 74.89 67.75
N HIS D 50 -69.87 74.63 68.40
CA HIS D 50 -69.85 74.39 69.84
C HIS D 50 -68.62 75.06 70.44
N LEU D 51 -68.72 75.40 71.72
CA LEU D 51 -67.65 76.07 72.44
C LEU D 51 -67.27 75.25 73.67
N MET D 52 -65.97 75.15 73.92
CA MET D 52 -65.42 74.44 75.06
C MET D 52 -64.64 75.44 75.93
N LEU D 53 -63.96 74.90 76.94
CA LEU D 53 -63.16 75.72 77.84
C LEU D 53 -61.90 76.20 77.12
N PRO D 54 -61.08 77.03 77.75
CA PRO D 54 -59.89 77.55 77.07
C PRO D 54 -58.86 76.46 76.75
N PHE D 55 -57.70 76.90 76.28
CA PHE D 55 -56.66 76.02 75.73
C PHE D 55 -56.46 74.76 76.54
N ILE D 56 -56.74 74.79 77.85
CA ILE D 56 -56.52 73.62 78.69
C ILE D 56 -57.27 72.42 78.15
N THR D 57 -58.49 72.63 77.65
CA THR D 57 -59.31 71.54 77.14
C THR D 57 -58.96 71.24 75.69
N SER D 58 -59.04 69.96 75.35
CA SER D 58 -58.87 69.49 73.98
C SER D 58 -60.12 68.72 73.57
N TYR D 59 -60.24 68.41 72.28
CA TYR D 59 -61.43 67.75 71.78
C TYR D 59 -61.07 66.90 70.57
N LYS D 60 -61.97 65.99 70.24
CA LYS D 60 -61.91 65.28 68.97
C LYS D 60 -63.26 64.68 68.67
N SER D 61 -63.56 64.53 67.38
CA SER D 61 -64.85 64.08 66.91
C SER D 61 -64.75 62.64 66.41
N VAL D 62 -65.76 61.84 66.71
CA VAL D 62 -65.84 60.45 66.30
C VAL D 62 -67.10 60.26 65.48
N GLN D 63 -66.96 59.61 64.32
CA GLN D 63 -68.05 59.47 63.37
C GLN D 63 -69.04 58.41 63.84
N THR D 64 -70.32 58.75 63.83
CA THR D 64 -71.38 57.82 64.20
C THR D 64 -72.13 57.28 62.99
N THR D 65 -71.71 57.62 61.78
CA THR D 65 -72.35 57.13 60.57
C THR D 65 -71.48 56.07 59.91
N LEU D 66 -72.06 55.39 58.92
CA LEU D 66 -71.36 54.31 58.22
C LEU D 66 -70.03 54.80 57.68
N GLN D 67 -68.94 54.24 58.20
CA GLN D 67 -67.61 54.47 57.68
C GLN D 67 -66.97 53.14 57.31
N THR D 68 -66.15 53.18 56.27
CA THR D 68 -65.53 51.98 55.71
C THR D 68 -64.01 52.10 55.76
N ASP D 69 -63.35 51.03 56.18
CA ASP D 69 -61.90 50.98 56.14
C ASP D 69 -61.47 49.55 55.87
N GLU D 70 -60.27 49.38 55.33
CA GLU D 70 -59.86 48.11 54.76
C GLU D 70 -58.49 47.70 55.25
N VAL D 71 -58.20 46.42 55.07
CA VAL D 71 -56.90 45.82 55.34
C VAL D 71 -56.39 45.19 54.06
N LYS D 72 -55.11 45.37 53.77
CA LYS D 72 -54.50 44.95 52.53
C LYS D 72 -53.54 43.79 52.75
N ASN D 73 -53.44 42.93 51.73
CA ASN D 73 -52.49 41.82 51.73
C ASN D 73 -52.62 40.97 52.98
N VAL D 74 -53.85 40.57 53.29
CA VAL D 74 -54.11 39.73 54.46
C VAL D 74 -53.81 38.29 54.06
N PRO D 75 -52.88 37.61 54.74
CA PRO D 75 -52.61 36.20 54.40
C PRO D 75 -53.72 35.29 54.90
N CYS D 76 -53.79 34.11 54.28
CA CYS D 76 -54.76 33.09 54.67
C CYS D 76 -54.19 31.73 54.29
N GLY D 77 -54.01 30.87 55.29
CA GLY D 77 -53.51 29.54 55.04
C GLY D 77 -54.64 28.55 54.84
N THR D 78 -54.83 28.08 53.62
CA THR D 78 -55.94 27.18 53.34
C THR D 78 -55.69 25.83 54.01
N SER D 79 -56.76 25.04 54.12
CA SER D 79 -56.65 23.73 54.76
C SER D 79 -55.66 22.84 54.04
N GLY D 80 -55.35 23.12 52.77
CA GLY D 80 -54.33 22.38 52.06
C GLY D 80 -52.92 22.78 52.36
N GLY D 81 -52.72 23.82 53.18
CA GLY D 81 -51.40 24.26 53.56
C GLY D 81 -50.81 25.36 52.70
N VAL D 82 -51.45 25.74 51.61
CA VAL D 82 -50.95 26.79 50.74
C VAL D 82 -51.46 28.14 51.25
N MET D 83 -50.63 29.16 51.07
CA MET D 83 -50.93 30.51 51.52
C MET D 83 -51.48 31.31 50.35
N ILE D 84 -52.67 31.87 50.52
CA ILE D 84 -53.28 32.77 49.54
C ILE D 84 -53.53 34.11 50.23
N TYR D 85 -53.25 35.20 49.52
CA TYR D 85 -53.30 36.53 50.09
C TYR D 85 -54.51 37.27 49.52
N PHE D 86 -55.38 37.73 50.40
CA PHE D 86 -56.48 38.60 50.01
C PHE D 86 -55.93 40.01 49.85
N ASP D 87 -56.07 40.56 48.64
CA ASP D 87 -55.52 41.90 48.38
C ASP D 87 -56.22 42.96 49.20
N ARG D 88 -57.54 42.84 49.36
CA ARG D 88 -58.30 43.86 50.07
C ARG D 88 -59.47 43.21 50.80
N ILE D 89 -59.63 43.59 52.06
CA ILE D 89 -60.77 43.21 52.88
C ILE D 89 -61.30 44.48 53.52
N GLU D 90 -62.47 44.92 53.08
CA GLU D 90 -63.08 46.15 53.56
C GLU D 90 -64.17 45.83 54.57
N VAL D 91 -64.26 46.64 55.61
CA VAL D 91 -65.31 46.54 56.62
C VAL D 91 -65.98 47.89 56.75
N VAL D 92 -67.31 47.90 56.73
CA VAL D 92 -68.13 49.08 56.92
C VAL D 92 -68.88 48.93 58.23
N ASN D 93 -68.79 49.94 59.09
CA ASN D 93 -69.36 49.88 60.43
C ASN D 93 -69.90 51.24 60.82
N PHE D 94 -70.79 51.25 61.81
CA PHE D 94 -71.36 52.50 62.29
C PHE D 94 -71.62 52.41 63.79
N LEU D 95 -71.63 53.58 64.43
CA LEU D 95 -71.79 53.69 65.87
C LEU D 95 -73.17 54.23 66.20
N VAL D 96 -73.84 53.62 67.17
CA VAL D 96 -75.07 54.21 67.71
C VAL D 96 -74.73 55.50 68.43
N PRO D 97 -75.53 56.56 68.33
CA PRO D 97 -75.12 57.84 68.93
C PRO D 97 -74.86 57.77 70.43
N ASN D 98 -75.66 57.01 71.17
CA ASN D 98 -75.57 57.05 72.62
C ASN D 98 -74.37 56.28 73.16
N ALA D 99 -73.99 55.18 72.50
CA ALA D 99 -72.88 54.35 72.97
C ALA D 99 -71.52 54.98 72.70
N VAL D 100 -71.49 56.16 72.08
CA VAL D 100 -70.21 56.77 71.71
C VAL D 100 -69.38 57.09 72.95
N TYR D 101 -70.03 57.61 74.00
CA TYR D 101 -69.29 57.96 75.21
C TYR D 101 -68.62 56.74 75.81
N ASP D 102 -69.38 55.65 75.98
CA ASP D 102 -68.80 54.43 76.53
C ASP D 102 -67.68 53.91 75.65
N ILE D 103 -67.89 53.91 74.34
CA ILE D 103 -66.90 53.35 73.43
C ILE D 103 -65.59 54.12 73.53
N VAL D 104 -65.68 55.45 73.50
CA VAL D 104 -64.46 56.27 73.56
C VAL D 104 -63.80 56.15 74.93
N LYS D 105 -64.61 56.06 75.99
CA LYS D 105 -64.04 55.92 77.32
C LYS D 105 -63.27 54.62 77.47
N ASN D 106 -63.81 53.53 76.91
CA ASN D 106 -63.19 52.22 77.09
C ASN D 106 -62.08 51.93 76.10
N TYR D 107 -62.11 52.53 74.91
CA TYR D 107 -61.09 52.23 73.90
C TYR D 107 -60.58 53.46 73.17
N THR D 108 -60.83 54.67 73.70
CA THR D 108 -60.35 55.89 73.06
C THR D 108 -61.00 56.08 71.69
N ALA D 109 -60.67 57.18 71.02
CA ALA D 109 -61.25 57.44 69.71
C ALA D 109 -60.84 56.39 68.69
N ASP D 110 -59.57 55.96 68.72
CA ASP D 110 -59.07 55.01 67.75
C ASP D 110 -59.45 53.59 68.14
N TYR D 111 -60.74 53.36 68.37
CA TYR D 111 -61.22 52.03 68.73
C TYR D 111 -61.28 51.09 67.53
N ASP D 112 -61.28 51.63 66.31
CA ASP D 112 -61.43 50.79 65.13
C ASP D 112 -60.31 49.76 65.05
N LYS D 113 -59.06 50.21 65.18
CA LYS D 113 -57.93 49.30 65.04
C LYS D 113 -57.99 48.19 66.08
N ALA D 114 -58.31 48.54 67.32
CA ALA D 114 -58.30 47.55 68.39
C ALA D 114 -59.49 46.61 68.31
N LEU D 115 -60.61 47.05 67.72
CA LEU D 115 -61.85 46.28 67.79
C LEU D 115 -62.18 45.52 66.52
N ILE D 116 -61.71 45.95 65.35
CA ILE D 116 -62.10 45.30 64.10
C ILE D 116 -60.89 44.92 63.28
N PHE D 117 -60.05 45.90 62.96
CA PHE D 117 -59.02 45.74 61.93
C PHE D 117 -57.75 45.09 62.46
N ASN D 118 -57.66 44.82 63.76
CA ASN D 118 -56.60 43.96 64.26
C ASN D 118 -57.05 42.51 64.35
N LYS D 119 -58.33 42.27 64.60
CA LYS D 119 -58.88 40.92 64.64
C LYS D 119 -59.22 40.37 63.27
N ILE D 120 -59.27 41.23 62.24
CA ILE D 120 -59.64 40.76 60.90
C ILE D 120 -58.73 39.62 60.47
N HIS D 121 -57.42 39.80 60.59
CA HIS D 121 -56.49 38.81 60.05
C HIS D 121 -56.59 37.49 60.80
N HIS D 122 -56.72 37.55 62.13
CA HIS D 122 -56.84 36.32 62.91
C HIS D 122 -58.13 35.58 62.57
N GLU D 123 -59.25 36.30 62.49
CA GLU D 123 -60.51 35.66 62.17
C GLU D 123 -60.47 35.04 60.78
N LEU D 124 -59.89 35.75 59.82
CA LEU D 124 -59.81 35.22 58.46
C LEU D 124 -58.91 34.00 58.40
N ASN D 125 -57.80 34.00 59.13
CA ASN D 125 -56.95 32.82 59.17
C ASN D 125 -57.69 31.64 59.78
N GLN D 126 -58.44 31.88 60.86
CA GLN D 126 -59.21 30.81 61.48
C GLN D 126 -60.23 30.24 60.51
N PHE D 127 -60.91 31.10 59.77
CA PHE D 127 -61.88 30.62 58.78
C PHE D 127 -61.19 29.86 57.65
N CYS D 128 -60.05 30.37 57.18
CA CYS D 128 -59.37 29.74 56.05
C CYS D 128 -58.83 28.36 56.42
N SER D 129 -58.30 28.20 57.64
CA SER D 129 -57.66 26.94 57.99
C SER D 129 -58.64 25.77 57.94
N VAL D 130 -59.95 26.03 57.97
CA VAL D 130 -60.94 24.96 57.94
C VAL D 130 -61.43 24.63 56.55
N HIS D 131 -61.17 25.48 55.55
CA HIS D 131 -61.65 25.28 54.20
C HIS D 131 -60.49 25.14 53.23
N THR D 132 -60.64 24.21 52.28
CA THR D 132 -59.59 24.00 51.28
C THR D 132 -59.50 25.19 50.34
N LEU D 133 -58.51 25.15 49.46
CA LEU D 133 -58.28 26.27 48.55
C LEU D 133 -59.45 26.45 47.60
N GLN D 134 -60.00 25.36 47.08
CA GLN D 134 -61.12 25.46 46.14
C GLN D 134 -62.32 26.13 46.80
N GLU D 135 -62.65 25.73 48.02
CA GLU D 135 -63.82 26.28 48.69
C GLU D 135 -63.64 27.77 48.95
N VAL D 136 -62.47 28.18 49.43
CA VAL D 136 -62.22 29.58 49.72
C VAL D 136 -62.21 30.40 48.43
N TYR D 137 -61.70 29.81 47.34
CA TYR D 137 -61.44 30.57 46.13
C TYR D 137 -62.69 30.71 45.26
N ILE D 138 -63.45 29.63 45.08
CA ILE D 138 -64.46 29.62 44.04
C ILE D 138 -65.86 29.29 44.57
N GLU D 139 -65.94 28.52 45.65
CA GLU D 139 -67.22 27.97 46.10
C GLU D 139 -67.78 28.66 47.34
N LEU D 140 -67.02 28.72 48.42
CA LEU D 140 -67.45 29.38 49.64
C LEU D 140 -67.13 30.87 49.64
N PHE D 141 -66.74 31.42 48.50
CA PHE D 141 -66.36 32.83 48.46
C PHE D 141 -67.52 33.73 48.88
N ASP D 142 -68.73 33.43 48.40
CA ASP D 142 -69.87 34.27 48.74
C ASP D 142 -70.22 34.20 50.23
N GLN D 143 -69.66 33.25 50.96
CA GLN D 143 -69.93 33.10 52.38
C GLN D 143 -68.82 33.68 53.26
N ILE D 144 -67.69 34.09 52.68
CA ILE D 144 -66.61 34.67 53.48
C ILE D 144 -67.10 35.91 54.19
N ASP D 145 -67.86 36.76 53.48
CA ASP D 145 -68.37 37.99 54.09
C ASP D 145 -69.22 37.67 55.31
N GLU D 146 -70.19 36.76 55.15
CA GLU D 146 -71.06 36.43 56.27
C GLU D 146 -70.27 35.85 57.43
N ASN D 147 -69.33 34.95 57.15
CA ASN D 147 -68.56 34.34 58.22
C ASN D 147 -67.76 35.39 58.99
N LEU D 148 -67.00 36.23 58.28
CA LEU D 148 -66.19 37.23 58.94
C LEU D 148 -67.06 38.23 59.70
N LYS D 149 -68.16 38.67 59.09
CA LYS D 149 -69.03 39.64 59.74
C LYS D 149 -69.61 39.07 61.02
N LEU D 150 -70.09 37.82 60.98
CA LEU D 150 -70.63 37.21 62.19
C LEU D 150 -69.56 37.03 63.25
N ALA D 151 -68.36 36.61 62.84
CA ALA D 151 -67.28 36.44 63.80
C ALA D 151 -66.94 37.74 64.51
N LEU D 152 -66.92 38.85 63.77
CA LEU D 152 -66.63 40.13 64.39
C LEU D 152 -67.79 40.60 65.27
N GLN D 153 -69.02 40.45 64.79
CA GLN D 153 -70.16 41.00 65.51
C GLN D 153 -70.43 40.25 66.80
N GLN D 154 -70.29 38.92 66.79
CA GLN D 154 -70.60 38.14 67.98
C GLN D 154 -69.67 38.51 69.13
N ASP D 155 -68.47 38.99 68.83
CA ASP D 155 -67.55 39.46 69.84
C ASP D 155 -67.80 40.92 70.21
N LEU D 156 -68.09 41.76 69.20
CA LEU D 156 -68.31 43.17 69.47
C LEU D 156 -69.53 43.39 70.36
N THR D 157 -70.59 42.61 70.14
CA THR D 157 -71.80 42.80 70.93
C THR D 157 -71.53 42.58 72.42
N SER D 158 -70.73 41.57 72.75
CA SER D 158 -70.39 41.33 74.14
C SER D 158 -69.41 42.37 74.66
N MET D 159 -68.38 42.70 73.87
CA MET D 159 -67.33 43.60 74.36
C MET D 159 -67.87 45.00 74.58
N ALA D 160 -68.40 45.62 73.52
CA ALA D 160 -68.86 47.01 73.60
C ALA D 160 -70.05 47.19 72.69
N PRO D 161 -71.26 46.94 73.19
CA PRO D 161 -72.45 47.08 72.34
C PRO D 161 -72.62 48.52 71.87
N GLY D 162 -73.10 48.67 70.63
CA GLY D 162 -73.30 49.97 70.01
C GLY D 162 -72.52 50.14 68.72
N LEU D 163 -71.36 49.50 68.61
CA LEU D 163 -70.56 49.52 67.39
C LEU D 163 -71.01 48.37 66.52
N VAL D 164 -71.83 48.66 65.52
CA VAL D 164 -72.45 47.65 64.67
C VAL D 164 -71.68 47.55 63.37
N ILE D 165 -71.24 46.34 63.03
CA ILE D 165 -70.53 46.08 61.78
C ILE D 165 -71.58 45.83 60.70
N GLN D 166 -71.77 46.82 59.83
CA GLN D 166 -72.84 46.75 58.83
C GLN D 166 -72.51 45.79 57.70
N ALA D 167 -71.27 45.81 57.19
CA ALA D 167 -70.99 45.00 56.02
C ALA D 167 -69.50 44.69 55.92
N VAL D 168 -69.19 43.66 55.13
CA VAL D 168 -67.82 43.26 54.84
C VAL D 168 -67.72 42.88 53.37
N ARG D 169 -66.60 43.22 52.75
CA ARG D 169 -66.32 42.86 51.36
C ARG D 169 -64.89 42.35 51.25
N VAL D 170 -64.66 41.48 50.27
CA VAL D 170 -63.38 40.81 50.12
C VAL D 170 -63.05 40.66 48.64
N THR D 171 -61.76 40.72 48.31
CA THR D 171 -61.34 40.46 46.95
C THR D 171 -60.98 38.98 46.75
N LYS D 172 -60.74 38.61 45.49
CA LYS D 172 -60.32 37.25 45.19
C LYS D 172 -58.89 37.04 45.67
N PRO D 173 -58.61 35.97 46.42
CA PRO D 173 -57.25 35.75 46.91
C PRO D 173 -56.27 35.49 45.78
N ASN D 174 -55.02 35.87 46.00
CA ASN D 174 -53.94 35.65 45.04
C ASN D 174 -53.36 34.26 45.29
N ILE D 175 -53.79 33.30 44.49
CA ILE D 175 -53.32 31.91 44.58
C ILE D 175 -51.92 31.81 43.98
N PRO D 176 -51.15 30.78 44.30
CA PRO D 176 -49.80 30.66 43.74
C PRO D 176 -49.82 30.58 42.23
N GLU D 177 -48.69 30.96 41.63
CA GLU D 177 -48.61 30.98 40.17
C GLU D 177 -48.78 29.59 39.58
N ALA D 178 -48.17 28.58 40.20
CA ALA D 178 -48.23 27.23 39.65
C ALA D 178 -49.67 26.73 39.58
N ILE D 179 -50.46 26.95 40.63
CA ILE D 179 -51.84 26.49 40.63
C ILE D 179 -52.67 27.29 39.63
N ARG D 180 -52.36 28.58 39.46
CA ARG D 180 -53.16 29.42 38.57
C ARG D 180 -53.08 28.91 37.14
N ARG D 181 -51.90 28.49 36.68
CA ARG D 181 -51.78 27.99 35.32
C ARG D 181 -52.69 26.79 35.10
N ASN D 182 -52.76 25.89 36.08
CA ASN D 182 -53.61 24.72 35.95
C ASN D 182 -55.07 25.10 35.75
N TYR D 183 -55.48 26.26 36.29
CA TYR D 183 -56.86 26.70 36.12
C TYR D 183 -57.11 27.19 34.71
N GLU D 184 -56.12 27.85 34.11
CA GLU D 184 -56.26 28.27 32.71
C GLU D 184 -56.20 27.06 31.78
N LEU D 185 -55.41 26.05 32.14
CA LEU D 185 -55.35 24.83 31.34
C LEU D 185 -56.70 24.11 31.36
N MET D 186 -57.35 24.08 32.52
CA MET D 186 -58.66 23.43 32.61
C MET D 186 -59.67 24.09 31.69
N GLU D 187 -59.65 25.42 31.62
CA GLU D 187 -60.60 26.12 30.77
C GLU D 187 -60.32 25.89 29.29
N SER D 188 -59.04 25.72 28.93
CA SER D 188 -58.72 25.42 27.54
C SER D 188 -59.35 24.11 27.10
N GLU D 189 -59.36 23.11 27.99
CA GLU D 189 -59.99 21.84 27.67
C GLU D 189 -61.46 22.02 27.36
N LYS D 190 -62.13 22.92 28.07
CA LYS D 190 -63.54 23.17 27.80
C LYS D 190 -63.74 23.72 26.39
N THR D 191 -62.87 24.63 25.96
CA THR D 191 -62.96 25.16 24.61
C THR D 191 -62.42 24.18 23.57
N LYS D 192 -61.40 23.40 23.93
CA LYS D 192 -60.90 22.40 23.00
C LYS D 192 -61.97 21.39 22.64
N LEU D 193 -62.91 21.14 23.53
CA LEU D 193 -64.02 20.24 23.22
C LEU D 193 -64.88 20.81 22.10
N LEU D 194 -65.13 22.12 22.13
CA LEU D 194 -65.98 22.73 21.13
C LEU D 194 -65.33 22.69 19.75
N ILE D 195 -64.00 22.81 19.70
CA ILE D 195 -63.30 22.75 18.42
C ILE D 195 -63.47 21.38 17.78
N ALA D 196 -63.44 20.33 18.59
CA ALA D 196 -63.64 18.97 18.08
C ALA D 196 -65.03 18.78 17.50
N ALA D 197 -66.05 19.38 18.10
CA ALA D 197 -67.41 19.25 17.59
C ALA D 197 -67.58 19.83 16.19
N GLN D 198 -66.66 20.68 15.75
CA GLN D 198 -66.68 21.24 14.40
C GLN D 198 -65.71 20.52 13.47
N LYS D 199 -64.53 20.16 13.97
CA LYS D 199 -63.64 19.32 13.18
C LYS D 199 -64.30 18.02 12.82
N GLN D 200 -65.25 17.55 13.64
CA GLN D 200 -66.01 16.36 13.31
C GLN D 200 -66.77 16.55 12.00
N LYS D 201 -67.52 17.65 11.89
CA LYS D 201 -68.28 17.91 10.67
C LYS D 201 -67.35 18.11 9.47
N VAL D 202 -66.22 18.77 9.69
CA VAL D 202 -65.28 18.97 8.59
C VAL D 202 -64.79 17.62 8.07
N VAL D 203 -64.42 16.73 8.98
CA VAL D 203 -63.93 15.41 8.59
C VAL D 203 -65.03 14.62 7.90
N GLU D 204 -66.27 14.73 8.39
CA GLU D 204 -67.38 14.04 7.75
C GLU D 204 -67.56 14.50 6.31
N LYS D 205 -67.51 15.82 6.09
CA LYS D 205 -67.68 16.33 4.73
C LYS D 205 -66.54 15.88 3.82
N GLU D 206 -65.31 15.88 4.33
CA GLU D 206 -64.20 15.41 3.50
C GLU D 206 -64.37 13.93 3.14
N ALA D 207 -64.81 13.11 4.10
CA ALA D 207 -65.04 11.70 3.83
C ALA D 207 -66.14 11.52 2.79
N GLU D 208 -67.20 12.32 2.88
CA GLU D 208 -68.28 12.23 1.89
C GLU D 208 -67.77 12.61 0.51
N THR D 209 -66.91 13.63 0.43
CA THR D 209 -66.32 13.99 -0.85
C THR D 209 -65.52 12.84 -1.43
N GLU D 210 -64.72 12.19 -0.59
CA GLU D 210 -63.93 11.05 -1.06
C GLU D 210 -64.85 9.93 -1.56
N ARG D 211 -65.95 9.69 -0.85
CA ARG D 211 -66.89 8.66 -1.26
C ARG D 211 -67.48 8.99 -2.63
N LYS D 212 -67.88 10.24 -2.84
CA LYS D 212 -68.44 10.62 -4.13
C LYS D 212 -67.42 10.43 -5.25
N LYS D 213 -66.17 10.82 -5.00
CA LYS D 213 -65.13 10.64 -6.01
C LYS D 213 -64.94 9.16 -6.34
N ALA D 214 -64.92 8.31 -5.32
CA ALA D 214 -64.74 6.88 -5.55
C ALA D 214 -65.90 6.31 -6.37
N LEU D 215 -67.12 6.73 -6.06
CA LEU D 215 -68.27 6.25 -6.82
C LEU D 215 -68.19 6.67 -8.28
N ILE D 216 -67.77 7.92 -8.53
CA ILE D 216 -67.64 8.37 -9.92
C ILE D 216 -66.57 7.55 -10.64
N GLU D 217 -65.47 7.27 -9.96
CA GLU D 217 -64.43 6.44 -10.57
C GLU D 217 -64.95 5.06 -10.91
N ALA D 218 -65.73 4.47 -9.99
CA ALA D 218 -66.29 3.14 -10.25
C ALA D 218 -67.20 3.16 -11.47
N GLU D 219 -68.05 4.19 -11.58
CA GLU D 219 -68.91 4.31 -12.76
C GLU D 219 -68.09 4.44 -14.04
N LYS D 220 -67.02 5.23 -13.99
CA LYS D 220 -66.13 5.35 -15.14
C LYS D 220 -65.62 3.99 -15.57
N VAL D 221 -65.11 3.22 -14.61
CA VAL D 221 -64.53 1.92 -14.95
C VAL D 221 -65.61 1.01 -15.51
N ALA D 222 -66.83 1.07 -14.97
CA ALA D 222 -67.91 0.24 -15.49
C ALA D 222 -68.20 0.55 -16.95
N GLN D 223 -68.31 1.84 -17.29
CA GLN D 223 -68.60 2.20 -18.67
C GLN D 223 -67.45 1.79 -19.61
N VAL D 224 -66.21 2.01 -19.19
CA VAL D 224 -65.07 1.60 -20.00
C VAL D 224 -65.11 0.10 -20.23
N ALA D 225 -65.45 -0.66 -19.19
CA ALA D 225 -65.54 -2.10 -19.32
C ALA D 225 -66.62 -2.50 -20.32
N GLU D 226 -67.77 -1.82 -20.28
CA GLU D 226 -68.83 -2.14 -21.23
C GLU D 226 -68.34 -1.94 -22.67
N ILE D 227 -67.66 -0.81 -22.92
CA ILE D 227 -67.14 -0.57 -24.26
C ILE D 227 -66.14 -1.64 -24.65
N THR D 228 -65.24 -1.99 -23.73
CA THR D 228 -64.22 -2.98 -24.04
C THR D 228 -64.83 -4.34 -24.36
N TYR D 229 -65.90 -4.71 -23.66
CA TYR D 229 -66.48 -6.02 -23.91
C TYR D 229 -67.32 -6.04 -25.19
N GLY D 230 -67.93 -4.92 -25.56
CA GLY D 230 -68.47 -4.83 -26.91
C GLY D 230 -67.39 -5.03 -27.95
N GLN D 231 -66.22 -4.43 -27.73
CA GLN D 231 -65.10 -4.63 -28.65
C GLN D 231 -64.69 -6.09 -28.70
N LYS D 232 -64.68 -6.76 -27.54
CA LYS D 232 -64.31 -8.17 -27.51
C LYS D 232 -65.30 -9.04 -28.28
N VAL D 233 -66.59 -8.74 -28.16
CA VAL D 233 -67.58 -9.48 -28.92
C VAL D 233 -67.34 -9.30 -30.41
N MET D 234 -67.07 -8.08 -30.84
CA MET D 234 -66.77 -7.85 -32.26
C MET D 234 -65.50 -8.62 -32.65
N GLU D 235 -64.49 -8.60 -31.78
CA GLU D 235 -63.26 -9.34 -32.03
C GLU D 235 -63.54 -10.80 -32.33
N LYS D 236 -64.34 -11.45 -31.49
CA LYS D 236 -64.60 -12.87 -31.69
C LYS D 236 -65.52 -13.11 -32.88
N GLU D 237 -66.44 -12.19 -33.15
CA GLU D 237 -67.26 -12.33 -34.35
C GLU D 237 -66.41 -12.32 -35.60
N THR D 238 -65.34 -11.52 -35.61
CA THR D 238 -64.43 -11.52 -36.75
C THR D 238 -63.53 -12.76 -36.75
N GLU D 239 -63.10 -13.19 -35.56
CA GLU D 239 -62.27 -14.39 -35.49
C GLU D 239 -63.00 -15.61 -36.02
N LYS D 240 -64.32 -15.67 -35.84
CA LYS D 240 -65.08 -16.79 -36.38
C LYS D 240 -65.00 -16.83 -37.90
N LYS D 241 -65.12 -15.68 -38.56
CA LYS D 241 -65.00 -15.63 -40.01
C LYS D 241 -63.58 -16.00 -40.45
N ILE D 242 -62.58 -15.51 -39.71
CA ILE D 242 -61.20 -15.89 -40.02
C ILE D 242 -61.04 -17.40 -39.93
N SER D 243 -61.65 -18.02 -38.92
CA SER D 243 -61.56 -19.47 -38.76
C SER D 243 -62.28 -20.18 -39.90
N GLU D 244 -63.39 -19.64 -40.36
CA GLU D 244 -64.08 -20.24 -41.51
C GLU D 244 -63.19 -20.20 -42.75
N ILE D 245 -62.51 -19.07 -42.98
CA ILE D 245 -61.61 -18.98 -44.12
C ILE D 245 -60.45 -19.96 -43.96
N GLU D 246 -59.94 -20.09 -42.73
CA GLU D 246 -58.86 -21.04 -42.49
C GLU D 246 -59.31 -22.46 -42.76
N ASP D 247 -60.54 -22.80 -42.40
CA ASP D 247 -61.08 -24.13 -42.68
C ASP D 247 -61.19 -24.34 -44.19
N ALA D 248 -61.67 -23.33 -44.91
CA ALA D 248 -61.78 -23.46 -46.36
C ALA D 248 -60.43 -23.70 -47.00
N ALA D 249 -59.40 -22.96 -46.54
CA ALA D 249 -58.06 -23.14 -47.10
C ALA D 249 -57.47 -24.48 -46.70
N PHE D 250 -57.70 -24.90 -45.45
CA PHE D 250 -57.10 -26.13 -44.94
C PHE D 250 -57.71 -27.35 -45.62
N LEU D 251 -59.03 -27.37 -45.77
CA LEU D 251 -59.68 -28.51 -46.41
C LEU D 251 -59.15 -28.70 -47.82
N ALA D 252 -58.95 -27.61 -48.57
CA ALA D 252 -58.43 -27.72 -49.92
C ALA D 252 -56.98 -28.20 -49.92
N ARG D 253 -56.19 -27.74 -48.94
CA ARG D 253 -54.79 -28.17 -48.88
C ARG D 253 -54.68 -29.67 -48.61
N GLU D 254 -55.53 -30.19 -47.71
CA GLU D 254 -55.48 -31.62 -47.42
C GLU D 254 -55.92 -32.44 -48.62
N LYS D 255 -56.82 -31.92 -49.45
CA LYS D 255 -57.18 -32.62 -50.68
C LYS D 255 -55.97 -32.73 -51.60
N ALA D 256 -55.17 -31.67 -51.70
CA ALA D 256 -53.95 -31.74 -52.50
C ALA D 256 -52.96 -32.72 -51.88
N LYS D 257 -52.82 -32.72 -50.56
CA LYS D 257 -51.92 -33.67 -49.91
C LYS D 257 -52.32 -35.10 -50.20
N ALA D 258 -53.62 -35.40 -50.07
CA ALA D 258 -54.09 -36.75 -50.34
C ALA D 258 -53.86 -37.13 -51.81
N ASP D 259 -54.18 -36.21 -52.72
CA ASP D 259 -54.00 -36.50 -54.14
C ASP D 259 -52.52 -36.69 -54.46
N ALA D 260 -51.66 -35.85 -53.90
CA ALA D 260 -50.22 -36.00 -54.15
C ALA D 260 -49.70 -37.32 -53.61
N GLU D 261 -50.15 -37.72 -52.42
CA GLU D 261 -49.72 -38.99 -51.85
C GLU D 261 -50.39 -40.17 -52.53
N CYS D 262 -51.64 -40.01 -52.98
CA CYS D 262 -52.30 -41.10 -53.70
C CYS D 262 -51.61 -41.38 -55.03
N TYR D 263 -51.18 -40.33 -55.73
CA TYR D 263 -50.51 -40.53 -57.01
C TYR D 263 -49.19 -41.26 -56.83
N THR D 264 -48.41 -40.89 -55.82
CA THR D 264 -47.14 -41.55 -55.58
C THR D 264 -47.35 -43.02 -55.25
N ALA D 265 -48.35 -43.33 -54.43
CA ALA D 265 -48.59 -44.71 -54.04
C ALA D 265 -48.94 -45.57 -55.26
N MET D 266 -49.76 -45.04 -56.16
CA MET D 266 -50.04 -45.78 -57.40
C MET D 266 -48.80 -45.88 -58.28
N LYS D 267 -47.92 -44.88 -58.21
CA LYS D 267 -46.68 -44.95 -58.99
C LYS D 267 -45.69 -45.90 -58.33
N ILE D 268 -45.65 -45.94 -57.00
CA ILE D 268 -44.81 -46.91 -56.31
C ILE D 268 -45.32 -48.32 -56.56
N ALA D 269 -46.64 -48.48 -56.62
CA ALA D 269 -47.20 -49.81 -56.90
C ALA D 269 -46.79 -50.31 -58.28
N GLU D 270 -46.80 -49.42 -59.28
CA GLU D 270 -46.41 -49.84 -60.62
C GLU D 270 -44.95 -50.28 -60.66
N ALA D 271 -44.07 -49.52 -60.00
CA ALA D 271 -42.66 -49.90 -59.94
C ALA D 271 -42.48 -51.20 -59.18
N ASN D 272 -43.17 -51.36 -58.05
CA ASN D 272 -43.02 -52.57 -57.25
C ASN D 272 -43.43 -53.81 -58.04
N LYS D 273 -44.34 -53.66 -59.00
CA LYS D 273 -44.76 -54.80 -59.79
C LYS D 273 -43.60 -55.42 -60.57
N LEU D 274 -42.53 -54.66 -60.79
CA LEU D 274 -41.33 -55.15 -61.46
C LEU D 274 -40.12 -55.18 -60.55
N LYS D 275 -39.99 -54.19 -59.66
CA LYS D 275 -38.84 -54.14 -58.76
C LYS D 275 -38.82 -55.32 -57.80
N LEU D 276 -39.99 -55.68 -57.24
CA LEU D 276 -40.08 -56.70 -56.20
C LEU D 276 -40.19 -58.07 -56.85
N THR D 277 -39.05 -58.58 -57.30
CA THR D 277 -38.91 -59.95 -57.77
C THR D 277 -38.39 -60.83 -56.66
N PRO D 278 -38.48 -62.16 -56.82
CA PRO D 278 -37.98 -63.04 -55.75
C PRO D 278 -36.52 -62.78 -55.40
N GLU D 279 -35.68 -62.50 -56.40
CA GLU D 279 -34.27 -62.27 -56.11
C GLU D 279 -34.07 -61.00 -55.30
N TYR D 280 -34.77 -59.93 -55.67
CA TYR D 280 -34.65 -58.69 -54.91
C TYR D 280 -35.20 -58.87 -53.50
N LEU D 281 -36.28 -59.62 -53.36
CA LEU D 281 -36.81 -59.87 -52.02
C LEU D 281 -35.80 -60.63 -51.17
N GLN D 282 -35.14 -61.63 -51.75
CA GLN D 282 -34.10 -62.35 -51.03
C GLN D 282 -32.95 -61.42 -50.63
N LEU D 283 -32.53 -60.56 -51.56
CA LEU D 283 -31.44 -59.64 -51.26
C LEU D 283 -31.81 -58.71 -50.12
N MET D 284 -33.03 -58.17 -50.14
CA MET D 284 -33.45 -57.28 -49.07
C MET D 284 -33.59 -58.04 -47.75
N LYS D 285 -34.06 -59.29 -47.81
CA LYS D 285 -34.14 -60.10 -46.60
C LYS D 285 -32.78 -60.22 -45.95
N TYR D 286 -31.76 -60.59 -46.73
CA TYR D 286 -30.43 -60.77 -46.15
C TYR D 286 -29.70 -59.46 -45.90
N LYS D 287 -30.18 -58.35 -46.45
CA LYS D 287 -29.60 -57.05 -46.17
C LYS D 287 -30.22 -56.37 -44.97
N ALA D 288 -31.42 -56.78 -44.55
CA ALA D 288 -32.08 -56.17 -43.42
C ALA D 288 -31.40 -56.48 -42.09
N ILE D 289 -30.47 -57.44 -42.06
CA ILE D 289 -29.86 -57.89 -40.82
C ILE D 289 -28.39 -57.55 -40.73
N ALA D 290 -27.81 -56.95 -41.79
CA ALA D 290 -26.38 -56.70 -41.78
C ALA D 290 -25.95 -55.82 -40.62
N SER D 291 -26.86 -55.02 -40.06
CA SER D 291 -26.52 -54.14 -38.96
C SER D 291 -26.83 -54.73 -37.59
N ASN D 292 -27.77 -55.67 -37.51
CA ASN D 292 -28.12 -56.26 -36.22
C ASN D 292 -26.92 -56.99 -35.63
N SER D 293 -26.67 -56.75 -34.35
CA SER D 293 -25.62 -57.47 -33.66
C SER D 293 -26.04 -58.92 -33.46
N LYS D 294 -25.15 -59.84 -33.80
CA LYS D 294 -25.47 -61.27 -33.83
C LYS D 294 -24.41 -62.06 -33.10
N ILE D 295 -24.82 -63.19 -32.54
CA ILE D 295 -23.92 -64.14 -31.89
C ILE D 295 -24.17 -65.52 -32.49
N TYR D 296 -23.10 -66.23 -32.79
CA TYR D 296 -23.18 -67.51 -33.49
C TYR D 296 -22.57 -68.62 -32.66
N PHE D 297 -23.33 -69.69 -32.44
CA PHE D 297 -22.85 -70.90 -31.81
C PHE D 297 -22.99 -72.05 -32.80
N GLY D 298 -21.87 -72.69 -33.12
CA GLY D 298 -21.93 -73.75 -34.13
C GLY D 298 -20.68 -74.59 -34.11
N LYS D 299 -20.77 -75.73 -34.80
CA LYS D 299 -19.65 -76.67 -34.84
C LYS D 299 -18.45 -76.06 -35.54
N ASP D 300 -18.69 -75.34 -36.65
CA ASP D 300 -17.61 -74.75 -37.43
C ASP D 300 -18.11 -73.45 -38.03
N ILE D 301 -17.23 -72.77 -38.77
CA ILE D 301 -17.54 -71.49 -39.38
C ILE D 301 -18.37 -71.70 -40.65
N PRO D 302 -17.99 -72.61 -41.54
CA PRO D 302 -18.76 -72.75 -42.79
C PRO D 302 -20.23 -73.00 -42.58
N ASN D 303 -20.61 -73.61 -41.45
CA ASN D 303 -22.02 -73.82 -41.15
C ASN D 303 -22.75 -72.53 -40.83
N MET D 304 -22.02 -71.42 -40.67
CA MET D 304 -22.67 -70.15 -40.34
C MET D 304 -23.61 -69.70 -41.46
N PHE D 305 -23.17 -69.85 -42.71
CA PHE D 305 -23.90 -69.29 -43.85
C PHE D 305 -24.97 -70.23 -44.38
N MET D 306 -24.60 -71.49 -44.65
CA MET D 306 -25.57 -72.45 -45.15
C MET D 306 -26.68 -72.65 -44.13
N ASP D 307 -27.90 -72.81 -44.63
CA ASP D 307 -29.07 -72.96 -43.77
C ASP D 307 -29.18 -74.39 -43.24
N VAL E 52 -66.69 89.45 50.35
CA VAL E 52 -67.86 90.24 49.95
C VAL E 52 -69.13 89.50 50.33
N LEU E 53 -70.04 90.20 51.00
CA LEU E 53 -71.26 89.56 51.49
C LEU E 53 -72.09 89.00 50.35
N LEU E 54 -72.27 89.77 49.27
CA LEU E 54 -73.06 89.29 48.15
C LEU E 54 -72.43 88.04 47.54
N TYR E 55 -71.12 88.08 47.32
CA TYR E 55 -70.43 86.94 46.72
C TYR E 55 -70.55 85.70 47.59
N ALA E 56 -70.42 85.86 48.91
CA ALA E 56 -70.47 84.71 49.80
C ALA E 56 -71.89 84.28 50.15
N SER E 57 -72.91 85.08 49.83
CA SER E 57 -74.28 84.75 50.17
C SER E 57 -75.15 84.38 48.97
N ILE E 58 -74.69 84.63 47.75
CA ILE E 58 -75.44 84.27 46.55
C ILE E 58 -74.76 83.07 45.90
N HIS E 59 -75.53 82.02 45.61
CA HIS E 59 -75.01 80.81 45.02
C HIS E 59 -75.97 80.32 43.94
N LYS E 60 -75.45 79.48 43.06
CA LYS E 60 -76.16 78.98 41.89
C LYS E 60 -76.42 77.48 42.04
N ILE E 61 -77.68 77.08 41.88
CA ILE E 61 -78.08 75.68 41.92
C ILE E 61 -78.56 75.30 40.53
N GLU E 62 -77.91 74.31 39.93
CA GLU E 62 -78.26 73.89 38.57
C GLU E 62 -79.65 73.27 38.55
N GLU E 63 -80.12 72.95 37.36
CA GLU E 63 -81.40 72.28 37.19
C GLU E 63 -81.27 70.81 37.56
N GLY E 64 -82.37 70.24 38.04
CA GLY E 64 -82.35 68.86 38.48
C GLY E 64 -81.34 68.61 39.59
N HIS E 65 -81.21 69.56 40.52
CA HIS E 65 -80.28 69.45 41.62
C HIS E 65 -80.99 69.87 42.90
N LEU E 66 -80.44 69.42 44.03
CA LEU E 66 -80.89 69.84 45.34
C LEU E 66 -79.70 70.39 46.11
N ALA E 67 -79.95 71.43 46.91
CA ALA E 67 -78.92 72.10 47.68
C ALA E 67 -79.06 71.74 49.15
N VAL E 68 -77.94 71.38 49.76
CA VAL E 68 -77.88 71.04 51.18
C VAL E 68 -76.89 71.97 51.84
N TYR E 69 -77.29 72.55 52.97
CA TYR E 69 -76.53 73.61 53.61
C TYR E 69 -75.95 73.14 54.94
N TYR E 70 -74.66 73.44 55.13
CA TYR E 70 -73.93 73.11 56.36
C TYR E 70 -73.62 74.42 57.08
N ARG E 71 -74.22 74.60 58.26
CA ARG E 71 -73.95 75.75 59.12
C ARG E 71 -73.31 75.23 60.40
N GLY E 72 -71.99 75.38 60.49
CA GLY E 72 -71.26 74.87 61.63
C GLY E 72 -71.02 73.38 61.60
N GLY E 73 -71.20 72.73 60.46
CA GLY E 73 -71.08 71.31 60.33
C GLY E 73 -72.39 70.55 60.40
N ALA E 74 -73.43 71.16 60.95
CA ALA E 74 -74.74 70.53 60.98
C ALA E 74 -75.31 70.50 59.56
N LEU E 75 -76.53 69.99 59.45
CA LEU E 75 -77.24 69.91 58.16
C LEU E 75 -78.64 70.46 58.39
N LEU E 76 -78.84 71.73 58.05
CA LEU E 76 -80.13 72.37 58.24
C LEU E 76 -81.21 71.61 57.49
N THR E 77 -82.35 71.41 58.15
CA THR E 77 -83.45 70.65 57.55
C THR E 77 -84.23 71.53 56.59
N SER E 78 -83.55 72.08 55.58
CA SER E 78 -84.18 72.98 54.62
C SER E 78 -83.45 72.90 53.29
N PRO E 79 -83.67 71.84 52.53
CA PRO E 79 -83.13 71.79 51.16
C PRO E 79 -83.85 72.78 50.25
N SER E 80 -83.12 73.28 49.27
CA SER E 80 -83.62 74.28 48.34
C SER E 80 -83.50 73.75 46.92
N GLY E 81 -84.57 73.90 46.15
CA GLY E 81 -84.59 73.42 44.78
C GLY E 81 -83.63 74.18 43.90
N PRO E 82 -83.78 74.04 42.58
CA PRO E 82 -82.89 74.72 41.65
C PRO E 82 -83.20 76.21 41.56
N GLY E 83 -82.19 76.96 41.14
CA GLY E 83 -82.31 78.39 40.95
C GLY E 83 -81.44 79.18 41.91
N TYR E 84 -81.51 80.49 41.77
CA TYR E 84 -80.78 81.38 42.66
C TYR E 84 -81.30 81.24 44.09
N HIS E 85 -80.40 81.30 45.06
CA HIS E 85 -80.78 81.16 46.45
C HIS E 85 -79.82 81.94 47.33
N ILE E 86 -80.26 82.21 48.55
CA ILE E 86 -79.52 83.03 49.51
C ILE E 86 -79.27 82.19 50.76
N MET E 87 -78.02 82.17 51.21
CA MET E 87 -77.63 81.55 52.46
C MET E 87 -76.77 82.52 53.25
N LEU E 88 -76.52 82.19 54.52
CA LEU E 88 -75.73 83.07 55.35
C LEU E 88 -74.34 83.25 54.74
N PRO E 89 -73.71 84.40 54.96
CA PRO E 89 -72.52 84.75 54.17
C PRO E 89 -71.39 83.73 54.26
N PHE E 90 -70.87 83.48 55.46
CA PHE E 90 -69.66 82.69 55.62
C PHE E 90 -69.84 81.50 56.55
N ILE E 91 -70.63 81.62 57.61
CA ILE E 91 -70.81 80.50 58.53
C ILE E 91 -71.42 79.30 57.85
N THR E 92 -72.09 79.50 56.71
CA THR E 92 -72.79 78.44 56.01
C THR E 92 -72.11 78.15 54.66
N THR E 93 -72.07 76.88 54.29
CA THR E 93 -71.62 76.44 52.97
C THR E 93 -72.71 75.55 52.38
N PHE E 94 -72.58 75.26 51.09
CA PHE E 94 -73.61 74.51 50.39
C PHE E 94 -72.98 73.44 49.51
N ARG E 95 -73.76 72.38 49.29
CA ARG E 95 -73.38 71.30 48.38
C ARG E 95 -74.57 71.02 47.46
N SER E 96 -74.28 70.69 46.20
CA SER E 96 -75.29 70.38 45.21
C SER E 96 -75.25 68.90 44.89
N VAL E 97 -76.40 68.24 45.02
CA VAL E 97 -76.52 66.80 44.78
C VAL E 97 -77.57 66.60 43.69
N GLN E 98 -77.21 65.82 42.67
CA GLN E 98 -78.06 65.65 41.50
C GLN E 98 -79.20 64.69 41.81
N THR E 99 -80.44 65.15 41.63
CA THR E 99 -81.62 64.34 41.84
C THR E 99 -82.13 63.70 40.56
N THR E 100 -81.48 63.94 39.42
CA THR E 100 -81.91 63.42 38.14
C THR E 100 -81.08 62.18 37.79
N LEU E 101 -81.26 61.68 36.57
CA LEU E 101 -80.59 60.46 36.14
C LEU E 101 -79.09 60.68 36.08
N GLN E 102 -78.38 60.15 37.07
CA GLN E 102 -76.93 60.19 37.11
C GLN E 102 -76.36 58.87 36.63
N THR E 103 -75.09 58.88 36.24
CA THR E 103 -74.44 57.68 35.73
C THR E 103 -72.96 57.74 36.05
N ASP E 104 -72.39 56.60 36.45
CA ASP E 104 -70.95 56.53 36.66
C ASP E 104 -70.50 55.08 36.53
N GLU E 105 -69.20 54.91 36.29
CA GLU E 105 -68.66 53.61 35.90
C GLU E 105 -67.49 53.23 36.80
N VAL E 106 -67.20 51.94 36.82
CA VAL E 106 -66.00 51.38 37.42
C VAL E 106 -65.27 50.58 36.35
N LYS E 107 -63.95 50.49 36.49
CA LYS E 107 -63.07 50.00 35.44
C LYS E 107 -62.30 48.77 35.90
N ASN E 108 -62.04 47.87 34.95
CA ASN E 108 -61.18 46.71 35.16
C ASN E 108 -61.59 45.93 36.40
N VAL E 109 -62.90 45.69 36.53
CA VAL E 109 -63.42 44.94 37.68
C VAL E 109 -63.07 43.47 37.47
N PRO E 110 -62.30 42.85 38.37
CA PRO E 110 -62.02 41.41 38.21
C PRO E 110 -63.26 40.59 38.51
N CYS E 111 -63.29 39.38 37.92
CA CYS E 111 -64.39 38.46 38.16
C CYS E 111 -63.84 37.06 38.00
N GLY E 112 -63.82 36.30 39.08
CA GLY E 112 -63.35 34.92 39.03
C GLY E 112 -64.48 33.97 38.71
N THR E 113 -64.36 33.26 37.60
CA THR E 113 -65.43 32.37 37.18
C THR E 113 -65.38 31.06 37.94
N SER E 114 -66.46 30.30 37.85
CA SER E 114 -66.53 29.01 38.55
C SER E 114 -65.43 28.07 38.11
N GLY E 115 -64.85 28.28 36.94
CA GLY E 115 -63.74 27.48 36.48
C GLY E 115 -62.41 27.86 37.07
N GLY E 116 -62.37 28.92 37.88
CA GLY E 116 -61.14 29.36 38.51
C GLY E 116 -60.32 30.35 37.72
N VAL E 117 -60.72 30.65 36.49
CA VAL E 117 -60.02 31.63 35.67
C VAL E 117 -60.61 33.00 35.93
N MET E 118 -59.75 34.02 35.89
CA MET E 118 -60.13 35.39 36.19
C MET E 118 -60.30 36.17 34.91
N ILE E 119 -61.47 36.79 34.73
CA ILE E 119 -61.77 37.61 33.58
C ILE E 119 -62.07 39.02 34.07
N TYR E 120 -61.55 40.02 33.37
CA TYR E 120 -61.63 41.41 33.81
C TYR E 120 -62.67 42.14 32.98
N ILE E 121 -63.79 42.46 33.62
CA ILE E 121 -64.82 43.28 32.97
C ILE E 121 -64.28 44.70 32.87
N ASP E 122 -64.10 45.18 31.64
CA ASP E 122 -63.40 46.45 31.45
C ASP E 122 -64.18 47.63 32.01
N ARG E 123 -65.51 47.65 31.84
CA ARG E 123 -66.30 48.80 32.26
C ARG E 123 -67.68 48.35 32.70
N ILE E 124 -68.04 48.71 33.93
CA ILE E 124 -69.37 48.48 34.46
C ILE E 124 -69.97 49.85 34.80
N GLU E 125 -71.03 50.22 34.10
CA GLU E 125 -71.68 51.51 34.27
C GLU E 125 -73.00 51.31 35.00
N VAL E 126 -73.25 52.15 36.01
CA VAL E 126 -74.50 52.14 36.75
C VAL E 126 -75.17 53.49 36.56
N VAL E 127 -76.44 53.47 36.18
CA VAL E 127 -77.26 54.66 36.03
C VAL E 127 -78.33 54.61 37.10
N ASN E 128 -78.41 55.66 37.92
CA ASN E 128 -79.26 55.69 39.10
C ASN E 128 -79.93 57.05 39.20
N MET E 129 -80.74 57.21 40.24
CA MET E 129 -81.37 58.49 40.56
C MET E 129 -82.11 58.35 41.87
N LEU E 130 -82.28 59.48 42.57
CA LEU E 130 -82.92 59.50 43.87
C LEU E 130 -84.05 60.50 43.86
N ALA E 131 -85.18 60.11 44.45
CA ALA E 131 -86.33 61.00 44.48
C ALA E 131 -85.98 62.26 45.26
N PRO E 132 -86.51 63.43 44.87
CA PRO E 132 -86.12 64.66 45.56
C PRO E 132 -86.46 64.67 47.05
N TYR E 133 -87.46 63.91 47.47
CA TYR E 133 -87.90 63.97 48.87
C TYR E 133 -86.95 63.24 49.81
N ALA E 134 -86.12 62.32 49.31
CA ALA E 134 -85.19 61.56 50.13
C ALA E 134 -83.79 62.13 50.15
N VAL E 135 -83.55 63.26 49.48
CA VAL E 135 -82.20 63.81 49.40
C VAL E 135 -81.69 64.21 50.77
N PHE E 136 -82.54 64.84 51.57
CA PHE E 136 -82.13 65.25 52.91
C PHE E 136 -81.65 64.06 53.72
N ASP E 137 -82.46 63.00 53.77
CA ASP E 137 -82.10 61.83 54.56
C ASP E 137 -80.84 61.17 54.01
N ILE E 138 -80.72 61.05 52.69
CA ILE E 138 -79.54 60.39 52.13
C ILE E 138 -78.28 61.18 52.48
N VAL E 139 -78.33 62.51 52.33
CA VAL E 139 -77.14 63.30 52.60
C VAL E 139 -76.79 63.27 54.08
N ARG E 140 -77.82 63.28 54.95
CA ARG E 140 -77.55 63.18 56.38
C ARG E 140 -76.91 61.84 56.73
N ASN E 141 -77.42 60.75 56.15
CA ASN E 141 -76.95 59.42 56.52
C ASN E 141 -75.56 59.15 55.97
N TYR E 142 -75.32 59.46 54.69
CA TYR E 142 -74.09 59.05 54.02
C TYR E 142 -73.44 60.22 53.30
N THR E 143 -73.56 61.43 53.84
CA THR E 143 -72.96 62.61 53.22
C THR E 143 -73.45 62.78 51.79
N ALA E 144 -72.87 63.74 51.07
CA ALA E 144 -73.21 63.97 49.67
C ALA E 144 -72.38 63.11 48.73
N ASP E 145 -71.38 62.39 49.24
CA ASP E 145 -70.56 61.48 48.43
C ASP E 145 -71.04 60.04 48.53
N TYR E 146 -72.35 59.84 48.69
CA TYR E 146 -72.91 58.53 48.94
C TYR E 146 -72.75 57.57 47.76
N ASP E 147 -72.39 58.08 46.57
CA ASP E 147 -72.32 57.20 45.40
C ASP E 147 -71.34 56.07 45.63
N LYS E 148 -70.10 56.40 46.02
CA LYS E 148 -69.10 55.37 46.24
C LYS E 148 -69.50 54.46 47.39
N THR E 149 -70.01 55.04 48.47
CA THR E 149 -70.34 54.25 49.65
C THR E 149 -71.45 53.24 49.36
N LEU E 150 -72.38 53.59 48.47
CA LEU E 150 -73.60 52.81 48.31
C LEU E 150 -73.62 51.93 47.08
N ILE E 151 -72.91 52.29 46.00
CA ILE E 151 -73.04 51.55 44.75
C ILE E 151 -71.69 51.06 44.25
N PHE E 152 -70.78 51.99 43.99
CA PHE E 152 -69.56 51.69 43.24
C PHE E 152 -68.47 51.06 44.09
N ASN E 153 -68.66 50.97 45.41
CA ASN E 153 -67.79 50.15 46.23
C ASN E 153 -68.28 48.70 46.29
N LYS E 154 -69.59 48.49 46.24
CA LYS E 154 -70.16 47.15 46.25
C LYS E 154 -70.19 46.50 44.88
N ILE E 155 -70.00 47.27 43.80
CA ILE E 155 -70.09 46.72 42.46
C ILE E 155 -69.13 45.55 42.29
N HIS E 156 -67.86 45.73 42.68
CA HIS E 156 -66.86 44.70 42.41
C HIS E 156 -67.17 43.43 43.18
N HIS E 157 -67.59 43.54 44.44
CA HIS E 157 -67.88 42.34 45.21
C HIS E 157 -69.13 41.65 44.71
N GLU E 158 -70.15 42.41 44.33
CA GLU E 158 -71.35 41.78 43.77
C GLU E 158 -71.04 41.05 42.48
N LEU E 159 -70.18 41.65 41.64
CA LEU E 159 -69.76 40.98 40.42
C LEU E 159 -69.01 39.69 40.74
N ASN E 160 -68.11 39.73 41.72
CA ASN E 160 -67.39 38.51 42.10
C ASN E 160 -68.35 37.44 42.59
N GLN E 161 -69.32 37.83 43.41
CA GLN E 161 -70.29 36.86 43.92
C GLN E 161 -71.08 36.23 42.78
N PHE E 162 -71.51 37.04 41.81
CA PHE E 162 -72.25 36.50 40.67
C PHE E 162 -71.37 35.57 39.84
N CYS E 163 -70.11 35.97 39.60
CA CYS E 163 -69.24 35.17 38.74
C CYS E 163 -68.90 33.83 39.39
N SER E 164 -68.68 33.81 40.70
CA SER E 164 -68.24 32.59 41.35
C SER E 164 -69.21 31.43 41.12
N ALA E 165 -70.48 31.72 40.89
CA ALA E 165 -71.49 30.70 40.71
C ALA E 165 -71.74 30.34 39.25
N HIS E 166 -70.99 30.92 38.32
CA HIS E 166 -71.18 30.65 36.89
C HIS E 166 -69.84 30.41 36.22
N THR E 167 -69.85 29.54 35.22
CA THR E 167 -68.64 29.19 34.50
C THR E 167 -68.27 30.29 33.50
N LEU E 168 -67.07 30.15 32.91
CA LEU E 168 -66.59 31.17 32.00
C LEU E 168 -67.51 31.31 30.79
N GLN E 169 -67.96 30.20 30.22
CA GLN E 169 -68.83 30.27 29.06
C GLN E 169 -70.13 31.01 29.39
N GLU E 170 -70.73 30.69 30.53
CA GLU E 170 -72.00 31.30 30.89
C GLU E 170 -71.86 32.82 31.04
N VAL E 171 -70.82 33.26 31.74
CA VAL E 171 -70.64 34.68 31.98
C VAL E 171 -70.26 35.40 30.69
N TYR E 172 -69.39 34.79 29.89
CA TYR E 172 -68.85 35.47 28.72
C TYR E 172 -69.85 35.52 27.57
N ILE E 173 -70.68 34.49 27.41
CA ILE E 173 -71.55 34.38 26.24
C ILE E 173 -73.01 34.26 26.62
N GLU E 174 -73.36 33.20 27.36
CA GLU E 174 -74.77 32.85 27.52
C GLU E 174 -75.47 33.80 28.48
N LEU E 175 -74.97 33.91 29.72
CA LEU E 175 -75.61 34.73 30.74
C LEU E 175 -75.15 36.18 30.68
N PHE E 176 -74.52 36.60 29.58
CA PHE E 176 -74.08 37.98 29.47
C PHE E 176 -75.26 38.94 29.56
N ASP E 177 -76.36 38.62 28.89
CA ASP E 177 -77.55 39.47 28.98
C ASP E 177 -78.16 39.45 30.37
N GLN E 178 -77.74 38.54 31.24
CA GLN E 178 -78.25 38.46 32.61
C GLN E 178 -77.31 39.06 33.64
N ILE E 179 -76.05 39.33 33.28
CA ILE E 179 -75.12 39.91 34.23
C ILE E 179 -75.68 41.23 34.79
N ASP E 180 -76.09 42.12 33.87
CA ASP E 180 -76.57 43.43 34.30
C ASP E 180 -77.85 43.31 35.10
N GLU E 181 -78.76 42.42 34.70
CA GLU E 181 -79.99 42.25 35.44
C GLU E 181 -79.71 41.79 36.86
N ASN E 182 -78.82 40.83 37.03
CA ASN E 182 -78.50 40.33 38.37
C ASN E 182 -77.85 41.43 39.21
N LEU E 183 -76.90 42.17 38.63
CA LEU E 183 -76.24 43.22 39.39
C LEU E 183 -77.24 44.29 39.82
N LYS E 184 -78.10 44.72 38.90
CA LYS E 184 -79.10 45.72 39.24
C LYS E 184 -80.04 45.21 40.32
N GLN E 185 -80.49 43.96 40.21
CA GLN E 185 -81.39 43.42 41.21
C GLN E 185 -80.74 43.39 42.58
N ALA E 186 -79.48 42.93 42.66
CA ALA E 186 -78.81 42.86 43.95
C ALA E 186 -78.66 44.25 44.56
N LEU E 187 -78.13 45.20 43.79
CA LEU E 187 -77.91 46.53 44.33
C LEU E 187 -79.21 47.19 44.75
N GLN E 188 -80.26 47.06 43.93
CA GLN E 188 -81.54 47.67 44.28
C GLN E 188 -82.13 47.02 45.52
N LYS E 189 -81.98 45.70 45.65
CA LYS E 189 -82.47 45.02 46.84
C LYS E 189 -81.77 45.55 48.09
N ASP E 190 -80.46 45.74 48.01
CA ASP E 190 -79.73 46.28 49.16
C ASP E 190 -80.21 47.69 49.47
N LEU E 191 -80.31 48.54 48.45
CA LEU E 191 -80.64 49.94 48.67
C LEU E 191 -82.06 50.11 49.19
N ASN E 192 -82.99 49.25 48.77
CA ASN E 192 -84.38 49.41 49.18
C ASN E 192 -84.50 49.47 50.69
N LEU E 193 -83.62 48.78 51.41
CA LEU E 193 -83.60 48.80 52.86
C LEU E 193 -82.55 49.74 53.43
N MET E 194 -81.39 49.87 52.79
CA MET E 194 -80.33 50.70 53.35
C MET E 194 -80.63 52.18 53.18
N ALA E 195 -80.91 52.60 51.94
CA ALA E 195 -81.10 54.02 51.61
C ALA E 195 -82.38 54.17 50.77
N PRO E 196 -83.55 54.12 51.41
CA PRO E 196 -84.78 54.26 50.64
C PRO E 196 -84.84 55.59 49.91
N GLY E 197 -85.44 55.57 48.72
CA GLY E 197 -85.56 56.73 47.88
C GLY E 197 -84.53 56.81 46.76
N LEU E 198 -83.44 56.07 46.88
CA LEU E 198 -82.44 55.96 45.83
C LEU E 198 -82.69 54.68 45.06
N THR E 199 -82.76 54.78 43.73
CA THR E 199 -83.05 53.64 42.87
C THR E 199 -82.06 53.61 41.72
N ILE E 200 -81.88 52.41 41.17
CA ILE E 200 -80.96 52.18 40.07
C ILE E 200 -81.80 51.95 38.82
N GLN E 201 -81.73 52.89 37.88
CA GLN E 201 -82.53 52.79 36.67
C GLN E 201 -81.97 51.72 35.73
N ALA E 202 -80.64 51.63 35.62
CA ALA E 202 -80.08 50.67 34.67
C ALA E 202 -78.65 50.33 35.03
N VAL E 203 -78.19 49.21 34.48
CA VAL E 203 -76.80 48.79 34.59
C VAL E 203 -76.35 48.27 33.24
N ARG E 204 -75.13 48.63 32.85
CA ARG E 204 -74.52 48.16 31.62
C ARG E 204 -73.14 47.60 31.93
N VAL E 205 -72.75 46.56 31.20
CA VAL E 205 -71.52 45.84 31.45
C VAL E 205 -70.85 45.54 30.12
N THR E 206 -69.54 45.74 30.05
CA THR E 206 -68.83 45.40 28.83
C THR E 206 -68.52 43.90 28.80
N LYS E 207 -67.99 43.45 27.67
CA LYS E 207 -67.66 42.03 27.51
C LYS E 207 -66.34 41.73 28.23
N PRO E 208 -66.31 40.73 29.12
CA PRO E 208 -65.08 40.48 29.87
C PRO E 208 -63.93 40.07 28.96
N LYS E 209 -62.71 40.36 29.40
CA LYS E 209 -61.50 40.00 28.69
C LYS E 209 -61.03 38.64 29.18
N ILE E 210 -61.24 37.60 28.37
CA ILE E 210 -60.79 36.25 28.69
C ILE E 210 -59.29 36.16 28.42
N PRO E 211 -58.58 35.20 28.99
CA PRO E 211 -57.14 35.09 28.75
C PRO E 211 -56.82 34.92 27.27
N GLU E 212 -55.55 35.15 26.93
CA GLU E 212 -55.13 35.04 25.54
C GLU E 212 -55.25 33.61 25.04
N ALA E 213 -54.85 32.63 25.86
CA ALA E 213 -54.86 31.25 25.41
C ALA E 213 -56.28 30.79 25.09
N ILE E 214 -57.25 31.14 25.95
CA ILE E 214 -58.63 30.76 25.68
C ILE E 214 -59.19 31.52 24.51
N ARG E 215 -58.74 32.77 24.30
CA ARG E 215 -59.27 33.57 23.20
C ARG E 215 -58.95 32.92 21.85
N ARG E 216 -57.74 32.39 21.70
CA ARG E 216 -57.37 31.75 20.44
C ARG E 216 -58.24 30.53 20.16
N ASN E 217 -58.52 29.73 21.20
CA ASN E 217 -59.35 28.55 21.00
C ASN E 217 -60.74 28.93 20.49
N PHE E 218 -61.34 29.98 21.05
CA PHE E 218 -62.62 30.43 20.55
C PHE E 218 -62.53 30.83 19.08
N GLU E 219 -61.39 31.36 18.66
CA GLU E 219 -61.22 31.72 17.26
C GLU E 219 -61.05 30.49 16.39
N LEU E 220 -60.25 29.52 16.85
CA LEU E 220 -60.04 28.31 16.06
C LEU E 220 -61.34 27.57 15.83
N MET E 221 -62.27 27.61 16.79
CA MET E 221 -63.56 26.97 16.60
C MET E 221 -64.30 27.60 15.42
N GLU E 222 -64.27 28.93 15.33
CA GLU E 222 -64.97 29.59 14.23
C GLU E 222 -64.29 29.35 12.90
N ALA E 223 -62.98 29.11 12.90
CA ALA E 223 -62.31 28.75 11.66
C ALA E 223 -62.84 27.42 11.14
N GLU E 224 -63.08 26.46 12.03
CA GLU E 224 -63.63 25.18 11.60
C GLU E 224 -65.02 25.35 10.98
N LYS E 225 -65.81 26.28 11.49
CA LYS E 225 -67.15 26.46 10.95
C LYS E 225 -67.11 26.89 9.49
N THR E 226 -66.14 27.74 9.13
CA THR E 226 -65.98 28.14 7.74
C THR E 226 -65.33 27.04 6.91
N LYS E 227 -64.38 26.30 7.50
CA LYS E 227 -63.72 25.23 6.76
C LYS E 227 -64.72 24.18 6.29
N LEU E 228 -65.84 24.04 6.99
CA LEU E 228 -66.89 23.15 6.52
C LEU E 228 -67.47 23.65 5.20
N LEU E 229 -67.63 24.96 5.07
CA LEU E 229 -68.19 25.51 3.83
C LEU E 229 -67.23 25.35 2.67
N ILE E 230 -65.93 25.47 2.92
CA ILE E 230 -64.94 25.29 1.85
C ILE E 230 -65.01 23.87 1.31
N ALA E 231 -65.15 22.89 2.21
CA ALA E 231 -65.28 21.49 1.80
C ALA E 231 -66.57 21.20 1.09
N ALA E 232 -67.58 22.05 1.23
CA ALA E 232 -68.83 21.88 0.49
C ALA E 232 -68.72 22.33 -0.96
N GLN E 233 -67.69 23.10 -1.30
CA GLN E 233 -67.42 23.49 -2.68
C GLN E 233 -66.30 22.68 -3.30
N LYS E 234 -65.30 22.32 -2.51
CA LYS E 234 -64.29 21.38 -3.00
C LYS E 234 -64.94 20.07 -3.43
N GLN E 235 -66.08 19.71 -2.82
CA GLN E 235 -66.80 18.53 -3.24
C GLN E 235 -67.25 18.64 -4.68
N LYS E 236 -67.89 19.76 -5.03
CA LYS E 236 -68.34 19.95 -6.41
C LYS E 236 -67.16 20.00 -7.36
N VAL E 237 -66.08 20.67 -6.97
CA VAL E 237 -64.92 20.75 -7.84
C VAL E 237 -64.36 19.36 -8.13
N VAL E 238 -64.22 18.54 -7.08
CA VAL E 238 -63.68 17.20 -7.25
C VAL E 238 -64.63 16.35 -8.09
N GLU E 239 -65.93 16.49 -7.88
CA GLU E 239 -66.88 15.74 -8.70
C GLU E 239 -66.74 16.10 -10.17
N LYS E 240 -66.61 17.39 -10.47
CA LYS E 240 -66.46 17.80 -11.87
C LYS E 240 -65.17 17.26 -12.47
N GLU E 241 -64.07 17.31 -11.72
CA GLU E 241 -62.82 16.76 -12.24
C GLU E 241 -62.93 15.26 -12.49
N ALA E 242 -63.57 14.53 -11.58
CA ALA E 242 -63.73 13.09 -11.77
C ALA E 242 -64.60 12.80 -12.99
N GLU E 243 -65.66 13.57 -13.19
CA GLU E 243 -66.51 13.38 -14.36
C GLU E 243 -65.72 13.66 -15.64
N THR E 244 -64.87 14.69 -15.63
CA THR E 244 -64.04 14.98 -16.79
C THR E 244 -63.12 13.81 -17.10
N GLU E 245 -62.49 13.25 -16.07
CA GLU E 245 -61.62 12.09 -16.29
C GLU E 245 -62.42 10.92 -16.84
N ARG E 246 -63.64 10.72 -16.33
CA ARG E 246 -64.49 9.65 -16.83
C ARG E 246 -64.76 9.81 -18.32
N LYS E 247 -65.12 11.03 -18.74
CA LYS E 247 -65.42 11.28 -20.14
C LYS E 247 -64.19 11.05 -21.01
N LYS E 248 -63.02 11.50 -20.56
CA LYS E 248 -61.80 11.25 -21.31
C LYS E 248 -61.53 9.76 -21.47
N ALA E 249 -61.71 8.99 -20.39
CA ALA E 249 -61.47 7.56 -20.47
C ALA E 249 -62.45 6.89 -21.43
N VAL E 250 -63.71 7.32 -21.41
CA VAL E 250 -64.70 6.73 -22.31
C VAL E 250 -64.32 7.03 -23.76
N ILE E 251 -63.89 8.25 -24.04
CA ILE E 251 -63.49 8.59 -25.41
C ILE E 251 -62.30 7.73 -25.84
N GLU E 252 -61.34 7.54 -24.94
CA GLU E 252 -60.19 6.69 -25.28
C GLU E 252 -60.64 5.26 -25.57
N ALA E 253 -61.58 4.74 -24.78
CA ALA E 253 -62.08 3.38 -25.01
C ALA E 253 -62.74 3.28 -26.39
N GLU E 254 -63.54 4.28 -26.76
CA GLU E 254 -64.17 4.26 -28.07
C GLU E 254 -63.12 4.30 -29.18
N LYS E 255 -62.07 5.11 -29.00
CA LYS E 255 -60.98 5.13 -29.96
C LYS E 255 -60.39 3.75 -30.14
N ILE E 256 -60.11 3.06 -29.03
CA ILE E 256 -59.53 1.73 -29.09
C ILE E 256 -60.46 0.79 -29.84
N ALA E 257 -61.76 0.87 -29.56
CA ALA E 257 -62.71 -0.02 -30.23
C ALA E 257 -62.70 0.20 -31.74
N GLN E 258 -62.70 1.45 -32.18
CA GLN E 258 -62.75 1.73 -33.61
C GLN E 258 -61.47 1.28 -34.30
N VAL E 259 -60.30 1.55 -33.71
CA VAL E 259 -59.07 1.09 -34.33
C VAL E 259 -59.03 -0.43 -34.39
N ALA E 260 -59.58 -1.09 -33.36
CA ALA E 260 -59.65 -2.55 -33.38
C ALA E 260 -60.51 -3.03 -34.53
N LYS E 261 -61.66 -2.38 -34.76
CA LYS E 261 -62.51 -2.77 -35.88
C LYS E 261 -61.75 -2.66 -37.20
N ILE E 262 -61.03 -1.55 -37.39
CA ILE E 262 -60.29 -1.37 -38.63
C ILE E 262 -59.24 -2.47 -38.81
N ARG E 263 -58.44 -2.71 -37.76
CA ARG E 263 -57.38 -3.70 -37.90
C ARG E 263 -57.93 -5.11 -38.06
N PHE E 264 -59.14 -5.38 -37.59
CA PHE E 264 -59.71 -6.71 -37.80
C PHE E 264 -60.28 -6.86 -39.20
N GLN E 265 -60.81 -5.79 -39.80
CA GLN E 265 -61.06 -5.84 -41.23
C GLN E 265 -59.77 -6.17 -41.98
N GLN E 266 -58.67 -5.53 -41.57
CA GLN E 266 -57.38 -5.84 -42.19
C GLN E 266 -57.02 -7.31 -42.01
N LYS E 267 -57.28 -7.86 -40.81
CA LYS E 267 -56.96 -9.26 -40.55
C LYS E 267 -57.77 -10.19 -41.45
N VAL E 268 -59.05 -9.88 -41.67
CA VAL E 268 -59.85 -10.71 -42.56
C VAL E 268 -59.28 -10.69 -43.98
N MET E 269 -58.90 -9.50 -44.45
CA MET E 269 -58.28 -9.43 -45.77
C MET E 269 -56.97 -10.22 -45.80
N GLU E 270 -56.17 -10.10 -44.74
CA GLU E 270 -54.98 -10.91 -44.55
C GLU E 270 -55.26 -12.38 -44.80
N LYS E 271 -56.27 -12.91 -44.12
CA LYS E 271 -56.53 -14.35 -44.21
C LYS E 271 -57.09 -14.73 -45.57
N GLU E 272 -57.84 -13.85 -46.23
CA GLU E 272 -58.26 -14.12 -47.60
C GLU E 272 -57.03 -14.30 -48.49
N THR E 273 -56.08 -13.37 -48.41
CA THR E 273 -54.88 -13.49 -49.23
C THR E 273 -54.06 -14.71 -48.84
N GLU E 274 -54.05 -15.06 -47.55
CA GLU E 274 -53.34 -16.27 -47.12
C GLU E 274 -53.97 -17.51 -47.74
N LYS E 275 -55.30 -17.55 -47.82
CA LYS E 275 -55.97 -18.67 -48.47
C LYS E 275 -55.57 -18.75 -49.94
N ARG E 276 -55.54 -17.60 -50.62
CA ARG E 276 -55.12 -17.61 -52.03
C ARG E 276 -53.69 -18.11 -52.18
N ILE E 277 -52.80 -17.66 -51.29
CA ILE E 277 -51.41 -18.13 -51.31
C ILE E 277 -51.35 -19.63 -51.08
N SER E 278 -52.19 -20.13 -50.17
CA SER E 278 -52.20 -21.57 -49.89
C SER E 278 -52.68 -22.34 -51.11
N GLU E 279 -53.64 -21.79 -51.84
CA GLU E 279 -54.07 -22.43 -53.09
C GLU E 279 -52.93 -22.50 -54.09
N ILE E 280 -52.17 -21.41 -54.24
CA ILE E 280 -51.03 -21.43 -55.14
C ILE E 280 -50.00 -22.45 -54.67
N GLU E 281 -49.76 -22.51 -53.36
CA GLU E 281 -48.80 -23.48 -52.82
C GLU E 281 -49.25 -24.90 -53.05
N ASP E 282 -50.55 -25.17 -52.97
CA ASP E 282 -51.07 -26.49 -53.28
C ASP E 282 -50.84 -26.82 -54.75
N ALA E 283 -51.10 -25.85 -55.63
CA ALA E 283 -50.88 -26.09 -57.05
C ALA E 283 -49.42 -26.43 -57.33
N ALA E 284 -48.49 -25.71 -56.69
CA ALA E 284 -47.07 -25.96 -56.91
C ALA E 284 -46.63 -27.27 -56.28
N PHE E 285 -47.05 -27.52 -55.03
CA PHE E 285 -46.63 -28.70 -54.30
C PHE E 285 -47.12 -29.99 -54.97
N LEU E 286 -48.37 -29.99 -55.44
CA LEU E 286 -48.88 -31.17 -56.12
C LEU E 286 -48.07 -31.50 -57.35
N ALA E 287 -47.67 -30.48 -58.12
CA ALA E 287 -46.85 -30.72 -59.30
C ALA E 287 -45.48 -31.27 -58.92
N ARG E 288 -44.86 -30.73 -57.87
CA ARG E 288 -43.55 -31.22 -57.45
C ARG E 288 -43.63 -32.66 -56.98
N GLU E 289 -44.68 -33.00 -56.22
CA GLU E 289 -44.84 -34.38 -55.75
C GLU E 289 -45.14 -35.33 -56.89
N LYS E 290 -45.69 -34.83 -58.01
CA LYS E 290 -45.83 -35.66 -59.19
C LYS E 290 -44.49 -35.88 -59.87
N ALA E 291 -43.66 -34.83 -59.95
CA ALA E 291 -42.34 -34.97 -60.54
C ALA E 291 -41.48 -35.91 -59.71
N LYS E 292 -41.56 -35.80 -58.38
CA LYS E 292 -40.79 -36.70 -57.53
C LYS E 292 -41.22 -38.14 -57.72
N ALA E 293 -42.53 -38.38 -57.84
CA ALA E 293 -43.00 -39.73 -58.07
C ALA E 293 -42.50 -40.28 -59.40
N ASP E 294 -42.55 -39.46 -60.46
CA ASP E 294 -42.09 -39.90 -61.76
C ASP E 294 -40.59 -40.21 -61.74
N ALA E 295 -39.81 -39.36 -61.08
CA ALA E 295 -38.38 -39.61 -60.99
C ALA E 295 -38.09 -40.90 -60.23
N GLU E 296 -38.79 -41.12 -59.12
CA GLU E 296 -38.61 -42.35 -58.36
C GLU E 296 -39.04 -43.56 -59.18
N TYR E 297 -40.14 -43.44 -59.91
CA TYR E 297 -40.61 -44.56 -60.74
C TYR E 297 -39.58 -44.92 -61.80
N TYR E 298 -39.00 -43.92 -62.45
CA TYR E 298 -37.99 -44.19 -63.47
C TYR E 298 -36.78 -44.88 -62.86
N ALA E 299 -36.33 -44.42 -61.69
CA ALA E 299 -35.19 -45.06 -61.04
C ALA E 299 -35.50 -46.51 -60.72
N ALA E 300 -36.70 -46.79 -60.20
CA ALA E 300 -37.05 -48.16 -59.86
C ALA E 300 -37.12 -49.04 -61.11
N HIS E 301 -37.68 -48.52 -62.20
CA HIS E 301 -37.75 -49.30 -63.42
C HIS E 301 -36.35 -49.64 -63.94
N LYS E 302 -35.44 -48.66 -63.93
CA LYS E 302 -34.07 -48.94 -64.35
C LYS E 302 -33.33 -49.77 -63.31
N TYR E 303 -33.64 -49.56 -62.04
CA TYR E 303 -33.06 -50.43 -61.00
C TYR E 303 -33.54 -51.87 -61.17
N ALA E 304 -34.82 -52.06 -61.46
CA ALA E 304 -35.33 -53.42 -61.68
C ALA E 304 -34.71 -54.05 -62.91
N THR E 305 -34.59 -53.29 -64.00
CA THR E 305 -33.98 -53.83 -65.21
C THR E 305 -32.53 -54.21 -64.95
N SER E 306 -31.81 -53.39 -64.17
CA SER E 306 -30.45 -53.73 -63.80
C SER E 306 -30.41 -55.00 -62.96
N ASN E 307 -31.34 -55.14 -62.01
CA ASN E 307 -31.33 -56.28 -61.10
C ASN E 307 -31.67 -57.58 -61.80
N LYS E 308 -32.18 -57.55 -63.03
CA LYS E 308 -32.38 -58.78 -63.77
C LYS E 308 -31.08 -59.40 -64.25
N HIS E 309 -29.95 -58.68 -64.12
CA HIS E 309 -28.66 -59.14 -64.59
C HIS E 309 -27.67 -59.34 -63.46
N LYS E 310 -27.54 -58.37 -62.55
CA LYS E 310 -26.53 -58.46 -61.52
C LYS E 310 -26.93 -59.43 -60.41
N LEU E 311 -28.23 -59.53 -60.10
CA LEU E 311 -28.70 -60.43 -59.05
C LEU E 311 -28.68 -61.86 -59.58
N THR E 312 -27.49 -62.44 -59.57
CA THR E 312 -27.28 -63.84 -59.91
C THR E 312 -27.07 -64.65 -58.64
N PRO E 313 -27.11 -65.98 -58.73
CA PRO E 313 -26.88 -66.78 -57.52
C PRO E 313 -25.55 -66.49 -56.86
N GLU E 314 -24.50 -66.24 -57.63
CA GLU E 314 -23.18 -65.98 -57.05
C GLU E 314 -23.16 -64.65 -56.32
N TYR E 315 -23.71 -63.60 -56.93
CA TYR E 315 -23.76 -62.30 -56.26
C TYR E 315 -24.62 -62.39 -55.00
N LEU E 316 -25.74 -63.11 -55.07
CA LEU E 316 -26.57 -63.27 -53.89
C LEU E 316 -25.83 -64.02 -52.79
N GLU E 317 -25.04 -65.03 -53.16
CA GLU E 317 -24.25 -65.74 -52.16
C GLU E 317 -23.22 -64.82 -51.51
N LEU E 318 -22.56 -63.99 -52.32
CA LEU E 318 -21.58 -63.07 -51.76
C LEU E 318 -22.24 -62.09 -50.79
N LYS E 319 -23.39 -61.55 -51.17
CA LYS E 319 -24.11 -60.62 -50.29
C LYS E 319 -24.54 -61.33 -49.02
N LYS E 320 -25.00 -62.57 -49.13
CA LYS E 320 -25.39 -63.33 -47.96
C LYS E 320 -24.22 -63.50 -47.01
N TYR E 321 -23.05 -63.88 -47.55
CA TYR E 321 -21.87 -64.02 -46.71
C TYR E 321 -21.56 -62.72 -45.99
N GLN E 322 -21.50 -61.61 -46.74
CA GLN E 322 -21.14 -60.34 -46.13
C GLN E 322 -22.13 -59.95 -45.04
N ALA E 323 -23.43 -60.07 -45.32
CA ALA E 323 -24.42 -59.66 -44.34
C ALA E 323 -24.37 -60.54 -43.10
N ILE E 324 -24.28 -61.85 -43.28
CA ILE E 324 -24.30 -62.75 -42.13
C ILE E 324 -23.06 -62.54 -41.26
N ALA E 325 -21.90 -62.36 -41.88
CA ALA E 325 -20.66 -62.23 -41.13
C ALA E 325 -20.31 -60.79 -40.79
N SER E 326 -21.18 -59.82 -41.10
CA SER E 326 -20.83 -58.42 -40.89
C SER E 326 -20.52 -58.14 -39.42
N ASN E 327 -21.43 -58.50 -38.52
CA ASN E 327 -21.31 -58.14 -37.11
C ASN E 327 -21.37 -59.33 -36.17
N SER E 328 -21.40 -60.55 -36.69
CA SER E 328 -21.58 -61.71 -35.84
C SER E 328 -20.37 -61.93 -34.93
N LYS E 329 -20.64 -62.27 -33.69
CA LYS E 329 -19.62 -62.72 -32.74
C LYS E 329 -19.70 -64.24 -32.66
N ILE E 330 -18.57 -64.90 -32.91
CA ILE E 330 -18.56 -66.34 -33.18
C ILE E 330 -18.15 -67.10 -31.94
N TYR E 331 -18.92 -68.13 -31.60
CA TYR E 331 -18.58 -69.09 -30.56
C TYR E 331 -18.60 -70.46 -31.22
N PHE E 332 -17.49 -70.85 -31.83
CA PHE E 332 -17.41 -72.08 -32.59
C PHE E 332 -16.44 -73.05 -31.92
N GLY E 333 -16.65 -74.33 -32.21
CA GLY E 333 -15.84 -75.38 -31.63
C GLY E 333 -16.62 -76.65 -31.47
N SER E 334 -15.89 -77.74 -31.24
CA SER E 334 -16.52 -79.05 -31.10
C SER E 334 -17.41 -79.11 -29.87
N ASN E 335 -16.96 -78.54 -28.75
CA ASN E 335 -17.68 -78.62 -27.48
C ASN E 335 -17.75 -77.22 -26.85
N ILE E 336 -18.79 -76.48 -27.19
CA ILE E 336 -19.05 -75.19 -26.56
C ILE E 336 -19.71 -75.41 -25.22
N PRO E 337 -19.41 -74.62 -24.19
CA PRO E 337 -20.08 -74.79 -22.90
C PRO E 337 -21.59 -74.62 -23.03
N ASN E 338 -22.31 -75.23 -22.10
CA ASN E 338 -23.76 -75.32 -22.17
C ASN E 338 -24.49 -74.14 -21.55
N MET E 339 -23.79 -73.19 -20.95
CA MET E 339 -24.41 -72.00 -20.39
C MET E 339 -23.59 -70.77 -20.74
N PHE E 340 -24.26 -69.62 -20.69
CA PHE E 340 -23.68 -68.37 -21.16
C PHE E 340 -24.28 -67.22 -20.37
N VAL E 341 -23.56 -66.10 -20.35
CA VAL E 341 -23.99 -64.90 -19.65
C VAL E 341 -23.77 -63.70 -20.55
N ASP E 342 -24.71 -62.78 -20.57
CA ASP E 342 -24.60 -61.57 -21.37
C ASP E 342 -24.95 -60.33 -20.55
N SER F 18 -75.38 95.25 26.85
CA SER F 18 -76.63 94.63 27.29
C SER F 18 -77.51 94.28 26.09
N LEU F 19 -77.59 95.20 25.12
CA LEU F 19 -78.40 94.95 23.93
C LEU F 19 -77.88 93.75 23.16
N PHE F 20 -76.56 93.65 23.02
CA PHE F 20 -75.97 92.52 22.31
C PHE F 20 -76.13 91.22 23.09
N SER F 21 -76.45 91.28 24.39
CA SER F 21 -76.59 90.07 25.18
C SER F 21 -77.90 89.35 24.91
N ALA F 22 -78.94 90.09 24.51
CA ALA F 22 -80.26 89.51 24.23
C ALA F 22 -80.54 89.41 22.73
N VAL F 23 -79.50 89.21 21.93
CA VAL F 23 -79.64 89.11 20.48
C VAL F 23 -79.60 87.66 20.01
N HIS F 24 -79.89 86.71 20.89
CA HIS F 24 -79.82 85.30 20.52
C HIS F 24 -80.91 84.95 19.52
N LYS F 25 -80.59 84.02 18.63
CA LYS F 25 -81.52 83.53 17.62
C LYS F 25 -81.52 82.01 17.65
N ILE F 26 -82.65 81.43 17.24
CA ILE F 26 -82.86 79.98 17.26
C ILE F 26 -83.16 79.53 15.85
N GLU F 27 -82.30 78.68 15.30
CA GLU F 27 -82.41 78.26 13.91
C GLU F 27 -83.71 77.48 13.68
N GLU F 28 -84.01 77.25 12.41
CA GLU F 28 -85.17 76.43 12.05
C GLU F 28 -84.93 74.98 12.45
N GLY F 29 -86.03 74.30 12.79
CA GLY F 29 -85.90 72.95 13.28
C GLY F 29 -85.28 72.85 14.66
N HIS F 30 -85.32 73.94 15.43
CA HIS F 30 -84.78 73.96 16.78
C HIS F 30 -85.83 74.53 17.73
N ILE F 31 -85.62 74.26 19.01
CA ILE F 31 -86.42 74.88 20.07
C ILE F 31 -85.46 75.33 21.16
N GLY F 32 -85.67 76.55 21.66
CA GLY F 32 -84.79 77.10 22.68
C GLY F 32 -85.31 76.84 24.07
N VAL F 33 -84.39 76.52 24.98
CA VAL F 33 -84.69 76.36 26.40
C VAL F 33 -83.75 77.27 27.17
N TYR F 34 -84.30 78.02 28.11
CA TYR F 34 -83.56 79.05 28.83
C TYR F 34 -83.36 78.65 30.28
N TYR F 35 -82.23 79.05 30.84
CA TYR F 35 -81.88 78.80 32.24
C TYR F 35 -81.75 80.15 32.94
N ARG F 36 -82.57 80.37 33.96
CA ARG F 36 -82.57 81.64 34.67
C ARG F 36 -81.46 81.70 35.71
N GLY F 37 -81.54 80.84 36.73
CA GLY F 37 -80.55 80.81 37.79
C GLY F 37 -80.05 79.40 38.00
N GLY F 38 -79.88 78.66 36.91
CA GLY F 38 -79.67 77.24 36.95
C GLY F 38 -80.96 76.44 36.88
N ALA F 39 -82.11 77.09 37.03
CA ALA F 39 -83.39 76.45 36.86
C ALA F 39 -83.73 76.41 35.37
N LEU F 40 -84.93 75.93 35.06
CA LEU F 40 -85.40 75.84 33.69
C LEU F 40 -86.77 76.51 33.60
N LEU F 41 -86.86 77.58 32.83
CA LEU F 41 -88.12 78.31 32.70
C LEU F 41 -89.13 77.47 31.94
N THR F 42 -90.37 77.48 32.42
CA THR F 42 -91.44 76.68 31.82
C THR F 42 -91.88 77.19 30.46
N SER F 43 -91.21 78.18 29.87
CA SER F 43 -91.62 78.76 28.59
C SER F 43 -90.55 78.45 27.55
N THR F 44 -90.89 77.57 26.60
CA THR F 44 -90.02 77.27 25.47
C THR F 44 -90.38 78.16 24.29
N SER F 45 -89.38 78.45 23.46
CA SER F 45 -89.53 79.38 22.35
C SER F 45 -89.23 78.68 21.04
N GLY F 46 -90.00 79.01 20.01
CA GLY F 46 -89.81 78.45 18.70
C GLY F 46 -88.69 79.14 17.95
N PRO F 47 -88.50 78.77 16.69
CA PRO F 47 -87.40 79.36 15.92
C PRO F 47 -87.64 80.83 15.62
N GLY F 48 -86.55 81.57 15.46
CA GLY F 48 -86.59 82.98 15.16
C GLY F 48 -85.85 83.81 16.20
N PHE F 49 -85.90 85.11 16.00
CA PHE F 49 -85.31 86.03 16.96
C PHE F 49 -86.09 86.01 18.27
N HIS F 50 -85.38 86.19 19.37
CA HIS F 50 -86.00 86.15 20.69
C HIS F 50 -85.14 86.93 21.67
N LEU F 51 -85.72 87.22 22.82
CA LEU F 51 -85.09 88.03 23.86
C LEU F 51 -84.98 87.25 25.16
N MET F 52 -84.00 87.65 25.97
CA MET F 52 -83.84 87.11 27.31
C MET F 52 -83.11 88.15 28.14
N LEU F 53 -83.13 87.96 29.45
CA LEU F 53 -82.49 88.92 30.34
C LEU F 53 -81.00 88.98 30.03
N PRO F 54 -80.38 90.15 30.20
CA PRO F 54 -79.07 90.38 29.56
C PRO F 54 -77.98 89.39 29.92
N PHE F 55 -77.66 89.26 31.22
CA PHE F 55 -76.51 88.48 31.65
C PHE F 55 -76.83 87.43 32.69
N ILE F 56 -77.98 87.52 33.36
CA ILE F 56 -78.30 86.60 34.44
C ILE F 56 -79.06 85.41 33.90
N THR F 57 -79.26 85.35 32.59
CA THR F 57 -79.98 84.25 31.95
C THR F 57 -79.14 83.70 30.81
N SER F 58 -79.30 82.40 30.54
CA SER F 58 -78.62 81.73 29.45
C SER F 58 -79.63 80.93 28.64
N TYR F 59 -79.20 80.43 27.49
CA TYR F 59 -80.07 79.69 26.60
C TYR F 59 -79.30 78.56 25.93
N LYS F 60 -80.05 77.59 25.42
CA LYS F 60 -79.47 76.56 24.56
C LYS F 60 -80.56 76.01 23.67
N SER F 61 -80.18 75.66 22.44
CA SER F 61 -81.12 75.22 21.42
C SER F 61 -81.00 73.71 21.22
N VAL F 62 -82.13 73.01 21.26
CA VAL F 62 -82.20 71.58 21.06
C VAL F 62 -82.91 71.33 19.74
N GLN F 63 -82.34 70.49 18.89
CA GLN F 63 -82.86 70.24 17.56
C GLN F 63 -84.06 69.32 17.65
N THR F 64 -85.24 69.82 17.27
CA THR F 64 -86.47 69.05 17.29
C THR F 64 -86.71 68.28 16.00
N THR F 65 -85.83 68.40 15.01
CA THR F 65 -85.98 67.72 13.74
C THR F 65 -85.14 66.45 13.71
N LEU F 66 -85.20 65.75 12.57
CA LEU F 66 -84.51 64.48 12.43
C LEU F 66 -83.00 64.72 12.32
N GLN F 67 -82.25 64.18 13.28
CA GLN F 67 -80.81 64.30 13.31
C GLN F 67 -80.19 62.91 13.46
N THR F 68 -79.00 62.75 12.89
CA THR F 68 -78.30 61.48 12.86
C THR F 68 -76.95 61.62 13.55
N ASP F 69 -76.62 60.65 14.40
CA ASP F 69 -75.30 60.60 15.02
C ASP F 69 -74.90 59.15 15.22
N GLU F 70 -73.61 58.90 15.31
CA GLU F 70 -73.09 57.54 15.24
C GLU F 70 -72.12 57.27 16.37
N VAL F 71 -71.89 55.98 16.59
CA VAL F 71 -70.87 55.47 17.50
C VAL F 71 -69.97 54.54 16.73
N LYS F 72 -68.66 54.67 16.95
CA LYS F 72 -67.66 54.02 16.13
C LYS F 72 -66.97 52.89 16.89
N ASN F 73 -66.51 51.89 16.14
CA ASN F 73 -65.72 50.78 16.67
C ASN F 73 -66.42 50.13 17.86
N VAL F 74 -67.69 49.77 17.66
CA VAL F 74 -68.46 49.09 18.70
C VAL F 74 -68.12 47.61 18.65
N PRO F 75 -67.60 47.02 19.73
CA PRO F 75 -67.32 45.59 19.73
C PRO F 75 -68.53 44.77 20.11
N CYS F 76 -68.56 43.53 19.60
CA CYS F 76 -69.62 42.60 19.96
C CYS F 76 -69.08 41.19 19.87
N GLY F 77 -69.34 40.39 20.91
CA GLY F 77 -68.91 39.02 20.94
C GLY F 77 -70.03 38.10 20.48
N THR F 78 -69.79 37.38 19.39
CA THR F 78 -70.78 36.47 18.87
C THR F 78 -70.93 35.27 19.79
N SER F 79 -71.99 34.49 19.56
CA SER F 79 -72.25 33.33 20.41
C SER F 79 -71.14 32.30 20.30
N GLY F 80 -70.29 32.40 19.27
CA GLY F 80 -69.14 31.54 19.15
C GLY F 80 -67.93 31.99 19.93
N GLY F 81 -68.03 33.11 20.64
CA GLY F 81 -66.93 33.62 21.42
C GLY F 81 -65.93 34.47 20.66
N VAL F 82 -66.17 34.75 19.38
CA VAL F 82 -65.28 35.57 18.57
C VAL F 82 -65.80 37.00 18.59
N MET F 83 -64.88 37.95 18.71
CA MET F 83 -65.22 39.37 18.81
C MET F 83 -65.14 40.01 17.43
N ILE F 84 -66.23 40.65 17.01
CA ILE F 84 -66.30 41.38 15.75
C ILE F 84 -66.65 42.83 16.06
N TYR F 85 -65.99 43.74 15.36
CA TYR F 85 -66.13 45.18 15.61
C TYR F 85 -66.91 45.83 14.48
N PHE F 86 -68.04 46.44 14.80
CA PHE F 86 -68.75 47.28 13.86
C PHE F 86 -68.06 48.63 13.78
N ASP F 87 -67.59 49.00 12.59
CA ASP F 87 -66.86 50.25 12.45
C ASP F 87 -67.74 51.45 12.75
N ARG F 88 -69.01 51.40 12.36
CA ARG F 88 -69.91 52.54 12.54
C ARG F 88 -71.33 52.03 12.75
N ILE F 89 -72.02 52.60 13.73
CA ILE F 89 -73.45 52.39 13.94
C ILE F 89 -74.08 53.76 14.05
N GLU F 90 -74.93 54.10 13.09
CA GLU F 90 -75.59 55.40 13.05
C GLU F 90 -77.04 55.25 13.51
N VAL F 91 -77.48 56.18 14.35
CA VAL F 91 -78.86 56.26 14.81
C VAL F 91 -79.41 57.60 14.35
N VAL F 92 -80.59 57.56 13.73
CA VAL F 92 -81.30 58.75 13.26
C VAL F 92 -82.58 58.85 14.08
N ASN F 93 -82.77 60.00 14.74
CA ASN F 93 -83.86 60.17 15.68
C ASN F 93 -84.37 61.60 15.61
N PHE F 94 -85.60 61.80 16.10
CA PHE F 94 -86.19 63.12 16.16
C PHE F 94 -87.00 63.24 17.45
N LEU F 95 -87.57 64.43 17.65
CA LEU F 95 -88.30 64.77 18.87
C LEU F 95 -89.66 65.34 18.51
N VAL F 96 -90.68 64.92 19.26
CA VAL F 96 -91.95 65.64 19.17
C VAL F 96 -91.73 67.06 19.69
N PRO F 97 -92.24 68.09 19.01
CA PRO F 97 -91.90 69.46 19.42
C PRO F 97 -92.30 69.80 20.85
N ASN F 98 -93.42 69.25 21.35
CA ASN F 98 -93.91 69.64 22.66
C ASN F 98 -93.19 68.95 23.80
N ALA F 99 -92.44 67.88 23.54
CA ALA F 99 -91.78 67.12 24.57
C ALA F 99 -90.39 67.64 24.91
N VAL F 100 -89.95 68.73 24.27
CA VAL F 100 -88.60 69.23 24.51
C VAL F 100 -88.43 69.66 25.96
N TYR F 101 -89.42 70.38 26.50
CA TYR F 101 -89.31 70.85 27.87
C TYR F 101 -89.15 69.68 28.84
N ASP F 102 -90.03 68.68 28.74
CA ASP F 102 -89.94 67.53 29.64
C ASP F 102 -88.62 66.80 29.45
N ILE F 103 -88.20 66.58 28.20
CA ILE F 103 -86.98 65.83 27.96
C ILE F 103 -85.78 66.53 28.60
N VAL F 104 -85.69 67.85 28.40
CA VAL F 104 -84.49 68.53 28.87
C VAL F 104 -84.56 68.72 30.38
N LYS F 105 -85.76 68.82 30.96
CA LYS F 105 -85.88 68.90 32.40
C LYS F 105 -85.47 67.59 33.06
N ASN F 106 -85.88 66.47 32.48
CA ASN F 106 -85.51 65.17 33.05
C ASN F 106 -84.04 64.89 32.85
N TYR F 107 -83.52 65.13 31.65
CA TYR F 107 -82.13 64.87 31.31
C TYR F 107 -81.54 66.12 30.69
N THR F 108 -80.23 66.33 30.94
CA THR F 108 -79.56 67.50 30.41
C THR F 108 -79.74 67.59 28.90
N ALA F 109 -79.55 68.79 28.35
CA ALA F 109 -79.83 69.00 26.93
C ALA F 109 -79.11 68.00 26.05
N ASP F 110 -77.90 67.59 26.45
CA ASP F 110 -77.17 66.53 25.75
C ASP F 110 -77.71 65.16 26.16
N TYR F 111 -79.01 64.97 25.93
CA TYR F 111 -79.68 63.74 26.32
C TYR F 111 -79.32 62.57 25.41
N ASP F 112 -78.71 62.83 24.25
CA ASP F 112 -78.39 61.76 23.32
C ASP F 112 -77.45 60.75 23.97
N LYS F 113 -76.36 61.22 24.58
CA LYS F 113 -75.39 60.31 25.16
C LYS F 113 -76.04 59.42 26.21
N ALA F 114 -76.91 59.99 27.04
CA ALA F 114 -77.53 59.23 28.11
C ALA F 114 -78.61 58.28 27.61
N LEU F 115 -79.31 58.63 26.53
CA LEU F 115 -80.51 57.89 26.15
C LEU F 115 -80.31 56.93 24.97
N ILE F 116 -79.31 57.14 24.13
CA ILE F 116 -79.15 56.29 22.95
C ILE F 116 -77.75 55.70 22.89
N PHE F 117 -76.74 56.56 22.82
CA PHE F 117 -75.40 56.13 22.42
C PHE F 117 -74.59 55.52 23.56
N ASN F 118 -75.02 55.67 24.80
CA ASN F 118 -74.40 54.91 25.88
C ASN F 118 -75.00 53.52 26.00
N LYS F 119 -76.19 53.31 25.42
CA LYS F 119 -76.85 52.01 25.45
C LYS F 119 -76.64 51.21 24.16
N ILE F 120 -76.20 51.88 23.09
CA ILE F 120 -76.04 51.18 21.81
C ILE F 120 -75.11 49.99 21.98
N HIS F 121 -73.95 50.19 22.62
CA HIS F 121 -72.98 49.10 22.71
C HIS F 121 -73.52 47.93 23.52
N HIS F 122 -74.19 48.20 24.63
CA HIS F 122 -74.74 47.11 25.43
C HIS F 122 -75.84 46.37 24.66
N GLU F 123 -76.72 47.11 23.98
CA GLU F 123 -77.78 46.45 23.23
C GLU F 123 -77.20 45.59 22.11
N LEU F 124 -76.18 46.10 21.43
CA LEU F 124 -75.56 45.33 20.37
C LEU F 124 -74.88 44.09 20.91
N ASN F 125 -74.22 44.20 22.06
CA ASN F 125 -73.61 43.02 22.67
C ASN F 125 -74.66 41.99 23.04
N GLN F 126 -75.78 42.44 23.61
CA GLN F 126 -76.86 41.50 23.94
C GLN F 126 -77.39 40.82 22.70
N PHE F 127 -77.57 41.57 21.61
CA PHE F 127 -78.03 40.97 20.36
C PHE F 127 -77.03 39.97 19.82
N CYS F 128 -75.74 40.31 19.86
CA CYS F 128 -74.72 39.43 19.30
C CYS F 128 -74.59 38.14 20.10
N SER F 129 -74.75 38.22 21.43
CA SER F 129 -74.52 37.05 22.27
C SER F 129 -75.46 35.91 21.93
N VAL F 130 -76.57 36.18 21.24
CA VAL F 130 -77.54 35.14 20.91
C VAL F 130 -77.33 34.56 19.52
N HIS F 131 -76.56 35.23 18.65
CA HIS F 131 -76.37 34.82 17.27
C HIS F 131 -74.92 34.46 17.01
N THR F 132 -74.71 33.52 16.08
CA THR F 132 -73.38 33.10 15.69
C THR F 132 -72.75 34.14 14.78
N LEU F 133 -71.47 33.94 14.48
CA LEU F 133 -70.76 34.88 13.61
C LEU F 133 -71.39 34.91 12.21
N GLN F 134 -71.77 33.74 11.68
CA GLN F 134 -72.37 33.71 10.36
C GLN F 134 -73.66 34.51 10.32
N GLU F 135 -74.52 34.34 11.32
CA GLU F 135 -75.80 35.01 11.31
C GLU F 135 -75.65 36.54 11.36
N VAL F 136 -74.74 37.02 12.21
CA VAL F 136 -74.54 38.46 12.32
C VAL F 136 -73.87 39.01 11.07
N TYR F 137 -72.89 38.29 10.54
CA TYR F 137 -72.12 38.80 9.40
C TYR F 137 -72.96 38.81 8.13
N ILE F 138 -73.67 37.72 7.84
CA ILE F 138 -74.30 37.56 6.54
C ILE F 138 -75.80 37.31 6.68
N GLU F 139 -76.17 36.21 7.33
CA GLU F 139 -77.54 35.73 7.23
C GLU F 139 -78.53 36.68 7.88
N LEU F 140 -78.26 37.10 9.12
CA LEU F 140 -79.17 37.94 9.88
C LEU F 140 -78.76 39.41 9.86
N PHE F 141 -77.92 39.81 8.90
CA PHE F 141 -77.43 41.17 8.88
C PHE F 141 -78.56 42.18 8.73
N ASP F 142 -79.51 41.90 7.86
CA ASP F 142 -80.58 42.87 7.59
C ASP F 142 -81.50 43.08 8.79
N GLN F 143 -81.43 42.24 9.81
CA GLN F 143 -82.30 42.36 10.98
C GLN F 143 -81.64 43.08 12.14
N ILE F 144 -80.34 43.37 12.06
CA ILE F 144 -79.66 44.06 13.15
C ILE F 144 -80.30 45.43 13.39
N ASP F 145 -80.62 46.13 12.30
CA ASP F 145 -81.18 47.47 12.42
C ASP F 145 -82.52 47.43 13.13
N GLU F 146 -83.41 46.52 12.71
CA GLU F 146 -84.70 46.41 13.35
C GLU F 146 -84.56 46.03 14.82
N ASN F 147 -83.66 45.08 15.12
CA ASN F 147 -83.50 44.66 16.51
C ASN F 147 -83.03 45.81 17.38
N LEU F 148 -81.99 46.54 16.94
CA LEU F 148 -81.48 47.65 17.73
C LEU F 148 -82.54 48.74 17.88
N LYS F 149 -83.24 49.06 16.78
CA LYS F 149 -84.24 50.12 16.84
C LYS F 149 -85.35 49.77 17.82
N LEU F 150 -85.84 48.53 17.77
CA LEU F 150 -86.89 48.13 18.70
C LEU F 150 -86.36 48.11 20.14
N ALA F 151 -85.14 47.63 20.34
CA ALA F 151 -84.60 47.56 21.69
C ALA F 151 -84.48 48.95 22.31
N LEU F 152 -84.09 49.95 21.51
CA LEU F 152 -84.00 51.31 22.04
C LEU F 152 -85.39 51.92 22.22
N GLN F 153 -86.28 51.73 21.25
CA GLN F 153 -87.57 52.41 21.29
C GLN F 153 -88.46 51.87 22.39
N GLN F 154 -88.37 50.57 22.69
CA GLN F 154 -89.22 50.01 23.74
C GLN F 154 -88.89 50.65 25.08
N ASP F 155 -87.61 50.92 25.34
CA ASP F 155 -87.24 51.63 26.56
C ASP F 155 -87.67 53.09 26.50
N LEU F 156 -87.38 53.76 25.37
CA LEU F 156 -87.63 55.19 25.29
C LEU F 156 -89.11 55.52 25.42
N THR F 157 -90.00 54.68 24.88
CA THR F 157 -91.41 55.02 24.88
C THR F 157 -91.94 55.27 26.28
N SER F 158 -91.31 54.68 27.29
CA SER F 158 -91.71 54.87 28.67
C SER F 158 -90.76 55.78 29.44
N MET F 159 -89.45 55.64 29.24
CA MET F 159 -88.50 56.43 30.01
C MET F 159 -88.42 57.88 29.55
N ALA F 160 -88.85 58.17 28.33
CA ALA F 160 -88.76 59.52 27.79
C ALA F 160 -89.71 59.67 26.60
N PRO F 161 -91.01 59.64 26.83
CA PRO F 161 -91.95 59.67 25.70
C PRO F 161 -91.87 60.97 24.90
N GLY F 162 -91.41 60.87 23.66
CA GLY F 162 -91.28 62.04 22.81
C GLY F 162 -90.06 61.97 21.92
N LEU F 163 -89.08 61.15 22.29
CA LEU F 163 -87.87 60.95 21.50
C LEU F 163 -88.07 59.68 20.68
N VAL F 164 -88.20 59.84 19.36
CA VAL F 164 -88.55 58.75 18.46
C VAL F 164 -87.34 58.42 17.61
N ILE F 165 -86.92 57.16 17.63
CA ILE F 165 -85.80 56.69 16.82
C ILE F 165 -86.35 56.30 15.45
N GLN F 166 -86.09 57.14 14.46
CA GLN F 166 -86.64 56.89 13.13
C GLN F 166 -85.92 55.75 12.43
N ALA F 167 -84.58 55.68 12.54
CA ALA F 167 -83.87 54.66 11.79
C ALA F 167 -82.53 54.34 12.45
N VAL F 168 -81.98 53.20 12.06
CA VAL F 168 -80.66 52.76 12.50
C VAL F 168 -79.95 52.10 11.32
N ARG F 169 -78.65 52.34 11.21
CA ARG F 169 -77.83 51.71 10.19
C ARG F 169 -76.54 51.22 10.82
N VAL F 170 -75.99 50.13 10.28
CA VAL F 170 -74.79 49.51 10.82
C VAL F 170 -73.89 49.11 9.67
N THR F 171 -72.59 49.34 9.82
CA THR F 171 -71.64 48.85 8.83
C THR F 171 -71.38 47.37 9.06
N LYS F 172 -70.82 46.72 8.04
CA LYS F 172 -70.50 45.30 8.16
C LYS F 172 -69.36 45.11 9.16
N PRO F 173 -69.46 44.12 10.06
CA PRO F 173 -68.46 43.96 11.10
C PRO F 173 -67.11 43.53 10.55
N ASN F 174 -66.08 43.71 11.38
CA ASN F 174 -64.70 43.36 11.03
C ASN F 174 -64.37 42.02 11.68
N ILE F 175 -64.58 40.94 10.93
CA ILE F 175 -64.28 39.60 11.42
C ILE F 175 -62.76 39.43 11.49
N PRO F 176 -62.26 38.50 12.30
CA PRO F 176 -60.81 38.35 12.42
C PRO F 176 -60.17 38.02 11.08
N GLU F 177 -58.85 38.21 11.01
CA GLU F 177 -58.13 37.97 9.77
C GLU F 177 -58.18 36.50 9.38
N ALA F 178 -58.06 35.60 10.35
CA ALA F 178 -58.05 34.17 10.03
C ALA F 178 -59.37 33.73 9.40
N ILE F 179 -60.48 34.20 9.94
CA ILE F 179 -61.78 33.81 9.40
C ILE F 179 -62.05 34.47 8.06
N ARG F 180 -61.41 35.60 7.77
CA ARG F 180 -61.63 36.26 6.49
C ARG F 180 -61.04 35.47 5.34
N ARG F 181 -59.86 34.89 5.53
CA ARG F 181 -59.23 34.12 4.47
C ARG F 181 -60.10 32.93 4.08
N ASN F 182 -60.65 32.22 5.06
CA ASN F 182 -61.48 31.07 4.76
C ASN F 182 -62.70 31.47 3.93
N TYR F 183 -63.31 32.61 4.25
CA TYR F 183 -64.45 33.07 3.47
C TYR F 183 -64.04 33.36 2.03
N GLU F 184 -62.86 33.95 1.83
CA GLU F 184 -62.37 34.18 0.48
C GLU F 184 -62.09 32.87 -0.24
N LEU F 185 -61.53 31.88 0.47
CA LEU F 185 -61.25 30.60 -0.15
C LEU F 185 -62.52 29.90 -0.59
N MET F 186 -63.60 30.00 0.18
CA MET F 186 -64.86 29.39 -0.22
C MET F 186 -65.34 29.95 -1.55
N GLU F 187 -65.17 31.25 -1.76
CA GLU F 187 -65.55 31.85 -3.03
C GLU F 187 -64.60 31.43 -4.14
N SER F 188 -63.31 31.31 -3.83
CA SER F 188 -62.35 30.87 -4.84
C SER F 188 -62.71 29.48 -5.35
N GLU F 189 -63.08 28.57 -4.44
CA GLU F 189 -63.51 27.24 -4.85
C GLU F 189 -64.80 27.29 -5.66
N LYS F 190 -65.59 28.35 -5.52
CA LYS F 190 -66.83 28.47 -6.27
C LYS F 190 -66.56 28.82 -7.74
N THR F 191 -65.44 29.46 -8.02
CA THR F 191 -65.06 29.76 -9.40
C THR F 191 -64.19 28.67 -10.00
N LYS F 192 -63.41 27.95 -9.19
CA LYS F 192 -62.65 26.82 -9.69
C LYS F 192 -63.54 25.75 -10.29
N LEU F 193 -64.81 25.71 -9.87
CA LEU F 193 -65.76 24.81 -10.52
C LEU F 193 -65.95 25.20 -11.99
N LEU F 194 -66.07 26.50 -12.26
CA LEU F 194 -66.31 26.95 -13.63
C LEU F 194 -65.10 26.65 -14.52
N ILE F 195 -63.90 26.74 -13.97
CA ILE F 195 -62.70 26.43 -14.76
C ILE F 195 -62.72 24.97 -15.18
N ALA F 196 -63.14 24.08 -14.29
CA ALA F 196 -63.23 22.67 -14.61
C ALA F 196 -64.26 22.39 -15.69
N ALA F 197 -65.38 23.11 -15.69
CA ALA F 197 -66.41 22.91 -16.70
C ALA F 197 -65.93 23.24 -18.10
N GLN F 198 -64.84 23.98 -18.24
CA GLN F 198 -64.24 24.29 -19.54
C GLN F 198 -63.03 23.40 -19.84
N LYS F 199 -62.23 23.10 -18.82
CA LYS F 199 -61.18 22.10 -19.01
C LYS F 199 -61.78 20.78 -19.46
N GLN F 200 -63.02 20.50 -19.07
CA GLN F 200 -63.70 19.31 -19.55
C GLN F 200 -63.79 19.31 -21.06
N LYS F 201 -64.29 20.40 -21.65
CA LYS F 201 -64.41 20.46 -23.10
C LYS F 201 -63.05 20.44 -23.76
N VAL F 202 -62.06 21.10 -23.15
CA VAL F 202 -60.72 21.11 -23.75
C VAL F 202 -60.16 19.70 -23.84
N VAL F 203 -60.24 18.94 -22.75
CA VAL F 203 -59.70 17.59 -22.77
C VAL F 203 -60.54 16.68 -23.67
N GLU F 204 -61.85 16.93 -23.76
CA GLU F 204 -62.68 16.16 -24.69
C GLU F 204 -62.21 16.37 -26.12
N LYS F 205 -61.94 17.62 -26.49
CA LYS F 205 -61.48 17.90 -27.85
C LYS F 205 -60.11 17.28 -28.10
N GLU F 206 -59.21 17.35 -27.11
CA GLU F 206 -57.90 16.72 -27.29
C GLU F 206 -58.03 15.21 -27.47
N ALA F 207 -58.90 14.57 -26.69
CA ALA F 207 -59.08 13.13 -26.83
C ALA F 207 -59.68 12.79 -28.20
N GLU F 208 -60.63 13.59 -28.67
CA GLU F 208 -61.20 13.35 -29.99
C GLU F 208 -60.14 13.49 -31.07
N THR F 209 -59.26 14.48 -30.93
CA THR F 209 -58.18 14.63 -31.89
C THR F 209 -57.27 13.41 -31.89
N GLU F 210 -56.93 12.91 -30.70
CA GLU F 210 -56.12 11.71 -30.62
C GLU F 210 -56.81 10.53 -31.28
N ARG F 211 -58.12 10.41 -31.08
CA ARG F 211 -58.87 9.33 -31.72
C ARG F 211 -58.80 9.43 -33.23
N LYS F 212 -58.97 10.64 -33.77
CA LYS F 212 -58.92 10.80 -35.22
C LYS F 212 -57.54 10.45 -35.76
N LYS F 213 -56.49 10.86 -35.06
CA LYS F 213 -55.14 10.49 -35.49
C LYS F 213 -54.95 8.98 -35.47
N ALA F 214 -55.45 8.32 -34.42
CA ALA F 214 -55.32 6.87 -34.33
C ALA F 214 -56.04 6.18 -35.48
N LEU F 215 -57.23 6.67 -35.83
CA LEU F 215 -57.95 6.08 -36.96
C LEU F 215 -57.19 6.28 -38.25
N ILE F 216 -56.58 7.46 -38.43
CA ILE F 216 -55.78 7.70 -39.62
C ILE F 216 -54.62 6.71 -39.71
N GLU F 217 -53.93 6.49 -38.58
CA GLU F 217 -52.82 5.54 -38.58
C GLU F 217 -53.32 4.13 -38.87
N ALA F 218 -54.47 3.76 -38.33
CA ALA F 218 -55.02 2.43 -38.59
C ALA F 218 -55.30 2.24 -40.07
N GLU F 219 -55.90 3.23 -40.72
CA GLU F 219 -56.15 3.12 -42.16
C GLU F 219 -54.83 3.05 -42.93
N LYS F 220 -53.84 3.83 -42.51
CA LYS F 220 -52.52 3.75 -43.15
C LYS F 220 -51.99 2.32 -43.11
N VAL F 221 -52.03 1.71 -41.92
CA VAL F 221 -51.51 0.36 -41.77
C VAL F 221 -52.32 -0.62 -42.62
N ALA F 222 -53.64 -0.45 -42.66
CA ALA F 222 -54.47 -1.36 -43.43
C ALA F 222 -54.10 -1.31 -44.91
N GLN F 223 -53.93 -0.10 -45.45
CA GLN F 223 -53.63 0.00 -46.88
C GLN F 223 -52.21 -0.48 -47.18
N VAL F 224 -51.26 -0.19 -46.31
CA VAL F 224 -49.91 -0.71 -46.51
C VAL F 224 -49.94 -2.23 -46.51
N ALA F 225 -50.69 -2.83 -45.59
CA ALA F 225 -50.82 -4.28 -45.55
C ALA F 225 -51.44 -4.82 -46.83
N GLU F 226 -52.47 -4.15 -47.33
CA GLU F 226 -53.09 -4.58 -48.58
C GLU F 226 -52.07 -4.63 -49.70
N ILE F 227 -51.26 -3.58 -49.82
CA ILE F 227 -50.23 -3.57 -50.86
C ILE F 227 -49.22 -4.69 -50.64
N THR F 228 -48.82 -4.89 -49.38
CA THR F 228 -47.82 -5.92 -49.08
C THR F 228 -48.33 -7.31 -49.49
N TYR F 229 -49.59 -7.60 -49.19
CA TYR F 229 -50.11 -8.93 -49.53
C TYR F 229 -50.36 -9.06 -51.02
N GLY F 230 -50.75 -7.96 -51.68
CA GLY F 230 -50.80 -7.99 -53.14
C GLY F 230 -49.47 -8.35 -53.75
N GLN F 231 -48.37 -7.83 -53.17
CA GLN F 231 -47.06 -8.18 -53.71
C GLN F 231 -46.65 -9.59 -53.35
N LYS F 232 -47.03 -10.08 -52.16
CA LYS F 232 -46.58 -11.42 -51.77
C LYS F 232 -47.35 -12.50 -52.52
N VAL F 233 -48.57 -12.22 -52.99
CA VAL F 233 -49.23 -13.17 -53.88
C VAL F 233 -48.43 -13.34 -55.16
N MET F 234 -47.94 -12.24 -55.73
CA MET F 234 -47.07 -12.32 -56.89
C MET F 234 -45.78 -13.06 -56.55
N GLU F 235 -45.24 -12.83 -55.36
CA GLU F 235 -44.06 -13.57 -54.92
C GLU F 235 -44.32 -15.07 -54.97
N LYS F 236 -45.47 -15.50 -54.47
CA LYS F 236 -45.77 -16.93 -54.46
C LYS F 236 -46.04 -17.46 -55.87
N GLU F 237 -46.63 -16.65 -56.75
CA GLU F 237 -46.80 -17.09 -58.13
C GLU F 237 -45.44 -17.33 -58.79
N THR F 238 -44.50 -16.40 -58.60
CA THR F 238 -43.16 -16.60 -59.14
C THR F 238 -42.47 -17.78 -58.48
N GLU F 239 -42.73 -18.01 -57.20
CA GLU F 239 -42.16 -19.18 -56.54
C GLU F 239 -42.71 -20.47 -57.13
N LYS F 240 -43.99 -20.48 -57.51
CA LYS F 240 -44.54 -21.64 -58.18
C LYS F 240 -43.87 -21.86 -59.53
N LYS F 241 -43.63 -20.79 -60.28
CA LYS F 241 -42.91 -20.93 -61.55
C LYS F 241 -41.51 -21.48 -61.33
N ILE F 242 -40.81 -20.96 -60.32
CA ILE F 242 -39.46 -21.45 -60.01
C ILE F 242 -39.51 -22.91 -59.60
N SER F 243 -40.55 -23.31 -58.88
CA SER F 243 -40.68 -24.71 -58.47
C SER F 243 -40.93 -25.60 -59.68
N GLU F 244 -41.71 -25.12 -60.66
CA GLU F 244 -41.88 -25.88 -61.89
C GLU F 244 -40.56 -26.07 -62.61
N ILE F 245 -39.75 -25.01 -62.69
CA ILE F 245 -38.43 -25.15 -63.32
C ILE F 245 -37.56 -26.10 -62.51
N GLU F 246 -37.65 -26.04 -61.18
CA GLU F 246 -36.87 -26.93 -60.33
C GLU F 246 -37.26 -28.38 -60.56
N ASP F 247 -38.56 -28.65 -60.71
CA ASP F 247 -39.00 -30.00 -61.01
C ASP F 247 -38.49 -30.45 -62.37
N ALA F 248 -38.53 -29.56 -63.37
CA ALA F 248 -38.01 -29.91 -64.68
C ALA F 248 -36.53 -30.28 -64.62
N ALA F 249 -35.75 -29.52 -63.86
CA ALA F 249 -34.32 -29.80 -63.76
C ALA F 249 -34.06 -31.05 -62.94
N PHE F 250 -34.75 -31.20 -61.81
CA PHE F 250 -34.55 -32.34 -60.93
C PHE F 250 -34.95 -33.65 -61.61
N LEU F 251 -36.07 -33.64 -62.33
CA LEU F 251 -36.48 -34.85 -63.04
C LEU F 251 -35.39 -35.33 -63.99
N ALA F 252 -34.76 -34.39 -64.70
CA ALA F 252 -33.67 -34.76 -65.60
C ALA F 252 -32.44 -35.23 -64.83
N ARG F 253 -32.19 -34.65 -63.66
CA ARG F 253 -31.05 -35.09 -62.86
C ARG F 253 -31.21 -36.53 -62.40
N GLU F 254 -32.42 -36.89 -61.96
CA GLU F 254 -32.66 -38.26 -61.52
C GLU F 254 -32.60 -39.25 -62.69
N LYS F 255 -32.99 -38.81 -63.89
CA LYS F 255 -32.83 -39.66 -65.06
C LYS F 255 -31.35 -39.92 -65.34
N ALA F 256 -30.51 -38.90 -65.18
CA ALA F 256 -29.08 -39.10 -65.37
C ALA F 256 -28.50 -40.02 -64.30
N LYS F 257 -28.95 -39.87 -63.06
CA LYS F 257 -28.48 -40.74 -62.00
C LYS F 257 -28.87 -42.19 -62.27
N ALA F 258 -30.10 -42.42 -62.72
CA ALA F 258 -30.54 -43.78 -62.99
C ALA F 258 -29.70 -44.43 -64.08
N ASP F 259 -29.50 -43.72 -65.20
CA ASP F 259 -28.69 -44.27 -66.27
C ASP F 259 -27.24 -44.49 -65.81
N ALA F 260 -26.70 -43.54 -65.05
CA ALA F 260 -25.35 -43.72 -64.52
C ALA F 260 -25.29 -44.93 -63.59
N GLU F 261 -26.28 -45.08 -62.71
CA GLU F 261 -26.32 -46.25 -61.84
C GLU F 261 -26.78 -47.50 -62.57
N CYS F 262 -27.57 -47.34 -63.62
CA CYS F 262 -27.98 -48.48 -64.42
C CYS F 262 -26.85 -49.02 -65.27
N TYR F 263 -25.92 -48.16 -65.69
CA TYR F 263 -24.82 -48.60 -66.53
C TYR F 263 -23.79 -49.37 -65.73
N THR F 264 -23.46 -48.92 -64.52
CA THR F 264 -22.46 -49.61 -63.72
C THR F 264 -22.90 -51.02 -63.38
N ALA F 265 -24.20 -51.23 -63.20
CA ALA F 265 -24.69 -52.57 -62.84
C ALA F 265 -24.39 -53.58 -63.93
N MET F 266 -24.57 -53.21 -65.20
CA MET F 266 -24.19 -54.12 -66.28
C MET F 266 -22.69 -54.34 -66.30
N LYS F 267 -21.91 -53.28 -66.07
CA LYS F 267 -20.46 -53.46 -66.03
C LYS F 267 -20.04 -54.22 -64.78
N ILE F 268 -20.76 -54.03 -63.67
CA ILE F 268 -20.52 -54.86 -62.49
C ILE F 268 -21.01 -56.28 -62.74
N ALA F 269 -22.18 -56.43 -63.34
CA ALA F 269 -22.69 -57.76 -63.64
C ALA F 269 -21.79 -58.48 -64.63
N GLU F 270 -21.33 -57.77 -65.67
CA GLU F 270 -20.45 -58.40 -66.66
C GLU F 270 -19.15 -58.86 -66.00
N ALA F 271 -18.59 -58.04 -65.12
CA ALA F 271 -17.39 -58.44 -64.40
C ALA F 271 -17.66 -59.62 -63.48
N ASN F 272 -18.80 -59.60 -62.79
CA ASN F 272 -19.12 -60.66 -61.84
C ASN F 272 -19.39 -62.00 -62.52
N LYS F 273 -19.55 -62.02 -63.83
CA LYS F 273 -19.64 -63.31 -64.52
C LYS F 273 -18.31 -64.03 -64.57
N LEU F 274 -17.21 -63.30 -64.44
CA LEU F 274 -15.87 -63.88 -64.44
C LEU F 274 -15.19 -63.84 -63.08
N LYS F 275 -15.44 -62.80 -62.28
CA LYS F 275 -14.76 -62.69 -60.99
C LYS F 275 -15.33 -63.67 -59.98
N LEU F 276 -16.66 -63.81 -59.94
CA LEU F 276 -17.32 -64.65 -58.93
C LEU F 276 -17.25 -66.11 -59.36
N THR F 277 -16.06 -66.66 -59.25
CA THR F 277 -15.86 -68.10 -59.40
C THR F 277 -16.01 -68.77 -58.04
N PRO F 278 -16.17 -70.09 -58.02
CA PRO F 278 -16.26 -70.78 -56.71
C PRO F 278 -15.07 -70.50 -55.81
N GLU F 279 -13.86 -70.42 -56.39
CA GLU F 279 -12.67 -70.20 -55.57
C GLU F 279 -12.69 -68.81 -54.94
N TYR F 280 -13.02 -67.78 -55.73
CA TYR F 280 -13.10 -66.44 -55.18
C TYR F 280 -14.22 -66.33 -54.16
N LEU F 281 -15.34 -67.00 -54.40
CA LEU F 281 -16.42 -67.00 -53.42
C LEU F 281 -15.96 -67.61 -52.11
N GLN F 282 -15.23 -68.73 -52.17
CA GLN F 282 -14.68 -69.33 -50.96
C GLN F 282 -13.73 -68.39 -50.25
N LEU F 283 -12.85 -67.72 -51.00
CA LEU F 283 -11.90 -66.81 -50.39
C LEU F 283 -12.62 -65.67 -49.68
N MET F 284 -13.63 -65.08 -50.32
CA MET F 284 -14.37 -64.00 -49.68
C MET F 284 -15.14 -64.51 -48.47
N LYS F 285 -15.69 -65.72 -48.57
CA LYS F 285 -16.36 -66.34 -47.43
C LYS F 285 -15.44 -66.37 -46.22
N TYR F 286 -14.23 -66.88 -46.40
CA TYR F 286 -13.31 -66.99 -45.28
C TYR F 286 -12.67 -65.66 -44.89
N LYS F 287 -12.69 -64.68 -45.79
CA LYS F 287 -12.19 -63.35 -45.45
C LYS F 287 -13.20 -62.52 -44.70
N ALA F 288 -14.49 -62.85 -44.81
CA ALA F 288 -15.53 -62.08 -44.14
C ALA F 288 -15.55 -62.29 -42.62
N ILE F 289 -14.79 -63.25 -42.11
CA ILE F 289 -14.82 -63.61 -40.69
C ILE F 289 -13.58 -63.17 -39.95
N ALA F 290 -12.58 -62.63 -40.64
CA ALA F 290 -11.29 -62.34 -39.99
C ALA F 290 -11.46 -61.32 -38.87
N SER F 291 -12.26 -60.29 -39.09
CA SER F 291 -12.39 -59.23 -38.10
C SER F 291 -13.24 -59.64 -36.91
N ASN F 292 -14.17 -60.57 -37.11
CA ASN F 292 -15.10 -60.92 -36.03
C ASN F 292 -14.36 -61.50 -34.84
N SER F 293 -14.83 -61.16 -33.65
CA SER F 293 -14.30 -61.74 -32.42
C SER F 293 -14.81 -63.16 -32.27
N LYS F 294 -13.89 -64.09 -32.01
CA LYS F 294 -14.22 -65.51 -31.95
C LYS F 294 -13.56 -66.13 -30.73
N ILE F 295 -14.17 -67.20 -30.22
CA ILE F 295 -13.57 -68.01 -29.17
C ILE F 295 -13.76 -69.48 -29.53
N TYR F 296 -12.72 -70.27 -29.34
CA TYR F 296 -12.67 -71.64 -29.83
C TYR F 296 -12.64 -72.62 -28.66
N PHE F 297 -13.54 -73.60 -28.70
CA PHE F 297 -13.57 -74.71 -27.74
C PHE F 297 -13.34 -75.99 -28.52
N GLY F 298 -12.17 -76.60 -28.34
CA GLY F 298 -11.86 -77.80 -29.09
C GLY F 298 -10.89 -78.69 -28.34
N LYS F 299 -10.71 -79.89 -28.89
CA LYS F 299 -9.77 -80.84 -28.30
C LYS F 299 -8.33 -80.38 -28.46
N ASP F 300 -8.03 -79.71 -29.57
CA ASP F 300 -6.66 -79.28 -29.85
C ASP F 300 -6.73 -78.13 -30.86
N ILE F 301 -5.56 -77.66 -31.26
CA ILE F 301 -5.46 -76.53 -32.19
C ILE F 301 -5.70 -77.00 -33.62
N PRO F 302 -5.13 -78.13 -34.05
CA PRO F 302 -5.34 -78.54 -35.46
C PRO F 302 -6.80 -78.68 -35.82
N ASN F 303 -7.67 -79.07 -34.89
CA ASN F 303 -9.10 -79.13 -35.17
C ASN F 303 -9.70 -77.75 -35.40
N MET F 304 -8.97 -76.68 -35.10
CA MET F 304 -9.51 -75.33 -35.26
C MET F 304 -9.87 -75.05 -36.70
N PHE F 305 -9.02 -75.48 -37.64
CA PHE F 305 -9.15 -75.11 -39.04
C PHE F 305 -9.86 -76.15 -39.88
N MET F 306 -9.81 -77.43 -39.50
CA MET F 306 -10.50 -78.45 -40.27
C MET F 306 -12.02 -78.32 -40.08
N ASP F 307 -12.75 -78.77 -41.09
CA ASP F 307 -14.21 -78.73 -41.04
C ASP F 307 -14.82 -79.46 -42.24
N VAL G 52 -74.55 99.99 -2.20
CA VAL G 52 -73.57 99.11 -1.59
C VAL G 52 -74.28 98.11 -0.67
N LEU G 53 -74.96 98.64 0.35
CA LEU G 53 -75.65 97.77 1.29
C LEU G 53 -76.80 97.04 0.63
N LEU G 54 -77.67 97.78 -0.07
CA LEU G 54 -78.76 97.14 -0.79
C LEU G 54 -78.26 96.36 -2.01
N TYR G 55 -77.13 96.78 -2.58
CA TYR G 55 -76.53 96.00 -3.65
C TYR G 55 -76.13 94.61 -3.14
N ALA G 56 -75.52 94.55 -1.96
CA ALA G 56 -75.24 93.26 -1.35
C ALA G 56 -76.53 92.53 -0.97
N SER G 57 -77.56 93.28 -0.56
CA SER G 57 -78.84 92.66 -0.24
C SER G 57 -79.41 91.91 -1.44
N ILE G 58 -79.34 92.50 -2.63
CA ILE G 58 -79.83 91.83 -3.82
C ILE G 58 -79.06 90.54 -4.03
N HIS G 59 -79.78 89.49 -4.44
CA HIS G 59 -79.22 88.15 -4.54
C HIS G 59 -79.62 87.53 -5.88
N LYS G 60 -79.12 86.31 -6.11
CA LYS G 60 -79.27 85.60 -7.37
C LYS G 60 -79.91 84.25 -7.13
N ILE G 61 -80.89 83.90 -7.96
CA ILE G 61 -81.53 82.58 -7.92
C ILE G 61 -81.40 82.00 -9.32
N GLU G 62 -80.48 81.05 -9.48
CA GLU G 62 -80.19 80.48 -10.79
C GLU G 62 -81.43 79.79 -11.36
N GLU G 63 -81.34 79.42 -12.63
CA GLU G 63 -82.42 78.72 -13.29
C GLU G 63 -82.55 77.30 -12.74
N GLY G 64 -83.77 76.79 -12.73
CA GLY G 64 -84.01 75.47 -12.16
C GLY G 64 -83.65 75.40 -10.70
N HIS G 65 -83.97 76.45 -9.95
CA HIS G 65 -83.67 76.50 -8.52
C HIS G 65 -84.86 77.11 -7.79
N LEU G 66 -84.89 76.90 -6.48
CA LEU G 66 -85.86 77.52 -5.59
C LEU G 66 -85.12 78.17 -4.44
N ALA G 67 -85.69 79.25 -3.93
CA ALA G 67 -85.06 80.06 -2.89
C ALA G 67 -85.77 79.83 -1.57
N VAL G 68 -84.98 79.63 -0.52
CA VAL G 68 -85.48 79.50 0.85
C VAL G 68 -84.81 80.57 1.69
N TYR G 69 -85.61 81.34 2.42
CA TYR G 69 -85.14 82.50 3.14
C TYR G 69 -85.26 82.27 4.64
N TYR G 70 -84.20 82.61 5.37
CA TYR G 70 -84.16 82.50 6.82
C TYR G 70 -84.00 83.89 7.42
N ARG G 71 -84.94 84.28 8.29
CA ARG G 71 -84.87 85.54 9.02
C ARG G 71 -84.75 85.20 10.50
N GLY G 72 -83.58 85.49 11.08
CA GLY G 72 -83.34 85.16 12.47
C GLY G 72 -83.38 83.68 12.77
N GLY G 73 -82.97 82.85 11.80
CA GLY G 73 -82.95 81.42 11.97
C GLY G 73 -84.23 80.71 11.59
N ALA G 74 -85.35 81.43 11.48
CA ALA G 74 -86.61 80.83 11.07
C ALA G 74 -86.59 80.61 9.56
N LEU G 75 -87.69 80.13 9.00
CA LEU G 75 -87.83 79.88 7.57
C LEU G 75 -89.13 80.51 7.10
N LEU G 76 -89.04 81.56 6.29
CA LEU G 76 -90.23 82.25 5.83
C LEU G 76 -90.99 81.38 4.84
N THR G 77 -92.31 81.36 4.95
CA THR G 77 -93.14 80.54 4.08
C THR G 77 -93.37 81.23 2.74
N SER G 78 -92.30 81.46 1.98
CA SER G 78 -92.40 82.14 0.70
C SER G 78 -91.20 81.76 -0.16
N PRO G 79 -91.28 80.68 -0.91
CA PRO G 79 -90.24 80.37 -1.90
C PRO G 79 -90.31 81.31 -3.10
N SER G 80 -89.15 81.60 -3.66
CA SER G 80 -89.03 82.49 -4.80
C SER G 80 -88.39 81.73 -5.95
N GLY G 81 -89.04 81.76 -7.11
CA GLY G 81 -88.54 81.07 -8.28
C GLY G 81 -87.24 81.65 -8.77
N PRO G 82 -86.77 81.17 -9.93
CA PRO G 82 -85.53 81.71 -10.50
C PRO G 82 -85.68 83.16 -10.94
N GLY G 83 -84.58 83.88 -10.86
CA GLY G 83 -84.51 85.26 -11.30
C GLY G 83 -84.08 86.20 -10.19
N TYR G 84 -83.99 87.47 -10.55
CA TYR G 84 -83.63 88.50 -9.60
C TYR G 84 -84.72 88.63 -8.53
N HIS G 85 -84.32 88.88 -7.30
CA HIS G 85 -85.26 89.04 -6.20
C HIS G 85 -84.68 89.97 -5.16
N ILE G 86 -85.57 90.56 -4.37
CA ILE G 86 -85.21 91.52 -3.32
C ILE G 86 -85.33 90.83 -1.97
N MET G 87 -84.30 90.95 -1.15
CA MET G 87 -84.25 90.33 0.16
C MET G 87 -83.85 91.39 1.18
N LEU G 88 -84.23 91.15 2.43
CA LEU G 88 -83.95 92.12 3.48
C LEU G 88 -82.44 92.32 3.63
N PRO G 89 -82.00 93.50 4.05
CA PRO G 89 -80.58 93.85 3.91
C PRO G 89 -79.62 92.88 4.58
N PHE G 90 -79.77 92.65 5.88
CA PHE G 90 -78.79 91.87 6.61
C PHE G 90 -79.38 90.76 7.46
N ILE G 91 -80.54 91.00 8.09
CA ILE G 91 -81.10 90.00 9.00
C ILE G 91 -81.48 88.74 8.24
N THR G 92 -81.94 88.89 7.00
CA THR G 92 -82.37 87.75 6.20
C THR G 92 -81.21 87.20 5.38
N THR G 93 -81.17 85.88 5.26
CA THR G 93 -80.23 85.18 4.40
C THR G 93 -81.01 84.21 3.53
N PHE G 94 -80.36 83.72 2.48
CA PHE G 94 -81.04 82.87 1.50
C PHE G 94 -80.17 81.66 1.16
N ARG G 95 -80.85 80.60 0.72
CA ARG G 95 -80.19 79.43 0.17
C ARG G 95 -80.97 78.97 -1.06
N SER G 96 -80.26 78.34 -1.99
CA SER G 96 -80.85 77.89 -3.25
C SER G 96 -80.79 76.37 -3.31
N VAL G 97 -81.93 75.76 -3.58
CA VAL G 97 -82.05 74.31 -3.68
C VAL G 97 -82.49 73.97 -5.10
N GLN G 98 -81.77 73.05 -5.74
CA GLN G 98 -82.02 72.73 -7.14
C GLN G 98 -83.20 71.78 -7.25
N THR G 99 -84.26 72.24 -7.90
CA THR G 99 -85.42 71.40 -8.19
C THR G 99 -85.26 70.61 -9.48
N THR G 100 -84.14 70.78 -10.19
CA THR G 100 -83.87 70.09 -11.42
C THR G 100 -83.06 68.82 -11.16
N LEU G 101 -83.11 67.90 -12.11
CA LEU G 101 -82.41 66.62 -11.96
C LEU G 101 -80.98 66.84 -11.50
N GLN G 102 -80.68 66.34 -10.30
CA GLN G 102 -79.37 66.47 -9.68
C GLN G 102 -78.77 65.09 -9.49
N THR G 103 -77.50 64.93 -9.88
CA THR G 103 -76.81 63.66 -9.80
C THR G 103 -75.62 63.79 -8.85
N ASP G 104 -75.50 62.84 -7.92
CA ASP G 104 -74.34 62.83 -7.04
C ASP G 104 -74.05 61.39 -6.65
N GLU G 105 -72.80 61.14 -6.27
CA GLU G 105 -72.29 59.78 -6.16
C GLU G 105 -71.63 59.56 -4.80
N VAL G 106 -71.53 58.27 -4.45
CA VAL G 106 -70.75 57.81 -3.30
C VAL G 106 -69.67 56.88 -3.82
N LYS G 107 -68.53 56.87 -3.13
CA LYS G 107 -67.32 56.21 -3.59
C LYS G 107 -66.96 55.04 -2.68
N ASN G 108 -66.42 53.99 -3.28
CA ASN G 108 -65.85 52.85 -2.54
C ASN G 108 -66.85 52.30 -1.53
N VAL G 109 -68.07 52.04 -1.99
CA VAL G 109 -69.11 51.51 -1.11
C VAL G 109 -68.84 50.01 -0.91
N PRO G 110 -68.61 49.56 0.32
CA PRO G 110 -68.42 48.11 0.53
C PRO G 110 -69.73 47.35 0.39
N CYS G 111 -69.61 46.08 0.03
CA CYS G 111 -70.77 45.21 -0.09
C CYS G 111 -70.33 43.81 0.26
N GLY G 112 -70.88 43.25 1.34
CA GLY G 112 -70.58 41.90 1.74
C GLY G 112 -71.53 40.91 1.09
N THR G 113 -71.01 40.08 0.20
CA THR G 113 -71.85 39.15 -0.53
C THR G 113 -72.27 38.00 0.37
N SER G 114 -73.27 37.25 -0.08
CA SER G 114 -73.77 36.11 0.69
C SER G 114 -72.69 35.06 0.90
N GLY G 115 -71.64 35.06 0.09
CA GLY G 115 -70.53 34.16 0.29
C GLY G 115 -69.55 34.59 1.35
N GLY G 116 -69.77 35.74 1.98
CA GLY G 116 -68.91 36.23 3.03
C GLY G 116 -67.72 37.03 2.57
N VAL G 117 -67.57 37.27 1.26
CA VAL G 117 -66.47 38.06 0.73
C VAL G 117 -66.95 39.48 0.49
N MET G 118 -66.05 40.44 0.67
CA MET G 118 -66.36 41.85 0.54
C MET G 118 -65.89 42.35 -0.83
N ILE G 119 -66.81 42.95 -1.58
CA ILE G 119 -66.51 43.57 -2.85
C ILE G 119 -66.88 45.04 -2.76
N TYR G 120 -65.99 45.92 -3.22
CA TYR G 120 -66.18 47.35 -3.10
C TYR G 120 -66.63 47.92 -4.44
N ILE G 121 -67.85 48.44 -4.48
CA ILE G 121 -68.35 49.09 -5.68
C ILE G 121 -67.74 50.49 -5.73
N ASP G 122 -67.03 50.79 -6.82
CA ASP G 122 -66.22 52.00 -6.86
C ASP G 122 -67.09 53.26 -6.80
N ARG G 123 -68.16 53.30 -7.60
CA ARG G 123 -68.99 54.50 -7.69
C ARG G 123 -70.44 54.10 -7.80
N ILE G 124 -71.28 54.66 -6.93
CA ILE G 124 -72.72 54.52 -7.01
C ILE G 124 -73.31 55.92 -7.13
N GLU G 125 -73.89 56.23 -8.28
CA GLU G 125 -74.41 57.55 -8.58
C GLU G 125 -75.94 57.50 -8.54
N VAL G 126 -76.53 58.43 -7.80
CA VAL G 126 -77.98 58.57 -7.73
C VAL G 126 -78.35 59.88 -8.41
N VAL G 127 -79.33 59.83 -9.31
CA VAL G 127 -79.90 60.99 -9.96
C VAL G 127 -81.32 61.12 -9.44
N ASN G 128 -81.65 62.31 -8.92
CA ASN G 128 -82.91 62.54 -8.22
C ASN G 128 -83.47 63.89 -8.64
N MET G 129 -84.71 64.14 -8.21
CA MET G 129 -85.36 65.42 -8.44
C MET G 129 -86.42 65.61 -7.36
N LEU G 130 -87.01 66.80 -7.33
CA LEU G 130 -88.07 67.08 -6.37
C LEU G 130 -89.05 68.08 -6.97
N ALA G 131 -90.33 67.80 -6.79
CA ALA G 131 -91.35 68.68 -7.34
C ALA G 131 -91.24 70.06 -6.72
N PRO G 132 -91.48 71.14 -7.48
CA PRO G 132 -91.29 72.48 -6.92
C PRO G 132 -92.13 72.76 -5.69
N TYR G 133 -93.35 72.22 -5.61
CA TYR G 133 -94.25 72.59 -4.54
C TYR G 133 -93.81 72.04 -3.18
N ALA G 134 -92.96 71.02 -3.16
CA ALA G 134 -92.53 70.38 -1.92
C ALA G 134 -91.20 70.90 -1.42
N VAL G 135 -90.60 71.89 -2.09
CA VAL G 135 -89.29 72.38 -1.68
C VAL G 135 -89.35 72.98 -0.28
N PHE G 136 -90.39 73.78 -0.01
CA PHE G 136 -90.51 74.40 1.30
C PHE G 136 -90.54 73.36 2.39
N ASP G 137 -91.42 72.36 2.25
CA ASP G 137 -91.54 71.32 3.27
C ASP G 137 -90.25 70.54 3.42
N ILE G 138 -89.61 70.19 2.31
CA ILE G 138 -88.38 69.40 2.38
C ILE G 138 -87.30 70.16 3.13
N VAL G 139 -87.12 71.44 2.79
CA VAL G 139 -86.07 72.22 3.44
C VAL G 139 -86.40 72.44 4.91
N ARG G 140 -87.69 72.65 5.22
CA ARG G 140 -88.08 72.80 6.62
C ARG G 140 -87.78 71.53 7.41
N ASN G 141 -88.10 70.37 6.85
CA ASN G 141 -87.93 69.12 7.57
C ASN G 141 -86.46 68.75 7.73
N TYR G 142 -85.70 68.80 6.63
CA TYR G 142 -84.33 68.29 6.62
C TYR G 142 -83.34 69.30 6.07
N THR G 143 -83.62 70.59 6.25
CA THR G 143 -82.70 71.64 5.80
C THR G 143 -82.43 71.53 4.30
N ALA G 144 -81.49 72.34 3.80
CA ALA G 144 -81.12 72.29 2.40
C ALA G 144 -80.11 71.20 2.09
N ASP G 145 -79.50 70.60 3.10
CA ASP G 145 -78.60 69.48 2.92
C ASP G 145 -79.34 68.14 3.00
N TYR G 146 -80.62 68.14 2.65
CA TYR G 146 -81.44 66.94 2.79
C TYR G 146 -80.92 65.76 1.99
N ASP G 147 -80.11 66.01 0.94
CA ASP G 147 -79.68 64.90 0.10
C ASP G 147 -78.84 63.90 0.89
N LYS G 148 -77.90 64.39 1.69
CA LYS G 148 -77.06 63.48 2.48
C LYS G 148 -77.92 62.68 3.46
N THR G 149 -78.85 63.35 4.12
CA THR G 149 -79.67 62.67 5.11
C THR G 149 -80.57 61.62 4.47
N LEU G 150 -81.09 61.89 3.27
CA LEU G 150 -82.15 61.08 2.71
C LEU G 150 -81.69 60.07 1.67
N ILE G 151 -80.50 60.23 1.10
CA ILE G 151 -80.08 59.34 0.01
C ILE G 151 -78.72 58.72 0.32
N PHE G 152 -77.70 59.56 0.48
CA PHE G 152 -76.31 59.12 0.43
C PHE G 152 -75.79 58.64 1.78
N ASN G 153 -76.55 58.81 2.85
CA ASN G 153 -76.26 58.10 4.09
C ASN G 153 -76.89 56.72 4.12
N LYS G 154 -77.94 56.50 3.32
CA LYS G 154 -78.61 55.21 3.25
C LYS G 154 -78.10 54.33 2.13
N ILE G 155 -77.38 54.89 1.16
CA ILE G 155 -76.93 54.10 0.02
C ILE G 155 -76.11 52.89 0.48
N HIS G 156 -75.14 53.12 1.36
CA HIS G 156 -74.24 52.04 1.74
C HIS G 156 -74.99 50.92 2.46
N HIS G 157 -75.90 51.30 3.36
CA HIS G 157 -76.63 50.27 4.10
C HIS G 157 -77.61 49.53 3.21
N GLU G 158 -78.28 50.23 2.29
CA GLU G 158 -79.17 49.54 1.37
C GLU G 158 -78.39 48.58 0.48
N LEU G 159 -77.20 49.00 0.03
CA LEU G 159 -76.37 48.11 -0.76
C LEU G 159 -75.94 46.89 0.03
N ASN G 160 -75.59 47.07 1.30
CA ASN G 160 -75.23 45.94 2.14
C ASN G 160 -76.40 44.99 2.31
N GLN G 161 -77.59 45.53 2.53
CA GLN G 161 -78.77 44.69 2.68
C GLN G 161 -79.03 43.88 1.41
N PHE G 162 -78.91 44.52 0.25
CA PHE G 162 -79.11 43.81 -1.00
C PHE G 162 -78.05 42.74 -1.21
N CYS G 163 -76.79 43.06 -0.93
CA CYS G 163 -75.71 42.12 -1.17
C CYS G 163 -75.80 40.90 -0.26
N SER G 164 -76.17 41.11 1.00
CA SER G 164 -76.17 40.00 1.95
C SER G 164 -77.08 38.86 1.48
N ALA G 165 -78.12 39.18 0.72
CA ALA G 165 -79.07 38.19 0.26
C ALA G 165 -78.70 37.57 -1.09
N HIS G 166 -77.57 37.96 -1.67
CA HIS G 166 -77.14 37.45 -2.97
C HIS G 166 -75.67 37.05 -2.91
N THR G 167 -75.29 36.10 -3.76
CA THR G 167 -73.93 35.62 -3.81
C THR G 167 -73.07 36.51 -4.71
N LEU G 168 -71.76 36.23 -4.71
CA LEU G 168 -70.85 37.07 -5.48
C LEU G 168 -71.14 36.99 -6.96
N GLN G 169 -71.44 35.79 -7.47
CA GLN G 169 -71.73 35.66 -8.90
C GLN G 169 -72.95 36.48 -9.29
N GLU G 170 -74.01 36.41 -8.48
CA GLU G 170 -75.25 37.12 -8.82
C GLU G 170 -75.03 38.62 -8.83
N VAL G 171 -74.29 39.15 -7.85
CA VAL G 171 -74.06 40.59 -7.79
C VAL G 171 -73.12 41.03 -8.90
N TYR G 172 -72.06 40.27 -9.15
CA TYR G 172 -71.01 40.72 -10.06
C TYR G 172 -71.43 40.54 -11.52
N ILE G 173 -72.19 39.50 -11.85
CA ILE G 173 -72.45 39.15 -13.24
C ILE G 173 -73.94 39.17 -13.54
N GLU G 174 -74.69 38.30 -12.88
CA GLU G 174 -76.06 38.03 -13.32
C GLU G 174 -77.02 39.16 -12.97
N LEU G 175 -77.00 39.60 -11.70
CA LEU G 175 -77.92 40.63 -11.23
C LEU G 175 -77.30 42.02 -11.23
N PHE G 176 -76.21 42.22 -11.97
CA PHE G 176 -75.63 43.54 -12.09
C PHE G 176 -76.56 44.49 -12.83
N ASP G 177 -77.49 43.99 -13.62
CA ASP G 177 -78.53 44.80 -14.23
C ASP G 177 -79.75 44.95 -13.34
N GLN G 178 -79.70 44.42 -12.12
CA GLN G 178 -80.77 44.58 -11.15
C GLN G 178 -80.33 45.31 -9.89
N ILE G 179 -79.03 45.47 -9.66
CA ILE G 179 -78.57 46.17 -8.46
C ILE G 179 -79.17 47.57 -8.41
N ASP G 180 -79.05 48.32 -9.51
CA ASP G 180 -79.54 49.69 -9.54
C ASP G 180 -81.05 49.74 -9.38
N GLU G 181 -81.76 48.81 -10.03
CA GLU G 181 -83.21 48.79 -9.90
C GLU G 181 -83.63 48.56 -8.47
N ASN G 182 -82.99 47.61 -7.79
CA ASN G 182 -83.35 47.34 -6.39
C ASN G 182 -83.04 48.53 -5.50
N LEU G 183 -81.87 49.15 -5.68
CA LEU G 183 -81.51 50.31 -4.86
C LEU G 183 -82.50 51.44 -5.08
N LYS G 184 -82.83 51.72 -6.34
CA LYS G 184 -83.78 52.78 -6.62
C LYS G 184 -85.14 52.49 -6.02
N GLN G 185 -85.61 51.25 -6.15
CA GLN G 185 -86.91 50.90 -5.59
C GLN G 185 -86.93 51.10 -4.09
N ALA G 186 -85.89 50.64 -3.39
CA ALA G 186 -85.85 50.79 -1.94
C ALA G 186 -85.84 52.26 -1.54
N LEU G 187 -84.94 53.05 -2.14
CA LEU G 187 -84.84 54.45 -1.77
C LEU G 187 -86.13 55.19 -2.04
N GLN G 188 -86.73 54.97 -3.22
CA GLN G 188 -87.97 55.66 -3.55
C GLN G 188 -89.10 55.23 -2.63
N LYS G 189 -89.16 53.95 -2.28
CA LYS G 189 -90.20 53.49 -1.36
C LYS G 189 -90.09 54.19 -0.02
N ASP G 190 -88.86 54.33 0.49
CA ASP G 190 -88.70 55.01 1.78
C ASP G 190 -89.05 56.49 1.65
N LEU G 191 -88.57 57.14 0.58
CA LEU G 191 -88.86 58.56 0.40
C LEU G 191 -90.34 58.82 0.25
N ASN G 192 -91.09 57.87 -0.34
CA ASN G 192 -92.51 58.09 -0.54
C ASN G 192 -93.20 58.46 0.76
N LEU G 193 -92.74 57.89 1.88
CA LEU G 193 -93.33 58.16 3.17
C LEU G 193 -92.56 59.18 3.99
N MET G 194 -91.24 59.29 3.83
CA MET G 194 -90.50 60.26 4.65
C MET G 194 -90.50 61.65 4.02
N ALA G 195 -90.17 61.74 2.74
CA ALA G 195 -89.99 63.02 2.06
C ALA G 195 -90.81 63.03 0.77
N PRO G 196 -92.14 63.15 0.89
CA PRO G 196 -92.97 63.17 -0.32
C PRO G 196 -92.59 64.32 -1.24
N GLY G 197 -92.62 64.05 -2.54
CA GLY G 197 -92.22 65.01 -3.54
C GLY G 197 -90.80 64.81 -4.06
N LEU G 198 -89.96 64.09 -3.34
CA LEU G 198 -88.61 63.79 -3.76
C LEU G 198 -88.61 62.42 -4.44
N THR G 199 -88.08 62.36 -5.66
CA THR G 199 -88.11 61.16 -6.48
C THR G 199 -86.71 60.79 -6.91
N ILE G 200 -86.43 59.49 -6.95
CA ILE G 200 -85.16 58.96 -7.44
C ILE G 200 -85.36 58.62 -8.91
N GLN G 201 -84.86 59.49 -9.79
CA GLN G 201 -85.04 59.27 -11.22
C GLN G 201 -84.24 58.08 -11.72
N ALA G 202 -82.99 57.94 -11.24
CA ALA G 202 -82.17 56.85 -11.76
C ALA G 202 -81.03 56.54 -10.78
N VAL G 203 -80.45 55.37 -10.95
CA VAL G 203 -79.29 54.95 -10.18
C VAL G 203 -78.35 54.18 -11.10
N ARG G 204 -77.05 54.37 -10.90
CA ARG G 204 -76.03 53.66 -11.66
C ARG G 204 -74.95 53.18 -10.69
N VAL G 205 -74.36 52.04 -11.01
CA VAL G 205 -73.32 51.44 -10.17
C VAL G 205 -72.21 50.91 -11.05
N THR G 206 -70.97 51.11 -10.62
CA THR G 206 -69.85 50.53 -11.33
C THR G 206 -69.72 49.04 -11.01
N LYS G 207 -68.89 48.35 -11.79
CA LYS G 207 -68.65 46.94 -11.55
C LYS G 207 -67.85 46.76 -10.27
N PRO G 208 -68.31 45.95 -9.32
CA PRO G 208 -67.58 45.82 -8.04
C PRO G 208 -66.18 45.24 -8.26
N LYS G 209 -65.26 45.63 -7.38
CA LYS G 209 -63.88 45.15 -7.42
C LYS G 209 -63.81 43.87 -6.59
N ILE G 210 -63.80 42.73 -7.26
CA ILE G 210 -63.66 41.44 -6.60
C ILE G 210 -62.22 41.28 -6.11
N PRO G 211 -61.95 40.40 -5.16
CA PRO G 211 -60.58 40.23 -4.68
C PRO G 211 -59.64 39.77 -5.78
N GLU G 212 -58.35 40.02 -5.57
CA GLU G 212 -57.35 39.66 -6.58
C GLU G 212 -57.32 38.16 -6.81
N ALA G 213 -57.45 37.37 -5.74
CA ALA G 213 -57.39 35.92 -5.89
C ALA G 213 -58.52 35.40 -6.78
N ILE G 214 -59.73 35.92 -6.60
CA ILE G 214 -60.85 35.48 -7.41
C ILE G 214 -60.78 36.05 -8.82
N ARG G 215 -60.11 37.18 -9.00
CA ARG G 215 -60.03 37.77 -10.34
C ARG G 215 -59.29 36.86 -11.30
N ARG G 216 -58.20 36.23 -10.85
CA ARG G 216 -57.45 35.34 -11.73
C ARG G 216 -58.29 34.16 -12.17
N ASN G 217 -59.08 33.59 -11.26
CA ASN G 217 -59.90 32.43 -11.61
C ASN G 217 -60.88 32.77 -12.73
N PHE G 218 -61.50 33.94 -12.66
CA PHE G 218 -62.40 34.36 -13.73
C PHE G 218 -61.65 34.52 -15.05
N GLU G 219 -60.39 34.95 -14.99
CA GLU G 219 -59.60 35.06 -16.21
C GLU G 219 -59.16 33.68 -16.70
N LEU G 220 -58.76 32.79 -15.80
CA LEU G 220 -58.35 31.45 -16.21
C LEU G 220 -59.50 30.71 -16.86
N MET G 221 -60.72 30.88 -16.34
CA MET G 221 -61.87 30.24 -16.96
C MET G 221 -62.03 30.67 -18.41
N GLU G 222 -61.67 31.92 -18.73
CA GLU G 222 -61.79 32.40 -20.10
C GLU G 222 -60.70 31.84 -20.99
N ALA G 223 -59.50 31.67 -20.46
CA ALA G 223 -58.43 31.07 -21.25
C ALA G 223 -58.81 29.68 -21.72
N GLU G 224 -59.59 28.94 -20.92
CA GLU G 224 -60.04 27.62 -21.35
C GLU G 224 -60.96 27.71 -22.56
N LYS G 225 -61.83 28.73 -22.59
CA LYS G 225 -62.74 28.86 -23.72
C LYS G 225 -62.00 29.07 -25.02
N THR G 226 -60.90 29.82 -24.99
CA THR G 226 -60.07 29.99 -26.18
C THR G 226 -59.21 28.76 -26.45
N LYS G 227 -58.77 28.07 -25.40
CA LYS G 227 -57.97 26.86 -25.59
C LYS G 227 -58.76 25.80 -26.36
N LEU G 228 -60.08 25.78 -26.20
CA LEU G 228 -60.90 24.86 -26.97
C LEU G 228 -60.82 25.19 -28.47
N LEU G 229 -60.81 26.48 -28.80
CA LEU G 229 -60.72 26.88 -30.20
C LEU G 229 -59.38 26.47 -30.81
N ILE G 230 -58.30 26.60 -30.04
CA ILE G 230 -56.98 26.22 -30.55
C ILE G 230 -56.95 24.74 -30.89
N ALA G 231 -57.55 23.91 -30.03
CA ALA G 231 -57.58 22.48 -30.27
C ALA G 231 -58.39 22.13 -31.51
N ALA G 232 -59.45 22.87 -31.80
CA ALA G 232 -60.26 22.62 -32.98
C ALA G 232 -59.49 22.81 -34.27
N GLN G 233 -58.36 23.51 -34.24
CA GLN G 233 -57.48 23.68 -35.39
C GLN G 233 -56.27 22.78 -35.33
N LYS G 234 -55.73 22.54 -34.14
CA LYS G 234 -54.70 21.52 -33.99
C LYS G 234 -55.20 20.17 -34.47
N GLN G 235 -56.51 19.92 -34.33
CA GLN G 235 -57.08 18.68 -34.84
C GLN G 235 -56.84 18.55 -36.34
N LYS G 236 -57.19 19.60 -37.10
CA LYS G 236 -56.99 19.56 -38.54
C LYS G 236 -55.51 19.46 -38.89
N VAL G 237 -54.66 20.16 -38.15
CA VAL G 237 -53.23 20.13 -38.44
C VAL G 237 -52.70 18.71 -38.28
N VAL G 238 -53.01 18.06 -37.15
CA VAL G 238 -52.50 16.71 -36.93
C VAL G 238 -53.14 15.72 -37.90
N GLU G 239 -54.41 15.94 -38.27
CA GLU G 239 -55.02 15.08 -39.29
C GLU G 239 -54.26 15.16 -40.59
N LYS G 240 -53.90 16.37 -41.02
CA LYS G 240 -53.15 16.52 -42.27
C LYS G 240 -51.78 15.89 -42.17
N GLU G 241 -51.11 16.05 -41.02
CA GLU G 241 -49.80 15.42 -40.85
C GLU G 241 -49.90 13.90 -40.91
N ALA G 242 -50.93 13.34 -40.27
CA ALA G 242 -51.12 11.89 -40.31
C ALA G 242 -51.42 11.40 -41.72
N GLU G 243 -52.23 12.16 -42.46
CA GLU G 243 -52.49 11.79 -43.84
C GLU G 243 -51.23 11.84 -44.69
N THR G 244 -50.38 12.83 -44.46
CA THR G 244 -49.10 12.89 -45.18
C THR G 244 -48.24 11.67 -44.85
N GLU G 245 -48.20 11.29 -43.58
CA GLU G 245 -47.45 10.09 -43.21
C GLU G 245 -48.02 8.86 -43.89
N ARG G 246 -49.35 8.77 -43.96
CA ARG G 246 -49.97 7.64 -44.64
C ARG G 246 -49.58 7.59 -46.11
N LYS G 247 -49.59 8.74 -46.78
CA LYS G 247 -49.22 8.77 -48.20
C LYS G 247 -47.77 8.35 -48.39
N LYS G 248 -46.88 8.84 -47.54
CA LYS G 248 -45.48 8.44 -47.65
C LYS G 248 -45.32 6.93 -47.44
N ALA G 249 -46.02 6.37 -46.45
CA ALA G 249 -45.93 4.94 -46.21
C ALA G 249 -46.46 4.14 -47.40
N VAL G 250 -47.55 4.60 -48.01
CA VAL G 250 -48.10 3.90 -49.17
C VAL G 250 -47.11 3.95 -50.32
N ILE G 251 -46.46 5.10 -50.53
CA ILE G 251 -45.48 5.19 -51.61
C ILE G 251 -44.32 4.23 -51.34
N GLU G 252 -43.88 4.14 -50.09
CA GLU G 252 -42.79 3.23 -49.77
C GLU G 252 -43.21 1.78 -50.01
N ALA G 253 -44.46 1.45 -49.67
CA ALA G 253 -44.95 0.09 -49.91
C ALA G 253 -44.97 -0.22 -51.40
N GLU G 254 -45.42 0.72 -52.23
CA GLU G 254 -45.43 0.49 -53.67
C GLU G 254 -44.02 0.33 -54.20
N LYS G 255 -43.07 1.11 -53.68
CA LYS G 255 -41.67 0.95 -54.06
C LYS G 255 -41.19 -0.47 -53.73
N ILE G 256 -41.53 -0.94 -52.54
CA ILE G 256 -41.12 -2.29 -52.14
C ILE G 256 -41.72 -3.32 -53.08
N ALA G 257 -42.99 -3.17 -53.42
CA ALA G 257 -43.63 -4.13 -54.32
C ALA G 257 -42.93 -4.16 -55.68
N GLN G 258 -42.60 -2.98 -56.22
CA GLN G 258 -42.00 -2.95 -57.56
C GLN G 258 -40.59 -3.52 -57.55
N VAL G 259 -39.78 -3.16 -56.54
CA VAL G 259 -38.44 -3.72 -56.46
C VAL G 259 -38.52 -5.23 -56.26
N ALA G 260 -39.50 -5.70 -55.49
CA ALA G 260 -39.69 -7.14 -55.34
C ALA G 260 -40.03 -7.80 -56.66
N LYS G 261 -40.88 -7.17 -57.47
CA LYS G 261 -41.19 -7.73 -58.78
C LYS G 261 -39.95 -7.87 -59.63
N ILE G 262 -39.10 -6.84 -59.63
CA ILE G 262 -37.85 -6.93 -60.40
C ILE G 262 -36.97 -8.05 -59.86
N ARG G 263 -36.86 -8.14 -58.53
CA ARG G 263 -36.02 -9.16 -57.92
C ARG G 263 -36.51 -10.55 -58.31
N PHE G 264 -37.82 -10.76 -58.34
CA PHE G 264 -38.33 -12.09 -58.65
C PHE G 264 -38.24 -12.43 -60.13
N GLN G 265 -38.34 -11.45 -61.02
CA GLN G 265 -37.97 -11.70 -62.41
C GLN G 265 -36.52 -12.18 -62.48
N GLN G 266 -35.64 -11.50 -61.76
CA GLN G 266 -34.25 -11.94 -61.71
C GLN G 266 -34.15 -13.36 -61.19
N LYS G 267 -34.94 -13.69 -60.16
CA LYS G 267 -34.90 -15.03 -59.58
C LYS G 267 -35.28 -16.09 -60.61
N VAL G 268 -36.31 -15.82 -61.40
CA VAL G 268 -36.71 -16.77 -62.44
C VAL G 268 -35.57 -16.95 -63.44
N MET G 269 -34.92 -15.85 -63.82
CA MET G 269 -33.79 -15.97 -64.74
C MET G 269 -32.66 -16.79 -64.13
N GLU G 270 -32.36 -16.55 -62.85
CA GLU G 270 -31.32 -17.31 -62.17
C GLU G 270 -31.66 -18.79 -62.15
N LYS G 271 -32.93 -19.13 -61.94
CA LYS G 271 -33.31 -20.53 -61.89
C LYS G 271 -33.24 -21.18 -63.27
N GLU G 272 -33.56 -20.43 -64.33
CA GLU G 272 -33.37 -20.97 -65.67
C GLU G 272 -31.90 -21.28 -65.93
N THR G 273 -31.01 -20.35 -65.56
CA THR G 273 -29.58 -20.61 -65.74
C THR G 273 -29.14 -21.76 -64.85
N GLU G 274 -29.74 -21.91 -63.67
CA GLU G 274 -29.42 -23.04 -62.81
C GLU G 274 -29.82 -24.35 -63.45
N LYS G 275 -30.97 -24.38 -64.14
CA LYS G 275 -31.37 -25.57 -64.87
C LYS G 275 -30.38 -25.91 -65.97
N ARG G 276 -29.92 -24.89 -66.70
CA ARG G 276 -28.90 -25.15 -67.72
C ARG G 276 -27.61 -25.69 -67.10
N ILE G 277 -27.20 -25.11 -65.99
CA ILE G 277 -26.01 -25.57 -65.28
C ILE G 277 -26.18 -27.02 -64.84
N SER G 278 -27.37 -27.36 -64.35
CA SER G 278 -27.63 -28.73 -63.92
C SER G 278 -27.63 -29.69 -65.10
N GLU G 279 -28.10 -29.26 -66.26
CA GLU G 279 -28.01 -30.10 -67.45
C GLU G 279 -26.54 -30.36 -67.80
N ILE G 280 -25.70 -29.33 -67.72
CA ILE G 280 -24.28 -29.54 -67.97
C ILE G 280 -23.68 -30.47 -66.92
N GLU G 281 -24.10 -30.34 -65.67
CA GLU G 281 -23.62 -31.23 -64.62
C GLU G 281 -24.01 -32.67 -64.91
N ASP G 282 -25.23 -32.89 -65.37
CA ASP G 282 -25.65 -34.24 -65.71
C ASP G 282 -24.82 -34.79 -66.87
N ALA G 283 -24.57 -33.96 -67.88
CA ALA G 283 -23.78 -34.43 -69.01
C ALA G 283 -22.38 -34.83 -68.58
N ALA G 284 -21.76 -34.04 -67.71
CA ALA G 284 -20.41 -34.35 -67.26
C ALA G 284 -20.40 -35.55 -66.32
N PHE G 285 -21.35 -35.59 -65.39
CA PHE G 285 -21.40 -36.66 -64.40
C PHE G 285 -21.67 -38.01 -65.04
N LEU G 286 -22.58 -38.06 -66.02
CA LEU G 286 -22.87 -39.31 -66.69
C LEU G 286 -21.60 -39.86 -67.35
N ALA G 287 -20.82 -38.99 -68.00
CA ALA G 287 -19.58 -39.43 -68.60
C ALA G 287 -18.58 -39.89 -67.55
N ARG G 288 -18.53 -39.18 -66.42
CA ARG G 288 -17.59 -39.57 -65.36
C ARG G 288 -17.93 -40.95 -64.81
N GLU G 289 -19.22 -41.23 -64.61
CA GLU G 289 -19.60 -42.53 -64.07
C GLU G 289 -19.37 -43.65 -65.07
N LYS G 290 -19.57 -43.39 -66.36
CA LYS G 290 -19.22 -44.39 -67.37
C LYS G 290 -17.73 -44.68 -67.35
N ALA G 291 -16.90 -43.63 -67.23
CA ALA G 291 -15.46 -43.85 -67.13
C ALA G 291 -15.12 -44.58 -65.84
N LYS G 292 -15.80 -44.25 -64.74
CA LYS G 292 -15.57 -44.94 -63.48
C LYS G 292 -15.93 -46.41 -63.59
N ALA G 293 -17.06 -46.73 -64.23
CA ALA G 293 -17.47 -48.12 -64.37
C ALA G 293 -16.50 -48.90 -65.24
N ASP G 294 -16.05 -48.30 -66.35
CA ASP G 294 -15.12 -49.00 -67.23
C ASP G 294 -13.81 -49.30 -66.51
N ALA G 295 -13.31 -48.35 -65.73
CA ALA G 295 -12.08 -48.59 -64.97
C ALA G 295 -12.27 -49.71 -63.96
N GLU G 296 -13.40 -49.71 -63.25
CA GLU G 296 -13.68 -50.79 -62.30
C GLU G 296 -13.89 -52.11 -63.03
N TYR G 297 -14.54 -52.08 -64.18
CA TYR G 297 -14.74 -53.30 -64.96
C TYR G 297 -13.41 -53.88 -65.42
N TYR G 298 -12.49 -53.02 -65.88
CA TYR G 298 -11.19 -53.50 -66.31
C TYR G 298 -10.41 -54.10 -65.15
N ALA G 299 -10.49 -53.46 -63.97
CA ALA G 299 -9.78 -54.00 -62.81
C ALA G 299 -10.33 -55.37 -62.44
N ALA G 300 -11.65 -55.54 -62.49
CA ALA G 300 -12.24 -56.83 -62.13
C ALA G 300 -11.80 -57.92 -63.10
N HIS G 301 -11.74 -57.61 -64.39
CA HIS G 301 -11.25 -58.59 -65.36
C HIS G 301 -9.80 -58.97 -65.08
N LYS G 302 -8.98 -57.98 -64.74
CA LYS G 302 -7.59 -58.27 -64.41
C LYS G 302 -7.49 -59.10 -63.13
N TYR G 303 -8.34 -58.81 -62.14
CA TYR G 303 -8.33 -59.60 -60.93
C TYR G 303 -8.99 -60.96 -61.15
N ALA G 304 -9.91 -61.06 -62.11
CA ALA G 304 -10.51 -62.35 -62.42
C ALA G 304 -9.50 -63.27 -63.07
N THR G 305 -8.74 -62.77 -64.05
CA THR G 305 -7.74 -63.59 -64.70
C THR G 305 -6.55 -63.85 -63.79
N SER G 306 -6.23 -62.90 -62.91
CA SER G 306 -5.15 -63.12 -61.95
C SER G 306 -5.49 -64.25 -60.99
N ASN G 307 -6.73 -64.31 -60.53
CA ASN G 307 -7.13 -65.31 -59.55
C ASN G 307 -7.20 -66.71 -60.12
N LYS G 308 -7.09 -66.88 -61.43
CA LYS G 308 -6.98 -68.22 -61.99
C LYS G 308 -5.66 -68.88 -61.64
N HIS G 309 -4.67 -68.08 -61.23
CA HIS G 309 -3.37 -68.59 -60.79
C HIS G 309 -3.12 -68.40 -59.31
N LYS G 310 -3.66 -67.34 -58.72
CA LYS G 310 -3.38 -66.99 -57.34
C LYS G 310 -4.24 -67.75 -56.33
N LEU G 311 -5.31 -68.40 -56.77
CA LEU G 311 -6.26 -69.04 -55.88
C LEU G 311 -6.10 -70.55 -55.88
N THR G 312 -4.86 -71.04 -55.90
CA THR G 312 -4.62 -72.46 -55.76
C THR G 312 -5.08 -72.93 -54.39
N PRO G 313 -5.37 -74.24 -54.24
CA PRO G 313 -5.84 -74.74 -52.95
C PRO G 313 -4.90 -74.41 -51.80
N GLU G 314 -3.59 -74.43 -52.04
CA GLU G 314 -2.65 -74.10 -50.96
C GLU G 314 -2.84 -72.67 -50.49
N TYR G 315 -2.92 -71.72 -51.42
CA TYR G 315 -3.14 -70.34 -51.05
C TYR G 315 -4.48 -70.16 -50.35
N LEU G 316 -5.52 -70.82 -50.86
CA LEU G 316 -6.84 -70.70 -50.24
C LEU G 316 -6.81 -71.21 -48.80
N GLU G 317 -6.16 -72.36 -48.57
CA GLU G 317 -6.14 -72.91 -47.22
C GLU G 317 -5.27 -72.07 -46.29
N LEU G 318 -4.18 -71.48 -46.81
CA LEU G 318 -3.40 -70.59 -45.97
C LEU G 318 -4.21 -69.36 -45.58
N LYS G 319 -4.96 -68.80 -46.52
CA LYS G 319 -5.82 -67.66 -46.19
C LYS G 319 -6.88 -68.05 -45.16
N LYS G 320 -7.45 -69.24 -45.31
CA LYS G 320 -8.42 -69.71 -44.32
C LYS G 320 -7.77 -69.85 -42.95
N TYR G 321 -6.55 -70.39 -42.91
CA TYR G 321 -5.82 -70.49 -41.64
C TYR G 321 -5.71 -69.12 -40.98
N GLN G 322 -5.22 -68.13 -41.74
CA GLN G 322 -5.02 -66.81 -41.17
C GLN G 322 -6.34 -66.22 -40.69
N ALA G 323 -7.39 -66.34 -41.49
CA ALA G 323 -8.68 -65.76 -41.13
C ALA G 323 -9.24 -66.39 -39.87
N ILE G 324 -9.22 -67.73 -39.80
CA ILE G 324 -9.77 -68.42 -38.64
C ILE G 324 -8.97 -68.09 -37.39
N ALA G 325 -7.64 -68.08 -37.49
CA ALA G 325 -6.81 -67.86 -36.32
C ALA G 325 -6.70 -66.40 -35.92
N SER G 326 -7.12 -65.46 -36.78
CA SER G 326 -6.99 -64.05 -36.46
C SER G 326 -8.02 -63.63 -35.42
N ASN G 327 -7.55 -63.02 -34.33
CA ASN G 327 -8.41 -62.43 -33.32
C ASN G 327 -9.40 -63.45 -32.76
N SER G 328 -8.85 -64.48 -32.13
CA SER G 328 -9.66 -65.53 -31.53
C SER G 328 -9.03 -65.97 -30.22
N LYS G 329 -9.89 -66.34 -29.27
CA LYS G 329 -9.47 -66.87 -27.98
C LYS G 329 -9.68 -68.38 -28.00
N ILE G 330 -8.66 -69.12 -27.59
CA ILE G 330 -8.64 -70.58 -27.74
C ILE G 330 -8.77 -71.21 -26.36
N TYR G 331 -9.81 -72.02 -26.19
CA TYR G 331 -9.99 -72.86 -25.01
C TYR G 331 -9.83 -74.31 -25.49
N PHE G 332 -8.60 -74.79 -25.50
CA PHE G 332 -8.29 -76.12 -25.99
C PHE G 332 -7.82 -76.99 -24.85
N GLY G 333 -8.22 -78.26 -24.88
CA GLY G 333 -7.87 -79.20 -23.84
C GLY G 333 -8.87 -80.33 -23.72
N SER G 334 -8.39 -81.53 -23.44
CA SER G 334 -9.29 -82.67 -23.34
C SER G 334 -10.27 -82.50 -22.18
N ASN G 335 -9.79 -82.04 -21.04
CA ASN G 335 -10.62 -81.90 -19.85
C ASN G 335 -11.19 -80.48 -19.73
N ILE G 336 -11.82 -80.00 -20.78
CA ILE G 336 -12.38 -78.65 -20.78
C ILE G 336 -13.72 -78.67 -20.05
N PRO G 337 -13.97 -77.75 -19.13
CA PRO G 337 -15.26 -77.76 -18.42
C PRO G 337 -16.42 -77.43 -19.34
N ASN G 338 -17.60 -77.91 -18.96
CA ASN G 338 -18.82 -77.72 -19.73
C ASN G 338 -19.59 -76.47 -19.33
N MET G 339 -18.99 -75.61 -18.51
CA MET G 339 -19.64 -74.39 -18.05
C MET G 339 -18.69 -73.22 -18.24
N PHE G 340 -19.28 -72.04 -18.46
CA PHE G 340 -18.49 -70.83 -18.69
C PHE G 340 -19.42 -69.63 -18.67
N VAL G 341 -18.95 -68.53 -18.08
CA VAL G 341 -19.71 -67.31 -17.93
C VAL G 341 -18.93 -66.18 -18.59
N ASP G 342 -19.60 -65.41 -19.44
CA ASP G 342 -18.95 -64.29 -20.11
C ASP G 342 -19.24 -62.98 -19.39
N SER H 18 -70.84 99.29 -23.67
CA SER H 18 -72.18 98.72 -23.56
C SER H 18 -72.52 97.90 -24.80
N LEU H 19 -72.38 98.52 -25.96
CA LEU H 19 -72.71 97.82 -27.20
C LEU H 19 -71.80 96.62 -27.44
N PHE H 20 -70.57 96.68 -26.95
CA PHE H 20 -69.66 95.54 -27.12
C PHE H 20 -70.20 94.31 -26.40
N SER H 21 -70.82 94.51 -25.23
CA SER H 21 -71.46 93.39 -24.55
C SER H 21 -72.81 93.05 -25.18
N ALA H 22 -73.54 94.06 -25.66
CA ALA H 22 -74.85 93.82 -26.23
C ALA H 22 -74.80 93.02 -27.53
N VAL H 23 -73.72 93.16 -28.30
CA VAL H 23 -73.60 92.51 -29.60
C VAL H 23 -72.87 91.19 -29.41
N HIS H 24 -73.44 90.13 -29.99
CA HIS H 24 -72.85 88.79 -29.88
C HIS H 24 -73.20 88.00 -31.14
N LYS H 25 -72.40 86.96 -31.39
CA LYS H 25 -72.61 86.06 -32.51
C LYS H 25 -73.14 84.72 -32.01
N ILE H 26 -73.90 84.05 -32.86
CA ILE H 26 -74.51 82.77 -32.51
C ILE H 26 -73.93 81.61 -33.32
N GLU H 27 -73.30 81.86 -34.46
CA GLU H 27 -72.75 80.81 -35.31
C GLU H 27 -73.87 80.01 -35.97
N GLU H 28 -73.55 79.32 -37.07
CA GLU H 28 -74.53 78.53 -37.78
C GLU H 28 -74.73 77.18 -37.09
N GLY H 29 -75.91 76.60 -37.30
CA GLY H 29 -76.23 75.35 -36.64
C GLY H 29 -76.22 75.46 -35.13
N HIS H 30 -76.74 76.58 -34.62
CA HIS H 30 -76.76 76.82 -33.17
C HIS H 30 -78.03 77.56 -32.83
N ILE H 31 -78.36 77.54 -31.54
CA ILE H 31 -79.45 78.33 -30.99
C ILE H 31 -78.96 78.99 -29.72
N GLY H 32 -79.29 80.27 -29.56
CA GLY H 32 -78.89 81.01 -28.37
C GLY H 32 -79.96 80.95 -27.31
N VAL H 33 -79.52 80.74 -26.06
CA VAL H 33 -80.39 80.74 -24.90
C VAL H 33 -79.89 81.82 -23.95
N TYR H 34 -80.80 82.69 -23.52
CA TYR H 34 -80.44 83.88 -22.76
C TYR H 34 -80.91 83.74 -21.31
N TYR H 35 -80.04 84.14 -20.39
CA TYR H 35 -80.31 84.11 -18.96
C TYR H 35 -80.33 85.54 -18.44
N ARG H 36 -81.49 85.99 -17.98
CA ARG H 36 -81.63 87.32 -17.39
C ARG H 36 -81.28 87.25 -15.92
N GLY H 37 -79.98 87.18 -15.66
CA GLY H 37 -79.49 87.14 -14.29
C GLY H 37 -79.91 85.88 -13.54
N GLY H 38 -79.76 84.72 -14.17
CA GLY H 38 -80.05 83.45 -13.58
C GLY H 38 -81.34 82.81 -14.05
N ALA H 39 -82.26 83.59 -14.58
CA ALA H 39 -83.51 83.06 -15.12
C ALA H 39 -83.43 83.01 -16.64
N LEU H 40 -83.91 81.91 -17.20
CA LEU H 40 -83.85 81.66 -18.63
C LEU H 40 -85.08 82.26 -19.30
N LEU H 41 -84.85 83.12 -20.30
CA LEU H 41 -85.94 83.77 -21.00
C LEU H 41 -86.65 82.79 -21.92
N THR H 42 -87.89 83.14 -22.29
CA THR H 42 -88.73 82.26 -23.09
C THR H 42 -88.50 82.40 -24.59
N SER H 43 -87.64 83.32 -25.02
CA SER H 43 -87.42 83.57 -26.44
C SER H 43 -86.02 83.11 -26.84
N THR H 44 -85.94 82.26 -27.85
CA THR H 44 -84.68 81.77 -28.38
C THR H 44 -84.32 82.53 -29.66
N SER H 45 -83.02 82.62 -29.93
CA SER H 45 -82.49 83.39 -31.04
C SER H 45 -81.90 82.44 -32.09
N GLY H 46 -82.22 82.70 -33.35
CA GLY H 46 -81.65 81.95 -34.44
C GLY H 46 -80.22 82.37 -34.71
N PRO H 47 -79.54 81.66 -35.61
CA PRO H 47 -78.14 81.99 -35.88
C PRO H 47 -78.00 83.34 -36.55
N GLY H 48 -76.88 84.00 -36.26
CA GLY H 48 -76.59 85.29 -36.86
C GLY H 48 -76.23 86.35 -35.83
N PHE H 49 -76.67 87.58 -36.09
CA PHE H 49 -76.43 88.70 -35.18
C PHE H 49 -77.66 88.93 -34.33
N HIS H 50 -77.44 89.25 -33.05
CA HIS H 50 -78.54 89.48 -32.12
C HIS H 50 -78.04 90.35 -30.98
N LEU H 51 -78.99 90.89 -30.23
CA LEU H 51 -78.72 91.82 -29.14
C LEU H 51 -79.32 91.30 -27.84
N MET H 52 -78.77 91.79 -26.73
CA MET H 52 -79.28 91.48 -25.40
C MET H 52 -78.90 92.62 -24.47
N LEU H 53 -79.59 92.68 -23.34
CA LEU H 53 -79.36 93.77 -22.39
C LEU H 53 -77.97 93.58 -21.76
N PRO H 54 -77.08 94.55 -21.87
CA PRO H 54 -75.71 94.34 -21.40
C PRO H 54 -75.62 94.12 -19.89
N PHE H 55 -74.66 93.29 -19.50
CA PHE H 55 -74.26 93.09 -18.11
C PHE H 55 -75.33 92.41 -17.28
N ILE H 56 -76.51 92.18 -17.85
CA ILE H 56 -77.64 91.67 -17.06
C ILE H 56 -78.17 90.39 -17.70
N THR H 57 -77.97 90.24 -19.01
CA THR H 57 -78.48 89.10 -19.76
C THR H 57 -77.30 88.38 -20.41
N SER H 58 -76.94 87.22 -19.89
CA SER H 58 -75.91 86.39 -20.49
C SER H 58 -76.52 85.48 -21.54
N TYR H 59 -75.67 84.85 -22.33
CA TYR H 59 -76.13 83.97 -23.39
C TYR H 59 -75.24 82.73 -23.47
N LYS H 60 -75.81 81.65 -23.97
CA LYS H 60 -75.07 80.43 -24.25
C LYS H 60 -75.59 79.84 -25.55
N SER H 61 -74.67 79.35 -26.38
CA SER H 61 -75.02 78.78 -27.68
C SER H 61 -75.01 77.26 -27.59
N VAL H 62 -76.11 76.64 -27.98
CA VAL H 62 -76.27 75.19 -27.96
C VAL H 62 -76.44 74.71 -29.38
N GLN H 63 -75.65 73.71 -29.77
CA GLN H 63 -75.63 73.24 -31.15
C GLN H 63 -76.86 72.37 -31.41
N THR H 64 -77.64 72.74 -32.42
CA THR H 64 -78.86 72.03 -32.76
C THR H 64 -78.66 71.05 -33.91
N THR H 65 -77.44 70.89 -34.42
CA THR H 65 -77.15 70.02 -35.54
C THR H 65 -76.38 68.79 -35.06
N LEU H 66 -76.15 67.87 -35.99
CA LEU H 66 -75.45 66.63 -35.67
C LEU H 66 -74.08 66.93 -35.08
N GLN H 67 -73.78 66.29 -33.95
CA GLN H 67 -72.50 66.49 -33.28
C GLN H 67 -72.11 65.19 -32.59
N THR H 68 -70.80 64.98 -32.47
CA THR H 68 -70.25 63.73 -31.97
C THR H 68 -69.34 64.00 -30.78
N ASP H 69 -69.45 63.17 -29.75
CA ASP H 69 -68.52 63.22 -28.63
C ASP H 69 -68.39 61.83 -28.04
N GLU H 70 -67.27 61.59 -27.37
CA GLU H 70 -66.88 60.23 -27.02
C GLU H 70 -66.51 60.13 -25.54
N VAL H 71 -66.50 58.89 -25.06
CA VAL H 71 -66.02 58.54 -23.72
C VAL H 71 -64.98 57.45 -23.87
N LYS H 72 -63.90 57.56 -23.08
CA LYS H 72 -62.72 56.74 -23.26
C LYS H 72 -62.57 55.74 -22.11
N ASN H 73 -61.91 54.61 -22.41
CA ASN H 73 -61.56 53.60 -21.41
C ASN H 73 -62.79 53.18 -20.61
N VAL H 74 -63.82 52.73 -21.32
CA VAL H 74 -65.05 52.29 -20.69
C VAL H 74 -64.89 50.84 -20.25
N PRO H 75 -65.01 50.51 -18.97
CA PRO H 75 -64.95 49.11 -18.56
C PRO H 75 -66.17 48.34 -19.01
N CYS H 76 -66.00 47.03 -19.15
CA CYS H 76 -67.08 46.13 -19.55
C CYS H 76 -66.81 44.77 -18.93
N GLY H 77 -67.63 44.37 -17.97
CA GLY H 77 -67.49 43.07 -17.37
C GLY H 77 -68.31 42.03 -18.10
N THR H 78 -67.66 41.17 -18.87
CA THR H 78 -68.37 40.20 -19.67
C THR H 78 -69.04 39.16 -18.80
N SER H 79 -69.96 38.40 -19.41
CA SER H 79 -70.69 37.38 -18.67
C SER H 79 -69.75 36.33 -18.08
N GLY H 80 -68.54 36.20 -18.61
CA GLY H 80 -67.55 35.31 -18.06
C GLY H 80 -66.79 35.86 -16.88
N GLY H 81 -67.08 37.09 -16.47
CA GLY H 81 -66.43 37.69 -15.33
C GLY H 81 -65.11 38.38 -15.63
N VAL H 82 -64.67 38.38 -16.87
CA VAL H 82 -63.43 39.05 -17.24
C VAL H 82 -63.78 40.46 -17.72
N MET H 83 -62.88 41.41 -17.42
CA MET H 83 -63.11 42.81 -17.73
C MET H 83 -62.34 43.20 -18.98
N ILE H 84 -63.05 43.79 -19.94
CA ILE H 84 -62.47 44.28 -21.18
C ILE H 84 -62.81 45.76 -21.30
N TYR H 85 -61.84 46.56 -21.71
CA TYR H 85 -61.98 48.02 -21.73
C TYR H 85 -62.12 48.49 -23.17
N PHE H 86 -63.27 49.09 -23.49
CA PHE H 86 -63.44 49.76 -24.77
C PHE H 86 -62.60 51.03 -24.78
N ASP H 87 -61.70 51.15 -25.76
CA ASP H 87 -60.81 52.30 -25.78
C ASP H 87 -61.55 53.60 -26.04
N ARG H 88 -62.63 53.55 -26.81
CA ARG H 88 -63.34 54.77 -27.16
C ARG H 88 -64.72 54.43 -27.70
N ILE H 89 -65.74 55.04 -27.11
CA ILE H 89 -67.12 54.91 -27.58
C ILE H 89 -67.61 56.30 -27.92
N GLU H 90 -67.92 56.53 -29.20
CA GLU H 90 -68.40 57.80 -29.69
C GLU H 90 -69.90 57.74 -29.89
N VAL H 91 -70.59 58.80 -29.49
CA VAL H 91 -72.02 58.95 -29.70
C VAL H 91 -72.24 60.21 -30.53
N VAL H 92 -73.06 60.08 -31.57
CA VAL H 92 -73.41 61.17 -32.46
C VAL H 92 -74.90 61.42 -32.31
N ASN H 93 -75.26 62.67 -32.03
CA ASN H 93 -76.64 63.02 -31.68
C ASN H 93 -76.96 64.41 -32.23
N PHE H 94 -78.26 64.69 -32.33
CA PHE H 94 -78.72 65.99 -32.78
C PHE H 94 -80.00 66.34 -32.04
N LEU H 95 -80.58 67.49 -32.37
CA LEU H 95 -81.77 67.99 -31.70
C LEU H 95 -82.77 68.51 -32.72
N VAL H 96 -84.04 68.38 -32.39
CA VAL H 96 -85.07 69.14 -33.09
C VAL H 96 -84.95 70.60 -32.69
N PRO H 97 -84.94 71.55 -33.63
CA PRO H 97 -84.67 72.94 -33.24
C PRO H 97 -85.65 73.50 -32.22
N ASN H 98 -86.92 73.09 -32.28
CA ASN H 98 -87.92 73.67 -31.38
C ASN H 98 -87.63 73.32 -29.93
N ALA H 99 -87.27 72.06 -29.66
CA ALA H 99 -87.14 71.57 -28.30
C ALA H 99 -85.89 72.05 -27.59
N VAL H 100 -85.11 72.95 -28.20
CA VAL H 100 -83.88 73.43 -27.57
C VAL H 100 -84.20 74.13 -26.26
N TYR H 101 -85.20 75.01 -26.27
CA TYR H 101 -85.54 75.75 -25.07
C TYR H 101 -85.96 74.81 -23.95
N ASP H 102 -86.83 73.85 -24.26
CA ASP H 102 -87.31 72.92 -23.24
C ASP H 102 -86.16 72.09 -22.68
N ILE H 103 -85.30 71.57 -23.56
CA ILE H 103 -84.21 70.72 -23.10
C ILE H 103 -83.24 71.52 -22.23
N VAL H 104 -82.90 72.74 -22.64
CA VAL H 104 -81.95 73.53 -21.86
C VAL H 104 -82.56 73.93 -20.53
N LYS H 105 -83.86 74.25 -20.51
CA LYS H 105 -84.52 74.56 -19.25
C LYS H 105 -84.52 73.36 -18.33
N ASN H 106 -84.74 72.17 -18.88
CA ASN H 106 -84.86 70.97 -18.04
C ASN H 106 -83.50 70.51 -17.51
N TYR H 107 -82.47 70.55 -18.35
CA TYR H 107 -81.18 69.95 -18.00
C TYR H 107 -80.03 70.90 -18.32
N THR H 108 -80.22 72.19 -18.09
CA THR H 108 -79.16 73.18 -18.26
C THR H 108 -78.56 73.12 -19.67
N ALA H 109 -77.47 73.86 -19.88
CA ALA H 109 -76.81 73.86 -21.18
C ALA H 109 -76.03 72.57 -21.39
N ASP H 110 -75.36 72.07 -20.34
CA ASP H 110 -74.55 70.87 -20.46
C ASP H 110 -75.41 69.63 -20.30
N TYR H 111 -76.49 69.54 -21.07
CA TYR H 111 -77.35 68.37 -21.01
C TYR H 111 -76.70 67.14 -21.63
N ASP H 112 -75.80 67.34 -22.59
CA ASP H 112 -75.17 66.22 -23.28
C ASP H 112 -74.55 65.26 -22.28
N LYS H 113 -73.73 65.79 -21.37
CA LYS H 113 -73.07 64.95 -20.39
C LYS H 113 -74.07 64.10 -19.63
N ALA H 114 -74.96 64.75 -18.89
CA ALA H 114 -75.85 64.04 -17.97
C ALA H 114 -76.77 63.07 -18.71
N LEU H 115 -77.16 63.40 -19.95
CA LEU H 115 -78.16 62.59 -20.63
C LEU H 115 -77.57 61.51 -21.52
N ILE H 116 -76.28 61.55 -21.85
CA ILE H 116 -75.71 60.52 -22.71
C ILE H 116 -74.51 59.89 -22.02
N PHE H 117 -73.52 60.69 -21.65
CA PHE H 117 -72.20 60.19 -21.33
C PHE H 117 -72.05 59.79 -19.87
N ASN H 118 -73.06 60.05 -19.04
CA ASN H 118 -73.09 59.47 -17.72
C ASN H 118 -73.77 58.11 -17.72
N LYS H 119 -74.64 57.86 -18.70
CA LYS H 119 -75.34 56.60 -18.83
C LYS H 119 -74.63 55.62 -19.77
N ILE H 120 -73.68 56.10 -20.57
CA ILE H 120 -73.01 55.21 -21.53
C ILE H 120 -72.41 54.01 -20.81
N HIS H 121 -71.65 54.26 -19.75
CA HIS H 121 -70.91 53.18 -19.11
C HIS H 121 -71.86 52.19 -18.45
N HIS H 122 -72.91 52.66 -17.79
CA HIS H 122 -73.85 51.74 -17.16
C HIS H 122 -74.60 50.91 -18.20
N GLU H 123 -75.04 51.55 -19.29
CA GLU H 123 -75.75 50.81 -20.32
C GLU H 123 -74.84 49.76 -20.95
N LEU H 124 -73.57 50.12 -21.17
CA LEU H 124 -72.64 49.17 -21.77
C LEU H 124 -72.34 48.02 -20.81
N ASN H 125 -72.24 48.30 -19.51
CA ASN H 125 -72.06 47.23 -18.55
C ASN H 125 -73.27 46.29 -18.52
N GLN H 126 -74.47 46.87 -18.58
CA GLN H 126 -75.68 46.05 -18.64
C GLN H 126 -75.67 45.16 -19.87
N PHE H 127 -75.27 45.71 -21.02
CA PHE H 127 -75.19 44.92 -22.24
C PHE H 127 -74.15 43.81 -22.11
N CYS H 128 -72.98 44.13 -21.54
CA CYS H 128 -71.90 43.16 -21.43
C CYS H 128 -72.29 42.01 -20.51
N SER H 129 -72.96 42.31 -19.40
CA SER H 129 -73.22 41.27 -18.39
C SER H 129 -74.02 40.11 -18.94
N VAL H 130 -74.74 40.31 -20.05
CA VAL H 130 -75.54 39.23 -20.62
C VAL H 130 -74.81 38.46 -21.71
N HIS H 131 -73.72 38.99 -22.25
CA HIS H 131 -73.02 38.38 -23.39
C HIS H 131 -71.61 38.00 -22.97
N THR H 132 -71.18 36.83 -23.42
CA THR H 132 -69.83 36.34 -23.11
C THR H 132 -68.79 37.16 -23.87
N LEU H 133 -67.53 36.88 -23.55
CA LEU H 133 -66.44 37.64 -24.16
C LEU H 133 -66.39 37.45 -25.67
N GLN H 134 -66.61 36.21 -26.13
CA GLN H 134 -66.58 35.96 -27.56
C GLN H 134 -67.64 36.77 -28.29
N GLU H 135 -68.87 36.80 -27.76
CA GLU H 135 -69.93 37.52 -28.44
C GLU H 135 -69.62 39.01 -28.54
N VAL H 136 -69.11 39.60 -27.46
CA VAL H 136 -68.82 41.03 -27.48
C VAL H 136 -67.65 41.33 -28.39
N TYR H 137 -66.60 40.50 -28.34
CA TYR H 137 -65.37 40.80 -29.05
C TYR H 137 -65.48 40.50 -30.54
N ILE H 138 -66.23 39.48 -30.94
CA ILE H 138 -66.24 39.03 -32.33
C ILE H 138 -67.64 39.03 -32.92
N GLU H 139 -68.52 38.20 -32.36
CA GLU H 139 -69.79 37.90 -33.04
C GLU H 139 -70.79 39.04 -32.90
N LEU H 140 -71.18 39.38 -31.68
CA LEU H 140 -72.17 40.43 -31.45
C LEU H 140 -71.57 41.82 -31.50
N PHE H 141 -70.35 41.98 -32.03
CA PHE H 141 -69.73 43.29 -32.07
C PHE H 141 -70.55 44.27 -32.91
N ASP H 142 -71.06 43.81 -34.06
CA ASP H 142 -71.84 44.71 -34.92
C ASP H 142 -73.19 45.07 -34.32
N GLN H 143 -73.60 44.43 -33.23
CA GLN H 143 -74.86 44.73 -32.58
C GLN H 143 -74.70 45.61 -31.35
N ILE H 144 -73.48 45.85 -30.91
CA ILE H 144 -73.27 46.71 -29.73
C ILE H 144 -73.81 48.10 -29.99
N ASP H 145 -73.54 48.63 -31.18
CA ASP H 145 -73.99 49.98 -31.51
C ASP H 145 -75.50 50.07 -31.49
N GLU H 146 -76.18 49.11 -32.12
CA GLU H 146 -77.62 49.11 -32.13
C GLU H 146 -78.19 49.00 -30.72
N ASN H 147 -77.62 48.12 -29.91
CA ASN H 147 -78.14 47.94 -28.56
C ASN H 147 -77.98 49.21 -27.73
N LEU H 148 -76.79 49.82 -27.78
CA LEU H 148 -76.58 51.05 -27.03
C LEU H 148 -77.48 52.16 -27.52
N LYS H 149 -77.63 52.30 -28.84
CA LYS H 149 -78.48 53.34 -29.39
C LYS H 149 -79.93 53.15 -28.94
N LEU H 150 -80.43 51.92 -28.99
CA LEU H 150 -81.79 51.65 -28.54
C LEU H 150 -81.94 51.94 -27.05
N ALA H 151 -80.96 51.53 -26.25
CA ALA H 151 -81.06 51.74 -24.81
C ALA H 151 -81.12 53.23 -24.49
N LEU H 152 -80.32 54.05 -25.19
CA LEU H 152 -80.33 55.48 -24.92
C LEU H 152 -81.61 56.12 -25.44
N GLN H 153 -82.04 55.76 -26.64
CA GLN H 153 -83.18 56.45 -27.26
C GLN H 153 -84.49 56.08 -26.58
N GLN H 154 -84.64 54.83 -26.15
CA GLN H 154 -85.89 54.42 -25.50
C GLN H 154 -86.13 55.25 -24.24
N ASP H 155 -85.07 55.71 -23.59
CA ASP H 155 -85.21 56.56 -22.42
C ASP H 155 -85.35 58.03 -22.80
N LEU H 156 -84.55 58.50 -23.77
CA LEU H 156 -84.60 59.91 -24.13
C LEU H 156 -85.94 60.29 -24.72
N THR H 157 -86.60 59.37 -25.45
CA THR H 157 -87.85 59.71 -26.10
C THR H 157 -88.89 60.21 -25.11
N SER H 158 -88.77 59.82 -23.85
CA SER H 158 -89.67 60.29 -22.79
C SER H 158 -89.02 61.30 -21.88
N MET H 159 -87.74 61.13 -21.53
CA MET H 159 -87.10 62.05 -20.60
C MET H 159 -86.88 63.42 -21.24
N ALA H 160 -86.34 63.44 -22.46
CA ALA H 160 -86.01 64.68 -23.16
C ALA H 160 -86.49 64.58 -24.61
N PRO H 161 -87.80 64.64 -24.83
CA PRO H 161 -88.31 64.56 -26.20
C PRO H 161 -87.72 65.65 -27.10
N GLY H 162 -86.94 65.25 -28.09
CA GLY H 162 -86.31 66.19 -28.99
C GLY H 162 -84.86 65.85 -29.26
N LEU H 163 -84.17 65.31 -28.26
CA LEU H 163 -82.79 64.87 -28.43
C LEU H 163 -82.78 63.49 -29.07
N VAL H 164 -82.06 63.36 -30.18
CA VAL H 164 -82.04 62.13 -30.97
C VAL H 164 -80.61 61.62 -31.02
N ILE H 165 -80.43 60.34 -30.65
CA ILE H 165 -79.14 59.68 -30.75
C ILE H 165 -79.09 59.05 -32.15
N GLN H 166 -78.39 59.72 -33.06
CA GLN H 166 -78.39 59.25 -34.44
C GLN H 166 -77.47 58.04 -34.62
N ALA H 167 -76.33 58.00 -33.93
CA ALA H 167 -75.40 56.90 -34.18
C ALA H 167 -74.50 56.68 -32.97
N VAL H 168 -73.89 55.50 -32.94
CA VAL H 168 -72.90 55.13 -31.94
C VAL H 168 -71.81 54.31 -32.62
N ARG H 169 -70.57 54.46 -32.17
CA ARG H 169 -69.43 53.77 -32.76
C ARG H 169 -68.46 53.40 -31.65
N VAL H 170 -68.18 52.12 -31.49
CA VAL H 170 -67.36 51.61 -30.39
C VAL H 170 -66.10 50.98 -30.97
N THR H 171 -64.98 51.20 -30.29
CA THR H 171 -63.76 50.51 -30.68
C THR H 171 -63.80 49.06 -30.20
N LYS H 172 -62.89 48.26 -30.72
CA LYS H 172 -62.78 46.87 -30.29
C LYS H 172 -62.21 46.81 -28.88
N PRO H 173 -62.80 46.06 -27.96
CA PRO H 173 -62.32 46.07 -26.58
C PRO H 173 -60.89 45.56 -26.46
N ASN H 174 -60.27 45.87 -25.33
CA ASN H 174 -58.91 45.44 -25.02
C ASN H 174 -59.00 44.23 -24.09
N ILE H 175 -58.91 43.04 -24.67
CA ILE H 175 -58.97 41.80 -23.89
C ILE H 175 -57.67 41.66 -23.10
N PRO H 176 -57.65 40.87 -22.03
CA PRO H 176 -56.42 40.72 -21.25
C PRO H 176 -55.29 40.13 -22.09
N GLU H 177 -54.07 40.27 -21.58
CA GLU H 177 -52.90 39.79 -22.31
C GLU H 177 -52.96 38.28 -22.49
N ALA H 178 -53.37 37.54 -21.46
CA ALA H 178 -53.38 36.09 -21.54
C ALA H 178 -54.32 35.60 -22.63
N ILE H 179 -55.49 36.21 -22.76
CA ILE H 179 -56.47 35.78 -23.75
C ILE H 179 -56.09 36.24 -25.15
N ARG H 180 -55.26 37.27 -25.29
CA ARG H 180 -54.86 37.73 -26.61
C ARG H 180 -53.95 36.71 -27.29
N ARG H 181 -52.99 36.15 -26.53
CA ARG H 181 -52.07 35.19 -27.12
C ARG H 181 -52.82 33.97 -27.66
N ASN H 182 -53.79 33.46 -26.90
CA ASN H 182 -54.54 32.30 -27.34
C ASN H 182 -55.28 32.56 -28.65
N TYR H 183 -55.52 33.82 -28.98
CA TYR H 183 -56.15 34.14 -30.26
C TYR H 183 -55.14 34.16 -31.40
N GLU H 184 -53.89 34.54 -31.11
CA GLU H 184 -52.84 34.44 -32.12
C GLU H 184 -52.49 32.98 -32.39
N LEU H 185 -52.40 32.17 -31.33
CA LEU H 185 -52.10 30.75 -31.52
C LEU H 185 -53.20 30.07 -32.33
N MET H 186 -54.45 30.40 -32.05
CA MET H 186 -55.54 29.84 -32.84
C MET H 186 -55.42 30.20 -34.31
N GLU H 187 -54.73 31.30 -34.63
CA GLU H 187 -54.50 31.68 -36.02
C GLU H 187 -53.24 31.05 -36.59
N SER H 188 -52.25 30.76 -35.76
CA SER H 188 -51.08 30.03 -36.25
C SER H 188 -51.47 28.64 -36.74
N GLU H 189 -52.35 27.95 -36.01
CA GLU H 189 -52.81 26.65 -36.47
C GLU H 189 -53.52 26.75 -37.81
N LYS H 190 -54.21 27.86 -38.06
CA LYS H 190 -54.88 28.03 -39.35
C LYS H 190 -53.88 28.04 -40.49
N THR H 191 -52.74 28.69 -40.29
CA THR H 191 -51.70 28.73 -41.32
C THR H 191 -50.79 27.51 -41.26
N LYS H 192 -50.57 26.94 -40.08
CA LYS H 192 -49.76 25.73 -39.98
C LYS H 192 -50.40 24.58 -40.74
N LEU H 193 -51.73 24.59 -40.86
CA LEU H 193 -52.39 23.60 -41.71
C LEU H 193 -51.97 23.76 -43.16
N LEU H 194 -51.85 25.01 -43.63
CA LEU H 194 -51.48 25.24 -45.02
C LEU H 194 -50.04 24.84 -45.28
N ILE H 195 -49.15 24.98 -44.30
CA ILE H 195 -47.78 24.53 -44.46
C ILE H 195 -47.73 23.03 -44.64
N ALA H 196 -48.59 22.30 -43.90
CA ALA H 196 -48.65 20.85 -44.02
C ALA H 196 -49.10 20.40 -45.40
N ALA H 197 -50.04 21.12 -46.01
CA ALA H 197 -50.52 20.75 -47.33
C ALA H 197 -49.45 20.84 -48.40
N GLN H 198 -48.35 21.56 -48.14
CA GLN H 198 -47.22 21.63 -49.06
C GLN H 198 -46.08 20.71 -48.65
N LYS H 199 -45.85 20.56 -47.34
CA LYS H 199 -44.94 19.51 -46.89
C LYS H 199 -45.40 18.15 -47.39
N GLN H 200 -46.71 17.97 -47.56
CA GLN H 200 -47.22 16.73 -48.11
C GLN H 200 -46.65 16.47 -49.51
N LYS H 201 -46.74 17.47 -50.38
CA LYS H 201 -46.24 17.30 -51.75
C LYS H 201 -44.73 17.13 -51.76
N VAL H 202 -44.02 17.86 -50.91
CA VAL H 202 -42.57 17.71 -50.85
C VAL H 202 -42.20 16.29 -50.43
N VAL H 203 -42.88 15.76 -49.41
CA VAL H 203 -42.60 14.42 -48.94
C VAL H 203 -42.94 13.40 -50.02
N GLU H 204 -44.05 13.62 -50.74
CA GLU H 204 -44.41 12.72 -51.83
C GLU H 204 -43.32 12.69 -52.89
N LYS H 205 -42.80 13.86 -53.27
CA LYS H 205 -41.76 13.90 -54.30
C LYS H 205 -40.49 13.22 -53.81
N GLU H 206 -40.11 13.44 -52.55
CA GLU H 206 -38.91 12.78 -52.04
C GLU H 206 -39.08 11.26 -52.01
N ALA H 207 -40.26 10.78 -51.60
CA ALA H 207 -40.52 9.35 -51.60
C ALA H 207 -40.47 8.78 -53.01
N GLU H 208 -41.02 9.51 -53.99
CA GLU H 208 -40.97 9.05 -55.37
C GLU H 208 -39.54 8.98 -55.87
N THR H 209 -38.72 9.96 -55.49
CA THR H 209 -37.31 9.93 -55.87
C THR H 209 -36.61 8.71 -55.27
N GLU H 210 -36.90 8.42 -54.01
CA GLU H 210 -36.32 7.24 -53.38
C GLU H 210 -36.76 5.98 -54.12
N ARG H 211 -38.04 5.91 -54.51
CA ARG H 211 -38.52 4.75 -55.25
C ARG H 211 -37.79 4.60 -56.57
N LYS H 212 -37.60 5.70 -57.30
CA LYS H 212 -36.92 5.63 -58.58
C LYS H 212 -35.47 5.15 -58.41
N LYS H 213 -34.79 5.67 -57.39
CA LYS H 213 -33.43 5.20 -57.12
C LYS H 213 -33.42 3.72 -56.78
N ALA H 214 -34.38 3.26 -55.98
CA ALA H 214 -34.43 1.84 -55.63
C ALA H 214 -34.65 0.98 -56.87
N LEU H 215 -35.54 1.42 -57.77
CA LEU H 215 -35.79 0.66 -58.99
C LEU H 215 -34.55 0.60 -59.87
N ILE H 216 -33.82 1.72 -59.98
CA ILE H 216 -32.59 1.70 -60.77
C ILE H 216 -31.57 0.75 -60.16
N GLU H 217 -31.46 0.75 -58.84
CA GLU H 217 -30.54 -0.18 -58.18
C GLU H 217 -30.95 -1.61 -58.42
N ALA H 218 -32.26 -1.90 -58.38
CA ALA H 218 -32.72 -3.26 -58.64
C ALA H 218 -32.39 -3.69 -60.07
N GLU H 219 -32.57 -2.79 -61.04
CA GLU H 219 -32.21 -3.12 -62.41
C GLU H 219 -30.71 -3.37 -62.53
N LYS H 220 -29.89 -2.55 -61.85
CA LYS H 220 -28.46 -2.77 -61.82
C LYS H 220 -28.15 -4.18 -61.33
N VAL H 221 -28.76 -4.57 -60.21
CA VAL H 221 -28.51 -5.88 -59.65
C VAL H 221 -28.93 -6.98 -60.61
N ALA H 222 -30.09 -6.80 -61.26
CA ALA H 222 -30.56 -7.82 -62.18
C ALA H 222 -29.59 -8.02 -63.34
N GLN H 223 -29.10 -6.92 -63.93
CA GLN H 223 -28.20 -7.06 -65.07
C GLN H 223 -26.85 -7.62 -64.64
N VAL H 224 -26.35 -7.20 -63.49
CA VAL H 224 -25.10 -7.76 -62.98
C VAL H 224 -25.25 -9.25 -62.76
N ALA H 225 -26.40 -9.67 -62.20
CA ALA H 225 -26.63 -11.09 -61.99
C ALA H 225 -26.71 -11.84 -63.30
N GLU H 226 -27.33 -11.25 -64.32
CA GLU H 226 -27.39 -11.89 -65.62
C GLU H 226 -25.98 -12.16 -66.17
N ILE H 227 -25.11 -11.14 -66.09
CA ILE H 227 -23.74 -11.33 -66.56
C ILE H 227 -23.03 -12.39 -65.73
N THR H 228 -23.21 -12.34 -64.42
CA THR H 228 -22.54 -13.29 -63.53
C THR H 228 -22.96 -14.72 -63.86
N TYR H 229 -24.24 -14.94 -64.13
CA TYR H 229 -24.72 -16.28 -64.40
C TYR H 229 -24.37 -16.76 -65.81
N GLY H 230 -24.29 -15.87 -66.79
CA GLY H 230 -23.67 -16.26 -68.05
C GLY H 230 -22.25 -16.75 -67.84
N GLN H 231 -21.48 -16.02 -67.03
CA GLN H 231 -20.13 -16.45 -66.73
C GLN H 231 -20.13 -17.78 -65.98
N LYS H 232 -21.11 -18.01 -65.10
CA LYS H 232 -21.18 -19.28 -64.39
C LYS H 232 -21.45 -20.43 -65.35
N VAL H 233 -22.32 -20.22 -66.34
CA VAL H 233 -22.54 -21.26 -67.35
C VAL H 233 -21.25 -21.55 -68.09
N MET H 234 -20.51 -20.51 -68.44
CA MET H 234 -19.21 -20.73 -69.08
C MET H 234 -18.28 -21.53 -68.17
N GLU H 235 -18.25 -21.19 -66.88
CA GLU H 235 -17.40 -21.89 -65.93
C GLU H 235 -17.75 -23.36 -65.89
N LYS H 236 -19.04 -23.69 -65.87
CA LYS H 236 -19.43 -25.08 -65.75
C LYS H 236 -19.22 -25.85 -67.05
N GLU H 237 -19.33 -25.19 -68.21
CA GLU H 237 -18.94 -25.86 -69.44
C GLU H 237 -17.45 -26.18 -69.45
N THR H 238 -16.62 -25.24 -68.99
CA THR H 238 -15.19 -25.53 -68.89
C THR H 238 -14.92 -26.64 -67.88
N GLU H 239 -15.70 -26.68 -66.80
CA GLU H 239 -15.53 -27.75 -65.83
C GLU H 239 -15.93 -29.10 -66.41
N LYS H 240 -16.94 -29.12 -67.27
CA LYS H 240 -17.28 -30.34 -67.98
C LYS H 240 -16.12 -30.79 -68.87
N LYS H 241 -15.49 -29.84 -69.57
CA LYS H 241 -14.31 -30.18 -70.36
C LYS H 241 -13.20 -30.74 -69.48
N ILE H 242 -13.00 -30.13 -68.32
CA ILE H 242 -11.95 -30.58 -67.40
C ILE H 242 -12.24 -32.00 -66.93
N SER H 243 -13.50 -32.29 -66.60
CA SER H 243 -13.87 -33.64 -66.18
C SER H 243 -13.66 -34.64 -67.32
N GLU H 244 -13.99 -34.24 -68.54
CA GLU H 244 -13.78 -35.13 -69.68
C GLU H 244 -12.31 -35.45 -69.86
N ILE H 245 -11.43 -34.46 -69.70
CA ILE H 245 -9.99 -34.70 -69.85
C ILE H 245 -9.35 -35.29 -68.62
N GLU H 246 -10.04 -35.29 -67.48
CA GLU H 246 -9.54 -35.94 -66.28
C GLU H 246 -9.98 -37.39 -66.19
N ASP H 247 -11.10 -37.75 -66.82
CA ASP H 247 -11.49 -39.16 -66.88
C ASP H 247 -10.44 -39.97 -67.62
N ALA H 248 -9.90 -39.43 -68.71
CA ALA H 248 -8.85 -40.13 -69.44
C ALA H 248 -7.63 -40.37 -68.56
N ALA H 249 -7.26 -39.37 -67.75
CA ALA H 249 -6.16 -39.55 -66.82
C ALA H 249 -6.49 -40.62 -65.78
N PHE H 250 -7.72 -40.60 -65.27
CA PHE H 250 -8.14 -41.59 -64.28
C PHE H 250 -8.28 -42.96 -64.92
N LEU H 251 -8.88 -43.03 -66.11
CA LEU H 251 -9.03 -44.32 -66.79
C LEU H 251 -7.68 -44.95 -67.06
N ALA H 252 -6.72 -44.15 -67.53
CA ALA H 252 -5.39 -44.67 -67.81
C ALA H 252 -4.62 -44.99 -66.55
N ARG H 253 -4.94 -44.32 -65.44
CA ARG H 253 -4.25 -44.61 -64.18
C ARG H 253 -4.73 -45.93 -63.58
N GLU H 254 -6.04 -46.21 -63.66
CA GLU H 254 -6.54 -47.48 -63.15
C GLU H 254 -6.07 -48.64 -64.00
N LYS H 255 -5.91 -48.43 -65.31
CA LYS H 255 -5.32 -49.47 -66.15
C LYS H 255 -3.89 -49.78 -65.72
N ALA H 256 -3.11 -48.74 -65.39
CA ALA H 256 -1.78 -48.96 -64.88
C ALA H 256 -1.81 -49.67 -63.54
N LYS H 257 -2.74 -49.28 -62.66
CA LYS H 257 -2.86 -49.95 -61.37
C LYS H 257 -3.29 -51.40 -61.54
N ALA H 258 -4.23 -51.67 -62.44
CA ALA H 258 -4.67 -53.03 -62.66
C ALA H 258 -3.55 -53.90 -63.20
N ASP H 259 -2.81 -53.38 -64.19
CA ASP H 259 -1.69 -54.15 -64.73
C ASP H 259 -0.60 -54.35 -63.69
N ALA H 260 -0.31 -53.32 -62.90
CA ALA H 260 0.71 -53.45 -61.87
C ALA H 260 0.31 -54.50 -60.84
N GLU H 261 -0.96 -54.49 -60.43
CA GLU H 261 -1.45 -55.53 -59.52
C GLU H 261 -1.63 -56.86 -60.23
N CYS H 262 -2.01 -56.84 -61.51
CA CYS H 262 -2.11 -58.09 -62.26
C CYS H 262 -0.75 -58.77 -62.36
N TYR H 263 0.30 -58.01 -62.68
CA TYR H 263 1.63 -58.59 -62.78
C TYR H 263 2.09 -59.11 -61.42
N THR H 264 1.82 -58.37 -60.35
CA THR H 264 2.24 -58.80 -59.03
C THR H 264 1.58 -60.12 -58.64
N ALA H 265 0.36 -60.37 -59.12
CA ALA H 265 -0.33 -61.59 -58.76
C ALA H 265 0.29 -62.81 -59.44
N MET H 266 0.61 -62.71 -60.72
CA MET H 266 1.30 -63.82 -61.38
C MET H 266 2.66 -64.07 -60.75
N LYS H 267 3.41 -63.01 -60.46
CA LYS H 267 4.72 -63.19 -59.84
C LYS H 267 4.60 -63.70 -58.42
N ILE H 268 3.44 -63.54 -57.78
CA ILE H 268 3.20 -64.20 -56.51
C ILE H 268 2.68 -65.62 -56.73
N ALA H 269 2.02 -65.87 -57.86
CA ALA H 269 1.54 -67.23 -58.15
C ALA H 269 2.72 -68.19 -58.27
N GLU H 270 3.60 -67.97 -59.25
CA GLU H 270 4.73 -68.85 -59.43
C GLU H 270 5.70 -68.80 -58.26
N ALA H 271 5.62 -67.76 -57.43
CA ALA H 271 6.40 -67.75 -56.20
C ALA H 271 5.81 -68.68 -55.15
N ASN H 272 4.49 -68.87 -55.17
CA ASN H 272 3.83 -69.79 -54.28
C ASN H 272 3.73 -71.20 -54.83
N LYS H 273 4.11 -71.41 -56.09
CA LYS H 273 4.09 -72.76 -56.64
C LYS H 273 5.18 -73.65 -56.06
N LEU H 274 6.15 -73.07 -55.36
CA LEU H 274 7.19 -73.87 -54.72
C LEU H 274 7.52 -73.37 -53.31
N LYS H 275 6.82 -72.36 -52.81
CA LYS H 275 6.96 -71.94 -51.42
C LYS H 275 5.87 -72.49 -50.52
N LEU H 276 4.67 -72.70 -51.05
CA LEU H 276 3.57 -73.23 -50.25
C LEU H 276 3.59 -74.76 -50.28
N THR H 277 4.68 -75.31 -49.74
CA THR H 277 4.78 -76.74 -49.51
C THR H 277 4.03 -77.11 -48.23
N PRO H 278 3.70 -78.39 -48.06
CA PRO H 278 3.00 -78.78 -46.82
C PRO H 278 3.77 -78.42 -45.56
N GLU H 279 5.10 -78.49 -45.59
CA GLU H 279 5.87 -78.11 -44.41
C GLU H 279 5.66 -76.65 -44.07
N TYR H 280 5.75 -75.77 -45.07
CA TYR H 280 5.55 -74.34 -44.81
C TYR H 280 4.12 -74.06 -44.40
N LEU H 281 3.14 -74.77 -44.98
CA LEU H 281 1.76 -74.57 -44.59
C LEU H 281 1.54 -74.96 -43.12
N GLN H 282 2.13 -76.08 -42.70
CA GLN H 282 2.03 -76.47 -41.30
C GLN H 282 2.69 -75.45 -40.39
N LEU H 283 3.87 -74.95 -40.79
CA LEU H 283 4.56 -73.95 -39.99
C LEU H 283 3.70 -72.70 -39.84
N MET H 284 3.10 -72.24 -40.94
CA MET H 284 2.25 -71.06 -40.86
C MET H 284 1.02 -71.32 -40.01
N LYS H 285 0.44 -72.52 -40.11
CA LYS H 285 -0.71 -72.86 -39.27
C LYS H 285 -0.34 -72.71 -37.80
N TYR H 286 0.78 -73.29 -37.39
CA TYR H 286 1.16 -73.21 -35.98
C TYR H 286 1.69 -71.83 -35.59
N LYS H 287 2.12 -71.02 -36.56
CA LYS H 287 2.55 -69.67 -36.26
C LYS H 287 1.38 -68.70 -36.12
N ALA H 288 0.26 -68.99 -36.75
CA ALA H 288 -0.90 -68.10 -36.71
C ALA H 288 -1.57 -68.06 -35.35
N ILE H 289 -1.23 -68.97 -34.44
CA ILE H 289 -1.87 -69.07 -33.13
C ILE H 289 -0.96 -68.62 -32.01
N ALA H 290 0.29 -68.23 -32.31
CA ALA H 290 1.22 -67.88 -31.25
C ALA H 290 0.72 -66.69 -30.44
N SER H 291 0.16 -65.68 -31.12
CA SER H 291 -0.24 -64.45 -30.44
C SER H 291 -1.59 -64.57 -29.75
N ASN H 292 -2.37 -65.60 -30.02
CA ASN H 292 -3.69 -65.72 -29.43
C ASN H 292 -3.58 -65.96 -27.92
N SER H 293 -4.68 -65.72 -27.23
CA SER H 293 -4.76 -65.93 -25.79
C SER H 293 -5.34 -67.32 -25.57
N LYS H 294 -4.49 -68.27 -25.19
CA LYS H 294 -4.90 -69.64 -24.99
C LYS H 294 -5.29 -69.89 -23.54
N ILE H 295 -6.17 -70.86 -23.34
CA ILE H 295 -6.48 -71.40 -22.02
C ILE H 295 -6.49 -72.91 -22.14
N TYR H 296 -5.78 -73.60 -21.26
CA TYR H 296 -5.57 -75.04 -21.37
C TYR H 296 -6.19 -75.76 -20.18
N PHE H 297 -7.01 -76.76 -20.47
CA PHE H 297 -7.54 -77.69 -19.47
C PHE H 297 -7.14 -79.10 -19.89
N GLY H 298 -6.10 -79.65 -19.25
CA GLY H 298 -5.59 -80.95 -19.64
C GLY H 298 -5.16 -81.77 -18.44
N LYS H 299 -4.87 -83.04 -18.70
CA LYS H 299 -4.40 -83.94 -17.66
C LYS H 299 -3.05 -83.50 -17.13
N ASP H 300 -2.15 -83.09 -18.02
CA ASP H 300 -0.80 -82.71 -17.65
C ASP H 300 -0.22 -81.82 -18.74
N ILE H 301 1.04 -81.46 -18.58
CA ILE H 301 1.73 -80.55 -19.50
C ILE H 301 2.17 -81.30 -20.76
N PRO H 302 2.76 -82.49 -20.65
CA PRO H 302 3.30 -83.14 -21.85
C PRO H 302 2.29 -83.30 -22.98
N ASN H 303 1.04 -83.63 -22.67
CA ASN H 303 0.02 -83.83 -23.68
C ASN H 303 -0.66 -82.53 -24.10
N MET H 304 -0.08 -81.38 -23.73
CA MET H 304 -0.60 -80.10 -24.19
C MET H 304 -0.24 -79.83 -25.64
N PHE H 305 0.78 -80.49 -26.16
CA PHE H 305 1.25 -80.29 -27.53
C PHE H 305 0.82 -81.42 -28.46
N MET H 306 1.09 -82.66 -28.10
CA MET H 306 0.71 -83.78 -28.94
C MET H 306 -0.80 -83.79 -29.15
N ASP H 307 -1.21 -84.12 -30.38
CA ASP H 307 -2.62 -84.11 -30.74
C ASP H 307 -2.91 -85.10 -31.86
N VAL I 52 -57.07 98.67 -48.20
CA VAL I 52 -57.06 97.61 -47.19
C VAL I 52 -58.46 97.03 -47.03
N LEU I 53 -59.44 97.91 -46.85
CA LEU I 53 -60.82 97.45 -46.66
C LEU I 53 -61.32 96.71 -47.89
N LEU I 54 -61.13 97.29 -49.07
CA LEU I 54 -61.53 96.60 -50.30
C LEU I 54 -60.60 95.45 -50.62
N TYR I 55 -59.34 95.54 -50.18
CA TYR I 55 -58.42 94.41 -50.34
C TYR I 55 -58.95 93.18 -49.61
N ALA I 56 -59.49 93.37 -48.40
CA ALA I 56 -60.13 92.28 -47.70
C ALA I 56 -61.49 91.94 -48.31
N SER I 57 -62.20 92.94 -48.85
CA SER I 57 -63.50 92.68 -49.45
C SER I 57 -63.39 91.70 -50.61
N ILE I 58 -62.40 91.89 -51.47
CA ILE I 58 -62.21 91.05 -52.64
C ILE I 58 -61.38 89.83 -52.24
N HIS I 59 -61.88 88.64 -52.57
CA HIS I 59 -61.25 87.38 -52.19
C HIS I 59 -61.13 86.49 -53.42
N LYS I 60 -60.48 85.34 -53.23
CA LYS I 60 -60.13 84.44 -54.31
C LYS I 60 -60.79 83.09 -54.08
N ILE I 61 -61.47 82.57 -55.10
CA ILE I 61 -62.10 81.26 -55.06
C ILE I 61 -61.47 80.42 -56.16
N GLU I 62 -60.86 79.30 -55.77
CA GLU I 62 -60.13 78.48 -56.72
C GLU I 62 -61.10 77.73 -57.64
N GLU I 63 -60.55 77.13 -58.69
CA GLU I 63 -61.35 76.33 -59.60
C GLU I 63 -61.78 75.03 -58.91
N GLY I 64 -62.92 74.51 -59.33
CA GLY I 64 -63.47 73.33 -58.70
C GLY I 64 -63.77 73.52 -57.23
N HIS I 65 -64.20 74.73 -56.87
CA HIS I 65 -64.54 75.05 -55.49
C HIS I 65 -65.82 75.87 -55.48
N LEU I 66 -66.48 75.90 -54.32
CA LEU I 66 -67.60 76.80 -54.09
C LEU I 66 -67.35 77.57 -52.81
N ALA I 67 -67.90 78.78 -52.75
CA ALA I 67 -67.71 79.67 -51.62
C ALA I 67 -68.95 79.68 -50.75
N VAL I 68 -68.75 79.55 -49.44
CA VAL I 68 -69.82 79.63 -48.46
C VAL I 68 -69.50 80.79 -47.53
N TYR I 69 -70.47 81.68 -47.34
CA TYR I 69 -70.25 82.94 -46.66
C TYR I 69 -70.97 82.94 -45.31
N TYR I 70 -70.28 83.41 -44.29
CA TYR I 70 -70.83 83.54 -42.94
C TYR I 70 -70.90 85.03 -42.58
N ARG I 71 -72.12 85.54 -42.40
CA ARG I 71 -72.35 86.90 -41.94
C ARG I 71 -72.87 86.83 -40.51
N GLY I 72 -71.99 87.12 -39.55
CA GLY I 72 -72.38 87.09 -38.15
C GLY I 72 -72.67 85.71 -37.63
N GLY I 73 -72.07 84.68 -38.21
CA GLY I 73 -72.28 83.32 -37.79
C GLY I 73 -73.29 82.54 -38.61
N ALA I 74 -74.21 83.22 -39.30
CA ALA I 74 -75.19 82.54 -40.13
C ALA I 74 -74.52 82.12 -41.45
N LEU I 75 -75.30 81.48 -42.32
CA LEU I 75 -74.83 81.05 -43.63
C LEU I 75 -75.77 81.63 -44.68
N LEU I 76 -75.24 82.46 -45.56
CA LEU I 76 -76.07 83.14 -46.55
C LEU I 76 -76.40 82.22 -47.70
N THR I 77 -77.63 82.33 -48.20
CA THR I 77 -78.08 81.53 -49.34
C THR I 77 -77.49 82.06 -50.64
N SER I 78 -76.17 81.97 -50.79
CA SER I 78 -75.52 82.48 -51.99
C SER I 78 -74.18 81.77 -52.20
N PRO I 79 -74.18 80.56 -52.77
CA PRO I 79 -72.90 79.91 -53.10
C PRO I 79 -72.30 80.52 -54.36
N SER I 80 -71.09 81.05 -54.23
CA SER I 80 -70.41 81.75 -55.31
C SER I 80 -69.45 80.82 -56.02
N GLY I 81 -69.62 80.69 -57.33
CA GLY I 81 -68.76 79.84 -58.12
C GLY I 81 -67.32 80.31 -58.10
N PRO I 82 -66.46 79.59 -58.82
CA PRO I 82 -65.05 79.95 -58.86
C PRO I 82 -64.83 81.28 -59.56
N GLY I 83 -63.76 81.97 -59.15
CA GLY I 83 -63.37 83.23 -59.72
C GLY I 83 -63.23 84.29 -58.65
N TYR I 84 -63.25 85.55 -59.09
CA TYR I 84 -63.15 86.69 -58.19
C TYR I 84 -64.53 87.04 -57.65
N HIS I 85 -64.55 87.41 -56.37
CA HIS I 85 -65.81 87.77 -55.71
C HIS I 85 -65.52 88.76 -54.60
N ILE I 86 -66.56 89.50 -54.20
CA ILE I 86 -66.47 90.49 -53.14
C ILE I 86 -67.64 90.31 -52.19
N MET I 87 -67.45 90.79 -50.96
CA MET I 87 -68.51 90.79 -49.97
C MET I 87 -68.13 91.77 -48.86
N LEU I 88 -69.06 92.01 -47.96
CA LEU I 88 -68.86 93.02 -46.93
C LEU I 88 -67.65 92.67 -46.07
N PRO I 89 -66.67 93.56 -45.93
CA PRO I 89 -65.47 93.21 -45.17
C PRO I 89 -65.75 93.09 -43.68
N PHE I 90 -64.96 92.25 -43.02
CA PHE I 90 -64.87 92.18 -41.56
C PHE I 90 -66.16 91.66 -40.93
N ILE I 91 -67.19 91.42 -41.72
CA ILE I 91 -68.46 90.91 -41.21
C ILE I 91 -68.96 89.69 -41.95
N THR I 92 -68.55 89.46 -43.19
CA THR I 92 -68.98 88.31 -43.97
C THR I 92 -67.74 87.53 -44.37
N THR I 93 -67.30 86.61 -43.51
CA THR I 93 -66.18 85.75 -43.83
C THR I 93 -66.60 84.70 -44.85
N PHE I 94 -65.62 84.03 -45.43
CA PHE I 94 -65.89 83.04 -46.47
C PHE I 94 -65.02 81.81 -46.25
N ARG I 95 -65.50 80.69 -46.79
CA ARG I 95 -64.73 79.45 -46.83
C ARG I 95 -64.92 78.80 -48.19
N SER I 96 -63.90 78.05 -48.62
CA SER I 96 -63.91 77.36 -49.90
C SER I 96 -64.07 75.87 -49.65
N VAL I 97 -65.03 75.26 -50.33
CA VAL I 97 -65.31 73.83 -50.22
C VAL I 97 -65.16 73.22 -51.60
N GLN I 98 -64.36 72.16 -51.70
CA GLN I 98 -64.03 71.55 -52.97
C GLN I 98 -65.20 70.70 -53.45
N THR I 99 -65.76 71.07 -54.61
CA THR I 99 -66.89 70.35 -55.19
C THR I 99 -66.46 69.30 -56.21
N THR I 100 -65.17 69.13 -56.43
CA THR I 100 -64.64 68.18 -57.42
C THR I 100 -64.04 66.98 -56.70
N LEU I 101 -63.45 66.09 -57.48
CA LEU I 101 -62.88 64.87 -56.94
C LEU I 101 -61.87 65.21 -55.85
N GLN I 102 -62.06 64.62 -54.67
CA GLN I 102 -61.21 64.86 -53.52
C GLN I 102 -60.78 63.52 -52.93
N THR I 103 -59.57 63.48 -52.38
CA THR I 103 -58.99 62.25 -51.85
C THR I 103 -58.41 62.53 -50.46
N ASP I 104 -58.71 61.65 -49.51
CA ASP I 104 -58.10 61.76 -48.20
C ASP I 104 -58.04 60.39 -47.54
N GLU I 105 -57.09 60.23 -46.62
CA GLU I 105 -56.76 58.91 -46.09
C GLU I 105 -56.81 58.91 -44.57
N VAL I 106 -57.03 57.72 -44.02
CA VAL I 106 -56.95 57.45 -42.59
C VAL I 106 -55.89 56.38 -42.39
N LYS I 107 -55.08 56.54 -41.35
CA LYS I 107 -53.88 55.74 -41.14
C LYS I 107 -54.05 54.81 -39.95
N ASN I 108 -53.46 53.62 -40.06
CA ASN I 108 -53.37 52.66 -38.96
C ASN I 108 -54.76 52.36 -38.37
N VAL I 109 -55.60 51.76 -39.21
CA VAL I 109 -56.95 51.39 -38.82
C VAL I 109 -56.91 49.96 -38.29
N PRO I 110 -57.27 49.71 -37.03
CA PRO I 110 -57.35 48.33 -36.56
C PRO I 110 -58.48 47.58 -37.22
N CYS I 111 -58.32 46.25 -37.30
CA CYS I 111 -59.34 45.37 -37.86
C CYS I 111 -59.31 44.08 -37.05
N GLY I 112 -60.36 43.83 -36.29
CA GLY I 112 -60.44 42.60 -35.53
C GLY I 112 -61.08 41.50 -36.34
N THR I 113 -60.28 40.55 -36.81
CA THR I 113 -60.81 39.51 -37.69
C THR I 113 -61.68 38.55 -36.91
N SER I 114 -62.47 37.76 -37.64
CA SER I 114 -63.35 36.79 -37.00
C SER I 114 -62.57 35.76 -36.19
N GLY I 115 -61.28 35.59 -36.46
CA GLY I 115 -60.44 34.71 -35.68
C GLY I 115 -59.95 35.30 -34.37
N GLY I 116 -60.29 36.56 -34.10
CA GLY I 116 -59.90 37.20 -32.86
C GLY I 116 -58.57 37.92 -32.88
N VAL I 117 -57.83 37.84 -33.98
CA VAL I 117 -56.55 38.53 -34.08
C VAL I 117 -56.77 39.88 -34.73
N MET I 118 -55.90 40.83 -34.38
CA MET I 118 -55.99 42.21 -34.84
C MET I 118 -54.96 42.47 -35.92
N ILE I 119 -55.43 42.95 -37.07
CA ILE I 119 -54.57 43.32 -38.18
C ILE I 119 -54.77 44.80 -38.46
N TYR I 120 -53.67 45.54 -38.60
CA TYR I 120 -53.72 46.98 -38.77
C TYR I 120 -53.54 47.32 -40.25
N ILE I 121 -54.58 47.88 -40.85
CA ILE I 121 -54.49 48.36 -42.22
C ILE I 121 -53.79 49.72 -42.20
N ASP I 122 -52.66 49.81 -42.91
CA ASP I 122 -51.82 51.00 -42.80
C ASP I 122 -52.54 52.25 -43.33
N ARG I 123 -53.20 52.14 -44.48
CA ARG I 123 -53.78 53.31 -45.12
C ARG I 123 -55.08 52.92 -45.80
N ILE I 124 -56.14 53.67 -45.50
CA ILE I 124 -57.42 53.53 -46.18
C ILE I 124 -57.76 54.89 -46.76
N GLU I 125 -57.78 54.99 -48.09
CA GLU I 125 -58.03 56.24 -48.79
C GLU I 125 -59.44 56.23 -49.36
N VAL I 126 -60.15 57.35 -49.18
CA VAL I 126 -61.47 57.54 -49.74
C VAL I 126 -61.41 58.69 -50.73
N VAL I 127 -61.98 58.49 -51.91
CA VAL I 127 -62.08 59.50 -52.94
C VAL I 127 -63.57 59.75 -53.16
N ASN I 128 -63.97 61.02 -53.01
CA ASN I 128 -65.37 61.40 -52.97
C ASN I 128 -65.55 62.68 -53.80
N MET I 129 -66.81 63.11 -53.86
CA MET I 129 -67.18 64.34 -54.56
C MET I 129 -68.59 64.70 -54.10
N LEU I 130 -69.06 65.87 -54.52
CA LEU I 130 -70.41 66.28 -54.19
C LEU I 130 -70.97 67.16 -55.31
N ALA I 131 -72.25 66.97 -55.61
CA ALA I 131 -72.87 67.71 -56.68
C ALA I 131 -72.87 69.20 -56.34
N PRO I 132 -72.73 70.08 -57.35
CA PRO I 132 -72.65 71.51 -57.06
C PRO I 132 -73.91 72.09 -56.44
N TYR I 133 -75.05 71.43 -56.57
CA TYR I 133 -76.30 71.96 -56.05
C TYR I 133 -76.55 71.61 -54.59
N ALA I 134 -75.79 70.69 -54.02
CA ALA I 134 -75.97 70.25 -52.64
C ALA I 134 -74.93 70.83 -51.69
N VAL I 135 -74.03 71.67 -52.17
CA VAL I 135 -72.98 72.22 -51.30
C VAL I 135 -73.58 73.07 -50.20
N PHE I 136 -74.56 73.91 -50.54
CA PHE I 136 -75.20 74.75 -49.53
C PHE I 136 -75.76 73.89 -48.40
N ASP I 137 -76.54 72.87 -48.76
CA ASP I 137 -77.18 72.04 -47.74
C ASP I 137 -76.13 71.29 -46.93
N ILE I 138 -75.11 70.75 -47.57
CA ILE I 138 -74.10 69.98 -46.85
C ILE I 138 -73.38 70.87 -45.85
N VAL I 139 -72.99 72.07 -46.26
CA VAL I 139 -72.26 72.95 -45.36
C VAL I 139 -73.17 73.43 -44.23
N ARG I 140 -74.45 73.67 -44.53
CA ARG I 140 -75.38 74.07 -43.48
C ARG I 140 -75.55 72.97 -42.45
N ASN I 141 -75.74 71.74 -42.91
CA ASN I 141 -76.03 70.64 -42.00
C ASN I 141 -74.80 70.25 -41.18
N TYR I 142 -73.64 70.10 -41.83
CA TYR I 142 -72.47 69.52 -41.20
C TYR I 142 -71.25 70.43 -41.33
N THR I 143 -71.47 71.73 -41.44
CA THR I 143 -70.37 72.69 -41.56
C THR I 143 -69.51 72.36 -42.77
N ALA I 144 -68.41 73.10 -42.95
CA ALA I 144 -67.52 72.82 -44.06
C ALA I 144 -66.67 71.58 -43.82
N ASP I 145 -66.33 71.29 -42.56
CA ASP I 145 -65.55 70.10 -42.24
C ASP I 145 -66.46 68.89 -42.15
N TYR I 146 -67.26 68.67 -43.19
CA TYR I 146 -68.22 67.57 -43.18
C TYR I 146 -67.58 66.22 -43.44
N ASP I 147 -66.39 66.18 -44.05
CA ASP I 147 -65.77 64.91 -44.39
C ASP I 147 -65.45 64.10 -43.14
N LYS I 148 -64.87 64.75 -42.13
CA LYS I 148 -64.53 64.02 -40.91
C LYS I 148 -65.80 63.46 -40.26
N THR I 149 -66.88 64.23 -40.27
CA THR I 149 -68.11 63.77 -39.65
C THR I 149 -68.74 62.62 -40.42
N LEU I 150 -68.68 62.67 -41.76
CA LEU I 150 -69.51 61.79 -42.57
C LEU I 150 -68.77 60.57 -43.12
N ILE I 151 -67.45 60.60 -43.24
CA ILE I 151 -66.73 59.51 -43.87
C ILE I 151 -65.61 59.00 -42.98
N PHE I 152 -64.71 59.88 -42.58
CA PHE I 152 -63.45 59.48 -41.98
C PHE I 152 -63.54 59.24 -40.47
N ASN I 153 -64.70 59.46 -39.88
CA ASN I 153 -64.96 58.99 -38.52
C ASN I 153 -65.69 57.67 -38.49
N LYS I 154 -66.55 57.41 -39.47
CA LYS I 154 -67.26 56.14 -39.59
C LYS I 154 -66.43 55.07 -40.28
N ILE I 155 -65.33 55.44 -40.93
CA ILE I 155 -64.57 54.47 -41.72
C ILE I 155 -64.03 53.35 -40.83
N HIS I 156 -63.47 53.71 -39.68
CA HIS I 156 -62.87 52.69 -38.82
C HIS I 156 -63.93 51.74 -38.28
N HIS I 157 -65.09 52.26 -37.89
CA HIS I 157 -66.14 51.40 -37.36
C HIS I 157 -66.71 50.50 -38.44
N GLU I 158 -66.92 51.03 -39.65
CA GLU I 158 -67.41 50.20 -40.74
C GLU I 158 -66.41 49.10 -41.07
N LEU I 159 -65.11 49.44 -41.06
CA LEU I 159 -64.08 48.45 -41.33
C LEU I 159 -64.11 47.36 -40.26
N ASN I 160 -64.24 47.74 -38.98
CA ASN I 160 -64.30 46.74 -37.93
C ASN I 160 -65.54 45.86 -38.08
N GLN I 161 -66.67 46.46 -38.44
CA GLN I 161 -67.89 45.68 -38.64
C GLN I 161 -67.71 44.66 -39.75
N PHE I 162 -67.05 45.07 -40.84
CA PHE I 162 -66.82 44.12 -41.94
C PHE I 162 -65.82 43.04 -41.55
N CYS I 163 -64.76 43.42 -40.82
CA CYS I 163 -63.74 42.44 -40.43
C CYS I 163 -64.31 41.38 -39.50
N SER I 164 -65.13 41.79 -38.54
CA SER I 164 -65.59 40.86 -37.51
C SER I 164 -66.30 39.65 -38.13
N ALA I 165 -66.90 39.82 -39.30
CA ALA I 165 -67.64 38.74 -39.95
C ALA I 165 -66.79 37.92 -40.90
N HIS I 166 -65.48 38.19 -40.99
CA HIS I 166 -64.61 37.48 -41.91
C HIS I 166 -63.33 37.08 -41.19
N THR I 167 -62.72 35.99 -41.67
CA THR I 167 -61.49 35.48 -41.09
C THR I 167 -60.28 36.25 -41.62
N LEU I 168 -59.11 35.97 -41.04
CA LEU I 168 -57.90 36.65 -41.45
C LEU I 168 -57.56 36.35 -42.91
N GLN I 169 -57.70 35.09 -43.32
CA GLN I 169 -57.43 34.74 -44.71
C GLN I 169 -58.38 35.45 -45.67
N GLU I 170 -59.65 35.53 -45.30
CA GLU I 170 -60.63 36.13 -46.21
C GLU I 170 -60.33 37.60 -46.47
N VAL I 171 -59.95 38.35 -45.44
CA VAL I 171 -59.70 39.77 -45.60
C VAL I 171 -58.27 40.04 -46.06
N TYR I 172 -57.30 39.27 -45.57
CA TYR I 172 -55.91 39.55 -45.90
C TYR I 172 -55.59 39.19 -47.35
N ILE I 173 -56.05 38.02 -47.80
CA ILE I 173 -55.53 37.44 -49.04
C ILE I 173 -56.62 37.16 -50.05
N GLU I 174 -57.84 36.92 -49.58
CA GLU I 174 -58.89 36.39 -50.45
C GLU I 174 -59.93 37.43 -50.88
N LEU I 175 -60.40 38.26 -49.95
CA LEU I 175 -61.40 39.28 -50.25
C LEU I 175 -60.79 40.68 -50.27
N PHE I 176 -59.48 40.76 -50.53
CA PHE I 176 -58.83 42.06 -50.63
C PHE I 176 -59.29 42.84 -51.86
N ASP I 177 -59.94 42.19 -52.81
CA ASP I 177 -60.57 42.89 -53.93
C ASP I 177 -62.02 43.23 -53.64
N GLN I 178 -62.50 42.96 -52.43
CA GLN I 178 -63.86 43.29 -52.02
C GLN I 178 -63.93 44.14 -50.76
N ILE I 179 -62.83 44.29 -50.03
CA ILE I 179 -62.85 45.16 -48.85
C ILE I 179 -63.28 46.56 -49.23
N ASP I 180 -62.64 47.13 -50.25
CA ASP I 180 -62.95 48.49 -50.67
C ASP I 180 -64.37 48.58 -51.20
N GLU I 181 -64.82 47.57 -51.95
CA GLU I 181 -66.18 47.59 -52.46
C GLU I 181 -67.19 47.62 -51.33
N ASN I 182 -66.98 46.78 -50.31
CA ASN I 182 -67.91 46.76 -49.18
C ASN I 182 -67.90 48.08 -48.43
N LEU I 183 -66.71 48.64 -48.18
CA LEU I 183 -66.63 49.90 -47.47
C LEU I 183 -67.35 51.01 -48.23
N LYS I 184 -67.08 51.10 -49.54
CA LYS I 184 -67.72 52.12 -50.36
C LYS I 184 -69.23 51.94 -50.37
N GLN I 185 -69.69 50.70 -50.50
CA GLN I 185 -71.13 50.46 -50.53
C GLN I 185 -71.78 50.89 -49.23
N ALA I 186 -71.18 50.54 -48.09
CA ALA I 186 -71.77 50.91 -46.81
C ALA I 186 -71.80 52.42 -46.63
N LEU I 187 -70.67 53.09 -46.89
CA LEU I 187 -70.63 54.54 -46.70
C LEU I 187 -71.61 55.24 -47.63
N GLN I 188 -71.68 54.81 -48.89
CA GLN I 188 -72.61 55.43 -49.83
C GLN I 188 -74.05 55.16 -49.43
N LYS I 189 -74.34 53.97 -48.90
CA LYS I 189 -75.69 53.68 -48.45
C LYS I 189 -76.10 54.62 -47.33
N ASP I 190 -75.18 54.88 -46.39
CA ASP I 190 -75.50 55.83 -45.33
C ASP I 190 -75.69 57.24 -45.88
N LEU I 191 -74.75 57.69 -46.72
CA LEU I 191 -74.80 59.06 -47.23
C LEU I 191 -76.02 59.30 -48.11
N ASN I 192 -76.53 58.26 -48.78
CA ASN I 192 -77.69 58.44 -49.65
C ASN I 192 -78.81 59.14 -48.92
N LEU I 193 -79.04 58.78 -47.66
CA LEU I 193 -80.08 59.39 -46.86
C LEU I 193 -79.57 60.52 -45.98
N MET I 194 -78.35 60.39 -45.43
CA MET I 194 -77.83 61.45 -44.57
C MET I 194 -77.60 62.74 -45.35
N ALA I 195 -76.81 62.67 -46.42
CA ALA I 195 -76.29 63.84 -47.11
C ALA I 195 -76.49 63.66 -48.61
N PRO I 196 -77.73 63.75 -49.09
CA PRO I 196 -77.96 63.54 -50.52
C PRO I 196 -77.17 64.53 -51.37
N GLY I 197 -76.24 63.99 -52.15
CA GLY I 197 -75.38 64.81 -52.98
C GLY I 197 -73.93 64.41 -52.86
N LEU I 198 -73.50 64.00 -51.67
CA LEU I 198 -72.13 63.57 -51.44
C LEU I 198 -71.98 62.12 -51.87
N THR I 199 -71.18 61.88 -52.92
CA THR I 199 -70.98 60.56 -53.49
C THR I 199 -69.54 60.12 -53.28
N ILE I 200 -69.35 58.93 -52.71
CA ILE I 200 -68.04 58.33 -52.56
C ILE I 200 -67.77 57.51 -53.81
N GLN I 201 -66.83 57.96 -54.63
CA GLN I 201 -66.60 57.35 -55.94
C GLN I 201 -65.51 56.29 -55.93
N ALA I 202 -64.65 56.25 -54.91
CA ALA I 202 -63.64 55.20 -54.88
C ALA I 202 -63.10 55.04 -53.47
N VAL I 203 -62.59 53.85 -53.18
CA VAL I 203 -61.92 53.55 -51.93
C VAL I 203 -60.75 52.62 -52.22
N ARG I 204 -59.65 52.83 -51.50
CA ARG I 204 -58.45 52.03 -51.65
C ARG I 204 -57.95 51.64 -50.27
N VAL I 205 -57.35 50.45 -50.18
CA VAL I 205 -56.90 49.88 -48.92
C VAL I 205 -55.52 49.28 -49.11
N THR I 206 -54.62 49.54 -48.17
CA THR I 206 -53.33 48.88 -48.18
C THR I 206 -53.47 47.45 -47.64
N LYS I 207 -52.45 46.65 -47.89
CA LYS I 207 -52.46 45.27 -47.39
C LYS I 207 -52.29 45.28 -45.88
N PRO I 208 -53.22 44.70 -45.11
CA PRO I 208 -53.12 44.80 -43.65
C PRO I 208 -51.85 44.17 -43.12
N LYS I 209 -51.33 44.76 -42.05
CA LYS I 209 -50.20 44.18 -41.34
C LYS I 209 -50.64 42.92 -40.60
N ILE I 210 -49.75 41.95 -40.55
CA ILE I 210 -50.04 40.65 -39.94
C ILE I 210 -49.10 40.46 -38.75
N PRO I 211 -49.51 39.80 -37.68
CA PRO I 211 -48.60 39.58 -36.56
C PRO I 211 -47.35 38.84 -36.99
N GLU I 212 -46.23 39.19 -36.34
CA GLU I 212 -44.95 38.59 -36.72
C GLU I 212 -45.01 37.07 -36.69
N ALA I 213 -45.73 36.51 -35.73
CA ALA I 213 -45.83 35.05 -35.63
C ALA I 213 -46.50 34.46 -36.87
N ILE I 214 -47.55 35.12 -37.37
CA ILE I 214 -48.27 34.60 -38.52
C ILE I 214 -47.57 34.96 -39.83
N ARG I 215 -46.77 36.02 -39.86
CA ARG I 215 -46.07 36.37 -41.08
C ARG I 215 -45.07 35.28 -41.46
N ARG I 216 -44.37 34.73 -40.46
CA ARG I 216 -43.39 33.68 -40.76
C ARG I 216 -44.07 32.44 -41.34
N ASN I 217 -45.21 32.05 -40.80
CA ASN I 217 -45.89 30.86 -41.30
C ASN I 217 -46.29 31.03 -42.76
N PHE I 218 -46.81 32.20 -43.12
CA PHE I 218 -47.16 32.45 -44.52
C PHE I 218 -45.94 32.37 -45.42
N GLU I 219 -44.78 32.78 -44.92
CA GLU I 219 -43.55 32.67 -45.69
C GLU I 219 -43.04 31.23 -45.71
N LEU I 220 -43.18 30.52 -44.59
CA LEU I 220 -42.72 29.13 -44.56
C LEU I 220 -43.50 28.27 -45.54
N MET I 221 -44.77 28.59 -45.78
CA MET I 221 -45.52 27.86 -46.78
C MET I 221 -44.89 28.01 -48.16
N GLU I 222 -44.44 29.23 -48.49
CA GLU I 222 -43.85 29.46 -49.80
C GLU I 222 -42.52 28.75 -49.96
N ALA I 223 -41.74 28.65 -48.88
CA ALA I 223 -40.49 27.91 -48.95
C ALA I 223 -40.76 26.46 -49.35
N GLU I 224 -41.85 25.88 -48.84
CA GLU I 224 -42.20 24.52 -49.24
C GLU I 224 -42.54 24.44 -50.71
N LYS I 225 -43.23 25.45 -51.24
CA LYS I 225 -43.63 25.40 -52.65
C LYS I 225 -42.42 25.36 -53.57
N THR I 226 -41.37 26.10 -53.23
CA THR I 226 -40.13 26.04 -54.01
C THR I 226 -39.34 24.78 -53.69
N LYS I 227 -39.48 24.23 -52.48
CA LYS I 227 -38.79 22.99 -52.15
C LYS I 227 -39.27 21.84 -53.03
N LEU I 228 -40.52 21.88 -53.47
CA LEU I 228 -41.01 20.87 -54.39
C LEU I 228 -40.32 20.97 -55.74
N LEU I 229 -39.99 22.19 -56.17
CA LEU I 229 -39.28 22.36 -57.43
C LEU I 229 -37.82 21.91 -57.33
N ILE I 230 -37.20 22.10 -56.17
CA ILE I 230 -35.84 21.61 -55.98
C ILE I 230 -35.81 20.08 -56.06
N ALA I 231 -36.76 19.43 -55.40
CA ALA I 231 -36.80 17.97 -55.39
C ALA I 231 -37.04 17.42 -56.79
N ALA I 232 -37.72 18.16 -57.65
CA ALA I 232 -37.96 17.68 -59.01
C ALA I 232 -36.69 17.62 -59.84
N GLN I 233 -35.64 18.34 -59.43
CA GLN I 233 -34.34 18.31 -60.11
C GLN I 233 -33.33 17.43 -59.39
N LYS I 234 -33.37 17.44 -58.05
CA LYS I 234 -32.59 16.46 -57.30
C LYS I 234 -32.99 15.04 -57.69
N GLN I 235 -34.24 14.86 -58.11
CA GLN I 235 -34.67 13.55 -58.60
C GLN I 235 -33.85 13.13 -59.82
N LYS I 236 -33.73 14.02 -60.80
CA LYS I 236 -32.96 13.71 -62.00
C LYS I 236 -31.49 13.51 -61.67
N VAL I 237 -30.95 14.33 -60.77
CA VAL I 237 -29.54 14.17 -60.39
C VAL I 237 -29.33 12.79 -59.76
N VAL I 238 -30.22 12.39 -58.87
CA VAL I 238 -30.10 11.09 -58.21
C VAL I 238 -30.23 9.97 -59.23
N GLU I 239 -31.16 10.12 -60.19
CA GLU I 239 -31.30 9.11 -61.22
C GLU I 239 -30.03 8.97 -62.04
N LYS I 240 -29.41 10.09 -62.40
CA LYS I 240 -28.18 10.02 -63.19
C LYS I 240 -27.04 9.39 -62.39
N GLU I 241 -26.94 9.72 -61.10
CA GLU I 241 -25.92 9.10 -60.27
C GLU I 241 -26.13 7.60 -60.17
N ALA I 242 -27.38 7.16 -59.99
CA ALA I 242 -27.67 5.74 -59.91
C ALA I 242 -27.36 5.05 -61.23
N GLU I 243 -27.67 5.69 -62.35
CA GLU I 243 -27.35 5.10 -63.65
C GLU I 243 -25.85 4.97 -63.85
N THR I 244 -25.09 5.98 -63.40
CA THR I 244 -23.63 5.89 -63.48
C THR I 244 -23.11 4.73 -62.65
N GLU I 245 -23.65 4.57 -61.43
CA GLU I 245 -23.24 3.45 -60.59
C GLU I 245 -23.59 2.12 -61.26
N ARG I 246 -24.75 2.05 -61.90
CA ARG I 246 -25.14 0.84 -62.61
C ARG I 246 -24.15 0.52 -63.73
N LYS I 247 -23.78 1.53 -64.52
CA LYS I 247 -22.85 1.29 -65.62
C LYS I 247 -21.48 0.85 -65.09
N LYS I 248 -21.01 1.48 -64.01
CA LYS I 248 -19.75 1.06 -63.41
C LYS I 248 -19.82 -0.39 -62.95
N ALA I 249 -20.91 -0.77 -62.29
CA ALA I 249 -21.04 -2.14 -61.80
C ALA I 249 -21.10 -3.13 -62.96
N VAL I 250 -21.79 -2.76 -64.04
CA VAL I 250 -21.85 -3.65 -65.20
C VAL I 250 -20.46 -3.82 -65.81
N ILE I 251 -19.68 -2.75 -65.87
CA ILE I 251 -18.33 -2.86 -66.41
C ILE I 251 -17.49 -3.76 -65.51
N GLU I 252 -17.63 -3.64 -64.19
CA GLU I 252 -16.90 -4.52 -63.29
C GLU I 252 -17.30 -5.97 -63.49
N ALA I 253 -18.60 -6.23 -63.68
CA ALA I 253 -19.05 -7.59 -63.92
C ALA I 253 -18.47 -8.14 -65.21
N GLU I 254 -18.42 -7.32 -66.27
CA GLU I 254 -17.81 -7.76 -67.52
C GLU I 254 -16.33 -8.07 -67.32
N LYS I 255 -15.63 -7.22 -66.57
CA LYS I 255 -14.23 -7.48 -66.26
C LYS I 255 -14.08 -8.85 -65.57
N ILE I 256 -14.93 -9.10 -64.58
CA ILE I 256 -14.86 -10.37 -63.87
C ILE I 256 -15.11 -11.53 -64.82
N ALA I 257 -16.09 -11.39 -65.72
CA ALA I 257 -16.38 -12.47 -66.65
C ALA I 257 -15.19 -12.76 -67.56
N GLN I 258 -14.54 -11.72 -68.06
CA GLN I 258 -13.43 -11.93 -68.99
C GLN I 258 -12.21 -12.52 -68.28
N VAL I 259 -11.88 -12.00 -67.10
CA VAL I 259 -10.76 -12.56 -66.36
C VAL I 259 -11.04 -14.00 -65.99
N ALA I 260 -12.30 -14.32 -65.67
CA ALA I 260 -12.67 -15.70 -65.39
C ALA I 260 -12.49 -16.58 -66.62
N LYS I 261 -12.87 -16.07 -67.79
CA LYS I 261 -12.66 -16.85 -69.02
C LYS I 261 -11.19 -17.19 -69.20
N ILE I 262 -10.32 -16.19 -69.01
CA ILE I 262 -8.88 -16.44 -69.16
C ILE I 262 -8.41 -17.45 -68.12
N ARG I 263 -8.87 -17.30 -66.88
CA ARG I 263 -8.42 -18.17 -65.81
C ARG I 263 -8.83 -19.62 -66.12
N PHE I 264 -10.05 -19.81 -66.63
CA PHE I 264 -10.53 -21.16 -66.89
C PHE I 264 -9.85 -21.79 -68.10
N GLN I 265 -9.46 -20.98 -69.10
CA GLN I 265 -8.59 -21.53 -70.14
C GLN I 265 -7.27 -22.00 -69.54
N GLN I 266 -6.71 -21.20 -68.62
CA GLN I 266 -5.51 -21.63 -67.92
C GLN I 266 -5.74 -22.93 -67.18
N LYS I 267 -6.92 -23.09 -66.59
CA LYS I 267 -7.23 -24.31 -65.84
C LYS I 267 -7.29 -25.52 -66.77
N VAL I 268 -7.86 -25.35 -67.96
CA VAL I 268 -7.89 -26.44 -68.92
C VAL I 268 -6.48 -26.85 -69.30
N MET I 269 -5.61 -25.86 -69.53
CA MET I 269 -4.21 -26.18 -69.82
C MET I 269 -3.56 -26.88 -68.64
N GLU I 270 -3.90 -26.43 -67.42
CA GLU I 270 -3.40 -27.07 -66.21
C GLU I 270 -3.75 -28.54 -66.19
N LYS I 271 -5.00 -28.86 -66.51
CA LYS I 271 -5.43 -30.25 -66.46
C LYS I 271 -4.83 -31.08 -67.60
N GLU I 272 -4.58 -30.47 -68.76
CA GLU I 272 -3.86 -31.19 -69.80
C GLU I 272 -2.46 -31.57 -69.31
N THR I 273 -1.76 -30.61 -68.70
CA THR I 273 -0.45 -30.92 -68.15
C THR I 273 -0.54 -31.94 -67.02
N GLU I 274 -1.61 -31.90 -66.24
CA GLU I 274 -1.80 -32.89 -65.18
C GLU I 274 -1.99 -34.28 -65.77
N LYS I 275 -2.69 -34.37 -66.91
CA LYS I 275 -2.84 -35.66 -67.58
C LYS I 275 -1.49 -36.18 -68.05
N ARG I 276 -0.66 -35.31 -68.62
CA ARG I 276 0.68 -35.74 -69.01
C ARG I 276 1.49 -36.18 -67.79
N ILE I 277 1.36 -35.44 -66.69
CA ILE I 277 2.07 -35.79 -65.45
C ILE I 277 1.62 -37.16 -64.96
N SER I 278 0.32 -37.42 -64.99
CA SER I 278 -0.19 -38.71 -64.53
C SER I 278 0.26 -39.83 -65.47
N GLU I 279 0.38 -39.57 -66.76
CA GLU I 279 0.92 -40.57 -67.67
C GLU I 279 2.35 -40.93 -67.28
N ILE I 280 3.16 -39.91 -67.00
CA ILE I 280 4.55 -40.17 -66.59
C ILE I 280 4.56 -40.93 -65.26
N GLU I 281 3.69 -40.56 -64.33
CA GLU I 281 3.65 -41.23 -63.04
C GLU I 281 3.23 -42.68 -63.19
N ASP I 282 2.29 -42.97 -64.09
CA ASP I 282 1.91 -44.35 -64.35
C ASP I 282 3.06 -45.12 -64.96
N ALA I 283 3.79 -44.52 -65.89
CA ALA I 283 4.93 -45.20 -66.48
C ALA I 283 5.98 -45.54 -65.42
N ALA I 284 6.23 -44.61 -64.50
CA ALA I 284 7.25 -44.85 -63.48
C ALA I 284 6.76 -45.85 -62.44
N PHE I 285 5.52 -45.69 -61.97
CA PHE I 285 4.96 -46.58 -60.95
C PHE I 285 4.83 -48.00 -61.48
N LEU I 286 4.35 -48.15 -62.70
CA LEU I 286 4.26 -49.48 -63.28
C LEU I 286 5.63 -50.15 -63.35
N ALA I 287 6.69 -49.35 -63.55
CA ALA I 287 8.03 -49.90 -63.57
C ALA I 287 8.51 -50.24 -62.16
N ARG I 288 8.08 -49.46 -61.16
CA ARG I 288 8.50 -49.74 -59.79
C ARG I 288 7.80 -50.98 -59.24
N GLU I 289 6.50 -51.13 -59.54
CA GLU I 289 5.78 -52.30 -59.06
C GLU I 289 6.35 -53.58 -59.65
N LYS I 290 6.71 -53.56 -60.93
CA LYS I 290 7.43 -54.68 -61.51
C LYS I 290 8.79 -54.86 -60.83
N ALA I 291 9.46 -53.75 -60.52
CA ALA I 291 10.77 -53.85 -59.89
C ALA I 291 10.68 -54.50 -58.52
N LYS I 292 9.68 -54.14 -57.72
CA LYS I 292 9.51 -54.75 -56.41
C LYS I 292 8.68 -56.02 -56.45
N ALA I 293 8.05 -56.34 -57.57
CA ALA I 293 7.42 -57.65 -57.72
C ALA I 293 8.44 -58.74 -57.99
N ASP I 294 9.51 -58.41 -58.72
CA ASP I 294 10.59 -59.37 -58.93
C ASP I 294 11.45 -59.54 -57.70
N ALA I 295 11.63 -58.47 -56.91
CA ALA I 295 12.39 -58.59 -55.67
C ALA I 295 11.68 -59.52 -54.69
N GLU I 296 10.36 -59.42 -54.60
CA GLU I 296 9.60 -60.34 -53.76
C GLU I 296 9.68 -61.76 -54.30
N TYR I 297 9.60 -61.91 -55.62
CA TYR I 297 9.69 -63.24 -56.21
C TYR I 297 11.05 -63.88 -55.93
N TYR I 298 12.13 -63.11 -56.09
CA TYR I 298 13.45 -63.65 -55.83
C TYR I 298 13.60 -64.04 -54.37
N ALA I 299 13.10 -63.20 -53.46
CA ALA I 299 13.17 -63.53 -52.04
C ALA I 299 12.37 -64.80 -51.75
N ALA I 300 11.23 -64.97 -52.41
CA ALA I 300 10.42 -66.16 -52.20
C ALA I 300 11.17 -67.42 -52.61
N HIS I 301 11.84 -67.39 -53.76
CA HIS I 301 12.57 -68.57 -54.20
C HIS I 301 13.74 -68.89 -53.27
N LYS I 302 14.50 -67.88 -52.88
CA LYS I 302 15.59 -68.12 -51.93
C LYS I 302 15.03 -68.54 -50.57
N TYR I 303 13.91 -67.93 -50.16
CA TYR I 303 13.27 -68.35 -48.92
C TYR I 303 12.65 -69.73 -49.07
N ALA I 304 12.15 -70.06 -50.26
CA ALA I 304 11.58 -71.39 -50.48
C ALA I 304 12.67 -72.45 -50.58
N THR I 305 13.76 -72.15 -51.29
CA THR I 305 14.84 -73.13 -51.41
C THR I 305 15.56 -73.32 -50.10
N SER I 306 15.55 -72.31 -49.24
CA SER I 306 16.14 -72.46 -47.91
C SER I 306 15.24 -73.28 -46.99
N ASN I 307 13.93 -73.09 -47.09
CA ASN I 307 13.01 -73.83 -46.23
C ASN I 307 13.03 -75.31 -46.51
N LYS I 308 13.56 -75.74 -47.65
CA LYS I 308 13.72 -77.16 -47.91
C LYS I 308 14.75 -77.80 -46.99
N HIS I 309 15.55 -77.00 -46.29
CA HIS I 309 16.53 -77.48 -45.32
C HIS I 309 16.14 -77.15 -43.89
N LYS I 310 15.76 -75.89 -43.64
CA LYS I 310 15.43 -75.48 -42.28
C LYS I 310 14.21 -76.22 -41.75
N LEU I 311 13.18 -76.39 -42.58
CA LEU I 311 11.92 -76.99 -42.14
C LEU I 311 12.08 -78.50 -42.10
N THR I 312 12.61 -78.98 -40.98
CA THR I 312 12.69 -80.40 -40.67
C THR I 312 11.66 -80.73 -39.59
N PRO I 313 11.38 -82.03 -39.38
CA PRO I 313 10.44 -82.38 -38.31
C PRO I 313 10.86 -81.87 -36.95
N GLU I 314 12.16 -81.86 -36.64
CA GLU I 314 12.62 -81.34 -35.35
C GLU I 314 12.32 -79.85 -35.24
N TYR I 315 12.66 -79.08 -36.27
CA TYR I 315 12.42 -77.65 -36.24
C TYR I 315 10.93 -77.34 -36.13
N LEU I 316 10.10 -78.09 -36.87
CA LEU I 316 8.66 -77.88 -36.79
C LEU I 316 8.13 -78.23 -35.41
N GLU I 317 8.66 -79.29 -34.79
CA GLU I 317 8.27 -79.64 -33.44
C GLU I 317 8.59 -78.51 -32.47
N LEU I 318 9.80 -77.95 -32.59
CA LEU I 318 10.20 -76.87 -31.69
C LEU I 318 9.31 -75.65 -31.89
N LYS I 319 9.03 -75.30 -33.14
CA LYS I 319 8.16 -74.16 -33.41
C LYS I 319 6.77 -74.38 -32.87
N LYS I 320 6.23 -75.59 -33.03
CA LYS I 320 4.93 -75.91 -32.47
C LYS I 320 4.93 -75.78 -30.95
N TYR I 321 5.98 -76.28 -30.30
CA TYR I 321 6.08 -76.13 -28.86
C TYR I 321 6.00 -74.67 -28.46
N GLN I 322 6.84 -73.84 -29.09
CA GLN I 322 6.88 -72.42 -28.71
C GLN I 322 5.53 -71.76 -28.97
N ALA I 323 4.92 -72.04 -30.12
CA ALA I 323 3.66 -71.38 -30.46
C ALA I 323 2.56 -71.76 -29.49
N ILE I 324 2.38 -73.06 -29.24
CA ILE I 324 1.29 -73.49 -28.37
C ILE I 324 1.51 -73.03 -26.94
N ALA I 325 2.76 -72.99 -26.48
CA ALA I 325 3.05 -72.62 -25.10
C ALA I 325 3.30 -71.13 -24.91
N SER I 326 3.19 -70.33 -25.97
CA SER I 326 3.55 -68.92 -25.89
C SER I 326 2.75 -68.15 -24.84
N ASN I 327 1.44 -68.03 -25.05
CA ASN I 327 0.60 -67.10 -24.29
C ASN I 327 -0.60 -67.83 -23.71
N SER I 328 -0.36 -68.97 -23.07
CA SER I 328 -1.42 -69.80 -22.53
C SER I 328 -1.21 -70.00 -21.02
N LYS I 329 -2.29 -69.91 -20.26
CA LYS I 329 -2.29 -70.27 -18.86
C LYS I 329 -2.84 -71.68 -18.73
N ILE I 330 -2.19 -72.50 -17.91
CA ILE I 330 -2.42 -73.93 -17.89
C ILE I 330 -3.25 -74.28 -16.67
N TYR I 331 -4.44 -74.86 -16.91
CA TYR I 331 -5.25 -75.46 -15.85
C TYR I 331 -5.09 -76.97 -15.98
N PHE I 332 -4.02 -77.49 -15.39
CA PHE I 332 -3.70 -78.91 -15.43
C PHE I 332 -3.84 -79.51 -14.04
N GLY I 333 -4.06 -80.81 -14.02
CA GLY I 333 -4.22 -81.53 -12.76
C GLY I 333 -5.02 -82.80 -12.98
N SER I 334 -4.84 -83.74 -12.05
CA SER I 334 -5.54 -85.01 -12.15
C SER I 334 -7.05 -84.84 -12.06
N ASN I 335 -7.51 -83.97 -11.15
CA ASN I 335 -8.93 -83.72 -10.94
C ASN I 335 -9.18 -82.21 -11.05
N ILE I 336 -9.37 -81.74 -12.28
CA ILE I 336 -9.68 -80.34 -12.52
C ILE I 336 -11.17 -80.12 -12.30
N PRO I 337 -11.58 -79.09 -11.56
CA PRO I 337 -13.02 -78.85 -11.38
C PRO I 337 -13.70 -78.64 -12.72
N ASN I 338 -14.91 -79.20 -12.85
CA ASN I 338 -15.63 -79.21 -14.11
C ASN I 338 -16.54 -78.00 -14.28
N MET I 339 -16.26 -76.90 -13.60
CA MET I 339 -16.99 -75.66 -13.78
C MET I 339 -16.03 -74.49 -13.62
N PHE I 340 -16.37 -73.37 -14.25
CA PHE I 340 -15.44 -72.25 -14.34
C PHE I 340 -16.11 -71.05 -14.99
N VAL I 341 -15.63 -69.85 -14.69
CA VAL I 341 -16.23 -68.61 -15.20
C VAL I 341 -15.12 -67.65 -15.61
N ASP I 342 -15.37 -66.90 -16.68
CA ASP I 342 -14.44 -65.88 -17.14
C ASP I 342 -15.07 -65.03 -18.23
N SER J 18 -44.50 93.98 -66.67
CA SER J 18 -45.67 93.63 -67.44
C SER J 18 -45.29 92.74 -68.63
N LEU J 19 -44.24 93.15 -69.35
CA LEU J 19 -43.78 92.35 -70.48
C LEU J 19 -43.34 90.96 -70.03
N PHE J 20 -42.62 90.88 -68.91
CA PHE J 20 -42.16 89.58 -68.42
C PHE J 20 -43.34 88.66 -68.15
N SER J 21 -44.42 89.21 -67.55
CA SER J 21 -45.57 88.40 -67.20
C SER J 21 -46.51 88.15 -68.38
N ALA J 22 -46.36 88.91 -69.47
CA ALA J 22 -47.25 88.77 -70.61
C ALA J 22 -46.59 88.18 -71.85
N VAL J 23 -45.30 87.83 -71.78
CA VAL J 23 -44.63 87.20 -72.91
C VAL J 23 -44.26 85.76 -72.56
N HIS J 24 -45.08 85.12 -71.73
CA HIS J 24 -44.84 83.73 -71.39
C HIS J 24 -44.83 82.86 -72.64
N LYS J 25 -43.99 81.83 -72.64
CA LYS J 25 -43.84 80.92 -73.77
C LYS J 25 -44.25 79.51 -73.34
N ILE J 26 -45.04 78.86 -74.17
CA ILE J 26 -45.48 77.49 -73.91
C ILE J 26 -44.53 76.54 -74.60
N GLU J 27 -44.00 75.57 -73.84
CA GLU J 27 -43.03 74.64 -74.39
C GLU J 27 -43.69 73.79 -75.49
N GLU J 28 -42.84 73.13 -76.28
CA GLU J 28 -43.32 72.31 -77.37
C GLU J 28 -44.05 71.07 -76.84
N GLY J 29 -45.06 70.64 -77.58
CA GLY J 29 -45.83 69.47 -77.17
C GLY J 29 -46.52 69.64 -75.84
N HIS J 30 -47.04 70.84 -75.58
CA HIS J 30 -47.74 71.14 -74.34
C HIS J 30 -49.00 71.93 -74.68
N ILE J 31 -49.80 72.18 -73.65
CA ILE J 31 -50.97 73.06 -73.75
C ILE J 31 -50.99 73.95 -72.52
N GLY J 32 -51.34 75.21 -72.73
CA GLY J 32 -51.39 76.17 -71.64
C GLY J 32 -52.80 76.29 -71.08
N VAL J 33 -52.88 76.34 -69.76
CA VAL J 33 -54.13 76.54 -69.04
C VAL J 33 -53.97 77.74 -68.13
N TYR J 34 -54.92 78.66 -68.20
CA TYR J 34 -54.81 79.96 -67.52
C TYR J 34 -55.87 80.08 -66.44
N TYR J 35 -55.48 80.66 -65.31
CA TYR J 35 -56.38 80.95 -64.20
C TYR J 35 -56.34 82.44 -63.92
N ARG J 36 -57.50 83.09 -64.04
CA ARG J 36 -57.57 84.53 -63.76
C ARG J 36 -57.72 84.80 -62.28
N GLY J 37 -58.83 84.36 -61.68
CA GLY J 37 -59.09 84.60 -60.28
C GLY J 37 -59.33 83.30 -59.54
N GLY J 38 -58.55 82.27 -59.89
CA GLY J 38 -58.78 80.93 -59.42
C GLY J 38 -59.68 80.12 -60.32
N ALA J 39 -60.44 80.77 -61.20
CA ALA J 39 -61.24 80.06 -62.19
C ALA J 39 -60.35 79.59 -63.33
N LEU J 40 -60.93 78.79 -64.22
CA LEU J 40 -60.22 78.25 -65.37
C LEU J 40 -60.81 78.84 -66.63
N LEU J 41 -60.04 79.66 -67.33
CA LEU J 41 -60.52 80.29 -68.56
C LEU J 41 -60.77 79.23 -69.62
N THR J 42 -61.84 79.42 -70.39
CA THR J 42 -62.24 78.43 -71.39
C THR J 42 -61.31 78.38 -72.59
N SER J 43 -60.37 79.32 -72.72
CA SER J 43 -59.49 79.38 -73.87
C SER J 43 -58.21 78.60 -73.57
N THR J 44 -57.84 77.71 -74.49
CA THR J 44 -56.61 76.93 -74.38
C THR J 44 -55.69 77.31 -75.53
N SER J 45 -54.40 77.43 -75.23
CA SER J 45 -53.41 77.96 -76.16
C SER J 45 -52.42 76.87 -76.55
N GLY J 46 -51.98 76.91 -77.81
CA GLY J 46 -51.00 75.97 -78.30
C GLY J 46 -49.59 76.39 -77.93
N PRO J 47 -48.63 75.58 -78.36
CA PRO J 47 -47.22 75.88 -78.06
C PRO J 47 -46.72 77.09 -78.83
N GLY J 48 -45.68 77.71 -78.28
CA GLY J 48 -45.03 78.85 -78.89
C GLY J 48 -45.02 80.06 -77.97
N PHE J 49 -45.27 81.23 -78.54
CA PHE J 49 -45.34 82.47 -77.80
C PHE J 49 -46.80 82.87 -77.61
N HIS J 50 -47.13 83.38 -76.43
CA HIS J 50 -48.49 83.79 -76.12
C HIS J 50 -48.44 84.85 -75.04
N LEU J 51 -49.60 85.47 -74.80
CA LEU J 51 -49.72 86.56 -73.86
C LEU J 51 -51.04 86.47 -73.12
N MET J 52 -51.09 87.10 -71.96
CA MET J 52 -52.30 87.16 -71.15
C MET J 52 -52.21 88.36 -70.23
N LEU J 53 -53.36 88.74 -69.67
CA LEU J 53 -53.41 89.86 -68.73
C LEU J 53 -52.40 89.63 -67.62
N PRO J 54 -51.35 90.45 -67.52
CA PRO J 54 -50.28 90.15 -66.56
C PRO J 54 -50.67 90.46 -65.13
N PHE J 55 -49.99 89.80 -64.20
CA PHE J 55 -50.05 90.10 -62.78
C PHE J 55 -51.37 89.67 -62.14
N ILE J 56 -52.32 89.19 -62.94
CA ILE J 56 -53.57 88.65 -62.40
C ILE J 56 -53.90 87.27 -62.94
N THR J 57 -53.38 86.88 -64.10
CA THR J 57 -53.65 85.57 -64.70
C THR J 57 -52.38 84.74 -64.66
N SER J 58 -52.47 83.57 -64.03
CA SER J 58 -51.36 82.63 -64.00
C SER J 58 -51.57 81.56 -65.05
N TYR J 59 -50.48 80.88 -65.41
CA TYR J 59 -50.50 79.87 -66.46
C TYR J 59 -49.80 78.61 -65.98
N LYS J 60 -50.26 77.47 -66.49
CA LYS J 60 -49.60 76.20 -66.26
C LYS J 60 -49.53 75.43 -67.57
N SER J 61 -48.46 74.68 -67.76
CA SER J 61 -48.22 73.91 -68.97
C SER J 61 -48.45 72.44 -68.68
N VAL J 62 -49.37 71.83 -69.42
CA VAL J 62 -49.70 70.41 -69.27
C VAL J 62 -49.27 69.69 -70.53
N GLN J 63 -48.50 68.61 -70.37
CA GLN J 63 -47.89 67.91 -71.49
C GLN J 63 -48.95 67.04 -72.17
N THR J 64 -49.21 67.30 -73.43
CA THR J 64 -50.18 66.54 -74.21
C THR J 64 -49.56 65.40 -74.99
N THR J 65 -48.26 65.19 -74.88
CA THR J 65 -47.55 64.13 -75.60
C THR J 65 -47.21 62.99 -74.64
N LEU J 66 -46.68 61.92 -75.23
CA LEU J 66 -46.34 60.73 -74.46
C LEU J 66 -45.35 61.08 -73.36
N GLN J 67 -45.63 60.62 -72.15
CA GLN J 67 -44.78 60.88 -71.01
C GLN J 67 -44.81 59.68 -70.07
N THR J 68 -43.71 59.46 -69.36
CA THR J 68 -43.54 58.32 -68.48
C THR J 68 -43.29 58.78 -67.05
N ASP J 69 -43.92 58.10 -66.09
CA ASP J 69 -43.60 58.34 -64.68
C ASP J 69 -43.89 57.07 -63.90
N GLU J 70 -43.21 56.92 -62.77
CA GLU J 70 -43.14 55.64 -62.08
C GLU J 70 -43.41 55.81 -60.59
N VAL J 71 -43.82 54.69 -59.98
CA VAL J 71 -43.95 54.56 -58.53
C VAL J 71 -42.99 53.46 -58.09
N LYS J 72 -42.25 53.71 -57.02
CA LYS J 72 -41.16 52.86 -56.59
C LYS J 72 -41.51 52.09 -55.33
N ASN J 73 -40.88 50.92 -55.17
CA ASN J 73 -40.99 50.13 -53.94
C ASN J 73 -42.45 49.87 -53.58
N VAL J 74 -43.23 49.43 -54.56
CA VAL J 74 -44.67 49.22 -54.38
C VAL J 74 -44.87 47.78 -53.92
N PRO J 75 -45.52 47.54 -52.79
CA PRO J 75 -45.72 46.17 -52.31
C PRO J 75 -46.81 45.45 -53.07
N CYS J 76 -46.78 44.11 -52.97
CA CYS J 76 -47.77 43.26 -53.59
C CYS J 76 -47.91 42.01 -52.75
N GLY J 77 -49.09 41.77 -52.21
CA GLY J 77 -49.31 40.58 -51.41
C GLY J 77 -49.82 39.43 -52.27
N THR J 78 -48.97 38.43 -52.50
CA THR J 78 -49.34 37.33 -53.36
C THR J 78 -50.39 36.45 -52.69
N SER J 79 -51.05 35.62 -53.49
CA SER J 79 -52.08 34.73 -52.96
C SER J 79 -51.53 33.77 -51.93
N GLY J 80 -50.20 33.57 -51.91
CA GLY J 80 -49.59 32.74 -50.90
C GLY J 80 -49.35 33.43 -49.57
N GLY J 81 -49.67 34.71 -49.48
CA GLY J 81 -49.53 35.47 -48.25
C GLY J 81 -48.20 36.16 -48.06
N VAL J 82 -47.27 36.04 -49.00
CA VAL J 82 -45.97 36.69 -48.89
C VAL J 82 -46.02 38.01 -49.65
N MET J 83 -45.28 38.99 -49.12
CA MET J 83 -45.19 40.31 -49.72
C MET J 83 -43.97 40.38 -50.62
N ILE J 84 -44.19 40.72 -51.89
CA ILE J 84 -43.12 40.94 -52.86
C ILE J 84 -43.18 42.39 -53.29
N TYR J 85 -42.05 43.08 -53.22
CA TYR J 85 -41.98 44.50 -53.51
C TYR J 85 -41.44 44.72 -54.91
N PHE J 86 -42.26 45.32 -55.78
CA PHE J 86 -41.79 45.72 -57.10
C PHE J 86 -40.95 46.99 -56.95
N ASP J 87 -39.72 46.95 -57.45
CA ASP J 87 -38.82 48.09 -57.29
C ASP J 87 -39.37 49.33 -57.97
N ARG J 88 -39.96 49.18 -59.15
CA ARG J 88 -40.49 50.33 -59.87
C ARG J 88 -41.49 49.87 -60.92
N ILE J 89 -42.64 50.52 -60.94
CA ILE J 89 -43.65 50.34 -61.97
C ILE J 89 -43.81 51.68 -62.68
N GLU J 90 -43.59 51.69 -63.98
CA GLU J 90 -43.67 52.89 -64.80
C GLU J 90 -44.91 52.85 -65.67
N VAL J 91 -45.57 53.99 -65.81
CA VAL J 91 -46.71 54.14 -66.70
C VAL J 91 -46.36 55.20 -67.74
N VAL J 92 -46.60 54.87 -69.01
CA VAL J 92 -46.41 55.78 -70.13
C VAL J 92 -47.79 56.09 -70.67
N ASN J 93 -48.15 57.38 -70.64
CA ASN J 93 -49.50 57.83 -70.98
C ASN J 93 -49.42 59.13 -71.76
N PHE J 94 -50.53 59.46 -72.41
CA PHE J 94 -50.61 60.70 -73.19
C PHE J 94 -52.04 61.22 -73.11
N LEU J 95 -52.25 62.41 -73.68
CA LEU J 95 -53.53 63.09 -73.65
C LEU J 95 -53.96 63.44 -75.08
N VAL J 96 -55.24 63.25 -75.36
CA VAL J 96 -55.78 63.77 -76.62
C VAL J 96 -55.74 65.29 -76.55
N PRO J 97 -55.28 65.99 -77.59
CA PRO J 97 -55.10 67.45 -77.47
C PRO J 97 -56.38 68.20 -77.15
N ASN J 98 -57.54 67.67 -77.50
CA ASN J 98 -58.79 68.41 -77.25
C ASN J 98 -59.23 68.29 -75.79
N ALA J 99 -59.03 67.13 -75.17
CA ALA J 99 -59.57 66.85 -73.84
C ALA J 99 -58.78 67.51 -72.72
N VAL J 100 -57.77 68.32 -73.03
CA VAL J 100 -56.97 68.94 -71.98
C VAL J 100 -57.83 69.85 -71.11
N TYR J 101 -58.69 70.65 -71.73
CA TYR J 101 -59.52 71.57 -70.95
C TYR J 101 -60.38 70.80 -69.96
N ASP J 102 -61.06 69.75 -70.43
CA ASP J 102 -61.94 68.99 -69.55
C ASP J 102 -61.14 68.31 -68.44
N ILE J 103 -60.02 67.68 -68.79
CA ILE J 103 -59.25 66.95 -67.79
C ILE J 103 -58.75 67.90 -66.72
N VAL J 104 -58.20 69.04 -67.12
CA VAL J 104 -57.68 69.99 -66.14
C VAL J 104 -58.78 70.72 -65.40
N LYS J 105 -60.00 70.78 -65.95
CA LYS J 105 -61.11 71.36 -65.22
C LYS J 105 -61.60 70.42 -64.14
N ASN J 106 -61.73 69.12 -64.46
CA ASN J 106 -62.18 68.16 -63.46
C ASN J 106 -61.12 67.92 -62.41
N TYR J 107 -59.85 67.88 -62.80
CA TYR J 107 -58.75 67.60 -61.89
C TYR J 107 -57.65 68.62 -62.14
N THR J 108 -56.80 68.82 -61.13
CA THR J 108 -55.77 69.85 -61.22
C THR J 108 -54.80 69.53 -62.34
N ALA J 109 -53.84 70.42 -62.59
CA ALA J 109 -52.82 70.14 -63.59
C ALA J 109 -51.97 68.94 -63.22
N ASP J 110 -52.01 68.53 -61.95
CA ASP J 110 -51.35 67.31 -61.48
C ASP J 110 -52.33 66.15 -61.42
N TYR J 111 -53.25 66.09 -62.40
CA TYR J 111 -54.27 65.04 -62.40
C TYR J 111 -53.65 63.66 -62.29
N ASP J 112 -52.52 63.43 -62.95
CA ASP J 112 -51.97 62.09 -63.05
C ASP J 112 -51.82 61.44 -61.68
N LYS J 113 -51.38 62.19 -60.68
CA LYS J 113 -51.14 61.62 -59.36
C LYS J 113 -52.42 60.98 -58.81
N ALA J 114 -53.54 61.70 -58.91
CA ALA J 114 -54.80 61.20 -58.38
C ALA J 114 -55.53 60.29 -59.36
N LEU J 115 -55.10 60.22 -60.62
CA LEU J 115 -55.84 59.50 -61.64
C LEU J 115 -55.23 58.16 -62.02
N ILE J 116 -53.91 58.00 -61.96
CA ILE J 116 -53.27 56.74 -62.31
C ILE J 116 -52.33 56.25 -61.21
N PHE J 117 -51.44 57.12 -60.75
CA PHE J 117 -50.37 56.68 -59.86
C PHE J 117 -50.85 56.43 -58.44
N ASN J 118 -51.99 56.99 -58.04
CA ASN J 118 -52.59 56.59 -56.77
C ASN J 118 -53.29 55.24 -56.88
N LYS J 119 -53.89 54.94 -58.03
CA LYS J 119 -54.56 53.67 -58.23
C LYS J 119 -53.58 52.53 -58.51
N ILE J 120 -52.34 52.85 -58.88
CA ILE J 120 -51.41 51.81 -59.30
C ILE J 120 -51.25 50.76 -58.20
N HIS J 121 -50.99 51.20 -56.97
CA HIS J 121 -50.68 50.25 -55.91
C HIS J 121 -51.89 49.38 -55.56
N HIS J 122 -53.09 49.99 -55.54
CA HIS J 122 -54.28 49.21 -55.24
C HIS J 122 -54.57 48.19 -56.34
N GLU J 123 -54.42 48.61 -57.61
CA GLU J 123 -54.66 47.67 -58.70
C GLU J 123 -53.65 46.54 -58.68
N LEU J 124 -52.39 46.86 -58.38
CA LEU J 124 -51.38 45.81 -58.28
C LEU J 124 -51.69 44.84 -57.15
N ASN J 125 -52.13 45.37 -56.01
CA ASN J 125 -52.50 44.49 -54.89
C ASN J 125 -53.67 43.59 -55.28
N GLN J 126 -54.67 44.15 -55.95
CA GLN J 126 -55.80 43.34 -56.38
C GLN J 126 -55.36 42.25 -57.35
N PHE J 127 -54.45 42.58 -58.27
CA PHE J 127 -53.93 41.57 -59.19
C PHE J 127 -53.17 40.47 -58.44
N CYS J 128 -52.32 40.87 -57.50
CA CYS J 128 -51.50 39.89 -56.78
C CYS J 128 -52.35 39.00 -55.89
N SER J 129 -53.45 39.52 -55.35
CA SER J 129 -54.27 38.74 -54.43
C SER J 129 -54.80 37.47 -55.07
N VAL J 130 -54.86 37.41 -56.41
CA VAL J 130 -55.43 36.26 -57.10
C VAL J 130 -54.35 35.29 -57.61
N HIS J 131 -53.11 35.74 -57.76
CA HIS J 131 -52.05 34.93 -58.34
C HIS J 131 -51.00 34.59 -57.29
N THR J 132 -50.51 33.36 -57.34
CA THR J 132 -49.47 32.93 -56.43
C THR J 132 -48.14 33.57 -56.78
N LEU J 133 -47.17 33.43 -55.87
CA LEU J 133 -45.87 34.07 -56.07
C LEU J 133 -45.20 33.58 -57.34
N GLN J 134 -45.34 32.29 -57.66
CA GLN J 134 -44.73 31.76 -58.86
C GLN J 134 -45.26 32.46 -60.11
N GLU J 135 -46.59 32.60 -60.19
CA GLU J 135 -47.18 33.22 -61.37
C GLU J 135 -46.74 34.66 -61.53
N VAL J 136 -46.79 35.43 -60.44
CA VAL J 136 -46.42 36.84 -60.52
C VAL J 136 -44.95 36.99 -60.84
N TYR J 137 -44.10 36.17 -60.22
CA TYR J 137 -42.65 36.35 -60.35
C TYR J 137 -42.15 35.86 -61.70
N ILE J 138 -42.69 34.77 -62.23
CA ILE J 138 -42.16 34.16 -63.44
C ILE J 138 -43.22 34.03 -64.52
N GLU J 139 -44.27 33.25 -64.24
CA GLU J 139 -45.15 32.78 -65.31
C GLU J 139 -46.00 33.90 -65.87
N LEU J 140 -46.62 34.71 -65.02
CA LEU J 140 -47.55 35.75 -65.45
C LEU J 140 -46.86 37.11 -65.62
N PHE J 141 -45.54 37.16 -65.46
CA PHE J 141 -44.83 38.43 -65.63
C PHE J 141 -45.04 39.00 -67.03
N ASP J 142 -45.25 38.13 -68.02
CA ASP J 142 -45.52 38.62 -69.37
C ASP J 142 -46.81 39.40 -69.44
N GLN J 143 -47.73 39.20 -68.50
CA GLN J 143 -49.05 39.81 -68.55
C GLN J 143 -49.37 40.71 -67.38
N ILE J 144 -48.45 40.87 -66.42
CA ILE J 144 -48.70 41.81 -65.33
C ILE J 144 -48.99 43.20 -65.88
N ASP J 145 -48.14 43.67 -66.78
CA ASP J 145 -48.29 45.02 -67.31
C ASP J 145 -49.54 45.15 -68.15
N GLU J 146 -49.86 44.14 -68.94
CA GLU J 146 -51.08 44.19 -69.74
C GLU J 146 -52.31 44.27 -68.84
N ASN J 147 -52.33 43.47 -67.77
CA ASN J 147 -53.45 43.51 -66.84
C ASN J 147 -53.57 44.87 -66.18
N LEU J 148 -52.44 45.45 -65.75
CA LEU J 148 -52.49 46.76 -65.10
C LEU J 148 -52.99 47.82 -66.08
N LYS J 149 -52.49 47.82 -67.30
CA LYS J 149 -52.92 48.80 -68.29
C LYS J 149 -54.41 48.66 -68.57
N LEU J 150 -54.89 47.43 -68.74
CA LEU J 150 -56.31 47.23 -68.99
C LEU J 150 -57.14 47.73 -67.81
N ALA J 151 -56.72 47.41 -66.58
CA ALA J 151 -57.48 47.82 -65.42
C ALA J 151 -57.56 49.34 -65.31
N LEU J 152 -56.43 50.03 -65.56
CA LEU J 152 -56.43 51.49 -65.46
C LEU J 152 -57.28 52.11 -66.57
N GLN J 153 -57.08 51.68 -67.81
CA GLN J 153 -57.81 52.27 -68.92
C GLN J 153 -59.30 51.99 -68.82
N GLN J 154 -59.69 50.86 -68.23
CA GLN J 154 -61.11 50.56 -68.10
C GLN J 154 -61.82 51.61 -67.27
N ASP J 155 -61.19 52.06 -66.18
CA ASP J 155 -61.76 53.15 -65.39
C ASP J 155 -61.64 54.48 -66.12
N LEU J 156 -60.47 54.76 -66.69
CA LEU J 156 -60.24 56.08 -67.29
C LEU J 156 -61.18 56.36 -68.45
N THR J 157 -61.54 55.33 -69.24
CA THR J 157 -62.34 55.57 -70.43
C THR J 157 -63.64 56.30 -70.09
N SER J 158 -64.16 56.10 -68.88
CA SER J 158 -65.36 56.80 -68.44
C SER J 158 -65.07 57.93 -67.47
N MET J 159 -64.12 57.75 -66.56
CA MET J 159 -63.85 58.80 -65.58
C MET J 159 -63.24 60.04 -66.23
N ALA J 160 -62.21 59.84 -67.05
CA ALA J 160 -61.45 60.94 -67.65
C ALA J 160 -61.24 60.65 -69.14
N PRO J 161 -62.30 60.71 -69.94
CA PRO J 161 -62.15 60.40 -71.37
C PRO J 161 -61.23 61.37 -72.08
N GLY J 162 -60.07 60.87 -72.52
CA GLY J 162 -59.09 61.72 -73.17
C GLY J 162 -57.68 61.38 -72.74
N LEU J 163 -57.53 60.84 -71.53
CA LEU J 163 -56.24 60.39 -71.03
C LEU J 163 -56.07 58.92 -71.38
N VAL J 164 -55.07 58.60 -72.19
CA VAL J 164 -54.87 57.26 -72.72
C VAL J 164 -53.54 56.74 -72.19
N ILE J 165 -53.58 55.64 -71.46
CA ILE J 165 -52.38 54.97 -70.98
C ILE J 165 -51.93 54.01 -72.07
N GLN J 166 -50.78 54.31 -72.68
CA GLN J 166 -50.32 53.56 -73.84
C GLN J 166 -49.36 52.44 -73.49
N ALA J 167 -48.69 52.49 -72.33
CA ALA J 167 -47.80 51.40 -71.98
C ALA J 167 -47.59 51.36 -70.47
N VAL J 168 -47.20 50.18 -69.99
CA VAL J 168 -46.83 49.98 -68.60
C VAL J 168 -45.61 49.06 -68.55
N ARG J 169 -44.66 49.38 -67.68
CA ARG J 169 -43.48 48.58 -67.47
C ARG J 169 -43.34 48.28 -65.99
N VAL J 170 -42.74 47.13 -65.69
CA VAL J 170 -42.67 46.64 -64.31
C VAL J 170 -41.30 46.00 -64.09
N THR J 171 -40.70 46.29 -62.94
CA THR J 171 -39.50 45.57 -62.57
C THR J 171 -39.85 44.23 -61.95
N LYS J 172 -38.88 43.32 -61.91
CA LYS J 172 -39.09 42.03 -61.29
C LYS J 172 -39.20 42.19 -59.78
N PRO J 173 -40.19 41.60 -59.13
CA PRO J 173 -40.36 41.81 -57.69
C PRO J 173 -39.17 41.29 -56.89
N ASN J 174 -38.97 41.89 -55.72
CA ASN J 174 -37.91 41.49 -54.79
C ASN J 174 -38.51 40.50 -53.80
N ILE J 175 -38.35 39.21 -54.08
CA ILE J 175 -38.87 38.15 -53.23
C ILE J 175 -38.02 38.04 -51.97
N PRO J 176 -38.54 37.43 -50.90
CA PRO J 176 -37.76 37.34 -49.66
C PRO J 176 -36.48 36.54 -49.85
N GLU J 177 -35.53 36.78 -48.95
CA GLU J 177 -34.23 36.10 -49.04
C GLU J 177 -34.39 34.60 -48.93
N ALA J 178 -35.28 34.14 -48.04
CA ALA J 178 -35.45 32.71 -47.84
C ALA J 178 -35.90 32.02 -49.13
N ILE J 179 -36.84 32.64 -49.85
CA ILE J 179 -37.34 32.03 -51.08
C ILE J 179 -36.37 32.21 -52.24
N ARG J 180 -35.49 33.21 -52.18
CA ARG J 180 -34.51 33.38 -53.26
C ARG J 180 -33.49 32.26 -53.24
N ARG J 181 -32.96 31.93 -52.07
CA ARG J 181 -31.94 30.88 -51.99
C ARG J 181 -32.43 29.58 -52.60
N ASN J 182 -33.71 29.25 -52.39
CA ASN J 182 -34.25 28.03 -52.97
C ASN J 182 -34.17 28.07 -54.49
N TYR J 183 -34.47 29.22 -55.08
CA TYR J 183 -34.40 29.33 -56.54
C TYR J 183 -32.98 29.13 -57.04
N GLU J 184 -31.99 29.68 -56.32
CA GLU J 184 -30.60 29.40 -56.66
C GLU J 184 -30.28 27.92 -56.49
N LEU J 185 -30.77 27.33 -55.40
CA LEU J 185 -30.54 25.91 -55.17
C LEU J 185 -31.18 25.07 -56.27
N MET J 186 -32.36 25.48 -56.74
CA MET J 186 -33.02 24.75 -57.82
C MET J 186 -32.16 24.76 -59.07
N GLU J 187 -31.52 25.89 -59.37
CA GLU J 187 -30.69 25.98 -60.56
C GLU J 187 -29.36 25.25 -60.38
N SER J 188 -28.88 25.11 -59.15
CA SER J 188 -27.68 24.32 -58.93
C SER J 188 -27.90 22.86 -59.34
N GLU J 189 -29.10 22.33 -59.05
CA GLU J 189 -29.39 20.95 -59.43
C GLU J 189 -29.33 20.78 -60.95
N LYS J 190 -29.80 21.78 -61.69
CA LYS J 190 -29.80 21.66 -63.14
C LYS J 190 -28.38 21.54 -63.69
N THR J 191 -27.44 22.30 -63.11
CA THR J 191 -26.04 22.14 -63.49
C THR J 191 -25.43 20.89 -62.88
N LYS J 192 -25.83 20.52 -61.67
CA LYS J 192 -25.30 19.30 -61.06
C LYS J 192 -25.63 18.08 -61.89
N LEU J 193 -26.76 18.11 -62.61
CA LEU J 193 -27.06 17.02 -63.53
C LEU J 193 -26.05 16.97 -64.67
N LEU J 194 -25.62 18.14 -65.14
CA LEU J 194 -24.62 18.18 -66.21
C LEU J 194 -23.29 17.61 -65.76
N ILE J 195 -22.90 17.86 -64.51
CA ILE J 195 -21.68 17.26 -63.98
C ILE J 195 -21.79 15.74 -63.99
N ALA J 196 -22.93 15.22 -63.55
CA ALA J 196 -23.11 13.78 -63.48
C ALA J 196 -22.99 13.13 -64.85
N ALA J 197 -23.32 13.86 -65.91
CA ALA J 197 -23.22 13.29 -67.26
C ALA J 197 -21.77 13.09 -67.68
N GLN J 198 -20.86 13.95 -67.22
CA GLN J 198 -19.44 13.84 -67.55
C GLN J 198 -18.70 12.98 -66.53
N LYS J 199 -19.06 13.09 -65.25
CA LYS J 199 -18.52 12.16 -64.27
C LYS J 199 -18.86 10.72 -64.65
N GLN J 200 -19.99 10.52 -65.33
CA GLN J 200 -20.33 9.19 -65.81
C GLN J 200 -19.27 8.68 -66.77
N LYS J 201 -18.89 9.49 -67.75
CA LYS J 201 -17.88 9.08 -68.73
C LYS J 201 -16.53 8.87 -68.06
N VAL J 202 -16.18 9.73 -67.10
CA VAL J 202 -14.91 9.57 -66.41
C VAL J 202 -14.88 8.26 -65.65
N VAL J 203 -15.97 7.94 -64.95
CA VAL J 203 -16.06 6.69 -64.20
C VAL J 203 -16.00 5.50 -65.14
N GLU J 204 -16.66 5.60 -66.29
CA GLU J 204 -16.61 4.53 -67.28
C GLU J 204 -15.18 4.29 -67.74
N LYS J 205 -14.44 5.37 -68.04
CA LYS J 205 -13.08 5.21 -68.51
C LYS J 205 -12.19 4.61 -67.43
N GLU J 206 -12.35 5.05 -66.18
CA GLU J 206 -11.54 4.49 -65.10
C GLU J 206 -11.85 3.01 -64.91
N ALA J 207 -13.13 2.63 -64.97
CA ALA J 207 -13.49 1.22 -64.84
C ALA J 207 -12.92 0.40 -65.98
N GLU J 208 -12.95 0.93 -67.20
CA GLU J 208 -12.38 0.21 -68.33
C GLU J 208 -10.88 0.05 -68.19
N THR J 209 -10.20 1.08 -67.68
CA THR J 209 -8.76 0.95 -67.43
C THR J 209 -8.48 -0.12 -66.39
N GLU J 210 -9.30 -0.17 -65.33
CA GLU J 210 -9.15 -1.22 -64.33
C GLU J 210 -9.35 -2.60 -64.96
N ARG J 211 -10.34 -2.71 -65.85
CA ARG J 211 -10.57 -3.99 -66.53
C ARG J 211 -9.37 -4.38 -67.37
N LYS J 212 -8.80 -3.44 -68.11
CA LYS J 212 -7.64 -3.76 -68.95
C LYS J 212 -6.46 -4.19 -68.10
N LYS J 213 -6.23 -3.51 -66.97
CA LYS J 213 -5.16 -3.92 -66.07
C LYS J 213 -5.41 -5.32 -65.53
N ALA J 214 -6.65 -5.63 -65.15
CA ALA J 214 -6.96 -6.96 -64.65
C ALA J 214 -6.72 -8.02 -65.71
N LEU J 215 -7.10 -7.73 -66.96
CA LEU J 215 -6.88 -8.69 -68.03
C LEU J 215 -5.40 -8.92 -68.27
N ILE J 216 -4.59 -7.85 -68.23
CA ILE J 216 -3.16 -8.02 -68.41
C ILE J 216 -2.57 -8.86 -67.28
N GLU J 217 -3.02 -8.62 -66.04
CA GLU J 217 -2.54 -9.43 -64.92
C GLU J 217 -2.94 -10.90 -65.09
N ALA J 218 -4.16 -11.14 -65.57
CA ALA J 218 -4.60 -12.52 -65.80
C ALA J 218 -3.74 -13.19 -66.86
N GLU J 219 -3.42 -12.48 -67.93
CA GLU J 219 -2.53 -13.04 -68.95
C GLU J 219 -1.15 -13.33 -68.37
N LYS J 220 -0.64 -12.43 -67.52
CA LYS J 220 0.62 -12.69 -66.84
C LYS J 220 0.56 -13.99 -66.06
N VAL J 221 -0.52 -14.17 -65.28
CA VAL J 221 -0.64 -15.37 -64.47
C VAL J 221 -0.72 -16.60 -65.35
N ALA J 222 -1.45 -16.51 -66.46
CA ALA J 222 -1.57 -17.66 -67.36
C ALA J 222 -0.21 -18.06 -67.93
N GLN J 223 0.56 -17.07 -68.39
CA GLN J 223 1.87 -17.39 -68.98
C GLN J 223 2.84 -17.93 -67.93
N VAL J 224 2.83 -17.34 -66.74
CA VAL J 224 3.69 -17.84 -65.67
C VAL J 224 3.29 -19.27 -65.31
N ALA J 225 1.99 -19.56 -65.30
CA ALA J 225 1.54 -20.92 -65.02
C ALA J 225 1.99 -21.88 -66.11
N GLU J 226 1.96 -21.45 -67.38
CA GLU J 226 2.46 -22.30 -68.44
C GLU J 226 3.93 -22.64 -68.24
N ILE J 227 4.73 -21.63 -67.89
CA ILE J 227 6.15 -21.89 -67.62
C ILE J 227 6.31 -22.85 -66.46
N THR J 228 5.57 -22.62 -65.38
CA THR J 228 5.69 -23.44 -64.19
C THR J 228 5.29 -24.89 -64.47
N TYR J 229 4.28 -25.09 -65.32
CA TYR J 229 3.80 -26.43 -65.60
C TYR J 229 4.54 -27.11 -66.74
N GLY J 230 5.41 -26.38 -67.43
CA GLY J 230 6.45 -27.06 -68.20
C GLY J 230 7.54 -27.54 -67.26
N GLN J 231 7.87 -26.68 -66.28
CA GLN J 231 8.85 -27.06 -65.27
C GLN J 231 8.41 -28.30 -64.52
N LYS J 232 7.12 -28.41 -64.23
CA LYS J 232 6.62 -29.58 -63.49
C LYS J 232 6.71 -30.85 -64.31
N VAL J 233 6.45 -30.77 -65.62
CA VAL J 233 6.63 -31.94 -66.48
C VAL J 233 8.08 -32.37 -66.48
N MET J 234 9.01 -31.41 -66.56
CA MET J 234 10.42 -31.76 -66.46
C MET J 234 10.74 -32.38 -65.10
N GLU J 235 10.13 -31.83 -64.04
CA GLU J 235 10.27 -32.40 -62.71
C GLU J 235 9.92 -33.88 -62.71
N LYS J 236 8.77 -34.21 -63.25
CA LYS J 236 8.31 -35.60 -63.18
C LYS J 236 9.09 -36.50 -64.12
N GLU J 237 9.60 -35.97 -65.23
CA GLU J 237 10.49 -36.77 -66.06
C GLU J 237 11.77 -37.13 -65.31
N THR J 238 12.36 -36.16 -64.63
CA THR J 238 13.56 -36.47 -63.85
C THR J 238 13.24 -37.37 -62.66
N GLU J 239 12.04 -37.22 -62.08
CA GLU J 239 11.65 -38.13 -61.01
C GLU J 239 11.46 -39.55 -61.52
N LYS J 240 10.96 -39.70 -62.75
CA LYS J 240 10.90 -41.03 -63.35
C LYS J 240 12.29 -41.62 -63.52
N LYS J 241 13.25 -40.81 -63.98
CA LYS J 241 14.62 -41.29 -64.07
C LYS J 241 15.17 -41.70 -62.71
N ILE J 242 14.90 -40.88 -61.68
CA ILE J 242 15.39 -41.19 -60.35
C ILE J 242 14.75 -42.47 -59.82
N SER J 243 13.47 -42.67 -60.08
CA SER J 243 12.81 -43.90 -59.67
C SER J 243 13.40 -45.10 -60.39
N GLU J 244 13.68 -44.96 -61.68
CA GLU J 244 14.34 -46.05 -62.40
C GLU J 244 15.69 -46.38 -61.78
N ILE J 245 16.44 -45.35 -61.35
CA ILE J 245 17.71 -45.60 -60.69
C ILE J 245 17.49 -46.31 -59.35
N GLU J 246 16.51 -45.85 -58.57
CA GLU J 246 16.28 -46.45 -57.26
C GLU J 246 15.82 -47.88 -57.37
N ASP J 247 15.12 -48.24 -58.45
CA ASP J 247 14.70 -49.63 -58.63
C ASP J 247 15.90 -50.56 -58.73
N ALA J 248 16.93 -50.14 -59.48
CA ALA J 248 18.14 -50.94 -59.55
C ALA J 248 18.80 -51.07 -58.18
N ALA J 249 18.84 -49.98 -57.42
CA ALA J 249 19.36 -50.05 -56.06
C ALA J 249 18.48 -50.92 -55.18
N PHE J 250 17.16 -50.81 -55.33
CA PHE J 250 16.25 -51.61 -54.54
C PHE J 250 16.41 -53.10 -54.85
N LEU J 251 16.49 -53.45 -56.13
CA LEU J 251 16.67 -54.86 -56.49
C LEU J 251 17.98 -55.40 -55.93
N ALA J 252 19.06 -54.65 -56.06
CA ALA J 252 20.35 -55.11 -55.57
C ALA J 252 20.33 -55.30 -54.06
N ARG J 253 19.74 -54.35 -53.34
CA ARG J 253 19.68 -54.46 -51.89
C ARG J 253 18.81 -55.63 -51.45
N GLU J 254 17.67 -55.83 -52.13
CA GLU J 254 16.80 -56.94 -51.76
C GLU J 254 17.38 -58.28 -52.19
N LYS J 255 18.18 -58.30 -53.26
CA LYS J 255 18.89 -59.52 -53.61
C LYS J 255 19.92 -59.88 -52.55
N ALA J 256 20.68 -58.89 -52.08
CA ALA J 256 21.66 -59.15 -51.03
C ALA J 256 20.97 -59.59 -49.74
N LYS J 257 19.87 -58.93 -49.37
CA LYS J 257 19.14 -59.33 -48.19
C LYS J 257 18.54 -60.73 -48.35
N ALA J 258 18.21 -61.12 -49.58
CA ALA J 258 17.71 -62.47 -49.82
C ALA J 258 18.83 -63.50 -49.68
N ASP J 259 19.98 -63.21 -50.29
CA ASP J 259 21.12 -64.14 -50.19
C ASP J 259 21.65 -64.21 -48.77
N ALA J 260 21.71 -63.07 -48.08
CA ALA J 260 22.21 -63.06 -46.71
C ALA J 260 21.34 -63.91 -45.80
N GLU J 261 20.01 -63.82 -45.98
CA GLU J 261 19.11 -64.65 -45.18
C GLU J 261 19.16 -66.10 -45.63
N CYS J 262 19.32 -66.36 -46.92
CA CYS J 262 19.43 -67.73 -47.38
C CYS J 262 20.67 -68.41 -46.83
N TYR J 263 21.79 -67.70 -46.81
CA TYR J 263 23.01 -68.26 -46.24
C TYR J 263 22.85 -68.48 -44.74
N THR J 264 22.26 -67.51 -44.04
CA THR J 264 22.05 -67.68 -42.60
C THR J 264 21.13 -68.84 -42.31
N ALA J 265 20.08 -69.02 -43.11
CA ALA J 265 19.16 -70.12 -42.90
C ALA J 265 19.84 -71.46 -43.10
N MET J 266 20.69 -71.57 -44.12
CA MET J 266 21.40 -72.83 -44.33
C MET J 266 22.30 -73.17 -43.16
N LYS J 267 23.04 -72.19 -42.63
CA LYS J 267 23.87 -72.45 -41.47
C LYS J 267 23.02 -72.75 -40.24
N ILE J 268 21.90 -72.05 -40.10
CA ILE J 268 20.94 -72.40 -39.04
C ILE J 268 20.43 -73.82 -39.26
N ALA J 269 20.22 -74.19 -40.52
CA ALA J 269 19.70 -75.52 -40.82
C ALA J 269 20.70 -76.60 -40.45
N GLU J 270 21.97 -76.43 -40.85
CA GLU J 270 22.96 -77.45 -40.55
C GLU J 270 23.45 -77.40 -39.11
N ALA J 271 23.27 -76.27 -38.44
CA ALA J 271 23.54 -76.23 -37.00
C ALA J 271 22.41 -76.89 -36.22
N ASN J 272 21.17 -76.70 -36.68
CA ASN J 272 20.04 -77.37 -36.06
C ASN J 272 20.10 -78.89 -36.23
N LYS J 273 20.88 -79.38 -37.18
CA LYS J 273 21.00 -80.82 -37.38
C LYS J 273 21.60 -81.49 -36.15
N LEU J 274 22.61 -80.86 -35.55
CA LEU J 274 23.27 -81.41 -34.37
C LEU J 274 22.65 -80.93 -33.08
N LYS J 275 22.16 -79.69 -33.04
CA LYS J 275 21.63 -79.14 -31.80
C LYS J 275 20.28 -79.74 -31.45
N LEU J 276 19.43 -79.96 -32.44
CA LEU J 276 18.07 -80.43 -32.19
C LEU J 276 18.08 -81.94 -32.03
N THR J 277 18.30 -82.39 -30.81
CA THR J 277 18.19 -83.77 -30.40
C THR J 277 16.99 -83.96 -29.49
N PRO J 278 16.57 -85.20 -29.22
CA PRO J 278 15.42 -85.40 -28.33
C PRO J 278 15.60 -84.77 -26.97
N GLU J 279 16.81 -84.84 -26.40
CA GLU J 279 17.05 -84.25 -25.09
C GLU J 279 16.83 -82.74 -25.12
N TYR J 280 17.41 -82.07 -26.11
CA TYR J 280 17.23 -80.62 -26.22
C TYR J 280 15.78 -80.28 -26.48
N LEU J 281 15.08 -81.09 -27.29
CA LEU J 281 13.68 -80.80 -27.58
C LEU J 281 12.83 -80.90 -26.32
N GLN J 282 13.06 -81.93 -25.50
CA GLN J 282 12.34 -82.04 -24.24
C GLN J 282 12.66 -80.88 -23.31
N LEU J 283 13.94 -80.52 -23.24
CA LEU J 283 14.34 -79.40 -22.38
C LEU J 283 13.63 -78.12 -22.80
N MET J 284 13.60 -77.84 -24.11
CA MET J 284 12.93 -76.65 -24.59
C MET J 284 11.42 -76.74 -24.38
N LYS J 285 10.86 -77.93 -24.52
CA LYS J 285 9.42 -78.10 -24.30
C LYS J 285 9.04 -77.69 -22.89
N TYR J 286 9.81 -78.13 -21.90
CA TYR J 286 9.50 -77.74 -20.52
C TYR J 286 9.91 -76.30 -20.22
N LYS J 287 10.98 -75.81 -20.83
CA LYS J 287 11.38 -74.43 -20.61
C LYS J 287 10.34 -73.46 -21.16
N ALA J 288 9.62 -73.86 -22.21
CA ALA J 288 8.57 -73.01 -22.75
C ALA J 288 7.45 -72.80 -21.74
N ILE J 289 7.05 -73.87 -21.04
CA ILE J 289 5.99 -73.78 -20.04
C ILE J 289 6.50 -73.23 -18.72
N ALA J 290 7.81 -73.19 -18.52
CA ALA J 290 8.35 -72.73 -17.24
C ALA J 290 7.79 -71.38 -16.82
N SER J 291 7.46 -70.51 -17.78
CA SER J 291 7.04 -69.15 -17.46
C SER J 291 5.52 -68.98 -17.43
N ASN J 292 4.76 -69.88 -18.04
CA ASN J 292 3.31 -69.70 -18.09
C ASN J 292 2.71 -69.77 -16.70
N SER J 293 1.68 -68.96 -16.47
CA SER J 293 0.91 -69.06 -15.24
C SER J 293 0.10 -70.35 -15.25
N LYS J 294 0.06 -71.03 -14.11
CA LYS J 294 -0.57 -72.34 -14.01
C LYS J 294 -1.37 -72.43 -12.73
N ILE J 295 -2.43 -73.23 -12.78
CA ILE J 295 -3.21 -73.59 -11.60
C ILE J 295 -3.34 -75.11 -11.58
N TYR J 296 -2.94 -75.71 -10.47
CA TYR J 296 -2.85 -77.16 -10.35
C TYR J 296 -3.95 -77.68 -9.44
N PHE J 297 -4.64 -78.73 -9.89
CA PHE J 297 -5.68 -79.41 -9.11
C PHE J 297 -5.33 -80.88 -9.04
N GLY J 298 -4.79 -81.32 -7.90
CA GLY J 298 -4.39 -82.71 -7.76
C GLY J 298 -4.67 -83.28 -6.39
N LYS J 299 -4.16 -84.48 -6.12
CA LYS J 299 -4.33 -85.12 -4.82
C LYS J 299 -3.15 -84.92 -3.89
N ASP J 300 -1.96 -84.67 -4.42
CA ASP J 300 -0.80 -84.39 -3.59
C ASP J 300 0.23 -83.66 -4.44
N ILE J 301 1.19 -83.04 -3.76
CA ILE J 301 2.22 -82.26 -4.46
C ILE J 301 2.97 -83.12 -5.46
N PRO J 302 3.42 -84.34 -5.12
CA PRO J 302 4.19 -85.13 -6.10
C PRO J 302 3.43 -85.38 -7.40
N ASN J 303 2.10 -85.51 -7.35
CA ASN J 303 1.35 -85.82 -8.56
C ASN J 303 1.43 -84.71 -9.61
N MET J 304 1.96 -83.55 -9.25
CA MET J 304 2.11 -82.46 -10.19
C MET J 304 3.32 -82.65 -11.12
N PHE J 305 4.25 -83.54 -10.78
CA PHE J 305 5.54 -83.62 -11.45
C PHE J 305 5.68 -84.86 -12.33
N MET J 306 4.58 -85.53 -12.66
CA MET J 306 4.63 -86.62 -13.63
C MET J 306 3.35 -86.62 -14.45
N ASP J 307 3.27 -87.56 -15.39
CA ASP J 307 2.16 -87.63 -16.33
C ASP J 307 0.93 -88.23 -15.69
N VAL K 52 -22.07 90.60 -81.73
CA VAL K 52 -22.36 89.39 -80.97
C VAL K 52 -23.67 88.78 -81.44
N LEU K 53 -24.57 89.63 -81.93
CA LEU K 53 -25.86 89.14 -82.42
C LEU K 53 -25.67 88.19 -83.60
N LEU K 54 -24.85 88.59 -84.57
CA LEU K 54 -24.58 87.71 -85.71
C LEU K 54 -23.86 86.44 -85.28
N TYR K 55 -22.92 86.57 -84.35
CA TYR K 55 -22.20 85.40 -83.86
C TYR K 55 -23.15 84.39 -83.22
N ALA K 56 -24.08 84.87 -82.41
CA ALA K 56 -25.08 83.98 -81.82
C ALA K 56 -26.01 83.40 -82.88
N SER K 57 -26.42 84.23 -83.85
CA SER K 57 -27.37 83.75 -84.86
C SER K 57 -26.78 82.64 -85.70
N ILE K 58 -25.53 82.79 -86.13
CA ILE K 58 -24.90 81.79 -86.98
C ILE K 58 -24.45 80.61 -86.12
N HIS K 59 -24.84 79.40 -86.52
CA HIS K 59 -24.57 78.19 -85.76
C HIS K 59 -24.01 77.12 -86.69
N LYS K 60 -23.59 76.01 -86.08
CA LYS K 60 -22.90 74.93 -86.77
C LYS K 60 -23.73 73.66 -86.69
N ILE K 61 -23.95 73.03 -87.85
CA ILE K 61 -24.66 71.76 -87.94
C ILE K 61 -23.69 70.72 -88.47
N GLU K 62 -23.52 69.64 -87.71
CA GLU K 62 -22.56 68.61 -88.09
C GLU K 62 -23.10 67.76 -89.24
N GLU K 63 -22.20 67.01 -89.86
CA GLU K 63 -22.59 66.11 -90.94
C GLU K 63 -23.41 64.94 -90.38
N GLY K 64 -24.30 64.42 -91.22
CA GLY K 64 -25.12 63.31 -90.81
C GLY K 64 -26.12 63.64 -89.74
N HIS K 65 -26.40 64.92 -89.52
CA HIS K 65 -27.39 65.37 -88.54
C HIS K 65 -28.47 66.17 -89.26
N LEU K 66 -29.55 66.43 -88.55
CA LEU K 66 -30.55 67.41 -88.96
C LEU K 66 -30.84 68.33 -87.80
N ALA K 67 -30.93 69.62 -88.08
CA ALA K 67 -31.18 70.62 -87.07
C ALA K 67 -32.67 70.89 -86.96
N VAL K 68 -33.17 70.94 -85.73
CA VAL K 68 -34.54 71.30 -85.43
C VAL K 68 -34.52 72.55 -84.57
N TYR K 69 -35.34 73.53 -84.93
CA TYR K 69 -35.30 74.86 -84.35
C TYR K 69 -36.53 75.09 -83.49
N TYR K 70 -36.33 75.62 -82.29
CA TYR K 70 -37.39 75.93 -81.34
C TYR K 70 -37.48 77.45 -81.21
N ARG K 71 -38.60 78.02 -81.66
CA ARG K 71 -38.85 79.46 -81.55
C ARG K 71 -39.81 79.68 -80.39
N GLY K 72 -39.25 79.97 -79.22
CA GLY K 72 -40.08 80.23 -78.05
C GLY K 72 -40.91 79.04 -77.62
N GLY K 73 -40.31 77.86 -77.56
CA GLY K 73 -41.03 76.68 -77.13
C GLY K 73 -41.95 76.10 -78.18
N ALA K 74 -41.61 76.23 -79.46
CA ALA K 74 -42.35 75.64 -80.56
C ALA K 74 -41.41 74.81 -81.42
N LEU K 75 -41.90 74.35 -82.56
CA LEU K 75 -41.10 73.60 -83.52
C LEU K 75 -41.43 74.09 -84.92
N LEU K 76 -40.49 74.80 -85.54
CA LEU K 76 -40.71 75.29 -86.89
C LEU K 76 -40.71 74.13 -87.87
N THR K 77 -41.54 74.22 -88.90
CA THR K 77 -41.77 73.14 -89.85
C THR K 77 -40.57 72.87 -90.76
N SER K 78 -39.55 73.69 -90.78
CA SER K 78 -38.43 73.53 -91.71
C SER K 78 -37.21 72.96 -90.99
N PRO K 79 -36.82 71.71 -91.23
CA PRO K 79 -35.54 71.22 -90.70
C PRO K 79 -34.39 71.48 -91.66
N SER K 80 -33.25 71.88 -91.14
CA SER K 80 -32.10 72.27 -91.95
C SER K 80 -31.05 71.15 -91.93
N GLY K 81 -30.47 70.88 -93.10
CA GLY K 81 -29.48 69.84 -93.22
C GLY K 81 -28.12 70.29 -92.73
N PRO K 82 -27.13 69.42 -92.91
CA PRO K 82 -25.78 69.73 -92.45
C PRO K 82 -25.18 70.90 -93.20
N GLY K 83 -24.34 71.66 -92.51
CA GLY K 83 -23.69 72.81 -93.09
C GLY K 83 -23.73 74.03 -92.20
N TYR K 84 -23.84 75.21 -92.80
CA TYR K 84 -23.92 76.47 -92.09
C TYR K 84 -25.33 77.01 -92.15
N HIS K 85 -25.83 77.52 -91.02
CA HIS K 85 -27.17 78.08 -90.96
C HIS K 85 -27.20 79.15 -89.88
N ILE K 86 -28.19 80.05 -90.00
CA ILE K 86 -28.28 81.20 -89.12
C ILE K 86 -29.63 81.23 -88.40
N MET K 87 -30.72 81.35 -89.16
CA MET K 87 -32.04 81.50 -88.58
C MET K 87 -32.07 82.73 -87.67
N LEU K 88 -33.21 83.00 -87.03
CA LEU K 88 -33.32 84.17 -86.19
C LEU K 88 -32.36 84.05 -84.99
N PRO K 89 -31.85 85.17 -84.50
CA PRO K 89 -30.69 85.13 -83.59
C PRO K 89 -30.94 84.50 -82.23
N PHE K 90 -31.96 84.97 -81.51
CA PHE K 90 -32.09 84.65 -80.10
C PHE K 90 -33.35 83.86 -79.78
N ILE K 91 -34.52 84.33 -80.20
CA ILE K 91 -35.76 83.64 -79.85
C ILE K 91 -35.80 82.24 -80.44
N THR K 92 -34.96 81.95 -81.43
CA THR K 92 -34.94 80.65 -82.09
C THR K 92 -33.66 79.91 -81.70
N THR K 93 -33.79 78.97 -80.76
CA THR K 93 -32.71 78.07 -80.42
C THR K 93 -32.73 76.89 -81.39
N PHE K 94 -31.65 76.10 -81.37
CA PHE K 94 -31.53 74.96 -82.27
C PHE K 94 -30.98 73.77 -81.52
N ARG K 95 -31.25 72.58 -82.06
CA ARG K 95 -30.63 71.36 -81.56
C ARG K 95 -30.53 70.36 -82.70
N SER K 96 -29.39 69.68 -82.77
CA SER K 96 -29.10 68.75 -83.86
C SER K 96 -29.37 67.33 -83.40
N VAL K 97 -30.07 66.57 -84.24
CA VAL K 97 -30.39 65.16 -83.97
C VAL K 97 -29.75 64.32 -85.06
N GLN K 98 -29.05 63.27 -84.66
CA GLN K 98 -28.34 62.42 -85.60
C GLN K 98 -29.32 61.59 -86.42
N THR K 99 -29.09 61.55 -87.73
CA THR K 99 -29.90 60.74 -88.63
C THR K 99 -29.15 59.55 -89.20
N THR K 100 -27.86 59.41 -88.88
CA THR K 100 -27.06 58.30 -89.36
C THR K 100 -27.03 57.20 -88.29
N LEU K 101 -26.19 56.19 -88.52
CA LEU K 101 -26.05 55.11 -87.54
C LEU K 101 -25.63 55.68 -86.20
N GLN K 102 -26.33 55.24 -85.14
CA GLN K 102 -26.06 55.73 -83.80
C GLN K 102 -26.20 54.58 -82.82
N THR K 103 -25.19 54.40 -81.97
CA THR K 103 -25.14 53.29 -81.03
C THR K 103 -25.10 53.82 -79.61
N ASP K 104 -25.88 53.21 -78.72
CA ASP K 104 -25.85 53.55 -77.31
C ASP K 104 -26.27 52.34 -76.50
N GLU K 105 -25.81 52.29 -75.24
CA GLU K 105 -25.89 51.09 -74.44
C GLU K 105 -26.55 51.35 -73.10
N VAL K 106 -27.12 50.29 -72.54
CA VAL K 106 -27.67 50.28 -71.19
C VAL K 106 -27.00 49.14 -70.43
N LYS K 107 -26.55 49.44 -69.21
CA LYS K 107 -25.68 48.53 -68.48
C LYS K 107 -26.42 47.88 -67.31
N ASN K 108 -25.91 46.72 -66.89
CA ASN K 108 -26.38 46.02 -65.70
C ASN K 108 -27.89 45.81 -65.75
N VAL K 109 -28.37 45.26 -66.85
CA VAL K 109 -29.79 44.98 -67.02
C VAL K 109 -30.11 43.66 -66.33
N PRO K 110 -30.97 43.64 -65.31
CA PRO K 110 -31.37 42.36 -64.71
C PRO K 110 -32.27 41.57 -65.64
N CYS K 111 -32.24 40.26 -65.48
CA CYS K 111 -33.10 39.37 -66.26
C CYS K 111 -33.40 38.16 -65.38
N GLY K 112 -34.67 37.97 -65.05
CA GLY K 112 -35.09 36.84 -64.24
C GLY K 112 -35.47 35.66 -65.11
N THR K 113 -34.65 34.60 -65.07
CA THR K 113 -34.88 33.48 -65.95
C THR K 113 -36.10 32.69 -65.49
N SER K 114 -36.56 31.78 -66.36
CA SER K 114 -37.73 30.98 -66.04
C SER K 114 -37.50 30.11 -64.82
N GLY K 115 -36.24 29.88 -64.45
CA GLY K 115 -35.92 29.14 -63.24
C GLY K 115 -35.98 29.95 -61.97
N GLY K 116 -36.30 31.24 -62.08
CA GLY K 116 -36.43 32.10 -60.91
C GLY K 116 -35.15 32.74 -60.44
N VAL K 117 -34.02 32.46 -61.07
CA VAL K 117 -32.75 33.05 -60.69
C VAL K 117 -32.50 34.27 -61.56
N MET K 118 -31.77 35.23 -61.01
CA MET K 118 -31.52 36.52 -61.66
C MET K 118 -30.12 36.54 -62.25
N ILE K 119 -30.02 36.91 -63.52
CA ILE K 119 -28.75 37.07 -64.20
C ILE K 119 -28.68 38.49 -64.74
N TYR K 120 -27.56 39.17 -64.51
CA TYR K 120 -27.40 40.57 -64.87
C TYR K 120 -26.55 40.65 -66.14
N ILE K 121 -27.19 41.05 -67.24
CA ILE K 121 -26.48 41.28 -68.49
C ILE K 121 -25.71 42.58 -68.37
N ASP K 122 -24.39 42.50 -68.54
CA ASP K 122 -23.54 43.66 -68.25
C ASP K 122 -23.86 44.83 -69.16
N ARG K 123 -23.98 44.57 -70.46
CA ARG K 123 -24.22 45.65 -71.41
C ARG K 123 -25.13 45.16 -72.52
N ILE K 124 -26.14 45.96 -72.86
CA ILE K 124 -26.96 45.75 -74.04
C ILE K 124 -26.87 47.02 -74.87
N GLU K 125 -26.30 46.88 -76.07
CA GLU K 125 -26.13 48.00 -76.98
C GLU K 125 -27.19 47.93 -78.07
N VAL K 126 -27.74 49.10 -78.41
CA VAL K 126 -28.69 49.23 -79.51
C VAL K 126 -28.10 50.21 -80.51
N VAL K 127 -28.07 49.81 -81.78
CA VAL K 127 -27.62 50.65 -82.88
C VAL K 127 -28.82 50.87 -83.78
N ASN K 128 -29.17 52.13 -83.99
CA ASN K 128 -30.39 52.51 -84.68
C ASN K 128 -30.09 53.65 -85.66
N MET K 129 -31.13 54.06 -86.38
CA MET K 129 -31.03 55.21 -87.26
C MET K 129 -32.43 55.52 -87.79
N LEU K 130 -32.69 56.79 -88.06
CA LEU K 130 -34.00 57.25 -88.51
C LEU K 130 -33.87 57.94 -89.86
N ALA K 131 -34.84 57.68 -90.73
CA ALA K 131 -34.81 58.27 -92.05
C ALA K 131 -34.86 59.79 -91.94
N PRO K 132 -34.11 60.53 -92.79
CA PRO K 132 -34.10 61.99 -92.64
C PRO K 132 -35.47 62.63 -92.74
N TYR K 133 -36.41 62.02 -93.45
CA TYR K 133 -37.72 62.65 -93.63
C TYR K 133 -38.62 62.53 -92.41
N ALA K 134 -38.34 61.60 -91.51
CA ALA K 134 -39.16 61.40 -90.31
C ALA K 134 -38.61 62.11 -89.09
N VAL K 135 -37.52 62.85 -89.23
CA VAL K 135 -36.91 63.52 -88.08
C VAL K 135 -37.87 64.53 -87.48
N PHE K 136 -38.51 65.33 -88.32
CA PHE K 136 -39.41 66.36 -87.81
C PHE K 136 -40.55 65.75 -87.01
N ASP K 137 -41.17 64.70 -87.54
CA ASP K 137 -42.25 64.04 -86.82
C ASP K 137 -41.74 63.43 -85.51
N ILE K 138 -40.56 62.83 -85.54
CA ILE K 138 -40.01 62.23 -84.33
C ILE K 138 -39.86 63.29 -83.25
N VAL K 139 -39.28 64.45 -83.59
CA VAL K 139 -39.05 65.46 -82.57
C VAL K 139 -40.38 66.05 -82.10
N ARG K 140 -41.31 66.25 -83.02
CA ARG K 140 -42.60 66.82 -82.65
C ARG K 140 -43.32 65.91 -81.65
N ASN K 141 -43.36 64.62 -81.93
CA ASN K 141 -44.03 63.68 -81.03
C ASN K 141 -43.30 63.57 -79.70
N TYR K 142 -41.98 63.36 -79.76
CA TYR K 142 -41.18 63.14 -78.57
C TYR K 142 -39.99 64.07 -78.58
N THR K 143 -39.60 64.53 -77.39
CA THR K 143 -38.45 65.42 -77.27
C THR K 143 -37.27 64.85 -78.03
N ALA K 144 -36.38 65.74 -78.51
CA ALA K 144 -35.27 65.30 -79.35
C ALA K 144 -34.45 64.22 -78.67
N ASP K 145 -34.40 64.21 -77.34
CA ASP K 145 -33.81 63.11 -76.59
C ASP K 145 -34.82 61.96 -76.49
N TYR K 146 -35.27 61.51 -77.67
CA TYR K 146 -36.32 60.51 -77.75
C TYR K 146 -35.80 59.10 -77.54
N ASP K 147 -34.49 58.88 -77.63
CA ASP K 147 -33.96 57.53 -77.47
C ASP K 147 -34.31 56.98 -76.09
N LYS K 148 -34.01 57.74 -75.04
CA LYS K 148 -34.24 57.26 -73.69
C LYS K 148 -35.69 56.84 -73.48
N THR K 149 -36.63 57.60 -74.02
CA THR K 149 -38.04 57.36 -73.75
C THR K 149 -38.71 56.46 -74.79
N LEU K 150 -38.04 56.12 -75.88
CA LEU K 150 -38.68 55.38 -76.96
C LEU K 150 -37.99 54.07 -77.30
N ILE K 151 -36.70 53.92 -77.01
CA ILE K 151 -35.99 52.69 -77.36
C ILE K 151 -35.13 52.16 -76.23
N PHE K 152 -34.84 52.92 -75.17
CA PHE K 152 -33.94 52.47 -74.13
C PHE K 152 -34.59 52.27 -72.78
N ASN K 153 -35.73 52.92 -72.51
CA ASN K 153 -36.47 52.62 -71.30
C ASN K 153 -37.23 51.30 -71.40
N LYS K 154 -37.43 50.80 -72.61
CA LYS K 154 -38.12 49.53 -72.82
C LYS K 154 -37.18 48.34 -72.83
N ILE K 155 -35.86 48.57 -72.82
CA ILE K 155 -34.93 47.47 -72.98
C ILE K 155 -35.05 46.49 -71.82
N HIS K 156 -35.07 47.01 -70.59
CA HIS K 156 -35.11 46.13 -69.44
C HIS K 156 -36.42 45.34 -69.39
N HIS K 157 -37.54 45.99 -69.70
CA HIS K 157 -38.82 45.29 -69.66
C HIS K 157 -38.90 44.22 -70.74
N GLU K 158 -38.45 44.53 -71.95
CA GLU K 158 -38.47 43.52 -73.02
C GLU K 158 -37.54 42.37 -72.68
N LEU K 159 -36.38 42.67 -72.09
CA LEU K 159 -35.45 41.62 -71.69
C LEU K 159 -36.07 40.72 -70.64
N ASN K 160 -36.76 41.30 -69.65
CA ASN K 160 -37.42 40.50 -68.63
C ASN K 160 -38.53 39.64 -69.25
N GLN K 161 -39.31 40.22 -70.17
CA GLN K 161 -40.38 39.47 -70.80
C GLN K 161 -39.82 38.29 -71.58
N PHE K 162 -38.68 38.48 -72.25
CA PHE K 162 -38.06 37.37 -72.97
C PHE K 162 -37.48 36.33 -72.01
N CYS K 163 -36.80 36.78 -70.96
CA CYS K 163 -36.14 35.85 -70.05
C CYS K 163 -37.16 34.98 -69.32
N SER K 164 -38.27 35.57 -68.87
CA SER K 164 -39.22 34.82 -68.06
C SER K 164 -39.73 33.59 -68.78
N ALA K 165 -39.73 33.60 -70.11
CA ALA K 165 -40.19 32.46 -70.89
C ALA K 165 -39.08 31.47 -71.23
N HIS K 166 -37.86 31.71 -70.75
CA HIS K 166 -36.72 30.86 -71.05
C HIS K 166 -35.94 30.58 -69.78
N THR K 167 -35.22 29.46 -69.78
CA THR K 167 -34.44 29.05 -68.63
C THR K 167 -33.01 29.58 -68.72
N LEU K 168 -32.27 29.41 -67.63
CA LEU K 168 -30.92 29.97 -67.55
C LEU K 168 -30.01 29.35 -68.60
N GLN K 169 -30.12 28.03 -68.82
CA GLN K 169 -29.29 27.39 -69.83
C GLN K 169 -29.56 27.98 -71.21
N GLU K 170 -30.84 28.18 -71.55
CA GLU K 170 -31.17 28.72 -72.85
C GLU K 170 -30.66 30.15 -73.01
N VAL K 171 -30.84 30.98 -71.98
CA VAL K 171 -30.44 32.38 -72.08
C VAL K 171 -28.92 32.50 -72.07
N TYR K 172 -28.26 31.79 -71.16
CA TYR K 172 -26.83 31.97 -70.98
C TYR K 172 -26.03 31.38 -72.13
N ILE K 173 -26.38 30.17 -72.56
CA ILE K 173 -25.56 29.39 -73.49
C ILE K 173 -26.31 29.09 -74.78
N GLU K 174 -27.41 28.34 -74.69
CA GLU K 174 -28.02 27.79 -75.89
C GLU K 174 -28.59 28.89 -76.78
N LEU K 175 -29.56 29.64 -76.28
CA LEU K 175 -30.20 30.70 -77.06
C LEU K 175 -29.55 32.06 -76.80
N PHE K 176 -28.23 32.14 -76.94
CA PHE K 176 -27.54 33.40 -76.83
C PHE K 176 -27.41 34.12 -78.16
N ASP K 177 -27.55 33.40 -79.28
CA ASP K 177 -27.58 34.02 -80.59
C ASP K 177 -28.97 34.50 -80.98
N GLN K 178 -29.96 34.34 -80.09
CA GLN K 178 -31.32 34.76 -80.35
C GLN K 178 -31.77 35.91 -79.46
N ILE K 179 -31.03 36.23 -78.40
CA ILE K 179 -31.45 37.31 -77.50
C ILE K 179 -31.53 38.62 -78.27
N ASP K 180 -30.45 38.96 -78.99
CA ASP K 180 -30.43 40.21 -79.73
C ASP K 180 -31.49 40.22 -80.82
N GLU K 181 -31.67 39.09 -81.51
CA GLU K 181 -32.68 39.04 -82.57
C GLU K 181 -34.07 39.29 -82.01
N ASN K 182 -34.41 38.64 -80.89
CA ASN K 182 -35.72 38.82 -80.30
C ASN K 182 -35.92 40.25 -79.80
N LEU K 183 -34.91 40.81 -79.15
CA LEU K 183 -35.02 42.18 -78.66
C LEU K 183 -35.23 43.14 -79.81
N LYS K 184 -34.45 42.99 -80.89
CA LYS K 184 -34.60 43.86 -82.04
C LYS K 184 -35.98 43.70 -82.67
N GLN K 185 -36.46 42.46 -82.78
CA GLN K 185 -37.78 42.24 -83.38
C GLN K 185 -38.87 42.93 -82.56
N ALA K 186 -38.85 42.74 -81.25
CA ALA K 186 -39.88 43.34 -80.41
C ALA K 186 -39.81 44.87 -80.48
N LEU K 187 -38.61 45.43 -80.34
CA LEU K 187 -38.48 46.88 -80.36
C LEU K 187 -38.91 47.46 -81.70
N GLN K 188 -38.52 46.81 -82.79
CA GLN K 188 -38.90 47.33 -84.11
C GLN K 188 -40.39 47.20 -84.34
N LYS K 189 -41.01 46.12 -83.86
CA LYS K 189 -42.46 45.99 -83.95
C LYS K 189 -43.12 47.17 -83.24
N ASP K 190 -42.71 47.43 -82.00
CA ASP K 190 -43.31 48.54 -81.27
C ASP K 190 -43.09 49.86 -82.00
N LEU K 191 -41.87 50.09 -82.49
CA LEU K 191 -41.53 51.35 -83.15
C LEU K 191 -42.32 51.54 -84.44
N ASN K 192 -42.61 50.46 -85.16
CA ASN K 192 -43.36 50.59 -86.40
C ASN K 192 -44.66 51.35 -86.16
N LEU K 193 -45.41 50.94 -85.15
CA LEU K 193 -46.66 51.63 -84.83
C LEU K 193 -46.41 52.96 -84.14
N MET K 194 -45.48 53.02 -83.20
CA MET K 194 -45.31 54.23 -82.41
C MET K 194 -44.73 55.37 -83.24
N ALA K 195 -43.51 55.19 -83.75
CA ALA K 195 -42.78 56.24 -84.45
C ALA K 195 -42.20 55.69 -85.75
N PRO K 196 -42.99 55.66 -86.83
CA PRO K 196 -42.45 55.17 -88.10
C PRO K 196 -41.30 56.03 -88.59
N GLY K 197 -40.32 55.39 -89.24
CA GLY K 197 -39.15 56.05 -89.76
C GLY K 197 -37.89 55.78 -88.97
N LEU K 198 -38.00 55.33 -87.73
CA LEU K 198 -36.85 54.98 -86.91
C LEU K 198 -36.71 53.46 -86.92
N THR K 199 -35.58 52.97 -87.42
CA THR K 199 -35.33 51.54 -87.56
C THR K 199 -34.06 51.16 -86.80
N ILE K 200 -34.12 50.01 -86.13
CA ILE K 200 -33.02 49.52 -85.32
C ILE K 200 -32.15 48.64 -86.22
N GLN K 201 -30.95 49.13 -86.54
CA GLN K 201 -30.04 48.36 -87.38
C GLN K 201 -29.58 47.09 -86.69
N ALA K 202 -29.22 47.18 -85.41
CA ALA K 202 -28.66 46.01 -84.75
C ALA K 202 -28.76 46.14 -83.24
N VAL K 203 -28.57 45.01 -82.56
CA VAL K 203 -28.52 44.94 -81.11
C VAL K 203 -27.43 43.96 -80.71
N ARG K 204 -26.71 44.29 -79.64
CA ARG K 204 -25.64 43.45 -79.13
C ARG K 204 -25.82 43.27 -77.62
N VAL K 205 -25.38 42.11 -77.13
CA VAL K 205 -25.57 41.75 -75.72
C VAL K 205 -24.29 41.11 -75.21
N THR K 206 -23.88 41.48 -74.01
CA THR K 206 -22.78 40.80 -73.35
C THR K 206 -23.28 39.51 -72.70
N LYS K 207 -22.34 38.66 -72.31
CA LYS K 207 -22.71 37.42 -71.65
C LYS K 207 -23.25 37.70 -70.27
N PRO K 208 -24.44 37.23 -69.92
CA PRO K 208 -25.00 37.54 -68.60
C PRO K 208 -24.14 37.01 -67.47
N LYS K 209 -24.13 37.75 -66.37
CA LYS K 209 -23.41 37.32 -65.18
C LYS K 209 -24.23 36.27 -64.44
N ILE K 210 -23.56 35.19 -64.04
CA ILE K 210 -24.22 34.07 -63.38
C ILE K 210 -23.82 34.06 -61.91
N PRO K 211 -24.68 33.62 -60.99
CA PRO K 211 -24.28 33.58 -59.58
C PRO K 211 -23.04 32.72 -59.36
N GLU K 212 -22.22 33.14 -58.41
CA GLU K 212 -20.98 32.41 -58.14
C GLU K 212 -21.25 30.95 -57.80
N ALA K 213 -22.38 30.67 -57.13
CA ALA K 213 -22.72 29.29 -56.82
C ALA K 213 -22.91 28.46 -58.08
N ILE K 214 -23.54 29.04 -59.09
CA ILE K 214 -23.77 28.33 -60.35
C ILE K 214 -22.57 28.42 -61.27
N ARG K 215 -21.74 29.45 -61.13
CA ARG K 215 -20.57 29.58 -62.00
C ARG K 215 -19.56 28.46 -61.74
N ARG K 216 -19.38 28.08 -60.48
CA ARG K 216 -18.44 27.00 -60.17
C ARG K 216 -18.88 25.70 -60.82
N ASN K 217 -20.17 25.38 -60.76
CA ASN K 217 -20.65 24.13 -61.33
C ASN K 217 -20.38 24.07 -62.83
N PHE K 218 -20.60 25.18 -63.54
CA PHE K 218 -20.30 25.20 -64.97
C PHE K 218 -18.82 24.96 -65.23
N GLU K 219 -17.96 25.44 -64.34
CA GLU K 219 -16.53 25.17 -64.47
C GLU K 219 -16.19 23.73 -64.08
N LEU K 220 -16.88 23.20 -63.07
CA LEU K 220 -16.64 21.81 -62.69
C LEU K 220 -17.01 20.86 -63.82
N MET K 221 -18.04 21.18 -64.58
CA MET K 221 -18.40 20.35 -65.73
C MET K 221 -17.25 20.26 -66.72
N GLU K 222 -16.51 21.37 -66.89
CA GLU K 222 -15.38 21.37 -67.81
C GLU K 222 -14.17 20.65 -67.23
N ALA K 223 -13.99 20.68 -65.91
CA ALA K 223 -12.91 19.93 -65.30
C ALA K 223 -13.08 18.44 -65.56
N GLU K 224 -14.33 17.95 -65.48
CA GLU K 224 -14.58 16.54 -65.76
C GLU K 224 -14.25 16.20 -67.21
N LYS K 225 -14.54 17.12 -68.13
CA LYS K 225 -14.28 16.84 -69.54
C LYS K 225 -12.80 16.62 -69.80
N THR K 226 -11.93 17.40 -69.16
CA THR K 226 -10.50 17.19 -69.29
C THR K 226 -10.04 15.99 -68.46
N LYS K 227 -10.72 15.69 -67.36
CA LYS K 227 -10.38 14.51 -66.58
C LYS K 227 -10.60 13.23 -67.37
N LEU K 228 -11.47 13.26 -68.38
CA LEU K 228 -11.64 12.10 -69.24
C LEU K 228 -10.45 11.91 -70.17
N LEU K 229 -9.77 13.00 -70.53
CA LEU K 229 -8.58 12.88 -71.36
C LEU K 229 -7.38 12.42 -70.54
N ILE K 230 -7.30 12.84 -69.28
CA ILE K 230 -6.24 12.34 -68.40
C ILE K 230 -6.38 10.83 -68.23
N ALA K 231 -7.60 10.36 -68.01
CA ALA K 231 -7.82 8.93 -67.81
C ALA K 231 -7.49 8.14 -69.08
N ALA K 232 -7.57 8.79 -70.24
CA ALA K 232 -7.25 8.10 -71.49
C ALA K 232 -5.74 7.90 -71.66
N GLN K 233 -4.92 8.66 -70.94
CA GLN K 233 -3.47 8.48 -70.97
C GLN K 233 -2.98 7.68 -69.77
N LYS K 234 -3.60 7.87 -68.61
CA LYS K 234 -3.34 6.98 -67.49
C LYS K 234 -3.62 5.54 -67.87
N GLN K 235 -4.58 5.31 -68.78
CA GLN K 235 -4.85 3.96 -69.23
C GLN K 235 -3.62 3.35 -69.89
N LYS K 236 -3.00 4.08 -70.82
CA LYS K 236 -1.80 3.58 -71.49
C LYS K 236 -0.65 3.41 -70.50
N VAL K 237 -0.51 4.36 -69.56
CA VAL K 237 0.57 4.26 -68.59
C VAL K 237 0.41 3.00 -67.74
N VAL K 238 -0.82 2.75 -67.28
CA VAL K 238 -1.09 1.58 -66.46
C VAL K 238 -0.90 0.30 -67.26
N GLU K 239 -1.31 0.31 -68.54
CA GLU K 239 -1.09 -0.86 -69.38
C GLU K 239 0.39 -1.16 -69.52
N LYS K 240 1.21 -0.12 -69.74
CA LYS K 240 2.64 -0.35 -69.89
C LYS K 240 3.26 -0.83 -68.59
N GLU K 241 2.84 -0.28 -67.46
CA GLU K 241 3.36 -0.75 -66.18
C GLU K 241 3.00 -2.21 -65.94
N ALA K 242 1.76 -2.59 -66.23
CA ALA K 242 1.35 -3.97 -66.07
C ALA K 242 2.10 -4.89 -67.01
N GLU K 243 2.36 -4.45 -68.24
CA GLU K 243 3.13 -5.26 -69.17
C GLU K 243 4.57 -5.45 -68.68
N THR K 244 5.16 -4.40 -68.12
CA THR K 244 6.50 -4.53 -67.55
C THR K 244 6.51 -5.50 -66.39
N GLU K 245 5.50 -5.42 -65.52
CA GLU K 245 5.41 -6.37 -64.42
C GLU K 245 5.28 -7.79 -64.93
N ARG K 246 4.47 -7.98 -65.99
CA ARG K 246 4.33 -9.30 -66.59
C ARG K 246 5.67 -9.81 -67.12
N LYS K 247 6.42 -8.94 -67.80
CA LYS K 247 7.71 -9.36 -68.35
C LYS K 247 8.67 -9.76 -67.23
N LYS K 248 8.70 -8.98 -66.15
CA LYS K 248 9.56 -9.33 -65.02
C LYS K 248 9.13 -10.67 -64.42
N ALA K 249 7.82 -10.88 -64.27
CA ALA K 249 7.35 -12.15 -63.71
C ALA K 249 7.72 -13.32 -64.60
N VAL K 250 7.61 -13.14 -65.92
CA VAL K 250 7.96 -14.23 -66.83
C VAL K 250 9.46 -14.53 -66.77
N ILE K 251 10.29 -13.48 -66.66
CA ILE K 251 11.72 -13.71 -66.54
C ILE K 251 12.03 -14.44 -65.24
N GLU K 252 11.35 -14.08 -64.16
CA GLU K 252 11.56 -14.78 -62.90
C GLU K 252 11.13 -16.24 -63.00
N ALA K 253 10.02 -16.50 -63.68
CA ALA K 253 9.59 -17.89 -63.87
C ALA K 253 10.61 -18.68 -64.67
N GLU K 254 11.17 -18.07 -65.72
CA GLU K 254 12.20 -18.76 -66.49
C GLU K 254 13.44 -19.02 -65.65
N LYS K 255 13.81 -18.05 -64.80
CA LYS K 255 14.92 -18.25 -63.88
C LYS K 255 14.66 -19.46 -62.99
N ILE K 256 13.46 -19.54 -62.43
CA ILE K 256 13.13 -20.64 -61.54
C ILE K 256 13.18 -21.96 -62.29
N ALA K 257 12.68 -21.97 -63.53
CA ALA K 257 12.71 -23.20 -64.31
C ALA K 257 14.13 -23.67 -64.57
N GLN K 258 15.03 -22.75 -64.94
CA GLN K 258 16.40 -23.14 -65.22
C GLN K 258 17.12 -23.60 -63.95
N VAL K 259 16.90 -22.89 -62.84
CA VAL K 259 17.49 -23.32 -61.57
C VAL K 259 16.98 -24.70 -61.20
N ALA K 260 15.69 -24.96 -61.47
CA ALA K 260 15.13 -26.28 -61.19
C ALA K 260 15.79 -27.34 -62.07
N LYS K 261 16.04 -27.02 -63.33
CA LYS K 261 16.72 -27.98 -64.20
C LYS K 261 18.09 -28.33 -63.63
N ILE K 262 18.85 -27.32 -63.19
CA ILE K 262 20.16 -27.58 -62.59
C ILE K 262 20.00 -28.43 -61.33
N ARG K 263 19.03 -28.09 -60.50
CA ARG K 263 18.82 -28.83 -59.25
C ARG K 263 18.50 -30.29 -59.52
N PHE K 264 17.69 -30.56 -60.55
CA PHE K 264 17.32 -31.94 -60.83
C PHE K 264 18.44 -32.72 -61.47
N GLN K 265 19.29 -32.06 -62.28
CA GLN K 265 20.50 -32.72 -62.72
C GLN K 265 21.36 -33.13 -61.53
N GLN K 266 21.52 -32.22 -60.57
CA GLN K 266 22.30 -32.56 -59.38
C GLN K 266 21.63 -33.68 -58.60
N LYS K 267 20.30 -33.67 -58.51
CA LYS K 267 19.59 -34.72 -57.79
C LYS K 267 19.80 -36.08 -58.44
N VAL K 268 19.78 -36.14 -59.77
CA VAL K 268 20.05 -37.39 -60.46
C VAL K 268 21.46 -37.87 -60.14
N MET K 269 22.43 -36.94 -60.13
CA MET K 269 23.79 -37.33 -59.77
C MET K 269 23.85 -37.86 -58.34
N GLU K 270 23.15 -37.19 -57.42
CA GLU K 270 23.13 -37.63 -56.03
C GLU K 270 22.55 -39.03 -55.92
N LYS K 271 21.48 -39.31 -56.66
CA LYS K 271 20.87 -40.64 -56.61
C LYS K 271 21.78 -41.70 -57.23
N GLU K 272 22.52 -41.36 -58.27
CA GLU K 272 23.50 -42.30 -58.81
C GLU K 272 24.56 -42.63 -57.77
N THR K 273 25.08 -41.61 -57.09
CA THR K 273 26.07 -41.87 -56.05
C THR K 273 25.44 -42.62 -54.88
N GLU K 274 24.16 -42.40 -54.61
CA GLU K 274 23.48 -43.16 -53.57
C GLU K 274 23.35 -44.62 -53.96
N LYS K 275 23.14 -44.90 -55.25
CA LYS K 275 23.15 -46.28 -55.71
C LYS K 275 24.52 -46.91 -55.50
N ARG K 276 25.59 -46.16 -55.79
CA ARG K 276 26.92 -46.69 -55.54
C ARG K 276 27.15 -46.98 -54.06
N ILE K 277 26.72 -46.05 -53.19
CA ILE K 277 26.84 -46.25 -51.75
C ILE K 277 26.02 -47.45 -51.32
N SER K 278 24.84 -47.64 -51.91
CA SER K 278 24.02 -48.79 -51.56
C SER K 278 24.69 -50.08 -51.98
N GLU K 279 25.38 -50.08 -53.13
CA GLU K 279 26.13 -51.26 -53.54
C GLU K 279 27.23 -51.58 -52.54
N ILE K 280 27.97 -50.56 -52.10
CA ILE K 280 29.01 -50.79 -51.10
C ILE K 280 28.41 -51.31 -49.80
N GLU K 281 27.28 -50.74 -49.38
CA GLU K 281 26.63 -51.17 -48.15
C GLU K 281 26.07 -52.57 -48.27
N ASP K 282 25.66 -52.99 -49.47
CA ASP K 282 25.24 -54.38 -49.65
C ASP K 282 26.44 -55.31 -49.56
N ALA K 283 27.57 -54.91 -50.14
CA ALA K 283 28.77 -55.72 -50.00
C ALA K 283 29.17 -55.88 -48.55
N ALA K 284 29.09 -54.79 -47.77
CA ALA K 284 29.44 -54.86 -46.36
C ALA K 284 28.41 -55.66 -45.58
N PHE K 285 27.13 -55.52 -45.92
CA PHE K 285 26.06 -56.20 -45.19
C PHE K 285 26.19 -57.71 -45.31
N LEU K 286 26.52 -58.20 -46.51
CA LEU K 286 26.73 -59.64 -46.68
C LEU K 286 27.87 -60.13 -45.80
N ALA K 287 28.98 -59.39 -45.78
CA ALA K 287 30.12 -59.81 -44.97
C ALA K 287 29.76 -59.86 -43.50
N ARG K 288 29.05 -58.83 -43.01
CA ARG K 288 28.64 -58.84 -41.61
C ARG K 288 27.65 -59.96 -41.33
N GLU K 289 26.67 -60.16 -42.21
CA GLU K 289 25.68 -61.21 -42.00
C GLU K 289 26.29 -62.59 -42.15
N LYS K 290 27.26 -62.75 -43.06
CA LYS K 290 27.98 -64.01 -43.13
C LYS K 290 28.77 -64.27 -41.85
N ALA K 291 29.41 -63.23 -41.33
CA ALA K 291 30.16 -63.39 -40.08
C ALA K 291 29.22 -63.74 -38.93
N LYS K 292 28.05 -63.11 -38.87
CA LYS K 292 27.10 -63.44 -37.82
C LYS K 292 26.65 -64.89 -37.93
N ALA K 293 26.37 -65.35 -39.16
CA ALA K 293 25.93 -66.73 -39.34
C ALA K 293 27.01 -67.71 -38.93
N ASP K 294 28.26 -67.45 -39.32
CA ASP K 294 29.35 -68.34 -38.95
C ASP K 294 29.56 -68.35 -37.44
N ALA K 295 29.51 -67.18 -36.80
CA ALA K 295 29.66 -67.12 -35.35
C ALA K 295 28.52 -67.83 -34.65
N GLU K 296 27.29 -67.64 -35.14
CA GLU K 296 26.15 -68.33 -34.56
C GLU K 296 26.27 -69.84 -34.75
N TYR K 297 26.71 -70.28 -35.94
CA TYR K 297 26.87 -71.70 -36.18
C TYR K 297 27.91 -72.31 -35.25
N TYR K 298 29.04 -71.63 -35.08
CA TYR K 298 30.09 -72.15 -34.20
C TYR K 298 29.58 -72.27 -32.78
N ALA K 299 28.87 -71.26 -32.28
CA ALA K 299 28.32 -71.34 -30.94
C ALA K 299 27.32 -72.48 -30.83
N ALA K 300 26.52 -72.70 -31.89
CA ALA K 300 25.54 -73.77 -31.86
C ALA K 300 26.22 -75.14 -31.74
N HIS K 301 27.30 -75.36 -32.48
CA HIS K 301 28.00 -76.63 -32.39
C HIS K 301 28.58 -76.85 -31.00
N LYS K 302 29.18 -75.81 -30.41
CA LYS K 302 29.70 -75.95 -29.06
C LYS K 302 28.60 -76.25 -28.06
N TYR K 303 27.46 -75.58 -28.20
CA TYR K 303 26.32 -75.92 -27.35
C TYR K 303 25.80 -77.31 -27.68
N ALA K 304 25.88 -77.73 -28.94
CA ALA K 304 25.46 -79.08 -29.31
C ALA K 304 26.38 -80.12 -28.69
N THR K 305 27.69 -79.92 -28.80
CA THR K 305 28.65 -80.87 -28.24
C THR K 305 28.73 -80.78 -26.72
N SER K 306 28.37 -79.64 -26.13
CA SER K 306 28.31 -79.54 -24.69
C SER K 306 27.05 -80.21 -24.13
N ASN K 307 25.94 -80.13 -24.87
CA ASN K 307 24.68 -80.68 -24.39
C ASN K 307 24.70 -82.20 -24.30
N LYS K 308 25.69 -82.87 -24.89
CA LYS K 308 25.77 -84.32 -24.74
C LYS K 308 25.98 -84.70 -23.28
N HIS K 309 26.83 -83.96 -22.57
CA HIS K 309 27.12 -84.25 -21.17
C HIS K 309 26.16 -83.54 -20.22
N LYS K 310 25.70 -82.35 -20.57
CA LYS K 310 24.93 -81.53 -19.64
C LYS K 310 23.46 -81.94 -19.56
N LEU K 311 22.97 -82.74 -20.50
CA LEU K 311 21.55 -83.06 -20.61
C LEU K 311 21.23 -84.45 -20.08
N THR K 312 21.86 -84.86 -18.99
CA THR K 312 21.58 -86.15 -18.40
C THR K 312 20.13 -86.19 -17.91
N PRO K 313 19.56 -87.39 -17.77
CA PRO K 313 18.16 -87.48 -17.32
C PRO K 313 17.92 -86.84 -15.97
N GLU K 314 18.87 -86.91 -15.04
CA GLU K 314 18.68 -86.25 -13.75
C GLU K 314 18.60 -84.74 -13.91
N TYR K 315 19.47 -84.16 -14.74
CA TYR K 315 19.40 -82.73 -14.99
C TYR K 315 18.09 -82.36 -15.65
N LEU K 316 17.64 -83.17 -16.61
CA LEU K 316 16.36 -82.89 -17.26
C LEU K 316 15.21 -82.96 -16.26
N GLU K 317 15.25 -83.91 -15.33
CA GLU K 317 14.22 -84.00 -14.32
C GLU K 317 14.24 -82.79 -13.39
N LEU K 318 15.43 -82.33 -13.01
CA LEU K 318 15.52 -81.13 -12.19
C LEU K 318 14.94 -79.93 -12.92
N LYS K 319 15.25 -79.78 -14.21
CA LYS K 319 14.70 -78.69 -14.98
C LYS K 319 13.18 -78.80 -15.07
N LYS K 320 12.67 -80.02 -15.24
CA LYS K 320 11.22 -80.22 -15.28
C LYS K 320 10.57 -79.80 -13.97
N TYR K 321 11.18 -80.20 -12.84
CA TYR K 321 10.65 -79.78 -11.55
C TYR K 321 10.60 -78.26 -11.46
N GLN K 322 11.70 -77.59 -11.80
CA GLN K 322 11.73 -76.14 -11.69
C GLN K 322 10.68 -75.51 -12.59
N ALA K 323 10.56 -76.00 -13.83
CA ALA K 323 9.64 -75.39 -14.78
C ALA K 323 8.19 -75.57 -14.34
N ILE K 324 7.80 -76.79 -14.00
CA ILE K 324 6.40 -77.03 -13.65
C ILE K 324 6.05 -76.36 -12.33
N ALA K 325 6.99 -76.28 -11.38
CA ALA K 325 6.69 -75.64 -10.11
C ALA K 325 6.66 -74.13 -10.24
N SER K 326 7.40 -73.56 -11.19
CA SER K 326 7.49 -72.12 -11.32
C SER K 326 6.12 -71.51 -11.60
N ASN K 327 5.75 -70.52 -10.79
CA ASN K 327 4.54 -69.73 -11.01
C ASN K 327 3.30 -70.62 -11.08
N SER K 328 3.14 -71.47 -10.08
CA SER K 328 2.01 -72.40 -9.99
C SER K 328 1.29 -72.21 -8.67
N LYS K 329 -0.04 -72.26 -8.71
CA LYS K 329 -0.88 -72.29 -7.52
C LYS K 329 -1.42 -73.70 -7.37
N ILE K 330 -1.23 -74.29 -6.21
CA ILE K 330 -1.52 -75.70 -5.99
C ILE K 330 -2.80 -75.84 -5.18
N TYR K 331 -3.79 -76.52 -5.74
CA TYR K 331 -5.00 -76.92 -5.03
C TYR K 331 -4.93 -78.42 -4.85
N PHE K 332 -4.33 -78.85 -3.74
CA PHE K 332 -4.10 -80.26 -3.49
C PHE K 332 -4.84 -80.69 -2.23
N GLY K 333 -5.32 -81.92 -2.24
CA GLY K 333 -6.04 -82.46 -1.11
C GLY K 333 -7.03 -83.52 -1.55
N SER K 334 -7.54 -84.25 -0.56
CA SER K 334 -8.51 -85.30 -0.84
C SER K 334 -9.87 -84.72 -1.23
N ASN K 335 -10.34 -83.72 -0.49
CA ASN K 335 -11.67 -83.15 -0.69
C ASN K 335 -11.59 -81.88 -1.54
N ILE K 336 -11.16 -82.05 -2.78
CA ILE K 336 -11.13 -80.91 -3.70
C ILE K 336 -12.57 -80.55 -4.08
N PRO K 337 -13.01 -79.31 -3.88
CA PRO K 337 -14.39 -78.96 -4.26
C PRO K 337 -14.63 -79.18 -5.75
N ASN K 338 -15.89 -79.03 -6.14
CA ASN K 338 -16.31 -79.21 -7.52
C ASN K 338 -16.38 -77.89 -8.29
N MET K 339 -17.00 -76.87 -7.72
CA MET K 339 -17.08 -75.58 -8.37
C MET K 339 -15.75 -74.84 -8.28
N PHE K 340 -15.64 -73.78 -9.06
CA PHE K 340 -14.45 -72.93 -9.08
C PHE K 340 -14.76 -71.71 -9.93
N VAL K 341 -13.99 -70.65 -9.71
CA VAL K 341 -14.21 -69.38 -10.41
C VAL K 341 -12.86 -68.69 -10.58
N ASP K 342 -12.70 -68.02 -11.71
CA ASP K 342 -11.47 -67.28 -12.00
C ASP K 342 -11.80 -65.82 -12.30
N SER L 18 -2.48 82.58 -93.04
CA SER L 18 -3.59 81.84 -93.65
C SER L 18 -3.08 80.84 -94.67
N LEU L 19 -1.98 81.19 -95.34
CA LEU L 19 -1.39 80.28 -96.32
C LEU L 19 -0.94 78.98 -95.66
N PHE L 20 -0.34 79.07 -94.47
CA PHE L 20 0.07 77.87 -93.77
C PHE L 20 -1.12 76.98 -93.45
N SER L 21 -2.24 77.57 -93.01
CA SER L 21 -3.43 76.78 -92.75
C SER L 21 -3.97 76.15 -94.03
N ALA L 22 -3.97 76.92 -95.12
CA ALA L 22 -4.49 76.38 -96.38
C ALA L 22 -3.65 75.20 -96.86
N VAL L 23 -2.33 75.30 -96.73
CA VAL L 23 -1.44 74.21 -97.10
C VAL L 23 -1.45 73.17 -95.99
N HIS L 24 -1.51 71.90 -96.38
CA HIS L 24 -1.58 70.82 -95.40
C HIS L 24 -0.98 69.55 -96.00
N LYS L 25 -0.63 68.62 -95.12
CA LYS L 25 -0.01 67.35 -95.50
C LYS L 25 -1.04 66.23 -95.44
N ILE L 26 -0.98 65.34 -96.42
CA ILE L 26 -1.95 64.24 -96.51
C ILE L 26 -1.34 62.88 -96.23
N GLU L 27 -0.02 62.71 -96.42
CA GLU L 27 0.64 61.43 -96.22
C GLU L 27 0.20 60.42 -97.29
N GLU L 28 1.09 59.50 -97.62
CA GLU L 28 0.82 58.52 -98.67
C GLU L 28 -0.15 57.46 -98.18
N GLY L 29 -0.91 56.89 -99.12
CA GLY L 29 -1.86 55.85 -98.78
C GLY L 29 -3.04 56.32 -97.98
N HIS L 30 -3.30 57.63 -97.96
CA HIS L 30 -4.43 58.19 -97.25
C HIS L 30 -5.31 58.96 -98.22
N ILE L 31 -6.49 59.33 -97.76
CA ILE L 31 -7.39 60.22 -98.48
C ILE L 31 -7.85 61.31 -97.51
N GLY L 32 -7.89 62.54 -98.01
CA GLY L 32 -8.32 63.67 -97.21
C GLY L 32 -9.79 63.97 -97.44
N VAL L 33 -10.56 63.97 -96.35
CA VAL L 33 -11.95 64.37 -96.37
C VAL L 33 -12.06 65.71 -95.68
N TYR L 34 -12.71 66.67 -96.34
CA TYR L 34 -12.76 68.05 -95.88
C TYR L 34 -14.14 68.34 -95.31
N TYR L 35 -14.16 69.01 -94.17
CA TYR L 35 -15.39 69.43 -93.52
C TYR L 35 -15.51 70.95 -93.65
N ARG L 36 -16.46 71.39 -94.48
CA ARG L 36 -16.73 72.82 -94.69
C ARG L 36 -17.79 73.24 -93.68
N GLY L 37 -17.34 73.63 -92.50
CA GLY L 37 -18.26 74.05 -91.48
C GLY L 37 -19.23 72.96 -91.08
N GLY L 38 -18.70 71.78 -90.80
CA GLY L 38 -19.53 70.64 -90.41
C GLY L 38 -19.91 69.72 -91.54
N ALA L 39 -20.45 70.27 -92.62
CA ALA L 39 -20.84 69.45 -93.76
C ALA L 39 -19.61 68.79 -94.38
N LEU L 40 -19.87 67.80 -95.23
CA LEU L 40 -18.83 67.04 -95.90
C LEU L 40 -18.85 67.38 -97.39
N LEU L 41 -17.74 67.89 -97.90
CA LEU L 41 -17.68 68.26 -99.31
C LEU L 41 -17.64 67.02 -100.18
N THR L 42 -18.26 67.12 -101.37
CA THR L 42 -18.31 65.98 -102.28
C THR L 42 -16.97 65.67 -102.92
N SER L 43 -15.96 66.52 -102.75
CA SER L 43 -14.67 66.36 -103.40
C SER L 43 -13.64 65.84 -102.39
N THR L 44 -12.95 64.77 -102.75
CA THR L 44 -11.91 64.16 -101.92
C THR L 44 -10.56 64.35 -102.58
N SER L 45 -9.52 64.55 -101.76
CA SER L 45 -8.17 64.82 -102.22
C SER L 45 -7.28 63.59 -102.04
N GLY L 46 -6.30 63.47 -102.93
CA GLY L 46 -5.32 62.42 -102.84
C GLY L 46 -4.14 62.81 -101.97
N PRO L 47 -3.11 61.97 -101.94
CA PRO L 47 -1.93 62.29 -101.15
C PRO L 47 -1.06 63.35 -101.81
N GLY L 48 -0.26 64.03 -100.97
CA GLY L 48 0.66 65.05 -101.42
C GLY L 48 0.35 66.40 -100.78
N PHE L 49 0.53 67.46 -101.56
CA PHE L 49 0.24 68.82 -101.11
C PHE L 49 -1.09 69.28 -101.70
N HIS L 50 -1.89 69.93 -100.88
CA HIS L 50 -3.21 70.39 -101.31
C HIS L 50 -3.58 71.65 -100.57
N LEU L 51 -4.53 72.39 -101.16
CA LEU L 51 -5.01 73.65 -100.60
C LEU L 51 -6.47 73.52 -100.22
N MET L 52 -6.87 74.30 -99.22
CA MET L 52 -8.25 74.32 -98.76
C MET L 52 -8.54 75.71 -98.20
N LEU L 53 -9.82 76.04 -98.10
CA LEU L 53 -10.21 77.34 -97.57
C LEU L 53 -9.68 77.47 -96.15
N PRO L 54 -8.95 78.54 -95.82
CA PRO L 54 -8.34 78.62 -94.48
C PRO L 54 -9.39 78.64 -93.38
N PHE L 55 -9.03 78.04 -92.25
CA PHE L 55 -9.78 78.14 -91.00
C PHE L 55 -11.09 77.36 -91.05
N ILE L 56 -12.05 77.85 -91.85
CA ILE L 56 -13.39 77.27 -91.81
C ILE L 56 -13.35 75.79 -92.19
N THR L 57 -12.59 75.43 -93.23
CA THR L 57 -12.52 74.06 -93.67
C THR L 57 -11.51 73.29 -92.82
N SER L 58 -11.95 72.17 -92.27
CA SER L 58 -11.08 71.24 -91.57
C SER L 58 -10.80 70.04 -92.46
N TYR L 59 -9.75 69.29 -92.15
CA TYR L 59 -9.38 68.11 -92.91
C TYR L 59 -9.20 66.92 -91.98
N LYS L 60 -9.50 65.73 -92.50
CA LYS L 60 -9.29 64.49 -91.78
C LYS L 60 -8.70 63.47 -92.75
N SER L 61 -7.65 62.78 -92.31
CA SER L 61 -6.96 61.79 -93.13
C SER L 61 -7.49 60.40 -92.77
N VAL L 62 -8.04 59.70 -93.76
CA VAL L 62 -8.54 58.35 -93.58
C VAL L 62 -7.67 57.42 -94.40
N GLN L 63 -7.15 56.37 -93.76
CA GLN L 63 -6.20 55.47 -94.41
C GLN L 63 -6.95 54.55 -95.36
N THR L 64 -6.62 54.62 -96.65
CA THR L 64 -7.22 53.76 -97.66
C THR L 64 -6.40 52.49 -97.91
N THR L 65 -5.26 52.34 -97.24
CA THR L 65 -4.42 51.16 -97.39
C THR L 65 -4.65 50.19 -96.25
N LEU L 66 -4.03 49.02 -96.37
CA LEU L 66 -4.18 47.98 -95.36
C LEU L 66 -3.72 48.48 -94.01
N GLN L 67 -4.53 48.23 -92.98
CA GLN L 67 -4.19 48.65 -91.62
C GLN L 67 -4.77 47.64 -90.64
N THR L 68 -4.14 47.56 -89.47
CA THR L 68 -4.48 46.58 -88.45
C THR L 68 -4.77 47.27 -87.14
N ASP L 69 -5.79 46.78 -86.42
CA ASP L 69 -6.05 47.26 -85.07
C ASP L 69 -6.64 46.13 -84.26
N GLU L 70 -6.47 46.19 -82.94
CA GLU L 70 -6.74 45.05 -82.07
C GLU L 70 -7.63 45.44 -80.90
N VAL L 71 -8.30 44.44 -80.36
CA VAL L 71 -9.11 44.56 -79.15
C VAL L 71 -8.64 43.51 -78.16
N LYS L 72 -8.44 43.91 -76.92
CA LYS L 72 -7.85 43.06 -75.90
C LYS L 72 -8.91 42.52 -74.94
N ASN L 73 -8.57 41.39 -74.31
CA ASN L 73 -9.40 40.79 -73.26
C ASN L 73 -10.86 40.68 -73.68
N VAL L 74 -11.09 39.88 -74.71
CA VAL L 74 -12.42 39.66 -75.25
C VAL L 74 -13.02 38.42 -74.58
N PRO L 75 -14.07 38.55 -73.77
CA PRO L 75 -14.70 37.36 -73.20
C PRO L 75 -15.37 36.52 -74.27
N CYS L 76 -15.45 35.22 -74.01
CA CYS L 76 -16.09 34.29 -74.92
C CYS L 76 -16.64 33.13 -74.10
N GLY L 77 -17.93 32.88 -74.22
CA GLY L 77 -18.58 31.83 -73.46
C GLY L 77 -18.74 30.56 -74.28
N THR L 78 -18.08 29.49 -73.84
CA THR L 78 -18.13 28.25 -74.59
C THR L 78 -19.47 27.56 -74.39
N SER L 79 -19.75 26.59 -75.26
CA SER L 79 -21.00 25.84 -75.14
C SER L 79 -21.09 25.10 -73.81
N GLY L 80 -19.96 24.89 -73.14
CA GLY L 80 -19.95 24.29 -71.82
C GLY L 80 -20.24 25.26 -70.70
N GLY L 81 -20.49 26.53 -71.01
CA GLY L 81 -20.82 27.52 -70.00
C GLY L 81 -19.63 28.13 -69.30
N VAL L 82 -18.42 27.94 -69.80
CA VAL L 82 -17.22 28.48 -69.15
C VAL L 82 -16.76 29.72 -69.92
N MET L 83 -16.12 30.63 -69.18
CA MET L 83 -15.66 31.91 -69.70
C MET L 83 -14.19 31.78 -70.05
N ILE L 84 -13.83 32.08 -71.30
CA ILE L 84 -12.43 32.14 -71.72
C ILE L 84 -12.20 33.49 -72.37
N TYR L 85 -11.10 34.15 -71.99
CA TYR L 85 -10.81 35.50 -72.41
C TYR L 85 -9.70 35.48 -73.45
N PHE L 86 -10.06 35.77 -74.70
CA PHE L 86 -9.05 35.96 -75.72
C PHE L 86 -8.18 37.16 -75.37
N ASP L 87 -6.86 36.94 -75.33
CA ASP L 87 -5.95 38.01 -74.93
C ASP L 87 -5.98 39.16 -75.93
N ARG L 88 -5.97 38.85 -77.22
CA ARG L 88 -5.96 39.87 -78.26
C ARG L 88 -6.59 39.33 -79.52
N ILE L 89 -7.41 40.16 -80.17
CA ILE L 89 -7.98 39.87 -81.47
C ILE L 89 -7.68 41.04 -82.38
N GLU L 90 -6.92 40.78 -83.44
CA GLU L 90 -6.52 41.81 -84.40
C GLU L 90 -7.30 41.66 -85.68
N VAL L 91 -7.76 42.78 -86.22
CA VAL L 91 -8.45 42.82 -87.51
C VAL L 91 -7.61 43.67 -88.45
N VAL L 92 -7.36 43.15 -89.65
CA VAL L 92 -6.63 43.84 -90.69
C VAL L 92 -7.60 44.07 -91.85
N ASN L 93 -7.77 45.34 -92.23
CA ASN L 93 -8.78 45.72 -93.20
C ASN L 93 -8.23 46.85 -94.07
N PHE L 94 -8.89 47.08 -95.19
CA PHE L 94 -8.51 48.16 -96.08
C PHE L 94 -9.74 48.71 -96.79
N LEU L 95 -9.65 49.97 -97.20
CA LEU L 95 -10.72 50.64 -97.91
C LEU L 95 -10.37 50.71 -99.40
N VAL L 96 -11.35 50.41 -100.25
CA VAL L 96 -11.20 50.62 -101.67
C VAL L 96 -11.08 52.13 -101.87
N PRO L 97 -10.35 52.60 -102.88
CA PRO L 97 -10.10 54.05 -102.98
C PRO L 97 -11.36 54.89 -103.15
N ASN L 98 -12.30 54.43 -103.98
CA ASN L 98 -13.45 55.28 -104.33
C ASN L 98 -14.43 55.39 -103.17
N ALA L 99 -14.74 54.26 -102.52
CA ALA L 99 -15.81 54.23 -101.52
C ALA L 99 -15.47 55.00 -100.25
N VAL L 100 -14.32 55.67 -100.19
CA VAL L 100 -13.95 56.41 -98.99
C VAL L 100 -14.98 57.50 -98.70
N TYR L 101 -15.42 58.21 -99.73
CA TYR L 101 -16.37 59.30 -99.53
C TYR L 101 -17.67 58.79 -98.91
N ASP L 102 -18.25 57.76 -99.51
CA ASP L 102 -19.50 57.22 -98.98
C ASP L 102 -19.32 56.68 -97.58
N ILE L 103 -18.21 55.99 -97.33
CA ILE L 103 -17.99 55.38 -96.02
C ILE L 103 -17.90 56.47 -94.95
N VAL L 104 -17.12 57.50 -95.20
CA VAL L 104 -16.97 58.57 -94.21
C VAL L 104 -18.27 59.34 -94.06
N LYS L 105 -19.00 59.55 -95.16
CA LYS L 105 -20.28 60.23 -95.09
C LYS L 105 -21.26 59.47 -94.19
N ASN L 106 -21.27 58.14 -94.31
CA ASN L 106 -22.21 57.35 -93.53
C ASN L 106 -21.79 57.24 -92.07
N TYR L 107 -20.53 56.84 -91.83
CA TYR L 107 -20.09 56.48 -90.48
C TYR L 107 -18.89 57.30 -90.03
N THR L 108 -18.79 58.55 -90.48
CA THR L 108 -17.70 59.43 -90.06
C THR L 108 -16.34 58.84 -90.41
N ALA L 109 -15.27 59.52 -90.01
CA ALA L 109 -13.93 59.01 -90.28
C ALA L 109 -13.57 57.85 -89.38
N ASP L 110 -14.00 57.89 -88.12
CA ASP L 110 -13.74 56.81 -87.18
C ASP L 110 -14.78 55.71 -87.38
N TYR L 111 -14.90 55.22 -88.61
CA TYR L 111 -15.92 54.23 -88.95
C TYR L 111 -15.60 52.85 -88.39
N ASP L 112 -14.33 52.56 -88.12
CA ASP L 112 -13.94 51.22 -87.71
C ASP L 112 -14.53 50.88 -86.36
N LYS L 113 -14.49 51.81 -85.41
CA LYS L 113 -14.99 51.53 -84.07
C LYS L 113 -16.46 51.09 -84.12
N ALA L 114 -17.22 51.65 -85.06
CA ALA L 114 -18.64 51.32 -85.15
C ALA L 114 -18.90 50.12 -86.04
N LEU L 115 -18.04 49.86 -87.02
CA LEU L 115 -18.30 48.82 -88.01
C LEU L 115 -17.65 47.48 -87.71
N ILE L 116 -16.54 47.46 -86.97
CA ILE L 116 -15.78 46.23 -86.79
C ILE L 116 -15.54 45.96 -85.31
N PHE L 117 -14.95 46.93 -84.62
CA PHE L 117 -14.39 46.71 -83.29
C PHE L 117 -15.39 46.89 -82.17
N ASN L 118 -16.64 47.24 -82.48
CA ASN L 118 -17.70 47.24 -81.48
C ASN L 118 -18.54 45.98 -81.54
N LYS L 119 -18.58 45.29 -82.68
CA LYS L 119 -19.32 44.04 -82.82
C LYS L 119 -18.41 42.82 -82.90
N ILE L 120 -17.09 43.03 -82.87
CA ILE L 120 -16.18 41.88 -82.85
C ILE L 120 -16.46 41.00 -81.64
N HIS L 121 -16.68 41.60 -80.47
CA HIS L 121 -16.91 40.80 -79.27
C HIS L 121 -18.23 40.04 -79.37
N HIS L 122 -19.26 40.65 -79.94
CA HIS L 122 -20.54 39.96 -80.07
C HIS L 122 -20.43 38.81 -81.06
N GLU L 123 -19.72 39.01 -82.18
CA GLU L 123 -19.53 37.92 -83.12
C GLU L 123 -18.75 36.78 -82.47
N LEU L 124 -17.72 37.11 -81.69
CA LEU L 124 -16.96 36.09 -81.00
C LEU L 124 -17.83 35.32 -80.01
N ASN L 125 -18.68 36.02 -79.27
CA ASN L 125 -19.58 35.34 -78.33
C ASN L 125 -20.56 34.44 -79.06
N GLN L 126 -21.10 34.91 -80.19
CA GLN L 126 -22.02 34.08 -80.96
C GLN L 126 -21.32 32.83 -81.46
N PHE L 127 -20.07 32.95 -81.92
CA PHE L 127 -19.33 31.78 -82.36
C PHE L 127 -19.07 30.84 -81.19
N CYS L 128 -18.65 31.37 -80.04
CA CYS L 128 -18.29 30.53 -78.91
C CYS L 128 -19.49 29.78 -78.35
N SER L 129 -20.66 30.42 -78.33
CA SER L 129 -21.82 29.81 -77.68
C SER L 129 -22.22 28.50 -78.33
N VAL L 130 -21.77 28.22 -79.55
CA VAL L 130 -22.11 26.98 -80.23
C VAL L 130 -21.01 25.93 -80.10
N HIS L 131 -19.78 26.33 -79.80
CA HIS L 131 -18.65 25.41 -79.75
C HIS L 131 -18.15 25.25 -78.32
N THR L 132 -17.75 24.03 -77.97
CA THR L 132 -17.29 23.74 -76.63
C THR L 132 -15.88 24.27 -76.43
N LEU L 133 -15.40 24.18 -75.18
CA LEU L 133 -14.10 24.74 -74.85
C LEU L 133 -12.98 24.05 -75.65
N GLN L 134 -13.06 22.74 -75.80
CA GLN L 134 -12.03 22.04 -76.55
C GLN L 134 -11.96 22.54 -77.99
N GLU L 135 -13.11 22.69 -78.64
CA GLU L 135 -13.11 23.10 -80.04
C GLU L 135 -12.52 24.49 -80.21
N VAL L 136 -12.95 25.44 -79.36
CA VAL L 136 -12.45 26.80 -79.47
C VAL L 136 -10.96 26.86 -79.14
N TYR L 137 -10.55 26.15 -78.09
CA TYR L 137 -9.18 26.27 -77.62
C TYR L 137 -8.19 25.61 -78.58
N ILE L 138 -8.53 24.43 -79.11
CA ILE L 138 -7.57 23.63 -79.86
C ILE L 138 -8.07 23.30 -81.26
N GLU L 139 -9.19 22.57 -81.34
CA GLU L 139 -9.56 21.93 -82.60
C GLU L 139 -9.98 22.95 -83.65
N LEU L 140 -10.83 23.90 -83.28
CA LEU L 140 -11.39 24.86 -84.22
C LEU L 140 -10.63 26.19 -84.21
N PHE L 141 -9.46 26.23 -83.57
CA PHE L 141 -8.75 27.49 -83.45
C PHE L 141 -8.37 28.04 -84.82
N ASP L 142 -7.89 27.19 -85.72
CA ASP L 142 -7.53 27.67 -87.05
C ASP L 142 -8.72 28.14 -87.86
N GLN L 143 -9.95 27.86 -87.40
CA GLN L 143 -11.16 28.33 -88.06
C GLN L 143 -11.83 29.48 -87.33
N ILE L 144 -11.38 29.81 -86.11
CA ILE L 144 -11.97 30.95 -85.39
C ILE L 144 -11.84 32.21 -86.22
N ASP L 145 -10.64 32.50 -86.71
CA ASP L 145 -10.40 33.72 -87.46
C ASP L 145 -11.21 33.74 -88.76
N GLU L 146 -11.27 32.60 -89.44
CA GLU L 146 -12.06 32.54 -90.67
C GLU L 146 -13.53 32.82 -90.39
N ASN L 147 -14.07 32.25 -89.32
CA ASN L 147 -15.47 32.49 -88.98
C ASN L 147 -15.70 33.96 -88.65
N LEU L 148 -14.80 34.56 -87.87
CA LEU L 148 -14.96 35.97 -87.54
C LEU L 148 -14.90 36.85 -88.79
N LYS L 149 -13.95 36.58 -89.67
CA LYS L 149 -13.83 37.37 -90.89
C LYS L 149 -15.06 37.23 -91.76
N LEU L 150 -15.58 36.02 -91.92
CA LEU L 150 -16.78 35.82 -92.72
C LEU L 150 -17.97 36.53 -92.10
N ALA L 151 -18.11 36.44 -90.78
CA ALA L 151 -19.24 37.08 -90.10
C ALA L 151 -19.19 38.59 -90.29
N LEU L 152 -18.01 39.19 -90.14
CA LEU L 152 -17.91 40.63 -90.31
C LEU L 152 -18.15 41.05 -91.76
N GLN L 153 -17.54 40.33 -92.70
CA GLN L 153 -17.64 40.71 -94.10
C GLN L 153 -19.06 40.55 -94.62
N GLN L 154 -19.79 39.53 -94.16
CA GLN L 154 -21.15 39.33 -94.64
C GLN L 154 -22.01 40.55 -94.35
N ASP L 155 -21.90 41.12 -93.14
CA ASP L 155 -22.63 42.33 -92.83
C ASP L 155 -22.08 43.52 -93.60
N LEU L 156 -20.75 43.68 -93.62
CA LEU L 156 -20.17 44.87 -94.24
C LEU L 156 -20.52 44.97 -95.72
N THR L 157 -20.69 43.82 -96.39
CA THR L 157 -20.96 43.85 -97.84
C THR L 157 -22.12 44.79 -98.16
N SER L 158 -23.17 44.75 -97.36
CA SER L 158 -24.34 45.60 -97.57
C SER L 158 -24.32 46.85 -96.70
N MET L 159 -23.85 46.75 -95.45
CA MET L 159 -23.90 47.90 -94.57
C MET L 159 -22.97 49.01 -95.06
N ALA L 160 -21.79 48.66 -95.55
CA ALA L 160 -20.75 49.64 -95.88
C ALA L 160 -19.84 49.06 -96.95
N PRO L 161 -20.31 48.99 -98.20
CA PRO L 161 -19.49 48.40 -99.26
C PRO L 161 -18.20 49.18 -99.46
N GLY L 162 -17.14 48.45 -99.81
CA GLY L 162 -15.84 49.04 -100.05
C GLY L 162 -14.86 48.86 -98.91
N LEU L 163 -15.34 48.54 -97.71
CA LEU L 163 -14.49 48.29 -96.55
C LEU L 163 -14.28 46.78 -96.47
N VAL L 164 -13.10 46.32 -96.85
CA VAL L 164 -12.81 44.90 -96.97
C VAL L 164 -11.96 44.49 -95.77
N ILE L 165 -12.50 43.61 -94.94
CA ILE L 165 -11.75 43.01 -93.84
C ILE L 165 -10.98 41.82 -94.42
N GLN L 166 -9.67 41.97 -94.57
CA GLN L 166 -8.89 40.99 -95.30
C GLN L 166 -8.23 39.94 -94.41
N ALA L 167 -8.04 40.22 -93.12
CA ALA L 167 -7.43 39.21 -92.26
C ALA L 167 -7.86 39.42 -90.81
N VAL L 168 -7.78 38.34 -90.04
CA VAL L 168 -8.06 38.38 -88.61
C VAL L 168 -7.08 37.45 -87.91
N ARG L 169 -6.63 37.85 -86.72
CA ARG L 169 -5.71 37.08 -85.91
C ARG L 169 -6.25 37.02 -84.49
N VAL L 170 -6.00 35.90 -83.81
CA VAL L 170 -6.48 35.69 -82.45
C VAL L 170 -5.39 35.04 -81.64
N THR L 171 -5.24 35.49 -80.39
CA THR L 171 -4.34 34.80 -79.47
C THR L 171 -5.01 33.53 -78.95
N LYS L 172 -4.30 32.80 -78.10
CA LYS L 172 -4.89 31.62 -77.47
C LYS L 172 -5.65 32.03 -76.22
N PRO L 173 -6.92 31.68 -76.09
CA PRO L 173 -7.69 32.13 -74.93
C PRO L 173 -7.08 31.64 -73.62
N ASN L 174 -7.24 32.45 -72.58
CA ASN L 174 -6.74 32.12 -71.25
C ASN L 174 -7.82 31.33 -70.51
N ILE L 175 -7.69 30.02 -70.53
CA ILE L 175 -8.66 29.13 -69.89
C ILE L 175 -8.50 29.23 -68.37
N PRO L 176 -9.50 28.84 -67.58
CA PRO L 176 -9.39 28.95 -66.13
C PRO L 176 -8.18 28.20 -65.60
N GLU L 177 -7.74 28.60 -64.41
CA GLU L 177 -6.56 27.99 -63.80
C GLU L 177 -6.79 26.52 -63.54
N ALA L 178 -7.96 26.15 -63.01
CA ALA L 178 -8.22 24.76 -62.69
C ALA L 178 -8.18 23.88 -63.93
N ILE L 179 -8.73 24.36 -65.04
CA ILE L 179 -8.74 23.57 -66.26
C ILE L 179 -7.37 23.53 -66.93
N ARG L 180 -6.48 24.46 -66.58
CA ARG L 180 -5.15 24.46 -67.19
C ARG L 180 -4.30 23.32 -66.63
N ARG L 181 -4.37 23.07 -65.32
CA ARG L 181 -3.59 21.99 -64.74
C ARG L 181 -3.92 20.66 -65.39
N ASN L 182 -5.21 20.39 -65.60
CA ASN L 182 -5.60 19.13 -66.21
C ASN L 182 -4.98 18.97 -67.60
N TYR L 183 -4.96 20.06 -68.37
CA TYR L 183 -4.36 19.99 -69.70
C TYR L 183 -2.87 19.69 -69.60
N GLU L 184 -2.20 20.27 -68.60
CA GLU L 184 -0.80 19.96 -68.39
C GLU L 184 -0.63 18.56 -67.80
N LEU L 185 -1.50 18.17 -66.87
CA LEU L 185 -1.43 16.83 -66.32
C LEU L 185 -1.66 15.78 -67.41
N MET L 186 -2.49 16.09 -68.40
CA MET L 186 -2.68 15.18 -69.52
C MET L 186 -1.41 15.01 -70.33
N GLU L 187 -0.47 15.96 -70.22
CA GLU L 187 0.80 15.84 -70.92
C GLU L 187 1.88 15.19 -70.07
N SER L 188 1.73 15.20 -68.75
CA SER L 188 2.64 14.42 -67.91
C SER L 188 2.50 12.94 -68.21
N GLU L 189 1.26 12.48 -68.44
CA GLU L 189 1.04 11.08 -68.75
C GLU L 189 1.72 10.69 -70.06
N LYS L 190 1.65 11.57 -71.06
CA LYS L 190 2.23 11.23 -72.36
C LYS L 190 3.73 10.99 -72.27
N THR L 191 4.40 11.62 -71.31
CA THR L 191 5.82 11.38 -71.08
C THR L 191 6.08 10.37 -69.98
N LYS L 192 5.14 10.20 -69.04
CA LYS L 192 5.28 9.12 -68.08
C LYS L 192 5.20 7.77 -68.75
N LEU L 193 4.47 7.67 -69.87
CA LEU L 193 4.52 6.46 -70.67
C LEU L 193 5.91 6.25 -71.25
N LEU L 194 6.55 7.31 -71.71
CA LEU L 194 7.90 7.20 -72.25
C LEU L 194 8.87 6.72 -71.19
N ILE L 195 8.75 7.24 -69.97
CA ILE L 195 9.59 6.76 -68.87
C ILE L 195 9.30 5.29 -68.61
N ALA L 196 8.03 4.91 -68.57
CA ALA L 196 7.66 3.53 -68.29
C ALA L 196 8.12 2.58 -69.39
N ALA L 197 8.46 3.08 -70.57
CA ALA L 197 9.00 2.23 -71.63
C ALA L 197 10.50 1.99 -71.48
N GLN L 198 11.18 2.75 -70.63
CA GLN L 198 12.59 2.54 -70.32
C GLN L 198 12.79 1.84 -68.99
N LYS L 199 11.94 2.14 -68.00
CA LYS L 199 11.91 1.33 -66.80
C LYS L 199 11.68 -0.13 -67.14
N GLN L 200 10.96 -0.41 -68.23
CA GLN L 200 10.78 -1.78 -68.66
C GLN L 200 12.13 -2.44 -68.96
N LYS L 201 12.96 -1.78 -69.76
CA LYS L 201 14.26 -2.35 -70.10
C LYS L 201 15.15 -2.45 -68.88
N VAL L 202 15.11 -1.45 -68.00
CA VAL L 202 15.94 -1.50 -66.80
C VAL L 202 15.54 -2.68 -65.93
N VAL L 203 14.22 -2.88 -65.75
CA VAL L 203 13.74 -3.99 -64.93
C VAL L 203 14.08 -5.32 -65.58
N GLU L 204 13.98 -5.39 -66.91
CA GLU L 204 14.37 -6.62 -67.60
C GLU L 204 15.84 -6.95 -67.36
N LYS L 205 16.71 -5.94 -67.45
CA LYS L 205 18.13 -6.19 -67.24
C LYS L 205 18.41 -6.60 -65.79
N GLU L 206 17.75 -5.96 -64.84
CA GLU L 206 17.95 -6.34 -63.44
C GLU L 206 17.48 -7.77 -63.19
N ALA L 207 16.33 -8.15 -63.78
CA ALA L 207 15.85 -9.52 -63.62
C ALA L 207 16.79 -10.51 -64.28
N GLU L 208 17.36 -10.16 -65.43
CA GLU L 208 18.32 -11.05 -66.08
C GLU L 208 19.58 -11.21 -65.22
N THR L 209 20.03 -10.12 -64.60
CA THR L 209 21.17 -10.22 -63.70
C THR L 209 20.86 -11.12 -62.52
N GLU L 210 19.66 -10.99 -61.95
CA GLU L 210 19.26 -11.88 -60.86
C GLU L 210 19.25 -13.33 -61.32
N ARG L 211 18.75 -13.58 -62.53
CA ARG L 211 18.73 -14.93 -63.06
C ARG L 211 20.14 -15.49 -63.22
N LYS L 212 21.05 -14.68 -63.75
CA LYS L 212 22.43 -15.14 -63.93
C LYS L 212 23.07 -15.46 -62.58
N LYS L 213 22.85 -14.59 -61.59
CA LYS L 213 23.39 -14.86 -60.25
C LYS L 213 22.81 -16.15 -59.68
N ALA L 214 21.50 -16.36 -59.84
CA ALA L 214 20.88 -17.56 -59.33
C ALA L 214 21.44 -18.81 -60.01
N LEU L 215 21.65 -18.74 -61.33
CA LEU L 215 22.21 -19.88 -62.04
C LEU L 215 23.64 -20.17 -61.57
N ILE L 216 24.44 -19.13 -61.34
CA ILE L 216 25.80 -19.35 -60.86
C ILE L 216 25.76 -19.99 -59.48
N GLU L 217 24.85 -19.54 -58.62
CA GLU L 217 24.74 -20.14 -57.28
C GLU L 217 24.30 -21.60 -57.38
N ALA L 218 23.37 -21.90 -58.29
CA ALA L 218 22.93 -23.28 -58.46
C ALA L 218 24.08 -24.16 -58.94
N GLU L 219 24.89 -23.65 -59.88
CA GLU L 219 26.05 -24.40 -60.33
C GLU L 219 27.03 -24.62 -59.19
N LYS L 220 27.25 -23.60 -58.36
CA LYS L 220 28.09 -23.75 -57.19
C LYS L 220 27.59 -24.88 -56.31
N VAL L 221 26.28 -24.89 -56.05
CA VAL L 221 25.70 -25.92 -55.19
C VAL L 221 25.88 -27.29 -55.82
N ALA L 222 25.68 -27.39 -57.13
CA ALA L 222 25.84 -28.69 -57.79
C ALA L 222 27.27 -29.20 -57.68
N GLN L 223 28.26 -28.33 -57.89
CA GLN L 223 29.66 -28.76 -57.81
C GLN L 223 30.03 -29.13 -56.37
N VAL L 224 29.58 -28.34 -55.40
CA VAL L 224 29.85 -28.68 -54.01
C VAL L 224 29.19 -30.01 -53.66
N ALA L 225 28.01 -30.27 -54.20
CA ALA L 225 27.36 -31.55 -53.97
C ALA L 225 28.16 -32.69 -54.57
N GLU L 226 28.70 -32.48 -55.78
CA GLU L 226 29.54 -33.51 -56.38
C GLU L 226 30.74 -33.83 -55.48
N ILE L 227 31.40 -32.78 -54.97
CA ILE L 227 32.56 -33.00 -54.12
C ILE L 227 32.17 -33.74 -52.84
N THR L 228 31.11 -33.27 -52.19
CA THR L 228 30.73 -33.87 -50.91
C THR L 228 30.22 -35.29 -51.09
N TYR L 229 29.65 -35.63 -52.25
CA TYR L 229 29.21 -36.99 -52.46
C TYR L 229 30.35 -37.92 -52.85
N GLY L 230 31.38 -37.41 -53.54
CA GLY L 230 32.61 -38.17 -53.63
C GLY L 230 33.18 -38.46 -52.25
N GLN L 231 33.13 -37.46 -51.36
CA GLN L 231 33.56 -37.69 -49.98
C GLN L 231 32.71 -38.74 -49.31
N LYS L 232 31.40 -38.72 -49.53
CA LYS L 232 30.52 -39.70 -48.93
C LYS L 232 30.85 -41.12 -49.41
N VAL L 233 31.14 -41.27 -50.70
CA VAL L 233 31.52 -42.58 -51.23
C VAL L 233 32.82 -43.05 -50.59
N MET L 234 33.80 -42.15 -50.46
CA MET L 234 35.05 -42.55 -49.82
C MET L 234 34.82 -42.94 -48.36
N GLU L 235 33.99 -42.19 -47.65
CA GLU L 235 33.70 -42.50 -46.26
C GLU L 235 33.01 -43.85 -46.15
N LYS L 236 32.11 -44.17 -47.09
CA LYS L 236 31.44 -45.45 -47.04
C LYS L 236 32.39 -46.61 -47.37
N GLU L 237 33.34 -46.39 -48.26
CA GLU L 237 34.36 -47.42 -48.50
C GLU L 237 35.19 -47.67 -47.24
N THR L 238 35.58 -46.59 -46.56
CA THR L 238 36.32 -46.76 -45.31
C THR L 238 35.47 -47.43 -44.25
N GLU L 239 34.16 -47.14 -44.22
CA GLU L 239 33.29 -47.82 -43.27
C GLU L 239 33.15 -49.30 -43.61
N LYS L 240 33.18 -49.64 -44.89
CA LYS L 240 33.22 -51.06 -45.26
C LYS L 240 34.49 -51.71 -44.75
N LYS L 241 35.63 -51.03 -44.87
CA LYS L 241 36.87 -51.55 -44.31
C LYS L 241 36.75 -51.73 -42.79
N ILE L 242 36.15 -50.75 -42.12
CA ILE L 242 35.98 -50.83 -40.67
C ILE L 242 35.09 -52.01 -40.31
N SER L 243 34.01 -52.23 -41.05
CA SER L 243 33.14 -53.36 -40.78
C SER L 243 33.87 -54.67 -40.99
N GLU L 244 34.69 -54.75 -42.04
CA GLU L 244 35.48 -55.95 -42.27
C GLU L 244 36.43 -56.22 -41.10
N ILE L 245 37.05 -55.16 -40.58
CA ILE L 245 37.94 -55.32 -39.43
C ILE L 245 37.15 -55.77 -38.21
N GLU L 246 35.98 -55.17 -37.97
CA GLU L 246 35.20 -55.49 -36.79
C GLU L 246 34.66 -56.92 -36.84
N ASP L 247 34.35 -57.42 -38.04
CA ASP L 247 33.83 -58.78 -38.13
C ASP L 247 34.85 -59.79 -37.60
N ALA L 248 36.13 -59.59 -37.90
CA ALA L 248 37.16 -60.45 -37.32
C ALA L 248 37.17 -60.33 -35.81
N ALA L 249 37.01 -59.11 -35.28
CA ALA L 249 36.92 -58.93 -33.84
C ALA L 249 35.67 -59.60 -33.29
N PHE L 250 34.55 -59.49 -33.99
CA PHE L 250 33.32 -60.11 -33.53
C PHE L 250 33.45 -61.63 -33.51
N LEU L 251 34.01 -62.20 -34.58
CA LEU L 251 34.17 -63.65 -34.62
C LEU L 251 35.08 -64.13 -33.49
N ALA L 252 36.21 -63.46 -33.29
CA ALA L 252 37.11 -63.85 -32.22
C ALA L 252 36.46 -63.71 -30.85
N ARG L 253 35.72 -62.62 -30.64
CA ARG L 253 35.01 -62.47 -29.37
C ARG L 253 33.94 -63.53 -29.21
N GLU L 254 33.18 -63.81 -30.27
CA GLU L 254 32.14 -64.84 -30.19
C GLU L 254 32.74 -66.23 -30.02
N LYS L 255 33.91 -66.48 -30.63
CA LYS L 255 34.57 -67.75 -30.42
C LYS L 255 34.96 -67.93 -28.97
N ALA L 256 35.52 -66.89 -28.35
CA ALA L 256 35.90 -66.99 -26.94
C ALA L 256 34.68 -67.19 -26.06
N LYS L 257 33.60 -66.44 -26.31
CA LYS L 257 32.39 -66.61 -25.52
C LYS L 257 31.81 -68.01 -25.70
N ALA L 258 31.98 -68.60 -26.88
CA ALA L 258 31.50 -69.96 -27.10
C ALA L 258 32.37 -70.97 -26.36
N ASP L 259 33.70 -70.82 -26.45
CA ASP L 259 34.59 -71.74 -25.78
C ASP L 259 34.46 -71.66 -24.27
N ALA L 260 34.33 -70.45 -23.73
CA ALA L 260 34.19 -70.30 -22.29
C ALA L 260 32.93 -70.99 -21.79
N GLU L 261 31.82 -70.81 -22.49
CA GLU L 261 30.58 -71.48 -22.10
C GLU L 261 30.69 -72.99 -22.27
N CYS L 262 31.34 -73.44 -23.35
CA CYS L 262 31.51 -74.87 -23.56
C CYS L 262 32.38 -75.50 -22.46
N TYR L 263 33.40 -74.77 -22.01
CA TYR L 263 34.19 -75.26 -20.88
C TYR L 263 33.40 -75.21 -19.59
N THR L 264 32.65 -74.13 -19.37
CA THR L 264 31.86 -74.02 -18.15
C THR L 264 30.80 -75.11 -18.08
N ALA L 265 30.24 -75.50 -19.23
CA ALA L 265 29.23 -76.55 -19.24
C ALA L 265 29.81 -77.89 -18.81
N MET L 266 31.01 -78.22 -19.30
CA MET L 266 31.62 -79.49 -18.90
C MET L 266 31.90 -79.53 -17.41
N LYS L 267 32.43 -78.44 -16.85
CA LYS L 267 32.64 -78.39 -15.40
C LYS L 267 31.33 -78.55 -14.65
N ILE L 268 30.27 -77.90 -15.12
CA ILE L 268 28.95 -78.12 -14.55
C ILE L 268 28.51 -79.56 -14.78
N ALA L 269 28.79 -80.09 -15.97
CA ALA L 269 28.42 -81.47 -16.26
C ALA L 269 29.14 -82.44 -15.33
N GLU L 270 30.44 -82.22 -15.10
CA GLU L 270 31.17 -83.10 -14.19
C GLU L 270 30.64 -82.98 -12.76
N ALA L 271 30.37 -81.76 -12.31
CA ALA L 271 29.84 -81.58 -10.95
C ALA L 271 28.46 -82.20 -10.82
N ASN L 272 27.62 -82.05 -11.85
CA ASN L 272 26.26 -82.58 -11.77
C ASN L 272 26.24 -84.10 -11.63
N LYS L 273 27.32 -84.78 -12.02
CA LYS L 273 27.34 -86.24 -11.86
C LYS L 273 27.27 -86.62 -10.39
N LEU L 274 27.97 -85.90 -9.52
CA LEU L 274 27.96 -86.19 -8.09
C LEU L 274 26.91 -85.40 -7.34
N LYS L 275 26.61 -84.18 -7.78
CA LYS L 275 25.69 -83.32 -7.05
C LYS L 275 24.25 -83.81 -7.15
N LEU L 276 23.81 -84.19 -8.35
CA LEU L 276 22.41 -84.53 -8.59
C LEU L 276 22.16 -85.99 -8.23
N THR L 277 22.21 -86.25 -6.93
CA THR L 277 21.83 -87.55 -6.40
C THR L 277 20.32 -87.62 -6.23
N PRO L 278 19.75 -88.82 -6.09
CA PRO L 278 18.31 -88.92 -5.85
C PRO L 278 17.85 -88.15 -4.62
N GLU L 279 18.66 -88.14 -3.56
CA GLU L 279 18.29 -87.38 -2.37
C GLU L 279 18.24 -85.89 -2.66
N TYR L 280 19.23 -85.37 -3.37
CA TYR L 280 19.21 -83.96 -3.71
C TYR L 280 18.05 -83.61 -4.62
N LEU L 281 17.73 -84.51 -5.57
CA LEU L 281 16.58 -84.27 -6.44
C LEU L 281 15.30 -84.23 -5.61
N GLN L 282 15.16 -85.14 -4.65
CA GLN L 282 13.99 -85.12 -3.78
C GLN L 282 13.92 -83.82 -2.99
N LEU L 283 15.05 -83.35 -2.48
CA LEU L 283 15.07 -82.10 -1.73
C LEU L 283 14.62 -80.94 -2.61
N MET L 284 15.17 -80.86 -3.82
CA MET L 284 14.84 -79.75 -4.71
C MET L 284 13.39 -79.81 -5.16
N LYS L 285 12.82 -81.01 -5.30
CA LYS L 285 11.44 -81.13 -5.75
C LYS L 285 10.48 -80.44 -4.80
N TYR L 286 10.83 -80.36 -3.52
CA TYR L 286 10.00 -79.66 -2.55
C TYR L 286 10.49 -78.24 -2.25
N LYS L 287 11.79 -77.99 -2.41
CA LYS L 287 12.25 -76.60 -2.34
C LYS L 287 11.62 -75.78 -3.45
N ALA L 288 11.27 -76.41 -4.57
CA ALA L 288 10.56 -75.69 -5.63
C ALA L 288 9.16 -75.29 -5.19
N ILE L 289 8.46 -76.18 -4.47
CA ILE L 289 7.09 -75.91 -4.03
C ILE L 289 7.04 -75.10 -2.75
N ALA L 290 8.17 -74.90 -2.07
CA ALA L 290 8.16 -74.21 -0.79
C ALA L 290 7.60 -72.79 -0.91
N SER L 291 7.60 -72.19 -2.10
CA SER L 291 7.18 -70.81 -2.26
C SER L 291 5.81 -70.64 -2.91
N ASN L 292 5.26 -71.69 -3.49
CA ASN L 292 3.98 -71.56 -4.19
C ASN L 292 2.83 -71.40 -3.21
N SER L 293 1.70 -70.92 -3.72
CA SER L 293 0.53 -70.64 -2.92
C SER L 293 -0.33 -71.89 -2.88
N LYS L 294 -0.20 -72.68 -1.82
CA LYS L 294 -0.97 -73.89 -1.65
C LYS L 294 -2.32 -73.59 -1.00
N ILE L 295 -3.34 -74.32 -1.42
CA ILE L 295 -4.64 -74.32 -0.76
C ILE L 295 -5.05 -75.78 -0.59
N TYR L 296 -5.28 -76.20 0.64
CA TYR L 296 -5.44 -77.61 0.97
C TYR L 296 -6.83 -77.90 1.52
N PHE L 297 -7.51 -78.87 0.92
CA PHE L 297 -8.76 -79.40 1.44
C PHE L 297 -8.54 -80.85 1.84
N GLY L 298 -8.81 -81.18 3.09
CA GLY L 298 -8.53 -82.52 3.56
C GLY L 298 -9.38 -82.88 4.76
N LYS L 299 -9.01 -84.00 5.38
CA LYS L 299 -9.72 -84.51 6.54
C LYS L 299 -9.05 -84.15 7.86
N ASP L 300 -7.76 -83.86 7.85
CA ASP L 300 -7.07 -83.39 9.04
C ASP L 300 -5.70 -82.86 8.63
N ILE L 301 -5.04 -82.19 9.58
CA ILE L 301 -3.75 -81.56 9.28
C ILE L 301 -2.72 -82.58 8.84
N PRO L 302 -2.53 -83.72 9.52
CA PRO L 302 -1.51 -84.68 9.06
C PRO L 302 -1.69 -85.10 7.62
N ASN L 303 -2.93 -85.30 7.16
CA ASN L 303 -3.17 -85.82 5.83
C ASN L 303 -2.60 -84.94 4.73
N MET L 304 -2.08 -83.76 5.06
CA MET L 304 -1.45 -82.91 4.05
C MET L 304 -0.04 -83.40 3.70
N PHE L 305 0.62 -84.10 4.60
CA PHE L 305 2.06 -84.33 4.49
C PHE L 305 2.43 -85.70 3.92
N MET L 306 1.46 -86.48 3.45
CA MET L 306 1.77 -87.73 2.77
C MET L 306 1.05 -87.76 1.42
N ASP L 307 1.31 -88.83 0.67
CA ASP L 307 0.82 -88.96 -0.70
C ASP L 307 -0.58 -89.58 -0.72
N VAL M 52 22.66 75.16 -95.24
CA VAL M 52 21.72 74.13 -94.84
C VAL M 52 21.12 73.47 -96.08
N LEU M 53 20.97 74.26 -97.15
CA LEU M 53 20.41 73.73 -98.38
C LEU M 53 21.27 72.60 -98.94
N LEU M 54 22.59 72.79 -98.94
CA LEU M 54 23.48 71.76 -99.47
C LEU M 54 23.38 70.47 -98.65
N TYR M 55 23.37 70.60 -97.32
CA TYR M 55 23.28 69.41 -96.47
C TYR M 55 21.96 68.70 -96.68
N ALA M 56 20.86 69.46 -96.77
CA ALA M 56 19.56 68.82 -96.99
C ALA M 56 19.51 68.13 -98.34
N SER M 57 20.07 68.76 -99.39
CA SER M 57 20.00 68.18 -100.72
C SER M 57 20.86 66.93 -100.84
N ILE M 58 22.05 66.93 -100.22
CA ILE M 58 22.96 65.80 -100.37
C ILE M 58 22.44 64.61 -99.58
N HIS M 59 22.40 63.45 -100.23
CA HIS M 59 21.89 62.22 -99.63
C HIS M 59 22.94 61.12 -99.75
N LYS M 60 22.93 60.21 -98.79
CA LYS M 60 23.79 59.03 -98.79
C LYS M 60 22.93 57.79 -98.66
N ILE M 61 23.20 56.80 -99.51
CA ILE M 61 22.43 55.56 -99.55
C ILE M 61 23.42 54.41 -99.54
N GLU M 62 23.45 53.65 -98.44
CA GLU M 62 24.35 52.52 -98.34
C GLU M 62 23.97 51.44 -99.35
N GLU M 63 24.96 50.74 -99.88
CA GLU M 63 24.69 49.69 -100.85
C GLU M 63 23.86 48.59 -100.20
N GLY M 64 23.04 47.93 -101.02
CA GLY M 64 22.05 47.01 -100.52
C GLY M 64 20.78 47.68 -100.06
N HIS M 65 20.69 49.00 -100.13
CA HIS M 65 19.50 49.75 -99.82
C HIS M 65 18.97 50.42 -101.07
N LEU M 66 17.76 50.98 -100.95
CA LEU M 66 17.20 51.80 -102.01
C LEU M 66 16.38 52.90 -101.34
N ALA M 67 16.59 54.14 -101.76
CA ALA M 67 15.96 55.27 -101.11
C ALA M 67 14.65 55.62 -101.80
N VAL M 68 13.63 55.86 -100.99
CA VAL M 68 12.33 56.33 -101.45
C VAL M 68 12.12 57.73 -100.91
N TYR M 69 11.67 58.63 -101.78
CA TYR M 69 11.54 60.05 -101.46
C TYR M 69 10.08 60.43 -101.30
N TYR M 70 9.77 61.11 -100.20
CA TYR M 70 8.41 61.54 -99.87
C TYR M 70 8.35 63.05 -100.02
N ARG M 71 7.65 63.52 -101.05
CA ARG M 71 7.48 64.94 -101.33
C ARG M 71 6.10 65.37 -100.82
N GLY M 72 6.07 65.93 -99.63
CA GLY M 72 4.81 66.39 -99.06
C GLY M 72 3.80 65.27 -98.85
N GLY M 73 4.27 64.07 -98.51
CA GLY M 73 3.38 62.97 -98.22
C GLY M 73 3.00 62.12 -99.41
N ALA M 74 3.77 62.17 -100.50
CA ALA M 74 3.52 61.35 -101.67
C ALA M 74 4.72 60.43 -101.90
N LEU M 75 4.67 59.67 -103.00
CA LEU M 75 5.76 58.79 -103.39
C LEU M 75 6.17 59.12 -104.81
N LEU M 76 7.35 59.71 -104.97
CA LEU M 76 7.92 59.92 -106.30
C LEU M 76 8.19 58.59 -106.99
N THR M 77 7.90 58.53 -108.28
CA THR M 77 8.00 57.29 -109.04
C THR M 77 9.45 56.93 -109.32
N SER M 78 10.39 57.75 -108.83
CA SER M 78 11.81 57.53 -109.05
C SER M 78 12.46 57.09 -107.74
N PRO M 79 12.78 55.81 -107.56
CA PRO M 79 13.61 55.41 -106.41
C PRO M 79 15.09 55.46 -106.75
N SER M 80 15.88 56.09 -105.89
CA SER M 80 17.30 56.30 -106.15
C SER M 80 18.11 55.14 -105.60
N GLY M 81 19.15 54.76 -106.35
CA GLY M 81 20.02 53.68 -105.94
C GLY M 81 21.05 54.12 -104.93
N PRO M 82 21.97 53.20 -104.62
CA PRO M 82 23.01 53.50 -103.64
C PRO M 82 24.02 54.51 -104.16
N GLY M 83 24.62 55.26 -103.23
CA GLY M 83 25.63 56.25 -103.54
C GLY M 83 25.24 57.62 -103.05
N TYR M 84 25.69 58.64 -103.78
CA TYR M 84 25.37 60.03 -103.49
C TYR M 84 24.23 60.48 -104.41
N HIS M 85 23.25 61.16 -103.83
CA HIS M 85 22.09 61.60 -104.59
C HIS M 85 21.65 62.97 -104.09
N ILE M 86 21.01 63.72 -105.00
CA ILE M 86 20.52 65.07 -104.73
C ILE M 86 19.02 65.08 -104.92
N MET M 87 18.31 65.73 -104.00
CA MET M 87 16.88 65.92 -104.16
C MET M 87 16.47 67.22 -103.49
N LEU M 88 15.28 67.69 -103.84
CA LEU M 88 14.82 68.99 -103.36
C LEU M 88 14.81 69.01 -101.83
N PRO M 89 15.44 70.00 -101.20
CA PRO M 89 15.54 70.00 -99.75
C PRO M 89 14.36 70.67 -99.05
N PHE M 90 14.10 70.19 -97.83
CA PHE M 90 13.09 70.69 -96.91
C PHE M 90 11.67 70.44 -97.39
N ILE M 91 11.48 69.90 -98.59
CA ILE M 91 10.16 69.53 -99.09
C ILE M 91 10.04 68.03 -99.32
N THR M 92 11.12 67.40 -99.78
CA THR M 92 11.16 65.96 -100.01
C THR M 92 12.10 65.33 -99.00
N THR M 93 11.55 64.48 -98.13
CA THR M 93 12.38 63.67 -97.24
C THR M 93 12.73 62.35 -97.91
N PHE M 94 13.63 61.60 -97.30
CA PHE M 94 14.10 60.35 -97.88
C PHE M 94 14.12 59.26 -96.81
N ARG M 95 13.97 58.01 -97.25
CA ARG M 95 14.07 56.87 -96.36
C ARG M 95 14.63 55.69 -97.12
N SER M 96 15.67 55.08 -96.60
CA SER M 96 16.34 53.96 -97.25
C SER M 96 15.74 52.65 -96.75
N VAL M 97 15.22 51.84 -97.67
CA VAL M 97 14.67 50.53 -97.37
C VAL M 97 15.63 49.48 -97.91
N GLN M 98 16.01 48.53 -97.06
CA GLN M 98 16.96 47.51 -97.46
C GLN M 98 16.38 46.61 -98.55
N THR M 99 17.22 46.22 -99.50
CA THR M 99 16.81 45.29 -100.55
C THR M 99 17.58 43.97 -100.53
N THR M 100 18.64 43.87 -99.75
CA THR M 100 19.40 42.63 -99.64
C THR M 100 18.85 41.78 -98.50
N LEU M 101 19.51 40.66 -98.23
CA LEU M 101 19.10 39.80 -97.14
C LEU M 101 19.14 40.58 -95.82
N GLN M 102 18.05 40.50 -95.07
CA GLN M 102 17.97 41.16 -93.77
C GLN M 102 17.27 40.24 -92.79
N THR M 103 17.79 40.20 -91.56
CA THR M 103 17.32 39.29 -90.52
C THR M 103 16.64 40.09 -89.42
N ASP M 104 15.52 39.58 -88.91
CA ASP M 104 14.89 40.18 -87.75
C ASP M 104 14.07 39.13 -87.03
N GLU M 105 13.96 39.27 -85.70
CA GLU M 105 13.45 38.22 -84.85
C GLU M 105 12.27 38.71 -84.01
N VAL M 106 11.45 37.74 -83.59
CA VAL M 106 10.36 37.96 -82.66
C VAL M 106 10.54 37.03 -81.48
N LYS M 107 10.35 37.56 -80.27
CA LYS M 107 10.73 36.86 -79.05
C LYS M 107 9.52 36.31 -78.33
N ASN M 108 9.74 35.23 -77.56
CA ASN M 108 8.77 34.69 -76.63
C ASN M 108 7.41 34.48 -77.28
N VAL M 109 7.41 33.82 -78.44
CA VAL M 109 6.18 33.54 -79.16
C VAL M 109 5.48 32.37 -78.48
N PRO M 110 4.27 32.53 -77.95
CA PRO M 110 3.55 31.39 -77.40
C PRO M 110 3.06 30.47 -78.51
N CYS M 111 2.87 29.19 -78.14
CA CYS M 111 2.37 28.20 -79.08
C CYS M 111 1.61 27.14 -78.29
N GLY M 112 0.38 26.88 -78.69
CA GLY M 112 -0.46 25.93 -77.99
C GLY M 112 -0.47 24.58 -78.66
N THR M 113 0.06 23.57 -77.98
CA THR M 113 0.11 22.24 -78.55
C THR M 113 -1.30 21.64 -78.62
N SER M 114 -1.45 20.64 -79.47
CA SER M 114 -2.75 19.99 -79.60
C SER M 114 -3.21 19.36 -78.30
N GLY M 115 -2.29 19.12 -77.36
CA GLY M 115 -2.64 18.64 -76.05
C GLY M 115 -3.09 19.71 -75.09
N GLY M 116 -3.13 20.97 -75.52
CA GLY M 116 -3.60 22.05 -74.68
C GLY M 116 -2.57 22.61 -73.73
N VAL M 117 -1.28 22.45 -74.02
CA VAL M 117 -0.21 22.97 -73.19
C VAL M 117 0.48 24.11 -73.93
N MET M 118 0.91 25.11 -73.16
CA MET M 118 1.54 26.31 -73.71
C MET M 118 3.05 26.12 -73.69
N ILE M 119 3.68 26.27 -74.86
CA ILE M 119 5.14 26.25 -74.97
C ILE M 119 5.57 27.53 -75.65
N TYR M 120 6.56 28.20 -75.06
CA TYR M 120 6.99 29.52 -75.53
C TYR M 120 8.30 29.36 -76.30
N ILE M 121 8.25 29.58 -77.61
CA ILE M 121 9.44 29.58 -78.44
C ILE M 121 10.19 30.88 -78.17
N ASP M 122 11.43 30.76 -77.70
CA ASP M 122 12.16 31.94 -77.24
C ASP M 122 12.37 32.95 -78.37
N ARG M 123 12.75 32.48 -79.55
CA ARG M 123 13.09 33.37 -80.65
C ARG M 123 12.74 32.72 -81.98
N ILE M 124 12.14 33.51 -82.87
CA ILE M 124 11.89 33.11 -84.25
C ILE M 124 12.45 34.21 -85.14
N GLU M 125 13.49 33.90 -85.90
CA GLU M 125 14.13 34.83 -86.80
C GLU M 125 13.66 34.58 -88.22
N VAL M 126 13.45 35.66 -88.97
CA VAL M 126 13.09 35.60 -90.37
C VAL M 126 14.11 36.42 -91.14
N VAL M 127 14.68 35.83 -92.19
CA VAL M 127 15.59 36.52 -93.10
C VAL M 127 14.91 36.62 -94.45
N ASN M 128 14.80 37.85 -94.96
CA ASN M 128 13.99 38.16 -96.13
C ASN M 128 14.75 39.08 -97.07
N MET M 129 14.22 39.22 -98.28
CA MET M 129 14.82 40.10 -99.27
C MET M 129 13.75 40.61 -100.22
N LEU M 130 14.09 41.66 -100.95
CA LEU M 130 13.19 42.31 -101.89
C LEU M 130 13.82 42.34 -103.28
N ALA M 131 13.02 42.05 -104.30
CA ALA M 131 13.47 42.21 -105.66
C ALA M 131 13.72 43.68 -105.95
N PRO M 132 14.67 44.00 -106.84
CA PRO M 132 15.01 45.41 -107.06
C PRO M 132 13.87 46.24 -107.62
N TYR M 133 12.88 45.63 -108.27
CA TYR M 133 11.84 46.40 -108.96
C TYR M 133 10.54 46.52 -108.17
N ALA M 134 10.33 45.69 -107.16
CA ALA M 134 9.10 45.71 -106.39
C ALA M 134 9.17 46.60 -105.15
N VAL M 135 10.32 47.24 -104.90
CA VAL M 135 10.47 48.05 -103.70
C VAL M 135 9.48 49.20 -103.70
N PHE M 136 9.31 49.86 -104.85
CA PHE M 136 8.39 50.99 -104.93
C PHE M 136 6.98 50.55 -104.57
N ASP M 137 6.51 49.46 -105.17
CA ASP M 137 5.16 48.99 -104.89
C ASP M 137 5.00 48.57 -103.44
N ILE M 138 6.00 47.88 -102.88
CA ILE M 138 5.89 47.42 -101.50
C ILE M 138 5.78 48.61 -100.56
N VAL M 139 6.66 49.60 -100.73
CA VAL M 139 6.64 50.75 -99.83
C VAL M 139 5.36 51.56 -100.03
N ARG M 140 4.88 51.65 -101.27
CA ARG M 140 3.64 52.38 -101.53
C ARG M 140 2.47 51.72 -100.82
N ASN M 141 2.37 50.39 -100.92
CA ASN M 141 1.22 49.70 -100.36
C ASN M 141 1.27 49.65 -98.84
N TYR M 142 2.44 49.31 -98.28
CA TYR M 142 2.56 49.07 -96.85
C TYR M 142 3.63 49.93 -96.19
N THR M 143 3.96 51.08 -96.76
CA THR M 143 4.95 51.98 -96.17
C THR M 143 6.30 51.29 -96.08
N ALA M 144 7.31 52.01 -95.57
CA ALA M 144 8.64 51.43 -95.47
C ALA M 144 8.70 50.34 -94.41
N ASP M 145 7.96 50.51 -93.32
CA ASP M 145 7.96 49.53 -92.23
C ASP M 145 7.03 48.38 -92.55
N TYR M 146 7.23 47.75 -93.71
CA TYR M 146 6.37 46.65 -94.13
C TYR M 146 6.65 45.36 -93.37
N ASP M 147 7.76 45.28 -92.64
CA ASP M 147 8.09 44.06 -91.92
C ASP M 147 7.00 43.71 -90.91
N LYS M 148 6.66 44.66 -90.04
CA LYS M 148 5.68 44.37 -89.00
C LYS M 148 4.34 43.96 -89.60
N THR M 149 3.94 44.60 -90.69
CA THR M 149 2.63 44.34 -91.27
C THR M 149 2.60 43.03 -92.04
N LEU M 150 3.70 42.63 -92.67
CA LEU M 150 3.67 41.51 -93.59
C LEU M 150 4.25 40.22 -93.03
N ILE M 151 5.12 40.28 -92.02
CA ILE M 151 5.76 39.07 -91.53
C ILE M 151 5.55 38.92 -90.03
N PHE M 152 6.04 39.90 -89.26
CA PHE M 152 6.23 39.74 -87.83
C PHE M 152 4.97 39.96 -87.02
N ASN M 153 3.86 40.33 -87.65
CA ASN M 153 2.56 40.27 -86.99
C ASN M 153 1.84 38.97 -87.29
N LYS M 154 2.11 38.37 -88.45
CA LYS M 154 1.53 37.08 -88.79
C LYS M 154 2.30 35.91 -88.18
N ILE M 155 3.53 36.14 -87.72
CA ILE M 155 4.35 35.03 -87.23
C ILE M 155 3.64 34.28 -86.12
N HIS M 156 3.14 35.00 -85.12
CA HIS M 156 2.57 34.34 -83.95
C HIS M 156 1.30 33.58 -84.31
N HIS M 157 0.44 34.17 -85.14
CA HIS M 157 -0.80 33.49 -85.52
C HIS M 157 -0.51 32.25 -86.36
N GLU M 158 0.42 32.34 -87.30
CA GLU M 158 0.77 31.16 -88.08
C GLU M 158 1.37 30.07 -87.20
N LEU M 159 2.21 30.45 -86.25
CA LEU M 159 2.79 29.47 -85.34
C LEU M 159 1.71 28.80 -84.51
N ASN M 160 0.73 29.57 -84.03
CA ASN M 160 -0.36 28.97 -83.27
C ASN M 160 -1.20 28.04 -84.13
N GLN M 161 -1.46 28.44 -85.38
CA GLN M 161 -2.23 27.59 -86.28
C GLN M 161 -1.50 26.28 -86.52
N PHE M 162 -0.17 26.33 -86.67
CA PHE M 162 0.60 25.10 -86.84
C PHE M 162 0.58 24.25 -85.57
N CYS M 163 0.81 24.88 -84.42
CA CYS M 163 0.92 24.12 -83.18
C CYS M 163 -0.39 23.43 -82.83
N SER M 164 -1.52 24.12 -83.00
CA SER M 164 -2.79 23.56 -82.56
C SER M 164 -3.11 22.24 -83.26
N ALA M 165 -2.51 21.98 -84.41
CA ALA M 165 -2.74 20.74 -85.14
C ALA M 165 -1.67 19.68 -84.85
N HIS M 166 -0.78 19.94 -83.91
CA HIS M 166 0.31 19.01 -83.61
C HIS M 166 0.47 18.87 -82.11
N THR M 167 1.05 17.75 -81.69
CA THR M 167 1.25 17.44 -80.29
C THR M 167 2.53 18.11 -79.78
N LEU M 168 2.69 18.10 -78.46
CA LEU M 168 3.89 18.67 -77.87
C LEU M 168 5.13 17.91 -78.30
N GLN M 169 5.05 16.58 -78.36
CA GLN M 169 6.19 15.79 -78.80
C GLN M 169 6.55 16.12 -80.24
N GLU M 170 5.55 16.22 -81.12
CA GLU M 170 5.82 16.52 -82.51
C GLU M 170 6.46 17.89 -82.66
N VAL M 171 5.94 18.89 -81.95
CA VAL M 171 6.49 20.24 -82.05
C VAL M 171 7.86 20.30 -81.40
N TYR M 172 8.01 19.69 -80.23
CA TYR M 172 9.25 19.85 -79.47
C TYR M 172 10.40 19.10 -80.10
N ILE M 173 10.16 17.89 -80.61
CA ILE M 173 11.26 17.00 -81.01
C ILE M 173 11.14 16.61 -82.47
N GLU M 174 10.06 15.92 -82.83
CA GLU M 174 9.99 15.25 -84.13
C GLU M 174 9.92 16.26 -85.26
N LEU M 175 8.88 17.09 -85.28
CA LEU M 175 8.65 18.03 -86.37
C LEU M 175 9.41 19.34 -86.20
N PHE M 176 10.45 19.36 -85.35
CA PHE M 176 11.28 20.55 -85.25
C PHE M 176 12.00 20.83 -86.56
N ASP M 177 12.27 19.79 -87.34
CA ASP M 177 12.83 19.97 -88.67
C ASP M 177 11.84 20.61 -89.64
N GLN M 178 10.56 20.65 -89.28
CA GLN M 178 9.52 21.13 -90.18
C GLN M 178 8.84 22.41 -89.69
N ILE M 179 9.05 22.81 -88.44
CA ILE M 179 8.39 24.02 -87.95
C ILE M 179 8.75 25.20 -88.82
N ASP M 180 10.05 25.43 -89.03
CA ASP M 180 10.50 26.58 -89.81
C ASP M 180 10.06 26.46 -91.25
N GLU M 181 10.12 25.26 -91.83
CA GLU M 181 9.74 25.09 -93.22
C GLU M 181 8.26 25.43 -93.41
N ASN M 182 7.41 24.95 -92.52
CA ASN M 182 5.98 25.23 -92.65
C ASN M 182 5.69 26.72 -92.43
N LEU M 183 6.37 27.34 -91.46
CA LEU M 183 6.17 28.78 -91.25
C LEU M 183 6.56 29.56 -92.50
N LYS M 184 7.73 29.24 -93.06
CA LYS M 184 8.17 29.94 -94.26
C LYS M 184 7.21 29.71 -95.42
N GLN M 185 6.73 28.47 -95.57
CA GLN M 185 5.81 28.18 -96.67
C GLN M 185 4.52 28.97 -96.52
N ALA M 186 3.96 29.03 -95.31
CA ALA M 186 2.73 29.78 -95.11
C ALA M 186 2.95 31.27 -95.38
N LEU M 187 4.02 31.84 -94.83
CA LEU M 187 4.27 33.26 -95.02
C LEU M 187 4.48 33.59 -96.49
N GLN M 188 5.24 32.76 -97.20
CA GLN M 188 5.47 33.01 -98.62
C GLN M 188 4.20 32.84 -99.43
N LYS M 189 3.35 31.87 -99.06
CA LYS M 189 2.08 31.72 -99.76
C LYS M 189 1.22 32.97 -99.60
N ASP M 190 1.20 33.54 -98.39
CA ASP M 190 0.47 34.79 -98.20
C ASP M 190 1.07 35.91 -99.03
N LEU M 191 2.38 36.10 -98.95
CA LEU M 191 3.03 37.20 -99.65
C LEU M 191 2.94 37.07 -101.16
N ASN M 192 2.77 35.84 -101.69
CA ASN M 192 2.69 35.68 -103.13
C ASN M 192 1.57 36.53 -103.72
N LEU M 193 0.42 36.57 -103.06
CA LEU M 193 -0.68 37.40 -103.51
C LEU M 193 -0.69 38.77 -102.84
N MET M 194 -0.18 38.88 -101.62
CA MET M 194 -0.19 40.16 -100.93
C MET M 194 0.83 41.12 -101.52
N ALA M 195 2.12 40.78 -101.43
CA ALA M 195 3.23 41.68 -101.71
C ALA M 195 4.21 40.99 -102.65
N PRO M 196 3.90 40.91 -103.93
CA PRO M 196 4.84 40.30 -104.88
C PRO M 196 6.19 41.01 -104.86
N GLY M 197 7.25 40.21 -104.95
CA GLY M 197 8.59 40.75 -104.93
C GLY M 197 9.33 40.47 -103.63
N LEU M 198 8.62 40.61 -102.51
CA LEU M 198 9.21 40.31 -101.21
C LEU M 198 9.23 38.79 -101.00
N THR M 199 10.42 38.24 -100.77
CA THR M 199 10.57 36.80 -100.61
C THR M 199 11.31 36.49 -99.32
N ILE M 200 10.76 35.55 -98.56
CA ILE M 200 11.36 35.12 -97.29
C ILE M 200 12.39 34.04 -97.60
N GLN M 201 13.67 34.40 -97.49
CA GLN M 201 14.71 33.44 -97.82
C GLN M 201 14.80 32.33 -96.78
N ALA M 202 14.65 32.65 -95.49
CA ALA M 202 14.81 31.60 -94.50
C ALA M 202 14.13 31.98 -93.19
N VAL M 203 13.85 30.97 -92.38
CA VAL M 203 13.28 31.12 -91.05
C VAL M 203 14.03 30.19 -90.10
N ARG M 204 14.35 30.70 -88.92
CA ARG M 204 15.12 29.95 -87.92
C ARG M 204 14.40 30.07 -86.58
N VAL M 205 13.94 28.94 -86.05
CA VAL M 205 13.20 28.90 -84.79
C VAL M 205 14.06 28.23 -83.74
N THR M 206 14.15 28.83 -82.56
CA THR M 206 14.88 28.21 -81.46
C THR M 206 14.02 27.08 -80.89
N LYS M 207 14.47 26.47 -79.80
CA LYS M 207 13.76 25.33 -79.25
C LYS M 207 12.76 25.79 -78.19
N PRO M 208 11.49 25.38 -78.29
CA PRO M 208 10.49 25.89 -77.34
C PRO M 208 10.81 25.50 -75.90
N LYS M 209 10.38 26.36 -74.97
CA LYS M 209 10.56 26.12 -73.54
C LYS M 209 9.32 25.40 -73.02
N ILE M 210 9.45 24.10 -72.78
CA ILE M 210 8.35 23.29 -72.28
C ILE M 210 8.17 23.54 -70.78
N PRO M 211 7.02 23.22 -70.21
CA PRO M 211 6.83 23.45 -68.78
C PRO M 211 7.82 22.66 -67.94
N GLU M 212 8.13 23.20 -66.76
CA GLU M 212 9.11 22.54 -65.88
C GLU M 212 8.67 21.14 -65.52
N ALA M 213 7.37 20.95 -65.26
CA ALA M 213 6.88 19.62 -64.88
C ALA M 213 7.16 18.59 -65.97
N ILE M 214 6.88 18.94 -67.23
CA ILE M 214 7.17 18.03 -68.33
C ILE M 214 8.67 17.90 -68.55
N ARG M 215 9.42 18.96 -68.31
CA ARG M 215 10.87 18.92 -68.56
C ARG M 215 11.54 17.90 -67.65
N ARG M 216 11.13 17.84 -66.37
CA ARG M 216 11.72 16.87 -65.46
C ARG M 216 11.47 15.44 -65.94
N ASN M 217 10.26 15.15 -66.42
CA ASN M 217 9.97 13.80 -66.90
C ASN M 217 10.85 13.43 -68.08
N PHE M 218 11.10 14.38 -68.99
CA PHE M 218 11.99 14.10 -70.11
C PHE M 218 13.39 13.78 -69.62
N GLU M 219 13.87 14.48 -68.60
CA GLU M 219 15.16 14.17 -68.01
C GLU M 219 15.15 12.79 -67.37
N LEU M 220 14.06 12.43 -66.69
CA LEU M 220 13.98 11.12 -66.05
C LEU M 220 14.06 10.01 -67.08
N MET M 221 13.42 10.19 -68.24
CA MET M 221 13.53 9.19 -69.29
C MET M 221 14.97 8.97 -69.71
N GLU M 222 15.79 10.01 -69.66
CA GLU M 222 17.21 9.87 -70.00
C GLU M 222 17.99 9.21 -68.88
N ALA M 223 17.61 9.46 -67.63
CA ALA M 223 18.27 8.76 -66.53
C ALA M 223 18.04 7.26 -66.63
N GLU M 224 16.82 6.85 -66.98
CA GLU M 224 16.54 5.43 -67.17
C GLU M 224 17.30 4.85 -68.34
N LYS M 225 17.74 5.69 -69.28
CA LYS M 225 18.52 5.19 -70.41
C LYS M 225 19.95 4.88 -70.00
N THR M 226 20.52 5.66 -69.07
CA THR M 226 21.85 5.37 -68.54
C THR M 226 21.82 4.45 -67.34
N LYS M 227 20.65 4.24 -66.73
CA LYS M 227 20.53 3.21 -65.71
C LYS M 227 20.57 1.81 -66.32
N LEU M 228 20.27 1.69 -67.60
CA LEU M 228 20.41 0.41 -68.29
C LEU M 228 21.87 0.08 -68.57
N LEU M 229 22.71 1.09 -68.76
CA LEU M 229 24.14 0.84 -68.95
C LEU M 229 24.83 0.51 -67.64
N ILE M 230 24.40 1.14 -66.54
CA ILE M 230 24.95 0.78 -65.23
C ILE M 230 24.63 -0.67 -64.91
N ALA M 231 23.40 -1.09 -65.15
CA ALA M 231 23.01 -2.46 -64.86
C ALA M 231 23.77 -3.46 -65.73
N ALA M 232 24.23 -3.01 -66.90
CA ALA M 232 24.99 -3.90 -67.76
C ALA M 232 26.38 -4.20 -67.19
N GLN M 233 26.94 -3.28 -66.42
CA GLN M 233 28.23 -3.48 -65.77
C GLN M 233 28.07 -4.09 -64.38
N LYS M 234 27.04 -3.68 -63.66
CA LYS M 234 26.75 -4.33 -62.38
C LYS M 234 26.45 -5.80 -62.58
N GLN M 235 25.92 -6.18 -63.75
CA GLN M 235 25.72 -7.59 -64.05
C GLN M 235 27.04 -8.34 -64.02
N LYS M 236 28.05 -7.81 -64.70
CA LYS M 236 29.36 -8.47 -64.73
C LYS M 236 29.98 -8.48 -63.34
N VAL M 237 29.81 -7.39 -62.59
CA VAL M 237 30.38 -7.34 -61.24
C VAL M 237 29.74 -8.41 -60.36
N VAL M 238 28.42 -8.54 -60.43
CA VAL M 238 27.72 -9.55 -59.63
C VAL M 238 28.13 -10.95 -60.08
N GLU M 239 28.30 -11.16 -61.38
CA GLU M 239 28.74 -12.46 -61.87
C GLU M 239 30.11 -12.81 -61.32
N LYS M 240 31.04 -11.85 -61.33
CA LYS M 240 32.37 -12.11 -60.81
C LYS M 240 32.34 -12.39 -59.31
N GLU M 241 31.53 -11.64 -58.56
CA GLU M 241 31.43 -11.89 -57.13
C GLU M 241 30.85 -13.27 -56.85
N ALA M 242 29.83 -13.68 -57.62
CA ALA M 242 29.25 -15.00 -57.45
C ALA M 242 30.26 -16.08 -57.79
N GLU M 243 31.06 -15.86 -58.83
CA GLU M 243 32.09 -16.84 -59.18
C GLU M 243 33.14 -16.95 -58.07
N THR M 244 33.51 -15.82 -57.47
CA THR M 244 34.44 -15.85 -56.35
C THR M 244 33.85 -16.63 -55.18
N GLU M 245 32.59 -16.40 -54.87
CA GLU M 245 31.93 -17.14 -53.80
C GLU M 245 31.91 -18.62 -54.11
N ARG M 246 31.64 -18.98 -55.37
CA ARG M 246 31.66 -20.39 -55.76
C ARG M 246 33.05 -20.99 -55.58
N LYS M 247 34.09 -20.26 -55.98
CA LYS M 247 35.45 -20.78 -55.82
C LYS M 247 35.78 -21.00 -54.35
N LYS M 248 35.41 -20.06 -53.49
CA LYS M 248 35.65 -20.23 -52.07
C LYS M 248 34.87 -21.43 -51.52
N ALA M 249 33.63 -21.60 -51.95
CA ALA M 249 32.84 -22.74 -51.49
C ALA M 249 33.45 -24.06 -51.93
N VAL M 250 33.95 -24.12 -53.16
CA VAL M 250 34.57 -25.35 -53.66
C VAL M 250 35.85 -25.64 -52.89
N ILE M 251 36.63 -24.60 -52.58
CA ILE M 251 37.84 -24.82 -51.80
C ILE M 251 37.49 -25.33 -50.40
N GLU M 252 36.44 -24.77 -49.80
CA GLU M 252 36.03 -25.26 -48.48
C GLU M 252 35.55 -26.70 -48.54
N ALA M 253 34.83 -27.06 -49.60
CA ALA M 253 34.38 -28.44 -49.76
C ALA M 253 35.57 -29.38 -49.91
N GLU M 254 36.59 -28.98 -50.67
CA GLU M 254 37.78 -29.80 -50.80
C GLU M 254 38.51 -29.93 -49.46
N LYS M 255 38.57 -28.85 -48.70
CA LYS M 255 39.14 -28.91 -47.35
C LYS M 255 38.40 -29.93 -46.50
N ILE M 256 37.07 -29.89 -46.56
CA ILE M 256 36.27 -30.83 -45.77
C ILE M 256 36.56 -32.26 -46.22
N ALA M 257 36.66 -32.48 -47.52
CA ALA M 257 36.93 -33.83 -48.02
C ALA M 257 38.29 -34.33 -47.54
N GLN M 258 39.31 -33.47 -47.59
CA GLN M 258 40.65 -33.92 -47.19
C GLN M 258 40.73 -34.18 -45.70
N VAL M 259 40.15 -33.29 -44.88
CA VAL M 259 40.16 -33.53 -43.44
C VAL M 259 39.36 -34.78 -43.11
N ALA M 260 38.27 -35.03 -43.85
CA ALA M 260 37.51 -36.25 -43.66
C ALA M 260 38.36 -37.48 -43.98
N LYS M 261 39.15 -37.41 -45.05
CA LYS M 261 40.03 -38.53 -45.38
C LYS M 261 41.02 -38.80 -44.25
N ILE M 262 41.61 -37.73 -43.70
CA ILE M 262 42.56 -37.91 -42.60
C ILE M 262 41.87 -38.54 -41.39
N ARG M 263 40.70 -38.00 -41.02
CA ARG M 263 40.04 -38.50 -39.83
C ARG M 263 39.56 -39.93 -40.02
N PHE M 264 39.21 -40.32 -41.25
CA PHE M 264 38.79 -41.69 -41.47
C PHE M 264 39.97 -42.66 -41.50
N GLN M 265 41.13 -42.22 -41.96
CA GLN M 265 42.32 -43.03 -41.74
C GLN M 265 42.55 -43.25 -40.25
N GLN M 266 42.42 -42.20 -39.44
CA GLN M 266 42.59 -42.39 -38.00
C GLN M 266 41.50 -43.29 -37.44
N LYS M 267 40.29 -43.24 -38.01
CA LYS M 267 39.23 -44.14 -37.57
C LYS M 267 39.59 -45.59 -37.83
N VAL M 268 40.16 -45.88 -39.00
CA VAL M 268 40.60 -47.24 -39.29
C VAL M 268 41.67 -47.67 -38.31
N MET M 269 42.62 -46.78 -38.01
CA MET M 269 43.65 -47.11 -37.04
C MET M 269 43.04 -47.39 -35.67
N GLU M 270 42.07 -46.57 -35.26
CA GLU M 270 41.42 -46.78 -33.98
C GLU M 270 40.69 -48.11 -33.94
N LYS M 271 40.06 -48.50 -35.05
CA LYS M 271 39.36 -49.77 -35.08
C LYS M 271 40.32 -50.94 -35.01
N GLU M 272 41.48 -50.83 -35.66
CA GLU M 272 42.48 -51.88 -35.54
C GLU M 272 42.96 -52.01 -34.10
N THR M 273 43.23 -50.88 -33.44
CA THR M 273 43.63 -50.93 -32.04
C THR M 273 42.53 -51.49 -31.17
N GLU M 274 41.27 -51.19 -31.50
CA GLU M 274 40.16 -51.78 -30.76
C GLU M 274 40.07 -53.28 -30.99
N LYS M 275 40.44 -53.75 -32.18
CA LYS M 275 40.52 -55.19 -32.41
C LYS M 275 41.57 -55.81 -31.50
N ARG M 276 42.74 -55.18 -31.38
CA ARG M 276 43.76 -55.71 -30.48
C ARG M 276 43.27 -55.68 -29.03
N ILE M 277 42.59 -54.61 -28.63
CA ILE M 277 42.05 -54.51 -27.29
C ILE M 277 41.04 -55.62 -27.05
N SER M 278 40.20 -55.91 -28.05
CA SER M 278 39.22 -56.98 -27.91
C SER M 278 39.91 -58.33 -27.80
N GLU M 279 41.01 -58.52 -28.52
CA GLU M 279 41.77 -59.76 -28.37
C GLU M 279 42.28 -59.92 -26.95
N ILE M 280 42.84 -58.84 -26.37
CA ILE M 280 43.29 -58.91 -24.99
C ILE M 280 42.13 -59.18 -24.05
N GLU M 281 41.00 -58.51 -24.28
CA GLU M 281 39.84 -58.70 -23.41
C GLU M 281 39.28 -60.11 -23.51
N ASP M 282 39.40 -60.74 -24.68
CA ASP M 282 38.97 -62.13 -24.81
C ASP M 282 39.94 -63.07 -24.11
N ALA M 283 41.24 -62.80 -24.21
CA ALA M 283 42.21 -63.61 -23.49
C ALA M 283 41.98 -63.53 -21.99
N ALA M 284 41.65 -62.34 -21.49
CA ALA M 284 41.42 -62.18 -20.05
C ALA M 284 40.08 -62.77 -19.64
N PHE M 285 39.03 -62.53 -20.44
CA PHE M 285 37.70 -63.03 -20.12
C PHE M 285 37.68 -64.55 -20.12
N LEU M 286 38.39 -65.16 -21.06
CA LEU M 286 38.48 -66.62 -21.07
C LEU M 286 39.09 -67.14 -19.77
N ALA M 287 40.16 -66.49 -19.31
CA ALA M 287 40.80 -66.92 -18.07
C ALA M 287 39.87 -66.72 -16.88
N ARG M 288 39.18 -65.57 -16.82
CA ARG M 288 38.29 -65.32 -15.70
C ARG M 288 37.13 -66.30 -15.69
N GLU M 289 36.57 -66.61 -16.86
CA GLU M 289 35.48 -67.58 -16.92
C GLU M 289 35.95 -68.97 -16.55
N LYS M 290 37.20 -69.30 -16.86
CA LYS M 290 37.76 -70.57 -16.40
C LYS M 290 37.85 -70.60 -14.88
N ALA M 291 38.32 -69.51 -14.27
CA ALA M 291 38.41 -69.47 -12.82
C ALA M 291 37.04 -69.59 -12.18
N LYS M 292 36.04 -68.91 -12.72
CA LYS M 292 34.69 -69.02 -12.19
C LYS M 292 34.17 -70.44 -12.34
N ALA M 293 34.45 -71.08 -13.48
CA ALA M 293 34.01 -72.46 -13.69
C ALA M 293 34.68 -73.40 -12.71
N ASP M 294 35.99 -73.25 -12.50
CA ASP M 294 36.69 -74.12 -11.57
C ASP M 294 36.23 -73.91 -10.14
N ALA M 295 35.99 -72.65 -9.75
CA ALA M 295 35.50 -72.38 -8.41
C ALA M 295 34.13 -73.02 -8.19
N GLU M 296 33.25 -72.94 -9.19
CA GLU M 296 31.95 -73.58 -9.09
C GLU M 296 32.10 -75.08 -8.94
N TYR M 297 32.99 -75.68 -9.73
CA TYR M 297 33.18 -77.13 -9.67
C TYR M 297 33.66 -77.55 -8.28
N TYR M 298 34.63 -76.82 -7.72
CA TYR M 298 35.10 -77.16 -6.39
C TYR M 298 34.00 -76.99 -5.35
N ALA M 299 33.25 -75.89 -5.42
CA ALA M 299 32.17 -75.67 -4.46
C ALA M 299 31.08 -76.72 -4.60
N ALA M 300 30.90 -77.27 -5.80
CA ALA M 300 29.88 -78.30 -5.99
C ALA M 300 30.33 -79.63 -5.40
N HIS M 301 31.59 -80.00 -5.61
CA HIS M 301 32.09 -81.25 -5.04
C HIS M 301 32.04 -81.21 -3.51
N LYS M 302 32.55 -80.13 -2.92
CA LYS M 302 32.48 -80.00 -1.47
C LYS M 302 31.03 -79.98 -1.00
N TYR M 303 30.17 -79.26 -1.70
CA TYR M 303 28.75 -79.27 -1.37
C TYR M 303 28.11 -80.61 -1.67
N ALA M 304 28.72 -81.41 -2.55
CA ALA M 304 28.23 -82.75 -2.82
C ALA M 304 28.74 -83.77 -1.82
N THR M 305 29.97 -83.61 -1.33
CA THR M 305 30.49 -84.51 -0.31
C THR M 305 29.74 -84.34 1.01
N SER M 306 29.38 -83.11 1.35
CA SER M 306 28.65 -82.87 2.60
C SER M 306 27.20 -83.31 2.51
N ASN M 307 26.60 -83.26 1.31
CA ASN M 307 25.20 -83.64 1.18
C ASN M 307 24.99 -85.10 1.52
N LYS M 308 26.01 -85.94 1.36
CA LYS M 308 25.86 -87.36 1.67
C LYS M 308 25.52 -87.55 3.15
N HIS M 309 26.20 -86.83 4.02
CA HIS M 309 25.95 -86.94 5.45
C HIS M 309 24.78 -86.10 5.92
N LYS M 310 24.39 -85.08 5.15
CA LYS M 310 23.36 -84.15 5.59
C LYS M 310 21.96 -84.56 5.16
N LEU M 311 21.81 -85.01 3.91
CA LEU M 311 20.49 -85.31 3.36
C LEU M 311 20.05 -86.70 3.81
N THR M 312 19.76 -86.81 5.10
CA THR M 312 19.21 -88.02 5.68
C THR M 312 17.70 -88.04 5.52
N PRO M 313 17.07 -89.20 5.69
CA PRO M 313 15.60 -89.24 5.58
C PRO M 313 14.90 -88.32 6.56
N GLU M 314 15.39 -88.20 7.79
CA GLU M 314 14.76 -87.32 8.76
C GLU M 314 14.84 -85.87 8.33
N TYR M 315 16.02 -85.44 7.87
CA TYR M 315 16.17 -84.06 7.39
C TYR M 315 15.29 -83.82 6.17
N LEU M 316 15.22 -84.80 5.27
CA LEU M 316 14.36 -84.64 4.09
C LEU M 316 12.90 -84.50 4.50
N GLU M 317 12.46 -85.29 5.48
CA GLU M 317 11.09 -85.17 5.95
C GLU M 317 10.84 -83.81 6.59
N LEU M 318 11.80 -83.31 7.37
CA LEU M 318 11.64 -81.99 7.98
C LEU M 318 11.51 -80.91 6.91
N LYS M 319 12.38 -80.95 5.91
CA LYS M 319 12.30 -79.96 4.84
C LYS M 319 10.99 -80.10 4.08
N LYS M 320 10.51 -81.32 3.89
CA LYS M 320 9.23 -81.53 3.23
C LYS M 320 8.10 -80.90 4.02
N TYR M 321 8.11 -81.09 5.34
CA TYR M 321 7.11 -80.45 6.18
C TYR M 321 7.12 -78.94 6.00
N GLN M 322 8.30 -78.34 6.09
CA GLN M 322 8.38 -76.89 5.95
C GLN M 322 7.90 -76.45 4.58
N ALA M 323 8.32 -77.16 3.53
CA ALA M 323 7.97 -76.76 2.17
C ALA M 323 6.46 -76.86 1.93
N ILE M 324 5.82 -77.93 2.39
CA ILE M 324 4.41 -78.12 2.10
C ILE M 324 3.51 -77.31 3.01
N ALA M 325 3.98 -76.92 4.20
CA ALA M 325 3.19 -76.10 5.11
C ALA M 325 3.59 -74.63 5.07
N SER M 326 4.52 -74.25 4.19
CA SER M 326 5.00 -72.88 4.14
C SER M 326 3.89 -71.87 3.92
N ASN M 327 3.25 -71.93 2.75
CA ASN M 327 2.28 -70.91 2.33
C ASN M 327 0.91 -71.52 2.10
N SER M 328 0.57 -72.57 2.84
CA SER M 328 -0.68 -73.27 2.62
C SER M 328 -1.83 -72.57 3.34
N LYS M 329 -3.04 -72.93 2.94
CA LYS M 329 -4.26 -72.53 3.64
C LYS M 329 -5.13 -73.78 3.76
N ILE M 330 -5.40 -74.20 4.99
CA ILE M 330 -5.94 -75.53 5.26
C ILE M 330 -7.45 -75.41 5.42
N TYR M 331 -8.19 -76.20 4.63
CA TYR M 331 -9.63 -76.39 4.80
C TYR M 331 -9.81 -77.83 5.24
N PHE M 332 -9.72 -78.07 6.54
CA PHE M 332 -9.78 -79.41 7.09
C PHE M 332 -11.06 -79.58 7.91
N GLY M 333 -11.63 -80.77 7.83
CA GLY M 333 -12.85 -81.06 8.57
C GLY M 333 -13.53 -82.32 8.11
N SER M 334 -14.44 -82.85 8.93
CA SER M 334 -15.12 -84.09 8.57
C SER M 334 -15.96 -83.91 7.32
N ASN M 335 -16.68 -82.79 7.21
CA ASN M 335 -17.59 -82.53 6.09
C ASN M 335 -17.22 -81.18 5.47
N ILE M 336 -16.26 -81.19 4.56
CA ILE M 336 -15.97 -79.99 3.78
C ILE M 336 -17.09 -79.79 2.76
N PRO M 337 -17.66 -78.58 2.63
CA PRO M 337 -18.71 -78.39 1.63
C PRO M 337 -18.20 -78.69 0.24
N ASN M 338 -19.08 -79.21 -0.60
CA ASN M 338 -18.73 -79.68 -1.93
C ASN M 338 -19.01 -78.62 -3.00
N MET M 339 -18.89 -77.35 -2.65
CA MET M 339 -19.02 -76.27 -3.63
C MET M 339 -18.17 -75.10 -3.15
N PHE M 340 -17.27 -74.63 -4.01
CA PHE M 340 -16.28 -73.64 -3.64
C PHE M 340 -16.11 -72.65 -4.78
N VAL M 341 -15.98 -71.37 -4.43
CA VAL M 341 -15.73 -70.30 -5.41
C VAL M 341 -14.61 -69.43 -4.83
N ASP M 342 -13.57 -69.21 -5.63
CA ASP M 342 -12.43 -68.41 -5.18
C ASP M 342 -12.87 -67.01 -4.76
N SER N 18 44.83 65.21 -95.39
CA SER N 18 44.31 64.53 -96.57
C SER N 18 45.21 63.37 -96.98
N LEU N 19 46.52 63.63 -97.04
CA LEU N 19 47.47 62.57 -97.37
C LEU N 19 47.43 61.46 -96.34
N PHE N 20 47.31 61.82 -95.06
CA PHE N 20 47.21 60.80 -94.02
C PHE N 20 45.98 59.93 -94.22
N SER N 21 44.85 60.54 -94.60
CA SER N 21 43.65 59.77 -94.87
C SER N 21 43.83 58.85 -96.07
N ALA N 22 44.48 59.35 -97.12
CA ALA N 22 44.60 58.62 -98.38
C ALA N 22 45.78 57.67 -98.42
N VAL N 23 46.59 57.61 -97.37
CA VAL N 23 47.78 56.76 -97.36
C VAL N 23 47.54 55.52 -96.50
N HIS N 24 46.28 55.10 -96.41
CA HIS N 24 45.95 53.88 -95.69
C HIS N 24 46.76 52.69 -96.21
N LYS N 25 46.82 51.64 -95.40
CA LYS N 25 47.53 50.42 -95.76
C LYS N 25 46.62 49.21 -95.54
N ILE N 26 46.83 48.18 -96.35
CA ILE N 26 46.04 46.95 -96.30
C ILE N 26 46.97 45.82 -95.87
N GLU N 27 46.65 45.19 -94.74
CA GLU N 27 47.49 44.13 -94.20
C GLU N 27 47.49 42.92 -95.13
N GLU N 28 48.57 42.16 -95.08
CA GLU N 28 48.68 40.96 -95.89
C GLU N 28 47.60 39.96 -95.50
N GLY N 29 47.06 39.27 -96.49
CA GLY N 29 45.99 38.32 -96.28
C GLY N 29 44.60 38.92 -96.32
N HIS N 30 44.49 40.25 -96.24
CA HIS N 30 43.22 40.93 -96.39
C HIS N 30 43.15 41.61 -97.76
N ILE N 31 41.99 42.17 -98.05
CA ILE N 31 41.85 43.07 -99.20
C ILE N 31 40.80 44.12 -98.84
N GLY N 32 41.06 45.36 -99.24
CA GLY N 32 40.22 46.47 -98.85
C GLY N 32 39.09 46.71 -99.83
N VAL N 33 37.92 47.01 -99.27
CA VAL N 33 36.76 47.43 -100.04
C VAL N 33 36.46 48.88 -99.66
N TYR N 34 36.19 49.70 -100.67
CA TYR N 34 36.02 51.13 -100.50
C TYR N 34 34.58 51.53 -100.79
N TYR N 35 34.03 52.37 -99.91
CA TYR N 35 32.72 52.97 -100.09
C TYR N 35 32.92 54.45 -100.38
N ARG N 36 32.65 54.85 -101.62
CA ARG N 36 32.74 56.27 -101.98
C ARG N 36 31.74 57.07 -101.17
N GLY N 37 30.46 56.83 -101.40
CA GLY N 37 29.42 57.37 -100.56
C GLY N 37 28.89 56.28 -99.65
N GLY N 38 27.77 55.69 -100.02
CA GLY N 38 27.32 54.47 -99.40
C GLY N 38 27.50 53.27 -100.31
N ALA N 39 27.76 53.54 -101.59
CA ALA N 39 27.88 52.48 -102.58
C ALA N 39 29.28 51.87 -102.56
N LEU N 40 29.44 50.79 -103.32
CA LEU N 40 30.71 50.08 -103.43
C LEU N 40 31.32 50.37 -104.80
N LEU N 41 32.59 50.76 -104.81
CA LEU N 41 33.31 50.86 -106.07
C LEU N 41 33.66 49.47 -106.57
N THR N 42 33.54 49.28 -107.89
CA THR N 42 33.81 47.98 -108.48
C THR N 42 35.26 47.56 -108.28
N SER N 43 36.16 48.51 -108.09
CA SER N 43 37.58 48.20 -107.95
C SER N 43 37.89 47.74 -106.54
N THR N 44 38.80 46.76 -106.44
CA THR N 44 39.24 46.22 -105.16
C THR N 44 40.74 46.40 -105.02
N SER N 45 41.21 46.47 -103.78
CA SER N 45 42.61 46.72 -103.47
C SER N 45 43.27 45.49 -102.88
N GLY N 46 44.51 45.25 -103.28
CA GLY N 46 45.29 44.17 -102.71
C GLY N 46 46.02 44.62 -101.47
N PRO N 47 46.87 43.77 -100.93
CA PRO N 47 47.65 44.13 -99.74
C PRO N 47 48.71 45.17 -100.05
N GLY N 48 49.10 45.91 -99.02
CA GLY N 48 50.15 46.91 -99.13
C GLY N 48 49.61 48.32 -99.15
N PHE N 49 50.51 49.24 -99.44
CA PHE N 49 50.13 50.65 -99.56
C PHE N 49 49.26 50.85 -100.79
N HIS N 50 48.22 51.67 -100.64
CA HIS N 50 47.30 51.95 -101.73
C HIS N 50 46.79 53.37 -101.61
N LEU N 51 46.57 53.99 -102.77
CA LEU N 51 46.04 55.34 -102.82
C LEU N 51 44.51 55.31 -102.71
N MET N 52 43.96 56.42 -102.20
CA MET N 52 42.53 56.54 -101.99
C MET N 52 42.13 57.99 -102.14
N LEU N 53 40.86 58.22 -102.46
CA LEU N 53 40.34 59.58 -102.51
C LEU N 53 40.01 60.04 -101.09
N PRO N 54 40.61 61.12 -100.60
CA PRO N 54 40.50 61.44 -99.18
C PRO N 54 39.15 62.04 -98.81
N PHE N 55 38.66 61.67 -97.63
CA PHE N 55 37.49 62.23 -96.97
C PHE N 55 36.18 61.91 -97.68
N ILE N 56 36.21 61.26 -98.84
CA ILE N 56 35.00 60.96 -99.58
C ILE N 56 35.01 59.48 -99.98
N THR N 57 35.86 58.69 -99.32
CA THR N 57 35.97 57.28 -99.63
C THR N 57 36.42 56.55 -98.36
N SER N 58 35.46 55.95 -97.67
CA SER N 58 35.79 55.10 -96.53
C SER N 58 36.32 53.76 -97.04
N TYR N 59 37.04 53.06 -96.16
CA TYR N 59 37.60 51.76 -96.51
C TYR N 59 37.44 50.80 -95.34
N LYS N 60 37.38 49.51 -95.66
CA LYS N 60 37.47 48.48 -94.63
C LYS N 60 37.96 47.20 -95.28
N SER N 61 38.79 46.46 -94.54
CA SER N 61 39.49 45.29 -95.08
C SER N 61 38.75 44.02 -94.69
N VAL N 62 38.50 43.17 -95.67
CA VAL N 62 37.92 41.85 -95.46
C VAL N 62 39.01 40.82 -95.67
N GLN N 63 39.07 39.84 -94.76
CA GLN N 63 40.13 38.84 -94.77
C GLN N 63 39.80 37.76 -95.79
N THR N 64 40.68 37.59 -96.78
CA THR N 64 40.50 36.57 -97.80
C THR N 64 41.23 35.28 -97.48
N THR N 65 41.87 35.17 -96.33
CA THR N 65 42.60 33.99 -95.92
C THR N 65 41.83 33.26 -94.83
N LEU N 66 42.37 32.11 -94.42
CA LEU N 66 41.72 31.30 -93.40
C LEU N 66 41.57 32.11 -92.11
N GLN N 67 40.38 32.07 -91.53
CA GLN N 67 40.10 32.78 -90.29
C GLN N 67 39.12 31.96 -89.45
N THR N 68 39.21 32.13 -88.13
CA THR N 68 38.47 31.33 -87.17
C THR N 68 37.59 32.22 -86.32
N ASP N 69 36.36 31.76 -86.05
CA ASP N 69 35.50 32.45 -85.10
C ASP N 69 34.49 31.46 -84.56
N GLU N 70 34.01 31.72 -83.34
CA GLU N 70 33.27 30.73 -82.58
C GLU N 70 32.00 31.32 -81.98
N VAL N 71 31.10 30.43 -81.59
CA VAL N 71 29.88 30.76 -80.86
C VAL N 71 29.83 29.89 -79.60
N LYS N 72 29.48 30.51 -78.48
CA LYS N 72 29.58 29.88 -77.18
C LYS N 72 28.20 29.47 -76.66
N ASN N 73 28.22 28.47 -75.77
CA ASN N 73 27.04 28.11 -74.98
C ASN N 73 25.81 27.89 -75.85
N VAL N 74 25.99 27.19 -76.97
CA VAL N 74 24.89 26.97 -77.90
C VAL N 74 24.10 25.75 -77.46
N PRO N 75 22.81 25.87 -77.14
CA PRO N 75 22.01 24.70 -76.78
C PRO N 75 21.67 23.84 -77.98
N CYS N 76 21.35 22.58 -77.69
CA CYS N 76 20.76 21.70 -78.67
C CYS N 76 19.95 20.64 -77.93
N GLY N 77 18.78 20.32 -78.48
CA GLY N 77 17.86 19.37 -77.85
C GLY N 77 17.96 18.02 -78.52
N THR N 78 18.28 17.01 -77.71
CA THR N 78 18.44 15.67 -78.25
C THR N 78 17.08 15.06 -78.57
N SER N 79 17.10 13.93 -79.29
CA SER N 79 15.86 13.26 -79.65
C SER N 79 15.09 12.81 -78.42
N GLY N 80 15.74 12.72 -77.27
CA GLY N 80 15.09 12.36 -76.02
C GLY N 80 14.50 13.54 -75.28
N GLY N 81 14.47 14.72 -75.90
CA GLY N 81 13.91 15.89 -75.24
C GLY N 81 14.73 16.39 -74.07
N VAL N 82 16.05 16.37 -74.18
CA VAL N 82 16.94 16.88 -73.14
C VAL N 82 17.88 17.90 -73.74
N MET N 83 18.11 18.98 -73.00
CA MET N 83 19.03 20.03 -73.44
C MET N 83 20.47 19.61 -73.17
N ILE N 84 21.34 19.86 -74.15
CA ILE N 84 22.77 19.76 -73.95
C ILE N 84 23.40 21.02 -74.57
N TYR N 85 24.24 21.69 -73.80
CA TYR N 85 24.82 22.96 -74.21
C TYR N 85 26.27 22.74 -74.64
N PHE N 86 26.54 22.97 -75.93
CA PHE N 86 27.92 22.96 -76.39
C PHE N 86 28.61 24.23 -75.93
N ASP N 87 29.71 24.08 -75.20
CA ASP N 87 30.40 25.26 -74.67
C ASP N 87 30.93 26.14 -75.78
N ARG N 88 31.47 25.54 -76.84
CA ARG N 88 32.04 26.32 -77.93
C ARG N 88 31.93 25.53 -79.23
N ILE N 89 31.58 26.24 -80.30
CA ILE N 89 31.63 25.71 -81.65
C ILE N 89 32.35 26.73 -82.52
N GLU N 90 33.49 26.33 -83.07
CA GLU N 90 34.32 27.20 -83.87
C GLU N 90 34.22 26.81 -85.34
N VAL N 91 34.24 27.81 -86.21
CA VAL N 91 34.24 27.61 -87.65
C VAL N 91 35.45 28.34 -88.21
N VAL N 92 36.20 27.64 -89.06
CA VAL N 92 37.34 28.23 -89.77
C VAL N 92 36.99 28.20 -91.25
N ASN N 93 37.06 29.37 -91.88
CA ASN N 93 36.60 29.53 -93.25
C ASN N 93 37.48 30.53 -93.97
N PHE N 94 37.29 30.62 -95.29
CA PHE N 94 38.04 31.56 -96.10
C PHE N 94 37.22 31.95 -97.32
N LEU N 95 37.71 32.97 -98.02
CA LEU N 95 37.07 33.52 -99.19
C LEU N 95 37.99 33.39 -100.39
N VAL N 96 37.43 32.97 -101.52
CA VAL N 96 38.19 33.04 -102.77
C VAL N 96 38.41 34.51 -103.12
N PRO N 97 39.64 34.92 -103.47
CA PRO N 97 39.87 36.35 -103.69
C PRO N 97 39.01 36.96 -104.79
N ASN N 98 38.59 36.17 -105.78
CA ASN N 98 37.83 36.74 -106.88
C ASN N 98 36.39 37.06 -106.49
N ALA N 99 35.82 36.31 -105.54
CA ALA N 99 34.43 36.48 -105.14
C ALA N 99 34.25 37.48 -104.01
N VAL N 100 35.31 38.15 -103.57
CA VAL N 100 35.21 39.05 -102.44
C VAL N 100 34.24 40.18 -102.74
N TYR N 101 34.33 40.78 -103.93
CA TYR N 101 33.49 41.92 -104.25
C TYR N 101 32.01 41.52 -104.24
N ASP N 102 31.67 40.40 -104.88
CA ASP N 102 30.29 39.97 -104.88
C ASP N 102 29.80 39.64 -103.49
N ILE N 103 30.64 38.99 -102.68
CA ILE N 103 30.22 38.64 -101.32
C ILE N 103 29.93 39.90 -100.52
N VAL N 104 30.85 40.86 -100.55
CA VAL N 104 30.66 42.08 -99.76
C VAL N 104 29.50 42.91 -100.30
N LYS N 105 29.27 42.87 -101.61
CA LYS N 105 28.14 43.59 -102.17
C LYS N 105 26.82 42.99 -101.71
N ASN N 106 26.69 41.67 -101.81
CA ASN N 106 25.45 41.01 -101.38
C ASN N 106 25.24 41.20 -99.88
N TYR N 107 26.28 41.01 -99.08
CA TYR N 107 26.19 41.11 -97.63
C TYR N 107 27.32 41.99 -97.13
N THR N 108 27.06 42.74 -96.07
CA THR N 108 28.05 43.68 -95.57
C THR N 108 29.34 42.95 -95.22
N ALA N 109 30.40 43.73 -94.99
CA ALA N 109 31.68 43.17 -94.62
C ALA N 109 31.61 42.29 -93.38
N ASP N 110 30.52 42.36 -92.62
CA ASP N 110 30.24 41.44 -91.53
C ASP N 110 29.43 40.24 -91.99
N TYR N 111 29.61 39.82 -93.24
CA TYR N 111 28.82 38.74 -93.81
C TYR N 111 28.91 37.47 -92.97
N ASP N 112 30.03 37.25 -92.29
CA ASP N 112 30.25 35.98 -91.62
C ASP N 112 29.17 35.74 -90.57
N LYS N 113 28.82 36.76 -89.80
CA LYS N 113 27.81 36.59 -88.76
C LYS N 113 26.52 36.07 -89.38
N ALA N 114 25.88 36.89 -90.22
CA ALA N 114 24.57 36.56 -90.75
C ALA N 114 24.59 35.38 -91.71
N LEU N 115 25.76 34.92 -92.15
CA LEU N 115 25.83 33.83 -93.11
C LEU N 115 26.25 32.50 -92.50
N ILE N 116 26.86 32.50 -91.32
CA ILE N 116 27.29 31.26 -90.69
C ILE N 116 26.79 31.18 -89.25
N PHE N 117 27.07 32.23 -88.47
CA PHE N 117 26.97 32.13 -87.02
C PHE N 117 25.58 32.42 -86.49
N ASN N 118 24.64 32.79 -87.35
CA ASN N 118 23.24 32.81 -86.99
C ASN N 118 22.52 31.54 -87.41
N LYS N 119 23.14 30.72 -88.26
CA LYS N 119 22.61 29.43 -88.64
C LYS N 119 23.23 28.27 -87.87
N ILE N 120 24.36 28.51 -87.21
CA ILE N 120 25.03 27.42 -86.48
C ILE N 120 24.07 26.76 -85.51
N HIS N 121 23.37 27.56 -84.71
CA HIS N 121 22.53 26.99 -83.66
C HIS N 121 21.33 26.26 -84.25
N HIS N 122 20.76 26.80 -85.34
CA HIS N 122 19.62 26.12 -85.96
C HIS N 122 20.05 24.78 -86.56
N GLU N 123 21.21 24.74 -87.20
CA GLU N 123 21.69 23.46 -87.72
C GLU N 123 21.97 22.48 -86.59
N LEU N 124 22.53 22.96 -85.48
CA LEU N 124 22.74 22.10 -84.33
C LEU N 124 21.43 21.50 -83.84
N ASN N 125 20.39 22.34 -83.72
CA ASN N 125 19.10 21.83 -83.26
C ASN N 125 18.53 20.84 -84.26
N GLN N 126 18.69 21.10 -85.56
CA GLN N 126 18.22 20.18 -86.58
C GLN N 126 18.87 18.82 -86.41
N PHE N 127 20.19 18.80 -86.15
CA PHE N 127 20.90 17.54 -85.97
C PHE N 127 20.47 16.84 -84.68
N CYS N 128 20.38 17.59 -83.58
CA CYS N 128 20.12 16.98 -82.29
C CYS N 128 18.69 16.47 -82.17
N SER N 129 17.72 17.16 -82.78
CA SER N 129 16.35 16.68 -82.70
C SER N 129 16.19 15.30 -83.31
N VAL N 130 17.09 14.91 -84.21
CA VAL N 130 17.07 13.57 -84.77
C VAL N 130 17.94 12.62 -83.96
N HIS N 131 19.14 13.03 -83.60
CA HIS N 131 20.06 12.15 -82.89
C HIS N 131 19.87 12.25 -81.38
N THR N 132 19.91 11.09 -80.72
CA THR N 132 19.65 11.02 -79.28
C THR N 132 20.88 11.48 -78.49
N LEU N 133 20.70 11.55 -77.16
CA LEU N 133 21.75 12.09 -76.31
C LEU N 133 23.02 11.25 -76.40
N GLN N 134 22.89 9.93 -76.40
CA GLN N 134 24.08 9.08 -76.49
C GLN N 134 24.83 9.32 -77.79
N GLU N 135 24.10 9.38 -78.90
CA GLU N 135 24.75 9.53 -80.20
C GLU N 135 25.44 10.89 -80.30
N VAL N 136 24.82 11.94 -79.79
CA VAL N 136 25.41 13.27 -79.86
C VAL N 136 26.62 13.35 -78.93
N TYR N 137 26.49 12.84 -77.71
CA TYR N 137 27.52 13.02 -76.70
C TYR N 137 28.75 12.16 -76.97
N ILE N 138 28.54 10.91 -77.38
CA ILE N 138 29.64 9.96 -77.48
C ILE N 138 29.75 9.38 -78.89
N GLU N 139 28.70 8.71 -79.35
CA GLU N 139 28.81 7.88 -80.54
C GLU N 139 29.15 8.71 -81.77
N LEU N 140 28.31 9.68 -82.12
CA LEU N 140 28.44 10.44 -83.34
C LEU N 140 29.14 11.78 -83.13
N PHE N 141 29.94 11.90 -82.06
CA PHE N 141 30.64 13.15 -81.82
C PHE N 141 31.59 13.48 -82.96
N ASP N 142 32.32 12.49 -83.46
CA ASP N 142 33.21 12.72 -84.58
C ASP N 142 32.47 13.07 -85.87
N GLN N 143 31.15 12.89 -85.90
CA GLN N 143 30.34 13.22 -87.06
C GLN N 143 29.57 14.52 -86.91
N ILE N 144 29.45 15.05 -85.68
CA ILE N 144 28.71 16.28 -85.49
C ILE N 144 29.30 17.40 -86.33
N ASP N 145 30.61 17.59 -86.24
CA ASP N 145 31.24 18.69 -86.97
C ASP N 145 31.15 18.49 -88.47
N GLU N 146 31.32 17.27 -88.94
CA GLU N 146 31.20 17.00 -90.37
C GLU N 146 29.80 17.33 -90.87
N ASN N 147 28.78 16.92 -90.11
CA ASN N 147 27.40 17.24 -90.51
C ASN N 147 27.16 18.73 -90.53
N LEU N 148 27.66 19.44 -89.51
CA LEU N 148 27.47 20.89 -89.47
C LEU N 148 28.13 21.56 -90.68
N LYS N 149 29.36 21.15 -90.98
CA LYS N 149 30.07 21.74 -92.11
C LYS N 149 29.36 21.46 -93.42
N LEU N 150 28.88 20.22 -93.59
CA LEU N 150 28.16 19.89 -94.82
C LEU N 150 26.88 20.71 -94.95
N ALA N 151 26.13 20.83 -93.85
CA ALA N 151 24.89 21.60 -93.90
C ALA N 151 25.15 23.06 -94.25
N LEU N 152 26.19 23.64 -93.64
CA LEU N 152 26.49 25.05 -93.94
C LEU N 152 26.95 25.23 -95.38
N GLN N 153 27.90 24.40 -95.82
CA GLN N 153 28.47 24.57 -97.15
C GLN N 153 27.46 24.29 -98.24
N GLN N 154 26.51 23.38 -98.00
CA GLN N 154 25.50 23.11 -99.03
C GLN N 154 24.70 24.36 -99.33
N ASP N 155 24.35 25.12 -98.30
CA ASP N 155 23.62 26.37 -98.52
C ASP N 155 24.53 27.45 -99.08
N LEU N 156 25.76 27.54 -98.58
CA LEU N 156 26.65 28.62 -99.01
C LEU N 156 27.02 28.48 -100.48
N THR N 157 27.25 27.26 -100.96
CA THR N 157 27.66 27.08 -102.34
C THR N 157 26.66 27.65 -103.33
N SER N 158 25.41 27.81 -102.90
CA SER N 158 24.37 28.42 -103.73
C SER N 158 24.14 29.89 -103.40
N MET N 159 24.02 30.22 -102.10
CA MET N 159 23.70 31.59 -101.73
C MET N 159 24.87 32.53 -101.98
N ALA N 160 26.07 32.14 -101.56
CA ALA N 160 27.26 33.00 -101.57
C ALA N 160 28.43 32.23 -102.14
N PRO N 161 28.42 31.97 -103.45
CA PRO N 161 29.52 31.19 -104.05
C PRO N 161 30.85 31.91 -103.92
N GLY N 162 31.79 31.29 -103.21
CA GLY N 162 33.10 31.87 -103.00
C GLY N 162 33.56 31.77 -101.56
N LEU N 163 32.61 31.59 -100.64
CA LEU N 163 32.91 31.43 -99.23
C LEU N 163 32.97 29.95 -98.91
N VAL N 164 34.13 29.47 -98.48
CA VAL N 164 34.37 28.05 -98.24
C VAL N 164 34.65 27.85 -96.76
N ILE N 165 33.87 26.99 -96.12
CA ILE N 165 34.05 26.65 -94.72
C ILE N 165 35.07 25.51 -94.65
N GLN N 166 36.30 25.85 -94.33
CA GLN N 166 37.37 24.85 -94.35
C GLN N 166 37.14 23.78 -93.28
N ALA N 167 36.79 24.19 -92.07
CA ALA N 167 36.64 23.20 -91.01
C ALA N 167 35.75 23.73 -89.89
N VAL N 168 35.29 22.79 -89.07
CA VAL N 168 34.45 23.10 -87.91
C VAL N 168 34.94 22.28 -86.74
N ARG N 169 34.93 22.89 -85.55
CA ARG N 169 35.34 22.24 -84.31
C ARG N 169 34.23 22.42 -83.28
N VAL N 170 34.07 21.42 -82.42
CA VAL N 170 32.99 21.40 -81.45
C VAL N 170 33.52 20.88 -80.12
N THR N 171 33.15 21.54 -79.03
CA THR N 171 33.50 21.01 -77.73
C THR N 171 32.48 19.93 -77.30
N LYS N 172 32.83 19.21 -76.25
CA LYS N 172 31.92 18.18 -75.74
C LYS N 172 30.75 18.83 -75.03
N PRO N 173 29.51 18.45 -75.35
CA PRO N 173 28.36 19.11 -74.71
C PRO N 173 28.33 18.85 -73.21
N ASN N 174 27.75 19.80 -72.48
CA ASN N 174 27.57 19.68 -71.04
C ASN N 174 26.22 19.02 -70.78
N ILE N 175 26.24 17.74 -70.45
CA ILE N 175 25.01 16.99 -70.18
C ILE N 175 24.47 17.38 -68.82
N PRO N 176 23.19 17.14 -68.53
CA PRO N 176 22.64 17.54 -67.23
C PRO N 176 23.43 16.94 -66.07
N GLU N 177 23.16 17.48 -64.88
CA GLU N 177 23.89 17.04 -63.69
C GLU N 177 23.63 15.58 -63.38
N ALA N 178 22.35 15.19 -63.31
CA ALA N 178 22.01 13.83 -62.91
C ALA N 178 22.56 12.81 -63.88
N ILE N 179 22.41 13.07 -65.19
CA ILE N 179 22.88 12.10 -66.18
C ILE N 179 24.39 11.96 -66.14
N ARG N 180 25.10 13.01 -65.71
CA ARG N 180 26.55 12.90 -65.59
C ARG N 180 26.94 11.88 -64.53
N ARG N 181 26.26 11.89 -63.39
CA ARG N 181 26.59 10.95 -62.32
C ARG N 181 26.43 9.51 -62.78
N ASN N 182 25.33 9.22 -63.47
CA ASN N 182 25.12 7.85 -63.96
C ASN N 182 26.25 7.42 -64.88
N TYR N 183 26.81 8.36 -65.65
CA TYR N 183 27.91 8.01 -66.53
C TYR N 183 29.17 7.68 -65.74
N GLU N 184 29.40 8.38 -64.63
CA GLU N 184 30.52 8.05 -63.76
C GLU N 184 30.27 6.75 -63.02
N LEU N 185 29.06 6.54 -62.51
CA LEU N 185 28.75 5.30 -61.82
C LEU N 185 28.92 4.10 -62.75
N MET N 186 28.59 4.26 -64.04
CA MET N 186 28.84 3.20 -65.00
C MET N 186 30.33 2.89 -65.11
N GLU N 187 31.16 3.94 -65.09
CA GLU N 187 32.61 3.73 -65.14
C GLU N 187 33.14 3.23 -63.81
N SER N 188 32.48 3.58 -62.71
CA SER N 188 32.88 3.04 -61.41
C SER N 188 32.73 1.53 -61.38
N GLU N 189 31.64 1.02 -61.98
CA GLU N 189 31.46 -0.42 -62.05
C GLU N 189 32.56 -1.10 -62.86
N LYS N 190 32.99 -0.47 -63.96
CA LYS N 190 34.02 -1.08 -64.79
C LYS N 190 35.30 -1.35 -64.01
N THR N 191 35.59 -0.53 -63.01
CA THR N 191 36.75 -0.75 -62.15
C THR N 191 36.41 -1.58 -60.92
N LYS N 192 35.15 -1.59 -60.49
CA LYS N 192 34.73 -2.50 -59.44
C LYS N 192 34.84 -3.96 -59.87
N LEU N 193 34.87 -4.22 -61.17
CA LEU N 193 35.16 -5.57 -61.65
C LEU N 193 36.62 -5.92 -61.44
N LEU N 194 37.52 -4.98 -61.70
CA LEU N 194 38.95 -5.24 -61.51
C LEU N 194 39.26 -5.50 -60.05
N ILE N 195 38.64 -4.75 -59.14
CA ILE N 195 38.82 -5.03 -57.71
C ILE N 195 38.33 -6.42 -57.38
N ALA N 196 37.16 -6.80 -57.90
CA ALA N 196 36.60 -8.12 -57.63
C ALA N 196 37.44 -9.23 -58.25
N ALA N 197 38.24 -8.92 -59.27
CA ALA N 197 39.10 -9.95 -59.85
C ALA N 197 40.31 -10.25 -58.99
N GLN N 198 40.77 -9.29 -58.19
CA GLN N 198 41.90 -9.50 -57.29
C GLN N 198 41.44 -9.95 -55.92
N LYS N 199 40.29 -9.45 -55.46
CA LYS N 199 39.71 -9.98 -54.23
C LYS N 199 39.41 -11.46 -54.37
N GLN N 200 39.18 -11.93 -55.60
CA GLN N 200 39.01 -13.36 -55.83
C GLN N 200 40.27 -14.12 -55.45
N LYS N 201 41.43 -13.64 -55.90
CA LYS N 201 42.68 -14.28 -55.57
C LYS N 201 42.96 -14.20 -54.07
N VAL N 202 42.66 -13.06 -53.46
CA VAL N 202 42.88 -12.92 -52.02
C VAL N 202 42.01 -13.91 -51.25
N VAL N 203 40.75 -14.05 -51.64
CA VAL N 203 39.85 -14.98 -50.97
C VAL N 203 40.32 -16.41 -51.17
N GLU N 204 40.78 -16.73 -52.38
CA GLU N 204 41.31 -18.07 -52.63
C GLU N 204 42.49 -18.37 -51.73
N LYS N 205 43.41 -17.40 -51.60
CA LYS N 205 44.58 -17.63 -50.75
C LYS N 205 44.20 -17.79 -49.29
N GLU N 206 43.25 -16.98 -48.81
CA GLU N 206 42.82 -17.12 -47.43
C GLU N 206 42.15 -18.46 -47.19
N ALA N 207 41.34 -18.92 -48.14
CA ALA N 207 40.71 -20.23 -48.01
C ALA N 207 41.75 -21.33 -48.02
N GLU N 208 42.78 -21.21 -48.86
CA GLU N 208 43.83 -22.21 -48.88
C GLU N 208 44.59 -22.24 -47.57
N THR N 209 44.84 -21.06 -46.97
CA THR N 209 45.49 -21.01 -45.67
C THR N 209 44.63 -21.69 -44.61
N GLU N 210 43.32 -21.44 -44.64
CA GLU N 210 42.42 -22.11 -43.71
C GLU N 210 42.45 -23.62 -43.90
N ARG N 211 42.49 -24.07 -45.16
CA ARG N 211 42.57 -25.50 -45.44
C ARG N 211 43.87 -26.09 -44.88
N LYS N 212 44.99 -25.41 -45.07
CA LYS N 212 46.25 -25.92 -44.54
C LYS N 212 46.22 -26.00 -43.02
N LYS N 213 45.67 -24.98 -42.37
CA LYS N 213 45.54 -25.02 -40.91
C LYS N 213 44.66 -26.19 -40.48
N ALA N 214 43.54 -26.40 -41.18
CA ALA N 214 42.66 -27.50 -40.81
C ALA N 214 43.35 -28.84 -40.98
N LEU N 215 44.11 -29.01 -42.06
CA LEU N 215 44.82 -30.27 -42.27
C LEU N 215 45.87 -30.49 -41.19
N ILE N 216 46.58 -29.43 -40.80
CA ILE N 216 47.58 -29.59 -39.74
C ILE N 216 46.91 -29.99 -38.44
N GLU N 217 45.77 -29.37 -38.12
CA GLU N 217 45.05 -29.74 -36.91
C GLU N 217 44.55 -31.17 -36.98
N ALA N 218 44.10 -31.60 -38.15
CA ALA N 218 43.63 -32.98 -38.30
C ALA N 218 44.78 -33.96 -38.08
N GLU N 219 45.95 -33.66 -38.63
CA GLU N 219 47.11 -34.54 -38.40
C GLU N 219 47.50 -34.53 -36.92
N LYS N 220 47.42 -33.38 -36.26
CA LYS N 220 47.64 -33.34 -34.82
C LYS N 220 46.71 -34.28 -34.10
N VAL N 221 45.42 -34.22 -34.43
CA VAL N 221 44.43 -35.07 -33.77
C VAL N 221 44.73 -36.53 -34.04
N ALA N 222 45.10 -36.86 -35.27
CA ALA N 222 45.40 -38.25 -35.61
C ALA N 222 46.59 -38.77 -34.82
N GLN N 223 47.65 -37.97 -34.71
CA GLN N 223 48.84 -38.42 -33.98
C GLN N 223 48.55 -38.55 -32.49
N VAL N 224 47.81 -37.59 -31.92
CA VAL N 224 47.43 -37.69 -30.51
C VAL N 224 46.55 -38.92 -30.30
N ALA N 225 45.67 -39.22 -31.25
CA ALA N 225 44.86 -40.43 -31.16
C ALA N 225 45.73 -41.67 -31.17
N GLU N 226 46.75 -41.71 -32.03
CA GLU N 226 47.64 -42.85 -32.06
C GLU N 226 48.33 -43.03 -30.72
N ILE N 227 48.83 -41.95 -30.14
CA ILE N 227 49.52 -42.04 -28.85
C ILE N 227 48.57 -42.54 -27.76
N THR N 228 47.39 -41.91 -27.68
CA THR N 228 46.46 -42.30 -26.62
C THR N 228 45.96 -43.72 -26.81
N TYR N 229 45.87 -44.21 -28.04
CA TYR N 229 45.42 -45.58 -28.25
C TYR N 229 46.51 -46.59 -27.94
N GLY N 230 47.78 -46.26 -28.20
CA GLY N 230 48.85 -47.08 -27.66
C GLY N 230 48.79 -47.14 -26.14
N GLN N 231 48.53 -46.00 -25.50
CA GLN N 231 48.35 -46.00 -24.06
C GLN N 231 47.18 -46.87 -23.65
N LYS N 232 46.09 -46.83 -24.41
CA LYS N 232 44.92 -47.64 -24.09
C LYS N 232 45.24 -49.13 -24.18
N VAL N 233 46.02 -49.53 -25.19
CA VAL N 233 46.43 -50.93 -25.30
C VAL N 233 47.26 -51.32 -24.09
N MET N 234 48.19 -50.44 -23.66
CA MET N 234 48.98 -50.74 -22.47
C MET N 234 48.08 -50.87 -21.24
N GLU N 235 47.08 -49.98 -21.13
CA GLU N 235 46.15 -50.05 -20.02
C GLU N 235 45.40 -51.37 -20.01
N LYS N 236 44.98 -51.83 -21.19
CA LYS N 236 44.23 -53.07 -21.25
C LYS N 236 45.12 -54.28 -20.95
N GLU N 237 46.39 -54.24 -21.34
CA GLU N 237 47.30 -55.30 -20.94
C GLU N 237 47.46 -55.34 -19.42
N THR N 238 47.63 -54.17 -18.80
CA THR N 238 47.73 -54.15 -17.35
C THR N 238 46.43 -54.60 -16.70
N GLU N 239 45.28 -54.29 -17.31
CA GLU N 239 44.01 -54.77 -16.78
C GLU N 239 43.89 -56.28 -16.92
N LYS N 240 44.46 -56.86 -17.98
CA LYS N 240 44.52 -58.31 -18.08
C LYS N 240 45.34 -58.91 -16.96
N LYS N 241 46.48 -58.29 -16.64
CA LYS N 241 47.27 -58.76 -15.50
C LYS N 241 46.49 -58.62 -14.20
N ILE N 242 45.76 -57.51 -14.04
CA ILE N 242 44.94 -57.29 -12.86
C ILE N 242 43.88 -58.39 -12.74
N SER N 243 43.23 -58.73 -13.86
CA SER N 243 42.24 -59.79 -13.83
C SER N 243 42.88 -61.13 -13.48
N GLU N 244 44.08 -61.39 -13.98
CA GLU N 244 44.79 -62.61 -13.61
C GLU N 244 45.04 -62.65 -12.10
N ILE N 245 45.41 -61.52 -11.51
CA ILE N 245 45.59 -61.46 -10.06
C ILE N 245 44.28 -61.70 -9.35
N GLU N 246 43.19 -61.08 -9.84
CA GLU N 246 41.90 -61.23 -9.18
C GLU N 246 41.43 -62.68 -9.20
N ASP N 247 41.66 -63.38 -10.32
CA ASP N 247 41.21 -64.77 -10.41
C ASP N 247 41.86 -65.63 -9.35
N ALA N 248 43.16 -65.45 -9.11
CA ALA N 248 43.83 -66.21 -8.06
C ALA N 248 43.23 -65.89 -6.70
N ALA N 249 42.92 -64.63 -6.44
CA ALA N 249 42.27 -64.27 -5.19
C ALA N 249 40.83 -64.81 -5.15
N PHE N 250 40.15 -64.81 -6.29
CA PHE N 250 38.79 -65.32 -6.33
C PHE N 250 38.74 -66.80 -5.98
N LEU N 251 39.67 -67.59 -6.51
CA LEU N 251 39.69 -69.01 -6.21
C LEU N 251 39.88 -69.26 -4.73
N ALA N 252 40.87 -68.57 -4.13
CA ALA N 252 41.15 -68.79 -2.71
C ALA N 252 39.96 -68.39 -1.85
N ARG N 253 39.33 -67.26 -2.16
CA ARG N 253 38.16 -66.84 -1.40
C ARG N 253 37.01 -67.81 -1.57
N GLU N 254 36.77 -68.27 -2.81
CA GLU N 254 35.71 -69.24 -3.03
C GLU N 254 36.07 -70.60 -2.48
N LYS N 255 37.34 -70.98 -2.51
CA LYS N 255 37.76 -72.24 -1.90
C LYS N 255 37.51 -72.23 -0.40
N ALA N 256 37.87 -71.14 0.27
CA ALA N 256 37.62 -71.03 1.70
C ALA N 256 36.13 -71.00 1.99
N LYS N 257 35.36 -70.29 1.17
CA LYS N 257 33.91 -70.25 1.37
C LYS N 257 33.30 -71.63 1.22
N ALA N 258 33.85 -72.46 0.33
CA ALA N 258 33.33 -73.82 0.16
C ALA N 258 33.73 -74.70 1.34
N ASP N 259 34.99 -74.61 1.78
CA ASP N 259 35.43 -75.42 2.91
C ASP N 259 34.68 -75.06 4.17
N ALA N 260 34.48 -73.76 4.41
CA ALA N 260 33.77 -73.35 5.62
C ALA N 260 32.35 -73.89 5.64
N GLU N 261 31.66 -73.83 4.50
CA GLU N 261 30.32 -74.42 4.43
C GLU N 261 30.38 -75.92 4.57
N CYS N 262 31.38 -76.57 3.96
CA CYS N 262 31.49 -78.02 4.09
C CYS N 262 31.70 -78.43 5.54
N TYR N 263 32.57 -77.71 6.26
CA TYR N 263 32.74 -77.98 7.68
C TYR N 263 31.45 -77.70 8.44
N THR N 264 30.76 -76.60 8.10
CA THR N 264 29.52 -76.29 8.78
C THR N 264 28.46 -77.36 8.51
N ALA N 265 28.38 -77.84 7.27
CA ALA N 265 27.39 -78.85 6.95
C ALA N 265 27.59 -80.12 7.77
N MET N 266 28.85 -80.56 7.91
CA MET N 266 29.10 -81.76 8.72
C MET N 266 28.70 -81.55 10.17
N LYS N 267 29.02 -80.38 10.73
CA LYS N 267 28.74 -80.15 12.15
C LYS N 267 27.25 -80.21 12.43
N ILE N 268 26.43 -79.58 11.59
CA ILE N 268 24.98 -79.68 11.80
C ILE N 268 24.50 -81.10 11.50
N ALA N 269 25.15 -81.79 10.55
CA ALA N 269 24.77 -83.17 10.27
C ALA N 269 24.94 -84.03 11.52
N GLU N 270 26.06 -83.88 12.22
CA GLU N 270 26.23 -84.59 13.48
C GLU N 270 25.20 -84.16 14.50
N ALA N 271 24.94 -82.86 14.60
CA ALA N 271 23.91 -82.38 15.52
C ALA N 271 22.53 -82.90 15.13
N ASN N 272 22.22 -82.88 13.84
CA ASN N 272 20.95 -83.41 13.38
C ASN N 272 20.84 -84.91 13.61
N LYS N 273 21.96 -85.59 13.83
CA LYS N 273 21.93 -87.04 14.02
C LYS N 273 21.09 -87.40 15.23
N LEU N 274 21.27 -86.68 16.34
CA LEU N 274 20.58 -86.99 17.59
C LEU N 274 19.63 -85.87 18.01
N LYS N 275 19.30 -84.96 17.10
CA LYS N 275 18.31 -83.92 17.37
C LYS N 275 16.99 -84.15 16.66
N LEU N 276 17.01 -84.76 15.48
CA LEU N 276 15.79 -84.99 14.71
C LEU N 276 15.15 -86.32 15.08
N THR N 277 14.81 -86.44 16.36
CA THR N 277 14.10 -87.60 16.85
C THR N 277 12.64 -87.54 16.40
N PRO N 278 11.92 -88.66 16.47
CA PRO N 278 10.50 -88.63 16.06
C PRO N 278 9.67 -87.62 16.82
N GLU N 279 9.92 -87.45 18.12
CA GLU N 279 9.15 -86.50 18.90
C GLU N 279 9.38 -85.07 18.40
N TYR N 280 10.65 -84.70 18.20
CA TYR N 280 10.94 -83.38 17.68
C TYR N 280 10.39 -83.21 16.26
N LEU N 281 10.39 -84.28 15.47
CA LEU N 281 9.83 -84.19 14.13
C LEU N 281 8.34 -83.89 14.19
N GLN N 282 7.61 -84.55 15.08
CA GLN N 282 6.19 -84.25 15.25
C GLN N 282 6.00 -82.81 15.73
N LEU N 283 6.83 -82.38 16.69
CA LEU N 283 6.72 -81.01 17.19
C LEU N 283 6.89 -80.01 16.06
N MET N 284 7.89 -80.21 15.21
CA MET N 284 8.11 -79.30 14.09
C MET N 284 6.98 -79.41 13.07
N LYS N 285 6.45 -80.62 12.87
CA LYS N 285 5.34 -80.79 11.93
C LYS N 285 4.16 -79.94 12.35
N TYR N 286 3.86 -79.89 13.64
CA TYR N 286 2.75 -79.07 14.10
C TYR N 286 3.10 -77.59 14.20
N LYS N 287 4.34 -77.26 14.55
CA LYS N 287 4.75 -75.87 14.58
C LYS N 287 4.70 -75.24 13.19
N ALA N 288 4.94 -76.05 12.15
CA ALA N 288 4.84 -75.53 10.79
C ALA N 288 3.42 -75.07 10.49
N ILE N 289 2.42 -75.84 10.93
CA ILE N 289 1.01 -75.50 10.69
C ILE N 289 0.47 -74.52 11.71
N ALA N 290 1.20 -74.24 12.79
CA ALA N 290 0.68 -73.36 13.82
C ALA N 290 0.33 -71.97 13.31
N SER N 291 0.90 -71.55 12.18
CA SER N 291 0.71 -70.19 11.69
C SER N 291 -0.19 -70.07 10.47
N ASN N 292 -0.57 -71.19 9.85
CA ASN N 292 -1.38 -71.12 8.64
C ASN N 292 -2.81 -70.71 8.97
N SER N 293 -3.59 -70.45 7.91
CA SER N 293 -4.97 -69.98 8.04
C SER N 293 -5.89 -71.20 7.92
N LYS N 294 -6.21 -71.80 9.05
CA LYS N 294 -7.09 -72.96 9.07
C LYS N 294 -8.55 -72.53 8.97
N ILE N 295 -9.35 -73.39 8.35
CA ILE N 295 -10.81 -73.26 8.36
C ILE N 295 -11.38 -74.65 8.60
N TYR N 296 -12.31 -74.76 9.54
CA TYR N 296 -12.76 -76.05 10.05
C TYR N 296 -14.26 -76.21 9.88
N PHE N 297 -14.67 -77.28 9.21
CA PHE N 297 -16.07 -77.71 9.14
C PHE N 297 -16.16 -79.09 9.76
N GLY N 298 -16.76 -79.20 10.95
CA GLY N 298 -16.84 -80.45 11.65
C GLY N 298 -18.16 -80.62 12.37
N LYS N 299 -18.29 -81.75 13.06
CA LYS N 299 -19.48 -82.04 13.84
C LYS N 299 -19.37 -81.56 15.29
N ASP N 300 -18.18 -81.20 15.74
CA ASP N 300 -18.01 -80.64 17.07
C ASP N 300 -16.57 -80.17 17.23
N ILE N 301 -16.36 -79.31 18.23
CA ILE N 301 -15.03 -78.72 18.42
C ILE N 301 -13.96 -79.77 18.70
N PRO N 302 -14.17 -80.74 19.59
CA PRO N 302 -13.09 -81.70 19.87
C PRO N 302 -12.63 -82.51 18.68
N ASN N 303 -13.34 -82.45 17.55
CA ASN N 303 -13.02 -83.29 16.40
C ASN N 303 -11.93 -82.72 15.50
N MET N 304 -11.49 -81.48 15.72
CA MET N 304 -10.38 -80.96 14.92
C MET N 304 -9.05 -81.52 15.37
N PHE N 305 -8.90 -81.83 16.66
CA PHE N 305 -7.64 -82.31 17.20
C PHE N 305 -7.46 -83.81 17.04
N MET N 306 -8.44 -84.53 16.49
CA MET N 306 -8.38 -85.97 16.36
C MET N 306 -8.05 -86.34 14.92
N ASP N 307 -7.10 -87.24 14.75
CA ASP N 307 -6.69 -87.70 13.43
C ASP N 307 -7.88 -88.29 12.67
N VAL O 52 68.87 58.63 -84.80
CA VAL O 52 69.42 57.29 -84.97
C VAL O 52 68.48 56.46 -85.83
N LEU O 53 67.96 57.08 -86.88
CA LEU O 53 66.98 56.41 -87.74
C LEU O 53 67.59 55.20 -88.44
N LEU O 54 68.79 55.36 -89.01
CA LEU O 54 69.44 54.23 -89.67
C LEU O 54 69.94 53.20 -88.66
N TYR O 55 70.33 53.64 -87.47
CA TYR O 55 70.67 52.68 -86.42
C TYR O 55 69.47 51.80 -86.07
N ALA O 56 68.29 52.40 -85.96
CA ALA O 56 67.08 51.60 -85.75
C ALA O 56 66.77 50.74 -86.97
N SER O 57 67.06 51.24 -88.17
CA SER O 57 66.84 50.45 -89.37
C SER O 57 67.67 49.17 -89.33
N ILE O 58 68.93 49.27 -88.93
CA ILE O 58 69.77 48.08 -88.78
C ILE O 58 69.16 47.17 -87.72
N HIS O 59 69.04 45.88 -88.02
CA HIS O 59 68.35 44.95 -87.16
C HIS O 59 69.06 43.61 -87.18
N LYS O 60 68.78 42.80 -86.15
CA LYS O 60 69.45 41.53 -85.92
C LYS O 60 68.47 40.37 -86.03
N ILE O 61 68.92 39.27 -86.62
CA ILE O 61 68.12 38.06 -86.78
C ILE O 61 68.82 36.94 -86.05
N GLU O 62 68.12 36.31 -85.12
CA GLU O 62 68.70 35.23 -84.33
C GLU O 62 68.95 34.00 -85.20
N GLU O 63 69.85 33.14 -84.74
CA GLU O 63 70.14 31.91 -85.45
C GLU O 63 68.92 30.99 -85.42
N GLY O 64 68.79 30.17 -86.45
CA GLY O 64 67.65 29.29 -86.55
C GLY O 64 66.34 30.01 -86.73
N HIS O 65 66.36 31.26 -87.19
CA HIS O 65 65.16 32.03 -87.46
C HIS O 65 65.24 32.60 -88.85
N LEU O 66 64.07 32.74 -89.49
CA LEU O 66 63.95 33.46 -90.75
C LEU O 66 63.11 34.70 -90.52
N ALA O 67 63.61 35.84 -90.97
CA ALA O 67 62.92 37.11 -90.79
C ALA O 67 62.18 37.47 -92.05
N VAL O 68 60.85 37.61 -91.94
CA VAL O 68 60.00 38.06 -93.03
C VAL O 68 59.61 39.50 -92.75
N TYR O 69 59.70 40.35 -93.76
CA TYR O 69 59.51 41.78 -93.61
C TYR O 69 58.12 42.16 -94.11
N TYR O 70 57.51 43.13 -93.45
CA TYR O 70 56.22 43.68 -93.85
C TYR O 70 56.42 45.12 -94.29
N ARG O 71 56.13 45.40 -95.56
CA ARG O 71 56.24 46.75 -96.12
C ARG O 71 54.83 47.33 -96.22
N GLY O 72 54.41 48.05 -95.19
CA GLY O 72 53.08 48.64 -95.18
C GLY O 72 51.99 47.60 -95.25
N GLY O 73 52.10 46.55 -94.44
CA GLY O 73 51.12 45.49 -94.42
C GLY O 73 51.11 44.66 -95.68
N ALA O 74 52.29 44.38 -96.23
CA ALA O 74 52.45 43.48 -97.36
C ALA O 74 53.53 42.46 -97.02
N LEU O 75 53.81 41.56 -97.96
CA LEU O 75 54.85 40.54 -97.79
C LEU O 75 55.85 40.67 -98.92
N LEU O 76 57.03 41.22 -98.61
CA LEU O 76 58.11 41.24 -99.58
C LEU O 76 58.63 39.83 -99.82
N THR O 77 58.77 39.48 -101.11
CA THR O 77 59.06 38.12 -101.50
C THR O 77 60.43 37.63 -101.04
N SER O 78 61.31 38.53 -100.60
CA SER O 78 62.66 38.13 -100.24
C SER O 78 62.79 38.04 -98.73
N PRO O 79 62.93 36.85 -98.16
CA PRO O 79 63.22 36.74 -96.73
C PRO O 79 64.72 36.88 -96.46
N SER O 80 65.06 36.92 -95.17
CA SER O 80 66.42 37.14 -94.73
C SER O 80 66.82 36.05 -93.74
N GLY O 81 68.03 35.53 -93.88
CA GLY O 81 68.54 34.50 -93.00
C GLY O 81 69.15 35.08 -91.74
N PRO O 82 69.80 34.22 -90.95
CA PRO O 82 70.46 34.71 -89.74
C PRO O 82 71.63 35.62 -90.05
N GLY O 83 71.89 36.55 -89.13
CA GLY O 83 73.02 37.45 -89.26
C GLY O 83 72.62 38.90 -89.07
N TYR O 84 73.35 39.80 -89.71
CA TYR O 84 73.06 41.23 -89.67
C TYR O 84 72.46 41.65 -91.01
N HIS O 85 71.33 42.32 -90.95
CA HIS O 85 70.61 42.73 -92.15
C HIS O 85 70.13 44.16 -91.99
N ILE O 86 69.92 44.83 -93.12
CA ILE O 86 69.43 46.20 -93.16
C ILE O 86 68.15 46.20 -94.00
N MET O 87 67.06 46.69 -93.41
CA MET O 87 65.78 46.84 -94.09
C MET O 87 65.48 48.31 -94.30
N LEU O 88 64.34 48.59 -94.93
CA LEU O 88 63.97 49.97 -95.17
C LEU O 88 63.70 50.66 -93.83
N PRO O 89 64.04 51.95 -93.71
CA PRO O 89 64.09 52.57 -92.38
C PRO O 89 62.85 52.42 -91.52
N PHE O 90 61.71 52.95 -91.98
CA PHE O 90 60.48 52.95 -91.18
C PHE O 90 59.26 52.40 -91.88
N ILE O 91 59.24 52.33 -93.22
CA ILE O 91 58.09 51.77 -93.92
C ILE O 91 58.13 50.26 -93.98
N THR O 92 59.06 49.62 -93.26
CA THR O 92 59.08 48.17 -93.13
C THR O 92 59.27 47.79 -91.68
N THR O 93 58.63 46.69 -91.28
CA THR O 93 58.88 46.05 -90.01
C THR O 93 59.33 44.62 -90.26
N PHE O 94 59.86 43.97 -89.24
CA PHE O 94 60.40 42.62 -89.38
C PHE O 94 59.75 41.68 -88.38
N ARG O 95 59.62 40.42 -88.78
CA ARG O 95 59.05 39.37 -87.95
C ARG O 95 59.93 38.13 -88.09
N SER O 96 60.61 37.77 -87.01
CA SER O 96 61.52 36.63 -87.00
C SER O 96 60.74 35.40 -86.53
N VAL O 97 60.55 34.44 -87.43
CA VAL O 97 59.84 33.21 -87.14
C VAL O 97 60.86 32.08 -87.08
N GLN O 98 60.81 31.29 -86.01
CA GLN O 98 61.74 30.19 -85.84
C GLN O 98 61.48 29.12 -86.88
N THR O 99 62.55 28.62 -87.49
CA THR O 99 62.47 27.55 -88.46
C THR O 99 62.99 26.21 -87.93
N THR O 100 63.69 26.21 -86.80
CA THR O 100 64.21 24.99 -86.21
C THR O 100 63.17 24.36 -85.28
N LEU O 101 63.56 23.27 -84.64
CA LEU O 101 62.66 22.57 -83.73
C LEU O 101 62.23 23.49 -82.61
N GLN O 102 60.92 23.55 -82.36
CA GLN O 102 60.37 24.40 -81.31
C GLN O 102 59.22 23.68 -80.63
N THR O 103 59.06 23.95 -79.33
CA THR O 103 58.10 23.26 -78.48
C THR O 103 57.07 24.24 -77.95
N ASP O 104 55.83 23.79 -77.84
CA ASP O 104 54.81 24.57 -77.17
C ASP O 104 53.65 23.66 -76.80
N GLU O 105 52.95 24.02 -75.72
CA GLU O 105 52.01 23.12 -75.08
C GLU O 105 50.65 23.79 -74.87
N VAL O 106 49.65 22.94 -74.60
CA VAL O 106 48.31 23.37 -74.23
C VAL O 106 47.89 22.57 -73.00
N LYS O 107 47.24 23.24 -72.05
CA LYS O 107 47.00 22.70 -70.73
C LYS O 107 45.53 22.36 -70.53
N ASN O 108 45.27 21.43 -69.62
CA ASN O 108 43.93 21.09 -69.16
C ASN O 108 42.99 20.82 -70.33
N VAL O 109 43.44 19.98 -71.25
CA VAL O 109 42.63 19.62 -72.41
C VAL O 109 41.61 18.57 -71.98
N PRO O 110 40.32 18.84 -72.05
CA PRO O 110 39.34 17.80 -71.72
C PRO O 110 39.30 16.70 -72.76
N CYS O 111 38.87 15.52 -72.34
CA CYS O 111 38.73 14.39 -73.24
C CYS O 111 37.60 13.52 -72.69
N GLY O 112 36.56 13.33 -73.50
CA GLY O 112 35.43 12.53 -73.09
C GLY O 112 35.58 11.10 -73.57
N THR O 113 35.70 10.16 -72.62
CA THR O 113 35.89 8.78 -72.98
C THR O 113 34.58 8.18 -73.49
N SER O 114 34.68 7.01 -74.12
CA SER O 114 33.51 6.36 -74.67
C SER O 114 32.51 5.97 -73.59
N GLY O 115 32.92 5.97 -72.33
CA GLY O 115 32.03 5.68 -71.22
C GLY O 115 31.30 6.89 -70.68
N GLY O 116 31.47 8.06 -71.28
CA GLY O 116 30.80 9.26 -70.83
C GLY O 116 31.49 9.99 -69.69
N VAL O 117 32.68 9.56 -69.29
CA VAL O 117 33.43 10.20 -68.22
C VAL O 117 34.45 11.14 -68.83
N MET O 118 34.67 12.28 -68.16
CA MET O 118 35.56 13.32 -68.65
C MET O 118 36.89 13.23 -67.91
N ILE O 119 37.98 13.12 -68.65
CA ILE O 119 39.33 13.11 -68.10
C ILE O 119 40.09 14.27 -68.71
N TYR O 120 40.73 15.07 -67.86
CA TYR O 120 41.42 16.28 -68.30
C TYR O 120 42.91 15.99 -68.40
N ILE O 121 43.40 15.84 -69.64
CA ILE O 121 44.83 15.68 -69.84
C ILE O 121 45.52 16.97 -69.43
N ASP O 122 46.45 16.87 -68.48
CA ASP O 122 46.99 18.08 -67.84
C ASP O 122 47.77 18.94 -68.81
N ARG O 123 48.52 18.31 -69.72
CA ARG O 123 49.45 19.06 -70.55
C ARG O 123 49.81 18.24 -71.78
N ILE O 124 49.57 18.81 -72.97
CA ILE O 124 49.95 18.19 -74.23
C ILE O 124 50.93 19.13 -74.93
N GLU O 125 52.12 18.63 -75.21
CA GLU O 125 53.16 19.41 -75.87
C GLU O 125 53.33 18.93 -77.31
N VAL O 126 53.57 19.89 -78.21
CA VAL O 126 53.90 19.59 -79.60
C VAL O 126 55.23 20.25 -79.91
N VAL O 127 56.13 19.49 -80.52
CA VAL O 127 57.41 20.00 -81.01
C VAL O 127 57.41 19.85 -82.52
N ASN O 128 57.70 20.94 -83.22
CA ASN O 128 57.49 21.01 -84.66
C ASN O 128 58.55 21.90 -85.29
N MET O 129 58.64 21.84 -86.61
CA MET O 129 59.55 22.70 -87.36
C MET O 129 59.09 22.74 -88.81
N LEU O 130 59.48 23.79 -89.51
CA LEU O 130 59.16 23.95 -90.92
C LEU O 130 60.43 24.22 -91.71
N ALA O 131 60.47 23.71 -92.93
CA ALA O 131 61.65 23.83 -93.76
C ALA O 131 61.95 25.31 -94.02
N PRO O 132 63.23 25.68 -94.15
CA PRO O 132 63.55 27.09 -94.38
C PRO O 132 63.01 27.65 -95.67
N TYR O 133 62.61 26.80 -96.62
CA TYR O 133 62.09 27.25 -97.91
C TYR O 133 60.57 27.21 -97.97
N ALA O 134 59.89 27.11 -96.83
CA ALA O 134 58.45 27.23 -96.75
C ALA O 134 57.99 28.38 -95.86
N VAL O 135 58.93 29.15 -95.29
CA VAL O 135 58.56 30.24 -94.40
C VAL O 135 57.72 31.26 -95.14
N PHE O 136 58.13 31.60 -96.37
CA PHE O 136 57.44 32.65 -97.10
C PHE O 136 55.97 32.32 -97.28
N ASP O 137 55.67 31.12 -97.79
CA ASP O 137 54.28 30.81 -98.06
C ASP O 137 53.51 30.50 -96.77
N ILE O 138 54.16 29.95 -95.75
CA ILE O 138 53.48 29.74 -94.48
C ILE O 138 53.00 31.05 -93.91
N VAL O 139 53.87 32.07 -93.90
CA VAL O 139 53.46 33.37 -93.37
C VAL O 139 52.59 34.14 -94.36
N ARG O 140 52.62 33.79 -95.65
CA ARG O 140 51.69 34.39 -96.59
C ARG O 140 50.26 33.94 -96.28
N ASN O 141 50.07 32.63 -96.13
CA ASN O 141 48.73 32.11 -95.87
C ASN O 141 48.28 32.39 -94.44
N TYR O 142 49.22 32.43 -93.48
CA TYR O 142 48.89 32.60 -92.08
C TYR O 142 49.74 33.70 -91.48
N THR O 143 49.29 34.22 -90.33
CA THR O 143 49.75 35.50 -89.79
C THR O 143 51.11 35.43 -89.12
N ALA O 144 51.90 34.39 -89.35
CA ALA O 144 53.18 34.12 -88.70
C ALA O 144 52.97 33.59 -87.30
N ASP O 145 51.75 33.54 -86.79
CA ASP O 145 51.37 32.73 -85.64
C ASP O 145 50.71 31.44 -86.11
N TYR O 146 51.21 30.90 -87.23
CA TYR O 146 50.55 29.79 -87.90
C TYR O 146 50.23 28.66 -86.92
N ASP O 147 51.12 28.42 -85.95
CA ASP O 147 50.94 27.30 -85.05
C ASP O 147 49.61 27.37 -84.31
N LYS O 148 49.26 28.55 -83.80
CA LYS O 148 48.06 28.68 -82.98
C LYS O 148 46.82 28.20 -83.72
N THR O 149 46.77 28.37 -85.03
CA THR O 149 45.61 28.01 -85.83
C THR O 149 45.82 26.72 -86.63
N LEU O 150 47.03 26.16 -86.63
CA LEU O 150 47.30 24.95 -87.38
C LEU O 150 47.46 23.71 -86.52
N ILE O 151 47.90 23.85 -85.27
CA ILE O 151 48.08 22.69 -84.40
C ILE O 151 47.37 22.89 -83.07
N PHE O 152 47.61 24.03 -82.42
CA PHE O 152 47.20 24.21 -81.03
C PHE O 152 45.73 24.60 -80.89
N ASN O 153 45.03 24.82 -82.00
CA ASN O 153 43.58 24.93 -81.97
C ASN O 153 42.90 23.63 -82.35
N LYS O 154 43.55 22.80 -83.16
CA LYS O 154 43.03 21.49 -83.51
C LYS O 154 43.30 20.44 -82.44
N ILE O 155 44.22 20.71 -81.52
CA ILE O 155 44.62 19.68 -80.56
C ILE O 155 43.40 19.16 -79.79
N HIS O 156 42.60 20.07 -79.25
CA HIS O 156 41.50 19.63 -78.38
C HIS O 156 40.46 18.85 -79.17
N HIS O 157 40.13 19.29 -80.38
CA HIS O 157 39.13 18.57 -81.18
C HIS O 157 39.64 17.20 -81.59
N GLU O 158 40.90 17.11 -82.01
CA GLU O 158 41.45 15.80 -82.37
C GLU O 158 41.50 14.88 -81.17
N LEU O 159 41.86 15.42 -79.99
CA LEU O 159 41.87 14.60 -78.79
C LEU O 159 40.48 14.09 -78.45
N ASN O 160 39.46 14.94 -78.57
CA ASN O 160 38.10 14.49 -78.29
C ASN O 160 37.65 13.44 -79.30
N GLN O 161 37.98 13.63 -80.58
CA GLN O 161 37.61 12.65 -81.59
C GLN O 161 38.27 11.32 -81.32
N PHE O 162 39.52 11.34 -80.84
CA PHE O 162 40.19 10.10 -80.48
C PHE O 162 39.55 9.46 -79.25
N CYS O 163 39.31 10.26 -78.20
CA CYS O 163 38.80 9.71 -76.96
C CYS O 163 37.42 9.11 -77.13
N SER O 164 36.54 9.77 -77.88
CA SER O 164 35.17 9.30 -77.99
C SER O 164 35.09 7.89 -78.56
N ALA O 165 36.12 7.44 -79.28
CA ALA O 165 36.15 6.10 -79.84
C ALA O 165 36.82 5.08 -78.91
N HIS O 166 37.26 5.51 -77.72
CA HIS O 166 37.95 4.64 -76.79
C HIS O 166 37.37 4.81 -75.40
N THR O 167 37.54 3.78 -74.58
CA THR O 167 37.04 3.80 -73.21
C THR O 167 38.11 4.38 -72.28
N LEU O 168 37.72 4.59 -71.02
CA LEU O 168 38.62 5.23 -70.07
C LEU O 168 39.87 4.39 -69.84
N GLN O 169 39.71 3.07 -69.70
CA GLN O 169 40.87 2.22 -69.49
C GLN O 169 41.83 2.29 -70.68
N GLU O 170 41.30 2.25 -71.90
CA GLU O 170 42.17 2.29 -73.06
C GLU O 170 42.93 3.59 -73.14
N VAL O 171 42.26 4.72 -72.87
CA VAL O 171 42.93 6.01 -72.95
C VAL O 171 43.91 6.18 -71.79
N TYR O 172 43.51 5.77 -70.58
CA TYR O 172 44.31 6.05 -69.40
C TYR O 172 45.53 5.15 -69.30
N ILE O 173 45.39 3.88 -69.70
CA ILE O 173 46.44 2.89 -69.43
C ILE O 173 46.96 2.26 -70.72
N GLU O 174 46.07 1.57 -71.43
CA GLU O 174 46.52 0.66 -72.50
C GLU O 174 47.07 1.45 -73.69
N LEU O 175 46.28 2.37 -74.23
CA LEU O 175 46.65 3.09 -75.44
C LEU O 175 47.32 4.42 -75.14
N PHE O 176 47.90 4.58 -73.94
CA PHE O 176 48.61 5.82 -73.63
C PHE O 176 49.81 5.99 -74.54
N ASP O 177 50.52 4.91 -74.84
CA ASP O 177 51.65 5.00 -75.78
C ASP O 177 51.19 5.30 -77.20
N GLN O 178 49.90 5.21 -77.48
CA GLN O 178 49.36 5.49 -78.81
C GLN O 178 48.63 6.83 -78.89
N ILE O 179 48.31 7.45 -77.76
CA ILE O 179 47.60 8.73 -77.80
C ILE O 179 48.41 9.75 -78.60
N ASP O 180 49.69 9.91 -78.23
CA ASP O 180 50.52 10.90 -78.90
C ASP O 180 50.74 10.54 -80.36
N GLU O 181 50.91 9.26 -80.67
CA GLU O 181 51.12 8.86 -82.05
C GLU O 181 49.90 9.20 -82.90
N ASN O 182 48.70 8.92 -82.39
CA ASN O 182 47.49 9.24 -83.15
C ASN O 182 47.33 10.74 -83.32
N LEU O 183 47.60 11.51 -82.26
CA LEU O 183 47.50 12.97 -82.37
C LEU O 183 48.46 13.49 -83.42
N LYS O 184 49.71 13.02 -83.39
CA LYS O 184 50.70 13.46 -84.37
C LYS O 184 50.29 13.08 -85.77
N GLN O 185 49.78 11.85 -85.95
CA GLN O 185 49.37 11.41 -87.28
C GLN O 185 48.25 12.30 -87.82
N ALA O 186 47.25 12.58 -86.99
CA ALA O 186 46.13 13.41 -87.43
C ALA O 186 46.61 14.81 -87.80
N LEU O 187 47.39 15.44 -86.92
CA LEU O 187 47.85 16.79 -87.19
C LEU O 187 48.69 16.85 -88.44
N GLN O 188 49.61 15.90 -88.61
CA GLN O 188 50.47 15.92 -89.79
C GLN O 188 49.67 15.66 -91.06
N LYS O 189 48.67 14.78 -91.00
CA LYS O 189 47.84 14.54 -92.17
C LYS O 189 47.09 15.80 -92.57
N ASP O 190 46.56 16.54 -91.59
CA ASP O 190 45.88 17.79 -91.93
C ASP O 190 46.85 18.81 -92.50
N LEU O 191 48.05 18.92 -91.91
CA LEU O 191 49.00 19.93 -92.36
C LEU O 191 49.51 19.63 -93.76
N ASN O 192 49.74 18.35 -94.07
CA ASN O 192 50.24 18.00 -95.40
C ASN O 192 49.34 18.53 -96.50
N LEU O 193 48.03 18.58 -96.23
CA LEU O 193 47.09 19.12 -97.22
C LEU O 193 47.00 20.64 -97.12
N MET O 194 46.91 21.18 -95.90
CA MET O 194 46.68 22.61 -95.76
C MET O 194 47.93 23.41 -96.11
N ALA O 195 49.00 23.23 -95.34
CA ALA O 195 50.21 24.04 -95.44
C ALA O 195 51.44 23.13 -95.50
N PRO O 196 51.77 22.61 -96.68
CA PRO O 196 52.94 21.73 -96.78
C PRO O 196 54.21 22.46 -96.35
N GLY O 197 55.09 21.72 -95.69
CA GLY O 197 56.35 22.28 -95.21
C GLY O 197 56.49 22.24 -93.70
N LEU O 198 55.40 22.51 -92.99
CA LEU O 198 55.40 22.49 -91.53
C LEU O 198 55.21 21.04 -91.08
N THR O 199 56.27 20.42 -90.59
CA THR O 199 56.24 19.05 -90.11
C THR O 199 56.28 19.02 -88.59
N ILE O 200 55.35 18.28 -88.01
CA ILE O 200 55.25 18.13 -86.56
C ILE O 200 56.18 16.98 -86.16
N GLN O 201 57.29 17.32 -85.51
CA GLN O 201 58.31 16.32 -85.22
C GLN O 201 57.80 15.31 -84.18
N ALA O 202 57.21 15.80 -83.09
CA ALA O 202 56.81 14.89 -82.02
C ALA O 202 55.73 15.52 -81.17
N VAL O 203 55.03 14.66 -80.42
CA VAL O 203 53.97 15.08 -79.50
C VAL O 203 54.13 14.30 -78.21
N ARG O 204 53.84 14.96 -77.09
CA ARG O 204 53.92 14.35 -75.76
C ARG O 204 52.67 14.71 -74.97
N VAL O 205 52.29 13.82 -74.06
CA VAL O 205 51.04 13.95 -73.33
C VAL O 205 51.27 13.53 -71.89
N THR O 206 50.68 14.27 -70.95
CA THR O 206 50.74 13.84 -69.55
C THR O 206 49.64 12.82 -69.28
N LYS O 207 49.67 12.26 -68.08
CA LYS O 207 48.65 11.29 -67.68
C LYS O 207 47.34 12.00 -67.40
N PRO O 208 46.24 11.59 -68.01
CA PRO O 208 44.96 12.28 -67.76
C PRO O 208 44.56 12.20 -66.30
N LYS O 209 43.91 13.25 -65.83
CA LYS O 209 43.40 13.32 -64.46
C LYS O 209 42.02 12.69 -64.42
N ILE O 210 41.96 11.44 -63.97
CA ILE O 210 40.69 10.71 -63.90
C ILE O 210 39.89 11.21 -62.70
N PRO O 211 38.59 10.96 -62.64
CA PRO O 211 37.80 11.43 -61.50
C PRO O 211 38.30 10.82 -60.19
N GLU O 212 38.04 11.54 -59.11
CA GLU O 212 38.49 11.08 -57.79
C GLU O 212 37.89 9.74 -57.43
N ALA O 213 36.60 9.56 -57.70
CA ALA O 213 35.93 8.31 -57.33
C ALA O 213 36.58 7.12 -58.02
N ILE O 214 36.89 7.25 -59.31
CA ILE O 214 37.55 6.15 -60.01
C ILE O 214 38.99 5.99 -59.54
N ARG O 215 39.64 7.09 -59.14
CA ARG O 215 41.02 7.02 -58.68
C ARG O 215 41.14 6.16 -57.43
N ARG O 216 40.19 6.30 -56.51
CA ARG O 216 40.22 5.49 -55.30
C ARG O 216 40.12 4.02 -55.63
N ASN O 217 39.23 3.66 -56.56
CA ASN O 217 39.06 2.26 -56.92
C ASN O 217 40.34 1.66 -57.46
N PHE O 218 41.06 2.42 -58.29
CA PHE O 218 42.34 1.92 -58.82
C PHE O 218 43.34 1.68 -57.70
N GLU O 219 43.34 2.55 -56.69
CA GLU O 219 44.19 2.31 -55.52
C GLU O 219 43.77 1.05 -54.79
N LEU O 220 42.46 0.84 -54.64
CA LEU O 220 41.99 -0.37 -53.99
C LEU O 220 42.40 -1.61 -54.76
N MET O 221 42.36 -1.54 -56.10
CA MET O 221 42.80 -2.68 -56.90
C MET O 221 44.25 -3.02 -56.63
N GLU O 222 45.07 -2.01 -56.29
CA GLU O 222 46.47 -2.28 -55.98
C GLU O 222 46.65 -2.74 -54.54
N ALA O 223 45.82 -2.27 -53.62
CA ALA O 223 45.88 -2.78 -52.26
C ALA O 223 45.59 -4.28 -52.24
N GLU O 224 44.60 -4.72 -53.00
CA GLU O 224 44.29 -6.14 -53.08
C GLU O 224 45.43 -6.95 -53.68
N LYS O 225 46.31 -6.31 -54.47
CA LYS O 225 47.44 -7.03 -55.03
C LYS O 225 48.52 -7.28 -53.97
N THR O 226 48.65 -6.38 -53.00
CA THR O 226 49.60 -6.57 -51.91
C THR O 226 48.99 -7.30 -50.72
N LYS O 227 47.66 -7.36 -50.63
CA LYS O 227 47.03 -8.20 -49.61
C LYS O 227 47.12 -9.67 -49.99
N LEU O 228 47.39 -9.98 -51.25
CA LEU O 228 47.69 -11.35 -51.64
C LEU O 228 49.10 -11.75 -51.22
N LEU O 229 50.04 -10.80 -51.20
CA LEU O 229 51.38 -11.09 -50.72
C LEU O 229 51.45 -11.20 -49.21
N ILE O 230 50.62 -10.42 -48.50
CA ILE O 230 50.55 -10.56 -47.05
C ILE O 230 50.00 -11.94 -46.68
N ALA O 231 48.95 -12.37 -47.38
CA ALA O 231 48.34 -13.67 -47.06
C ALA O 231 49.30 -14.81 -47.32
N ALA O 232 50.25 -14.64 -48.24
CA ALA O 232 51.23 -15.69 -48.49
C ALA O 232 52.23 -15.83 -47.36
N GLN O 233 52.33 -14.84 -46.47
CA GLN O 233 53.18 -14.91 -45.29
C GLN O 233 52.39 -15.23 -44.03
N LYS O 234 51.18 -14.68 -43.90
CA LYS O 234 50.28 -15.14 -42.84
C LYS O 234 50.04 -16.62 -42.95
N GLN O 235 50.08 -17.17 -44.17
CA GLN O 235 49.94 -18.61 -44.34
C GLN O 235 51.05 -19.35 -43.61
N LYS O 236 52.30 -18.93 -43.82
CA LYS O 236 53.42 -19.58 -43.15
C LYS O 236 53.38 -19.38 -41.65
N VAL O 237 52.98 -18.18 -41.21
CA VAL O 237 52.88 -17.94 -39.77
C VAL O 237 51.83 -18.84 -39.14
N VAL O 238 50.68 -18.99 -39.79
CA VAL O 238 49.62 -19.85 -39.27
C VAL O 238 50.08 -21.30 -39.28
N GLU O 239 50.79 -21.71 -40.33
CA GLU O 239 51.31 -23.08 -40.36
C GLU O 239 52.26 -23.33 -39.20
N LYS O 240 53.16 -22.37 -38.93
CA LYS O 240 54.10 -22.55 -37.84
C LYS O 240 53.40 -22.59 -36.48
N GLU O 241 52.41 -21.73 -36.28
CA GLU O 241 51.68 -21.74 -35.02
C GLU O 241 50.91 -23.05 -34.85
N ALA O 242 50.30 -23.55 -35.92
CA ALA O 242 49.60 -24.83 -35.84
C ALA O 242 50.55 -25.97 -35.55
N GLU O 243 51.74 -25.94 -36.16
CA GLU O 243 52.73 -26.97 -35.88
C GLU O 243 53.19 -26.91 -34.43
N THR O 244 53.36 -25.71 -33.90
CA THR O 244 53.72 -25.56 -32.49
C THR O 244 52.64 -26.13 -31.58
N GLU O 245 51.37 -25.84 -31.90
CA GLU O 245 50.27 -26.39 -31.10
C GLU O 245 50.25 -27.90 -31.19
N ARG O 246 50.50 -28.45 -32.39
CA ARG O 246 50.55 -29.90 -32.54
C ARG O 246 51.65 -30.52 -31.70
N LYS O 247 52.84 -29.89 -31.71
CA LYS O 247 53.95 -30.42 -30.92
C LYS O 247 53.64 -30.37 -29.43
N LYS O 248 53.04 -29.28 -28.97
CA LYS O 248 52.66 -29.19 -27.56
C LYS O 248 51.62 -30.25 -27.21
N ALA O 249 50.63 -30.47 -28.09
CA ALA O 249 49.63 -31.48 -27.83
C ALA O 249 50.25 -32.87 -27.77
N VAL O 250 51.19 -33.16 -28.67
CA VAL O 250 51.85 -34.46 -28.66
C VAL O 250 52.65 -34.64 -27.38
N ILE O 251 53.33 -33.59 -26.93
CA ILE O 251 54.08 -33.68 -25.67
C ILE O 251 53.14 -33.95 -24.52
N GLU O 252 52.00 -33.26 -24.48
CA GLU O 252 51.04 -33.49 -23.40
C GLU O 252 50.48 -34.91 -23.46
N ALA O 253 50.24 -35.42 -24.66
CA ALA O 253 49.75 -36.80 -24.78
C ALA O 253 50.79 -37.79 -24.28
N GLU O 254 52.06 -37.57 -24.59
CA GLU O 254 53.10 -38.45 -24.08
C GLU O 254 53.20 -38.35 -22.56
N LYS O 255 53.03 -37.14 -22.01
CA LYS O 255 52.99 -36.99 -20.55
C LYS O 255 51.86 -37.83 -19.97
N ILE O 256 50.68 -37.76 -20.58
CA ILE O 256 49.55 -38.54 -20.10
C ILE O 256 49.86 -40.01 -20.17
N ALA O 257 50.49 -40.46 -21.26
CA ALA O 257 50.81 -41.88 -21.39
C ALA O 257 51.77 -42.34 -20.29
N GLN O 258 52.81 -41.55 -20.02
CA GLN O 258 53.78 -41.94 -18.99
C GLN O 258 53.14 -41.93 -17.60
N VAL O 259 52.34 -40.90 -17.30
CA VAL O 259 51.65 -40.86 -16.02
C VAL O 259 50.74 -42.07 -15.88
N ALA O 260 50.06 -42.45 -16.97
CA ALA O 260 49.20 -43.62 -16.93
C ALA O 260 50.00 -44.88 -16.68
N LYS O 261 51.17 -44.99 -17.29
CA LYS O 261 52.01 -46.17 -17.06
C LYS O 261 52.38 -46.28 -15.59
N ILE O 262 52.79 -45.18 -14.98
CA ILE O 262 53.13 -45.19 -13.55
C ILE O 262 51.90 -45.57 -12.72
N ARG O 263 50.76 -44.93 -13.03
CA ARG O 263 49.57 -45.17 -12.25
C ARG O 263 49.10 -46.62 -12.35
N PHE O 264 49.34 -47.25 -13.50
CA PHE O 264 48.88 -48.62 -13.69
C PHE O 264 49.83 -49.63 -13.09
N GLN O 265 51.13 -49.36 -13.07
CA GLN O 265 52.02 -50.19 -12.25
C GLN O 265 51.63 -50.07 -10.78
N GLN O 266 51.22 -48.87 -10.36
CA GLN O 266 50.70 -48.70 -9.00
C GLN O 266 49.43 -49.51 -8.78
N LYS O 267 48.55 -49.56 -9.78
CA LYS O 267 47.35 -50.38 -9.69
C LYS O 267 47.72 -51.86 -9.51
N VAL O 268 48.70 -52.33 -10.27
CA VAL O 268 49.12 -53.73 -10.15
C VAL O 268 49.65 -53.99 -8.75
N MET O 269 50.44 -53.07 -8.21
CA MET O 269 50.92 -53.24 -6.84
C MET O 269 49.75 -53.28 -5.85
N GLU O 270 48.77 -52.40 -6.05
CA GLU O 270 47.63 -52.35 -5.14
C GLU O 270 46.86 -53.66 -5.15
N LYS O 271 46.64 -54.23 -6.33
CA LYS O 271 45.91 -55.49 -6.40
C LYS O 271 46.75 -56.65 -5.86
N GLU O 272 48.05 -56.63 -6.08
CA GLU O 272 48.90 -57.66 -5.50
C GLU O 272 48.85 -57.62 -3.98
N THR O 273 48.72 -56.43 -3.40
CA THR O 273 48.56 -56.34 -1.95
C THR O 273 47.15 -56.72 -1.50
N GLU O 274 46.14 -56.38 -2.31
CA GLU O 274 44.78 -56.78 -1.98
C GLU O 274 44.65 -58.30 -2.00
N LYS O 275 45.48 -58.99 -2.77
CA LYS O 275 45.48 -60.44 -2.71
C LYS O 275 45.88 -60.94 -1.33
N ARG O 276 46.93 -60.35 -0.74
CA ARG O 276 47.30 -60.72 0.62
C ARG O 276 46.23 -60.34 1.62
N ILE O 277 45.60 -59.18 1.41
CA ILE O 277 44.49 -58.77 2.26
C ILE O 277 43.39 -59.82 2.22
N SER O 278 43.07 -60.31 1.01
CA SER O 278 42.03 -61.32 0.87
C SER O 278 42.46 -62.64 1.50
N GLU O 279 43.73 -62.99 1.42
CA GLU O 279 44.21 -64.20 2.08
C GLU O 279 43.99 -64.11 3.59
N ILE O 280 44.33 -62.97 4.19
CA ILE O 280 44.12 -62.78 5.62
C ILE O 280 42.63 -62.84 5.94
N GLU O 281 41.81 -62.20 5.10
CA GLU O 281 40.37 -62.20 5.35
C GLU O 281 39.80 -63.60 5.29
N ASP O 282 40.25 -64.41 4.33
CA ASP O 282 39.79 -65.79 4.24
C ASP O 282 40.26 -66.61 5.43
N ALA O 283 41.51 -66.43 5.85
CA ALA O 283 42.01 -67.16 7.01
C ALA O 283 41.19 -66.82 8.25
N ALA O 284 40.83 -65.55 8.42
CA ALA O 284 39.96 -65.17 9.53
C ALA O 284 38.52 -65.61 9.31
N PHE O 285 38.13 -65.89 8.07
CA PHE O 285 36.78 -66.32 7.79
C PHE O 285 36.53 -67.74 8.26
N LEU O 286 37.49 -68.64 8.02
CA LEU O 286 37.33 -70.02 8.47
C LEU O 286 37.20 -70.08 9.98
N ALA O 287 38.08 -69.37 10.70
CA ALA O 287 38.02 -69.38 12.15
C ALA O 287 36.69 -68.85 12.66
N ARG O 288 36.20 -67.77 12.07
CA ARG O 288 34.90 -67.24 12.47
C ARG O 288 33.79 -68.22 12.13
N GLU O 289 33.85 -68.83 10.94
CA GLU O 289 32.83 -69.81 10.57
C GLU O 289 32.99 -71.11 11.35
N LYS O 290 34.23 -71.52 11.64
CA LYS O 290 34.45 -72.68 12.47
C LYS O 290 33.89 -72.47 13.86
N ALA O 291 34.12 -71.28 14.44
CA ALA O 291 33.57 -70.99 15.76
C ALA O 291 32.05 -71.00 15.74
N LYS O 292 31.45 -70.45 14.68
CA LYS O 292 30.00 -70.48 14.56
C LYS O 292 29.48 -71.91 14.48
N ALA O 293 30.15 -72.76 13.69
CA ALA O 293 29.71 -74.14 13.53
C ALA O 293 29.83 -74.89 14.85
N ASP O 294 30.95 -74.74 15.54
CA ASP O 294 31.14 -75.43 16.82
C ASP O 294 30.25 -74.87 17.92
N ALA O 295 29.60 -73.73 17.70
CA ALA O 295 28.66 -73.18 18.67
C ALA O 295 27.24 -73.69 18.43
N GLU O 296 26.82 -73.76 17.16
CA GLU O 296 25.55 -74.41 16.85
C GLU O 296 25.57 -75.87 17.25
N TYR O 297 26.70 -76.54 17.00
CA TYR O 297 26.84 -77.94 17.38
C TYR O 297 26.61 -78.13 18.87
N TYR O 298 27.27 -77.32 19.69
CA TYR O 298 27.08 -77.42 21.14
C TYR O 298 25.66 -77.06 21.53
N ALA O 299 25.13 -75.97 20.96
CA ALA O 299 23.77 -75.56 21.30
C ALA O 299 22.76 -76.60 20.87
N ALA O 300 22.95 -77.18 19.67
CA ALA O 300 22.05 -78.23 19.21
C ALA O 300 22.12 -79.46 20.10
N HIS O 301 23.33 -79.85 20.50
CA HIS O 301 23.48 -81.02 21.37
C HIS O 301 22.70 -80.83 22.66
N LYS O 302 22.86 -79.68 23.31
CA LYS O 302 22.15 -79.43 24.55
C LYS O 302 20.64 -79.41 24.33
N TYR O 303 20.19 -78.87 23.20
CA TYR O 303 18.77 -78.91 22.88
C TYR O 303 18.29 -80.34 22.72
N ALA O 304 19.11 -81.19 22.09
CA ALA O 304 18.74 -82.60 21.95
C ALA O 304 18.60 -83.26 23.31
N THR O 305 19.55 -83.01 24.21
CA THR O 305 19.46 -83.58 25.55
C THR O 305 18.25 -83.05 26.30
N SER O 306 18.00 -81.73 26.20
CA SER O 306 16.85 -81.15 26.88
C SER O 306 15.55 -81.69 26.33
N ASN O 307 15.44 -81.80 25.00
CA ASN O 307 14.20 -82.24 24.39
C ASN O 307 13.82 -83.66 24.80
N LYS O 308 14.80 -84.48 25.20
CA LYS O 308 14.47 -85.84 25.62
C LYS O 308 13.54 -85.83 26.83
N HIS O 309 13.81 -84.96 27.80
CA HIS O 309 13.01 -84.86 29.00
C HIS O 309 11.80 -83.94 28.85
N LYS O 310 11.74 -83.17 27.77
CA LYS O 310 10.72 -82.13 27.63
C LYS O 310 9.63 -82.45 26.64
N LEU O 311 9.84 -83.43 25.76
CA LEU O 311 8.91 -83.72 24.66
C LEU O 311 7.97 -84.86 24.99
N THR O 312 7.51 -84.94 26.24
CA THR O 312 6.63 -86.02 26.64
C THR O 312 5.30 -85.94 25.89
N PRO O 313 4.55 -87.04 25.84
CA PRO O 313 3.31 -87.04 25.07
C PRO O 313 2.32 -85.97 25.50
N GLU O 314 2.21 -85.68 26.80
CA GLU O 314 1.28 -84.65 27.24
C GLU O 314 1.70 -83.28 26.70
N TYR O 315 2.99 -82.96 26.76
CA TYR O 315 3.46 -81.70 26.21
C TYR O 315 3.24 -81.63 24.71
N LEU O 316 3.47 -82.74 24.01
CA LEU O 316 3.23 -82.76 22.57
C LEU O 316 1.75 -82.55 22.25
N GLU O 317 0.86 -83.14 23.04
CA GLU O 317 -0.58 -82.93 22.84
C GLU O 317 -0.95 -81.48 23.10
N LEU O 318 -0.37 -80.87 24.13
CA LEU O 318 -0.63 -79.46 24.39
C LEU O 318 -0.18 -78.61 23.20
N LYS O 319 1.00 -78.90 22.67
CA LYS O 319 1.49 -78.17 21.50
C LYS O 319 0.56 -78.37 20.31
N LYS O 320 0.08 -79.60 20.11
CA LYS O 320 -0.87 -79.85 19.03
C LYS O 320 -2.13 -79.00 19.20
N TYR O 321 -2.67 -78.99 20.42
CA TYR O 321 -3.86 -78.17 20.67
C TYR O 321 -3.61 -76.72 20.29
N GLN O 322 -2.53 -76.14 20.81
CA GLN O 322 -2.25 -74.74 20.54
C GLN O 322 -2.07 -74.49 19.05
N ALA O 323 -1.30 -75.36 18.38
CA ALA O 323 -0.99 -75.14 16.97
C ALA O 323 -2.24 -75.23 16.10
N ILE O 324 -3.03 -76.29 16.26
CA ILE O 324 -4.19 -76.46 15.39
C ILE O 324 -5.26 -75.43 15.73
N ALA O 325 -5.36 -75.01 16.99
CA ALA O 325 -6.37 -74.01 17.34
C ALA O 325 -6.01 -72.62 16.86
N SER O 326 -4.73 -72.26 16.94
CA SER O 326 -4.33 -70.89 16.63
C SER O 326 -4.72 -70.51 15.21
N ASN O 327 -5.35 -69.36 15.07
CA ASN O 327 -5.65 -68.77 13.76
C ASN O 327 -6.45 -69.76 12.90
N SER O 328 -7.64 -70.10 13.37
CA SER O 328 -8.52 -71.00 12.64
C SER O 328 -9.95 -70.49 12.75
N LYS O 329 -10.77 -70.91 11.80
CA LYS O 329 -12.19 -70.57 11.76
C LYS O 329 -12.99 -71.87 11.85
N ILE O 330 -14.08 -71.83 12.62
CA ILE O 330 -14.80 -73.04 13.00
C ILE O 330 -16.24 -72.94 12.50
N TYR O 331 -16.67 -73.95 11.74
CA TYR O 331 -18.07 -74.14 11.36
C TYR O 331 -18.48 -75.50 11.90
N PHE O 332 -18.90 -75.54 13.16
CA PHE O 332 -19.23 -76.78 13.83
C PHE O 332 -20.74 -76.85 14.04
N GLY O 333 -21.33 -77.99 13.71
CA GLY O 333 -22.76 -78.16 13.91
C GLY O 333 -23.30 -79.44 13.34
N SER O 334 -24.47 -79.86 13.82
CA SER O 334 -25.10 -81.08 13.35
C SER O 334 -25.79 -80.90 12.00
N ASN O 335 -25.93 -79.66 11.52
CA ASN O 335 -26.66 -79.36 10.30
C ASN O 335 -25.86 -78.40 9.42
N ILE O 336 -24.59 -78.71 9.22
CA ILE O 336 -23.75 -77.87 8.35
C ILE O 336 -24.36 -77.83 6.96
N PRO O 337 -24.52 -76.66 6.35
CA PRO O 337 -25.14 -76.61 5.01
C PRO O 337 -24.30 -77.34 3.98
N ASN O 338 -24.99 -77.95 3.02
CA ASN O 338 -24.32 -78.69 1.96
C ASN O 338 -23.68 -77.80 0.91
N MET O 339 -23.98 -76.51 0.91
CA MET O 339 -23.43 -75.56 -0.04
C MET O 339 -22.61 -74.50 0.70
N PHE O 340 -21.66 -73.92 -0.02
CA PHE O 340 -20.74 -72.97 0.58
C PHE O 340 -20.10 -72.15 -0.54
N VAL O 341 -19.59 -70.98 -0.17
CA VAL O 341 -18.91 -70.11 -1.13
C VAL O 341 -18.04 -69.12 -0.37
N ASP O 342 -16.84 -68.87 -0.90
CA ASP O 342 -15.91 -67.94 -0.28
C ASP O 342 -15.70 -66.73 -1.18
N SER P 18 87.38 48.01 -74.65
CA SER P 18 87.22 47.09 -75.77
C SER P 18 88.08 45.84 -75.58
N LEU P 19 89.30 46.04 -75.08
CA LEU P 19 90.20 44.91 -74.86
C LEU P 19 89.63 43.97 -73.80
N PHE P 20 89.06 44.52 -72.73
CA PHE P 20 88.52 43.67 -71.66
C PHE P 20 87.41 42.78 -72.19
N SER P 21 86.56 43.30 -73.07
CA SER P 21 85.49 42.49 -73.64
C SER P 21 86.03 41.50 -74.66
N ALA P 22 86.99 41.93 -75.49
CA ALA P 22 87.53 41.05 -76.52
C ALA P 22 88.21 39.84 -75.90
N VAL P 23 88.96 40.04 -74.83
CA VAL P 23 89.65 38.94 -74.17
C VAL P 23 88.68 38.24 -73.23
N HIS P 24 88.69 36.90 -73.26
CA HIS P 24 87.74 36.12 -72.49
C HIS P 24 88.37 34.80 -72.09
N LYS P 25 87.81 34.18 -71.06
CA LYS P 25 88.27 32.90 -70.53
C LYS P 25 87.25 31.82 -70.86
N ILE P 26 87.74 30.66 -71.29
CA ILE P 26 86.87 29.63 -71.86
C ILE P 26 86.76 28.39 -70.99
N GLU P 27 87.62 28.23 -69.98
CA GLU P 27 87.57 27.06 -69.10
C GLU P 27 87.91 25.78 -69.85
N GLU P 28 88.28 24.73 -69.12
CA GLU P 28 88.65 23.46 -69.71
C GLU P 28 87.43 22.56 -69.86
N GLY P 29 87.47 21.68 -70.85
CA GLY P 29 86.37 20.79 -71.12
C GLY P 29 85.18 21.43 -71.79
N HIS P 30 85.32 22.66 -72.27
CA HIS P 30 84.25 23.37 -72.94
C HIS P 30 84.72 23.79 -74.32
N ILE P 31 83.74 24.08 -75.18
CA ILE P 31 84.00 24.65 -76.50
C ILE P 31 83.28 25.99 -76.58
N GLY P 32 83.98 27.00 -77.09
CA GLY P 32 83.39 28.31 -77.24
C GLY P 32 82.70 28.49 -78.58
N VAL P 33 81.39 28.69 -78.56
CA VAL P 33 80.61 28.97 -79.75
C VAL P 33 80.27 30.45 -79.74
N TYR P 34 80.62 31.14 -80.82
CA TYR P 34 80.50 32.59 -80.91
C TYR P 34 79.31 32.96 -81.78
N TYR P 35 78.68 34.07 -81.43
CA TYR P 35 77.55 34.61 -82.17
C TYR P 35 77.93 35.95 -82.77
N ARG P 36 77.88 36.03 -84.09
CA ARG P 36 78.14 37.27 -84.83
C ARG P 36 76.84 38.05 -85.00
N GLY P 37 76.42 38.66 -83.89
CA GLY P 37 75.17 39.38 -83.89
C GLY P 37 74.00 38.50 -84.29
N GLY P 38 73.67 37.53 -83.44
CA GLY P 38 72.58 36.61 -83.72
C GLY P 38 73.04 35.35 -84.43
N ALA P 39 73.61 35.49 -85.62
CA ALA P 39 74.06 34.33 -86.37
C ALA P 39 75.22 33.66 -85.66
N LEU P 40 75.35 32.35 -85.90
CA LEU P 40 76.43 31.56 -85.32
C LEU P 40 77.53 31.38 -86.36
N LEU P 41 78.74 31.83 -86.04
CA LEU P 41 79.86 31.68 -86.95
C LEU P 41 80.30 30.22 -87.03
N THR P 42 81.01 29.90 -88.11
CA THR P 42 81.47 28.55 -88.38
C THR P 42 82.76 28.19 -87.64
N SER P 43 83.34 29.12 -86.88
CA SER P 43 84.59 28.90 -86.19
C SER P 43 84.33 28.57 -84.73
N THR P 44 84.96 27.50 -84.24
CA THR P 44 84.84 27.06 -82.86
C THR P 44 86.20 27.18 -82.17
N SER P 45 86.18 27.60 -80.92
CA SER P 45 87.39 27.84 -80.14
C SER P 45 87.55 26.75 -79.09
N GLY P 46 88.76 26.21 -78.98
CA GLY P 46 89.05 25.19 -77.99
C GLY P 46 89.38 25.79 -76.65
N PRO P 47 89.82 24.93 -75.71
CA PRO P 47 90.18 25.43 -74.38
C PRO P 47 91.37 26.36 -74.42
N GLY P 48 91.43 27.27 -73.45
CA GLY P 48 92.55 28.19 -73.32
C GLY P 48 92.17 29.64 -73.48
N PHE P 49 93.14 30.48 -73.80
CA PHE P 49 92.89 31.89 -74.05
C PHE P 49 92.51 32.09 -75.51
N HIS P 50 91.65 33.08 -75.76
CA HIS P 50 91.19 33.36 -77.11
C HIS P 50 90.75 34.80 -77.20
N LEU P 51 90.63 35.30 -78.44
CA LEU P 51 90.23 36.66 -78.71
C LEU P 51 89.00 36.66 -79.62
N MET P 52 88.16 37.67 -79.46
CA MET P 52 86.98 37.86 -80.28
C MET P 52 86.77 39.36 -80.49
N LEU P 53 85.79 39.70 -81.33
CA LEU P 53 85.54 41.10 -81.61
C LEU P 53 85.02 41.81 -80.36
N PRO P 54 85.22 43.12 -80.27
CA PRO P 54 84.97 43.82 -79.00
C PRO P 54 83.55 43.68 -78.48
N PHE P 55 82.56 44.12 -79.27
CA PHE P 55 81.19 44.21 -78.79
C PHE P 55 80.21 43.48 -79.71
N ILE P 56 80.47 43.52 -81.01
CA ILE P 56 79.52 42.99 -81.98
C ILE P 56 79.48 41.47 -82.00
N THR P 57 80.39 40.79 -81.28
CA THR P 57 80.42 39.34 -81.22
C THR P 57 80.27 38.91 -79.76
N SER P 58 79.35 37.97 -79.52
CA SER P 58 79.16 37.37 -78.21
C SER P 58 79.66 35.94 -78.23
N TYR P 59 79.69 35.31 -77.05
CA TYR P 59 80.18 33.95 -76.93
C TYR P 59 79.41 33.18 -75.87
N LYS P 60 79.40 31.87 -76.02
CA LYS P 60 78.85 30.96 -75.02
C LYS P 60 79.72 29.71 -74.97
N SER P 61 80.05 29.26 -73.76
CA SER P 61 80.86 28.07 -73.58
C SER P 61 79.93 26.88 -73.31
N VAL P 62 79.99 25.89 -74.19
CA VAL P 62 79.16 24.69 -74.08
C VAL P 62 80.05 23.54 -73.64
N GLN P 63 79.62 22.81 -72.62
CA GLN P 63 80.43 21.77 -72.02
C GLN P 63 80.45 20.55 -72.93
N THR P 64 81.65 20.13 -73.36
CA THR P 64 81.83 18.96 -74.20
C THR P 64 82.29 17.74 -73.41
N THR P 65 82.35 17.84 -72.09
CA THR P 65 82.73 16.73 -71.23
C THR P 65 81.50 16.16 -70.54
N LEU P 66 81.70 15.07 -69.82
CA LEU P 66 80.61 14.42 -69.11
C LEU P 66 79.97 15.39 -68.12
N GLN P 67 78.66 15.49 -68.15
CA GLN P 67 77.93 16.41 -67.28
C GLN P 67 76.61 15.79 -66.87
N THR P 68 76.13 16.21 -65.70
CA THR P 68 74.99 15.59 -65.03
C THR P 68 73.89 16.63 -64.81
N ASP P 69 72.64 16.20 -64.91
CA ASP P 69 71.53 17.04 -64.50
C ASP P 69 70.28 16.18 -64.34
N GLU P 70 69.35 16.66 -63.52
CA GLU P 70 68.24 15.85 -63.05
C GLU P 70 66.92 16.56 -63.25
N VAL P 71 65.85 15.76 -63.20
CA VAL P 71 64.48 16.26 -63.18
C VAL P 71 63.75 15.58 -62.03
N LYS P 72 62.98 16.36 -61.28
CA LYS P 72 62.45 15.92 -59.99
C LYS P 72 60.94 15.68 -60.06
N ASN P 73 60.46 14.85 -59.13
CA ASN P 73 59.04 14.60 -58.95
C ASN P 73 58.36 14.22 -60.26
N VAL P 74 58.90 13.21 -60.92
CA VAL P 74 58.37 12.73 -62.19
C VAL P 74 57.23 11.77 -61.93
N PRO P 75 55.99 12.06 -62.33
CA PRO P 75 54.93 11.07 -62.19
C PRO P 75 55.12 9.91 -63.15
N CYS P 76 54.58 8.75 -62.78
CA CYS P 76 54.61 7.58 -63.63
C CYS P 76 53.37 6.75 -63.31
N GLY P 77 52.54 6.51 -64.31
CA GLY P 77 51.31 5.78 -64.12
C GLY P 77 51.48 4.31 -64.43
N THR P 78 51.45 3.47 -63.41
CA THR P 78 51.65 2.05 -63.59
C THR P 78 50.47 1.44 -64.33
N SER P 79 50.67 0.22 -64.83
CA SER P 79 49.61 -0.45 -65.58
C SER P 79 48.39 -0.72 -64.72
N GLY P 80 48.52 -0.64 -63.40
CA GLY P 80 47.40 -0.81 -62.51
C GLY P 80 46.61 0.44 -62.23
N GLY P 81 46.92 1.54 -62.89
CA GLY P 81 46.20 2.78 -62.68
C GLY P 81 46.58 3.55 -61.43
N VAL P 82 47.75 3.26 -60.87
CA VAL P 82 48.25 3.96 -59.68
C VAL P 82 49.44 4.79 -60.09
N MET P 83 49.52 6.01 -59.56
CA MET P 83 50.58 6.94 -59.89
C MET P 83 51.67 6.87 -58.83
N ILE P 84 52.92 6.70 -59.27
CA ILE P 84 54.08 6.70 -58.40
C ILE P 84 55.02 7.80 -58.88
N TYR P 85 55.54 8.58 -57.95
CA TYR P 85 56.33 9.76 -58.27
C TYR P 85 57.80 9.48 -57.98
N PHE P 86 58.60 9.38 -59.04
CA PHE P 86 60.05 9.28 -58.88
C PHE P 86 60.57 10.60 -58.32
N ASP P 87 61.26 10.53 -57.18
CA ASP P 87 61.75 11.75 -56.55
C ASP P 87 62.74 12.48 -57.47
N ARG P 88 63.64 11.74 -58.09
CA ARG P 88 64.66 12.34 -58.95
C ARG P 88 65.06 11.35 -60.02
N ILE P 89 65.27 11.87 -61.23
CA ILE P 89 65.83 11.11 -62.34
C ILE P 89 66.99 11.93 -62.90
N GLU P 90 68.20 11.41 -62.79
CA GLU P 90 69.40 12.08 -63.24
C GLU P 90 69.87 11.47 -64.56
N VAL P 91 70.44 12.31 -65.41
CA VAL P 91 71.01 11.90 -66.68
C VAL P 91 72.40 12.50 -66.79
N VAL P 92 73.36 11.68 -67.22
CA VAL P 92 74.73 12.11 -67.45
C VAL P 92 75.04 11.87 -68.92
N ASN P 93 75.55 12.90 -69.59
CA ASN P 93 75.72 12.87 -71.03
C ASN P 93 76.95 13.68 -71.41
N PHE P 94 77.38 13.53 -72.65
CA PHE P 94 78.52 14.28 -73.15
C PHE P 94 78.40 14.47 -74.67
N LEU P 95 79.10 15.49 -75.16
CA LEU P 95 79.09 15.86 -76.56
C LEU P 95 80.43 15.53 -77.19
N VAL P 96 80.40 14.89 -78.36
CA VAL P 96 81.64 14.77 -79.13
C VAL P 96 82.09 16.16 -79.54
N PRO P 97 83.37 16.51 -79.35
CA PRO P 97 83.78 17.91 -79.64
C PRO P 97 83.51 18.35 -81.07
N ASN P 98 83.60 17.44 -82.04
CA ASN P 98 83.46 17.85 -83.44
C ASN P 98 82.02 18.24 -83.78
N ALA P 99 81.04 17.59 -83.16
CA ALA P 99 79.64 17.83 -83.49
C ALA P 99 79.02 18.95 -82.68
N VAL P 100 79.82 19.63 -81.85
CA VAL P 100 79.28 20.71 -81.02
C VAL P 100 78.70 21.81 -81.89
N TYR P 101 79.38 22.15 -82.99
CA TYR P 101 78.91 23.21 -83.86
C TYR P 101 77.51 22.91 -84.39
N ASP P 102 77.33 21.72 -84.97
CA ASP P 102 76.02 21.35 -85.50
C ASP P 102 74.98 21.29 -84.40
N ILE P 103 75.33 20.73 -83.24
CA ILE P 103 74.36 20.58 -82.17
C ILE P 103 73.86 21.95 -81.73
N VAL P 104 74.78 22.88 -81.47
CA VAL P 104 74.38 24.19 -80.99
C VAL P 104 73.64 24.96 -82.07
N LYS P 105 74.05 24.80 -83.33
CA LYS P 105 73.37 25.49 -84.41
C LYS P 105 71.92 25.02 -84.53
N ASN P 106 71.68 23.71 -84.39
CA ASN P 106 70.33 23.19 -84.53
C ASN P 106 69.48 23.51 -83.30
N TYR P 107 70.04 23.40 -82.09
CA TYR P 107 69.25 23.49 -80.87
C TYR P 107 69.84 24.46 -79.86
N THR P 108 70.63 25.43 -80.30
CA THR P 108 71.20 26.43 -79.41
C THR P 108 72.04 25.77 -78.32
N ALA P 109 72.58 26.58 -77.39
CA ALA P 109 73.39 26.05 -76.31
C ALA P 109 72.56 25.17 -75.37
N ASP P 110 71.34 25.59 -75.06
CA ASP P 110 70.48 24.85 -74.14
C ASP P 110 69.79 23.70 -74.86
N TYR P 111 70.62 22.83 -75.45
CA TYR P 111 70.09 21.71 -76.21
C TYR P 111 69.53 20.60 -75.32
N ASP P 112 70.07 20.46 -74.11
CA ASP P 112 69.69 19.33 -73.26
C ASP P 112 68.22 19.41 -72.87
N LYS P 113 67.73 20.61 -72.54
CA LYS P 113 66.33 20.74 -72.13
C LYS P 113 65.40 20.26 -73.23
N ALA P 114 65.68 20.64 -74.47
CA ALA P 114 64.81 20.26 -75.58
C ALA P 114 65.07 18.85 -76.09
N LEU P 115 66.20 18.24 -75.73
CA LEU P 115 66.56 16.94 -76.29
C LEU P 115 66.35 15.77 -75.35
N ILE P 116 66.53 15.95 -74.05
CA ILE P 116 66.46 14.82 -73.12
C ILE P 116 65.51 15.10 -71.96
N PHE P 117 65.67 16.25 -71.31
CA PHE P 117 64.97 16.49 -70.06
C PHE P 117 63.49 16.78 -70.28
N ASN P 118 63.12 17.32 -71.44
CA ASN P 118 61.72 17.51 -71.74
C ASN P 118 61.05 16.21 -72.19
N LYS P 119 61.84 15.21 -72.56
CA LYS P 119 61.31 13.91 -72.99
C LYS P 119 61.33 12.87 -71.88
N ILE P 120 62.08 13.12 -70.81
CA ILE P 120 62.23 12.11 -69.76
C ILE P 120 60.87 11.69 -69.22
N HIS P 121 60.01 12.66 -68.90
CA HIS P 121 58.74 12.33 -68.26
C HIS P 121 57.84 11.52 -69.18
N HIS P 122 57.79 11.88 -70.47
CA HIS P 122 56.96 11.12 -71.40
C HIS P 122 57.50 9.71 -71.59
N GLU P 123 58.82 9.57 -71.71
CA GLU P 123 59.38 8.23 -71.86
C GLU P 123 59.11 7.38 -70.62
N LEU P 124 59.23 7.98 -69.43
CA LEU P 124 58.94 7.25 -68.21
C LEU P 124 57.48 6.82 -68.16
N ASN P 125 56.57 7.70 -68.54
CA ASN P 125 55.14 7.34 -68.51
C ASN P 125 54.86 6.23 -69.52
N GLN P 126 55.46 6.31 -70.71
CA GLN P 126 55.25 5.26 -71.70
C GLN P 126 55.77 3.92 -71.20
N PHE P 127 56.92 3.92 -70.54
CA PHE P 127 57.45 2.68 -69.98
C PHE P 127 56.55 2.16 -68.87
N CYS P 128 56.10 3.04 -67.98
CA CYS P 128 55.30 2.60 -66.85
C CYS P 128 53.96 2.03 -67.29
N SER P 129 53.33 2.63 -68.29
CA SER P 129 51.98 2.23 -68.66
C SER P 129 51.88 0.79 -69.13
N VAL P 130 53.00 0.09 -69.30
CA VAL P 130 52.97 -1.31 -69.68
C VAL P 130 53.69 -2.15 -68.63
N HIS P 131 53.67 -1.70 -67.38
CA HIS P 131 54.29 -2.42 -66.28
C HIS P 131 53.49 -2.16 -65.01
N THR P 132 53.33 -3.20 -64.20
CA THR P 132 52.58 -3.08 -62.96
C THR P 132 53.40 -2.37 -61.90
N LEU P 133 52.73 -1.98 -60.81
CA LEU P 133 53.42 -1.27 -59.75
C LEU P 133 54.56 -2.10 -59.17
N GLN P 134 54.33 -3.40 -59.00
CA GLN P 134 55.38 -4.27 -58.47
C GLN P 134 56.59 -4.26 -59.39
N GLU P 135 56.36 -4.41 -60.70
CA GLU P 135 57.49 -4.52 -61.62
C GLU P 135 58.33 -3.25 -61.64
N VAL P 136 57.68 -2.09 -61.66
CA VAL P 136 58.42 -0.83 -61.69
C VAL P 136 59.11 -0.58 -60.36
N TYR P 137 58.41 -0.88 -59.26
CA TYR P 137 58.93 -0.52 -57.94
C TYR P 137 60.08 -1.42 -57.52
N ILE P 138 59.98 -2.72 -57.76
CA ILE P 138 60.94 -3.67 -57.21
C ILE P 138 61.61 -4.49 -58.30
N GLU P 139 60.83 -5.26 -59.04
CA GLU P 139 61.41 -6.28 -59.92
C GLU P 139 62.28 -5.65 -61.00
N LEU P 140 61.68 -4.80 -61.84
CA LEU P 140 62.38 -4.22 -62.99
C LEU P 140 63.05 -2.90 -62.66
N PHE P 141 63.32 -2.62 -61.38
CA PHE P 141 64.01 -1.39 -61.04
C PHE P 141 65.38 -1.32 -61.70
N ASP P 142 66.00 -2.48 -61.93
CA ASP P 142 67.29 -2.50 -62.62
C ASP P 142 67.15 -2.02 -64.05
N GLN P 143 66.05 -2.37 -64.71
CA GLN P 143 65.86 -2.11 -66.12
C GLN P 143 65.28 -0.73 -66.43
N ILE P 144 64.84 0.01 -65.42
CA ILE P 144 64.22 1.32 -65.68
C ILE P 144 65.23 2.24 -66.35
N ASP P 145 66.42 2.36 -65.77
CA ASP P 145 67.41 3.27 -66.31
C ASP P 145 67.88 2.83 -67.69
N GLU P 146 68.05 1.52 -67.89
CA GLU P 146 68.46 1.04 -69.19
C GLU P 146 67.41 1.33 -70.26
N ASN P 147 66.14 1.12 -69.93
CA ASN P 147 65.08 1.42 -70.89
C ASN P 147 65.02 2.90 -71.19
N LEU P 148 65.17 3.75 -70.17
CA LEU P 148 65.16 5.18 -70.41
C LEU P 148 66.31 5.59 -71.33
N LYS P 149 67.51 5.08 -71.04
CA LYS P 149 68.68 5.42 -71.86
C LYS P 149 68.48 4.97 -73.30
N LEU P 150 67.99 3.74 -73.49
CA LEU P 150 67.78 3.24 -74.84
C LEU P 150 66.73 4.07 -75.57
N ALA P 151 65.62 4.39 -74.89
CA ALA P 151 64.56 5.16 -75.53
C ALA P 151 65.08 6.53 -75.95
N LEU P 152 65.83 7.20 -75.08
CA LEU P 152 66.36 8.51 -75.43
C LEU P 152 67.33 8.42 -76.60
N GLN P 153 68.32 7.53 -76.49
CA GLN P 153 69.34 7.45 -77.53
C GLN P 153 68.77 7.03 -78.87
N GLN P 154 67.70 6.22 -78.87
CA GLN P 154 67.13 5.74 -80.11
C GLN P 154 66.78 6.90 -81.04
N ASP P 155 66.09 7.91 -80.51
CA ASP P 155 65.74 9.07 -81.32
C ASP P 155 66.87 10.10 -81.34
N LEU P 156 67.71 10.13 -80.31
CA LEU P 156 68.79 11.12 -80.27
C LEU P 156 69.79 10.88 -81.40
N THR P 157 70.11 9.61 -81.68
CA THR P 157 71.09 9.33 -82.72
C THR P 157 70.61 9.86 -84.07
N SER P 158 69.31 9.71 -84.36
CA SER P 158 68.78 10.18 -85.63
C SER P 158 68.60 11.68 -85.66
N MET P 159 68.18 12.29 -84.54
CA MET P 159 67.83 13.70 -84.56
C MET P 159 69.07 14.59 -84.40
N ALA P 160 69.90 14.31 -83.40
CA ALA P 160 71.05 15.13 -83.06
C ALA P 160 72.28 14.24 -82.94
N PRO P 161 72.81 13.76 -84.06
CA PRO P 161 73.97 12.84 -84.00
C PRO P 161 75.19 13.55 -83.44
N GLY P 162 75.72 13.03 -82.34
CA GLY P 162 76.88 13.62 -81.71
C GLY P 162 76.76 13.66 -80.20
N LEU P 163 75.53 13.76 -79.70
CA LEU P 163 75.26 13.76 -78.27
C LEU P 163 75.13 12.31 -77.80
N VAL P 164 75.82 11.97 -76.71
CA VAL P 164 75.80 10.62 -76.18
C VAL P 164 75.28 10.68 -74.75
N ILE P 165 74.23 9.91 -74.49
CA ILE P 165 73.61 9.85 -73.16
C ILE P 165 74.31 8.71 -72.42
N GLN P 166 75.37 9.06 -71.69
CA GLN P 166 76.25 8.04 -71.13
C GLN P 166 75.52 7.18 -70.12
N ALA P 167 74.77 7.79 -69.20
CA ALA P 167 74.12 6.98 -68.17
C ALA P 167 72.91 7.70 -67.61
N VAL P 168 72.06 6.92 -66.94
CA VAL P 168 70.86 7.43 -66.29
C VAL P 168 70.76 6.81 -64.90
N ARG P 169 70.06 7.51 -64.01
CA ARG P 169 69.85 7.06 -62.65
C ARG P 169 68.47 7.52 -62.21
N VAL P 170 67.87 6.76 -61.30
CA VAL P 170 66.53 7.05 -60.81
C VAL P 170 66.45 6.71 -59.33
N THR P 171 65.69 7.50 -58.58
CA THR P 171 65.40 7.14 -57.21
C THR P 171 64.28 6.11 -57.15
N LYS P 172 64.03 5.58 -55.97
CA LYS P 172 62.93 4.65 -55.79
C LYS P 172 61.61 5.42 -55.74
N PRO P 173 60.63 5.05 -56.56
CA PRO P 173 59.38 5.83 -56.60
C PRO P 173 58.67 5.84 -55.26
N ASN P 174 57.99 6.95 -54.98
CA ASN P 174 57.22 7.10 -53.75
C ASN P 174 55.82 6.53 -53.99
N ILE P 175 55.58 5.32 -53.52
CA ILE P 175 54.32 4.64 -53.73
C ILE P 175 53.27 5.20 -52.77
N PRO P 176 51.98 5.02 -53.03
CA PRO P 176 50.96 5.61 -52.15
C PRO P 176 51.09 5.13 -50.72
N GLU P 177 50.48 5.89 -49.81
CA GLU P 177 50.58 5.58 -48.39
C GLU P 177 49.91 4.25 -48.07
N ALA P 178 48.73 4.01 -48.63
CA ALA P 178 48.00 2.78 -48.32
C ALA P 178 48.78 1.54 -48.75
N ILE P 179 49.36 1.58 -49.95
CA ILE P 179 50.10 0.43 -50.43
C ILE P 179 51.40 0.25 -49.65
N ARG P 180 52.00 1.35 -49.19
CA ARG P 180 53.24 1.25 -48.43
C ARG P 180 53.01 0.50 -47.11
N ARG P 181 51.88 0.76 -46.46
CA ARG P 181 51.59 0.05 -45.21
C ARG P 181 51.50 -1.44 -45.44
N ASN P 182 50.90 -1.87 -46.55
CA ASN P 182 50.79 -3.30 -46.83
C ASN P 182 52.17 -3.92 -47.00
N TYR P 183 53.08 -3.23 -47.68
CA TYR P 183 54.44 -3.74 -47.79
C TYR P 183 55.10 -3.82 -46.41
N GLU P 184 54.83 -2.84 -45.55
CA GLU P 184 55.32 -2.89 -44.18
C GLU P 184 54.75 -4.12 -43.48
N LEU P 185 53.43 -4.31 -43.54
CA LEU P 185 52.81 -5.46 -42.90
C LEU P 185 53.35 -6.76 -43.47
N MET P 186 53.66 -6.79 -44.76
CA MET P 186 54.18 -8.01 -45.37
C MET P 186 55.52 -8.41 -44.75
N GLU P 187 56.40 -7.44 -44.52
CA GLU P 187 57.68 -7.72 -43.90
C GLU P 187 57.56 -8.00 -42.41
N SER P 188 56.50 -7.51 -41.77
CA SER P 188 56.24 -7.87 -40.38
C SER P 188 55.94 -9.35 -40.25
N GLU P 189 55.20 -9.92 -41.20
CA GLU P 189 54.88 -11.34 -41.15
C GLU P 189 56.15 -12.19 -41.26
N LYS P 190 57.09 -11.78 -42.09
CA LYS P 190 58.33 -12.54 -42.23
C LYS P 190 59.05 -12.65 -40.90
N THR P 191 59.04 -11.58 -40.10
CA THR P 191 59.63 -11.64 -38.77
C THR P 191 58.74 -12.38 -37.78
N LYS P 192 57.42 -12.26 -37.93
CA LYS P 192 56.52 -13.03 -37.07
C LYS P 192 56.73 -14.52 -37.20
N LEU P 193 57.27 -14.97 -38.34
CA LEU P 193 57.61 -16.38 -38.48
C LEU P 193 58.87 -16.74 -37.70
N LEU P 194 59.79 -15.79 -37.53
CA LEU P 194 60.98 -16.05 -36.73
C LEU P 194 60.65 -16.07 -35.25
N ILE P 195 59.74 -15.21 -34.81
CA ILE P 195 59.32 -15.22 -33.41
C ILE P 195 58.62 -16.53 -33.09
N ALA P 196 57.82 -17.03 -34.03
CA ALA P 196 57.12 -18.30 -33.82
C ALA P 196 58.08 -19.47 -33.70
N ALA P 197 59.14 -19.49 -34.49
CA ALA P 197 60.11 -20.59 -34.44
C ALA P 197 60.80 -20.69 -33.08
N GLN P 198 60.82 -19.61 -32.30
CA GLN P 198 61.39 -19.61 -30.96
C GLN P 198 60.34 -19.81 -29.87
N LYS P 199 59.16 -19.22 -30.05
CA LYS P 199 58.06 -19.53 -29.13
C LYS P 199 57.73 -21.01 -29.17
N GLN P 200 57.99 -21.67 -30.30
CA GLN P 200 57.83 -23.12 -30.36
C GLN P 200 58.72 -23.80 -29.34
N LYS P 201 60.00 -23.44 -29.31
CA LYS P 201 60.92 -24.03 -28.35
C LYS P 201 60.51 -23.68 -26.92
N VAL P 202 60.06 -22.45 -26.70
CA VAL P 202 59.67 -22.03 -25.35
C VAL P 202 58.49 -22.88 -24.85
N VAL P 203 57.47 -23.04 -25.69
CA VAL P 203 56.31 -23.83 -25.27
C VAL P 203 56.68 -25.30 -25.14
N GLU P 204 57.59 -25.79 -25.98
CA GLU P 204 58.04 -27.17 -25.82
C GLU P 204 58.72 -27.37 -24.47
N LYS P 205 59.58 -26.43 -24.08
CA LYS P 205 60.25 -26.56 -22.78
C LYS P 205 59.26 -26.46 -21.64
N GLU P 206 58.28 -25.55 -21.73
CA GLU P 206 57.29 -25.44 -20.68
C GLU P 206 56.45 -26.71 -20.56
N ALA P 207 56.08 -27.30 -21.70
CA ALA P 207 55.34 -28.55 -21.68
C ALA P 207 56.17 -29.68 -21.09
N GLU P 208 57.47 -29.72 -21.40
CA GLU P 208 58.33 -30.73 -20.81
C GLU P 208 58.43 -30.55 -19.30
N THR P 209 58.50 -29.30 -18.84
CA THR P 209 58.54 -29.05 -17.40
C THR P 209 57.25 -29.52 -16.74
N GLU P 210 56.11 -29.25 -17.37
CA GLU P 210 54.84 -29.74 -16.84
C GLU P 210 54.83 -31.27 -16.80
N ARG P 211 55.36 -31.90 -17.83
CA ARG P 211 55.42 -33.37 -17.85
C ARG P 211 56.26 -33.89 -16.69
N LYS P 212 57.42 -33.27 -16.46
CA LYS P 212 58.29 -33.73 -15.37
C LYS P 212 57.61 -33.54 -14.02
N LYS P 213 56.93 -32.41 -13.83
CA LYS P 213 56.20 -32.19 -12.59
C LYS P 213 55.11 -33.24 -12.41
N ALA P 214 54.37 -33.55 -13.48
CA ALA P 214 53.33 -34.56 -13.39
C ALA P 214 53.91 -35.93 -13.05
N LEU P 215 55.06 -36.28 -13.64
CA LEU P 215 55.68 -37.56 -13.33
C LEU P 215 56.12 -37.62 -11.87
N ILE P 216 56.68 -36.53 -11.35
CA ILE P 216 57.08 -36.51 -9.95
C ILE P 216 55.87 -36.67 -9.05
N GLU P 217 54.76 -35.99 -9.39
CA GLU P 217 53.55 -36.15 -8.59
C GLU P 217 53.03 -37.58 -8.65
N ALA P 218 53.09 -38.21 -9.82
CA ALA P 218 52.64 -39.59 -9.94
C ALA P 218 53.50 -40.53 -9.09
N GLU P 219 54.81 -40.33 -9.09
CA GLU P 219 55.67 -41.16 -8.26
C GLU P 219 55.41 -40.91 -6.78
N LYS P 220 55.13 -39.65 -6.40
CA LYS P 220 54.73 -39.36 -5.04
C LYS P 220 53.49 -40.16 -4.66
N VAL P 221 52.48 -40.14 -5.53
CA VAL P 221 51.25 -40.86 -5.25
C VAL P 221 51.53 -42.35 -5.13
N ALA P 222 52.40 -42.87 -5.99
CA ALA P 222 52.70 -44.31 -5.94
C ALA P 222 53.38 -44.68 -4.63
N GLN P 223 54.35 -43.88 -4.18
CA GLN P 223 55.03 -44.20 -2.93
C GLN P 223 54.09 -44.07 -1.74
N VAL P 224 53.24 -43.04 -1.74
CA VAL P 224 52.26 -42.90 -0.67
C VAL P 224 51.31 -44.09 -0.67
N ALA P 225 50.94 -44.58 -1.86
CA ALA P 225 50.09 -45.76 -1.93
C ALA P 225 50.80 -46.98 -1.36
N GLU P 226 52.09 -47.14 -1.65
CA GLU P 226 52.84 -48.24 -1.07
C GLU P 226 52.79 -48.18 0.45
N ILE P 227 53.03 -47.00 1.01
CA ILE P 227 53.01 -46.85 2.46
C ILE P 227 51.63 -47.20 3.02
N THR P 228 50.59 -46.61 2.44
CA THR P 228 49.25 -46.80 2.97
C THR P 228 48.78 -48.25 2.81
N TYR P 229 49.29 -48.96 1.80
CA TYR P 229 48.88 -50.35 1.63
C TYR P 229 49.64 -51.29 2.56
N GLY P 230 50.90 -50.97 2.88
CA GLY P 230 51.52 -51.65 4.00
C GLY P 230 50.73 -51.45 5.27
N GLN P 231 50.26 -50.22 5.50
CA GLN P 231 49.39 -49.95 6.64
C GLN P 231 48.13 -50.80 6.58
N LYS P 232 47.54 -50.94 5.39
CA LYS P 232 46.32 -51.74 5.25
C LYS P 232 46.57 -53.20 5.58
N VAL P 233 47.70 -53.74 5.14
CA VAL P 233 48.02 -55.13 5.45
C VAL P 233 48.16 -55.32 6.95
N MET P 234 48.87 -54.41 7.62
CA MET P 234 48.96 -54.49 9.07
C MET P 234 47.59 -54.36 9.73
N GLU P 235 46.77 -53.45 9.20
CA GLU P 235 45.38 -53.31 9.64
C GLU P 235 44.67 -54.64 9.62
N LYS P 236 44.75 -55.35 8.50
CA LYS P 236 43.99 -56.59 8.35
C LYS P 236 44.56 -57.70 9.20
N GLU P 237 45.87 -57.73 9.42
CA GLU P 237 46.44 -58.71 10.34
C GLU P 237 45.92 -58.49 11.76
N THR P 238 45.93 -57.23 12.22
CA THR P 238 45.39 -56.96 13.54
C THR P 238 43.90 -57.24 13.59
N GLU P 239 43.18 -57.05 12.48
CA GLU P 239 41.77 -57.39 12.44
C GLU P 239 41.57 -58.90 12.53
N LYS P 240 42.48 -59.69 11.97
CA LYS P 240 42.43 -61.14 12.17
C LYS P 240 42.62 -61.49 13.63
N LYS P 241 43.55 -60.82 14.31
CA LYS P 241 43.72 -61.03 15.74
C LYS P 241 42.45 -60.67 16.50
N ILE P 242 41.84 -59.54 16.14
CA ILE P 242 40.59 -59.11 16.77
C ILE P 242 39.50 -60.14 16.54
N SER P 243 39.41 -60.69 15.33
CA SER P 243 38.41 -61.70 15.04
C SER P 243 38.66 -62.97 15.84
N GLU P 244 39.92 -63.32 16.06
CA GLU P 244 40.22 -64.47 16.92
C GLU P 244 39.69 -64.22 18.34
N ILE P 245 39.92 -63.02 18.86
CA ILE P 245 39.40 -62.71 20.20
C ILE P 245 37.89 -62.77 20.22
N GLU P 246 37.25 -62.20 19.18
CA GLU P 246 35.79 -62.21 19.12
C GLU P 246 35.25 -63.63 19.02
N ASP P 247 35.95 -64.52 18.30
CA ASP P 247 35.53 -65.91 18.24
C ASP P 247 35.66 -66.58 19.59
N ALA P 248 36.77 -66.33 20.29
CA ALA P 248 36.93 -66.93 21.61
C ALA P 248 35.85 -66.47 22.57
N ALA P 249 35.49 -65.18 22.51
CA ALA P 249 34.46 -64.66 23.41
C ALA P 249 33.07 -65.13 23.02
N PHE P 250 32.77 -65.12 21.72
CA PHE P 250 31.45 -65.54 21.25
C PHE P 250 31.21 -67.01 21.52
N LEU P 251 32.24 -67.84 21.41
CA LEU P 251 32.09 -69.25 21.70
C LEU P 251 31.67 -69.48 23.14
N ALA P 252 32.28 -68.76 24.08
CA ALA P 252 31.92 -68.90 25.48
C ALA P 252 30.53 -68.33 25.76
N ARG P 253 30.19 -67.22 25.12
CA ARG P 253 28.87 -66.63 25.33
C ARG P 253 27.77 -67.55 24.83
N GLU P 254 27.96 -68.16 23.66
CA GLU P 254 26.96 -69.10 23.16
C GLU P 254 26.89 -70.35 24.04
N LYS P 255 28.02 -70.77 24.60
CA LYS P 255 28.00 -71.91 25.51
C LYS P 255 27.17 -71.61 26.74
N ALA P 256 27.31 -70.40 27.30
CA ALA P 256 26.52 -70.04 28.47
C ALA P 256 25.03 -70.01 28.13
N LYS P 257 24.68 -69.47 26.97
CA LYS P 257 23.28 -69.42 26.58
C LYS P 257 22.71 -70.82 26.42
N ALA P 258 23.48 -71.74 25.81
CA ALA P 258 23.01 -73.10 25.66
C ALA P 258 22.83 -73.78 27.02
N ASP P 259 23.79 -73.59 27.92
CA ASP P 259 23.68 -74.19 29.24
C ASP P 259 22.50 -73.60 30.01
N ALA P 260 22.32 -72.28 29.94
CA ALA P 260 21.22 -71.65 30.65
C ALA P 260 19.87 -72.15 30.15
N GLU P 261 19.72 -72.25 28.83
CA GLU P 261 18.49 -72.81 28.27
C GLU P 261 18.35 -74.27 28.64
N CYS P 262 19.45 -75.02 28.65
CA CYS P 262 19.40 -76.43 29.04
C CYS P 262 18.90 -76.58 30.47
N TYR P 263 19.39 -75.75 31.38
CA TYR P 263 18.87 -75.77 32.74
C TYR P 263 17.41 -75.34 32.77
N THR P 264 17.06 -74.32 31.98
CA THR P 264 15.68 -73.83 31.99
C THR P 264 14.72 -74.89 31.48
N ALA P 265 15.13 -75.68 30.49
CA ALA P 265 14.23 -76.69 29.93
C ALA P 265 14.00 -77.84 30.89
N MET P 266 15.06 -78.29 31.59
CA MET P 266 14.88 -79.37 32.55
C MET P 266 13.93 -78.96 33.67
N LYS P 267 14.06 -77.74 34.18
CA LYS P 267 13.16 -77.28 35.23
C LYS P 267 11.72 -77.20 34.71
N ILE P 268 11.54 -76.75 33.48
CA ILE P 268 10.20 -76.76 32.89
C ILE P 268 9.70 -78.19 32.75
N ALA P 269 10.59 -79.11 32.37
CA ALA P 269 10.18 -80.50 32.22
C ALA P 269 9.66 -81.07 33.54
N GLU P 270 10.38 -80.80 34.63
CA GLU P 270 9.93 -81.27 35.94
C GLU P 270 8.57 -80.68 36.30
N ALA P 271 8.39 -79.39 36.04
CA ALA P 271 7.11 -78.74 36.36
C ALA P 271 5.97 -79.35 35.56
N ASN P 272 6.19 -79.59 34.27
CA ASN P 272 5.14 -80.14 33.43
C ASN P 272 4.78 -81.57 33.82
N LYS P 273 5.65 -82.27 34.55
CA LYS P 273 5.38 -83.66 34.89
C LYS P 273 4.11 -83.77 35.74
N LEU P 274 3.94 -82.88 36.71
CA LEU P 274 2.78 -82.90 37.59
C LEU P 274 1.85 -81.72 37.37
N LYS P 275 2.03 -80.98 36.28
CA LYS P 275 1.13 -79.89 35.92
C LYS P 275 0.27 -80.19 34.71
N LEU P 276 0.72 -81.07 33.81
CA LEU P 276 -0.04 -81.40 32.62
C LEU P 276 -0.95 -82.61 32.85
N THR P 277 -1.76 -82.54 33.90
CA THR P 277 -2.72 -83.59 34.16
C THR P 277 -3.82 -83.55 33.09
N PRO P 278 -4.58 -84.64 32.94
CA PRO P 278 -5.65 -84.63 31.93
C PRO P 278 -6.67 -83.51 32.14
N GLU P 279 -6.98 -83.18 33.39
CA GLU P 279 -7.93 -82.10 33.65
C GLU P 279 -7.42 -80.79 33.11
N TYR P 280 -6.19 -80.41 33.46
CA TYR P 280 -5.61 -79.18 32.94
C TYR P 280 -5.46 -79.23 31.43
N LEU P 281 -5.18 -80.41 30.88
CA LEU P 281 -5.03 -80.54 29.44
C LEU P 281 -6.35 -80.25 28.73
N GLN P 282 -7.45 -80.77 29.27
CA GLN P 282 -8.77 -80.44 28.71
C GLN P 282 -9.09 -78.97 28.87
N LEU P 283 -8.75 -78.39 30.03
CA LEU P 283 -8.96 -76.97 30.23
C LEU P 283 -8.25 -76.16 29.16
N MET P 284 -6.99 -76.49 28.89
CA MET P 284 -6.25 -75.78 27.84
C MET P 284 -6.83 -76.06 26.47
N LYS P 285 -7.34 -77.27 26.24
CA LYS P 285 -7.98 -77.56 24.96
C LYS P 285 -9.11 -76.59 24.68
N TYR P 286 -9.97 -76.37 25.69
CA TYR P 286 -11.09 -75.46 25.48
C TYR P 286 -10.62 -74.00 25.46
N LYS P 287 -9.63 -73.66 26.28
CA LYS P 287 -9.12 -72.29 26.29
C LYS P 287 -8.52 -71.91 24.95
N ALA P 288 -7.92 -72.87 24.24
CA ALA P 288 -7.35 -72.57 22.94
C ALA P 288 -8.43 -72.14 21.95
N ILE P 289 -9.58 -72.80 21.97
CA ILE P 289 -10.68 -72.44 21.08
C ILE P 289 -11.44 -71.23 21.58
N ALA P 290 -11.30 -70.88 22.86
CA ALA P 290 -12.07 -69.78 23.43
C ALA P 290 -12.05 -68.52 22.56
N SER P 291 -11.01 -68.33 21.76
CA SER P 291 -10.83 -67.08 21.03
C SER P 291 -11.22 -67.15 19.56
N ASN P 292 -11.20 -68.34 18.95
CA ASN P 292 -11.46 -68.44 17.52
C ASN P 292 -12.89 -68.02 17.20
N SER P 293 -13.17 -67.91 15.90
CA SER P 293 -14.48 -67.53 15.42
C SER P 293 -15.31 -68.79 15.19
N LYS P 294 -16.49 -68.83 15.81
CA LYS P 294 -17.37 -69.99 15.73
C LYS P 294 -18.62 -69.63 14.96
N ILE P 295 -19.10 -70.57 14.14
CA ILE P 295 -20.41 -70.48 13.51
C ILE P 295 -21.09 -71.82 13.66
N TYR P 296 -22.29 -71.83 14.23
CA TYR P 296 -22.96 -73.05 14.64
C TYR P 296 -24.27 -73.21 13.90
N PHE P 297 -24.45 -74.36 13.24
CA PHE P 297 -25.71 -74.76 12.65
C PHE P 297 -26.21 -76.00 13.39
N GLY P 298 -27.40 -75.91 13.97
CA GLY P 298 -27.94 -77.02 14.72
C GLY P 298 -29.44 -76.96 14.78
N LYS P 299 -30.02 -77.89 15.54
CA LYS P 299 -31.45 -77.95 15.76
C LYS P 299 -31.86 -77.46 17.14
N ASP P 300 -30.91 -77.02 17.96
CA ASP P 300 -31.18 -76.54 19.30
C ASP P 300 -29.86 -76.04 19.88
N ILE P 301 -29.96 -75.20 20.91
CA ILE P 301 -28.77 -74.56 21.47
C ILE P 301 -28.00 -75.54 22.35
N PRO P 302 -28.64 -76.22 23.32
CA PRO P 302 -27.91 -77.23 24.11
C PRO P 302 -27.01 -78.13 23.28
N ASN P 303 -27.46 -78.49 22.08
CA ASN P 303 -26.63 -79.27 21.17
C ASN P 303 -25.37 -78.52 20.78
N MET P 304 -25.36 -77.20 20.95
CA MET P 304 -24.13 -76.43 20.69
C MET P 304 -23.00 -76.89 21.60
N PHE P 305 -23.31 -77.14 22.87
CA PHE P 305 -22.31 -77.57 23.83
C PHE P 305 -22.19 -79.08 23.94
N MET P 306 -23.29 -79.81 23.72
CA MET P 306 -23.24 -81.26 23.84
C MET P 306 -22.20 -81.83 22.87
N ASP P 307 -21.39 -82.75 23.38
CA ASP P 307 -20.34 -83.36 22.57
C ASP P 307 -20.92 -84.31 21.52
N VAL Q 52 101.55 40.85 -55.03
CA VAL Q 52 103.00 40.86 -55.22
C VAL Q 52 103.41 39.64 -56.02
N LEU Q 53 104.51 39.78 -56.78
CA LEU Q 53 104.96 38.69 -57.63
C LEU Q 53 105.31 37.45 -56.82
N LEU Q 54 106.04 37.63 -55.72
CA LEU Q 54 106.45 36.48 -54.92
C LEU Q 54 105.25 35.79 -54.31
N TYR Q 55 104.33 36.56 -53.74
CA TYR Q 55 103.13 35.96 -53.15
C TYR Q 55 102.32 35.20 -54.20
N ALA Q 56 102.14 35.80 -55.38
CA ALA Q 56 101.31 35.19 -56.40
C ALA Q 56 101.97 34.01 -57.09
N SER Q 57 103.31 33.95 -57.13
CA SER Q 57 104.01 32.91 -57.85
C SER Q 57 104.47 31.77 -56.95
N ILE Q 58 105.24 32.07 -55.90
CA ILE Q 58 105.78 31.00 -55.07
C ILE Q 58 104.64 30.38 -54.28
N HIS Q 59 104.56 29.06 -54.33
CA HIS Q 59 103.48 28.33 -53.68
C HIS Q 59 103.97 26.94 -53.31
N LYS Q 60 103.32 26.36 -52.31
CA LYS Q 60 103.72 25.08 -51.74
C LYS Q 60 102.65 24.02 -52.01
N ILE Q 61 103.10 22.80 -52.27
CA ILE Q 61 102.22 21.68 -52.59
C ILE Q 61 102.36 20.66 -51.47
N GLU Q 62 101.24 20.30 -50.85
CA GLU Q 62 101.26 19.36 -49.74
C GLU Q 62 101.73 17.98 -50.23
N GLU Q 63 102.35 17.24 -49.32
CA GLU Q 63 102.84 15.90 -49.68
C GLU Q 63 101.66 15.01 -50.05
N GLY Q 64 101.92 14.08 -50.97
CA GLY Q 64 100.87 13.21 -51.44
C GLY Q 64 99.84 13.88 -52.31
N HIS Q 65 100.15 15.04 -52.86
CA HIS Q 65 99.27 15.76 -53.76
C HIS Q 65 100.00 16.06 -55.05
N LEU Q 66 99.24 16.15 -56.14
CA LEU Q 66 99.75 16.60 -57.42
C LEU Q 66 99.06 17.91 -57.78
N ALA Q 67 99.83 18.91 -58.15
CA ALA Q 67 99.29 20.23 -58.45
C ALA Q 67 99.05 20.36 -59.95
N VAL Q 68 97.85 20.78 -60.31
CA VAL Q 68 97.48 21.04 -61.69
C VAL Q 68 97.19 22.52 -61.82
N TYR Q 69 97.76 23.15 -62.86
CA TYR Q 69 97.66 24.57 -63.08
C TYR Q 69 96.74 24.87 -64.26
N TYR Q 70 96.17 26.06 -64.25
CA TYR Q 70 95.33 26.55 -65.35
C TYR Q 70 95.81 27.97 -65.70
N ARG Q 71 96.35 28.14 -66.91
CA ARG Q 71 96.76 29.47 -67.33
C ARG Q 71 95.55 30.33 -67.64
N GLY Q 72 94.76 29.94 -68.63
CA GLY Q 72 93.48 30.55 -68.88
C GLY Q 72 92.39 29.66 -68.33
N GLY Q 73 91.77 28.89 -69.21
CA GLY Q 73 90.92 27.80 -68.79
C GLY Q 73 91.58 26.47 -69.04
N ALA Q 74 92.53 26.44 -69.97
CA ALA Q 74 93.13 25.19 -70.40
C ALA Q 74 93.93 24.54 -69.26
N LEU Q 75 94.33 23.30 -69.50
CA LEU Q 75 95.15 22.53 -68.56
C LEU Q 75 96.54 22.42 -69.15
N LEU Q 76 97.51 23.10 -68.54
CA LEU Q 76 98.90 22.94 -68.95
C LEU Q 76 99.35 21.51 -68.75
N THR Q 77 100.03 20.97 -69.77
CA THR Q 77 100.33 19.55 -69.81
C THR Q 77 101.25 19.10 -68.68
N SER Q 78 101.96 20.03 -68.05
CA SER Q 78 102.96 19.66 -67.06
C SER Q 78 102.42 19.89 -65.65
N PRO Q 79 102.15 18.84 -64.86
CA PRO Q 79 101.85 19.05 -63.44
C PRO Q 79 103.11 19.24 -62.63
N SER Q 80 102.99 19.35 -61.31
CA SER Q 80 104.14 19.55 -60.45
C SER Q 80 103.99 18.73 -59.18
N GLY Q 81 105.07 18.06 -58.78
CA GLY Q 81 105.05 17.25 -57.60
C GLY Q 81 105.14 18.08 -56.34
N PRO Q 82 105.11 17.40 -55.19
CA PRO Q 82 105.16 18.11 -53.90
C PRO Q 82 106.49 18.82 -53.71
N GLY Q 83 106.44 19.92 -52.95
CA GLY Q 83 107.61 20.73 -52.69
C GLY Q 83 107.34 22.21 -52.88
N TYR Q 84 108.35 22.94 -53.32
CA TYR Q 84 108.21 24.36 -53.64
C TYR Q 84 108.29 24.54 -55.14
N HIS Q 85 107.35 25.31 -55.69
CA HIS Q 85 107.27 25.52 -57.13
C HIS Q 85 106.87 26.96 -57.41
N ILE Q 86 107.21 27.42 -58.61
CA ILE Q 86 106.92 28.77 -59.06
C ILE Q 86 106.14 28.68 -60.36
N MET Q 87 105.05 29.44 -60.44
CA MET Q 87 104.21 29.51 -61.63
C MET Q 87 104.12 30.96 -62.09
N LEU Q 88 103.74 31.15 -63.35
CA LEU Q 88 103.51 32.49 -63.83
C LEU Q 88 102.36 33.12 -63.04
N PRO Q 89 102.59 34.21 -62.32
CA PRO Q 89 101.57 34.69 -61.39
C PRO Q 89 100.51 35.56 -62.02
N PHE Q 90 99.34 35.56 -61.39
CA PHE Q 90 98.14 36.31 -61.77
C PHE Q 90 97.53 35.85 -63.08
N ILE Q 91 98.17 34.93 -63.80
CA ILE Q 91 97.63 34.41 -65.05
C ILE Q 91 97.62 32.89 -65.03
N THR Q 92 97.88 32.33 -63.85
CA THR Q 92 97.82 30.89 -63.64
C THR Q 92 97.26 30.62 -62.26
N THR Q 93 96.31 29.71 -62.15
CA THR Q 93 95.75 29.31 -60.88
C THR Q 93 96.02 27.82 -60.66
N PHE Q 94 96.49 27.47 -59.47
CA PHE Q 94 96.84 26.09 -59.15
C PHE Q 94 95.77 25.46 -58.27
N ARG Q 95 95.66 24.15 -58.36
CA ARG Q 95 94.90 23.39 -57.38
C ARG Q 95 95.55 22.03 -57.22
N SER Q 96 95.68 21.59 -55.98
CA SER Q 96 96.36 20.34 -55.64
C SER Q 96 95.31 19.27 -55.38
N VAL Q 97 95.42 18.16 -56.11
CA VAL Q 97 94.52 17.03 -55.97
C VAL Q 97 95.27 15.90 -55.29
N GLN Q 98 94.65 15.31 -54.27
CA GLN Q 98 95.30 14.26 -53.51
C GLN Q 98 95.47 13.01 -54.38
N THR Q 99 96.68 12.47 -54.39
CA THR Q 99 96.97 11.24 -55.11
C THR Q 99 97.16 10.04 -54.19
N THR Q 100 97.06 10.24 -52.88
CA THR Q 100 97.21 9.16 -51.91
C THR Q 100 95.82 8.70 -51.43
N LEU Q 101 95.82 7.74 -50.53
CA LEU Q 101 94.56 7.23 -49.99
C LEU Q 101 93.76 8.36 -49.37
N GLN Q 102 92.49 8.44 -49.71
CA GLN Q 102 91.60 9.46 -49.16
C GLN Q 102 90.21 8.88 -48.98
N THR Q 103 89.55 9.29 -47.89
CA THR Q 103 88.25 8.77 -47.51
C THR Q 103 87.19 9.85 -47.59
N ASP Q 104 86.00 9.47 -48.05
CA ASP Q 104 84.85 10.37 -47.98
C ASP Q 104 83.59 9.53 -48.07
N GLU Q 105 82.50 10.05 -47.52
CA GLU Q 105 81.30 9.25 -47.30
C GLU Q 105 80.05 10.00 -47.76
N VAL Q 106 78.96 9.23 -47.87
CA VAL Q 106 77.64 9.75 -48.20
C VAL Q 106 76.67 9.27 -47.13
N LYS Q 107 75.74 10.14 -46.75
CA LYS Q 107 74.89 9.93 -45.58
C LYS Q 107 73.47 9.56 -46.00
N ASN Q 108 72.81 8.77 -45.14
CA ASN Q 108 71.38 8.49 -45.24
C ASN Q 108 70.98 8.05 -46.64
N VAL Q 109 71.65 7.01 -47.13
CA VAL Q 109 71.35 6.46 -48.45
C VAL Q 109 70.15 5.53 -48.32
N PRO Q 110 69.07 5.77 -49.04
CA PRO Q 110 67.94 4.81 -49.01
C PRO Q 110 68.28 3.51 -49.71
N CYS Q 111 67.53 2.48 -49.35
CA CYS Q 111 67.71 1.14 -49.88
C CYS Q 111 66.35 0.47 -49.91
N GLY Q 112 65.84 0.17 -51.11
CA GLY Q 112 64.54 -0.45 -51.21
C GLY Q 112 64.65 -1.95 -51.30
N THR Q 113 64.39 -2.65 -50.20
CA THR Q 113 64.56 -4.09 -50.17
C THR Q 113 63.55 -4.76 -51.10
N SER Q 114 63.84 -6.00 -51.47
CA SER Q 114 62.98 -6.73 -52.39
C SER Q 114 61.58 -6.92 -51.83
N GLY Q 115 61.40 -6.76 -50.52
CA GLY Q 115 60.09 -6.85 -49.92
C GLY Q 115 59.29 -5.57 -49.96
N GLY Q 116 59.81 -4.52 -50.59
CA GLY Q 116 59.09 -3.26 -50.68
C GLY Q 116 59.26 -2.34 -49.49
N VAL Q 117 60.13 -2.68 -48.54
CA VAL Q 117 60.37 -1.86 -47.35
C VAL Q 117 61.64 -1.07 -47.56
N MET Q 118 61.65 0.16 -47.06
CA MET Q 118 62.78 1.08 -47.22
C MET Q 118 63.63 1.07 -45.96
N ILE Q 119 64.93 0.85 -46.12
CA ILE Q 119 65.90 0.90 -45.03
C ILE Q 119 66.98 1.89 -45.40
N TYR Q 120 67.35 2.75 -44.46
CA TYR Q 120 68.26 3.85 -44.72
C TYR Q 120 69.62 3.54 -44.10
N ILE Q 121 70.63 3.38 -44.95
CA ILE Q 121 72.00 3.18 -44.48
C ILE Q 121 72.56 4.53 -44.08
N ASP Q 122 72.91 4.68 -42.81
CA ASP Q 122 73.27 6.00 -42.29
C ASP Q 122 74.52 6.55 -42.94
N ARG Q 123 75.51 5.70 -43.20
CA ARG Q 123 76.79 6.16 -43.73
C ARG Q 123 77.37 5.11 -44.66
N ILE Q 124 77.91 5.58 -45.78
CA ILE Q 124 78.62 4.71 -46.72
C ILE Q 124 79.89 5.46 -47.11
N GLU Q 125 81.04 4.94 -46.68
CA GLU Q 125 82.33 5.57 -46.92
C GLU Q 125 83.07 4.84 -48.04
N VAL Q 126 83.83 5.61 -48.81
CA VAL Q 126 84.72 5.07 -49.84
C VAL Q 126 86.09 5.65 -49.62
N VAL Q 127 87.11 4.79 -49.64
CA VAL Q 127 88.51 5.21 -49.57
C VAL Q 127 89.15 4.81 -50.90
N ASN Q 128 89.75 5.80 -51.56
CA ASN Q 128 90.22 5.65 -52.93
C ASN Q 128 91.60 6.28 -53.09
N MET Q 129 92.31 5.84 -54.14
CA MET Q 129 93.62 6.35 -54.48
C MET Q 129 93.71 6.56 -55.98
N LEU Q 130 94.43 7.61 -56.38
CA LEU Q 130 94.54 8.02 -57.77
C LEU Q 130 95.99 7.89 -58.23
N ALA Q 131 96.18 7.28 -59.40
CA ALA Q 131 97.53 7.10 -59.91
C ALA Q 131 98.15 8.45 -60.26
N PRO Q 132 99.40 8.71 -59.87
CA PRO Q 132 100.01 10.00 -60.21
C PRO Q 132 100.05 10.29 -61.70
N TYR Q 133 100.27 9.27 -62.54
CA TYR Q 133 100.33 9.52 -63.97
C TYR Q 133 98.95 9.76 -64.57
N ALA Q 134 97.90 9.22 -63.93
CA ALA Q 134 96.54 9.40 -64.39
C ALA Q 134 95.88 10.63 -63.79
N VAL Q 135 96.54 11.31 -62.86
CA VAL Q 135 95.97 12.52 -62.27
C VAL Q 135 95.63 13.53 -63.36
N PHE Q 136 96.54 13.73 -64.32
CA PHE Q 136 96.34 14.76 -65.34
C PHE Q 136 95.12 14.45 -66.20
N ASP Q 137 95.03 13.22 -66.70
CA ASP Q 137 93.88 12.84 -67.51
C ASP Q 137 92.59 12.89 -66.72
N ILE Q 138 92.62 12.49 -65.45
CA ILE Q 138 91.41 12.56 -64.63
C ILE Q 138 90.93 13.99 -64.49
N VAL Q 139 91.84 14.93 -64.20
CA VAL Q 139 91.42 16.31 -64.04
C VAL Q 139 90.95 16.88 -65.37
N ARG Q 140 91.60 16.50 -66.47
CA ARG Q 140 91.18 16.99 -67.78
C ARG Q 140 89.77 16.51 -68.11
N ASN Q 141 89.47 15.25 -67.81
CA ASN Q 141 88.16 14.69 -68.17
C ASN Q 141 87.07 15.20 -67.24
N TYR Q 142 87.25 15.05 -65.93
CA TYR Q 142 86.20 15.32 -64.96
C TYR Q 142 86.61 16.37 -63.93
N THR Q 143 87.52 17.26 -64.30
CA THR Q 143 87.94 18.33 -63.39
C THR Q 143 88.55 17.76 -62.12
N ALA Q 144 88.82 18.62 -61.14
CA ALA Q 144 89.42 18.19 -59.89
C ALA Q 144 88.40 17.64 -58.89
N ASP Q 145 87.11 17.81 -59.16
CA ASP Q 145 86.05 17.25 -58.32
C ASP Q 145 85.54 15.92 -58.85
N TYR Q 146 86.43 15.13 -59.46
CA TYR Q 146 86.03 13.89 -60.10
C TYR Q 146 85.32 12.94 -59.15
N ASP Q 147 85.58 13.04 -57.84
CA ASP Q 147 85.01 12.07 -56.91
C ASP Q 147 83.49 12.13 -56.91
N LYS Q 148 82.92 13.35 -56.87
CA LYS Q 148 81.47 13.47 -56.85
C LYS Q 148 80.86 12.91 -58.12
N THR Q 149 81.49 13.14 -59.26
CA THR Q 149 80.92 12.68 -60.53
C THR Q 149 81.06 11.17 -60.69
N LEU Q 150 82.11 10.58 -60.12
CA LEU Q 150 82.47 9.20 -60.42
C LEU Q 150 82.08 8.20 -59.35
N ILE Q 151 81.89 8.62 -58.11
CA ILE Q 151 81.68 7.66 -57.02
C ILE Q 151 80.43 8.02 -56.23
N PHE Q 152 80.39 9.24 -55.68
CA PHE Q 152 79.43 9.60 -54.66
C PHE Q 152 78.09 10.05 -55.21
N ASN Q 153 77.95 10.13 -56.53
CA ASN Q 153 76.64 10.32 -57.13
C ASN Q 153 76.05 9.01 -57.65
N LYS Q 154 76.90 8.00 -57.89
CA LYS Q 154 76.44 6.68 -58.30
C LYS Q 154 76.26 5.73 -57.13
N ILE Q 155 76.79 6.07 -55.95
CA ILE Q 155 76.68 5.16 -54.81
C ILE Q 155 75.22 4.81 -54.53
N HIS Q 156 74.35 5.80 -54.49
CA HIS Q 156 72.96 5.55 -54.12
C HIS Q 156 72.26 4.66 -55.15
N HIS Q 157 72.50 4.93 -56.43
CA HIS Q 157 71.85 4.12 -57.46
C HIS Q 157 72.39 2.70 -57.47
N GLU Q 158 73.70 2.52 -57.27
CA GLU Q 158 74.26 1.19 -57.20
C GLU Q 158 73.69 0.43 -56.00
N LEU Q 159 73.57 1.11 -54.86
CA LEU Q 159 73.00 0.47 -53.69
C LEU Q 159 71.57 0.04 -53.94
N ASN Q 160 70.77 0.92 -54.56
CA ASN Q 160 69.38 0.56 -54.84
C ASN Q 160 69.31 -0.60 -55.83
N GLN Q 161 70.13 -0.58 -56.87
CA GLN Q 161 70.12 -1.67 -57.84
C GLN Q 161 70.49 -2.99 -57.18
N PHE Q 162 71.49 -2.98 -56.29
CA PHE Q 162 71.88 -4.21 -55.62
C PHE Q 162 70.79 -4.69 -54.66
N CYS Q 163 70.26 -3.80 -53.85
CA CYS Q 163 69.41 -4.16 -52.72
C CYS Q 163 67.94 -4.13 -53.05
N SER Q 164 67.57 -3.95 -54.32
CA SER Q 164 66.22 -4.25 -54.75
C SER Q 164 66.05 -5.72 -55.10
N ALA Q 165 67.13 -6.47 -55.28
CA ALA Q 165 67.07 -7.88 -55.59
C ALA Q 165 67.25 -8.76 -54.36
N HIS Q 166 67.37 -8.18 -53.18
CA HIS Q 166 67.60 -8.92 -51.95
C HIS Q 166 66.55 -8.52 -50.93
N THR Q 167 66.13 -9.49 -50.11
CA THR Q 167 65.13 -9.22 -49.10
C THR Q 167 65.72 -8.41 -47.95
N LEU Q 168 64.86 -8.02 -47.02
CA LEU Q 168 65.33 -7.26 -45.87
C LEU Q 168 66.28 -8.09 -45.01
N GLN Q 169 65.99 -9.38 -44.84
CA GLN Q 169 66.89 -10.24 -44.09
C GLN Q 169 68.28 -10.25 -44.71
N GLU Q 170 68.35 -10.45 -46.03
CA GLU Q 170 69.64 -10.58 -46.69
C GLU Q 170 70.46 -9.32 -46.52
N VAL Q 171 69.85 -8.16 -46.73
CA VAL Q 171 70.59 -6.90 -46.65
C VAL Q 171 70.97 -6.60 -45.21
N TYR Q 172 70.06 -6.82 -44.27
CA TYR Q 172 70.30 -6.41 -42.89
C TYR Q 172 71.30 -7.33 -42.19
N ILE Q 173 71.22 -8.64 -42.43
CA ILE Q 173 72.01 -9.60 -41.66
C ILE Q 173 72.90 -10.44 -42.56
N GLU Q 174 72.29 -11.24 -43.44
CA GLU Q 174 73.04 -12.29 -44.13
C GLU Q 174 74.09 -11.72 -45.06
N LEU Q 175 73.71 -10.79 -45.93
CA LEU Q 175 74.61 -10.28 -46.96
C LEU Q 175 75.27 -8.97 -46.59
N PHE Q 176 75.19 -8.56 -45.31
CA PHE Q 176 75.88 -7.36 -44.89
C PHE Q 176 77.37 -7.45 -45.17
N ASP Q 177 77.96 -8.63 -45.05
CA ASP Q 177 79.38 -8.79 -45.34
C ASP Q 177 79.69 -8.67 -46.82
N GLN Q 178 78.67 -8.65 -47.69
CA GLN Q 178 78.87 -8.53 -49.11
C GLN Q 178 78.33 -7.23 -49.70
N ILE Q 179 77.60 -6.44 -48.93
CA ILE Q 179 77.10 -5.17 -49.45
C ILE Q 179 78.26 -4.30 -49.95
N ASP Q 180 79.26 -4.11 -49.09
CA ASP Q 180 80.39 -3.27 -49.46
C ASP Q 180 81.18 -3.87 -50.61
N GLU Q 181 81.35 -5.19 -50.61
CA GLU Q 181 82.11 -5.82 -51.68
C GLU Q 181 81.42 -5.61 -53.02
N ASN Q 182 80.11 -5.79 -53.07
CA ASN Q 182 79.38 -5.59 -54.33
C ASN Q 182 79.44 -4.13 -54.76
N LEU Q 183 79.29 -3.19 -53.81
CA LEU Q 183 79.39 -1.78 -54.17
C LEU Q 183 80.74 -1.46 -54.77
N LYS Q 184 81.81 -1.91 -54.11
CA LYS Q 184 83.15 -1.65 -54.61
C LYS Q 184 83.35 -2.28 -55.97
N GLN Q 185 82.88 -3.51 -56.17
CA GLN Q 185 83.04 -4.18 -57.45
C GLN Q 185 82.35 -3.40 -58.55
N ALA Q 186 81.11 -2.98 -58.32
CA ALA Q 186 80.37 -2.25 -59.35
C ALA Q 186 81.07 -0.93 -59.67
N LEU Q 187 81.42 -0.16 -58.65
CA LEU Q 187 82.04 1.14 -58.89
C LEU Q 187 83.36 0.99 -59.62
N GLN Q 188 84.19 0.04 -59.21
CA GLN Q 188 85.48 -0.14 -59.86
C GLN Q 188 85.32 -0.64 -61.29
N LYS Q 189 84.33 -1.50 -61.53
CA LYS Q 189 84.07 -1.95 -62.90
C LYS Q 189 83.70 -0.78 -63.79
N ASP Q 190 82.86 0.12 -63.29
CA ASP Q 190 82.53 1.31 -64.08
C ASP Q 190 83.76 2.17 -64.33
N LEU Q 191 84.55 2.41 -63.28
CA LEU Q 191 85.71 3.28 -63.43
C LEU Q 191 86.75 2.68 -64.36
N ASN Q 192 86.82 1.35 -64.46
CA ASN Q 192 87.78 0.72 -65.34
C ASN Q 192 87.69 1.29 -66.75
N LEU Q 193 86.47 1.40 -67.27
CA LEU Q 193 86.27 1.93 -68.62
C LEU Q 193 86.08 3.44 -68.65
N MET Q 194 85.53 4.04 -67.59
CA MET Q 194 85.29 5.48 -67.62
C MET Q 194 86.57 6.26 -67.31
N ALA Q 195 87.15 6.03 -66.13
CA ALA Q 195 88.24 6.85 -65.60
C ALA Q 195 89.39 5.95 -65.16
N PRO Q 196 90.15 5.40 -66.09
CA PRO Q 196 91.26 4.53 -65.71
C PRO Q 196 92.28 5.28 -64.86
N GLY Q 197 92.83 4.57 -63.86
CA GLY Q 197 93.82 5.15 -62.97
C GLY Q 197 93.30 5.31 -61.56
N LEU Q 198 92.05 5.75 -61.42
CA LEU Q 198 91.43 5.87 -60.12
C LEU Q 198 91.01 4.49 -59.63
N THR Q 199 91.35 4.16 -58.39
CA THR Q 199 91.03 2.86 -57.81
C THR Q 199 90.36 3.07 -56.46
N ILE Q 200 89.35 2.24 -56.20
CA ILE Q 200 88.64 2.27 -54.93
C ILE Q 200 89.30 1.24 -54.03
N GLN Q 201 90.16 1.71 -53.12
CA GLN Q 201 90.87 0.79 -52.24
C GLN Q 201 89.91 0.04 -51.34
N ALA Q 202 88.90 0.71 -50.80
CA ALA Q 202 87.97 0.02 -49.93
C ALA Q 202 86.67 0.79 -49.81
N VAL Q 203 85.63 0.09 -49.35
CA VAL Q 203 84.32 0.67 -49.12
C VAL Q 203 83.79 0.13 -47.79
N ARG Q 204 83.14 1.00 -47.02
CA ARG Q 204 82.56 0.64 -45.74
C ARG Q 204 81.11 1.08 -45.71
N VAL Q 205 80.29 0.32 -45.00
CA VAL Q 205 78.85 0.57 -44.92
C VAL Q 205 78.42 0.40 -43.47
N THR Q 206 77.65 1.34 -42.94
CA THR Q 206 77.09 1.16 -41.62
C THR Q 206 75.85 0.28 -41.70
N LYS Q 207 75.36 -0.12 -40.53
CA LYS Q 207 74.22 -1.03 -40.50
C LYS Q 207 72.93 -0.28 -40.81
N PRO Q 208 72.14 -0.73 -41.79
CA PRO Q 208 70.96 0.04 -42.18
C PRO Q 208 69.95 0.16 -41.05
N LYS Q 209 69.23 1.28 -41.04
CA LYS Q 209 68.14 1.47 -40.12
C LYS Q 209 66.91 0.69 -40.57
N ILE Q 210 66.13 0.21 -39.60
CA ILE Q 210 64.99 -0.64 -39.87
C ILE Q 210 63.74 0.03 -39.32
N PRO Q 211 62.56 -0.17 -39.92
CA PRO Q 211 61.34 0.42 -39.35
C PRO Q 211 61.11 -0.08 -37.92
N GLU Q 212 60.50 0.78 -37.11
CA GLU Q 212 60.27 0.44 -35.72
C GLU Q 212 59.45 -0.83 -35.57
N ALA Q 213 58.52 -1.07 -36.50
CA ALA Q 213 57.70 -2.28 -36.41
C ALA Q 213 58.55 -3.54 -36.53
N ILE Q 214 59.41 -3.59 -37.55
CA ILE Q 214 60.29 -4.74 -37.72
C ILE Q 214 61.33 -4.79 -36.61
N ARG Q 215 61.85 -3.62 -36.20
CA ARG Q 215 62.88 -3.60 -35.18
C ARG Q 215 62.37 -4.18 -33.86
N ARG Q 216 61.14 -3.85 -33.49
CA ARG Q 216 60.57 -4.41 -32.26
C ARG Q 216 60.47 -5.92 -32.34
N ASN Q 217 60.01 -6.44 -33.49
CA ASN Q 217 59.85 -7.89 -33.63
C ASN Q 217 61.18 -8.61 -33.50
N PHE Q 218 62.27 -8.00 -33.96
CA PHE Q 218 63.58 -8.63 -33.81
C PHE Q 218 63.96 -8.75 -32.34
N GLU Q 219 63.65 -7.73 -31.54
CA GLU Q 219 63.87 -7.84 -30.10
C GLU Q 219 63.01 -8.93 -29.50
N LEU Q 220 61.74 -9.02 -29.93
CA LEU Q 220 60.86 -10.07 -29.42
C LEU Q 220 61.44 -11.45 -29.72
N MET Q 221 62.09 -11.61 -30.87
CA MET Q 221 62.73 -12.88 -31.17
C MET Q 221 63.84 -13.18 -30.19
N GLU Q 222 64.62 -12.16 -29.80
CA GLU Q 222 65.71 -12.36 -28.87
C GLU Q 222 65.22 -12.60 -27.44
N ALA Q 223 64.10 -11.96 -27.07
CA ALA Q 223 63.53 -12.25 -25.76
C ALA Q 223 63.12 -13.71 -25.65
N GLU Q 224 62.54 -14.26 -26.72
CA GLU Q 224 62.16 -15.66 -26.71
C GLU Q 224 63.38 -16.58 -26.62
N LYS Q 225 64.55 -16.11 -27.04
CA LYS Q 225 65.75 -16.91 -26.91
C LYS Q 225 66.19 -17.02 -25.47
N THR Q 226 65.99 -15.95 -24.69
CA THR Q 226 66.32 -15.98 -23.27
C THR Q 226 65.18 -16.53 -22.42
N LYS Q 227 63.94 -16.42 -22.89
CA LYS Q 227 62.84 -17.09 -22.19
C LYS Q 227 63.03 -18.60 -22.19
N LEU Q 228 63.77 -19.12 -23.18
CA LEU Q 228 64.10 -20.54 -23.17
C LEU Q 228 65.16 -20.86 -22.13
N LEU Q 229 66.04 -19.90 -21.82
CA LEU Q 229 67.02 -20.10 -20.75
C LEU Q 229 66.39 -19.95 -19.38
N ILE Q 230 65.42 -19.05 -19.22
CA ILE Q 230 64.72 -18.93 -17.94
C ILE Q 230 63.96 -20.20 -17.64
N ALA Q 231 63.32 -20.78 -18.66
CA ALA Q 231 62.55 -22.00 -18.47
C ALA Q 231 63.43 -23.18 -18.07
N ALA Q 232 64.65 -23.27 -18.61
CA ALA Q 232 65.53 -24.37 -18.27
C ALA Q 232 65.94 -24.37 -16.79
N GLN Q 233 65.81 -23.23 -16.11
CA GLN Q 233 66.08 -23.13 -14.68
C GLN Q 233 64.82 -23.22 -13.84
N LYS Q 234 63.73 -22.60 -14.31
CA LYS Q 234 62.45 -22.79 -13.66
C LYS Q 234 62.06 -24.26 -13.64
N GLN Q 235 62.53 -25.03 -14.62
CA GLN Q 235 62.30 -26.47 -14.62
C GLN Q 235 62.92 -27.12 -13.40
N LYS Q 236 64.18 -26.80 -13.12
CA LYS Q 236 64.85 -27.37 -11.95
C LYS Q 236 64.19 -26.90 -10.67
N VAL Q 237 63.77 -25.63 -10.63
CA VAL Q 237 63.09 -25.13 -9.43
C VAL Q 237 61.80 -25.89 -9.19
N VAL Q 238 61.02 -26.09 -10.25
CA VAL Q 238 59.76 -26.83 -10.12
C VAL Q 238 60.03 -28.27 -9.69
N GLU Q 239 61.07 -28.89 -10.25
CA GLU Q 239 61.40 -30.24 -9.85
C GLU Q 239 61.75 -30.32 -8.37
N LYS Q 240 62.54 -29.37 -7.88
CA LYS Q 240 62.90 -29.37 -6.47
C LYS Q 240 61.68 -29.16 -5.59
N GLU Q 241 60.79 -28.25 -5.97
CA GLU Q 241 59.59 -28.02 -5.18
C GLU Q 241 58.70 -29.27 -5.15
N ALA Q 242 58.57 -29.94 -6.30
CA ALA Q 242 57.77 -31.16 -6.35
C ALA Q 242 58.41 -32.26 -5.50
N GLU Q 243 59.74 -32.35 -5.51
CA GLU Q 243 60.40 -33.33 -4.66
C GLU Q 243 60.17 -33.02 -3.19
N THR Q 244 60.22 -31.75 -2.81
CA THR Q 244 59.93 -31.38 -1.43
C THR Q 244 58.51 -31.78 -1.04
N GLU Q 245 57.54 -31.52 -1.92
CA GLU Q 245 56.17 -31.91 -1.63
C GLU Q 245 56.05 -33.42 -1.49
N ARG Q 246 56.74 -34.16 -2.36
CA ARG Q 246 56.71 -35.62 -2.27
C ARG Q 246 57.28 -36.10 -0.94
N LYS Q 247 58.39 -35.51 -0.50
CA LYS Q 247 58.99 -35.91 0.77
C LYS Q 247 58.07 -35.60 1.92
N LYS Q 248 57.41 -34.44 1.90
CA LYS Q 248 56.47 -34.10 2.97
C LYS Q 248 55.31 -35.10 2.98
N ALA Q 249 54.79 -35.45 1.81
CA ALA Q 249 53.68 -36.40 1.74
C ALA Q 249 54.11 -37.76 2.26
N VAL Q 250 55.32 -38.19 1.94
CA VAL Q 250 55.80 -39.48 2.42
C VAL Q 250 55.94 -39.46 3.93
N ILE Q 251 56.46 -38.37 4.49
CA ILE Q 251 56.58 -38.27 5.94
C ILE Q 251 55.19 -38.32 6.59
N GLU Q 252 54.22 -37.63 6.00
CA GLU Q 252 52.87 -37.68 6.55
C GLU Q 252 52.30 -39.09 6.48
N ALA Q 253 52.56 -39.80 5.38
CA ALA Q 253 52.08 -41.17 5.26
C ALA Q 253 52.70 -42.08 6.33
N GLU Q 254 53.99 -41.90 6.59
CA GLU Q 254 54.63 -42.68 7.65
C GLU Q 254 54.04 -42.34 9.01
N LYS Q 255 53.76 -41.05 9.25
CA LYS Q 255 53.09 -40.65 10.48
C LYS Q 255 51.75 -41.38 10.62
N ILE Q 256 50.97 -41.41 9.54
CA ILE Q 256 49.68 -42.08 9.58
C ILE Q 256 49.87 -43.56 9.89
N ALA Q 257 50.86 -44.19 9.27
CA ALA Q 257 51.08 -45.61 9.51
C ALA Q 257 51.43 -45.88 10.97
N GLN Q 258 52.30 -45.06 11.56
CA GLN Q 258 52.70 -45.28 12.95
C GLN Q 258 51.53 -45.02 13.90
N VAL Q 259 50.77 -43.96 13.66
CA VAL Q 259 49.60 -43.69 14.50
C VAL Q 259 48.61 -44.84 14.37
N ALA Q 260 48.47 -45.41 13.18
CA ALA Q 260 47.58 -46.55 13.00
C ALA Q 260 48.09 -47.76 13.79
N LYS Q 261 49.40 -47.97 13.80
CA LYS Q 261 49.96 -49.07 14.58
C LYS Q 261 49.61 -48.93 16.05
N ILE Q 262 49.79 -47.72 16.59
CA ILE Q 262 49.44 -47.50 18.00
C ILE Q 262 47.95 -47.71 18.22
N ARG Q 263 47.12 -47.18 17.31
CA ARG Q 263 45.68 -47.30 17.46
C ARG Q 263 45.25 -48.76 17.45
N PHE Q 264 45.90 -49.58 16.63
CA PHE Q 264 45.49 -50.98 16.53
C PHE Q 264 46.00 -51.81 17.69
N GLN Q 265 47.17 -51.47 18.25
CA GLN Q 265 47.53 -52.07 19.54
C GLN Q 265 46.47 -51.74 20.59
N GLN Q 266 46.01 -50.49 20.61
CA GLN Q 266 44.94 -50.11 21.52
C GLN Q 266 43.68 -50.92 21.25
N LYS Q 267 43.36 -51.15 19.98
CA LYS Q 267 42.16 -51.92 19.65
C LYS Q 267 42.28 -53.36 20.14
N VAL Q 268 43.46 -53.95 20.01
CA VAL Q 268 43.65 -55.32 20.49
C VAL Q 268 43.45 -55.38 22.00
N MET Q 269 44.05 -54.43 22.73
CA MET Q 269 43.84 -54.39 24.17
C MET Q 269 42.36 -54.18 24.50
N GLU Q 270 41.69 -53.33 23.72
CA GLU Q 270 40.27 -53.07 23.90
C GLU Q 270 39.47 -54.36 23.77
N LYS Q 271 39.75 -55.14 22.73
CA LYS Q 271 38.98 -56.36 22.51
C LYS Q 271 39.28 -57.42 23.57
N GLU Q 272 40.52 -57.48 24.05
CA GLU Q 272 40.82 -58.39 25.16
C GLU Q 272 40.00 -58.02 26.40
N THR Q 273 39.97 -56.74 26.74
CA THR Q 273 39.19 -56.33 27.89
C THR Q 273 37.70 -56.57 27.67
N GLU Q 274 37.23 -56.37 26.45
CA GLU Q 274 35.83 -56.65 26.15
C GLU Q 274 35.53 -58.13 26.27
N LYS Q 275 36.49 -59.00 25.93
CA LYS Q 275 36.31 -60.43 26.15
C LYS Q 275 36.17 -60.73 27.64
N ARG Q 276 37.01 -60.09 28.46
CA ARG Q 276 36.87 -60.28 29.90
C ARG Q 276 35.52 -59.81 30.41
N ILE Q 277 35.05 -58.66 29.91
CA ILE Q 277 33.75 -58.15 30.30
C ILE Q 277 32.65 -59.10 29.87
N SER Q 278 32.77 -59.67 28.67
CA SER Q 278 31.79 -60.63 28.19
C SER Q 278 31.80 -61.89 29.05
N GLU Q 279 32.96 -62.30 29.53
CA GLU Q 279 33.02 -63.44 30.44
C GLU Q 279 32.27 -63.14 31.73
N ILE Q 280 32.48 -61.96 32.30
CA ILE Q 280 31.77 -61.60 33.53
C ILE Q 280 30.27 -61.55 33.27
N GLU Q 281 29.87 -60.97 32.14
CA GLU Q 281 28.45 -60.89 31.81
C GLU Q 281 27.86 -62.28 31.56
N ASP Q 282 28.67 -63.20 31.04
CA ASP Q 282 28.23 -64.59 30.89
C ASP Q 282 27.96 -65.20 32.26
N ALA Q 283 28.87 -65.00 33.21
CA ALA Q 283 28.66 -65.51 34.55
C ALA Q 283 27.41 -64.93 35.17
N ALA Q 284 27.19 -63.62 34.98
CA ALA Q 284 25.99 -62.99 35.55
C ALA Q 284 24.72 -63.50 34.90
N PHE Q 285 24.73 -63.63 33.57
CA PHE Q 285 23.52 -64.04 32.85
C PHE Q 285 23.16 -65.48 33.16
N LEU Q 286 24.16 -66.34 33.35
CA LEU Q 286 23.88 -67.73 33.70
C LEU Q 286 23.13 -67.82 35.02
N ALA Q 287 23.56 -67.03 36.02
CA ALA Q 287 22.88 -67.06 37.31
C ALA Q 287 21.49 -66.46 37.22
N ARG Q 288 21.33 -65.39 36.43
CA ARG Q 288 20.02 -64.75 36.33
C ARG Q 288 18.99 -65.68 35.70
N GLU Q 289 19.38 -66.40 34.65
CA GLU Q 289 18.44 -67.34 34.03
C GLU Q 289 18.14 -68.52 34.94
N LYS Q 290 19.11 -68.90 35.78
CA LYS Q 290 18.84 -69.94 36.78
C LYS Q 290 17.79 -69.48 37.77
N ALA Q 291 17.92 -68.24 38.27
CA ALA Q 291 16.94 -67.72 39.21
C ALA Q 291 15.55 -67.67 38.58
N LYS Q 292 15.47 -67.27 37.31
CA LYS Q 292 14.19 -67.25 36.63
C LYS Q 292 13.59 -68.65 36.53
N ALA Q 293 14.42 -69.64 36.19
CA ALA Q 293 13.92 -71.00 36.06
C ALA Q 293 13.38 -71.53 37.38
N ASP Q 294 14.09 -71.28 38.48
CA ASP Q 294 13.62 -71.74 39.78
C ASP Q 294 12.31 -71.06 40.16
N ALA Q 295 12.19 -69.76 39.86
CA ALA Q 295 10.95 -69.05 40.17
C ALA Q 295 9.77 -69.64 39.40
N GLU Q 296 9.97 -69.91 38.11
CA GLU Q 296 8.92 -70.54 37.32
C GLU Q 296 8.63 -71.94 37.86
N TYR Q 297 9.68 -72.69 38.21
CA TYR Q 297 9.49 -74.02 38.78
C TYR Q 297 8.60 -73.96 40.01
N TYR Q 298 8.90 -73.07 40.96
CA TYR Q 298 8.09 -72.96 42.15
C TYR Q 298 6.68 -72.54 41.82
N ALA Q 299 6.52 -71.55 40.92
CA ALA Q 299 5.18 -71.08 40.57
C ALA Q 299 4.34 -72.19 39.94
N ALA Q 300 4.95 -73.01 39.09
CA ALA Q 300 4.21 -74.08 38.45
C ALA Q 300 3.79 -75.15 39.45
N HIS Q 301 4.70 -75.53 40.36
CA HIS Q 301 4.36 -76.53 41.36
C HIS Q 301 3.18 -76.08 42.21
N LYS Q 302 3.24 -74.85 42.73
CA LYS Q 302 2.11 -74.33 43.50
C LYS Q 302 0.86 -74.25 42.64
N TYR Q 303 1.00 -73.78 41.40
CA TYR Q 303 -0.12 -73.76 40.48
C TYR Q 303 -0.59 -75.17 40.14
N ALA Q 304 0.32 -76.15 40.23
CA ALA Q 304 -0.07 -77.53 39.97
C ALA Q 304 -0.91 -78.10 41.10
N THR Q 305 -0.49 -77.86 42.35
CA THR Q 305 -1.25 -78.36 43.49
C THR Q 305 -2.53 -77.57 43.70
N SER Q 306 -2.62 -76.35 43.18
CA SER Q 306 -3.86 -75.59 43.27
C SER Q 306 -4.90 -76.12 42.30
N ASN Q 307 -4.49 -76.48 41.08
CA ASN Q 307 -5.44 -76.95 40.09
C ASN Q 307 -6.16 -78.21 40.52
N LYS Q 308 -5.57 -78.99 41.45
CA LYS Q 308 -6.21 -80.22 41.88
C LYS Q 308 -7.57 -79.95 42.48
N HIS Q 309 -7.68 -78.93 43.33
CA HIS Q 309 -8.96 -78.59 43.94
C HIS Q 309 -9.86 -77.85 42.96
N LYS Q 310 -9.29 -76.97 42.15
CA LYS Q 310 -10.10 -76.09 41.32
C LYS Q 310 -10.72 -76.82 40.13
N LEU Q 311 -9.94 -77.68 39.47
CA LEU Q 311 -10.35 -78.27 38.20
C LEU Q 311 -11.30 -79.45 38.43
N THR Q 312 -12.44 -79.14 39.04
CA THR Q 312 -13.49 -80.13 39.21
C THR Q 312 -14.32 -80.25 37.94
N PRO Q 313 -15.10 -81.32 37.81
CA PRO Q 313 -15.90 -81.48 36.58
C PRO Q 313 -16.86 -80.33 36.33
N GLU Q 314 -17.48 -79.79 37.39
CA GLU Q 314 -18.40 -78.67 37.19
C GLU Q 314 -17.66 -77.43 36.71
N TYR Q 315 -16.49 -77.15 37.27
CA TYR Q 315 -15.71 -76.01 36.81
C TYR Q 315 -15.29 -76.20 35.36
N LEU Q 316 -14.87 -77.41 35.00
CA LEU Q 316 -14.49 -77.66 33.61
C LEU Q 316 -15.68 -77.51 32.68
N GLU Q 317 -16.86 -77.94 33.10
CA GLU Q 317 -18.05 -77.75 32.27
C GLU Q 317 -18.39 -76.27 32.11
N LEU Q 318 -18.25 -75.50 33.19
CA LEU Q 318 -18.49 -74.06 33.09
C LEU Q 318 -17.52 -73.42 32.10
N LYS Q 319 -16.24 -73.77 32.19
CA LYS Q 319 -15.27 -73.23 31.25
C LYS Q 319 -15.55 -73.70 29.83
N LYS Q 320 -16.05 -74.93 29.66
CA LYS Q 320 -16.45 -75.39 28.34
C LYS Q 320 -17.56 -74.53 27.77
N TYR Q 321 -18.57 -74.24 28.59
CA TYR Q 321 -19.65 -73.35 28.14
C TYR Q 321 -19.08 -72.02 27.71
N GLN Q 322 -18.25 -71.41 28.55
CA GLN Q 322 -17.73 -70.08 28.24
C GLN Q 322 -16.91 -70.10 26.96
N ALA Q 323 -16.06 -71.11 26.79
CA ALA Q 323 -15.18 -71.16 25.63
C ALA Q 323 -15.95 -71.44 24.35
N ILE Q 324 -16.95 -72.33 24.42
CA ILE Q 324 -17.69 -72.68 23.21
C ILE Q 324 -18.56 -71.52 22.78
N ALA Q 325 -19.17 -70.80 23.73
CA ALA Q 325 -20.11 -69.74 23.40
C ALA Q 325 -19.46 -68.35 23.39
N SER Q 326 -18.15 -68.26 23.61
CA SER Q 326 -17.50 -66.96 23.72
C SER Q 326 -17.74 -66.08 22.49
N ASN Q 327 -17.24 -66.50 21.33
CA ASN Q 327 -17.31 -65.73 20.10
C ASN Q 327 -17.87 -66.64 19.04
N SER Q 328 -19.20 -66.70 18.94
CA SER Q 328 -19.87 -67.64 18.06
C SER Q 328 -21.10 -66.99 17.45
N LYS Q 329 -21.60 -67.61 16.39
CA LYS Q 329 -22.84 -67.21 15.74
C LYS Q 329 -23.70 -68.45 15.58
N ILE Q 330 -24.94 -68.38 16.05
CA ILE Q 330 -25.82 -69.54 16.10
C ILE Q 330 -26.84 -69.45 14.98
N TYR Q 331 -27.05 -70.57 14.29
CA TYR Q 331 -28.05 -70.69 13.23
C TYR Q 331 -29.04 -71.81 13.56
N PHE Q 332 -29.45 -71.90 14.82
CA PHE Q 332 -30.30 -73.00 15.25
C PHE Q 332 -31.65 -72.90 14.56
N GLY Q 333 -32.50 -73.89 14.78
CA GLY Q 333 -33.82 -73.93 14.18
C GLY Q 333 -34.17 -75.33 13.69
N SER Q 334 -35.46 -75.64 13.72
CA SER Q 334 -35.91 -76.97 13.34
C SER Q 334 -35.85 -77.21 11.84
N ASN Q 335 -35.81 -76.15 11.03
CA ASN Q 335 -35.80 -76.28 9.57
C ASN Q 335 -34.73 -75.33 9.03
N ILE Q 336 -33.49 -75.80 8.97
CA ILE Q 336 -32.37 -74.99 8.52
C ILE Q 336 -32.24 -75.11 7.00
N PRO Q 337 -32.11 -74.01 6.26
CA PRO Q 337 -31.91 -74.11 4.81
C PRO Q 337 -30.63 -74.87 4.48
N ASN Q 338 -30.52 -75.24 3.21
CA ASN Q 338 -29.39 -76.02 2.70
C ASN Q 338 -28.48 -75.19 1.79
N MET Q 339 -28.23 -73.93 2.14
CA MET Q 339 -27.33 -73.07 1.39
C MET Q 339 -26.80 -72.00 2.31
N PHE Q 340 -25.67 -71.41 1.93
CA PHE Q 340 -25.00 -70.48 2.83
C PHE Q 340 -23.94 -69.70 2.05
N VAL Q 341 -23.60 -68.52 2.58
CA VAL Q 341 -22.55 -67.67 2.02
C VAL Q 341 -21.78 -67.07 3.18
N ASP Q 342 -20.50 -66.76 2.94
CA ASP Q 342 -19.67 -66.13 3.95
C ASP Q 342 -18.86 -64.98 3.36
N SER R 18 114.68 32.74 -34.66
CA SER R 18 115.61 31.96 -35.48
C SER R 18 116.11 30.74 -34.72
N LEU R 19 117.00 30.97 -33.75
CA LEU R 19 117.53 29.87 -32.95
C LEU R 19 116.42 29.21 -32.15
N PHE R 20 115.51 30.01 -31.59
CA PHE R 20 114.38 29.44 -30.87
C PHE R 20 113.53 28.56 -31.78
N SER R 21 113.47 28.90 -33.07
CA SER R 21 112.70 28.09 -34.01
C SER R 21 113.44 26.82 -34.40
N ALA R 22 114.77 26.89 -34.52
CA ALA R 22 115.56 25.76 -34.99
C ALA R 22 116.11 24.90 -33.86
N VAL R 23 115.80 25.21 -32.61
CA VAL R 23 116.30 24.45 -31.47
C VAL R 23 115.25 23.45 -30.96
N HIS R 24 114.33 23.03 -31.82
CA HIS R 24 113.32 22.04 -31.45
C HIS R 24 113.95 20.80 -30.83
N LYS R 25 113.18 20.06 -30.05
CA LYS R 25 113.62 18.81 -29.44
C LYS R 25 112.57 17.73 -29.65
N ILE R 26 113.03 16.48 -29.71
CA ILE R 26 112.16 15.34 -29.97
C ILE R 26 112.18 14.44 -28.73
N GLU R 27 111.00 14.07 -28.25
CA GLU R 27 110.90 13.25 -27.06
C GLU R 27 111.44 11.85 -27.33
N GLU R 28 111.74 11.13 -26.25
CA GLU R 28 112.20 9.75 -26.37
C GLU R 28 111.07 8.87 -26.88
N GLY R 29 111.43 7.88 -27.69
CA GLY R 29 110.45 6.99 -28.27
C GLY R 29 109.70 7.57 -29.46
N HIS R 30 110.12 8.71 -29.96
CA HIS R 30 109.52 9.34 -31.13
C HIS R 30 110.55 9.42 -32.25
N ILE R 31 110.15 10.01 -33.37
CA ILE R 31 111.06 10.26 -34.48
C ILE R 31 110.56 11.47 -35.24
N GLY R 32 111.50 12.29 -35.72
CA GLY R 32 111.14 13.54 -36.38
C GLY R 32 110.99 13.38 -37.87
N VAL R 33 109.91 13.95 -38.40
CA VAL R 33 109.67 14.01 -39.83
C VAL R 33 109.47 15.48 -40.21
N TYR R 34 110.14 15.92 -41.27
CA TYR R 34 110.23 17.33 -41.59
C TYR R 34 109.53 17.63 -42.92
N TYR R 35 108.97 18.83 -43.01
CA TYR R 35 108.35 19.36 -44.22
C TYR R 35 109.06 20.64 -44.60
N ARG R 36 109.65 20.68 -45.80
CA ARG R 36 110.30 21.90 -46.27
C ARG R 36 109.28 22.85 -46.87
N GLY R 37 108.61 22.45 -47.95
CA GLY R 37 107.56 23.23 -48.56
C GLY R 37 106.33 22.36 -48.76
N GLY R 38 106.06 21.51 -47.78
CA GLY R 38 105.05 20.48 -47.89
C GLY R 38 105.61 19.13 -48.30
N ALA R 39 106.76 19.12 -48.98
CA ALA R 39 107.42 17.87 -49.30
C ALA R 39 108.07 17.27 -48.06
N LEU R 40 108.03 15.95 -47.97
CA LEU R 40 108.56 15.23 -46.83
C LEU R 40 110.04 15.00 -47.06
N LEU R 41 110.89 15.65 -46.26
CA LEU R 41 112.32 15.43 -46.36
C LEU R 41 112.64 13.96 -46.10
N THR R 42 113.61 13.44 -46.84
CA THR R 42 113.98 12.03 -46.72
C THR R 42 114.91 11.80 -45.54
N SER R 43 115.04 12.78 -44.66
CA SER R 43 115.88 12.67 -43.47
C SER R 43 115.01 12.72 -42.22
N THR R 44 115.20 11.75 -41.34
CA THR R 44 114.47 11.66 -40.08
C THR R 44 115.45 11.74 -38.92
N SER R 45 115.02 12.37 -37.83
CA SER R 45 115.87 12.62 -36.67
C SER R 45 115.37 11.82 -35.47
N GLY R 46 116.31 11.22 -34.74
CA GLY R 46 115.97 10.50 -33.54
C GLY R 46 115.77 11.42 -32.36
N PRO R 47 115.52 10.82 -31.20
CA PRO R 47 115.31 11.63 -30.00
C PRO R 47 116.54 12.45 -29.63
N GLY R 48 116.31 13.61 -29.04
CA GLY R 48 117.35 14.50 -28.60
C GLY R 48 117.23 15.86 -29.26
N PHE R 49 118.22 16.71 -28.99
CA PHE R 49 118.27 18.02 -29.61
C PHE R 49 118.65 17.89 -31.08
N HIS R 50 118.03 18.72 -31.92
CA HIS R 50 118.28 18.68 -33.35
C HIS R 50 118.06 20.07 -33.93
N LEU R 51 118.63 20.28 -35.12
CA LEU R 51 118.56 21.56 -35.81
C LEU R 51 117.86 21.40 -37.15
N MET R 52 117.24 22.48 -37.61
CA MET R 52 116.60 22.53 -38.91
C MET R 52 116.65 23.97 -39.40
N LEU R 53 116.09 24.21 -40.58
CA LEU R 53 116.02 25.56 -41.09
C LEU R 53 115.08 26.40 -40.22
N PRO R 54 115.30 27.71 -40.15
CA PRO R 54 114.61 28.50 -39.11
C PRO R 54 113.11 28.53 -39.25
N PHE R 55 112.58 28.90 -40.42
CA PHE R 55 111.15 29.13 -40.58
C PHE R 55 110.50 28.25 -41.64
N ILE R 56 111.17 28.02 -42.76
CA ILE R 56 110.54 27.30 -43.86
C ILE R 56 110.23 25.87 -43.47
N THR R 57 111.14 25.23 -42.74
CA THR R 57 111.00 23.82 -42.38
C THR R 57 110.18 23.68 -41.11
N SER R 58 109.30 22.69 -41.09
CA SER R 58 108.48 22.37 -39.93
C SER R 58 108.69 20.91 -39.56
N TYR R 59 108.60 20.60 -38.27
CA TYR R 59 108.85 19.27 -37.76
C TYR R 59 107.60 18.70 -37.10
N LYS R 60 107.46 17.37 -37.20
CA LYS R 60 106.42 16.63 -36.50
C LYS R 60 107.02 15.39 -35.89
N SER R 61 106.59 15.06 -34.68
CA SER R 61 107.12 13.92 -33.93
C SER R 61 106.14 12.76 -34.05
N VAL R 62 106.52 11.75 -34.83
CA VAL R 62 105.73 10.54 -34.99
C VAL R 62 106.19 9.54 -33.95
N GLN R 63 105.25 9.03 -33.15
CA GLN R 63 105.58 8.14 -32.06
C GLN R 63 105.85 6.73 -32.59
N THR R 64 107.00 6.17 -32.22
CA THR R 64 107.39 4.84 -32.64
C THR R 64 107.33 3.82 -31.51
N THR R 65 106.75 4.19 -30.37
CA THR R 65 106.60 3.29 -29.23
C THR R 65 105.14 2.87 -29.10
N LEU R 66 104.92 1.90 -28.22
CA LEU R 66 103.56 1.40 -27.99
C LEU R 66 102.65 2.54 -27.57
N GLN R 67 101.50 2.65 -28.22
CA GLN R 67 100.55 3.71 -27.93
C GLN R 67 99.13 3.16 -28.02
N THR R 68 98.23 3.73 -27.22
CA THR R 68 96.86 3.27 -27.09
C THR R 68 95.89 4.35 -27.54
N ASP R 69 94.79 3.92 -28.17
CA ASP R 69 93.71 4.85 -28.47
C ASP R 69 92.44 4.05 -28.71
N GLU R 70 91.30 4.67 -28.44
CA GLU R 70 90.03 3.96 -28.36
C GLU R 70 88.97 4.64 -29.21
N VAL R 71 87.95 3.85 -29.56
CA VAL R 71 86.73 4.33 -30.18
C VAL R 71 85.57 3.94 -29.29
N LYS R 72 84.67 4.89 -29.03
CA LYS R 72 83.66 4.75 -27.99
C LYS R 72 82.28 4.56 -28.61
N ASN R 73 81.44 3.81 -27.88
CA ASN R 73 80.02 3.67 -28.20
C ASN R 73 79.82 3.22 -29.65
N VAL R 74 80.47 2.12 -30.01
CA VAL R 74 80.43 1.59 -31.36
C VAL R 74 79.32 0.54 -31.43
N PRO R 75 78.31 0.71 -32.28
CA PRO R 75 77.28 -0.31 -32.41
C PRO R 75 77.76 -1.53 -33.19
N CYS R 76 77.07 -2.64 -32.97
CA CYS R 76 77.26 -3.84 -33.78
C CYS R 76 75.96 -4.61 -33.79
N GLY R 77 75.54 -5.08 -34.97
CA GLY R 77 74.30 -5.79 -35.13
C GLY R 77 74.52 -7.28 -35.16
N THR R 78 73.87 -8.00 -34.26
CA THR R 78 74.02 -9.43 -34.16
C THR R 78 73.16 -10.13 -35.21
N SER R 79 73.44 -11.41 -35.42
CA SER R 79 72.69 -12.18 -36.41
C SER R 79 71.21 -12.28 -36.05
N GLY R 80 70.86 -12.02 -34.80
CA GLY R 80 69.48 -12.01 -34.38
C GLY R 80 68.71 -10.76 -34.69
N GLY R 81 69.38 -9.74 -35.24
CA GLY R 81 68.72 -8.50 -35.59
C GLY R 81 68.73 -7.44 -34.51
N VAL R 82 69.36 -7.68 -33.37
CA VAL R 82 69.43 -6.70 -32.30
C VAL R 82 70.80 -6.05 -32.33
N MET R 83 70.83 -4.77 -31.97
CA MET R 83 72.06 -3.99 -31.95
C MET R 83 72.57 -3.87 -30.52
N ILE R 84 73.85 -4.16 -30.33
CA ILE R 84 74.52 -4.04 -29.04
C ILE R 84 75.66 -3.05 -29.21
N TYR R 85 75.78 -2.10 -28.27
CA TYR R 85 76.72 -1.01 -28.38
C TYR R 85 77.89 -1.26 -27.44
N PHE R 86 79.06 -1.53 -28.01
CA PHE R 86 80.27 -1.66 -27.21
C PHE R 86 80.67 -0.28 -26.71
N ASP R 87 80.79 -0.14 -25.39
CA ASP R 87 81.10 1.17 -24.82
C ASP R 87 82.46 1.67 -25.29
N ARG R 88 83.46 0.80 -25.33
CA ARG R 88 84.80 1.20 -25.72
C ARG R 88 85.53 0.04 -26.37
N ILE R 89 86.26 0.35 -27.44
CA ILE R 89 87.17 -0.59 -28.07
C ILE R 89 88.51 0.10 -28.22
N GLU R 90 89.53 -0.40 -27.54
CA GLU R 90 90.85 0.21 -27.53
C GLU R 90 91.81 -0.63 -28.36
N VAL R 91 92.73 0.04 -29.03
CA VAL R 91 93.79 -0.60 -29.80
C VAL R 91 95.12 -0.04 -29.33
N VAL R 92 96.07 -0.92 -29.06
CA VAL R 92 97.44 -0.54 -28.74
C VAL R 92 98.34 -1.05 -29.85
N ASN R 93 99.14 -0.16 -30.40
CA ASN R 93 99.92 -0.46 -31.60
C ASN R 93 101.23 0.31 -31.55
N PHE R 94 102.15 -0.07 -32.43
CA PHE R 94 103.45 0.58 -32.52
C PHE R 94 103.95 0.55 -33.95
N LEU R 95 105.04 1.29 -34.18
CA LEU R 95 105.64 1.44 -35.50
C LEU R 95 107.09 1.00 -35.46
N VAL R 96 107.51 0.26 -36.48
CA VAL R 96 108.94 -0.04 -36.59
C VAL R 96 109.71 1.25 -36.83
N PRO R 97 110.88 1.45 -36.22
CA PRO R 97 111.55 2.75 -36.39
C PRO R 97 111.84 3.11 -37.84
N ASN R 98 112.22 2.13 -38.67
CA ASN R 98 112.62 2.45 -40.03
C ASN R 98 111.44 2.77 -40.93
N ALA R 99 110.33 2.05 -40.77
CA ALA R 99 109.19 2.21 -41.67
C ALA R 99 108.40 3.49 -41.42
N VAL R 100 108.81 4.31 -40.44
CA VAL R 100 108.07 5.53 -40.16
C VAL R 100 108.07 6.46 -41.36
N TYR R 101 109.20 6.55 -42.07
CA TYR R 101 109.28 7.44 -43.21
C TYR R 101 108.28 7.05 -44.28
N ASP R 102 108.25 5.77 -44.66
CA ASP R 102 107.30 5.32 -45.67
C ASP R 102 105.87 5.46 -45.20
N ILE R 103 105.61 5.20 -43.91
CA ILE R 103 104.25 5.33 -43.40
C ILE R 103 103.79 6.77 -43.52
N VAL R 104 104.63 7.72 -43.10
CA VAL R 104 104.23 9.13 -43.16
C VAL R 104 104.15 9.61 -44.60
N LYS R 105 104.96 9.03 -45.49
CA LYS R 105 104.87 9.39 -46.90
C LYS R 105 103.53 8.95 -47.48
N ASN R 106 103.16 7.69 -47.29
CA ASN R 106 101.91 7.18 -47.84
C ASN R 106 100.70 7.85 -47.20
N TYR R 107 100.74 8.06 -45.88
CA TYR R 107 99.63 8.63 -45.15
C TYR R 107 100.14 9.71 -44.22
N THR R 108 99.25 10.63 -43.86
CA THR R 108 99.63 11.76 -43.03
C THR R 108 100.12 11.30 -41.67
N ALA R 109 100.58 12.23 -40.83
CA ALA R 109 101.05 11.85 -39.50
C ALA R 109 99.96 11.16 -38.70
N ASP R 110 98.70 11.56 -38.90
CA ASP R 110 97.57 10.93 -38.22
C ASP R 110 97.10 9.70 -39.01
N TYR R 111 98.07 8.81 -39.26
CA TYR R 111 97.79 7.59 -40.01
C TYR R 111 96.86 6.65 -39.27
N ASP R 112 96.80 6.73 -37.94
CA ASP R 112 96.01 5.78 -37.18
C ASP R 112 94.53 5.90 -37.52
N LYS R 113 94.02 7.12 -37.64
CA LYS R 113 92.60 7.29 -37.93
C LYS R 113 92.24 6.67 -39.27
N ALA R 114 93.09 6.87 -40.28
CA ALA R 114 92.81 6.33 -41.61
C ALA R 114 93.07 4.85 -41.72
N LEU R 115 93.89 4.27 -40.83
CA LEU R 115 94.28 2.87 -40.97
C LEU R 115 93.53 1.93 -40.05
N ILE R 116 93.16 2.35 -38.84
CA ILE R 116 92.62 1.44 -37.83
C ILE R 116 91.25 1.90 -37.37
N PHE R 117 91.19 3.08 -36.76
CA PHE R 117 90.00 3.52 -36.05
C PHE R 117 88.87 3.94 -36.96
N ASN R 118 89.14 4.13 -38.26
CA ASN R 118 88.05 4.39 -39.19
C ASN R 118 87.30 3.11 -39.54
N LYS R 119 88.00 1.98 -39.58
CA LYS R 119 87.39 0.70 -39.96
C LYS R 119 87.16 -0.23 -38.77
N ILE R 120 87.46 0.22 -37.54
CA ILE R 120 87.14 -0.60 -36.37
C ILE R 120 85.66 -0.96 -36.37
N HIS R 121 84.80 0.04 -36.60
CA HIS R 121 83.36 -0.21 -36.55
C HIS R 121 82.92 -1.16 -37.66
N HIS R 122 83.48 -1.02 -38.86
CA HIS R 122 83.11 -1.92 -39.94
C HIS R 122 83.55 -3.35 -39.64
N GLU R 123 84.76 -3.53 -39.13
CA GLU R 123 85.21 -4.88 -38.79
C GLU R 123 84.33 -5.48 -37.69
N LEU R 124 83.97 -4.66 -36.70
CA LEU R 124 83.11 -5.14 -35.63
C LEU R 124 81.76 -5.59 -36.18
N ASN R 125 81.17 -4.81 -37.09
CA ASN R 125 79.89 -5.20 -37.67
C ASN R 125 80.04 -6.47 -38.52
N GLN R 126 81.14 -6.58 -39.27
CA GLN R 126 81.41 -7.79 -40.03
C GLN R 126 81.39 -9.01 -39.11
N PHE R 127 82.08 -8.91 -37.97
CA PHE R 127 82.11 -10.03 -37.04
C PHE R 127 80.73 -10.29 -36.43
N CYS R 128 80.06 -9.23 -35.99
CA CYS R 128 78.82 -9.39 -35.24
C CYS R 128 77.71 -9.97 -36.11
N SER R 129 77.59 -9.53 -37.37
CA SER R 129 76.45 -9.89 -38.18
C SER R 129 76.32 -11.40 -38.38
N VAL R 130 77.41 -12.15 -38.18
CA VAL R 130 77.37 -13.60 -38.37
C VAL R 130 77.20 -14.36 -37.07
N HIS R 131 77.33 -13.69 -35.92
CA HIS R 131 77.22 -14.34 -34.61
C HIS R 131 75.98 -13.84 -33.88
N THR R 132 75.33 -14.74 -33.15
CA THR R 132 74.12 -14.39 -32.42
C THR R 132 74.47 -13.49 -31.22
N LEU R 133 73.42 -12.95 -30.59
CA LEU R 133 73.64 -12.08 -29.45
C LEU R 133 74.35 -12.82 -28.32
N GLN R 134 73.94 -14.05 -28.04
CA GLN R 134 74.59 -14.81 -26.99
C GLN R 134 76.07 -15.03 -27.31
N GLU R 135 76.38 -15.37 -28.56
CA GLU R 135 77.76 -15.68 -28.91
C GLU R 135 78.66 -14.47 -28.72
N VAL R 136 78.21 -13.29 -29.15
CA VAL R 136 79.02 -12.09 -29.00
C VAL R 136 79.10 -11.66 -27.54
N TYR R 137 77.97 -11.73 -26.82
CA TYR R 137 77.91 -11.18 -25.47
C TYR R 137 78.69 -12.05 -24.49
N ILE R 138 78.49 -13.36 -24.52
CA ILE R 138 79.01 -14.25 -23.49
C ILE R 138 79.89 -15.35 -24.06
N GLU R 139 79.31 -16.21 -24.89
CA GLU R 139 79.94 -17.50 -25.19
C GLU R 139 81.35 -17.33 -25.73
N LEU R 140 81.52 -16.49 -26.75
CA LEU R 140 82.85 -16.14 -27.25
C LEU R 140 82.98 -14.63 -27.21
N PHE R 141 83.34 -14.11 -26.04
CA PHE R 141 83.68 -12.72 -25.85
C PHE R 141 85.18 -12.48 -25.93
N ASP R 142 85.98 -13.43 -25.46
CA ASP R 142 87.43 -13.33 -25.57
C ASP R 142 87.91 -13.44 -27.01
N GLN R 143 87.05 -13.84 -27.94
CA GLN R 143 87.43 -13.96 -29.34
C GLN R 143 87.21 -12.68 -30.13
N ILE R 144 86.41 -11.74 -29.61
CA ILE R 144 86.13 -10.52 -30.36
C ILE R 144 87.41 -9.74 -30.60
N ASP R 145 88.21 -9.56 -29.54
CA ASP R 145 89.44 -8.78 -29.67
C ASP R 145 90.41 -9.45 -30.63
N GLU R 146 90.55 -10.78 -30.54
CA GLU R 146 91.46 -11.49 -31.43
C GLU R 146 91.00 -11.37 -32.88
N ASN R 147 89.70 -11.52 -33.13
CA ASN R 147 89.20 -11.40 -34.50
C ASN R 147 89.43 -10.00 -35.04
N LEU R 148 89.16 -8.97 -34.23
CA LEU R 148 89.40 -7.61 -34.69
C LEU R 148 90.87 -7.38 -34.99
N LYS R 149 91.75 -7.84 -34.10
CA LYS R 149 93.19 -7.65 -34.31
C LYS R 149 93.64 -8.34 -35.59
N LEU R 150 93.19 -9.57 -35.82
CA LEU R 150 93.59 -10.27 -37.04
C LEU R 150 93.05 -9.57 -38.28
N ALA R 151 91.79 -9.13 -38.23
CA ALA R 151 91.20 -8.46 -39.39
C ALA R 151 91.97 -7.19 -39.73
N LEU R 152 92.36 -6.42 -38.71
CA LEU R 152 93.11 -5.20 -38.98
C LEU R 152 94.53 -5.50 -39.45
N GLN R 153 95.20 -6.46 -38.82
CA GLN R 153 96.60 -6.71 -39.11
C GLN R 153 96.77 -7.34 -40.49
N GLN R 154 95.84 -8.20 -40.91
CA GLN R 154 95.95 -8.83 -42.22
C GLN R 154 95.93 -7.78 -43.32
N ASP R 155 95.10 -6.75 -43.16
CA ASP R 155 95.06 -5.68 -44.14
C ASP R 155 96.29 -4.79 -44.03
N LEU R 156 96.70 -4.44 -42.81
CA LEU R 156 97.81 -3.52 -42.62
C LEU R 156 99.11 -4.12 -43.14
N THR R 157 99.33 -5.42 -42.98
CA THR R 157 100.60 -6.01 -43.36
C THR R 157 100.94 -5.75 -44.83
N SER R 158 99.93 -5.53 -45.66
CA SER R 158 100.12 -5.24 -47.07
C SER R 158 99.88 -3.78 -47.41
N MET R 159 98.88 -3.13 -46.80
CA MET R 159 98.58 -1.75 -47.15
C MET R 159 99.57 -0.77 -46.54
N ALA R 160 100.25 -1.13 -45.46
CA ALA R 160 101.16 -0.23 -44.78
C ALA R 160 102.12 -1.02 -43.89
N PRO R 161 103.10 -1.72 -44.47
CA PRO R 161 104.00 -2.52 -43.65
C PRO R 161 104.79 -1.66 -42.67
N GLY R 162 105.07 -2.23 -41.50
CA GLY R 162 105.80 -1.56 -40.44
C GLY R 162 104.93 -1.10 -39.29
N LEU R 163 103.62 -1.08 -39.46
CA LEU R 163 102.68 -0.73 -38.39
C LEU R 163 102.11 -2.02 -37.82
N VAL R 164 102.27 -2.22 -36.52
CA VAL R 164 101.89 -3.47 -35.86
C VAL R 164 100.86 -3.17 -34.79
N ILE R 165 99.76 -3.92 -34.81
CA ILE R 165 98.73 -3.81 -33.79
C ILE R 165 99.08 -4.80 -32.69
N GLN R 166 99.69 -4.30 -31.61
CA GLN R 166 100.15 -5.19 -30.55
C GLN R 166 98.98 -5.87 -29.86
N ALA R 167 97.92 -5.12 -29.53
CA ALA R 167 96.82 -5.74 -28.82
C ALA R 167 95.54 -4.92 -28.99
N VAL R 168 94.42 -5.54 -28.67
CA VAL R 168 93.10 -4.92 -28.75
C VAL R 168 92.32 -5.30 -27.51
N ARG R 169 91.68 -4.31 -26.89
CA ARG R 169 90.83 -4.51 -25.72
C ARG R 169 89.41 -4.08 -26.08
N VAL R 170 88.43 -4.70 -25.42
CA VAL R 170 87.03 -4.44 -25.73
C VAL R 170 86.24 -4.49 -24.43
N THR R 171 85.30 -3.56 -24.27
CA THR R 171 84.37 -3.63 -23.15
C THR R 171 83.19 -4.52 -23.49
N LYS R 172 82.51 -4.99 -22.46
CA LYS R 172 81.33 -5.81 -22.67
C LYS R 172 80.21 -4.97 -23.29
N PRO R 173 79.52 -5.49 -24.31
CA PRO R 173 78.46 -4.70 -24.95
C PRO R 173 77.34 -4.38 -23.98
N ASN R 174 76.46 -3.49 -24.43
CA ASN R 174 75.29 -3.05 -23.65
C ASN R 174 74.04 -3.59 -24.33
N ILE R 175 73.58 -4.75 -23.87
CA ILE R 175 72.43 -5.42 -24.47
C ILE R 175 71.15 -4.66 -24.10
N PRO R 176 70.08 -4.79 -24.89
CA PRO R 176 68.87 -4.01 -24.63
C PRO R 176 68.34 -4.21 -23.22
N GLU R 177 67.41 -3.33 -22.83
CA GLU R 177 66.83 -3.40 -21.50
C GLU R 177 66.04 -4.67 -21.31
N ALA R 178 65.21 -5.03 -22.30
CA ALA R 178 64.35 -6.21 -22.15
C ALA R 178 65.18 -7.48 -22.02
N ILE R 179 66.26 -7.59 -22.80
CA ILE R 179 67.10 -8.78 -22.72
C ILE R 179 67.80 -8.85 -21.37
N ARG R 180 68.18 -7.69 -20.82
CA ARG R 180 68.87 -7.69 -19.53
C ARG R 180 68.00 -8.26 -18.43
N ARG R 181 66.71 -7.88 -18.41
CA ARG R 181 65.83 -8.37 -17.36
C ARG R 181 65.71 -9.88 -17.41
N ASN R 182 65.62 -10.45 -18.61
CA ASN R 182 65.55 -11.91 -18.72
C ASN R 182 66.81 -12.55 -18.17
N TYR R 183 67.98 -11.98 -18.46
CA TYR R 183 69.23 -12.54 -17.95
C TYR R 183 69.26 -12.48 -16.43
N GLU R 184 68.81 -11.37 -15.85
CA GLU R 184 68.74 -11.27 -14.40
C GLU R 184 67.73 -12.27 -13.84
N LEU R 185 66.58 -12.43 -14.50
CA LEU R 185 65.60 -13.42 -14.06
C LEU R 185 66.19 -14.82 -14.08
N MET R 186 66.96 -15.14 -15.12
CA MET R 186 67.58 -16.46 -15.20
C MET R 186 68.49 -16.69 -14.01
N GLU R 187 69.27 -15.68 -13.62
CA GLU R 187 70.16 -15.84 -12.47
C GLU R 187 69.37 -15.86 -11.16
N SER R 188 68.20 -15.21 -11.12
CA SER R 188 67.35 -15.30 -9.94
C SER R 188 66.85 -16.72 -9.75
N GLU R 189 66.52 -17.41 -10.84
CA GLU R 189 66.05 -18.78 -10.74
C GLU R 189 67.12 -19.69 -10.15
N LYS R 190 68.38 -19.48 -10.56
CA LYS R 190 69.46 -20.34 -10.06
C LYS R 190 69.58 -20.22 -8.55
N THR R 191 69.34 -19.02 -7.99
CA THR R 191 69.36 -18.86 -6.54
C THR R 191 68.09 -19.39 -5.90
N LYS R 192 66.95 -19.30 -6.59
CA LYS R 192 65.72 -19.84 -6.03
C LYS R 192 65.76 -21.35 -5.92
N LEU R 193 66.74 -22.00 -6.55
CA LEU R 193 66.93 -23.43 -6.36
C LEU R 193 67.59 -23.74 -5.03
N LEU R 194 68.45 -22.85 -4.54
CA LEU R 194 69.07 -23.04 -3.23
C LEU R 194 68.07 -22.79 -2.11
N ILE R 195 67.28 -21.72 -2.24
CA ILE R 195 66.22 -21.47 -1.28
C ILE R 195 65.28 -22.67 -1.20
N ALA R 196 64.97 -23.26 -2.36
CA ALA R 196 64.16 -24.47 -2.36
C ALA R 196 64.86 -25.62 -1.65
N ALA R 197 66.17 -25.77 -1.84
CA ALA R 197 66.89 -26.84 -1.15
C ALA R 197 66.82 -26.69 0.37
N GLN R 198 66.93 -25.46 0.88
CA GLN R 198 66.86 -25.28 2.32
C GLN R 198 65.42 -25.40 2.84
N LYS R 199 64.46 -24.87 2.09
CA LYS R 199 63.07 -25.01 2.48
C LYS R 199 62.65 -26.47 2.50
N GLN R 200 63.32 -27.31 1.70
CA GLN R 200 63.07 -28.74 1.77
C GLN R 200 63.36 -29.27 3.17
N LYS R 201 64.53 -28.92 3.71
CA LYS R 201 64.87 -29.37 5.06
C LYS R 201 63.93 -28.78 6.10
N VAL R 202 63.55 -27.51 5.93
CA VAL R 202 62.63 -26.90 6.88
C VAL R 202 61.30 -27.64 6.89
N VAL R 203 60.78 -27.94 5.70
CA VAL R 203 59.50 -28.64 5.61
C VAL R 203 59.61 -30.04 6.20
N GLU R 204 60.73 -30.72 5.94
CA GLU R 204 60.94 -32.04 6.52
C GLU R 204 60.92 -31.96 8.04
N LYS R 205 61.59 -30.97 8.62
CA LYS R 205 61.62 -30.85 10.07
C LYS R 205 60.24 -30.55 10.63
N GLU R 206 59.50 -29.67 9.98
CA GLU R 206 58.15 -29.37 10.47
C GLU R 206 57.24 -30.59 10.38
N ALA R 207 57.33 -31.34 9.29
CA ALA R 207 56.52 -32.56 9.18
C ALA R 207 56.90 -33.58 10.25
N GLU R 208 58.20 -33.72 10.53
CA GLU R 208 58.62 -34.64 11.58
C GLU R 208 58.10 -34.20 12.94
N THR R 209 58.10 -32.90 13.20
CA THR R 209 57.56 -32.40 14.46
C THR R 209 56.07 -32.71 14.57
N GLU R 210 55.32 -32.51 13.49
CA GLU R 210 53.90 -32.85 13.50
C GLU R 210 53.71 -34.34 13.74
N ARG R 211 54.56 -35.18 13.14
CA ARG R 211 54.46 -36.61 13.35
C ARG R 211 54.69 -36.97 14.82
N LYS R 212 55.70 -36.36 15.44
CA LYS R 212 55.98 -36.67 16.84
C LYS R 212 54.83 -36.22 17.73
N LYS R 213 54.24 -35.06 17.45
CA LYS R 213 53.08 -34.62 18.19
C LYS R 213 51.93 -35.61 18.04
N ALA R 214 51.70 -36.09 16.82
CA ALA R 214 50.62 -37.05 16.60
C ALA R 214 50.88 -38.35 17.36
N LEU R 215 52.12 -38.81 17.37
CA LEU R 215 52.44 -40.03 18.11
C LEU R 215 52.20 -39.86 19.61
N ILE R 216 52.60 -38.71 20.16
CA ILE R 216 52.37 -38.48 21.58
C ILE R 216 50.88 -38.45 21.87
N GLU R 217 50.10 -37.80 21.01
CA GLU R 217 48.65 -37.77 21.21
C GLU R 217 48.06 -39.17 21.14
N ALA R 218 48.53 -39.99 20.21
CA ALA R 218 48.01 -41.35 20.09
C ALA R 218 48.33 -42.18 21.33
N GLU R 219 49.55 -42.03 21.87
CA GLU R 219 49.89 -42.74 23.09
C GLU R 219 49.03 -42.25 24.27
N LYS R 220 48.77 -40.94 24.32
CA LYS R 220 47.86 -40.42 25.34
C LYS R 220 46.51 -41.10 25.24
N VAL R 221 45.96 -41.18 24.02
CA VAL R 221 44.65 -41.78 23.83
C VAL R 221 44.69 -43.25 24.25
N ALA R 222 45.77 -43.95 23.93
CA ALA R 222 45.87 -45.36 24.30
C ALA R 222 45.86 -45.54 25.81
N GLN R 223 46.64 -44.72 26.53
CA GLN R 223 46.67 -44.85 27.98
C GLN R 223 45.33 -44.48 28.61
N VAL R 224 44.70 -43.41 28.11
CA VAL R 224 43.39 -43.04 28.62
C VAL R 224 42.39 -44.16 28.39
N ALA R 225 42.47 -44.81 27.22
CA ALA R 225 41.59 -45.93 26.95
C ALA R 225 41.84 -47.08 27.91
N GLU R 226 43.12 -47.35 28.20
CA GLU R 226 43.44 -48.41 29.15
C GLU R 226 42.79 -48.14 30.50
N ILE R 227 42.91 -46.91 31.00
CA ILE R 227 42.28 -46.57 32.28
C ILE R 227 40.77 -46.70 32.18
N THR R 228 40.18 -46.19 31.10
CA THR R 228 38.73 -46.25 30.93
C THR R 228 38.24 -47.68 30.94
N TYR R 229 39.00 -48.59 30.35
CA TYR R 229 38.52 -49.97 30.23
C TYR R 229 38.79 -50.77 31.50
N GLY R 230 39.81 -50.43 32.27
CA GLY R 230 39.87 -50.93 33.64
C GLY R 230 38.65 -50.51 34.42
N GLN R 231 38.24 -49.25 34.28
CA GLN R 231 37.02 -48.78 34.92
C GLN R 231 35.81 -49.56 34.44
N LYS R 232 35.74 -49.84 33.14
CA LYS R 232 34.60 -50.59 32.60
C LYS R 232 34.55 -51.99 33.19
N VAL R 233 35.70 -52.65 33.33
CA VAL R 233 35.71 -53.99 33.91
C VAL R 233 35.22 -53.95 35.35
N MET R 234 35.70 -52.98 36.13
CA MET R 234 35.23 -52.87 37.50
C MET R 234 33.74 -52.58 37.55
N GLU R 235 33.26 -51.73 36.63
CA GLU R 235 31.84 -51.43 36.57
C GLU R 235 31.02 -52.67 36.28
N LYS R 236 31.48 -53.50 35.35
CA LYS R 236 30.71 -54.69 35.01
C LYS R 236 30.75 -55.72 36.13
N GLU R 237 31.87 -55.81 36.87
CA GLU R 237 31.88 -56.69 38.03
C GLU R 237 30.86 -56.22 39.07
N THR R 238 30.82 -54.92 39.33
CA THR R 238 29.83 -54.41 40.28
C THR R 238 28.42 -54.62 39.76
N GLU R 239 28.22 -54.55 38.44
CA GLU R 239 26.91 -54.85 37.87
C GLU R 239 26.55 -56.31 38.04
N LYS R 240 27.54 -57.20 37.99
CA LYS R 240 27.28 -58.61 38.28
C LYS R 240 26.82 -58.78 39.73
N LYS R 241 27.46 -58.08 40.66
CA LYS R 241 27.00 -58.13 42.06
C LYS R 241 25.59 -57.57 42.19
N ILE R 242 25.31 -56.47 41.49
CA ILE R 242 23.98 -55.88 41.50
C ILE R 242 22.96 -56.88 40.99
N SER R 243 23.28 -57.59 39.91
CA SER R 243 22.38 -58.57 39.36
C SER R 243 22.17 -59.73 40.33
N GLU R 244 23.21 -60.13 41.05
CA GLU R 244 23.03 -61.17 42.04
C GLU R 244 22.05 -60.73 43.12
N ILE R 245 22.18 -59.50 43.61
CA ILE R 245 21.26 -58.99 44.62
C ILE R 245 19.84 -58.96 44.06
N GLU R 246 19.69 -58.46 42.82
CA GLU R 246 18.38 -58.35 42.22
C GLU R 246 17.76 -59.72 42.03
N ASP R 247 18.55 -60.72 41.64
CA ASP R 247 18.04 -62.08 41.52
C ASP R 247 17.56 -62.61 42.86
N ALA R 248 18.36 -62.41 43.91
CA ALA R 248 17.93 -62.83 45.24
C ALA R 248 16.62 -62.17 45.62
N ALA R 249 16.42 -60.92 45.22
CA ALA R 249 15.15 -60.24 45.51
C ALA R 249 14.02 -60.73 44.62
N PHE R 250 14.35 -61.23 43.43
CA PHE R 250 13.33 -61.63 42.45
C PHE R 250 12.67 -62.93 42.84
N LEU R 251 13.42 -63.86 43.43
CA LEU R 251 12.82 -65.11 43.88
C LEU R 251 11.75 -64.87 44.93
N ALA R 252 12.00 -63.95 45.85
CA ALA R 252 11.03 -63.66 46.90
C ALA R 252 9.74 -63.10 46.30
N ARG R 253 9.85 -62.18 45.34
CA ARG R 253 8.65 -61.61 44.73
C ARG R 253 7.84 -62.68 44.02
N GLU R 254 8.51 -63.52 43.22
CA GLU R 254 7.79 -64.58 42.52
C GLU R 254 7.26 -65.62 43.49
N LYS R 255 8.02 -65.92 44.54
CA LYS R 255 7.53 -66.85 45.55
C LYS R 255 6.28 -66.31 46.23
N ALA R 256 6.28 -65.01 46.56
CA ALA R 256 5.10 -64.42 47.17
C ALA R 256 3.90 -64.46 46.23
N LYS R 257 4.13 -64.16 44.95
CA LYS R 257 3.04 -64.22 43.98
C LYS R 257 2.45 -65.62 43.89
N ALA R 258 3.31 -66.64 43.87
CA ALA R 258 2.83 -68.01 43.78
C ALA R 258 2.00 -68.38 45.01
N ASP R 259 2.48 -68.02 46.20
CA ASP R 259 1.74 -68.35 47.42
C ASP R 259 0.41 -67.63 47.46
N ALA R 260 0.38 -66.34 47.09
CA ALA R 260 -0.87 -65.60 47.14
C ALA R 260 -1.90 -66.18 46.18
N GLU R 261 -1.48 -66.53 44.96
CA GLU R 261 -2.39 -67.15 44.02
C GLU R 261 -2.83 -68.51 44.53
N CYS R 262 -1.91 -69.28 45.11
CA CYS R 262 -2.27 -70.58 45.66
C CYS R 262 -3.36 -70.45 46.72
N TYR R 263 -3.23 -69.47 47.61
CA TYR R 263 -4.29 -69.22 48.57
C TYR R 263 -5.57 -68.76 47.89
N THR R 264 -5.43 -67.87 46.90
CA THR R 264 -6.62 -67.38 46.20
C THR R 264 -7.33 -68.50 45.46
N ALA R 265 -6.58 -69.39 44.82
CA ALA R 265 -7.20 -70.46 44.04
C ALA R 265 -7.87 -71.48 44.95
N MET R 266 -7.25 -71.80 46.09
CA MET R 266 -7.87 -72.75 47.00
C MET R 266 -9.19 -72.22 47.53
N LYS R 267 -9.24 -70.92 47.87
CA LYS R 267 -10.49 -70.34 48.36
C LYS R 267 -11.58 -70.37 47.29
N ILE R 268 -11.21 -70.12 46.03
CA ILE R 268 -12.18 -70.21 44.95
C ILE R 268 -12.70 -71.63 44.83
N ALA R 269 -11.83 -72.62 45.02
CA ALA R 269 -12.26 -74.01 44.96
C ALA R 269 -13.32 -74.31 46.00
N GLU R 270 -13.12 -73.84 47.24
CA GLU R 270 -14.11 -74.06 48.28
C GLU R 270 -15.42 -73.36 47.95
N ALA R 271 -15.35 -72.13 47.45
CA ALA R 271 -16.56 -71.40 47.09
C ALA R 271 -17.30 -72.09 45.95
N ASN R 272 -16.57 -72.54 44.93
CA ASN R 272 -17.20 -73.21 43.81
C ASN R 272 -17.90 -74.50 44.22
N LYS R 273 -17.55 -75.04 45.38
CA LYS R 273 -18.15 -76.30 45.82
C LYS R 273 -19.66 -76.17 45.96
N LEU R 274 -20.12 -75.07 46.55
CA LEU R 274 -21.54 -74.82 46.78
C LEU R 274 -22.18 -73.99 45.68
N LYS R 275 -21.41 -73.14 45.01
CA LYS R 275 -21.97 -72.23 44.02
C LYS R 275 -22.30 -72.91 42.71
N LEU R 276 -21.56 -73.95 42.34
CA LEU R 276 -21.70 -74.57 41.01
C LEU R 276 -22.70 -75.73 41.06
N THR R 277 -23.92 -75.41 41.49
CA THR R 277 -25.01 -76.37 41.46
C THR R 277 -25.52 -76.52 40.02
N PRO R 278 -26.28 -77.59 39.75
CA PRO R 278 -26.77 -77.78 38.38
C PRO R 278 -27.63 -76.62 37.88
N GLU R 279 -28.45 -76.04 38.74
CA GLU R 279 -29.27 -74.90 38.33
C GLU R 279 -28.39 -73.72 37.94
N TYR R 280 -27.36 -73.43 38.73
CA TYR R 280 -26.46 -72.35 38.39
C TYR R 280 -25.73 -72.64 37.08
N LEU R 281 -25.34 -73.90 36.87
CA LEU R 281 -24.66 -74.24 35.63
C LEU R 281 -25.57 -74.02 34.43
N GLN R 282 -26.84 -74.40 34.54
CA GLN R 282 -27.78 -74.16 33.44
C GLN R 282 -27.98 -72.67 33.21
N LEU R 283 -28.13 -71.90 34.28
CA LEU R 283 -28.29 -70.45 34.14
C LEU R 283 -27.08 -69.84 33.43
N MET R 284 -25.88 -70.28 33.81
CA MET R 284 -24.68 -69.76 33.16
C MET R 284 -24.59 -70.22 31.71
N LYS R 285 -25.06 -71.43 31.41
CA LYS R 285 -25.09 -71.88 30.02
C LYS R 285 -25.93 -70.93 29.17
N TYR R 286 -27.11 -70.57 29.67
CA TYR R 286 -27.95 -69.66 28.91
C TYR R 286 -27.34 -68.26 28.84
N LYS R 287 -26.77 -67.79 29.96
CA LYS R 287 -26.15 -66.47 29.95
C LYS R 287 -25.00 -66.39 28.96
N ALA R 288 -24.29 -67.50 28.74
CA ALA R 288 -23.19 -67.49 27.79
C ALA R 288 -23.66 -67.18 26.38
N ILE R 289 -24.78 -67.78 25.97
CA ILE R 289 -25.33 -67.53 24.63
C ILE R 289 -26.21 -66.30 24.58
N ALA R 290 -26.50 -65.67 25.71
CA ALA R 290 -27.37 -64.50 25.70
C ALA R 290 -26.88 -63.41 24.75
N SER R 291 -25.57 -63.33 24.53
CA SER R 291 -25.00 -62.24 23.74
C SER R 291 -24.79 -62.58 22.27
N ASN R 292 -24.57 -63.85 21.93
CA ASN R 292 -24.24 -64.21 20.56
C ASN R 292 -25.41 -63.96 19.62
N SER R 293 -25.10 -63.79 18.34
CA SER R 293 -26.10 -63.53 17.32
C SER R 293 -26.82 -64.84 16.98
N LYS R 294 -28.14 -64.82 17.07
CA LYS R 294 -28.97 -65.99 16.77
C LYS R 294 -29.75 -65.75 15.49
N ILE R 295 -29.90 -66.82 14.70
CA ILE R 295 -30.80 -66.82 13.56
C ILE R 295 -31.60 -68.11 13.61
N TYR R 296 -32.91 -68.01 13.52
CA TYR R 296 -33.82 -69.12 13.76
C TYR R 296 -34.63 -69.40 12.51
N PHE R 297 -34.70 -70.67 12.12
CA PHE R 297 -35.36 -71.09 10.89
C PHE R 297 -36.40 -72.16 11.18
N GLY R 298 -37.24 -71.95 12.19
CA GLY R 298 -38.21 -72.94 12.59
C GLY R 298 -39.50 -72.87 11.80
N LYS R 299 -40.56 -73.40 12.41
CA LYS R 299 -41.88 -73.40 11.81
C LYS R 299 -42.90 -72.56 12.57
N ASP R 300 -42.60 -72.17 13.82
CA ASP R 300 -43.44 -71.24 14.55
C ASP R 300 -42.64 -70.72 15.73
N ILE R 301 -43.17 -69.68 16.38
CA ILE R 301 -42.42 -69.00 17.44
C ILE R 301 -42.17 -69.92 18.63
N PRO R 302 -43.16 -70.63 19.18
CA PRO R 302 -42.89 -71.43 20.38
C PRO R 302 -41.80 -72.46 20.21
N ASN R 303 -41.66 -73.05 19.02
CA ASN R 303 -40.60 -74.02 18.80
C ASN R 303 -39.22 -73.38 18.92
N MET R 304 -39.14 -72.06 18.86
CA MET R 304 -37.87 -71.39 19.08
C MET R 304 -37.37 -71.64 20.50
N PHE R 305 -38.27 -71.59 21.47
CA PHE R 305 -37.91 -71.83 22.86
C PHE R 305 -37.99 -73.30 23.24
N MET R 306 -38.85 -74.07 22.58
CA MET R 306 -38.92 -75.50 22.87
C MET R 306 -37.62 -76.18 22.46
N ASP R 307 -37.29 -77.25 23.16
CA ASP R 307 -36.03 -77.96 22.94
C ASP R 307 -36.27 -79.44 22.67
N VAL S 52 122.88 30.67 -8.17
CA VAL S 52 121.74 30.23 -7.37
C VAL S 52 121.05 29.06 -8.04
N LEU S 53 120.85 29.17 -9.35
CA LEU S 53 120.20 28.09 -10.09
C LEU S 53 121.07 26.84 -10.14
N LEU S 54 122.40 27.01 -10.19
CA LEU S 54 123.27 25.85 -10.13
C LEU S 54 123.12 25.12 -8.80
N TYR S 55 122.99 25.87 -7.71
CA TYR S 55 122.72 25.24 -6.42
C TYR S 55 121.36 24.57 -6.41
N ALA S 56 120.34 25.21 -6.99
CA ALA S 56 119.01 24.62 -7.03
C ALA S 56 118.95 23.37 -7.89
N SER S 57 119.90 23.21 -8.82
CA SER S 57 119.89 22.05 -9.70
C SER S 57 119.96 20.72 -8.93
N ILE S 58 120.48 20.73 -7.70
CA ILE S 58 120.56 19.50 -6.93
C ILE S 58 119.15 18.97 -6.68
N HIS S 59 118.99 17.64 -6.77
CA HIS S 59 117.68 17.03 -6.78
C HIS S 59 117.46 15.99 -5.68
N LYS S 60 118.50 15.54 -5.00
CA LYS S 60 118.38 14.67 -3.83
C LYS S 60 117.42 13.51 -4.08
N ILE S 61 117.84 12.63 -4.99
CA ILE S 61 117.05 11.44 -5.31
C ILE S 61 116.67 10.72 -4.02
N GLU S 62 115.46 10.16 -4.00
CA GLU S 62 114.94 9.49 -2.83
C GLU S 62 115.53 8.08 -2.71
N GLU S 63 115.31 7.47 -1.54
CA GLU S 63 115.68 6.08 -1.33
C GLU S 63 114.56 5.17 -1.82
N GLY S 64 114.95 4.03 -2.40
CA GLY S 64 114.00 3.12 -2.97
C GLY S 64 113.55 3.47 -4.37
N HIS S 65 113.98 4.61 -4.89
CA HIS S 65 113.72 5.01 -6.27
C HIS S 65 115.02 4.99 -7.06
N LEU S 66 114.88 5.09 -8.37
CA LEU S 66 116.02 5.23 -9.26
C LEU S 66 115.69 6.30 -10.28
N ALA S 67 116.65 7.18 -10.56
CA ALA S 67 116.41 8.38 -11.34
C ALA S 67 116.88 8.20 -12.78
N VAL S 68 116.07 8.70 -13.71
CA VAL S 68 116.40 8.74 -15.12
C VAL S 68 116.29 10.19 -15.58
N TYR S 69 117.24 10.61 -16.41
CA TYR S 69 117.36 12.00 -16.82
C TYR S 69 116.91 12.18 -18.26
N TYR S 70 116.59 13.42 -18.62
CA TYR S 70 116.15 13.77 -19.96
C TYR S 70 116.85 15.05 -20.37
N ARG S 71 117.77 14.95 -21.33
CA ARG S 71 118.45 16.11 -21.90
C ARG S 71 117.79 16.43 -23.23
N GLY S 72 116.87 17.39 -23.21
CA GLY S 72 116.14 17.72 -24.43
C GLY S 72 115.26 16.60 -24.91
N GLY S 73 114.55 15.95 -24.00
CA GLY S 73 113.65 14.86 -24.36
C GLY S 73 114.36 13.64 -24.90
N ALA S 74 115.49 13.29 -24.30
CA ALA S 74 116.24 12.09 -24.67
C ALA S 74 116.69 11.38 -23.41
N LEU S 75 116.58 10.07 -23.41
CA LEU S 75 116.93 9.25 -22.24
C LEU S 75 118.44 9.05 -22.22
N LEU S 76 119.12 9.74 -21.31
CA LEU S 76 120.56 9.53 -21.14
C LEU S 76 120.81 8.13 -20.59
N THR S 77 121.87 7.50 -21.10
CA THR S 77 122.15 6.11 -20.74
C THR S 77 122.60 5.95 -19.29
N SER S 78 122.89 7.06 -18.59
CA SER S 78 123.42 6.98 -17.23
C SER S 78 122.29 7.18 -16.23
N PRO S 79 121.89 6.14 -15.47
CA PRO S 79 120.97 6.36 -14.36
C PRO S 79 121.70 6.80 -13.10
N SER S 80 120.98 6.92 -11.98
CA SER S 80 121.60 7.35 -10.73
C SER S 80 120.82 6.77 -9.57
N GLY S 81 121.54 6.17 -8.61
CA GLY S 81 120.90 5.59 -7.47
C GLY S 81 120.55 6.63 -6.42
N PRO S 82 120.07 6.16 -5.27
CA PRO S 82 119.69 7.09 -4.20
C PRO S 82 120.90 7.87 -3.70
N GLY S 83 120.63 9.11 -3.25
CA GLY S 83 121.65 9.99 -2.73
C GLY S 83 121.66 11.31 -3.47
N TYR S 84 122.60 12.16 -3.07
CA TYR S 84 122.77 13.45 -3.71
C TYR S 84 123.41 13.26 -5.08
N HIS S 85 122.98 14.07 -6.04
CA HIS S 85 123.48 13.96 -7.40
C HIS S 85 123.47 15.33 -8.06
N ILE S 86 124.27 15.48 -9.10
CA ILE S 86 124.39 16.72 -9.86
C ILE S 86 124.11 16.41 -11.32
N MET S 87 123.24 17.20 -11.93
CA MET S 87 122.90 17.10 -13.34
C MET S 87 123.21 18.43 -14.02
N LEU S 88 123.03 18.47 -15.34
CA LEU S 88 123.23 19.71 -16.06
C LEU S 88 122.18 20.73 -15.60
N PRO S 89 122.53 22.02 -15.61
CA PRO S 89 121.67 23.00 -14.92
C PRO S 89 120.22 23.02 -15.39
N PHE S 90 119.98 23.23 -16.68
CA PHE S 90 118.62 23.38 -17.19
C PHE S 90 118.27 22.41 -18.31
N ILE S 91 119.22 22.10 -19.19
CA ILE S 91 118.90 21.25 -20.33
C ILE S 91 118.44 19.87 -19.88
N THR S 92 118.88 19.43 -18.70
CA THR S 92 118.57 18.10 -18.20
C THR S 92 117.52 18.19 -17.09
N THR S 93 116.51 17.33 -17.18
CA THR S 93 115.46 17.24 -16.16
C THR S 93 115.36 15.79 -15.71
N PHE S 94 115.31 15.58 -14.40
CA PHE S 94 115.31 14.23 -13.83
C PHE S 94 113.90 13.81 -13.47
N ARG S 95 113.70 12.49 -13.37
CA ARG S 95 112.49 11.95 -12.77
C ARG S 95 112.82 10.57 -12.21
N SER S 96 112.30 10.30 -11.02
CA SER S 96 112.63 9.09 -10.28
C SER S 96 111.45 8.12 -10.33
N VAL S 97 111.73 6.87 -10.68
CA VAL S 97 110.73 5.82 -10.71
C VAL S 97 111.02 4.85 -9.57
N GLN S 98 109.97 4.44 -8.88
CA GLN S 98 110.12 3.58 -7.70
C GLN S 98 110.47 2.17 -8.13
N THR S 99 111.63 1.68 -7.71
CA THR S 99 112.08 0.34 -8.02
C THR S 99 111.74 -0.66 -6.92
N THR S 100 111.09 -0.23 -5.84
CA THR S 100 110.72 -1.11 -4.74
C THR S 100 109.24 -1.47 -4.86
N LEU S 101 108.75 -2.20 -3.86
CA LEU S 101 107.35 -2.62 -3.86
C LEU S 101 106.45 -1.40 -3.96
N GLN S 102 105.47 -1.46 -4.86
CA GLN S 102 104.60 -0.33 -5.14
C GLN S 102 103.19 -0.85 -5.39
N THR S 103 102.21 -0.24 -4.72
CA THR S 103 100.83 -0.68 -4.77
C THR S 103 99.96 0.38 -5.43
N ASP S 104 98.99 -0.06 -6.22
CA ASP S 104 98.00 0.86 -6.78
C ASP S 104 96.86 0.06 -7.35
N GLU S 105 95.68 0.69 -7.44
CA GLU S 105 94.44 -0.02 -7.69
C GLU S 105 93.61 0.64 -8.78
N VAL S 106 92.62 -0.12 -9.25
CA VAL S 106 91.61 0.35 -10.19
C VAL S 106 90.24 0.01 -9.62
N LYS S 107 89.30 0.94 -9.75
CA LYS S 107 88.04 0.86 -9.02
C LYS S 107 86.87 0.58 -9.94
N ASN S 108 85.83 -0.04 -9.38
CA ASN S 108 84.57 -0.27 -10.06
C ASN S 108 84.76 -0.98 -11.39
N VAL S 109 85.52 -2.07 -11.36
CA VAL S 109 85.77 -2.86 -12.56
C VAL S 109 84.55 -3.71 -12.84
N PRO S 110 83.90 -3.59 -13.99
CA PRO S 110 82.78 -4.49 -14.30
C PRO S 110 83.26 -5.88 -14.68
N CYS S 111 82.35 -6.84 -14.55
CA CYS S 111 82.63 -8.23 -14.89
C CYS S 111 81.32 -8.88 -15.28
N GLY S 112 81.23 -9.34 -16.53
CA GLY S 112 80.03 -9.97 -17.02
C GLY S 112 80.08 -11.47 -16.89
N THR S 113 79.37 -12.02 -15.90
CA THR S 113 79.42 -13.44 -15.63
C THR S 113 78.80 -14.22 -16.78
N SER S 114 79.10 -15.53 -16.81
CA SER S 114 78.62 -16.37 -17.89
C SER S 114 77.09 -16.43 -17.93
N GLY S 115 76.42 -16.05 -16.85
CA GLY S 115 74.98 -16.03 -16.83
C GLY S 115 74.34 -14.80 -17.42
N GLY S 116 75.14 -13.88 -17.95
CA GLY S 116 74.63 -12.66 -18.51
C GLY S 116 74.39 -11.54 -17.52
N VAL S 117 74.78 -11.72 -16.25
CA VAL S 117 74.58 -10.73 -15.22
C VAL S 117 75.90 -10.01 -14.97
N MET S 118 75.81 -8.71 -14.69
CA MET S 118 76.98 -7.87 -14.48
C MET S 118 77.22 -7.69 -12.99
N ILE S 119 78.47 -7.84 -12.57
CA ILE S 119 78.89 -7.63 -11.20
C ILE S 119 80.11 -6.71 -11.19
N TYR S 120 80.10 -5.72 -10.30
CA TYR S 120 81.14 -4.72 -10.25
C TYR S 120 82.02 -4.96 -9.03
N ILE S 121 83.31 -5.17 -9.27
CA ILE S 121 84.29 -5.32 -8.20
C ILE S 121 84.80 -3.95 -7.84
N ASP S 122 84.61 -3.55 -6.58
CA ASP S 122 84.87 -2.16 -6.19
C ASP S 122 86.33 -1.78 -6.36
N ARG S 123 87.25 -2.67 -5.97
CA ARG S 123 88.66 -2.32 -6.00
C ARG S 123 89.49 -3.55 -6.32
N ILE S 124 90.34 -3.43 -7.35
CA ILE S 124 91.33 -4.44 -7.68
C ILE S 124 92.69 -3.77 -7.60
N GLU S 125 93.53 -4.24 -6.69
CA GLU S 125 94.82 -3.64 -6.42
C GLU S 125 95.93 -4.56 -6.91
N VAL S 126 97.00 -3.96 -7.43
CA VAL S 126 98.18 -4.68 -7.88
C VAL S 126 99.38 -4.08 -7.16
N VAL S 127 100.23 -4.96 -6.61
CA VAL S 127 101.49 -4.56 -5.99
C VAL S 127 102.61 -5.22 -6.79
N ASN S 128 103.57 -4.41 -7.24
CA ASN S 128 104.58 -4.86 -8.18
C ASN S 128 105.92 -4.22 -7.85
N MET S 129 106.94 -4.67 -8.57
CA MET S 129 108.29 -4.13 -8.42
C MET S 129 109.10 -4.50 -9.65
N LEU S 130 110.13 -3.70 -9.93
CA LEU S 130 111.00 -3.93 -11.07
C LEU S 130 112.45 -3.89 -10.61
N ALA S 131 113.26 -4.80 -11.13
CA ALA S 131 114.66 -4.83 -10.78
C ALA S 131 115.34 -3.53 -11.20
N PRO S 132 116.31 -3.04 -10.44
CA PRO S 132 116.89 -1.73 -10.74
C PRO S 132 117.52 -1.65 -12.13
N TYR S 133 118.11 -2.73 -12.62
CA TYR S 133 118.80 -2.67 -13.90
C TYR S 133 117.84 -2.63 -15.09
N ALA S 134 116.59 -3.01 -14.90
CA ALA S 134 115.60 -2.96 -15.97
C ALA S 134 114.91 -1.61 -16.08
N VAL S 135 115.25 -0.66 -15.21
CA VAL S 135 114.57 0.64 -15.21
C VAL S 135 114.82 1.36 -16.52
N PHE S 136 116.07 1.36 -17.00
CA PHE S 136 116.38 2.06 -18.23
C PHE S 136 115.55 1.54 -19.39
N ASP S 137 115.52 0.22 -19.57
CA ASP S 137 114.77 -0.34 -20.68
C ASP S 137 113.27 -0.09 -20.52
N ILE S 138 112.75 -0.21 -19.29
CA ILE S 138 111.33 -0.01 -19.09
C ILE S 138 110.93 1.42 -19.46
N VAL S 139 111.70 2.40 -18.99
CA VAL S 139 111.36 3.79 -19.29
C VAL S 139 111.57 4.08 -20.77
N ARG S 140 112.59 3.49 -21.39
CA ARG S 140 112.81 3.69 -22.82
C ARG S 140 111.62 3.19 -23.62
N ASN S 141 111.13 1.99 -23.31
CA ASN S 141 110.05 1.40 -24.10
C ASN S 141 108.72 2.06 -23.81
N TYR S 142 108.39 2.29 -22.53
CA TYR S 142 107.05 2.73 -22.16
C TYR S 142 107.07 3.95 -21.25
N THR S 143 108.15 4.71 -21.24
CA THR S 143 108.22 5.91 -20.42
C THR S 143 108.14 5.56 -18.94
N ALA S 144 108.29 6.57 -18.07
CA ALA S 144 108.22 6.31 -16.63
C ALA S 144 106.84 5.84 -16.21
N ASP S 145 105.79 6.46 -16.74
CA ASP S 145 104.42 6.15 -16.34
C ASP S 145 103.94 4.92 -17.12
N TYR S 146 104.60 3.80 -16.87
CA TYR S 146 104.29 2.54 -17.53
C TYR S 146 103.17 1.76 -16.86
N ASP S 147 102.73 2.18 -15.67
CA ASP S 147 101.72 1.42 -14.95
C ASP S 147 100.43 1.33 -15.74
N LYS S 148 99.91 2.46 -16.21
CA LYS S 148 98.65 2.45 -16.93
C LYS S 148 98.76 1.66 -18.22
N THR S 149 99.89 1.76 -18.91
CA THR S 149 100.06 1.06 -20.19
C THR S 149 100.19 -0.45 -19.99
N LEU S 150 100.78 -0.88 -18.89
CA LEU S 150 101.16 -2.29 -18.75
C LEU S 150 100.25 -3.10 -17.85
N ILE S 151 99.56 -2.48 -16.90
CA ILE S 151 98.81 -3.24 -15.89
C ILE S 151 97.35 -2.80 -15.84
N PHE S 152 97.13 -1.53 -15.51
CA PHE S 152 95.81 -1.05 -15.10
C PHE S 152 94.85 -0.89 -16.26
N ASN S 153 95.34 -0.67 -17.48
CA ASN S 153 94.45 -0.63 -18.63
C ASN S 153 94.02 -2.03 -19.04
N LYS S 154 94.86 -3.04 -18.81
CA LYS S 154 94.55 -4.42 -19.15
C LYS S 154 93.76 -5.13 -18.07
N ILE S 155 93.73 -4.59 -16.85
CA ILE S 155 93.05 -5.27 -15.75
C ILE S 155 91.60 -5.55 -16.13
N HIS S 156 90.89 -4.55 -16.64
CA HIS S 156 89.47 -4.71 -16.89
C HIS S 156 89.21 -5.75 -17.97
N HIS S 157 90.00 -5.74 -19.04
CA HIS S 157 89.80 -6.73 -20.11
C HIS S 157 90.11 -8.13 -19.62
N GLU S 158 91.19 -8.30 -18.85
CA GLU S 158 91.52 -9.62 -18.32
C GLU S 158 90.42 -10.11 -17.39
N LEU S 159 89.89 -9.23 -16.55
CA LEU S 159 88.81 -9.62 -15.66
C LEU S 159 87.58 -10.04 -16.43
N ASN S 160 87.23 -9.29 -17.48
CA ASN S 160 86.06 -9.67 -18.29
C ASN S 160 86.28 -11.00 -18.97
N GLN S 161 87.48 -11.22 -19.52
CA GLN S 161 87.76 -12.50 -20.17
C GLN S 161 87.65 -13.65 -19.18
N PHE S 162 88.16 -13.47 -17.96
CA PHE S 162 88.03 -14.51 -16.95
C PHE S 162 86.58 -14.73 -16.56
N CYS S 163 85.83 -13.65 -16.33
CA CYS S 163 84.46 -13.76 -15.86
C CYS S 163 83.56 -14.44 -16.90
N SER S 164 83.76 -14.12 -18.17
CA SER S 164 82.86 -14.65 -19.19
C SER S 164 82.82 -16.18 -19.18
N ALA S 165 83.89 -16.81 -18.72
CA ALA S 165 83.96 -18.27 -18.67
C ALA S 165 83.40 -18.87 -17.38
N HIS S 166 82.94 -18.03 -16.45
CA HIS S 166 82.45 -18.50 -15.17
C HIS S 166 81.10 -17.86 -14.86
N THR S 167 80.32 -18.53 -14.02
CA THR S 167 78.98 -18.08 -13.68
C THR S 167 79.02 -17.16 -12.46
N LEU S 168 77.85 -16.65 -12.08
CA LEU S 168 77.80 -15.72 -10.96
C LEU S 168 78.24 -16.39 -9.66
N GLN S 169 77.80 -17.61 -9.42
CA GLN S 169 78.18 -18.31 -8.19
C GLN S 169 79.68 -18.54 -8.15
N GLU S 170 80.26 -19.00 -9.26
CA GLU S 170 81.68 -19.31 -9.28
C GLU S 170 82.51 -18.08 -8.97
N VAL S 171 82.19 -16.94 -9.58
CA VAL S 171 82.96 -15.73 -9.36
C VAL S 171 82.72 -15.18 -7.97
N TYR S 172 81.48 -15.19 -7.51
CA TYR S 172 81.13 -14.51 -6.28
C TYR S 172 81.58 -15.29 -5.05
N ILE S 173 81.54 -16.62 -5.10
CA ILE S 173 81.79 -17.44 -3.92
C ILE S 173 82.92 -18.42 -4.16
N GLU S 174 82.73 -19.34 -5.11
CA GLU S 174 83.58 -20.52 -5.19
C GLU S 174 85.00 -20.16 -5.61
N LEU S 175 85.16 -19.38 -6.66
CA LEU S 175 86.47 -19.11 -7.25
C LEU S 175 87.01 -17.73 -6.89
N PHE S 176 86.48 -17.13 -5.83
CA PHE S 176 87.01 -15.83 -5.40
C PHE S 176 88.48 -15.94 -5.05
N ASP S 177 88.89 -17.02 -4.40
CA ASP S 177 90.30 -17.20 -4.06
C ASP S 177 91.16 -17.42 -5.29
N GLN S 178 90.55 -17.65 -6.46
CA GLN S 178 91.31 -17.86 -7.69
C GLN S 178 91.24 -16.67 -8.65
N ILE S 179 90.32 -15.72 -8.43
CA ILE S 179 90.25 -14.55 -9.30
C ILE S 179 91.60 -13.84 -9.34
N ASP S 180 92.14 -13.54 -8.16
CA ASP S 180 93.39 -12.79 -8.09
C ASP S 180 94.55 -13.59 -8.69
N GLU S 181 94.59 -14.90 -8.44
CA GLU S 181 95.66 -15.70 -8.99
C GLU S 181 95.61 -15.70 -10.51
N ASN S 182 94.41 -15.85 -11.09
CA ASN S 182 94.31 -15.85 -12.54
C ASN S 182 94.71 -14.49 -13.11
N LEU S 183 94.27 -13.40 -12.48
CA LEU S 183 94.64 -12.07 -12.97
C LEU S 183 96.15 -11.89 -12.94
N LYS S 184 96.79 -12.24 -11.82
CA LYS S 184 98.23 -12.09 -11.71
C LYS S 184 98.94 -12.95 -12.75
N GLN S 185 98.47 -14.18 -12.94
CA GLN S 185 99.12 -15.06 -13.90
C GLN S 185 99.04 -14.47 -15.31
N ALA S 186 97.87 -13.98 -15.70
CA ALA S 186 97.71 -13.41 -17.03
C ALA S 186 98.60 -12.19 -17.22
N LEU S 187 98.58 -11.27 -16.26
CA LEU S 187 99.35 -10.05 -16.40
C LEU S 187 100.85 -10.36 -16.47
N GLN S 188 101.33 -11.26 -15.59
CA GLN S 188 102.75 -11.58 -15.62
C GLN S 188 103.13 -12.32 -16.89
N LYS S 189 102.23 -13.17 -17.40
CA LYS S 189 102.51 -13.85 -18.66
C LYS S 189 102.70 -12.85 -19.78
N ASP S 190 101.83 -11.83 -19.84
CA ASP S 190 102.00 -10.80 -20.86
C ASP S 190 103.32 -10.05 -20.68
N LEU S 191 103.59 -9.62 -19.45
CA LEU S 191 104.76 -8.76 -19.22
C LEU S 191 106.06 -9.51 -19.44
N ASN S 192 106.09 -10.82 -19.17
CA ASN S 192 107.33 -11.57 -19.33
C ASN S 192 107.92 -11.35 -20.72
N LEU S 193 107.08 -11.37 -21.75
CA LEU S 193 107.56 -11.18 -23.11
C LEU S 193 107.47 -9.74 -23.58
N MET S 194 106.55 -8.94 -23.03
CA MET S 194 106.45 -7.55 -23.49
C MET S 194 107.53 -6.68 -22.87
N ALA S 195 107.57 -6.60 -21.54
CA ALA S 195 108.44 -5.69 -20.81
C ALA S 195 109.19 -6.46 -19.73
N PRO S 196 110.24 -7.19 -20.09
CA PRO S 196 111.00 -7.94 -19.09
C PRO S 196 111.52 -7.04 -17.99
N GLY S 197 111.52 -7.56 -16.77
CA GLY S 197 112.02 -6.83 -15.62
C GLY S 197 110.95 -6.50 -14.60
N LEU S 198 109.78 -6.08 -15.08
CA LEU S 198 108.66 -5.82 -14.19
C LEU S 198 108.08 -7.13 -13.67
N THR S 199 107.67 -7.12 -12.40
CA THR S 199 107.10 -8.30 -11.76
C THR S 199 105.92 -7.88 -10.91
N ILE S 200 104.86 -8.67 -10.94
CA ILE S 200 103.66 -8.43 -10.16
C ILE S 200 103.77 -9.30 -8.90
N GLN S 201 104.16 -8.70 -7.79
CA GLN S 201 104.32 -9.45 -6.56
C GLN S 201 102.99 -10.02 -6.09
N ALA S 202 101.93 -9.22 -6.15
CA ALA S 202 100.64 -9.72 -5.66
C ALA S 202 99.49 -8.91 -6.23
N VAL S 203 98.30 -9.49 -6.14
CA VAL S 203 97.06 -8.86 -6.59
C VAL S 203 95.99 -9.13 -5.55
N ARG S 204 95.06 -8.19 -5.42
CA ARG S 204 93.95 -8.29 -4.49
C ARG S 204 92.69 -7.79 -5.17
N VAL S 205 91.54 -8.34 -4.78
CA VAL S 205 90.26 -7.91 -5.32
C VAL S 205 89.23 -7.93 -4.19
N THR S 206 88.37 -6.93 -4.16
CA THR S 206 87.25 -6.97 -3.24
C THR S 206 86.12 -7.83 -3.83
N LYS S 207 85.15 -8.15 -2.98
CA LYS S 207 84.04 -8.99 -3.43
C LYS S 207 83.16 -8.21 -4.40
N PRO S 208 82.72 -8.83 -5.48
CA PRO S 208 81.86 -8.12 -6.44
C PRO S 208 80.52 -7.75 -5.83
N LYS S 209 79.92 -6.70 -6.40
CA LYS S 209 78.59 -6.25 -5.98
C LYS S 209 77.56 -6.89 -6.89
N ILE S 210 76.87 -7.91 -6.38
CA ILE S 210 75.85 -8.62 -7.13
C ILE S 210 74.55 -7.83 -7.10
N PRO S 211 73.64 -8.05 -8.05
CA PRO S 211 72.41 -7.24 -8.09
C PRO S 211 71.56 -7.41 -6.83
N GLU S 212 70.77 -6.38 -6.54
CA GLU S 212 69.94 -6.40 -5.34
C GLU S 212 68.96 -7.56 -5.35
N ALA S 213 68.33 -7.82 -6.50
CA ALA S 213 67.36 -8.91 -6.57
C ALA S 213 68.00 -10.24 -6.24
N ILE S 214 69.21 -10.49 -6.76
CA ILE S 214 69.92 -11.72 -6.44
C ILE S 214 70.48 -11.68 -5.02
N ARG S 215 70.64 -10.49 -4.45
CA ARG S 215 71.17 -10.40 -3.09
C ARG S 215 70.14 -10.82 -2.06
N ARG S 216 68.86 -10.47 -2.28
CA ARG S 216 67.82 -10.88 -1.35
C ARG S 216 67.70 -12.40 -1.29
N ASN S 217 67.76 -13.05 -2.45
CA ASN S 217 67.63 -14.50 -2.48
C ASN S 217 68.72 -15.19 -1.66
N PHE S 218 69.94 -14.66 -1.73
CA PHE S 218 71.01 -15.22 -0.92
C PHE S 218 70.72 -15.06 0.57
N GLU S 219 70.18 -13.91 0.96
CA GLU S 219 69.81 -13.71 2.36
C GLU S 219 68.68 -14.64 2.76
N LEU S 220 67.70 -14.84 1.88
CA LEU S 220 66.61 -15.75 2.19
C LEU S 220 67.12 -17.17 2.41
N MET S 221 68.09 -17.60 1.59
CA MET S 221 68.67 -18.93 1.78
C MET S 221 69.28 -19.07 3.16
N GLU S 222 69.90 -17.99 3.66
CA GLU S 222 70.48 -18.04 5.00
C GLU S 222 69.41 -17.96 6.08
N ALA S 223 68.28 -17.33 5.80
CA ALA S 223 67.17 -17.36 6.74
C ALA S 223 66.65 -18.78 6.91
N GLU S 224 66.56 -19.53 5.81
CA GLU S 224 66.13 -20.92 5.88
C GLU S 224 67.08 -21.75 6.73
N LYS S 225 68.38 -21.53 6.56
CA LYS S 225 69.35 -22.29 7.35
C LYS S 225 69.17 -22.05 8.83
N THR S 226 68.59 -20.90 9.21
CA THR S 226 68.33 -20.62 10.62
C THR S 226 66.92 -21.00 11.05
N LYS S 227 65.94 -20.90 10.15
CA LYS S 227 64.60 -21.37 10.47
C LYS S 227 64.60 -22.87 10.73
N LEU S 228 65.62 -23.59 10.26
CA LEU S 228 65.75 -25.00 10.62
C LEU S 228 66.14 -25.16 12.08
N LEU S 229 66.96 -24.23 12.61
CA LEU S 229 67.33 -24.31 14.02
C LEU S 229 66.15 -23.95 14.92
N ILE S 230 65.32 -22.99 14.50
CA ILE S 230 64.15 -22.65 15.30
C ILE S 230 63.18 -23.82 15.33
N ALA S 231 63.07 -24.56 14.22
CA ALA S 231 62.18 -25.72 14.19
C ALA S 231 62.67 -26.81 15.12
N ALA S 232 63.98 -27.02 15.20
CA ALA S 232 64.53 -28.06 16.06
C ALA S 232 64.28 -27.79 17.54
N GLN S 233 63.92 -26.57 17.91
CA GLN S 233 63.56 -26.23 19.28
C GLN S 233 62.06 -26.17 19.48
N LYS S 234 61.33 -25.66 18.49
CA LYS S 234 59.88 -25.76 18.53
C LYS S 234 59.44 -27.21 18.64
N GLN S 235 60.23 -28.14 18.09
CA GLN S 235 59.92 -29.55 18.23
C GLN S 235 59.91 -29.96 19.70
N LYS S 236 60.95 -29.58 20.45
CA LYS S 236 60.99 -29.91 21.87
C LYS S 236 59.86 -29.22 22.62
N VAL S 237 59.55 -27.97 22.26
CA VAL S 237 58.50 -27.25 22.97
C VAL S 237 57.15 -27.93 22.77
N VAL S 238 56.84 -28.30 21.52
CA VAL S 238 55.56 -28.96 21.27
C VAL S 238 55.53 -30.34 21.89
N GLU S 239 56.67 -31.04 21.92
CA GLU S 239 56.71 -32.33 22.60
C GLU S 239 56.38 -32.17 24.07
N LYS S 240 56.95 -31.16 24.73
CA LYS S 240 56.66 -30.94 26.15
C LYS S 240 55.21 -30.57 26.36
N GLU S 241 54.65 -29.73 25.48
CA GLU S 241 53.24 -29.36 25.62
C GLU S 241 52.33 -30.58 25.46
N ALA S 242 52.64 -31.43 24.48
CA ALA S 242 51.84 -32.64 24.28
C ALA S 242 51.97 -33.57 25.48
N GLU S 243 53.16 -33.68 26.06
CA GLU S 243 53.32 -34.51 27.25
C GLU S 243 52.51 -33.97 28.41
N THR S 244 52.49 -32.64 28.57
CA THR S 244 51.66 -32.05 29.62
C THR S 244 50.20 -32.34 29.40
N GLU S 245 49.72 -32.22 28.16
CA GLU S 245 48.33 -32.54 27.87
C GLU S 245 48.03 -34.01 28.17
N ARG S 246 48.96 -34.89 27.82
CA ARG S 246 48.78 -36.31 28.12
C ARG S 246 48.66 -36.55 29.62
N LYS S 247 49.53 -35.91 30.40
CA LYS S 247 49.47 -36.10 31.85
C LYS S 247 48.15 -35.59 32.42
N LYS S 248 47.69 -34.43 31.94
CA LYS S 248 46.42 -33.91 32.42
C LYS S 248 45.27 -34.85 32.06
N ALA S 249 45.28 -35.38 30.84
CA ALA S 249 44.22 -36.29 30.43
C ALA S 249 44.24 -37.56 31.26
N VAL S 250 45.43 -38.08 31.57
CA VAL S 250 45.52 -39.28 32.40
C VAL S 250 44.98 -39.00 33.80
N ILE S 251 45.31 -37.83 34.35
CA ILE S 251 44.78 -37.49 35.68
C ILE S 251 43.27 -37.41 35.66
N GLU S 252 42.72 -36.80 34.60
CA GLU S 252 41.26 -36.73 34.50
C GLU S 252 40.65 -38.11 34.39
N ALA S 253 41.29 -39.01 33.64
CA ALA S 253 40.77 -40.37 33.52
C ALA S 253 40.78 -41.08 34.87
N GLU S 254 41.85 -40.90 35.64
CA GLU S 254 41.89 -41.50 36.98
C GLU S 254 40.81 -40.92 37.88
N LYS S 255 40.57 -39.62 37.77
CA LYS S 255 39.47 -39.01 38.53
C LYS S 255 38.15 -39.65 38.17
N ILE S 256 37.91 -39.83 36.87
CA ILE S 256 36.67 -40.46 36.43
C ILE S 256 36.56 -41.86 36.99
N ALA S 257 37.66 -42.62 36.97
CA ALA S 257 37.64 -43.99 37.48
C ALA S 257 37.28 -44.01 38.96
N GLN S 258 37.89 -43.14 39.76
CA GLN S 258 37.62 -43.15 41.20
C GLN S 258 36.20 -42.71 41.50
N VAL S 259 35.71 -41.68 40.80
CA VAL S 259 34.33 -41.26 40.99
C VAL S 259 33.38 -42.39 40.62
N ALA S 260 33.69 -43.12 39.56
CA ALA S 260 32.86 -44.25 39.18
C ALA S 260 32.88 -45.32 40.25
N LYS S 261 34.05 -45.59 40.84
CA LYS S 261 34.13 -46.58 41.91
C LYS S 261 33.20 -46.21 43.06
N ILE S 262 33.25 -44.94 43.48
CA ILE S 262 32.37 -44.50 44.56
C ILE S 262 30.90 -44.64 44.14
N ARG S 263 30.57 -44.23 42.92
CA ARG S 263 29.19 -44.28 42.47
C ARG S 263 28.69 -45.72 42.44
N PHE S 264 29.54 -46.66 42.08
CA PHE S 264 29.10 -48.06 41.99
C PHE S 264 28.97 -48.70 43.37
N GLN S 265 29.82 -48.33 44.33
CA GLN S 265 29.55 -48.74 45.70
C GLN S 265 28.19 -48.20 46.16
N GLN S 266 27.90 -46.95 45.81
CA GLN S 266 26.59 -46.40 46.12
C GLN S 266 25.48 -47.22 45.47
N LYS S 267 25.67 -47.62 44.21
CA LYS S 267 24.66 -48.41 43.51
C LYS S 267 24.42 -49.74 44.22
N VAL S 268 25.48 -50.39 44.68
CA VAL S 268 25.32 -51.65 45.41
C VAL S 268 24.48 -51.42 46.65
N MET S 269 24.77 -50.34 47.39
CA MET S 269 23.98 -50.04 48.57
C MET S 269 22.52 -49.78 48.19
N GLU S 270 22.30 -49.09 47.07
CA GLU S 270 20.93 -48.84 46.61
C GLU S 270 20.21 -50.16 46.36
N LYS S 271 20.87 -51.10 45.70
CA LYS S 271 20.21 -52.35 45.39
C LYS S 271 19.93 -53.18 46.64
N GLU S 272 20.80 -53.13 47.63
CA GLU S 272 20.51 -53.81 48.89
C GLU S 272 19.26 -53.21 49.54
N THR S 273 19.20 -51.88 49.61
CA THR S 273 18.03 -51.25 50.21
C THR S 273 16.77 -51.56 49.41
N GLU S 274 16.88 -51.59 48.08
CA GLU S 274 15.72 -51.91 47.26
C GLU S 274 15.30 -53.35 47.44
N LYS S 275 16.23 -54.25 47.73
CA LYS S 275 15.86 -55.63 48.06
C LYS S 275 15.05 -55.66 49.35
N ARG S 276 15.46 -54.88 50.35
CA ARG S 276 14.66 -54.80 51.58
C ARG S 276 13.27 -54.23 51.29
N ILE S 277 13.21 -53.19 50.45
CA ILE S 277 11.93 -52.62 50.06
C ILE S 277 11.05 -53.67 49.41
N SER S 278 11.63 -54.47 48.52
CA SER S 278 10.88 -55.53 47.85
C SER S 278 10.41 -56.58 48.84
N GLU S 279 11.21 -56.89 49.86
CA GLU S 279 10.75 -57.83 50.88
C GLU S 279 9.53 -57.30 51.60
N ILE S 280 9.55 -56.01 51.97
CA ILE S 280 8.38 -55.43 52.63
C ILE S 280 7.18 -55.42 51.68
N GLU S 281 7.44 -55.17 50.40
CA GLU S 281 6.36 -55.18 49.41
C GLU S 281 5.74 -56.56 49.29
N ASP S 282 6.55 -57.61 49.32
CA ASP S 282 6.03 -58.96 49.30
C ASP S 282 5.19 -59.23 50.55
N ALA S 283 5.67 -58.78 51.71
CA ALA S 283 4.91 -58.98 52.94
C ALA S 283 3.54 -58.31 52.84
N ALA S 284 3.49 -57.10 52.29
CA ALA S 284 2.22 -56.39 52.19
C ALA S 284 1.31 -57.00 51.13
N PHE S 285 1.88 -57.34 49.98
CA PHE S 285 1.09 -57.89 48.87
C PHE S 285 0.46 -59.22 49.27
N LEU S 286 1.16 -60.02 50.05
CA LEU S 286 0.62 -61.31 50.48
C LEU S 286 -0.66 -61.10 51.30
N ALA S 287 -0.65 -60.13 52.22
CA ALA S 287 -1.82 -59.89 53.05
C ALA S 287 -2.97 -59.33 52.24
N ARG S 288 -2.69 -58.41 51.33
CA ARG S 288 -3.77 -57.83 50.53
C ARG S 288 -4.43 -58.87 49.65
N GLU S 289 -3.63 -59.74 49.02
CA GLU S 289 -4.20 -60.79 48.18
C GLU S 289 -5.03 -61.76 49.01
N LYS S 290 -4.60 -62.04 50.24
CA LYS S 290 -5.40 -62.87 51.13
C LYS S 290 -6.73 -62.19 51.44
N ALA S 291 -6.71 -60.88 51.67
CA ALA S 291 -7.93 -60.17 52.00
C ALA S 291 -8.94 -60.29 50.87
N LYS S 292 -8.51 -60.11 49.62
CA LYS S 292 -9.42 -60.25 48.50
C LYS S 292 -9.95 -61.68 48.40
N ALA S 293 -9.09 -62.66 48.65
CA ALA S 293 -9.52 -64.06 48.56
C ALA S 293 -10.64 -64.35 49.56
N ASP S 294 -10.49 -63.87 50.79
CA ASP S 294 -11.54 -64.08 51.79
C ASP S 294 -12.78 -63.27 51.49
N ALA S 295 -12.63 -62.09 50.89
CA ALA S 295 -13.79 -61.26 50.59
C ALA S 295 -14.68 -61.92 49.55
N GLU S 296 -14.10 -62.37 48.44
CA GLU S 296 -14.89 -63.04 47.42
C GLU S 296 -15.39 -64.39 47.90
N TYR S 297 -14.63 -65.05 48.77
CA TYR S 297 -15.09 -66.30 49.36
C TYR S 297 -16.41 -66.10 50.10
N TYR S 298 -16.46 -65.09 50.97
CA TYR S 298 -17.70 -64.80 51.70
C TYR S 298 -18.82 -64.40 50.74
N ALA S 299 -18.51 -63.56 49.75
CA ALA S 299 -19.54 -63.15 48.80
C ALA S 299 -20.06 -64.34 48.02
N ALA S 300 -19.17 -65.22 47.57
CA ALA S 300 -19.61 -66.39 46.83
C ALA S 300 -20.45 -67.32 47.70
N HIS S 301 -20.06 -67.50 48.97
CA HIS S 301 -20.83 -68.35 49.87
C HIS S 301 -22.25 -67.81 50.03
N LYS S 302 -22.38 -66.51 50.31
CA LYS S 302 -23.71 -65.93 50.44
C LYS S 302 -24.48 -66.02 49.13
N TYR S 303 -23.81 -65.76 48.01
CA TYR S 303 -24.47 -65.90 46.72
C TYR S 303 -24.88 -67.34 46.46
N ALA S 304 -24.20 -68.31 47.07
CA ALA S 304 -24.57 -69.70 46.92
C ALA S 304 -25.85 -70.01 47.70
N THR S 305 -25.93 -69.53 48.94
CA THR S 305 -27.12 -69.76 49.74
C THR S 305 -28.32 -68.97 49.25
N SER S 306 -28.08 -67.89 48.50
CA SER S 306 -29.18 -67.12 47.93
C SER S 306 -29.80 -67.80 46.72
N ASN S 307 -28.99 -68.50 45.93
CA ASN S 307 -29.48 -69.13 44.71
C ASN S 307 -30.43 -70.29 44.99
N LYS S 308 -30.53 -70.74 46.25
CA LYS S 308 -31.40 -71.87 46.55
C LYS S 308 -32.84 -71.57 46.17
N HIS S 309 -33.32 -70.37 46.50
CA HIS S 309 -34.70 -69.99 46.21
C HIS S 309 -34.82 -69.24 44.90
N LYS S 310 -33.78 -68.51 44.49
CA LYS S 310 -33.88 -67.65 43.32
C LYS S 310 -33.94 -68.47 42.03
N LEU S 311 -33.36 -69.66 42.00
CA LEU S 311 -33.18 -70.43 40.78
C LEU S 311 -34.26 -71.48 40.59
N THR S 312 -35.50 -71.17 40.97
CA THR S 312 -36.59 -72.09 40.77
C THR S 312 -36.77 -72.40 39.28
N PRO S 313 -37.52 -73.46 38.95
CA PRO S 313 -37.71 -73.80 37.53
C PRO S 313 -38.34 -72.67 36.74
N GLU S 314 -39.30 -71.94 37.32
CA GLU S 314 -39.93 -70.85 36.60
C GLU S 314 -38.95 -69.73 36.32
N TYR S 315 -38.11 -69.38 37.30
CA TYR S 315 -37.11 -68.36 37.07
C TYR S 315 -36.12 -68.79 36.00
N LEU S 316 -35.71 -70.07 36.02
CA LEU S 316 -34.80 -70.54 35.00
C LEU S 316 -35.44 -70.51 33.61
N GLU S 317 -36.74 -70.84 33.53
CA GLU S 317 -37.43 -70.76 32.24
C GLU S 317 -37.50 -69.32 31.75
N LEU S 318 -37.80 -68.38 32.64
CA LEU S 318 -37.83 -66.98 32.24
C LEU S 318 -36.48 -66.52 31.74
N LYS S 319 -35.41 -66.91 32.42
CA LYS S 319 -34.08 -66.54 31.97
C LYS S 319 -33.73 -67.22 30.65
N LYS S 320 -34.21 -68.44 30.44
CA LYS S 320 -34.01 -69.10 29.15
C LYS S 320 -34.67 -68.31 28.04
N TYR S 321 -35.91 -67.86 28.26
CA TYR S 321 -36.57 -67.02 27.27
C TYR S 321 -35.75 -65.79 26.98
N GLN S 322 -35.37 -65.06 28.03
CA GLN S 322 -34.64 -63.80 27.83
C GLN S 322 -33.29 -64.03 27.17
N ALA S 323 -32.70 -65.21 27.35
CA ALA S 323 -31.36 -65.48 26.84
C ALA S 323 -31.39 -65.94 25.37
N ILE S 324 -32.29 -66.85 25.02
CA ILE S 324 -32.34 -67.35 23.65
C ILE S 324 -33.30 -66.55 22.77
N ALA S 325 -33.90 -65.49 23.29
CA ALA S 325 -34.64 -64.56 22.44
C ALA S 325 -33.83 -63.31 22.10
N SER S 326 -32.99 -62.85 23.02
CA SER S 326 -32.27 -61.60 22.80
C SER S 326 -31.33 -61.72 21.61
N ASN S 327 -31.33 -60.70 20.75
CA ASN S 327 -30.39 -60.60 19.65
C ASN S 327 -30.52 -61.79 18.70
N SER S 328 -31.74 -61.99 18.21
CA SER S 328 -32.02 -63.09 17.28
C SER S 328 -32.69 -62.59 16.03
N LYS S 329 -33.12 -63.51 15.16
CA LYS S 329 -33.83 -63.15 13.93
C LYS S 329 -34.60 -64.38 13.49
N ILE S 330 -35.91 -64.31 13.57
CA ILE S 330 -36.77 -65.47 13.34
C ILE S 330 -37.13 -65.54 11.86
N TYR S 331 -37.30 -66.77 11.37
CA TYR S 331 -37.74 -67.04 10.01
C TYR S 331 -38.89 -68.03 10.00
N PHE S 332 -39.79 -67.90 10.97
CA PHE S 332 -40.86 -68.86 11.13
C PHE S 332 -41.77 -68.84 9.90
N GLY S 333 -42.69 -69.80 9.86
CA GLY S 333 -43.58 -69.95 8.73
C GLY S 333 -43.64 -71.38 8.25
N SER S 334 -44.72 -71.76 7.57
CA SER S 334 -44.94 -73.13 7.17
C SER S 334 -44.34 -73.48 5.81
N ASN S 335 -43.81 -72.50 5.08
CA ASN S 335 -43.27 -72.70 3.73
C ASN S 335 -41.92 -72.03 3.60
N ILE S 336 -41.02 -72.29 4.55
CA ILE S 336 -39.72 -71.63 4.53
C ILE S 336 -39.00 -71.98 3.23
N PRO S 337 -38.23 -71.06 2.62
CA PRO S 337 -37.45 -71.41 1.43
C PRO S 337 -36.23 -72.26 1.78
N ASN S 338 -35.39 -72.55 0.79
CA ASN S 338 -34.29 -73.49 0.98
C ASN S 338 -32.94 -72.96 0.51
N MET S 339 -32.80 -71.65 0.30
CA MET S 339 -31.58 -71.09 -0.26
C MET S 339 -31.21 -69.81 0.50
N PHE S 340 -31.16 -69.90 1.83
CA PHE S 340 -30.77 -68.73 2.61
C PHE S 340 -29.39 -68.25 2.19
N VAL S 341 -29.18 -66.94 2.29
CA VAL S 341 -27.91 -66.31 1.96
C VAL S 341 -27.57 -65.32 3.07
N ASP S 342 -26.30 -65.28 3.46
CA ASP S 342 -25.84 -64.35 4.48
C ASP S 342 -25.63 -62.98 3.85
N SER T 18 120.91 25.43 14.35
CA SER T 18 122.32 25.06 14.48
C SER T 18 122.44 23.70 15.18
N LEU T 19 123.05 23.67 16.36
CA LEU T 19 123.19 22.42 17.10
C LEU T 19 121.87 21.96 17.69
N PHE T 20 120.83 22.79 17.67
CA PHE T 20 119.52 22.36 18.17
C PHE T 20 119.00 21.18 17.36
N SER T 21 119.17 21.21 16.03
CA SER T 21 118.70 20.13 15.19
C SER T 21 119.60 18.89 15.28
N ALA T 22 120.88 19.07 15.61
CA ALA T 22 121.80 17.94 15.62
C ALA T 22 121.37 16.89 16.64
N VAL T 23 120.96 17.31 17.83
CA VAL T 23 120.55 16.37 18.86
C VAL T 23 119.11 15.93 18.61
N HIS T 24 118.78 14.73 19.11
CA HIS T 24 117.45 14.17 18.91
C HIS T 24 117.24 12.97 19.82
N LYS T 25 116.11 12.94 20.53
CA LYS T 25 115.78 11.82 21.38
C LYS T 25 115.26 10.66 20.55
N ILE T 26 115.68 9.44 20.91
CA ILE T 26 115.29 8.25 20.18
C ILE T 26 114.20 7.44 20.90
N GLU T 27 113.99 7.68 22.19
CA GLU T 27 112.99 6.95 22.96
C GLU T 27 113.39 5.49 23.11
N GLU T 28 112.97 4.86 24.21
CA GLU T 28 113.27 3.46 24.43
C GLU T 28 112.37 2.58 23.59
N GLY T 29 112.92 1.47 23.10
CA GLY T 29 112.17 0.55 22.28
C GLY T 29 112.11 0.89 20.81
N HIS T 30 112.73 1.99 20.38
CA HIS T 30 112.78 2.40 19.00
C HIS T 30 114.21 2.26 18.48
N ILE T 31 114.34 2.37 17.16
CA ILE T 31 115.65 2.49 16.51
C ILE T 31 115.56 3.60 15.48
N GLY T 32 116.55 4.48 15.47
CA GLY T 32 116.55 5.62 14.57
C GLY T 32 117.24 5.30 13.27
N VAL T 33 116.60 5.67 12.16
CA VAL T 33 117.14 5.51 10.82
C VAL T 33 117.30 6.90 10.22
N TYR T 34 118.44 7.14 9.59
CA TYR T 34 118.83 8.45 9.11
C TYR T 34 118.82 8.47 7.59
N TYR T 35 118.35 9.59 7.04
CA TYR T 35 118.28 9.82 5.60
C TYR T 35 119.23 10.96 5.24
N ARG T 36 120.14 10.70 4.31
CA ARG T 36 121.09 11.69 3.84
C ARG T 36 120.55 12.38 2.58
N GLY T 37 119.54 13.22 2.81
CA GLY T 37 118.87 13.88 1.72
C GLY T 37 118.18 12.88 0.80
N GLY T 38 117.46 11.92 1.41
CA GLY T 38 116.72 10.93 0.67
C GLY T 38 117.36 9.56 0.60
N ALA T 39 118.64 9.45 0.96
CA ALA T 39 119.34 8.18 0.95
C ALA T 39 119.51 7.66 2.37
N LEU T 40 119.19 6.38 2.57
CA LEU T 40 119.23 5.77 3.89
C LEU T 40 120.66 5.38 4.22
N LEU T 41 121.22 6.00 5.26
CA LEU T 41 122.55 5.62 5.72
C LEU T 41 122.53 4.21 6.31
N THR T 42 123.67 3.53 6.22
CA THR T 42 123.76 2.17 6.72
C THR T 42 124.15 2.15 8.20
N SER T 43 123.90 3.26 8.90
CA SER T 43 124.17 3.37 10.33
C SER T 43 122.86 3.67 11.05
N THR T 44 122.55 2.85 12.05
CA THR T 44 121.35 3.01 12.86
C THR T 44 121.73 3.28 14.31
N SER T 45 120.95 4.14 14.97
CA SER T 45 121.23 4.57 16.33
C SER T 45 120.15 4.04 17.26
N GLY T 46 120.58 3.48 18.39
CA GLY T 46 119.67 2.94 19.37
C GLY T 46 119.08 4.02 20.25
N PRO T 47 118.35 3.61 21.30
CA PRO T 47 117.76 4.58 22.22
C PRO T 47 118.82 5.40 22.93
N GLY T 48 118.46 6.65 23.23
CA GLY T 48 119.33 7.57 23.94
C GLY T 48 119.65 8.80 23.12
N PHE T 49 120.42 9.69 23.75
CA PHE T 49 120.83 10.91 23.08
C PHE T 49 121.80 10.58 21.95
N HIS T 50 121.61 11.24 20.80
CA HIS T 50 122.45 11.00 19.64
C HIS T 50 122.56 12.29 18.84
N LEU T 51 123.62 12.38 18.04
CA LEU T 51 123.93 13.56 17.27
C LEU T 51 124.09 13.20 15.81
N MET T 52 123.57 14.03 14.93
CA MET T 52 123.68 13.84 13.49
C MET T 52 124.13 15.12 12.83
N LEU T 53 124.16 15.16 11.49
CA LEU T 53 124.49 16.38 10.80
C LEU T 53 123.38 17.41 10.99
N PRO T 54 123.69 18.70 10.86
CA PRO T 54 122.77 19.73 11.33
C PRO T 54 121.47 19.80 10.53
N PHE T 55 121.56 19.90 9.21
CA PHE T 55 120.38 20.17 8.38
C PHE T 55 120.23 19.25 7.19
N ILE T 56 121.26 18.50 6.80
CA ILE T 56 121.21 17.67 5.61
C ILE T 56 120.95 16.20 5.94
N THR T 57 120.52 15.90 7.16
CA THR T 57 120.18 14.55 7.57
C THR T 57 118.88 14.57 8.35
N SER T 58 117.97 13.65 8.03
CA SER T 58 116.68 13.58 8.69
C SER T 58 116.51 12.21 9.34
N TYR T 59 116.17 12.21 10.62
CA TYR T 59 116.03 10.98 11.38
C TYR T 59 114.54 10.64 11.56
N LYS T 60 114.25 9.35 11.56
CA LYS T 60 112.93 8.87 11.98
C LYS T 60 113.12 7.60 12.79
N SER T 61 112.36 7.48 13.87
CA SER T 61 112.47 6.37 14.79
C SER T 61 111.37 5.36 14.49
N VAL T 62 111.77 4.13 14.16
CA VAL T 62 110.85 3.04 13.91
C VAL T 62 110.83 2.13 15.12
N GLN T 63 109.62 1.76 15.56
CA GLN T 63 109.48 0.97 16.78
C GLN T 63 109.94 -0.46 16.55
N THR T 64 110.74 -0.97 17.48
CA THR T 64 111.20 -2.36 17.44
C THR T 64 110.62 -3.18 18.58
N THR T 65 109.61 -2.68 19.28
CA THR T 65 108.93 -3.40 20.34
C THR T 65 107.52 -3.74 19.90
N LEU T 66 106.85 -4.55 20.72
CA LEU T 66 105.49 -4.96 20.40
C LEU T 66 104.60 -3.75 20.24
N GLN T 67 103.81 -3.74 19.16
CA GLN T 67 102.89 -2.65 18.88
C GLN T 67 101.64 -3.23 18.24
N THR T 68 100.57 -2.44 18.22
CA THR T 68 99.28 -2.91 17.74
C THR T 68 98.64 -1.87 16.83
N ASP T 69 97.87 -2.35 15.87
CA ASP T 69 97.08 -1.45 15.03
C ASP T 69 95.94 -2.24 14.42
N GLU T 70 94.84 -1.55 14.12
CA GLU T 70 93.59 -2.20 13.77
C GLU T 70 93.01 -1.64 12.47
N VAL T 71 92.14 -2.44 11.87
CA VAL T 71 91.36 -2.06 10.70
C VAL T 71 89.89 -2.31 11.01
N LYS T 72 89.04 -1.34 10.67
CA LYS T 72 87.64 -1.35 11.06
C LYS T 72 86.74 -1.69 9.88
N ASN T 73 85.58 -2.27 10.20
CA ASN T 73 84.54 -2.57 9.21
C ASN T 73 85.11 -3.33 8.02
N VAL T 74 85.63 -4.51 8.30
CA VAL T 74 86.21 -5.38 7.28
C VAL T 74 85.09 -6.27 6.73
N PRO T 75 84.77 -6.19 5.44
CA PRO T 75 83.75 -7.08 4.89
C PRO T 75 84.23 -8.52 4.86
N CYS T 76 83.26 -9.43 4.84
CA CYS T 76 83.55 -10.85 4.75
C CYS T 76 82.35 -11.55 4.13
N GLY T 77 82.54 -12.14 2.95
CA GLY T 77 81.47 -12.81 2.26
C GLY T 77 81.46 -14.30 2.52
N THR T 78 80.41 -14.80 3.18
CA THR T 78 80.34 -16.19 3.56
C THR T 78 79.97 -17.06 2.37
N SER T 79 80.16 -18.37 2.53
CA SER T 79 79.85 -19.30 1.45
C SER T 79 78.37 -19.29 1.10
N GLY T 80 77.52 -18.79 1.99
CA GLY T 80 76.11 -18.68 1.70
C GLY T 80 75.71 -17.45 0.93
N GLY T 81 76.66 -16.61 0.55
CA GLY T 81 76.38 -15.39 -0.17
C GLY T 81 76.02 -14.20 0.69
N VAL T 82 76.02 -14.35 2.01
CA VAL T 82 75.68 -13.26 2.92
C VAL T 82 76.96 -12.54 3.33
N MET T 83 76.87 -11.23 3.47
CA MET T 83 78.00 -10.38 3.82
C MET T 83 77.92 -10.00 5.30
N ILE T 84 79.00 -10.26 6.04
CA ILE T 84 79.09 -9.90 7.44
C ILE T 84 80.33 -9.04 7.62
N TYR T 85 80.20 -7.97 8.39
CA TYR T 85 81.25 -6.98 8.55
C TYR T 85 81.86 -7.09 9.95
N PHE T 86 83.13 -7.48 10.00
CA PHE T 86 83.85 -7.46 11.27
C PHE T 86 84.07 -6.01 11.70
N ASP T 87 83.62 -5.69 12.92
CA ASP T 87 83.74 -4.32 13.40
C ASP T 87 85.20 -3.89 13.50
N ARG T 88 86.06 -4.75 14.04
CA ARG T 88 87.45 -4.41 14.26
C ARG T 88 88.30 -5.67 14.15
N ILE T 89 89.45 -5.54 13.50
CA ILE T 89 90.45 -6.59 13.44
C ILE T 89 91.79 -5.94 13.78
N GLU T 90 92.37 -6.33 14.90
CA GLU T 90 93.63 -5.78 15.37
C GLU T 90 94.75 -6.78 15.14
N VAL T 91 95.91 -6.27 14.75
CA VAL T 91 97.12 -7.06 14.61
C VAL T 91 98.18 -6.47 15.52
N VAL T 92 98.81 -7.32 16.32
CA VAL T 92 99.91 -6.96 17.19
C VAL T 92 101.15 -7.62 16.63
N ASN T 93 102.18 -6.82 16.37
CA ASN T 93 103.40 -7.29 15.72
C ASN T 93 104.61 -6.61 16.32
N PHE T 94 105.77 -7.20 16.08
CA PHE T 94 107.02 -6.60 16.51
C PHE T 94 108.13 -6.92 15.51
N LEU T 95 109.10 -6.03 15.43
CA LEU T 95 110.20 -6.13 14.47
C LEU T 95 111.51 -6.26 15.23
N VAL T 96 112.29 -7.27 14.88
CA VAL T 96 113.58 -7.51 15.53
C VAL T 96 114.48 -6.32 15.22
N PRO T 97 115.46 -6.01 16.08
CA PRO T 97 116.24 -4.80 15.88
C PRO T 97 117.28 -4.91 14.76
N ASN T 98 117.77 -6.12 14.51
CA ASN T 98 118.82 -6.28 13.51
C ASN T 98 118.30 -6.12 12.09
N ALA T 99 117.05 -6.51 11.84
CA ALA T 99 116.47 -6.45 10.51
C ALA T 99 115.80 -5.10 10.23
N VAL T 100 115.91 -4.15 11.15
CA VAL T 100 115.25 -2.86 10.97
C VAL T 100 115.78 -2.16 9.73
N TYR T 101 117.10 -2.20 9.52
CA TYR T 101 117.69 -1.53 8.37
C TYR T 101 117.12 -2.08 7.06
N ASP T 102 117.13 -3.40 6.91
CA ASP T 102 116.61 -4.00 5.69
C ASP T 102 115.13 -3.69 5.52
N ILE T 103 114.36 -3.77 6.60
CA ILE T 103 112.92 -3.53 6.50
C ILE T 103 112.65 -2.11 6.02
N VAL T 104 113.33 -1.13 6.61
CA VAL T 104 113.08 0.26 6.24
C VAL T 104 113.58 0.52 4.83
N LYS T 105 114.72 -0.07 4.46
CA LYS T 105 115.24 0.12 3.11
C LYS T 105 114.28 -0.41 2.07
N ASN T 106 113.72 -1.61 2.29
CA ASN T 106 112.87 -2.22 1.29
C ASN T 106 111.47 -1.59 1.27
N TYR T 107 110.91 -1.26 2.43
CA TYR T 107 109.51 -0.84 2.51
C TYR T 107 109.33 0.45 3.31
N THR T 108 110.38 1.25 3.46
CA THR T 108 110.25 2.54 4.15
C THR T 108 109.85 2.35 5.60
N ALA T 109 109.52 3.46 6.28
CA ALA T 109 109.16 3.41 7.68
C ALA T 109 107.70 3.03 7.92
N ASP T 110 106.86 3.09 6.90
CA ASP T 110 105.46 2.69 6.99
C ASP T 110 105.23 1.29 6.44
N TYR T 111 106.20 0.40 6.65
CA TYR T 111 106.13 -0.94 6.07
C TYR T 111 104.86 -1.68 6.50
N ASP T 112 104.31 -1.33 7.66
CA ASP T 112 103.17 -2.07 8.19
C ASP T 112 101.97 -1.97 7.26
N LYS T 113 101.69 -0.77 6.73
CA LYS T 113 100.50 -0.61 5.89
C LYS T 113 100.61 -1.46 4.63
N ALA T 114 101.79 -1.49 4.01
CA ALA T 114 101.96 -2.26 2.78
C ALA T 114 102.18 -3.75 3.03
N LEU T 115 102.48 -4.15 4.27
CA LEU T 115 102.78 -5.54 4.55
C LEU T 115 101.65 -6.30 5.21
N ILE T 116 100.82 -5.65 6.02
CA ILE T 116 99.83 -6.36 6.82
C ILE T 116 98.43 -5.83 6.56
N PHE T 117 98.23 -4.54 6.83
CA PHE T 117 96.89 -3.97 6.87
C PHE T 117 96.33 -3.65 5.50
N ASN T 118 97.13 -3.73 4.44
CA ASN T 118 96.62 -3.60 3.09
C ASN T 118 96.13 -4.93 2.52
N LYS T 119 96.41 -6.04 3.20
CA LYS T 119 95.96 -7.35 2.75
C LYS T 119 95.16 -8.09 3.80
N ILE T 120 94.97 -7.51 4.99
CA ILE T 120 94.10 -8.14 5.98
C ILE T 120 92.73 -8.42 5.39
N HIS T 121 92.17 -7.44 4.67
CA HIS T 121 90.82 -7.60 4.14
C HIS T 121 90.78 -8.72 3.10
N HIS T 122 91.78 -8.80 2.23
CA HIS T 122 91.80 -9.88 1.24
C HIS T 122 91.94 -11.24 1.91
N GLU T 123 92.82 -11.35 2.90
CA GLU T 123 92.96 -12.63 3.60
C GLU T 123 91.66 -13.03 4.28
N LEU T 124 90.98 -12.07 4.92
CA LEU T 124 89.73 -12.37 5.58
C LEU T 124 88.67 -12.82 4.57
N ASN T 125 88.59 -12.14 3.42
CA ASN T 125 87.61 -12.52 2.42
C ASN T 125 87.90 -13.92 1.87
N GLN T 126 89.17 -14.23 1.62
CA GLN T 126 89.53 -15.55 1.14
C GLN T 126 89.15 -16.62 2.16
N PHE T 127 89.40 -16.34 3.44
CA PHE T 127 89.02 -17.31 4.47
C PHE T 127 87.51 -17.46 4.54
N CYS T 128 86.77 -16.35 4.45
CA CYS T 128 85.31 -16.40 4.60
C CYS T 128 84.66 -17.12 3.44
N SER T 129 85.18 -16.95 2.22
CA SER T 129 84.52 -17.52 1.06
C SER T 129 84.37 -19.03 1.14
N VAL T 130 85.17 -19.70 1.97
CA VAL T 130 85.10 -21.15 2.10
C VAL T 130 84.20 -21.59 3.25
N HIS T 131 83.81 -20.69 4.13
CA HIS T 131 83.06 -21.03 5.33
C HIS T 131 81.70 -20.33 5.31
N THR T 132 80.71 -20.98 5.91
CA THR T 132 79.35 -20.48 5.92
C THR T 132 79.16 -19.46 7.04
N LEU T 133 77.99 -18.83 7.06
CA LEU T 133 77.73 -17.77 8.03
C LEU T 133 77.82 -18.30 9.45
N GLN T 134 77.17 -19.42 9.73
CA GLN T 134 77.31 -20.03 11.05
C GLN T 134 78.75 -20.43 11.31
N GLU T 135 79.41 -21.01 10.31
CA GLU T 135 80.76 -21.54 10.49
C GLU T 135 81.72 -20.46 10.94
N VAL T 136 81.58 -19.24 10.43
CA VAL T 136 82.47 -18.14 10.79
C VAL T 136 81.96 -17.41 12.03
N TYR T 137 80.64 -17.22 12.12
CA TYR T 137 80.07 -16.45 13.22
C TYR T 137 80.30 -17.15 14.56
N ILE T 138 80.13 -18.47 14.61
CA ILE T 138 80.14 -19.19 15.88
C ILE T 138 81.20 -20.29 15.91
N GLU T 139 81.07 -21.27 15.01
CA GLU T 139 81.84 -22.51 15.14
C GLU T 139 83.35 -22.22 15.17
N LEU T 140 83.89 -21.71 14.07
CA LEU T 140 85.32 -21.49 13.94
C LEU T 140 85.72 -20.04 14.18
N PHE T 141 85.02 -19.34 15.06
CA PHE T 141 85.43 -17.98 15.40
C PHE T 141 86.81 -17.99 16.03
N ASP T 142 87.07 -18.92 16.94
CA ASP T 142 88.37 -18.98 17.60
C ASP T 142 89.49 -19.31 16.63
N GLN T 143 89.17 -19.79 15.43
CA GLN T 143 90.18 -20.13 14.43
C GLN T 143 90.46 -19.01 13.45
N ILE T 144 89.62 -17.96 13.43
CA ILE T 144 89.85 -16.85 12.51
C ILE T 144 91.19 -16.19 12.80
N ASP T 145 91.48 -15.99 14.08
CA ASP T 145 92.73 -15.32 14.47
C ASP T 145 93.93 -16.11 13.96
N GLU T 146 93.94 -17.42 14.22
CA GLU T 146 95.07 -18.24 13.79
C GLU T 146 95.18 -18.27 12.27
N ASN T 147 94.05 -18.38 11.58
CA ASN T 147 94.09 -18.41 10.12
C ASN T 147 94.71 -17.12 9.58
N LEU T 148 94.24 -15.97 10.06
CA LEU T 148 94.78 -14.70 9.57
C LEU T 148 96.25 -14.56 9.92
N LYS T 149 96.62 -14.92 11.15
CA LYS T 149 98.01 -14.80 11.56
C LYS T 149 98.93 -15.66 10.70
N LEU T 150 98.53 -16.91 10.45
CA LEU T 150 99.34 -17.77 9.59
C LEU T 150 99.41 -17.23 8.17
N ALA T 151 98.27 -16.75 7.65
CA ALA T 151 98.27 -16.23 6.28
C ALA T 151 99.24 -15.06 6.14
N LEU T 152 99.26 -14.16 7.12
CA LEU T 152 100.18 -13.03 7.04
C LEU T 152 101.63 -13.46 7.26
N GLN T 153 101.87 -14.30 8.26
CA GLN T 153 103.24 -14.63 8.64
C GLN T 153 103.91 -15.48 7.56
N GLN T 154 103.17 -16.36 6.90
CA GLN T 154 103.77 -17.21 5.88
C GLN T 154 104.33 -16.36 4.75
N ASP T 155 103.63 -15.30 4.39
CA ASP T 155 104.13 -14.42 3.35
C ASP T 155 105.28 -13.55 3.86
N LEU T 156 105.14 -13.02 5.08
CA LEU T 156 106.15 -12.12 5.61
C LEU T 156 107.49 -12.82 5.80
N THR T 157 107.48 -14.08 6.23
CA THR T 157 108.73 -14.76 6.55
C THR T 157 109.67 -14.79 5.35
N SER T 158 109.11 -14.72 4.13
CA SER T 158 109.91 -14.71 2.91
C SER T 158 110.04 -13.34 2.29
N MET T 159 108.98 -12.53 2.30
CA MET T 159 109.02 -11.23 1.66
C MET T 159 109.80 -10.19 2.48
N ALA T 160 109.87 -10.36 3.79
CA ALA T 160 110.50 -9.37 4.65
C ALA T 160 110.88 -9.99 5.99
N PRO T 161 111.94 -10.79 6.05
CA PRO T 161 112.29 -11.44 7.32
C PRO T 161 112.59 -10.43 8.42
N GLY T 162 112.18 -10.76 9.63
CA GLY T 162 112.40 -9.90 10.78
C GLY T 162 111.10 -9.43 11.41
N LEU T 163 110.12 -9.10 10.59
CA LEU T 163 108.80 -8.73 11.10
C LEU T 163 108.07 -9.98 11.57
N VAL T 164 107.44 -9.89 12.75
CA VAL T 164 106.74 -11.02 13.35
C VAL T 164 105.35 -10.56 13.77
N ILE T 165 104.35 -11.35 13.43
CA ILE T 165 102.97 -11.10 13.85
C ILE T 165 102.77 -11.85 15.17
N GLN T 166 102.88 -11.12 16.28
CA GLN T 166 102.71 -11.74 17.59
C GLN T 166 101.30 -12.27 17.78
N ALA T 167 100.29 -11.47 17.44
CA ALA T 167 98.92 -11.88 17.72
C ALA T 167 97.94 -11.17 16.81
N VAL T 168 96.73 -11.72 16.73
CA VAL T 168 95.64 -11.14 15.97
C VAL T 168 94.36 -11.29 16.78
N ARG T 169 93.51 -10.27 16.74
CA ARG T 169 92.22 -10.28 17.42
C ARG T 169 91.15 -9.77 16.48
N VAL T 170 89.91 -10.21 16.69
CA VAL T 170 88.79 -9.80 15.85
C VAL T 170 87.54 -9.69 16.71
N THR T 171 86.63 -8.83 16.29
CA THR T 171 85.32 -8.75 16.94
C THR T 171 84.35 -9.73 16.28
N LYS T 172 83.16 -9.82 16.87
CA LYS T 172 82.11 -10.65 16.28
C LYS T 172 81.52 -9.95 15.06
N PRO T 173 81.44 -10.61 13.91
CA PRO T 173 80.87 -9.94 12.73
C PRO T 173 79.43 -9.53 12.97
N ASN T 174 79.06 -8.39 12.38
CA ASN T 174 77.68 -7.92 12.43
C ASN T 174 76.89 -8.60 11.32
N ILE T 175 76.06 -9.57 11.70
CA ILE T 175 75.26 -10.33 10.74
C ILE T 175 74.00 -9.55 10.38
N PRO T 176 73.34 -9.87 9.26
CA PRO T 176 72.15 -9.12 8.88
C PRO T 176 71.06 -9.23 9.94
N GLU T 177 70.21 -8.20 10.00
CA GLU T 177 69.16 -8.16 11.01
C GLU T 177 68.22 -9.34 10.88
N ALA T 178 67.83 -9.69 9.65
CA ALA T 178 66.86 -10.76 9.46
C ALA T 178 67.37 -12.06 10.05
N ILE T 179 68.64 -12.39 9.82
CA ILE T 179 69.21 -13.59 10.43
C ILE T 179 69.35 -13.42 11.93
N ARG T 180 69.69 -12.22 12.39
CA ARG T 180 69.82 -11.98 13.82
C ARG T 180 68.49 -12.19 14.53
N ARG T 181 67.38 -11.80 13.89
CA ARG T 181 66.08 -12.02 14.51
C ARG T 181 65.82 -13.50 14.71
N ASN T 182 66.17 -14.33 13.73
CA ASN T 182 65.98 -15.76 13.86
C ASN T 182 66.81 -16.32 15.01
N TYR T 183 68.04 -15.85 15.17
CA TYR T 183 68.89 -16.34 16.24
C TYR T 183 68.29 -16.03 17.60
N GLU T 184 67.72 -14.83 17.76
CA GLU T 184 67.05 -14.50 19.02
C GLU T 184 65.84 -15.38 19.26
N LEU T 185 65.09 -15.68 18.19
CA LEU T 185 63.93 -16.57 18.34
C LEU T 185 64.37 -17.96 18.78
N MET T 186 65.50 -18.44 18.25
CA MET T 186 65.98 -19.76 18.64
C MET T 186 66.22 -19.84 20.14
N GLU T 187 66.80 -18.79 20.72
CA GLU T 187 67.03 -18.79 22.16
C GLU T 187 65.73 -18.61 22.93
N SER T 188 64.76 -17.91 22.36
CA SER T 188 63.46 -17.80 23.00
C SER T 188 62.79 -19.16 23.10
N GLU T 189 62.93 -19.99 22.07
CA GLU T 189 62.38 -21.34 22.12
C GLU T 189 63.04 -22.16 23.22
N LYS T 190 64.35 -21.97 23.42
CA LYS T 190 65.04 -22.71 24.47
C LYS T 190 64.48 -22.39 25.84
N THR T 191 64.16 -21.11 26.09
CA THR T 191 63.55 -20.73 27.35
C THR T 191 62.08 -21.11 27.42
N LYS T 192 61.39 -21.13 26.28
CA LYS T 192 59.99 -21.55 26.28
C LYS T 192 59.83 -22.99 26.73
N LEU T 193 60.91 -23.78 26.69
CA LEU T 193 60.83 -25.15 27.19
C LEU T 193 60.74 -25.19 28.70
N LEU T 194 61.52 -24.35 29.38
CA LEU T 194 61.48 -24.31 30.84
C LEU T 194 60.12 -23.84 31.34
N ILE T 195 59.56 -22.81 30.70
CA ILE T 195 58.22 -22.36 31.05
C ILE T 195 57.23 -23.50 30.88
N ALA T 196 57.38 -24.28 29.81
CA ALA T 196 56.53 -25.45 29.63
C ALA T 196 56.74 -26.46 30.75
N ALA T 197 57.98 -26.66 31.18
CA ALA T 197 58.24 -27.61 32.25
C ALA T 197 57.52 -27.22 33.53
N GLN T 198 57.53 -25.92 33.87
CA GLN T 198 56.84 -25.49 35.09
C GLN T 198 55.32 -25.48 34.91
N LYS T 199 54.85 -25.07 33.75
CA LYS T 199 53.41 -25.12 33.47
C LYS T 199 52.89 -26.54 33.57
N GLN T 200 53.74 -27.53 33.27
CA GLN T 200 53.34 -28.92 33.45
C GLN T 200 52.97 -29.20 34.91
N LYS T 201 53.82 -28.77 35.84
CA LYS T 201 53.53 -28.98 37.25
C LYS T 201 52.27 -28.22 37.66
N VAL T 202 52.12 -26.99 37.17
CA VAL T 202 50.93 -26.21 37.53
C VAL T 202 49.68 -26.92 37.05
N VAL T 203 49.69 -27.43 35.82
CA VAL T 203 48.53 -28.11 35.26
C VAL T 203 48.24 -29.39 36.05
N GLU T 204 49.29 -30.12 36.42
CA GLU T 204 49.10 -31.32 37.22
C GLU T 204 48.43 -31.00 38.54
N LYS T 205 48.89 -29.94 39.21
CA LYS T 205 48.30 -29.57 40.50
C LYS T 205 46.84 -29.16 40.35
N GLU T 206 46.53 -28.38 39.31
CA GLU T 206 45.14 -27.99 39.10
C GLU T 206 44.26 -29.21 38.83
N ALA T 207 44.75 -30.15 38.02
CA ALA T 207 43.97 -31.35 37.76
C ALA T 207 43.76 -32.17 39.02
N GLU T 208 44.79 -32.28 39.86
CA GLU T 208 44.63 -33.00 41.12
C GLU T 208 43.61 -32.32 42.02
N THR T 209 43.62 -30.99 42.06
CA THR T 209 42.63 -30.27 42.85
C THR T 209 41.22 -30.57 42.34
N GLU T 210 41.03 -30.55 41.03
CA GLU T 210 39.71 -30.88 40.48
C GLU T 210 39.32 -32.30 40.84
N ARG T 211 40.29 -33.22 40.82
CA ARG T 211 40.00 -34.61 41.19
C ARG T 211 39.53 -34.70 42.64
N LYS T 212 40.20 -34.01 43.55
CA LYS T 212 39.80 -34.03 44.94
C LYS T 212 38.40 -33.46 45.11
N LYS T 213 38.09 -32.37 44.41
CA LYS T 213 36.75 -31.80 44.48
C LYS T 213 35.71 -32.80 43.99
N ALA T 214 35.99 -33.48 42.88
CA ALA T 214 35.04 -34.45 42.36
C ALA T 214 34.83 -35.60 43.32
N LEU T 215 35.90 -36.08 43.96
CA LEU T 215 35.75 -37.15 44.94
C LEU T 215 34.89 -36.71 46.12
N ILE T 216 35.11 -35.49 46.60
CA ILE T 216 34.29 -35.00 47.72
C ILE T 216 32.83 -34.92 47.31
N GLU T 217 32.56 -34.42 46.10
CA GLU T 217 31.18 -34.36 45.63
C GLU T 217 30.56 -35.75 45.53
N ALA T 218 31.32 -36.72 45.04
CA ALA T 218 30.80 -38.08 44.94
C ALA T 218 30.46 -38.65 46.32
N GLU T 219 31.34 -38.43 47.30
CA GLU T 219 31.04 -38.89 48.64
C GLU T 219 29.81 -38.20 49.21
N LYS T 220 29.66 -36.91 48.94
CA LYS T 220 28.45 -36.20 49.36
C LYS T 220 27.21 -36.86 48.80
N VAL T 221 27.22 -37.14 47.49
CA VAL T 221 26.07 -37.74 46.85
C VAL T 221 25.79 -39.12 47.45
N ALA T 222 26.86 -39.86 47.74
CA ALA T 222 26.68 -41.20 48.32
C ALA T 222 25.98 -41.11 49.67
N GLN T 223 26.43 -40.20 50.54
CA GLN T 223 25.81 -40.08 51.86
C GLN T 223 24.38 -39.58 51.76
N VAL T 224 24.13 -38.62 50.87
CA VAL T 224 22.77 -38.11 50.69
C VAL T 224 21.84 -39.23 50.22
N ALA T 225 22.31 -40.03 49.27
CA ALA T 225 21.50 -41.15 48.80
C ALA T 225 21.25 -42.16 49.92
N GLU T 226 22.27 -42.39 50.75
CA GLU T 226 22.09 -43.29 51.89
C GLU T 226 20.96 -42.81 52.78
N ILE T 227 20.95 -41.50 53.10
CA ILE T 227 19.89 -40.97 53.96
C ILE T 227 18.54 -41.08 53.27
N THR T 228 18.46 -40.72 51.99
CA THR T 228 17.17 -40.77 51.30
C THR T 228 16.62 -42.19 51.28
N TYR T 229 17.46 -43.18 51.05
CA TYR T 229 16.97 -44.55 51.00
C TYR T 229 16.68 -45.11 52.38
N GLY T 230 17.40 -44.65 53.40
CA GLY T 230 17.00 -44.96 54.76
C GLY T 230 15.60 -44.46 55.07
N GLN T 231 15.24 -43.29 54.54
CA GLN T 231 13.86 -42.82 54.72
C GLN T 231 12.89 -43.58 53.83
N LYS T 232 13.34 -44.02 52.65
CA LYS T 232 12.48 -44.78 51.76
C LYS T 232 12.06 -46.10 52.39
N VAL T 233 12.96 -46.73 53.12
CA VAL T 233 12.63 -48.01 53.77
C VAL T 233 11.46 -47.83 54.73
N MET T 234 11.53 -46.81 55.59
CA MET T 234 10.45 -46.60 56.55
C MET T 234 9.20 -46.08 55.88
N GLU T 235 9.34 -45.35 54.77
CA GLU T 235 8.17 -44.99 53.98
C GLU T 235 7.44 -46.24 53.52
N LYS T 236 8.19 -47.22 53.03
CA LYS T 236 7.56 -48.46 52.58
C LYS T 236 6.95 -49.24 53.75
N GLU T 237 7.61 -49.21 54.90
CA GLU T 237 7.03 -49.88 56.07
C GLU T 237 5.69 -49.26 56.45
N THR T 238 5.61 -47.92 56.46
CA THR T 238 4.35 -47.28 56.77
C THR T 238 3.32 -47.54 55.69
N GLU T 239 3.75 -47.66 54.43
CA GLU T 239 2.81 -48.05 53.38
C GLU T 239 2.27 -49.44 53.63
N LYS T 240 3.09 -50.34 54.14
CA LYS T 240 2.62 -51.67 54.50
C LYS T 240 1.58 -51.60 55.61
N LYS T 241 1.82 -50.76 56.62
CA LYS T 241 0.83 -50.60 57.69
C LYS T 241 -0.48 -50.03 57.14
N ILE T 242 -0.37 -49.06 56.24
CA ILE T 242 -1.56 -48.50 55.59
C ILE T 242 -2.30 -49.57 54.81
N SER T 243 -1.56 -50.45 54.13
CA SER T 243 -2.19 -51.54 53.39
C SER T 243 -2.93 -52.47 54.35
N GLU T 244 -2.35 -52.73 55.51
CA GLU T 244 -3.04 -53.54 56.52
C GLU T 244 -4.35 -52.88 56.94
N ILE T 245 -4.32 -51.57 57.22
CA ILE T 245 -5.53 -50.88 57.64
C ILE T 245 -6.57 -50.93 56.53
N GLU T 246 -6.15 -50.68 55.28
CA GLU T 246 -7.08 -50.70 54.16
C GLU T 246 -7.63 -52.09 53.91
N ASP T 247 -6.84 -53.13 54.15
CA ASP T 247 -7.36 -54.49 54.06
C ASP T 247 -8.43 -54.74 55.10
N ALA T 248 -8.19 -54.31 56.34
CA ALA T 248 -9.20 -54.45 57.37
C ALA T 248 -10.48 -53.72 56.98
N ALA T 249 -10.35 -52.55 56.36
CA ALA T 249 -11.53 -51.80 55.94
C ALA T 249 -12.20 -52.40 54.72
N PHE T 250 -11.44 -53.11 53.89
CA PHE T 250 -11.97 -53.64 52.63
C PHE T 250 -12.86 -54.86 52.87
N LEU T 251 -12.50 -55.71 53.85
CA LEU T 251 -13.31 -56.88 54.12
C LEU T 251 -14.72 -56.50 54.55
N ALA T 252 -14.83 -55.49 55.42
CA ALA T 252 -16.15 -55.09 55.90
C ALA T 252 -17.02 -54.55 54.76
N ARG T 253 -16.43 -53.75 53.88
CA ARG T 253 -17.21 -53.20 52.77
C ARG T 253 -17.70 -54.31 51.85
N GLU T 254 -16.85 -55.28 51.54
CA GLU T 254 -17.28 -56.39 50.70
C GLU T 254 -18.24 -57.31 51.44
N LYS T 255 -18.08 -57.42 52.76
CA LYS T 255 -19.05 -58.19 53.55
C LYS T 255 -20.42 -57.56 53.51
N ALA T 256 -20.48 -56.23 53.59
CA ALA T 256 -21.77 -55.55 53.54
C ALA T 256 -22.47 -55.78 52.21
N LYS T 257 -21.71 -55.67 51.10
CA LYS T 257 -22.31 -55.88 49.79
C LYS T 257 -22.86 -57.29 49.66
N ALA T 258 -22.13 -58.28 50.19
CA ALA T 258 -22.63 -59.65 50.13
C ALA T 258 -23.93 -59.81 50.90
N ASP T 259 -24.02 -59.20 52.08
CA ASP T 259 -25.24 -59.30 52.87
C ASP T 259 -26.39 -58.54 52.22
N ALA T 260 -26.11 -57.36 51.67
CA ALA T 260 -27.16 -56.58 51.04
C ALA T 260 -27.71 -57.30 49.82
N GLU T 261 -26.83 -57.87 49.00
CA GLU T 261 -27.28 -58.67 47.86
C GLU T 261 -28.05 -59.88 48.34
N CYS T 262 -27.52 -60.58 49.34
CA CYS T 262 -28.20 -61.77 49.87
C CYS T 262 -29.63 -61.44 50.27
N TYR T 263 -29.82 -60.38 51.05
CA TYR T 263 -31.16 -59.99 51.47
C TYR T 263 -32.03 -59.66 50.27
N THR T 264 -31.49 -58.91 49.30
CA THR T 264 -32.25 -58.57 48.11
C THR T 264 -32.64 -59.81 47.32
N ALA T 265 -31.70 -60.75 47.16
CA ALA T 265 -31.96 -61.92 46.35
C ALA T 265 -33.07 -62.78 46.93
N MET T 266 -33.07 -62.99 48.25
CA MET T 266 -34.15 -63.76 48.86
C MET T 266 -35.50 -63.06 48.69
N LYS T 267 -35.51 -61.73 48.82
CA LYS T 267 -36.76 -61.00 48.67
C LYS T 267 -37.33 -61.16 47.26
N ILE T 268 -36.46 -61.18 46.25
CA ILE T 268 -36.92 -61.44 44.89
C ILE T 268 -37.47 -62.84 44.79
N ALA T 269 -36.89 -63.80 45.50
CA ALA T 269 -37.39 -65.16 45.48
C ALA T 269 -38.83 -65.22 46.01
N GLU T 270 -39.09 -64.51 47.11
CA GLU T 270 -40.44 -64.50 47.67
C GLU T 270 -41.44 -63.90 46.68
N ALA T 271 -41.06 -62.80 46.03
CA ALA T 271 -41.96 -62.18 45.07
C ALA T 271 -42.18 -63.07 43.86
N ASN T 272 -41.11 -63.65 43.32
CA ASN T 272 -41.23 -64.52 42.15
C ASN T 272 -42.13 -65.71 42.43
N LYS T 273 -42.27 -66.11 43.69
CA LYS T 273 -43.12 -67.26 44.01
C LYS T 273 -44.55 -67.02 43.56
N LEU T 274 -44.99 -65.77 43.54
CA LEU T 274 -46.35 -65.42 43.12
C LEU T 274 -46.40 -64.76 41.74
N LYS T 275 -45.34 -64.07 41.35
CA LYS T 275 -45.36 -63.31 40.10
C LYS T 275 -45.21 -64.19 38.86
N LEU T 276 -44.48 -65.30 38.98
CA LEU T 276 -44.16 -66.13 37.82
C LEU T 276 -45.20 -67.23 37.59
N THR T 277 -46.46 -66.84 37.48
CA THR T 277 -47.50 -67.78 37.15
C THR T 277 -47.40 -68.17 35.67
N PRO T 278 -48.06 -69.26 35.27
CA PRO T 278 -47.96 -69.68 33.86
C PRO T 278 -48.39 -68.60 32.88
N GLU T 279 -49.44 -67.85 33.20
CA GLU T 279 -49.88 -66.78 32.30
C GLU T 279 -48.83 -65.70 32.17
N TYR T 280 -48.20 -65.31 33.28
CA TYR T 280 -47.14 -64.31 33.21
C TYR T 280 -45.95 -64.84 32.41
N LEU T 281 -45.64 -66.12 32.57
CA LEU T 281 -44.53 -66.70 31.81
C LEU T 281 -44.83 -66.68 30.33
N GLN T 282 -46.06 -66.97 29.93
CA GLN T 282 -46.45 -66.88 28.53
C GLN T 282 -46.34 -65.44 28.03
N LEU T 283 -46.83 -64.49 28.82
CA LEU T 283 -46.75 -63.09 28.45
C LEU T 283 -45.30 -62.68 28.22
N MET T 284 -44.41 -63.09 29.11
CA MET T 284 -43.00 -62.75 28.94
C MET T 284 -42.38 -63.48 27.76
N LYS T 285 -42.82 -64.71 27.48
CA LYS T 285 -42.33 -65.42 26.31
C LYS T 285 -42.60 -64.62 25.05
N TYR T 286 -43.81 -64.10 24.91
CA TYR T 286 -44.13 -63.32 23.72
C TYR T 286 -43.54 -61.91 23.76
N LYS T 287 -43.40 -61.33 24.95
CA LYS T 287 -42.77 -60.03 25.06
C LYS T 287 -41.31 -60.07 24.65
N ALA T 288 -40.62 -61.18 24.94
CA ALA T 288 -39.24 -61.34 24.51
C ALA T 288 -39.12 -61.43 22.99
N ILE T 289 -40.16 -61.90 22.31
CA ILE T 289 -40.15 -61.96 20.85
C ILE T 289 -40.60 -60.65 20.21
N ALA T 290 -41.35 -59.83 20.94
CA ALA T 290 -41.89 -58.60 20.37
C ALA T 290 -40.85 -57.75 19.64
N SER T 291 -39.56 -57.90 19.97
CA SER T 291 -38.54 -56.99 19.45
C SER T 291 -37.75 -57.56 18.28
N ASN T 292 -37.56 -58.87 18.20
CA ASN T 292 -36.69 -59.46 17.20
C ASN T 292 -37.35 -59.44 15.82
N SER T 293 -36.53 -59.25 14.79
CA SER T 293 -37.04 -59.22 13.43
C SER T 293 -37.55 -60.59 13.02
N LYS T 294 -38.65 -60.61 12.29
CA LYS T 294 -39.29 -61.85 11.86
C LYS T 294 -39.61 -61.78 10.37
N ILE T 295 -39.59 -62.92 9.71
CA ILE T 295 -39.92 -63.04 8.29
C ILE T 295 -40.85 -64.24 8.14
N TYR T 296 -42.15 -64.00 8.15
CA TYR T 296 -43.12 -65.07 7.97
C TYR T 296 -43.08 -65.59 6.54
N PHE T 297 -43.44 -66.86 6.37
CA PHE T 297 -43.39 -67.50 5.07
C PHE T 297 -44.58 -68.40 4.78
N GLY T 298 -45.63 -68.36 5.58
CA GLY T 298 -46.72 -69.31 5.44
C GLY T 298 -47.50 -69.16 4.15
N LYS T 299 -48.70 -69.73 4.11
CA LYS T 299 -49.55 -69.70 2.94
C LYS T 299 -50.65 -68.66 3.00
N ASP T 300 -50.94 -68.12 4.18
CA ASP T 300 -52.00 -67.14 4.34
C ASP T 300 -51.78 -66.41 5.66
N ILE T 301 -52.63 -65.43 5.96
CA ILE T 301 -52.42 -64.51 7.07
C ILE T 301 -52.76 -65.16 8.42
N PRO T 302 -53.97 -65.70 8.61
CA PRO T 302 -54.30 -66.22 9.95
C PRO T 302 -53.36 -67.31 10.43
N ASN T 303 -52.74 -68.06 9.51
CA ASN T 303 -51.72 -69.03 9.92
C ASN T 303 -50.52 -68.35 10.56
N MET T 304 -50.38 -67.04 10.39
CA MET T 304 -49.33 -66.31 11.07
C MET T 304 -49.50 -66.40 12.59
N PHE T 305 -50.74 -66.29 13.06
CA PHE T 305 -51.02 -66.28 14.48
C PHE T 305 -51.48 -67.62 15.02
N MET T 306 -52.13 -68.46 14.21
CA MET T 306 -52.63 -69.74 14.69
C MET T 306 -51.54 -70.80 14.68
N ASP T 307 -50.39 -70.46 15.27
CA ASP T 307 -49.24 -71.36 15.35
C ASP T 307 -49.64 -72.82 15.59
N VAL U 52 114.70 26.47 40.05
CA VAL U 52 115.81 26.11 40.93
C VAL U 52 116.16 24.64 40.72
N LEU U 53 117.44 24.31 40.89
CA LEU U 53 117.89 22.94 40.70
C LEU U 53 117.20 21.99 41.66
N LEU U 54 117.10 22.38 42.94
CA LEU U 54 116.47 21.50 43.92
C LEU U 54 115.01 21.28 43.57
N TYR U 55 114.27 22.34 43.26
CA TYR U 55 112.87 22.20 42.92
C TYR U 55 112.68 21.37 41.66
N ALA U 56 113.61 21.47 40.71
CA ALA U 56 113.47 20.75 39.44
C ALA U 56 113.80 19.28 39.59
N SER U 57 114.80 18.94 40.41
CA SER U 57 115.30 17.57 40.48
C SER U 57 114.67 16.75 41.60
N ILE U 58 114.43 17.36 42.76
CA ILE U 58 113.92 16.59 43.90
C ILE U 58 112.57 15.99 43.54
N HIS U 59 112.42 14.70 43.84
CA HIS U 59 111.18 13.98 43.54
C HIS U 59 110.97 12.91 44.61
N LYS U 60 109.72 12.53 44.79
CA LYS U 60 109.33 11.55 45.81
C LYS U 60 108.66 10.36 45.14
N ILE U 61 109.05 9.16 45.57
CA ILE U 61 108.51 7.91 45.03
C ILE U 61 107.59 7.31 46.09
N GLU U 62 106.31 7.17 45.73
CA GLU U 62 105.32 6.68 46.68
C GLU U 62 105.62 5.24 47.07
N GLU U 63 105.20 4.87 48.28
CA GLU U 63 105.37 3.50 48.75
C GLU U 63 104.63 2.55 47.82
N GLY U 64 105.27 1.42 47.52
CA GLY U 64 104.71 0.45 46.61
C GLY U 64 104.94 0.75 45.15
N HIS U 65 105.59 1.85 44.83
CA HIS U 65 105.93 2.21 43.45
C HIS U 65 107.43 2.12 43.26
N LEU U 66 107.83 1.75 42.05
CA LEU U 66 109.23 1.74 41.65
C LEU U 66 109.44 2.77 40.55
N ALA U 67 110.46 3.59 40.70
CA ALA U 67 110.72 4.67 39.76
C ALA U 67 111.64 4.20 38.64
N VAL U 68 111.30 4.57 37.41
CA VAL U 68 112.14 4.32 36.24
C VAL U 68 112.39 5.66 35.57
N TYR U 69 113.66 5.95 35.29
CA TYR U 69 114.06 7.25 34.78
C TYR U 69 114.41 7.15 33.31
N TYR U 70 114.44 8.31 32.66
CA TYR U 70 114.70 8.39 31.23
C TYR U 70 115.57 9.61 30.96
N ARG U 71 116.69 9.40 30.29
CA ARG U 71 117.61 10.47 29.91
C ARG U 71 117.70 10.47 28.39
N GLY U 72 117.02 11.42 27.75
CA GLY U 72 117.01 11.48 26.30
C GLY U 72 116.26 10.34 25.64
N GLY U 73 115.34 9.70 26.36
CA GLY U 73 114.59 8.58 25.85
C GLY U 73 115.14 7.22 26.24
N ALA U 74 116.42 7.15 26.61
CA ALA U 74 117.00 5.88 27.03
C ALA U 74 116.44 5.44 28.36
N LEU U 75 116.62 4.17 28.71
CA LEU U 75 116.18 3.62 29.99
C LEU U 75 117.42 3.36 30.83
N LEU U 76 117.66 4.24 31.80
CA LEU U 76 118.80 4.06 32.69
C LEU U 76 118.59 2.85 33.59
N THR U 77 119.59 1.98 33.64
CA THR U 77 119.52 0.74 34.41
C THR U 77 119.75 1.00 35.89
N SER U 78 118.88 1.77 36.52
CA SER U 78 119.01 2.11 37.93
C SER U 78 117.65 2.56 38.47
N PRO U 79 116.73 1.63 38.68
CA PRO U 79 115.46 1.98 39.32
C PRO U 79 115.65 2.32 40.79
N SER U 80 114.74 3.14 41.30
CA SER U 80 114.81 3.61 42.67
C SER U 80 113.52 3.29 43.40
N GLY U 81 113.63 2.86 44.65
CA GLY U 81 112.48 2.50 45.45
C GLY U 81 111.83 3.71 46.08
N PRO U 82 110.87 3.48 46.97
CA PRO U 82 110.17 4.60 47.60
C PRO U 82 111.11 5.43 48.46
N GLY U 83 110.80 6.72 48.55
CA GLY U 83 111.59 7.67 49.30
C GLY U 83 112.15 8.76 48.40
N TYR U 84 112.80 9.73 49.05
CA TYR U 84 113.41 10.83 48.34
C TYR U 84 114.57 10.34 47.48
N HIS U 85 114.80 11.02 46.36
CA HIS U 85 115.87 10.63 45.46
C HIS U 85 116.30 11.85 44.65
N ILE U 86 117.48 11.73 44.04
CA ILE U 86 118.08 12.81 43.27
C ILE U 86 118.26 12.33 41.84
N MET U 87 117.78 13.13 40.90
CA MET U 87 117.96 12.89 39.47
C MET U 87 118.39 14.19 38.80
N LEU U 88 119.10 14.06 37.70
CA LEU U 88 119.57 15.25 36.99
C LEU U 88 118.36 16.10 36.59
N PRO U 89 118.39 17.41 36.82
CA PRO U 89 117.14 18.19 36.81
C PRO U 89 116.37 18.13 35.49
N PHE U 90 117.00 18.54 34.39
CA PHE U 90 116.26 18.79 33.16
C PHE U 90 116.22 17.58 32.24
N ILE U 91 117.38 17.02 31.90
CA ILE U 91 117.42 15.96 30.89
C ILE U 91 116.66 14.73 31.37
N THR U 92 116.82 14.36 32.64
CA THR U 92 116.25 13.13 33.15
C THR U 92 114.84 13.37 33.68
N THR U 93 113.93 12.45 33.34
CA THR U 93 112.55 12.50 33.80
C THR U 93 112.14 11.13 34.31
N PHE U 94 111.37 11.10 35.39
CA PHE U 94 111.01 9.86 36.06
C PHE U 94 109.55 9.53 35.85
N ARG U 95 109.24 8.23 35.88
CA ARG U 95 107.87 7.75 35.95
C ARG U 95 107.83 6.59 36.93
N SER U 96 106.82 6.59 37.80
CA SER U 96 106.70 5.61 38.87
C SER U 96 105.65 4.57 38.47
N VAL U 97 106.07 3.31 38.38
CA VAL U 97 105.19 2.21 38.05
C VAL U 97 104.81 1.50 39.34
N GLN U 98 103.52 1.25 39.52
CA GLN U 98 103.04 0.61 40.74
C GLN U 98 103.38 -0.87 40.73
N THR U 99 103.93 -1.36 41.85
CA THR U 99 104.27 -2.76 41.99
C THR U 99 103.37 -3.49 42.97
N THR U 100 102.62 -2.78 43.81
CA THR U 100 101.69 -3.41 44.73
C THR U 100 100.42 -3.81 43.98
N LEU U 101 99.51 -4.47 44.68
CA LEU U 101 98.28 -4.92 44.06
C LEU U 101 97.55 -3.73 43.45
N GLN U 102 97.15 -3.87 42.20
CA GLN U 102 96.53 -2.80 41.43
C GLN U 102 95.29 -3.35 40.74
N THR U 103 94.30 -2.49 40.53
CA THR U 103 93.03 -2.88 39.93
C THR U 103 92.73 -2.00 38.72
N ASP U 104 92.07 -2.59 37.72
CA ASP U 104 91.53 -1.81 36.62
C ASP U 104 90.35 -2.57 36.03
N GLU U 105 89.64 -1.92 35.12
CA GLU U 105 88.35 -2.43 34.68
C GLU U 105 88.11 -2.10 33.21
N VAL U 106 87.27 -2.91 32.58
CA VAL U 106 86.81 -2.70 31.21
C VAL U 106 85.30 -2.84 31.19
N LYS U 107 84.66 -2.10 30.30
CA LYS U 107 83.21 -1.92 30.31
C LYS U 107 82.56 -2.51 29.07
N ASN U 108 81.33 -2.99 29.24
CA ASN U 108 80.45 -3.35 28.14
C ASN U 108 81.13 -4.27 27.14
N VAL U 109 81.76 -5.33 27.66
CA VAL U 109 82.43 -6.30 26.81
C VAL U 109 81.37 -7.16 26.14
N PRO U 110 81.32 -7.22 24.80
CA PRO U 110 80.36 -8.11 24.15
C PRO U 110 80.73 -9.57 24.30
N CYS U 111 79.74 -10.43 24.07
CA CYS U 111 79.96 -11.87 24.10
C CYS U 111 78.91 -12.52 23.23
N GLY U 112 79.37 -13.19 22.17
CA GLY U 112 78.47 -13.90 21.28
C GLY U 112 78.33 -15.36 21.68
N THR U 113 77.21 -15.69 22.34
CA THR U 113 77.03 -17.04 22.84
C THR U 113 76.93 -18.03 21.69
N SER U 114 77.13 -19.31 22.01
CA SER U 114 77.08 -20.35 21.00
C SER U 114 75.72 -20.41 20.31
N GLY U 115 74.68 -19.88 20.94
CA GLY U 115 73.38 -19.83 20.33
C GLY U 115 73.17 -18.69 19.36
N GLY U 116 74.20 -17.87 19.15
CA GLY U 116 74.10 -16.74 18.24
C GLY U 116 73.53 -15.48 18.84
N VAL U 117 73.31 -15.43 20.15
CA VAL U 117 72.75 -14.27 20.81
C VAL U 117 73.86 -13.49 21.48
N MET U 118 73.69 -12.17 21.52
CA MET U 118 74.68 -11.26 22.09
C MET U 118 74.33 -10.94 23.53
N ILE U 119 75.30 -11.10 24.42
CA ILE U 119 75.16 -10.70 25.82
C ILE U 119 76.33 -9.80 26.16
N TYR U 120 76.04 -8.67 26.81
CA TYR U 120 77.05 -7.66 27.11
C TYR U 120 77.35 -7.68 28.60
N ILE U 121 78.58 -8.04 28.94
CA ILE U 121 79.03 -8.06 30.33
C ILE U 121 79.44 -6.63 30.70
N ASP U 122 78.78 -6.08 31.72
CA ASP U 122 78.89 -4.64 31.98
C ASP U 122 80.29 -4.25 32.46
N ARG U 123 80.88 -5.06 33.34
CA ARG U 123 82.14 -4.66 33.96
C ARG U 123 82.99 -5.89 34.26
N ILE U 124 84.23 -5.88 33.76
CA ILE U 124 85.20 -6.92 34.03
C ILE U 124 86.43 -6.25 34.62
N GLU U 125 86.76 -6.61 35.86
CA GLU U 125 87.88 -6.02 36.58
C GLU U 125 88.99 -7.04 36.71
N VAL U 126 90.22 -6.59 36.50
CA VAL U 126 91.41 -7.40 36.70
C VAL U 126 92.27 -6.73 37.75
N VAL U 127 92.71 -7.49 38.75
CA VAL U 127 93.63 -7.03 39.77
C VAL U 127 94.91 -7.84 39.63
N ASN U 128 96.04 -7.15 39.53
CA ASN U 128 97.31 -7.77 39.20
C ASN U 128 98.42 -7.14 40.05
N MET U 129 99.64 -7.60 39.83
CA MET U 129 100.82 -7.07 40.49
C MET U 129 102.05 -7.71 39.87
N LEU U 130 103.17 -7.00 39.90
CA LEU U 130 104.41 -7.50 39.35
C LEU U 130 105.54 -7.34 40.37
N ALA U 131 106.43 -8.33 40.40
CA ALA U 131 107.53 -8.30 41.36
C ALA U 131 108.43 -7.10 41.07
N PRO U 132 109.01 -6.48 42.10
CA PRO U 132 109.83 -5.28 41.86
C PRO U 132 110.98 -5.51 40.90
N TYR U 133 111.60 -6.70 40.94
CA TYR U 133 112.78 -6.94 40.11
C TYR U 133 112.43 -6.87 38.62
N ALA U 134 111.18 -7.13 38.26
CA ALA U 134 110.77 -7.19 36.87
C ALA U 134 110.36 -5.84 36.30
N VAL U 135 110.42 -4.77 37.10
CA VAL U 135 110.01 -3.46 36.60
C VAL U 135 110.88 -3.04 35.43
N PHE U 136 112.20 -3.24 35.55
CA PHE U 136 113.10 -2.80 34.49
C PHE U 136 112.72 -3.43 33.15
N ASP U 137 112.57 -4.76 33.12
CA ASP U 137 112.26 -5.43 31.87
C ASP U 137 110.85 -5.11 31.39
N ILE U 138 109.88 -5.09 32.30
CA ILE U 138 108.50 -4.83 31.91
C ILE U 138 108.31 -3.41 31.44
N VAL U 139 109.25 -2.51 31.73
CA VAL U 139 109.19 -1.14 31.23
C VAL U 139 110.01 -1.03 29.96
N ARG U 140 111.11 -1.77 29.89
CA ARG U 140 111.91 -1.81 28.67
C ARG U 140 111.07 -2.29 27.50
N ASN U 141 110.28 -3.34 27.71
CA ASN U 141 109.26 -3.73 26.77
C ASN U 141 107.91 -3.19 27.22
N TYR U 142 107.02 -2.95 26.25
CA TYR U 142 105.64 -2.57 26.54
C TYR U 142 105.54 -1.22 27.24
N THR U 143 106.66 -0.51 27.40
CA THR U 143 106.67 0.79 28.05
C THR U 143 106.08 0.69 29.46
N ALA U 144 105.81 1.85 30.07
CA ALA U 144 105.22 1.86 31.41
C ALA U 144 103.78 1.36 31.39
N ASP U 145 102.98 1.82 30.42
CA ASP U 145 101.57 1.45 30.34
C ASP U 145 101.41 0.04 29.79
N TYR U 146 101.98 -0.91 30.53
CA TYR U 146 101.96 -2.30 30.11
C TYR U 146 100.57 -2.92 30.18
N ASP U 147 99.68 -2.35 31.01
CA ASP U 147 98.40 -2.98 31.25
C ASP U 147 97.51 -2.93 30.01
N LYS U 148 97.44 -1.77 29.35
CA LYS U 148 96.56 -1.63 28.21
C LYS U 148 96.89 -2.65 27.13
N THR U 149 98.17 -2.93 26.91
CA THR U 149 98.61 -3.81 25.84
C THR U 149 98.87 -5.24 26.32
N LEU U 150 98.73 -5.53 27.61
CA LEU U 150 98.93 -6.88 28.09
C LEU U 150 97.69 -7.54 28.68
N ILE U 151 96.75 -6.77 29.23
CA ILE U 151 95.59 -7.37 29.90
C ILE U 151 94.32 -6.89 29.23
N PHE U 152 94.10 -5.58 29.24
CA PHE U 152 92.79 -5.00 28.97
C PHE U 152 92.52 -4.77 27.48
N ASN U 153 93.49 -5.05 26.62
CA ASN U 153 93.22 -5.16 25.20
C ASN U 153 92.84 -6.58 24.79
N LYS U 154 93.33 -7.57 25.52
CA LYS U 154 93.01 -8.97 25.25
C LYS U 154 91.81 -9.47 26.02
N ILE U 155 91.33 -8.72 27.01
CA ILE U 155 90.18 -9.18 27.80
C ILE U 155 89.02 -9.50 26.88
N HIS U 156 88.66 -8.56 25.98
CA HIS U 156 87.47 -8.75 25.17
C HIS U 156 87.61 -9.96 24.27
N HIS U 157 88.77 -10.15 23.65
CA HIS U 157 88.94 -11.27 22.74
C HIS U 157 88.96 -12.60 23.47
N GLU U 158 89.64 -12.66 24.61
CA GLU U 158 89.67 -13.91 25.37
C GLU U 158 88.28 -14.29 25.86
N LEU U 159 87.54 -13.31 26.38
CA LEU U 159 86.17 -13.58 26.82
C LEU U 159 85.30 -14.02 25.65
N ASN U 160 85.45 -13.38 24.50
CA ASN U 160 84.67 -13.75 23.32
C ASN U 160 84.98 -15.18 22.88
N GLN U 161 86.26 -15.53 22.85
CA GLN U 161 86.63 -16.90 22.47
C GLN U 161 86.07 -17.90 23.46
N PHE U 162 86.15 -17.61 24.75
CA PHE U 162 85.61 -18.53 25.75
C PHE U 162 84.11 -18.71 25.58
N CYS U 163 83.38 -17.60 25.43
CA CYS U 163 81.93 -17.64 25.47
C CYS U 163 81.29 -17.91 24.13
N SER U 164 82.07 -18.03 23.05
CA SER U 164 81.52 -18.52 21.79
C SER U 164 81.31 -20.02 21.80
N ALA U 165 81.91 -20.74 22.73
CA ALA U 165 81.76 -22.18 22.84
C ALA U 165 80.71 -22.61 23.84
N HIS U 166 79.99 -21.66 24.45
CA HIS U 166 78.98 -21.96 25.45
C HIS U 166 77.66 -21.31 25.06
N THR U 167 76.56 -21.94 25.47
CA THR U 167 75.24 -21.41 25.18
C THR U 167 74.94 -20.23 26.10
N LEU U 168 73.80 -19.59 25.87
CA LEU U 168 73.43 -18.44 26.71
C LEU U 168 73.21 -18.87 28.15
N GLN U 169 72.56 -20.00 28.36
CA GLN U 169 72.33 -20.48 29.72
C GLN U 169 73.65 -20.76 30.43
N GLU U 170 74.56 -21.47 29.77
CA GLU U 170 75.81 -21.86 30.41
C GLU U 170 76.58 -20.64 30.88
N VAL U 171 76.57 -19.57 30.10
CA VAL U 171 77.33 -18.38 30.45
C VAL U 171 76.58 -17.52 31.46
N TYR U 172 75.27 -17.41 31.31
CA TYR U 172 74.49 -16.52 32.15
C TYR U 172 74.31 -17.08 33.57
N ILE U 173 74.16 -18.39 33.71
CA ILE U 173 73.84 -18.98 35.01
C ILE U 173 74.89 -20.02 35.41
N GLU U 174 75.00 -21.09 34.62
CA GLU U 174 75.69 -22.28 35.11
C GLU U 174 77.18 -22.05 35.27
N LEU U 175 77.84 -21.47 34.28
CA LEU U 175 79.29 -21.33 34.28
C LEU U 175 79.74 -19.92 34.67
N PHE U 176 78.87 -19.15 35.31
CA PHE U 176 79.26 -17.82 35.75
C PHE U 176 80.41 -17.90 36.74
N ASP U 177 80.38 -18.87 37.65
CA ASP U 177 81.46 -19.03 38.61
C ASP U 177 82.76 -19.46 37.96
N GLN U 178 82.73 -19.88 36.68
CA GLN U 178 83.92 -20.29 35.97
C GLN U 178 84.38 -19.29 34.93
N ILE U 179 83.56 -18.30 34.58
CA ILE U 179 83.97 -17.30 33.59
C ILE U 179 85.26 -16.62 34.03
N ASP U 180 85.29 -16.14 35.27
CA ASP U 180 86.46 -15.40 35.75
C ASP U 180 87.69 -16.28 35.77
N GLU U 181 87.54 -17.53 36.21
CA GLU U 181 88.69 -18.43 36.25
C GLU U 181 89.24 -18.70 34.87
N ASN U 182 88.35 -18.93 33.89
CA ASN U 182 88.80 -19.14 32.53
C ASN U 182 89.54 -17.92 32.00
N LEU U 183 89.00 -16.72 32.25
CA LEU U 183 89.65 -15.51 31.78
C LEU U 183 91.02 -15.35 32.41
N LYS U 184 91.11 -15.56 33.72
CA LYS U 184 92.39 -15.41 34.41
C LYS U 184 93.42 -16.39 33.88
N GLN U 185 93.02 -17.66 33.70
CA GLN U 185 93.96 -18.65 33.18
C GLN U 185 94.41 -18.27 31.77
N ALA U 186 93.49 -17.84 30.92
CA ALA U 186 93.84 -17.48 29.55
C ALA U 186 94.84 -16.34 29.54
N LEU U 187 94.60 -15.30 30.35
CA LEU U 187 95.52 -14.17 30.38
C LEU U 187 96.88 -14.58 30.92
N GLN U 188 96.90 -15.31 32.04
CA GLN U 188 98.16 -15.65 32.68
C GLN U 188 99.00 -16.57 31.81
N LYS U 189 98.38 -17.46 31.04
CA LYS U 189 99.16 -18.34 30.18
C LYS U 189 100.01 -17.53 29.22
N ASP U 190 99.40 -16.57 28.54
CA ASP U 190 100.16 -15.72 27.62
C ASP U 190 101.18 -14.87 28.39
N LEU U 191 100.78 -14.31 29.53
CA LEU U 191 101.65 -13.38 30.23
C LEU U 191 102.92 -14.06 30.73
N ASN U 192 102.81 -15.28 31.24
CA ASN U 192 103.99 -15.94 31.80
C ASN U 192 105.04 -16.18 30.72
N LEU U 193 104.61 -16.55 29.51
CA LEU U 193 105.57 -16.73 28.43
C LEU U 193 106.11 -15.40 27.93
N MET U 194 105.23 -14.39 27.76
CA MET U 194 105.64 -13.17 27.08
C MET U 194 106.39 -12.23 28.00
N ALA U 195 105.77 -11.83 29.12
CA ALA U 195 106.30 -10.81 30.01
C ALA U 195 106.35 -11.36 31.43
N PRO U 196 107.37 -12.15 31.75
CA PRO U 196 107.46 -12.73 33.09
C PRO U 196 107.53 -11.64 34.16
N GLY U 197 106.91 -11.93 35.30
CA GLY U 197 106.90 -11.00 36.43
C GLY U 197 105.52 -10.51 36.75
N LEU U 198 104.74 -10.17 35.73
CA LEU U 198 103.37 -9.73 35.93
C LEU U 198 102.49 -10.93 36.26
N THR U 199 101.66 -10.79 37.29
CA THR U 199 100.76 -11.84 37.72
C THR U 199 99.37 -11.27 37.93
N ILE U 200 98.36 -11.96 37.43
CA ILE U 200 96.97 -11.56 37.59
C ILE U 200 96.46 -12.21 38.87
N GLN U 201 96.45 -11.42 39.95
CA GLN U 201 96.02 -11.96 41.24
C GLN U 201 94.57 -12.42 41.19
N ALA U 202 93.69 -11.65 40.55
CA ALA U 202 92.30 -12.08 40.49
C ALA U 202 91.57 -11.36 39.36
N VAL U 203 90.45 -11.94 38.96
CA VAL U 203 89.57 -11.39 37.94
C VAL U 203 88.14 -11.50 38.43
N ARG U 204 87.35 -10.46 38.17
CA ARG U 204 85.95 -10.42 38.57
C ARG U 204 85.13 -9.92 37.39
N VAL U 205 83.90 -10.41 37.29
CA VAL U 205 83.03 -10.11 36.16
C VAL U 205 81.60 -9.96 36.65
N THR U 206 80.89 -8.97 36.12
CA THR U 206 79.49 -8.82 36.46
C THR U 206 78.63 -9.74 35.59
N LYS U 207 77.34 -9.80 35.91
CA LYS U 207 76.45 -10.68 35.18
C LYS U 207 76.13 -10.09 33.81
N PRO U 208 76.14 -10.91 32.76
CA PRO U 208 75.82 -10.38 31.43
C PRO U 208 74.40 -9.85 31.35
N LYS U 209 74.11 -9.15 30.26
CA LYS U 209 72.80 -8.59 29.97
C LYS U 209 72.20 -9.33 28.79
N ILE U 210 71.19 -10.15 29.06
CA ILE U 210 70.50 -10.91 28.02
C ILE U 210 69.47 -10.02 27.34
N PRO U 211 69.02 -10.37 26.13
CA PRO U 211 67.98 -9.57 25.47
C PRO U 211 66.70 -9.54 26.31
N GLU U 212 65.90 -8.50 26.07
CA GLU U 212 64.67 -8.32 26.84
C GLU U 212 63.71 -9.48 26.63
N ALA U 213 63.58 -9.95 25.40
CA ALA U 213 62.64 -11.03 25.12
C ALA U 213 62.99 -12.28 25.91
N ILE U 214 64.27 -12.63 25.96
CA ILE U 214 64.70 -13.79 26.75
C ILE U 214 64.50 -13.52 28.23
N ARG U 215 64.74 -12.27 28.65
CA ARG U 215 64.62 -11.95 30.08
C ARG U 215 63.20 -12.18 30.58
N ARG U 216 62.20 -11.76 29.79
CA ARG U 216 60.81 -11.96 30.21
C ARG U 216 60.50 -13.44 30.37
N ASN U 217 60.95 -14.28 29.44
CA ASN U 217 60.69 -15.70 29.55
C ASN U 217 61.29 -16.29 30.81
N PHE U 218 62.37 -15.70 31.32
CA PHE U 218 62.94 -16.16 32.57
C PHE U 218 62.09 -15.75 33.76
N GLU U 219 61.40 -14.61 33.67
CA GLU U 219 60.51 -14.19 34.75
C GLU U 219 59.21 -14.99 34.72
N LEU U 220 58.72 -15.33 33.52
CA LEU U 220 57.54 -16.19 33.44
C LEU U 220 57.81 -17.55 34.05
N MET U 221 59.03 -18.07 33.87
CA MET U 221 59.39 -19.33 34.52
C MET U 221 59.31 -19.22 36.03
N GLU U 222 59.76 -18.09 36.59
CA GLU U 222 59.71 -17.90 38.03
C GLU U 222 58.28 -17.62 38.51
N ALA U 223 57.47 -16.98 37.69
CA ALA U 223 56.06 -16.83 38.04
C ALA U 223 55.37 -18.19 38.11
N GLU U 224 55.72 -19.10 37.19
CA GLU U 224 55.14 -20.44 37.23
C GLU U 224 55.56 -21.19 38.47
N LYS U 225 56.79 -20.98 38.95
CA LYS U 225 57.23 -21.65 40.17
C LYS U 225 56.36 -21.23 41.35
N THR U 226 56.02 -19.95 41.44
CA THR U 226 55.18 -19.47 42.54
C THR U 226 53.70 -19.83 42.31
N LYS U 227 53.25 -19.86 41.06
CA LYS U 227 51.86 -20.23 40.81
C LYS U 227 51.56 -21.65 41.27
N LEU U 228 52.58 -22.48 41.44
CA LEU U 228 52.36 -23.82 41.98
C LEU U 228 51.90 -23.75 43.43
N LEU U 229 52.49 -22.85 44.23
CA LEU U 229 52.11 -22.72 45.63
C LEU U 229 50.69 -22.19 45.77
N ILE U 230 50.33 -21.19 44.96
CA ILE U 230 48.97 -20.67 45.00
C ILE U 230 47.97 -21.78 44.72
N ALA U 231 48.28 -22.65 43.76
CA ALA U 231 47.43 -23.80 43.50
C ALA U 231 47.38 -24.73 44.71
N ALA U 232 48.51 -24.93 45.39
CA ALA U 232 48.52 -25.79 46.55
C ALA U 232 47.57 -25.29 47.63
N GLN U 233 47.54 -23.98 47.86
CA GLN U 233 46.62 -23.44 48.87
C GLN U 233 45.18 -23.44 48.37
N LYS U 234 44.96 -23.10 47.10
CA LYS U 234 43.61 -23.13 46.55
C LYS U 234 43.02 -24.53 46.63
N GLN U 235 43.88 -25.55 46.60
CA GLN U 235 43.40 -26.92 46.78
C GLN U 235 42.70 -27.07 48.13
N LYS U 236 43.36 -26.61 49.20
CA LYS U 236 42.74 -26.69 50.52
C LYS U 236 41.47 -25.86 50.58
N VAL U 237 41.50 -24.68 49.96
CA VAL U 237 40.32 -23.81 50.02
C VAL U 237 39.12 -24.48 49.36
N VAL U 238 39.32 -25.05 48.16
CA VAL U 238 38.21 -25.69 47.47
C VAL U 238 37.78 -26.95 48.20
N GLU U 239 38.72 -27.68 48.81
CA GLU U 239 38.34 -28.83 49.61
C GLU U 239 37.42 -28.42 50.75
N LYS U 240 37.75 -27.31 51.44
CA LYS U 240 36.89 -26.86 52.53
C LYS U 240 35.53 -26.44 52.03
N GLU U 241 35.48 -25.74 50.89
CA GLU U 241 34.17 -25.34 50.35
C GLU U 241 33.33 -26.55 49.99
N ALA U 242 33.93 -27.57 49.37
CA ALA U 242 33.19 -28.78 49.02
C ALA U 242 32.71 -29.50 50.26
N GLU U 243 33.54 -29.55 51.31
CA GLU U 243 33.12 -30.18 52.55
C GLU U 243 31.93 -29.44 53.17
N THR U 244 31.96 -28.11 53.13
CA THR U 244 30.82 -27.35 53.63
C THR U 244 29.55 -27.66 52.85
N GLU U 245 29.66 -27.73 51.52
CA GLU U 245 28.49 -28.06 50.71
C GLU U 245 27.98 -29.46 51.04
N ARG U 246 28.89 -30.41 51.26
CA ARG U 246 28.48 -31.75 51.64
C ARG U 246 27.71 -31.74 52.95
N LYS U 247 28.20 -31.01 53.94
CA LYS U 247 27.51 -30.94 55.22
C LYS U 247 26.12 -30.33 55.07
N LYS U 248 26.02 -29.27 54.28
CA LYS U 248 24.71 -28.65 54.05
C LYS U 248 23.75 -29.64 53.39
N ALA U 249 24.22 -30.37 52.39
CA ALA U 249 23.36 -31.34 51.71
C ALA U 249 22.91 -32.42 52.67
N VAL U 250 23.80 -32.90 53.53
CA VAL U 250 23.42 -33.93 54.49
C VAL U 250 22.36 -33.40 55.44
N ILE U 251 22.50 -32.15 55.89
CA ILE U 251 21.50 -31.58 56.79
C ILE U 251 20.15 -31.48 56.09
N GLU U 252 20.15 -31.05 54.83
CA GLU U 252 18.89 -30.96 54.10
C GLU U 252 18.26 -32.34 53.93
N ALA U 253 19.07 -33.36 53.67
CA ALA U 253 18.53 -34.72 53.56
C ALA U 253 17.90 -35.17 54.86
N GLU U 254 18.54 -34.88 55.99
CA GLU U 254 17.96 -35.23 57.28
C GLU U 254 16.64 -34.50 57.50
N LYS U 255 16.59 -33.22 57.12
CA LYS U 255 15.34 -32.48 57.21
C LYS U 255 14.24 -33.18 56.42
N ILE U 256 14.56 -33.59 55.19
CA ILE U 256 13.56 -34.26 54.35
C ILE U 256 13.11 -35.54 55.02
N ALA U 257 14.03 -36.31 55.60
CA ALA U 257 13.67 -37.56 56.24
C ALA U 257 12.70 -37.33 57.39
N GLN U 258 12.99 -36.34 58.24
CA GLN U 258 12.12 -36.10 59.39
C GLN U 258 10.75 -35.58 58.96
N VAL U 259 10.72 -34.68 57.98
CA VAL U 259 9.44 -34.19 57.47
C VAL U 259 8.63 -35.35 56.91
N ALA U 260 9.29 -36.27 56.19
CA ALA U 260 8.58 -37.43 55.67
C ALA U 260 8.04 -38.31 56.79
N LYS U 261 8.80 -38.45 57.87
CA LYS U 261 8.31 -39.23 59.01
C LYS U 261 7.01 -38.64 59.56
N ILE U 262 6.98 -37.33 59.74
CA ILE U 262 5.76 -36.69 60.22
C ILE U 262 4.62 -36.89 59.22
N ARG U 263 4.92 -36.74 57.93
CA ARG U 263 3.90 -36.89 56.91
C ARG U 263 3.32 -38.30 56.94
N PHE U 264 4.15 -39.30 57.18
CA PHE U 264 3.66 -40.68 57.20
C PHE U 264 2.83 -40.97 58.45
N GLN U 265 3.20 -40.39 59.60
CA GLN U 265 2.31 -40.49 60.74
C GLN U 265 0.95 -39.90 60.42
N GLN U 266 0.93 -38.74 59.75
CA GLN U 266 -0.34 -38.16 59.32
C GLN U 266 -1.08 -39.10 58.38
N LYS U 267 -0.35 -39.77 57.49
CA LYS U 267 -0.97 -40.71 56.56
C LYS U 267 -1.67 -41.84 57.32
N VAL U 268 -1.01 -42.38 58.34
CA VAL U 268 -1.62 -43.47 59.11
C VAL U 268 -2.89 -42.99 59.80
N MET U 269 -2.84 -41.80 60.41
CA MET U 269 -4.05 -41.25 61.01
C MET U 269 -5.16 -41.09 59.96
N GLU U 270 -4.78 -40.60 58.78
CA GLU U 270 -5.74 -40.41 57.71
C GLU U 270 -6.43 -41.72 57.34
N LYS U 271 -5.65 -42.80 57.23
CA LYS U 271 -6.23 -44.07 56.81
C LYS U 271 -7.07 -44.68 57.90
N GLU U 272 -6.71 -44.49 59.17
CA GLU U 272 -7.59 -44.95 60.24
C GLU U 272 -8.94 -44.25 60.17
N THR U 273 -8.92 -42.93 59.97
CA THR U 273 -10.18 -42.20 59.86
C THR U 273 -10.96 -42.66 58.64
N GLU U 274 -10.27 -42.93 57.53
CA GLU U 274 -10.97 -43.41 56.34
C GLU U 274 -11.60 -44.77 56.59
N LYS U 275 -10.94 -45.62 57.38
CA LYS U 275 -11.54 -46.89 57.74
C LYS U 275 -12.82 -46.69 58.52
N ARG U 276 -12.81 -45.76 59.48
CA ARG U 276 -14.04 -45.49 60.23
C ARG U 276 -15.14 -44.95 59.32
N ILE U 277 -14.76 -44.06 58.39
CA ILE U 277 -15.74 -43.52 57.45
C ILE U 277 -16.32 -44.61 56.58
N SER U 278 -15.48 -45.56 56.16
CA SER U 278 -15.98 -46.69 55.37
C SER U 278 -16.92 -47.56 56.19
N GLU U 279 -16.64 -47.72 57.47
CA GLU U 279 -17.57 -48.45 58.33
C GLU U 279 -18.93 -47.77 58.35
N ILE U 280 -18.94 -46.44 58.48
CA ILE U 280 -20.21 -45.72 58.46
C ILE U 280 -20.90 -45.89 57.10
N GLU U 281 -20.14 -45.80 56.02
CA GLU U 281 -20.70 -46.00 54.69
C GLU U 281 -21.37 -47.36 54.58
N ASP U 282 -20.72 -48.42 55.07
CA ASP U 282 -21.32 -49.74 55.01
C ASP U 282 -22.57 -49.81 55.86
N ALA U 283 -22.54 -49.22 57.06
CA ALA U 283 -23.72 -49.21 57.90
C ALA U 283 -24.90 -48.56 57.19
N ALA U 284 -24.62 -47.51 56.41
CA ALA U 284 -25.69 -46.84 55.66
C ALA U 284 -26.02 -47.55 54.35
N PHE U 285 -25.15 -48.45 53.89
CA PHE U 285 -25.37 -49.12 52.61
C PHE U 285 -26.40 -50.24 52.75
N LEU U 286 -26.39 -50.95 53.88
CA LEU U 286 -27.35 -52.02 54.08
C LEU U 286 -28.77 -51.49 54.10
N ALA U 287 -29.00 -50.39 54.83
CA ALA U 287 -30.34 -49.85 54.94
C ALA U 287 -30.87 -49.42 53.59
N ARG U 288 -30.05 -48.73 52.81
CA ARG U 288 -30.48 -48.28 51.49
C ARG U 288 -30.77 -49.45 50.57
N GLU U 289 -29.91 -50.47 50.59
CA GLU U 289 -30.15 -51.65 49.77
C GLU U 289 -31.27 -52.51 50.34
N LYS U 290 -31.45 -52.49 51.67
CA LYS U 290 -32.60 -53.16 52.26
C LYS U 290 -33.89 -52.44 51.94
N ALA U 291 -33.85 -51.11 51.87
CA ALA U 291 -35.06 -50.36 51.52
C ALA U 291 -35.54 -50.70 50.12
N LYS U 292 -34.61 -50.80 49.16
CA LYS U 292 -34.99 -51.15 47.80
C LYS U 292 -35.64 -52.53 47.75
N ALA U 293 -35.10 -53.49 48.51
CA ALA U 293 -35.64 -54.85 48.49
C ALA U 293 -37.11 -54.85 48.89
N ASP U 294 -37.46 -54.19 49.99
CA ASP U 294 -38.84 -54.14 50.42
C ASP U 294 -39.71 -53.40 49.41
N ALA U 295 -39.22 -52.28 48.87
CA ALA U 295 -40.00 -51.53 47.90
C ALA U 295 -40.25 -52.36 46.66
N GLU U 296 -39.22 -53.02 46.13
CA GLU U 296 -39.40 -53.89 44.98
C GLU U 296 -40.29 -55.08 45.32
N TYR U 297 -40.11 -55.64 46.52
CA TYR U 297 -40.92 -56.79 46.92
C TYR U 297 -42.40 -56.43 46.95
N TYR U 298 -42.73 -55.29 47.56
CA TYR U 298 -44.13 -54.88 47.65
C TYR U 298 -44.73 -54.65 46.27
N ALA U 299 -43.99 -53.99 45.39
CA ALA U 299 -44.50 -53.73 44.04
C ALA U 299 -44.74 -55.03 43.30
N ALA U 300 -43.82 -55.99 43.43
CA ALA U 300 -43.99 -57.27 42.74
C ALA U 300 -45.23 -58.01 43.24
N HIS U 301 -45.47 -57.99 44.55
CA HIS U 301 -46.68 -58.62 45.08
C HIS U 301 -47.93 -58.01 44.47
N LYS U 302 -48.03 -56.68 44.51
CA LYS U 302 -49.19 -56.01 43.92
C LYS U 302 -49.25 -56.26 42.43
N TYR U 303 -48.10 -56.22 41.74
CA TYR U 303 -48.06 -56.53 40.33
C TYR U 303 -48.45 -57.98 40.05
N ALA U 304 -48.43 -58.84 41.07
CA ALA U 304 -48.81 -60.23 40.92
C ALA U 304 -50.29 -60.44 41.17
N THR U 305 -50.83 -59.85 42.25
CA THR U 305 -52.25 -59.97 42.54
C THR U 305 -53.11 -59.20 41.55
N SER U 306 -52.51 -58.35 40.73
CA SER U 306 -53.24 -57.66 39.66
C SER U 306 -53.23 -58.45 38.35
N ASN U 307 -52.22 -59.27 38.13
CA ASN U 307 -52.16 -60.10 36.93
C ASN U 307 -53.19 -61.23 36.96
N LYS U 308 -53.79 -61.51 38.11
CA LYS U 308 -54.79 -62.57 38.16
C LYS U 308 -55.97 -62.25 37.25
N HIS U 309 -56.43 -60.99 37.27
CA HIS U 309 -57.55 -60.57 36.43
C HIS U 309 -57.09 -60.08 35.06
N LYS U 310 -55.94 -59.40 35.01
CA LYS U 310 -55.50 -58.78 33.76
C LYS U 310 -55.25 -59.84 32.69
N LEU U 311 -54.54 -60.92 33.05
CA LEU U 311 -54.06 -61.89 32.07
C LEU U 311 -55.14 -62.94 31.79
N THR U 312 -56.20 -62.49 31.13
CA THR U 312 -57.22 -63.39 30.65
C THR U 312 -56.78 -64.03 29.34
N PRO U 313 -57.46 -65.11 28.93
CA PRO U 313 -57.10 -65.71 27.63
C PRO U 313 -57.20 -64.72 26.48
N GLU U 314 -58.21 -63.85 26.48
CA GLU U 314 -58.36 -62.88 25.40
C GLU U 314 -57.24 -61.85 25.43
N TYR U 315 -56.88 -61.36 26.62
CA TYR U 315 -55.78 -60.40 26.71
C TYR U 315 -54.48 -61.04 26.25
N LEU U 316 -54.24 -62.29 26.63
CA LEU U 316 -53.03 -62.98 26.18
C LEU U 316 -53.05 -63.18 24.66
N GLU U 317 -54.22 -63.46 24.09
CA GLU U 317 -54.33 -63.58 22.64
C GLU U 317 -53.98 -62.27 21.96
N LEU U 318 -54.49 -61.16 22.48
CA LEU U 318 -54.18 -59.85 21.90
C LEU U 318 -52.70 -59.56 21.99
N LYS U 319 -52.08 -59.85 23.15
CA LYS U 319 -50.66 -59.62 23.30
C LYS U 319 -49.86 -60.52 22.34
N LYS U 320 -50.32 -61.75 22.13
CA LYS U 320 -49.67 -62.62 21.17
C LYS U 320 -49.73 -62.04 19.76
N TYR U 321 -50.91 -61.54 19.38
CA TYR U 321 -51.03 -60.90 18.07
C TYR U 321 -50.03 -59.76 17.93
N GLN U 322 -50.00 -58.86 18.91
CA GLN U 322 -49.11 -57.71 18.82
C GLN U 322 -47.64 -58.14 18.75
N ALA U 323 -47.24 -59.08 19.61
CA ALA U 323 -45.85 -59.51 19.64
C ALA U 323 -45.45 -60.20 18.35
N ILE U 324 -46.34 -61.04 17.80
CA ILE U 324 -46.00 -61.78 16.59
C ILE U 324 -45.90 -60.84 15.39
N ALA U 325 -46.82 -59.89 15.30
CA ALA U 325 -46.87 -59.00 14.13
C ALA U 325 -46.09 -57.71 14.34
N SER U 326 -45.34 -57.58 15.44
CA SER U 326 -44.66 -56.32 15.74
C SER U 326 -43.72 -55.92 14.61
N ASN U 327 -42.82 -56.81 14.21
CA ASN U 327 -41.74 -56.46 13.29
C ASN U 327 -41.57 -57.53 12.23
N SER U 328 -42.67 -58.00 11.66
CA SER U 328 -42.62 -59.11 10.73
C SER U 328 -42.53 -58.62 9.29
N LYS U 329 -42.36 -59.57 8.37
CA LYS U 329 -42.33 -59.28 6.93
C LYS U 329 -42.94 -60.50 6.24
N ILE U 330 -44.24 -60.42 5.97
CA ILE U 330 -44.99 -61.59 5.53
C ILE U 330 -44.66 -61.91 4.07
N TYR U 331 -44.76 -63.19 3.73
CA TYR U 331 -44.54 -63.69 2.37
C TYR U 331 -45.66 -64.64 1.98
N PHE U 332 -46.89 -64.30 2.36
CA PHE U 332 -48.01 -65.19 2.13
C PHE U 332 -48.29 -65.34 0.64
N GLY U 333 -49.02 -66.37 0.29
CA GLY U 333 -49.37 -66.65 -1.09
C GLY U 333 -49.48 -68.15 -1.32
N SER U 334 -50.34 -68.52 -2.28
CA SER U 334 -50.58 -69.94 -2.52
C SER U 334 -49.33 -70.65 -3.00
N ASN U 335 -48.55 -70.02 -3.88
CA ASN U 335 -47.36 -70.63 -4.47
C ASN U 335 -46.16 -69.71 -4.21
N ILE U 336 -45.53 -69.89 -3.06
CA ILE U 336 -44.32 -69.15 -2.70
C ILE U 336 -43.18 -69.68 -3.58
N PRO U 337 -42.21 -68.85 -3.97
CA PRO U 337 -41.04 -69.37 -4.66
C PRO U 337 -40.16 -70.20 -3.74
N ASN U 338 -39.25 -70.95 -4.35
CA ASN U 338 -38.39 -71.89 -3.65
C ASN U 338 -36.94 -71.40 -3.61
N MET U 339 -36.76 -70.10 -3.43
CA MET U 339 -35.42 -69.53 -3.33
C MET U 339 -35.51 -68.14 -2.71
N PHE U 340 -34.41 -67.71 -2.12
CA PHE U 340 -34.39 -66.47 -1.35
C PHE U 340 -32.96 -65.93 -1.30
N VAL U 341 -32.85 -64.61 -1.16
CA VAL U 341 -31.56 -63.94 -1.09
C VAL U 341 -31.72 -62.65 -0.31
N ASP U 342 -30.66 -62.24 0.38
CA ASP U 342 -30.67 -60.99 1.12
C ASP U 342 -29.24 -60.55 1.44
N SER V 18 105.87 24.47 62.41
CA SER V 18 106.92 23.70 63.06
C SER V 18 106.36 22.94 64.26
N LEU V 19 106.47 23.54 65.45
CA LEU V 19 105.92 22.91 66.64
C LEU V 19 104.41 22.74 66.51
N PHE V 20 103.72 23.78 66.03
CA PHE V 20 102.27 23.66 65.80
C PHE V 20 101.97 22.61 64.74
N SER V 21 102.84 22.46 63.74
CA SER V 21 102.64 21.42 62.75
C SER V 21 102.74 20.03 63.36
N ALA V 22 103.72 19.83 64.25
CA ALA V 22 103.95 18.52 64.87
C ALA V 22 103.18 18.43 66.19
N VAL V 23 101.86 18.46 66.08
CA VAL V 23 100.98 18.29 67.23
C VAL V 23 99.95 17.21 66.93
N HIS V 24 100.27 16.33 65.98
CA HIS V 24 99.33 15.28 65.60
C HIS V 24 99.04 14.37 66.78
N LYS V 25 97.79 13.93 66.89
CA LYS V 25 97.34 13.02 67.93
C LYS V 25 96.62 11.85 67.30
N ILE V 26 96.87 10.66 67.82
CA ILE V 26 96.28 9.43 67.31
C ILE V 26 95.13 9.06 68.23
N GLU V 27 93.91 9.06 67.69
CA GLU V 27 92.74 8.76 68.50
C GLU V 27 92.85 7.37 69.11
N GLU V 28 92.04 7.12 70.13
CA GLU V 28 92.04 5.83 70.79
C GLU V 28 91.55 4.76 69.83
N GLY V 29 92.18 3.60 69.88
CA GLY V 29 91.87 2.49 68.99
C GLY V 29 92.62 2.56 67.67
N HIS V 30 92.84 3.78 67.16
CA HIS V 30 93.57 3.95 65.92
C HIS V 30 95.06 3.67 66.14
N ILE V 31 95.83 3.83 65.06
CA ILE V 31 97.29 3.72 65.14
C ILE V 31 97.86 4.47 63.95
N GLY V 32 98.90 5.26 64.21
CA GLY V 32 99.45 6.14 63.19
C GLY V 32 100.51 5.48 62.33
N VAL V 33 100.54 5.89 61.06
CA VAL V 33 101.56 5.48 60.11
C VAL V 33 102.06 6.71 59.39
N TYR V 34 103.37 6.80 59.19
CA TYR V 34 104.02 8.02 58.72
C TYR V 34 104.65 7.81 57.36
N TYR V 35 104.75 8.91 56.61
CA TYR V 35 105.34 8.92 55.28
C TYR V 35 106.22 10.14 55.16
N ARG V 36 107.52 9.94 54.91
CA ARG V 36 108.45 11.05 54.75
C ARG V 36 108.39 11.60 53.33
N GLY V 37 108.77 10.79 52.35
CA GLY V 37 108.69 11.17 50.96
C GLY V 37 107.88 10.15 50.19
N GLY V 38 106.81 9.67 50.82
CA GLY V 38 106.04 8.57 50.30
C GLY V 38 106.46 7.21 50.83
N ALA V 39 107.68 7.10 51.35
CA ALA V 39 108.13 5.85 51.94
C ALA V 39 107.49 5.65 53.32
N LEU V 40 107.13 4.41 53.61
CA LEU V 40 106.46 4.07 54.86
C LEU V 40 107.54 3.78 55.90
N LEU V 41 107.60 4.61 56.93
CA LEU V 41 108.57 4.40 57.99
C LEU V 41 108.22 3.14 58.79
N THR V 42 109.24 2.50 59.33
CA THR V 42 109.06 1.30 60.14
C THR V 42 108.56 1.61 61.55
N SER V 43 108.31 2.88 61.86
CA SER V 43 107.88 3.30 63.19
C SER V 43 106.38 3.56 63.17
N THR V 44 105.66 2.91 64.07
CA THR V 44 104.23 3.11 64.24
C THR V 44 103.95 3.69 65.62
N SER V 45 102.98 4.60 65.68
CA SER V 45 102.66 5.33 66.90
C SER V 45 101.29 4.91 67.40
N GLY V 46 101.20 4.58 68.69
CA GLY V 46 99.94 4.25 69.30
C GLY V 46 99.14 5.48 69.64
N PRO V 47 97.98 5.31 70.27
CA PRO V 47 97.15 6.45 70.62
C PRO V 47 97.85 7.39 71.58
N GLY V 48 97.55 8.68 71.47
CA GLY V 48 98.10 9.70 72.32
C GLY V 48 98.87 10.74 71.54
N PHE V 49 99.38 11.73 72.27
CA PHE V 49 100.20 12.77 71.67
C PHE V 49 101.51 12.17 71.17
N HIS V 50 101.94 12.61 69.98
CA HIS V 50 103.18 12.12 69.40
C HIS V 50 103.77 13.20 68.52
N LEU V 51 105.07 13.08 68.27
CA LEU V 51 105.83 14.07 67.52
C LEU V 51 106.39 13.42 66.25
N MET V 52 106.23 14.12 65.13
CA MET V 52 106.84 13.74 63.86
C MET V 52 107.65 14.92 63.35
N LEU V 53 108.42 14.70 62.29
CA LEU V 53 109.22 15.77 61.73
C LEU V 53 108.30 16.88 61.22
N PRO V 54 108.79 18.12 61.21
CA PRO V 54 107.87 19.27 61.06
C PRO V 54 106.97 19.20 59.84
N PHE V 55 107.54 19.14 58.64
CA PHE V 55 106.77 19.30 57.41
C PHE V 55 106.83 18.09 56.49
N ILE V 56 108.00 17.50 56.28
CA ILE V 56 108.13 16.44 55.28
C ILE V 56 107.26 15.25 55.64
N THR V 57 107.23 14.87 56.92
CA THR V 57 106.50 13.69 57.34
C THR V 57 105.00 13.99 57.46
N SER V 58 104.18 13.05 57.00
CA SER V 58 102.73 13.14 57.12
C SER V 58 102.19 11.84 57.69
N TYR V 59 101.14 11.96 58.50
CA TYR V 59 100.61 10.83 59.26
C TYR V 59 99.19 10.52 58.82
N LYS V 60 98.85 9.22 58.83
CA LYS V 60 97.49 8.76 58.66
C LYS V 60 97.17 7.74 59.75
N SER V 61 95.96 7.84 60.30
CA SER V 61 95.54 7.01 61.42
C SER V 61 94.70 5.85 60.89
N VAL V 62 95.32 4.66 60.83
CA VAL V 62 94.62 3.46 60.43
C VAL V 62 93.92 2.88 61.66
N GLN V 63 92.63 2.58 61.53
CA GLN V 63 91.84 2.09 62.65
C GLN V 63 92.12 0.60 62.87
N THR V 64 92.26 0.22 64.14
CA THR V 64 92.46 -1.17 64.52
C THR V 64 91.24 -1.80 65.18
N THR V 65 90.36 -1.00 65.79
CA THR V 65 89.14 -1.53 66.35
C THR V 65 88.12 -1.81 65.24
N LEU V 66 87.12 -2.62 65.57
CA LEU V 66 86.18 -3.06 64.55
C LEU V 66 85.39 -1.88 63.99
N GLN V 67 85.19 -1.89 62.68
CA GLN V 67 84.42 -0.85 62.00
C GLN V 67 83.49 -1.50 60.99
N THR V 68 82.45 -0.75 60.63
CA THR V 68 81.41 -1.20 59.72
C THR V 68 81.47 -0.41 58.42
N ASP V 69 81.13 -1.07 57.32
CA ASP V 69 80.94 -0.36 56.06
C ASP V 69 80.16 -1.27 55.12
N GLU V 70 79.39 -0.66 54.22
CA GLU V 70 78.36 -1.37 53.47
C GLU V 70 78.44 -1.05 51.99
N VAL V 71 77.74 -1.87 51.22
CA VAL V 71 77.54 -1.67 49.78
C VAL V 71 76.04 -1.77 49.50
N LYS V 72 75.54 -0.86 48.68
CA LYS V 72 74.11 -0.72 48.45
C LYS V 72 73.73 -1.22 47.07
N ASN V 73 72.52 -1.77 46.97
CA ASN V 73 71.95 -2.24 45.70
C ASN V 73 72.91 -3.16 44.98
N VAL V 74 73.23 -4.27 45.62
CA VAL V 74 74.12 -5.29 45.07
C VAL V 74 73.27 -6.25 44.24
N PRO V 75 73.48 -6.36 42.94
CA PRO V 75 72.69 -7.30 42.14
C PRO V 75 73.14 -8.74 42.35
N CYS V 76 72.25 -9.67 42.04
CA CYS V 76 72.61 -11.08 42.04
C CYS V 76 71.57 -11.83 41.24
N GLY V 77 72.02 -12.65 40.29
CA GLY V 77 71.14 -13.40 39.44
C GLY V 77 70.99 -14.83 39.92
N THR V 78 69.76 -15.18 40.29
CA THR V 78 69.49 -16.51 40.82
C THR V 78 69.57 -17.55 39.70
N SER V 79 69.64 -18.81 40.10
CA SER V 79 69.76 -19.89 39.11
C SER V 79 68.55 -19.97 38.21
N GLY V 80 67.43 -19.35 38.59
CA GLY V 80 66.25 -19.33 37.76
C GLY V 80 66.26 -18.28 36.68
N GLY V 81 67.33 -17.49 36.57
CA GLY V 81 67.43 -16.44 35.58
C GLY V 81 66.89 -15.10 36.00
N VAL V 82 66.26 -15.00 37.16
CA VAL V 82 65.72 -13.75 37.65
C VAL V 82 66.79 -13.04 38.48
N MET V 83 66.86 -11.72 38.32
CA MET V 83 67.86 -10.91 39.02
C MET V 83 67.20 -10.20 40.19
N ILE V 84 67.77 -10.36 41.38
CA ILE V 84 67.29 -9.73 42.60
C ILE V 84 68.41 -8.89 43.19
N TYR V 85 68.06 -7.73 43.72
CA TYR V 85 69.05 -6.78 44.24
C TYR V 85 68.91 -6.70 45.75
N PHE V 86 70.02 -6.95 46.45
CA PHE V 86 70.08 -6.74 47.89
C PHE V 86 70.23 -5.26 48.16
N ASP V 87 69.33 -4.70 48.97
CA ASP V 87 69.36 -3.27 49.23
C ASP V 87 70.65 -2.86 49.93
N ARG V 88 71.07 -3.64 50.93
CA ARG V 88 72.25 -3.30 51.71
C ARG V 88 72.98 -4.58 52.11
N ILE V 89 74.30 -4.53 52.02
CA ILE V 89 75.17 -5.60 52.52
C ILE V 89 76.27 -4.93 53.32
N GLU V 90 76.26 -5.10 54.64
CA GLU V 90 77.22 -4.48 55.53
C GLU V 90 78.25 -5.52 55.97
N VAL V 91 79.49 -5.08 56.15
CA VAL V 91 80.56 -5.91 56.66
C VAL V 91 81.19 -5.18 57.84
N VAL V 92 81.39 -5.90 58.94
CA VAL V 92 82.08 -5.40 60.12
C VAL V 92 83.38 -6.18 60.24
N ASN V 93 84.50 -5.46 60.30
CA ASN V 93 85.82 -6.08 60.31
C ASN V 93 86.75 -5.27 61.19
N PHE V 94 87.78 -5.95 61.70
CA PHE V 94 88.77 -5.31 62.55
C PHE V 94 90.16 -5.83 62.21
N LEU V 95 91.15 -4.96 62.40
CA LEU V 95 92.53 -5.24 62.07
C LEU V 95 93.36 -5.30 63.35
N VAL V 96 94.08 -6.40 63.55
CA VAL V 96 94.94 -6.51 64.72
C VAL V 96 96.05 -5.47 64.64
N PRO V 97 96.40 -4.80 65.75
CA PRO V 97 97.38 -3.71 65.65
C PRO V 97 98.77 -4.17 65.24
N ASN V 98 99.09 -5.45 65.43
CA ASN V 98 100.44 -5.91 65.13
C ASN V 98 100.76 -5.80 63.64
N ALA V 99 99.81 -6.13 62.78
CA ALA V 99 100.04 -6.22 61.34
C ALA V 99 99.63 -4.96 60.59
N VAL V 100 99.42 -3.84 61.30
CA VAL V 100 99.00 -2.62 60.63
C VAL V 100 100.07 -2.16 59.65
N TYR V 101 101.34 -2.21 60.07
CA TYR V 101 102.41 -1.76 59.19
C TYR V 101 102.47 -2.60 57.91
N ASP V 102 102.39 -3.92 58.06
CA ASP V 102 102.43 -4.79 56.88
C ASP V 102 101.25 -4.53 55.97
N ILE V 103 100.05 -4.39 56.55
CA ILE V 103 98.86 -4.17 55.74
C ILE V 103 98.97 -2.86 54.98
N VAL V 104 99.42 -1.80 55.65
CA VAL V 104 99.52 -0.50 54.98
C VAL V 104 100.61 -0.53 53.93
N LYS V 105 101.71 -1.24 54.18
CA LYS V 105 102.77 -1.34 53.18
C LYS V 105 102.27 -2.06 51.94
N ASN V 106 101.65 -3.22 52.12
CA ASN V 106 101.18 -3.99 50.97
C ASN V 106 100.07 -3.26 50.22
N TYR V 107 99.14 -2.66 50.95
CA TYR V 107 98.00 -1.98 50.35
C TYR V 107 97.81 -0.62 51.00
N THR V 108 97.28 0.33 50.23
CA THR V 108 97.06 1.67 50.74
C THR V 108 96.24 1.62 52.02
N ALA V 109 96.27 2.73 52.77
CA ALA V 109 95.54 2.80 54.03
C ALA V 109 94.09 2.39 53.85
N ASP V 110 93.47 2.78 52.73
CA ASP V 110 92.12 2.35 52.42
C ASP V 110 92.15 0.95 51.81
N TYR V 111 92.77 0.01 52.51
CA TYR V 111 92.85 -1.37 52.03
C TYR V 111 91.48 -2.03 51.96
N ASP V 112 90.49 -1.52 52.70
CA ASP V 112 89.21 -2.20 52.78
C ASP V 112 88.53 -2.26 51.42
N LYS V 113 88.59 -1.18 50.65
CA LYS V 113 87.94 -1.18 49.35
C LYS V 113 88.52 -2.26 48.44
N ALA V 114 89.84 -2.36 48.41
CA ALA V 114 90.48 -3.35 47.53
C ALA V 114 90.36 -4.76 48.06
N LEU V 115 90.14 -4.95 49.36
CA LEU V 115 90.17 -6.27 49.95
C LEU V 115 88.80 -6.88 50.20
N ILE V 116 87.76 -6.08 50.41
CA ILE V 116 86.45 -6.62 50.78
C ILE V 116 85.35 -6.13 49.84
N PHE V 117 85.18 -4.82 49.76
CA PHE V 117 84.00 -4.24 49.14
C PHE V 117 84.09 -4.14 47.63
N ASN V 118 85.25 -4.41 47.04
CA ASN V 118 85.36 -4.50 45.59
C ASN V 118 85.11 -5.91 45.07
N LYS V 119 84.91 -6.88 45.97
CA LYS V 119 84.61 -8.24 45.58
C LYS V 119 83.39 -8.81 46.31
N ILE V 120 82.77 -8.04 47.21
CA ILE V 120 81.54 -8.49 47.82
C ILE V 120 80.51 -8.84 46.75
N HIS V 121 80.38 -7.99 45.73
CA HIS V 121 79.37 -8.22 44.70
C HIS V 121 79.67 -9.49 43.92
N HIS V 122 80.94 -9.74 43.61
CA HIS V 122 81.29 -10.97 42.89
C HIS V 122 81.00 -12.20 43.74
N GLU V 123 81.34 -12.16 45.02
CA GLU V 123 81.03 -13.30 45.89
C GLU V 123 79.53 -13.53 45.96
N LEU V 124 78.76 -12.46 46.10
CA LEU V 124 77.30 -12.60 46.16
C LEU V 124 76.76 -13.19 44.87
N ASN V 125 77.26 -12.73 43.72
CA ASN V 125 76.77 -13.25 42.44
C ASN V 125 77.12 -14.72 42.29
N GLN V 126 78.34 -15.11 42.68
CA GLN V 126 78.73 -16.51 42.60
C GLN V 126 77.84 -17.37 43.50
N PHE V 127 77.53 -16.88 44.70
CA PHE V 127 76.62 -17.61 45.57
C PHE V 127 75.23 -17.72 44.96
N CYS V 128 74.72 -16.62 44.41
CA CYS V 128 73.35 -16.62 43.91
C CYS V 128 73.19 -17.51 42.69
N SER V 129 74.20 -17.57 41.83
CA SER V 129 74.07 -18.29 40.57
C SER V 129 73.79 -19.77 40.79
N VAL V 130 74.06 -20.30 41.98
CA VAL V 130 73.83 -21.70 42.26
C VAL V 130 72.48 -21.98 42.92
N HIS V 131 71.86 -20.97 43.52
CA HIS V 131 70.63 -21.14 44.30
C HIS V 131 69.46 -20.44 43.62
N THR V 132 68.28 -21.04 43.73
CA THR V 132 67.09 -20.50 43.10
C THR V 132 66.62 -19.25 43.87
N LEU V 133 65.56 -18.63 43.34
CA LEU V 133 65.03 -17.43 43.99
C LEU V 133 64.47 -17.75 45.37
N GLN V 134 63.77 -18.87 45.51
CA GLN V 134 63.23 -19.25 46.81
C GLN V 134 64.33 -19.40 47.84
N GLU V 135 65.39 -20.15 47.50
CA GLU V 135 66.44 -20.42 48.46
C GLU V 135 67.14 -19.13 48.89
N VAL V 136 67.43 -18.24 47.94
CA VAL V 136 68.12 -17.01 48.27
C VAL V 136 67.21 -15.99 48.93
N TYR V 137 65.88 -16.16 48.82
CA TYR V 137 64.94 -15.17 49.31
C TYR V 137 64.43 -15.51 50.71
N ILE V 138 63.98 -16.73 50.95
CA ILE V 138 63.35 -17.06 52.22
C ILE V 138 63.93 -18.28 52.91
N GLU V 139 64.58 -19.21 52.22
CA GLU V 139 65.03 -20.45 52.84
C GLU V 139 66.48 -20.41 53.30
N LEU V 140 67.39 -20.03 52.42
CA LEU V 140 68.82 -19.96 52.76
C LEU V 140 69.25 -18.56 53.16
N PHE V 141 68.29 -17.67 53.44
CA PHE V 141 68.66 -16.30 53.79
C PHE V 141 69.63 -16.27 54.97
N ASP V 142 69.35 -17.09 56.00
CA ASP V 142 70.21 -17.10 57.17
C ASP V 142 71.62 -17.57 56.84
N GLN V 143 71.82 -18.20 55.68
CA GLN V 143 73.14 -18.69 55.29
C GLN V 143 73.90 -17.76 54.37
N ILE V 144 73.25 -16.72 53.83
CA ILE V 144 73.93 -15.83 52.89
C ILE V 144 75.09 -15.13 53.57
N ASP V 145 74.86 -14.58 54.77
CA ASP V 145 75.91 -13.86 55.47
C ASP V 145 77.06 -14.78 55.84
N GLU V 146 76.76 -16.00 56.29
CA GLU V 146 77.82 -16.93 56.62
C GLU V 146 78.65 -17.28 55.39
N ASN V 147 77.98 -17.52 54.26
CA ASN V 147 78.71 -17.84 53.03
C ASN V 147 79.62 -16.70 52.62
N LEU V 148 79.09 -15.47 52.62
CA LEU V 148 79.91 -14.33 52.22
C LEU V 148 81.08 -14.13 53.17
N LYS V 149 80.84 -14.28 54.48
CA LYS V 149 81.91 -14.10 55.45
C LYS V 149 82.99 -15.13 55.25
N LEU V 150 82.61 -16.40 55.03
CA LEU V 150 83.62 -17.43 54.82
C LEU V 150 84.42 -17.16 53.55
N ALA V 151 83.74 -16.77 52.48
CA ALA V 151 84.47 -16.48 51.24
C ALA V 151 85.48 -15.36 51.45
N LEU V 152 85.03 -14.24 52.02
CA LEU V 152 85.92 -13.11 52.20
C LEU V 152 87.08 -13.46 53.12
N GLN V 153 86.80 -14.17 54.22
CA GLN V 153 87.86 -14.50 55.17
C GLN V 153 88.87 -15.46 54.56
N GLN V 154 88.41 -16.46 53.81
CA GLN V 154 89.34 -17.40 53.19
C GLN V 154 90.19 -16.70 52.16
N ASP V 155 89.61 -15.75 51.41
CA ASP V 155 90.42 -14.99 50.47
C ASP V 155 91.45 -14.14 51.20
N LEU V 156 91.06 -13.52 52.32
CA LEU V 156 91.96 -12.58 52.99
C LEU V 156 93.08 -13.28 53.76
N THR V 157 92.83 -14.49 54.27
CA THR V 157 93.78 -15.10 55.20
C THR V 157 95.18 -15.19 54.60
N SER V 158 95.30 -15.34 53.29
CA SER V 158 96.60 -15.47 52.66
C SER V 158 97.18 -14.11 52.25
N MET V 159 96.40 -13.30 51.54
CA MET V 159 96.90 -12.03 51.05
C MET V 159 97.22 -11.08 52.19
N ALA V 160 96.27 -10.89 53.11
CA ALA V 160 96.36 -9.85 54.13
C ALA V 160 96.10 -10.46 55.50
N PRO V 161 97.06 -11.24 56.03
CA PRO V 161 96.88 -11.78 57.38
C PRO V 161 96.76 -10.66 58.41
N GLY V 162 95.90 -10.88 59.39
CA GLY V 162 95.68 -9.93 60.46
C GLY V 162 94.50 -9.00 60.28
N LEU V 163 93.78 -9.11 59.16
CA LEU V 163 92.59 -8.31 58.89
C LEU V 163 91.39 -9.25 59.01
N VAL V 164 90.86 -9.38 60.22
CA VAL V 164 89.79 -10.33 60.50
C VAL V 164 88.46 -9.67 60.17
N ILE V 165 87.51 -10.49 59.72
CA ILE V 165 86.16 -10.06 59.40
C ILE V 165 85.25 -10.61 60.48
N GLN V 166 84.69 -9.72 61.30
CA GLN V 166 83.89 -10.15 62.43
C GLN V 166 82.49 -10.58 62.01
N ALA V 167 81.82 -9.81 61.15
CA ALA V 167 80.44 -10.14 60.84
C ALA V 167 80.03 -9.59 59.48
N VAL V 168 78.94 -10.14 58.97
CA VAL V 168 78.32 -9.70 57.72
C VAL V 168 76.82 -9.69 57.90
N ARG V 169 76.15 -8.68 57.34
CA ARG V 169 74.72 -8.54 57.40
C ARG V 169 74.19 -8.20 56.01
N VAL V 170 72.98 -8.65 55.71
CA VAL V 170 72.36 -8.42 54.41
C VAL V 170 70.88 -8.16 54.61
N THR V 171 70.30 -7.29 53.79
CA THR V 171 68.87 -7.06 53.82
C THR V 171 68.15 -8.12 53.00
N LYS V 172 66.84 -8.00 52.92
CA LYS V 172 66.03 -8.92 52.12
C LYS V 172 65.98 -8.46 50.68
N PRO V 173 66.35 -9.30 49.72
CA PRO V 173 66.43 -8.85 48.32
C PRO V 173 65.07 -8.39 47.82
N ASN V 174 65.11 -7.41 46.91
CA ASN V 174 63.90 -6.89 46.27
C ASN V 174 63.61 -7.73 45.04
N ILE V 175 62.63 -8.62 45.15
CA ILE V 175 62.28 -9.53 44.06
C ILE V 175 61.37 -8.82 43.06
N PRO V 176 61.22 -9.35 41.85
CA PRO V 176 60.41 -8.65 40.84
C PRO V 176 58.97 -8.45 41.29
N GLU V 177 58.34 -7.42 40.74
CA GLU V 177 56.98 -7.09 41.12
C GLU V 177 56.02 -8.23 40.81
N ALA V 178 56.15 -8.84 39.63
CA ALA V 178 55.24 -9.92 39.26
C ALA V 178 55.35 -11.10 40.23
N ILE V 179 56.57 -11.44 40.63
CA ILE V 179 56.75 -12.51 41.59
C ILE V 179 56.21 -12.12 42.95
N ARG V 180 56.33 -10.85 43.32
CA ARG V 180 55.92 -10.41 44.64
C ARG V 180 54.41 -10.60 44.85
N ARG V 181 53.60 -10.21 43.87
CA ARG V 181 52.16 -10.30 44.05
C ARG V 181 51.71 -11.76 44.15
N ASN V 182 52.42 -12.68 43.50
CA ASN V 182 52.07 -14.09 43.65
C ASN V 182 52.26 -14.55 45.08
N TYR V 183 53.34 -14.10 45.73
CA TYR V 183 53.55 -14.47 47.12
C TYR V 183 52.44 -13.92 48.01
N GLU V 184 51.99 -12.69 47.73
CA GLU V 184 50.84 -12.16 48.44
C GLU V 184 49.59 -12.97 48.14
N LEU V 185 49.43 -13.42 46.89
CA LEU V 185 48.28 -14.24 46.55
C LEU V 185 48.27 -15.53 47.34
N MET V 186 49.44 -16.16 47.50
CA MET V 186 49.50 -17.39 48.27
C MET V 186 49.05 -17.17 49.71
N GLU V 187 49.48 -16.06 50.32
CA GLU V 187 49.06 -15.76 51.69
C GLU V 187 47.57 -15.48 51.75
N SER V 188 47.03 -14.79 50.74
CA SER V 188 45.59 -14.54 50.71
C SER V 188 44.80 -15.84 50.67
N GLU V 189 45.38 -16.89 50.07
CA GLU V 189 44.73 -18.20 50.08
C GLU V 189 44.84 -18.88 51.43
N LYS V 190 45.91 -18.61 52.19
CA LYS V 190 46.04 -19.18 53.52
C LYS V 190 44.96 -18.65 54.45
N THR V 191 44.64 -17.37 54.35
CA THR V 191 43.57 -16.80 55.16
C THR V 191 42.19 -17.16 54.63
N LYS V 192 42.04 -17.29 53.31
CA LYS V 192 40.76 -17.69 52.75
C LYS V 192 40.32 -19.06 53.26
N LEU V 193 41.25 -19.88 53.73
CA LEU V 193 40.87 -21.13 54.37
C LEU V 193 40.21 -20.88 55.72
N LEU V 194 40.74 -19.93 56.49
CA LEU V 194 40.16 -19.63 57.79
C LEU V 194 38.74 -19.09 57.66
N ILE V 195 38.50 -18.23 56.67
CA ILE V 195 37.15 -17.70 56.45
C ILE V 195 36.19 -18.84 56.14
N ALA V 196 36.64 -19.81 55.35
CA ALA V 196 35.78 -20.93 54.99
C ALA V 196 35.37 -21.75 56.21
N ALA V 197 36.27 -21.91 57.18
CA ALA V 197 35.94 -22.68 58.38
C ALA V 197 34.76 -22.06 59.12
N GLN V 198 34.73 -20.74 59.24
CA GLN V 198 33.62 -20.07 59.92
C GLN V 198 32.37 -20.05 59.06
N LYS V 199 32.53 -19.83 57.75
CA LYS V 199 31.36 -19.86 56.87
C LYS V 199 30.71 -21.23 56.89
N GLN V 200 31.49 -22.28 57.15
CA GLN V 200 30.91 -23.62 57.29
C GLN V 200 29.94 -23.66 58.45
N LYS V 201 30.34 -23.12 59.60
CA LYS V 201 29.44 -23.11 60.76
C LYS V 201 28.21 -22.26 60.48
N VAL V 202 28.39 -21.12 59.82
CA VAL V 202 27.24 -20.27 59.52
C VAL V 202 26.25 -21.01 58.61
N VAL V 203 26.76 -21.68 57.58
CA VAL V 203 25.89 -22.42 56.67
C VAL V 203 25.18 -23.55 57.40
N GLU V 204 25.90 -24.25 58.28
CA GLU V 204 25.27 -25.31 59.05
C GLU V 204 24.14 -24.78 59.91
N LYS V 205 24.36 -23.63 60.57
CA LYS V 205 23.31 -23.06 61.41
C LYS V 205 22.10 -22.66 60.58
N GLU V 206 22.33 -22.06 59.42
CA GLU V 206 21.20 -21.67 58.57
C GLU V 206 20.41 -22.89 58.10
N ALA V 207 21.12 -23.95 57.70
CA ALA V 207 20.42 -25.16 57.28
C ALA V 207 19.62 -25.77 58.42
N GLU V 208 20.18 -25.77 59.64
CA GLU V 208 19.45 -26.29 60.78
C GLU V 208 18.20 -25.47 61.06
N THR V 209 18.31 -24.14 60.92
CA THR V 209 17.13 -23.29 61.09
C THR V 209 16.05 -23.64 60.09
N GLU V 210 16.44 -23.82 58.82
CA GLU V 210 15.46 -24.22 57.81
C GLU V 210 14.83 -25.55 58.16
N ARG V 211 15.62 -26.49 58.67
CA ARG V 211 15.10 -27.80 59.06
C ARG V 211 14.04 -27.65 60.15
N LYS V 212 14.33 -26.83 61.17
CA LYS V 212 13.38 -26.64 62.25
C LYS V 212 12.08 -26.01 61.74
N LYS V 213 12.20 -25.03 60.84
CA LYS V 213 11.01 -24.43 60.26
C LYS V 213 10.18 -25.47 59.52
N ALA V 214 10.84 -26.32 58.74
CA ALA V 214 10.12 -27.36 57.99
C ALA V 214 9.41 -28.31 58.94
N LEU V 215 10.06 -28.69 60.04
CA LEU V 215 9.42 -29.57 61.01
C LEU V 215 8.18 -28.93 61.61
N ILE V 216 8.27 -27.64 61.94
CA ILE V 216 7.10 -26.95 62.52
C ILE V 216 5.96 -26.94 61.51
N GLU V 217 6.27 -26.65 60.24
CA GLU V 217 5.22 -26.64 59.22
C GLU V 217 4.59 -28.02 59.07
N ALA V 218 5.40 -29.08 59.11
CA ALA V 218 4.86 -30.43 59.00
C ALA V 218 3.92 -30.74 60.15
N GLU V 219 4.30 -30.36 61.37
CA GLU V 219 3.43 -30.60 62.52
C GLU V 219 2.12 -29.82 62.39
N LYS V 220 2.21 -28.58 61.90
CA LYS V 220 0.99 -27.80 61.66
C LYS V 220 0.07 -28.54 60.71
N VAL V 221 0.63 -29.05 59.60
CA VAL V 221 -0.19 -29.74 58.62
C VAL V 221 -0.81 -30.98 59.24
N ALA V 222 -0.07 -31.70 60.06
CA ALA V 222 -0.60 -32.90 60.70
C ALA V 222 -1.79 -32.57 61.60
N GLN V 223 -1.66 -31.51 62.41
CA GLN V 223 -2.77 -31.14 63.30
C GLN V 223 -3.99 -30.69 62.51
N VAL V 224 -3.78 -29.89 61.46
CA VAL V 224 -4.90 -29.46 60.63
C VAL V 224 -5.58 -30.67 60.00
N ALA V 225 -4.79 -31.65 59.56
CA ALA V 225 -5.36 -32.87 59.00
C ALA V 225 -6.22 -33.60 60.03
N GLU V 226 -5.73 -33.69 61.26
CA GLU V 226 -6.52 -34.34 62.32
C GLU V 226 -7.86 -33.65 62.47
N ILE V 227 -7.86 -32.32 62.54
CA ILE V 227 -9.11 -31.59 62.74
C ILE V 227 -10.06 -31.82 61.57
N THR V 228 -9.56 -31.65 60.34
CA THR V 228 -10.44 -31.79 59.19
C THR V 228 -10.98 -33.20 59.07
N TYR V 229 -10.22 -34.21 59.50
CA TYR V 229 -10.72 -35.57 59.36
C TYR V 229 -11.71 -35.93 60.45
N GLY V 230 -11.57 -35.37 61.65
CA GLY V 230 -12.68 -35.45 62.59
C GLY V 230 -13.94 -34.83 62.01
N GLN V 231 -13.79 -33.69 61.36
CA GLN V 231 -14.94 -33.07 60.69
C GLN V 231 -15.53 -34.00 59.64
N LYS V 232 -14.67 -34.67 58.87
CA LYS V 232 -15.17 -35.57 57.83
C LYS V 232 -15.94 -36.74 58.44
N VAL V 233 -15.48 -37.28 59.56
CA VAL V 233 -16.20 -38.36 60.22
C VAL V 233 -17.58 -37.89 60.64
N MET V 234 -17.65 -36.71 61.25
CA MET V 234 -18.96 -36.18 61.66
C MET V 234 -19.87 -35.97 60.45
N GLU V 235 -19.31 -35.45 59.36
CA GLU V 235 -20.09 -35.26 58.14
C GLU V 235 -20.64 -36.60 57.65
N LYS V 236 -19.84 -37.65 57.71
CA LYS V 236 -20.29 -38.95 57.24
C LYS V 236 -21.41 -39.50 58.12
N GLU V 237 -21.31 -39.28 59.44
CA GLU V 237 -22.41 -39.70 60.32
C GLU V 237 -23.70 -38.99 59.95
N THR V 238 -23.62 -37.67 59.72
CA THR V 238 -24.83 -36.95 59.33
C THR V 238 -25.36 -37.44 57.99
N GLU V 239 -24.45 -37.78 57.06
CA GLU V 239 -24.89 -38.31 55.77
C GLU V 239 -25.61 -39.65 55.95
N LYS V 240 -25.14 -40.47 56.89
CA LYS V 240 -25.85 -41.71 57.18
C LYS V 240 -27.26 -41.42 57.68
N LYS V 241 -27.40 -40.45 58.57
CA LYS V 241 -28.74 -40.09 59.06
C LYS V 241 -29.63 -39.61 57.91
N ILE V 242 -29.07 -38.78 57.04
CA ILE V 242 -29.82 -38.30 55.88
C ILE V 242 -30.24 -39.45 54.99
N SER V 243 -29.36 -40.44 54.81
CA SER V 243 -29.69 -41.59 53.99
C SER V 243 -30.82 -42.39 54.61
N GLU V 244 -30.83 -42.49 55.94
CA GLU V 244 -31.94 -43.15 56.61
C GLU V 244 -33.25 -42.42 56.33
N ILE V 245 -33.22 -41.10 56.40
CA ILE V 245 -34.43 -40.32 56.11
C ILE V 245 -34.88 -40.55 54.66
N GLU V 246 -33.92 -40.54 53.73
CA GLU V 246 -34.26 -40.75 52.33
C GLU V 246 -34.81 -42.15 52.10
N ASP V 247 -34.32 -43.13 52.85
CA ASP V 247 -34.89 -44.47 52.76
C ASP V 247 -36.32 -44.50 53.25
N ALA V 248 -36.59 -43.83 54.37
CA ALA V 248 -37.96 -43.75 54.86
C ALA V 248 -38.88 -43.10 53.84
N ALA V 249 -38.37 -42.09 53.14
CA ALA V 249 -39.19 -41.41 52.13
C ALA V 249 -39.33 -42.25 50.86
N PHE V 250 -38.35 -43.09 50.55
CA PHE V 250 -38.37 -43.86 49.33
C PHE V 250 -39.43 -44.96 49.36
N LEU V 251 -39.60 -45.61 50.52
CA LEU V 251 -40.58 -46.67 50.62
C LEU V 251 -41.99 -46.15 50.35
N ALA V 252 -42.33 -44.99 50.91
CA ALA V 252 -43.67 -44.45 50.72
C ALA V 252 -43.93 -44.16 49.25
N ARG V 253 -42.96 -43.57 48.55
CA ARG V 253 -43.16 -43.25 47.14
C ARG V 253 -43.36 -44.51 46.32
N GLU V 254 -42.54 -45.54 46.56
CA GLU V 254 -42.69 -46.79 45.81
C GLU V 254 -43.98 -47.49 46.17
N LYS V 255 -44.41 -47.42 47.44
CA LYS V 255 -45.69 -47.99 47.81
C LYS V 255 -46.83 -47.29 47.08
N ALA V 256 -46.70 -45.98 46.87
CA ALA V 256 -47.73 -45.26 46.14
C ALA V 256 -47.82 -45.72 44.69
N LYS V 257 -46.68 -45.96 44.05
CA LYS V 257 -46.69 -46.42 42.67
C LYS V 257 -47.39 -47.76 42.54
N ALA V 258 -47.11 -48.69 43.45
CA ALA V 258 -47.74 -50.01 43.38
C ALA V 258 -49.25 -49.90 43.51
N ASP V 259 -49.72 -49.14 44.50
CA ASP V 259 -51.16 -48.99 44.69
C ASP V 259 -51.81 -48.29 43.50
N ALA V 260 -51.16 -47.24 42.99
CA ALA V 260 -51.70 -46.56 41.82
C ALA V 260 -51.68 -47.47 40.59
N GLU V 261 -50.59 -48.20 40.38
CA GLU V 261 -50.53 -49.13 39.26
C GLU V 261 -51.45 -50.32 39.49
N CYS V 262 -51.56 -50.77 40.74
CA CYS V 262 -52.43 -51.91 41.04
C CYS V 262 -53.89 -51.58 40.75
N TYR V 263 -54.30 -50.35 41.07
CA TYR V 263 -55.69 -49.96 40.83
C TYR V 263 -55.99 -49.86 39.35
N THR V 264 -55.15 -49.15 38.60
CA THR V 264 -55.39 -48.98 37.17
C THR V 264 -55.29 -50.29 36.41
N ALA V 265 -54.60 -51.30 36.96
CA ALA V 265 -54.51 -52.57 36.29
C ALA V 265 -55.78 -53.39 36.43
N MET V 266 -56.48 -53.28 37.57
CA MET V 266 -57.75 -53.98 37.71
C MET V 266 -58.85 -53.30 36.89
N LYS V 267 -58.82 -51.97 36.79
CA LYS V 267 -59.81 -51.29 35.98
C LYS V 267 -59.70 -51.70 34.51
N ILE V 268 -58.47 -51.86 34.03
CA ILE V 268 -58.27 -52.37 32.68
C ILE V 268 -58.82 -53.78 32.56
N ALA V 269 -58.69 -54.58 33.62
CA ALA V 269 -59.23 -55.94 33.60
C ALA V 269 -60.75 -55.92 33.44
N GLU V 270 -61.43 -55.04 34.17
CA GLU V 270 -62.88 -54.98 34.08
C GLU V 270 -63.32 -54.54 32.70
N ALA V 271 -62.65 -53.55 32.11
CA ALA V 271 -63.02 -53.09 30.78
C ALA V 271 -62.82 -54.18 29.74
N ASN V 272 -61.70 -54.90 29.82
CA ASN V 272 -61.42 -55.94 28.83
C ASN V 272 -62.48 -57.04 28.82
N LYS V 273 -63.19 -57.24 29.93
CA LYS V 273 -64.22 -58.27 29.95
C LYS V 273 -65.28 -58.01 28.89
N LEU V 274 -65.48 -56.74 28.51
CA LEU V 274 -66.44 -56.37 27.49
C LEU V 274 -65.80 -55.94 26.19
N LYS V 275 -64.60 -55.34 26.24
CA LYS V 275 -63.98 -54.80 25.05
C LYS V 275 -63.38 -55.87 24.15
N LEU V 276 -62.90 -56.97 24.73
CA LEU V 276 -62.22 -58.01 23.96
C LEU V 276 -63.19 -59.11 23.54
N THR V 277 -64.22 -58.71 22.81
CA THR V 277 -65.14 -59.67 22.23
C THR V 277 -64.48 -60.36 21.04
N PRO V 278 -65.03 -61.49 20.58
CA PRO V 278 -64.42 -62.17 19.44
C PRO V 278 -64.26 -61.29 18.22
N GLU V 279 -65.26 -60.46 17.93
CA GLU V 279 -65.17 -59.60 16.76
C GLU V 279 -64.07 -58.55 16.92
N TYR V 280 -63.96 -57.96 18.11
CA TYR V 280 -62.88 -56.99 18.33
C TYR V 280 -61.51 -57.67 18.23
N LEU V 281 -61.40 -58.89 18.75
CA LEU V 281 -60.13 -59.61 18.64
C LEU V 281 -59.80 -59.88 17.18
N GLN V 282 -60.80 -60.24 16.38
CA GLN V 282 -60.57 -60.42 14.95
C GLN V 282 -60.11 -59.12 14.29
N LEU V 283 -60.76 -58.01 14.64
CA LEU V 283 -60.38 -56.72 14.07
C LEU V 283 -58.94 -56.39 14.43
N MET V 284 -58.56 -56.60 15.69
CA MET V 284 -57.18 -56.31 16.09
C MET V 284 -56.20 -57.26 15.42
N LYS V 285 -56.60 -58.52 15.26
CA LYS V 285 -55.78 -59.48 14.53
C LYS V 285 -55.43 -58.94 13.15
N TYR V 286 -56.44 -58.49 12.41
CA TYR V 286 -56.18 -58.02 11.05
C TYR V 286 -55.59 -56.62 11.02
N LYS V 287 -55.75 -55.84 12.09
CA LYS V 287 -55.14 -54.52 12.14
C LYS V 287 -53.65 -54.58 12.44
N ALA V 288 -53.22 -55.55 13.24
CA ALA V 288 -51.82 -55.62 13.64
C ALA V 288 -50.88 -55.79 12.47
N ILE V 289 -51.37 -56.27 11.33
CA ILE V 289 -50.53 -56.54 10.18
C ILE V 289 -50.72 -55.49 9.08
N ALA V 290 -51.35 -54.36 9.40
CA ALA V 290 -51.61 -53.35 8.39
C ALA V 290 -50.33 -52.70 7.90
N SER V 291 -49.32 -52.57 8.77
CA SER V 291 -48.09 -51.88 8.43
C SER V 291 -46.96 -52.81 8.03
N ASN V 292 -47.00 -54.08 8.42
CA ASN V 292 -45.91 -54.99 8.08
C ASN V 292 -45.86 -55.19 6.57
N SER V 293 -44.65 -55.15 6.03
CA SER V 293 -44.48 -55.35 4.59
C SER V 293 -44.93 -56.75 4.20
N LYS V 294 -45.55 -56.86 3.03
CA LYS V 294 -46.10 -58.12 2.57
C LYS V 294 -45.76 -58.34 1.11
N ILE V 295 -45.72 -59.60 0.72
CA ILE V 295 -45.62 -60.00 -0.67
C ILE V 295 -46.64 -61.11 -0.89
N TYR V 296 -47.09 -61.25 -2.14
CA TYR V 296 -48.15 -62.19 -2.47
C TYR V 296 -47.78 -62.99 -3.70
N PHE V 297 -48.23 -64.25 -3.72
CA PHE V 297 -48.13 -65.11 -4.89
C PHE V 297 -49.42 -65.90 -4.99
N GLY V 298 -49.98 -65.99 -6.19
CA GLY V 298 -51.24 -66.70 -6.36
C GLY V 298 -51.70 -66.61 -7.80
N LYS V 299 -52.75 -67.38 -8.09
CA LYS V 299 -53.26 -67.44 -9.46
C LYS V 299 -53.99 -66.16 -9.85
N ASP V 300 -54.67 -65.50 -8.89
CA ASP V 300 -55.47 -64.34 -9.21
C ASP V 300 -55.57 -63.44 -7.99
N ILE V 301 -56.01 -62.20 -8.23
CA ILE V 301 -56.14 -61.24 -7.14
C ILE V 301 -57.15 -61.68 -6.10
N PRO V 302 -58.36 -62.11 -6.44
CA PRO V 302 -59.36 -62.40 -5.40
C PRO V 302 -58.88 -63.40 -4.37
N ASN V 303 -57.98 -64.30 -4.73
CA ASN V 303 -57.47 -65.28 -3.77
C ASN V 303 -56.63 -64.64 -2.68
N MET V 304 -56.25 -63.36 -2.82
CA MET V 304 -55.46 -62.71 -1.77
C MET V 304 -56.24 -62.62 -0.47
N PHE V 305 -57.52 -62.27 -0.55
CA PHE V 305 -58.34 -62.05 0.64
C PHE V 305 -59.02 -63.31 1.13
N MET V 306 -58.97 -64.40 0.38
CA MET V 306 -59.53 -65.66 0.85
C MET V 306 -58.61 -66.28 1.89
N ASP V 307 -59.22 -66.98 2.85
CA ASP V 307 -58.48 -67.62 3.92
C ASP V 307 -58.89 -69.07 4.09
N VAL W 52 88.87 30.97 83.74
CA VAL W 52 88.82 29.98 82.67
C VAL W 52 89.20 28.61 83.21
N LEU W 53 90.17 28.58 84.13
CA LEU W 53 90.61 27.32 84.69
C LEU W 53 89.48 26.62 85.44
N LEU W 54 88.69 27.38 86.20
CA LEU W 54 87.57 26.79 86.92
C LEU W 54 86.60 26.09 85.97
N TYR W 55 86.17 26.81 84.93
CA TYR W 55 85.22 26.23 83.98
C TYR W 55 85.82 25.04 83.27
N ALA W 56 87.09 25.14 82.86
CA ALA W 56 87.72 24.04 82.12
C ALA W 56 87.85 22.80 82.99
N SER W 57 88.25 22.96 84.25
CA SER W 57 88.48 21.80 85.10
C SER W 57 87.17 21.17 85.55
N ILE W 58 86.18 21.99 85.93
CA ILE W 58 84.93 21.47 86.45
C ILE W 58 84.07 20.99 85.29
N HIS W 59 83.56 19.76 85.39
CA HIS W 59 82.73 19.19 84.34
C HIS W 59 81.40 18.62 84.83
N LYS W 60 81.24 18.35 86.13
CA LYS W 60 79.93 18.03 86.71
C LYS W 60 79.32 16.79 86.04
N ILE W 61 79.98 15.66 86.26
CA ILE W 61 79.41 14.38 85.85
C ILE W 61 78.03 14.22 86.48
N GLU W 62 77.17 13.47 85.80
CA GLU W 62 75.80 13.23 86.24
C GLU W 62 75.70 11.92 87.01
N GLU W 63 74.64 11.81 87.79
CA GLU W 63 74.39 10.59 88.56
C GLU W 63 74.04 9.43 87.62
N GLY W 64 74.47 8.24 87.99
CA GLY W 64 74.21 7.06 87.19
C GLY W 64 75.07 6.93 85.96
N HIS W 65 76.11 7.75 85.83
CA HIS W 65 77.05 7.69 84.72
C HIS W 65 78.44 7.39 85.25
N LEU W 66 79.36 7.15 84.32
CA LEU W 66 80.77 6.94 84.67
C LEU W 66 81.62 7.64 83.60
N ALA W 67 82.12 8.82 83.94
CA ALA W 67 82.83 9.63 82.97
C ALA W 67 84.17 9.01 82.61
N VAL W 68 84.55 9.16 81.35
CA VAL W 68 85.85 8.75 80.85
C VAL W 68 86.50 9.95 80.20
N TYR W 69 87.83 9.90 80.09
CA TYR W 69 88.62 11.04 79.66
C TYR W 69 89.56 10.64 78.54
N TYR W 70 89.91 11.63 77.71
CA TYR W 70 90.83 11.44 76.60
C TYR W 70 91.83 12.57 76.60
N ARG W 71 93.12 12.22 76.73
CA ARG W 71 94.21 13.19 76.70
C ARG W 71 94.93 13.03 75.37
N GLY W 72 94.71 13.96 74.44
CA GLY W 72 95.30 13.85 73.12
C GLY W 72 94.83 12.63 72.37
N GLY W 73 93.53 12.35 72.40
CA GLY W 73 92.98 11.20 71.71
C GLY W 73 93.47 9.88 72.26
N ALA W 74 93.58 9.78 73.59
CA ALA W 74 94.00 8.56 74.25
C ALA W 74 93.23 8.40 75.54
N LEU W 75 92.60 7.23 75.71
CA LEU W 75 91.76 6.96 76.86
C LEU W 75 92.63 6.77 78.10
N LEU W 76 92.51 7.68 79.06
CA LEU W 76 93.22 7.53 80.32
C LEU W 76 92.64 6.37 81.11
N THR W 77 93.46 5.77 81.97
CA THR W 77 93.06 4.61 82.74
C THR W 77 92.37 4.97 84.06
N SER W 78 91.79 6.17 84.16
CA SER W 78 91.18 6.64 85.41
C SER W 78 89.76 7.12 85.13
N PRO W 79 88.77 6.22 85.11
CA PRO W 79 87.38 6.66 85.03
C PRO W 79 86.89 7.20 86.36
N SER W 80 85.98 8.17 86.30
CA SER W 80 85.51 8.89 87.47
C SER W 80 84.02 8.66 87.66
N GLY W 81 83.63 8.43 88.91
CA GLY W 81 82.23 8.22 89.25
C GLY W 81 81.48 9.53 89.43
N PRO W 82 80.23 9.45 89.88
CA PRO W 82 79.43 10.66 90.04
C PRO W 82 80.04 11.60 91.07
N GLY W 83 79.82 12.89 90.87
CA GLY W 83 80.34 13.92 91.74
C GLY W 83 81.37 14.79 91.04
N TYR W 84 81.58 15.97 91.61
CA TYR W 84 82.53 16.92 91.04
C TYR W 84 83.90 16.27 90.87
N HIS W 85 84.65 16.74 89.87
CA HIS W 85 85.96 16.19 89.59
C HIS W 85 86.80 17.25 88.90
N ILE W 86 88.11 17.00 88.85
CA ILE W 86 89.09 17.91 88.27
C ILE W 86 89.88 17.17 87.20
N MET W 87 90.04 17.79 86.04
CA MET W 87 90.90 17.30 84.98
C MET W 87 91.87 18.40 84.58
N LEU W 88 92.76 18.09 83.64
CA LEU W 88 93.69 19.08 83.15
C LEU W 88 92.94 20.17 82.38
N PRO W 89 93.50 21.38 82.29
CA PRO W 89 92.74 22.51 81.75
C PRO W 89 92.15 22.26 80.36
N PHE W 90 93.00 21.98 79.37
CA PHE W 90 92.53 21.86 78.00
C PHE W 90 93.16 20.71 77.23
N ILE W 91 93.98 19.87 77.86
CA ILE W 91 94.56 18.72 77.21
C ILE W 91 93.81 17.44 77.58
N THR W 92 92.55 17.56 77.99
CA THR W 92 91.74 16.40 78.34
C THR W 92 90.28 16.72 78.04
N THR W 93 89.58 15.79 77.40
CA THR W 93 88.17 15.93 77.06
C THR W 93 87.41 14.77 77.67
N PHE W 94 86.28 15.06 78.31
CA PHE W 94 85.51 14.05 79.03
C PHE W 94 84.22 13.71 78.29
N ARG W 95 83.80 12.47 78.43
CA ARG W 95 82.52 12.01 77.94
C ARG W 95 81.90 11.08 78.98
N SER W 96 80.63 11.30 79.29
CA SER W 96 79.94 10.55 80.33
C SER W 96 79.10 9.45 79.68
N VAL W 97 79.40 8.20 80.02
CA VAL W 97 78.67 7.05 79.51
C VAL W 97 77.77 6.53 80.62
N GLN W 98 76.49 6.30 80.30
CA GLN W 98 75.54 5.85 81.29
C GLN W 98 75.83 4.40 81.68
N THR W 99 75.79 4.15 82.99
CA THR W 99 75.99 2.81 83.53
C THR W 99 74.71 2.23 84.13
N THR W 100 73.59 2.90 83.96
CA THR W 100 72.31 2.45 84.49
C THR W 100 71.38 2.03 83.36
N LEU W 101 70.24 1.46 83.74
CA LEU W 101 69.29 0.98 82.75
C LEU W 101 68.87 2.10 81.81
N GLN W 102 68.96 1.84 80.51
CA GLN W 102 68.62 2.82 79.50
C GLN W 102 67.89 2.12 78.36
N THR W 103 67.19 2.91 77.55
CA THR W 103 66.33 2.41 76.49
C THR W 103 66.63 3.12 75.18
N ASP W 104 66.47 2.38 74.07
CA ASP W 104 66.51 3.01 72.76
C ASP W 104 65.95 2.03 71.74
N GLU W 105 65.44 2.56 70.64
CA GLU W 105 64.62 1.78 69.72
C GLU W 105 65.03 2.02 68.27
N VAL W 106 64.53 1.15 67.40
CA VAL W 106 64.72 1.23 65.96
C VAL W 106 63.36 1.07 65.29
N LYS W 107 63.10 1.91 64.29
CA LYS W 107 61.76 2.04 63.71
C LYS W 107 61.64 1.28 62.40
N ASN W 108 60.42 0.83 62.11
CA ASN W 108 60.05 0.25 60.81
C ASN W 108 61.08 -0.77 60.33
N VAL W 109 61.21 -1.82 61.11
CA VAL W 109 62.15 -2.89 60.76
C VAL W 109 61.45 -3.87 59.82
N PRO W 110 62.00 -4.13 58.63
CA PRO W 110 61.37 -5.13 57.75
C PRO W 110 61.56 -6.53 58.28
N CYS W 111 60.68 -7.43 57.81
CA CYS W 111 60.74 -8.83 58.22
C CYS W 111 60.05 -9.65 57.14
N GLY W 112 60.82 -10.46 56.43
CA GLY W 112 60.26 -11.29 55.37
C GLY W 112 59.83 -12.64 55.89
N THR W 113 58.53 -12.86 56.02
CA THR W 113 58.04 -14.10 56.59
C THR W 113 58.32 -15.26 55.64
N SER W 114 58.27 -16.48 56.20
CA SER W 114 58.56 -17.67 55.40
C SER W 114 57.59 -17.83 54.24
N GLY W 115 56.42 -17.19 54.31
CA GLY W 115 55.47 -17.27 53.23
C GLY W 115 55.76 -16.39 52.04
N GLY W 116 56.85 -15.61 52.10
CA GLY W 116 57.25 -14.75 51.02
C GLY W 116 56.77 -13.31 51.14
N VAL W 117 55.84 -13.04 52.02
CA VAL W 117 55.31 -11.68 52.19
C VAL W 117 56.14 -10.96 53.24
N MET W 118 56.24 -9.65 53.08
CA MET W 118 57.08 -8.80 53.92
C MET W 118 56.19 -7.98 54.84
N ILE W 119 56.50 -7.99 56.14
CA ILE W 119 55.78 -7.23 57.14
C ILE W 119 56.76 -6.35 57.88
N TYR W 120 56.33 -5.13 58.20
CA TYR W 120 57.20 -4.13 58.82
C TYR W 120 56.78 -3.95 60.27
N ILE W 121 57.67 -4.31 61.19
CA ILE W 121 57.42 -4.11 62.61
C ILE W 121 57.69 -2.64 62.93
N ASP W 122 56.70 -1.98 63.54
CA ASP W 122 56.72 -0.52 63.62
C ASP W 122 57.90 -0.01 64.43
N ARG W 123 58.20 -0.65 65.56
CA ARG W 123 59.27 -0.16 66.42
C ARG W 123 59.70 -1.24 67.37
N ILE W 124 61.00 -1.50 67.43
CA ILE W 124 61.59 -2.48 68.34
C ILE W 124 62.48 -1.73 69.32
N GLU W 125 62.18 -1.86 70.61
CA GLU W 125 62.90 -1.17 71.66
C GLU W 125 63.75 -2.15 72.45
N VAL W 126 64.96 -1.74 72.80
CA VAL W 126 65.86 -2.54 73.61
C VAL W 126 66.27 -1.70 74.81
N VAL W 127 66.15 -2.27 76.00
CA VAL W 127 66.60 -1.64 77.24
C VAL W 127 67.73 -2.49 77.79
N ASN W 128 68.85 -1.83 78.10
CA ASN W 128 70.07 -2.52 78.47
C ASN W 128 70.78 -1.77 79.59
N MET W 129 71.84 -2.38 80.10
CA MET W 129 72.68 -1.75 81.11
C MET W 129 74.02 -2.46 81.15
N LEU W 130 75.07 -1.70 81.50
CA LEU W 130 76.40 -2.25 81.67
C LEU W 130 76.93 -1.91 83.05
N ALA W 131 77.53 -2.89 83.70
CA ALA W 131 78.08 -2.65 85.03
C ALA W 131 79.25 -1.68 84.94
N PRO W 132 79.43 -0.81 85.94
CA PRO W 132 80.45 0.23 85.82
C PRO W 132 81.86 -0.31 85.60
N TYR W 133 82.22 -1.43 86.24
CA TYR W 133 83.61 -1.86 86.22
C TYR W 133 84.08 -2.21 84.82
N ALA W 134 83.17 -2.51 83.89
CA ALA W 134 83.53 -2.83 82.51
C ALA W 134 83.46 -1.62 81.59
N VAL W 135 83.18 -0.43 82.13
CA VAL W 135 82.99 0.75 81.28
C VAL W 135 84.27 1.09 80.54
N PHE W 136 85.40 1.04 81.24
CA PHE W 136 86.67 1.39 80.59
C PHE W 136 86.96 0.46 79.42
N ASP W 137 86.81 -0.85 79.64
CA ASP W 137 87.08 -1.80 78.57
C ASP W 137 86.10 -1.62 77.42
N ILE W 138 84.82 -1.39 77.73
CA ILE W 138 83.83 -1.21 76.67
C ILE W 138 84.18 0.01 75.83
N VAL W 139 84.53 1.12 76.47
CA VAL W 139 84.83 2.33 75.72
C VAL W 139 86.12 2.17 74.93
N ARG W 140 87.12 1.50 75.50
CA ARG W 140 88.37 1.29 74.78
C ARG W 140 88.13 0.43 73.54
N ASN W 141 87.35 -0.64 73.67
CA ASN W 141 87.10 -1.52 72.54
C ASN W 141 86.25 -0.82 71.48
N TYR W 142 85.21 -0.11 71.89
CA TYR W 142 84.28 0.54 70.97
C TYR W 142 84.04 1.98 71.42
N THR W 143 83.89 2.86 70.44
CA THR W 143 83.65 4.26 70.70
C THR W 143 82.45 4.41 71.63
N ALA W 144 82.34 5.53 72.34
CA ALA W 144 81.29 5.68 73.35
C ALA W 144 79.91 5.40 72.78
N ASP W 145 79.71 5.67 71.49
CA ASP W 145 78.47 5.29 70.83
C ASP W 145 78.51 3.81 70.45
N TYR W 146 78.78 2.95 71.43
CA TYR W 146 78.82 1.52 71.18
C TYR W 146 77.43 0.93 70.97
N ASP W 147 76.38 1.67 71.30
CA ASP W 147 75.03 1.14 71.14
C ASP W 147 74.76 0.78 69.68
N LYS W 148 75.09 1.69 68.76
CA LYS W 148 74.77 1.45 67.35
C LYS W 148 75.52 0.23 66.83
N THR W 149 76.79 0.08 67.19
CA THR W 149 77.60 -1.02 66.68
C THR W 149 77.40 -2.32 67.44
N LEU W 150 76.70 -2.31 68.58
CA LEU W 150 76.53 -3.53 69.35
C LEU W 150 75.10 -4.05 69.40
N ILE W 151 74.07 -3.19 69.37
CA ILE W 151 72.70 -3.62 69.60
C ILE W 151 71.83 -3.32 68.39
N PHE W 152 71.80 -2.07 67.93
CA PHE W 152 70.80 -1.61 66.96
C PHE W 152 71.22 -1.74 65.51
N ASN W 153 72.47 -2.09 65.24
CA ASN W 153 72.84 -2.44 63.87
C ASN W 153 72.63 -3.91 63.58
N LYS W 154 72.31 -4.71 64.59
CA LYS W 154 72.06 -6.13 64.44
C LYS W 154 70.58 -6.48 64.51
N ILE W 155 69.73 -5.54 64.94
CA ILE W 155 68.34 -5.85 65.19
C ILE W 155 67.65 -6.29 63.90
N HIS W 156 67.85 -5.55 62.82
CA HIS W 156 67.15 -5.86 61.58
C HIS W 156 67.58 -7.21 61.04
N HIS W 157 68.89 -7.52 61.10
CA HIS W 157 69.36 -8.81 60.61
C HIS W 157 68.83 -9.96 61.46
N GLU W 158 68.85 -9.80 62.79
CA GLU W 158 68.33 -10.86 63.65
C GLU W 158 66.84 -11.07 63.43
N LEU W 159 66.10 -9.97 63.27
CA LEU W 159 64.66 -10.10 63.02
C LEU W 159 64.40 -10.78 61.69
N ASN W 160 65.17 -10.45 60.65
CA ASN W 160 65.00 -11.13 59.37
C ASN W 160 65.31 -12.61 59.49
N GLN W 161 66.38 -12.95 60.21
CA GLN W 161 66.71 -14.36 60.40
C GLN W 161 65.60 -15.10 61.11
N PHE W 162 65.02 -14.49 62.14
CA PHE W 162 63.91 -15.12 62.84
C PHE W 162 62.68 -15.25 61.95
N CYS W 163 62.35 -14.20 61.19
CA CYS W 163 61.14 -14.21 60.38
C CYS W 163 61.23 -15.22 59.25
N SER W 164 62.41 -15.35 58.63
CA SER W 164 62.52 -16.24 57.47
C SER W 164 62.18 -17.67 57.80
N ALA W 165 62.25 -18.06 59.08
CA ALA W 165 61.93 -19.42 59.50
C ALA W 165 60.49 -19.58 59.97
N HIS W 166 59.68 -18.53 59.91
CA HIS W 166 58.31 -18.58 60.40
C HIS W 166 57.37 -17.92 59.40
N THR W 167 56.10 -18.31 59.45
CA THR W 167 55.10 -17.84 58.50
C THR W 167 54.46 -16.55 59.01
N LEU W 168 53.59 -15.97 58.18
CA LEU W 168 52.94 -14.73 58.56
C LEU W 168 52.08 -14.92 59.80
N GLN W 169 51.30 -16.00 59.84
CA GLN W 169 50.45 -16.24 61.01
C GLN W 169 51.29 -16.44 62.26
N GLU W 170 52.35 -17.25 62.16
CA GLU W 170 53.15 -17.55 63.35
C GLU W 170 53.76 -16.29 63.95
N VAL W 171 54.29 -15.41 63.10
CA VAL W 171 54.93 -14.19 63.60
C VAL W 171 53.88 -13.19 64.07
N TYR W 172 52.82 -13.01 63.28
CA TYR W 172 51.84 -11.97 63.57
C TYR W 172 51.05 -12.29 64.84
N ILE W 173 50.70 -13.55 65.06
CA ILE W 173 49.79 -13.92 66.13
C ILE W 173 50.43 -14.92 67.08
N GLU W 174 50.78 -16.10 66.56
CA GLU W 174 51.09 -17.23 67.43
C GLU W 174 52.34 -16.97 68.27
N LEU W 175 53.43 -16.54 67.64
CA LEU W 175 54.72 -16.44 68.31
C LEU W 175 55.10 -15.00 68.64
N PHE W 176 54.13 -14.08 68.63
CA PHE W 176 54.44 -12.70 68.97
C PHE W 176 55.02 -12.58 70.37
N ASP W 177 54.67 -13.51 71.25
CA ASP W 177 55.25 -13.49 72.60
C ASP W 177 56.69 -13.96 72.59
N GLN W 178 57.06 -14.82 71.63
CA GLN W 178 58.43 -15.31 71.53
C GLN W 178 59.35 -14.42 70.71
N ILE W 179 58.81 -13.49 69.93
CA ILE W 179 59.67 -12.65 69.08
C ILE W 179 60.70 -11.92 69.95
N ASP W 180 60.22 -11.24 70.99
CA ASP W 180 61.12 -10.43 71.82
C ASP W 180 62.14 -11.30 72.53
N GLU W 181 61.70 -12.45 73.06
CA GLU W 181 62.62 -13.32 73.78
C GLU W 181 63.72 -13.82 72.85
N ASN W 182 63.35 -14.23 71.63
CA ASN W 182 64.36 -14.71 70.70
C ASN W 182 65.32 -13.59 70.30
N LEU W 183 64.81 -12.38 70.07
CA LEU W 183 65.70 -11.27 69.74
C LEU W 183 66.68 -11.00 70.88
N LYS W 184 66.18 -10.97 72.12
CA LYS W 184 67.05 -10.72 73.25
C LYS W 184 68.11 -11.81 73.39
N GLN W 185 67.70 -13.07 73.22
CA GLN W 185 68.66 -14.16 73.31
C GLN W 185 69.73 -14.04 72.24
N ALA W 186 69.32 -13.71 71.01
CA ALA W 186 70.28 -13.59 69.92
C ALA W 186 71.28 -12.47 70.20
N LEU W 187 70.80 -11.32 70.65
CA LEU W 187 71.72 -10.22 70.94
C LEU W 187 72.68 -10.59 72.06
N GLN W 188 72.14 -11.15 73.15
CA GLN W 188 72.99 -11.47 74.29
C GLN W 188 74.03 -12.52 73.96
N LYS W 189 73.70 -13.47 73.08
CA LYS W 189 74.66 -14.52 72.76
C LYS W 189 75.91 -13.95 72.13
N ASP W 190 75.78 -12.87 71.34
CA ASP W 190 76.96 -12.22 70.79
C ASP W 190 77.62 -11.31 71.80
N LEU W 191 76.83 -10.54 72.55
CA LEU W 191 77.41 -9.58 73.49
C LEU W 191 78.23 -10.27 74.58
N ASN W 192 77.73 -11.39 75.11
CA ASN W 192 78.39 -12.00 76.26
C ASN W 192 79.83 -12.40 75.95
N LEU W 193 80.18 -12.57 74.68
CA LEU W 193 81.53 -12.92 74.29
C LEU W 193 82.30 -11.80 73.60
N MET W 194 81.61 -10.88 72.94
CA MET W 194 82.29 -9.81 72.20
C MET W 194 82.42 -8.52 73.00
N ALA W 195 81.67 -8.37 74.09
CA ALA W 195 81.71 -7.17 74.91
C ALA W 195 81.16 -7.46 76.29
N PRO W 196 81.88 -8.22 77.12
CA PRO W 196 81.34 -8.57 78.44
C PRO W 196 81.02 -7.33 79.27
N GLY W 197 79.95 -7.42 80.05
CA GLY W 197 79.54 -6.34 80.91
C GLY W 197 78.21 -5.73 80.47
N LEU W 198 78.04 -5.57 79.17
CA LEU W 198 76.80 -5.04 78.62
C LEU W 198 75.76 -6.15 78.57
N THR W 199 74.56 -5.86 79.07
CA THR W 199 73.49 -6.84 79.14
C THR W 199 72.19 -6.23 78.63
N ILE W 200 71.42 -7.04 77.91
CA ILE W 200 70.11 -6.64 77.40
C ILE W 200 69.09 -7.01 78.47
N GLN W 201 68.66 -6.01 79.26
CA GLN W 201 67.68 -6.28 80.31
C GLN W 201 66.36 -6.71 79.71
N ALA W 202 65.92 -6.06 78.63
CA ALA W 202 64.64 -6.45 78.04
C ALA W 202 64.51 -5.92 76.62
N VAL W 203 63.56 -6.51 75.89
CA VAL W 203 63.24 -6.11 74.52
C VAL W 203 61.73 -6.00 74.41
N ARG W 204 61.28 -5.19 73.45
CA ARG W 204 59.86 -4.98 73.22
C ARG W 204 59.63 -4.78 71.73
N VAL W 205 58.54 -5.36 71.21
CA VAL W 205 58.19 -5.25 69.80
C VAL W 205 56.71 -4.92 69.70
N THR W 206 56.34 -4.41 68.53
CA THR W 206 54.95 -4.06 68.21
C THR W 206 54.40 -5.02 67.16
N LYS W 207 53.08 -5.13 67.13
CA LYS W 207 52.45 -6.02 66.17
C LYS W 207 52.80 -5.57 64.75
N PRO W 208 53.31 -6.46 63.90
CA PRO W 208 53.71 -6.03 62.55
C PRO W 208 52.53 -5.48 61.77
N LYS W 209 52.86 -4.94 60.58
CA LYS W 209 51.87 -4.34 59.68
C LYS W 209 51.72 -5.27 58.49
N ILE W 210 50.70 -6.12 58.52
CA ILE W 210 50.43 -7.06 57.44
C ILE W 210 49.85 -6.30 56.25
N PRO W 211 49.92 -6.84 55.04
CA PRO W 211 49.36 -6.13 53.88
C PRO W 211 47.86 -5.94 54.01
N GLU W 212 47.35 -4.96 53.27
CA GLU W 212 45.92 -4.64 53.34
C GLU W 212 45.07 -5.81 52.90
N ALA W 213 45.47 -6.50 51.84
CA ALA W 213 44.67 -7.62 51.33
C ALA W 213 44.52 -8.71 52.38
N ILE W 214 45.61 -9.05 53.07
CA ILE W 214 45.53 -10.06 54.12
C ILE W 214 44.77 -9.52 55.32
N ARG W 215 44.88 -8.22 55.60
CA ARG W 215 44.18 -7.65 56.75
C ARG W 215 42.68 -7.79 56.62
N ARG W 216 42.15 -7.56 55.41
CA ARG W 216 40.70 -7.66 55.21
C ARG W 216 40.22 -9.09 55.45
N ASN W 217 40.97 -10.08 54.98
CA ASN W 217 40.56 -11.46 55.17
C ASN W 217 40.47 -11.80 56.66
N PHE W 218 41.42 -11.34 57.45
CA PHE W 218 41.32 -11.51 58.89
C PHE W 218 40.08 -10.81 59.45
N GLU W 219 39.62 -9.76 58.77
CA GLU W 219 38.40 -9.08 59.18
C GLU W 219 37.18 -9.93 58.87
N LEU W 220 37.13 -10.50 57.66
CA LEU W 220 36.00 -11.34 57.29
C LEU W 220 35.91 -12.57 58.18
N MET W 221 37.04 -13.11 58.61
CA MET W 221 37.01 -14.24 59.53
C MET W 221 36.30 -13.88 60.82
N GLU W 222 36.56 -12.67 61.34
CA GLU W 222 35.89 -12.22 62.56
C GLU W 222 34.45 -11.82 62.29
N ALA W 223 34.15 -11.32 61.09
CA ALA W 223 32.77 -11.03 60.75
C ALA W 223 31.93 -12.29 60.74
N GLU W 224 32.48 -13.39 60.22
CA GLU W 224 31.74 -14.66 60.20
C GLU W 224 31.46 -15.16 61.60
N LYS W 225 32.37 -14.91 62.54
CA LYS W 225 32.15 -15.38 63.90
C LYS W 225 30.90 -14.76 64.51
N THR W 226 30.67 -13.48 64.26
CA THR W 226 29.47 -12.83 64.75
C THR W 226 28.24 -13.21 63.94
N LYS W 227 28.42 -13.51 62.64
CA LYS W 227 27.29 -13.94 61.83
C LYS W 227 26.68 -15.22 62.36
N LEU W 228 27.46 -16.02 63.08
CA LEU W 228 26.93 -17.24 63.67
C LEU W 228 25.89 -16.92 64.74
N LEU W 229 26.14 -15.88 65.54
CA LEU W 229 25.20 -15.52 66.60
C LEU W 229 23.90 -14.96 66.03
N ILE W 230 24.00 -14.11 65.00
CA ILE W 230 22.80 -13.59 64.36
C ILE W 230 21.93 -14.72 63.87
N ALA W 231 22.54 -15.76 63.28
CA ALA W 231 21.77 -16.92 62.87
C ALA W 231 21.14 -17.63 64.06
N ALA W 232 21.86 -17.69 65.18
CA ALA W 232 21.31 -18.34 66.37
C ALA W 232 20.03 -17.63 66.82
N GLN W 233 20.01 -16.30 66.77
CA GLN W 233 18.80 -15.57 67.15
C GLN W 233 17.72 -15.69 66.09
N LYS W 234 18.10 -15.61 64.82
CA LYS W 234 17.11 -15.76 63.75
C LYS W 234 16.41 -17.12 63.83
N GLN W 235 17.12 -18.12 64.35
CA GLN W 235 16.48 -19.42 64.57
C GLN W 235 15.24 -19.27 65.43
N LYS W 236 15.38 -18.63 66.59
CA LYS W 236 14.24 -18.45 67.49
C LYS W 236 13.17 -17.58 66.84
N VAL W 237 13.59 -16.54 66.13
CA VAL W 237 12.62 -15.64 65.51
C VAL W 237 11.74 -16.41 64.52
N VAL W 238 12.37 -17.16 63.62
CA VAL W 238 11.60 -17.89 62.61
C VAL W 238 10.79 -19.00 63.27
N GLU W 239 11.30 -19.62 64.33
CA GLU W 239 10.50 -20.62 65.04
C GLU W 239 9.22 -20.00 65.59
N LYS W 240 9.33 -18.81 66.18
CA LYS W 240 8.13 -18.15 66.70
C LYS W 240 7.16 -17.80 65.58
N GLU W 241 7.68 -17.32 64.46
CA GLU W 241 6.79 -17.00 63.33
C GLU W 241 6.07 -18.25 62.84
N ALA W 242 6.78 -19.36 62.72
CA ALA W 242 6.16 -20.60 62.25
C ALA W 242 5.12 -21.09 63.25
N GLU W 243 5.40 -20.97 64.54
CA GLU W 243 4.43 -21.35 65.55
C GLU W 243 3.16 -20.51 65.46
N THR W 244 3.33 -19.20 65.23
CA THR W 244 2.17 -18.34 65.06
C THR W 244 1.34 -18.77 63.85
N GLU W 245 2.01 -19.08 62.74
CA GLU W 245 1.27 -19.54 61.56
C GLU W 245 0.54 -20.84 61.84
N ARG W 246 1.17 -21.74 62.59
CA ARG W 246 0.52 -23.00 62.95
C ARG W 246 -0.75 -22.73 63.76
N LYS W 247 -0.66 -21.84 64.74
CA LYS W 247 -1.83 -21.54 65.56
C LYS W 247 -2.95 -20.94 64.71
N LYS W 248 -2.61 -20.02 63.80
CA LYS W 248 -3.61 -19.44 62.93
C LYS W 248 -4.30 -20.50 62.08
N ALA W 249 -3.51 -21.42 61.51
CA ALA W 249 -4.09 -22.47 60.67
C ALA W 249 -5.00 -23.38 61.48
N VAL W 250 -4.60 -23.70 62.72
CA VAL W 250 -5.43 -24.55 63.56
C VAL W 250 -6.75 -23.87 63.86
N ILE W 251 -6.71 -22.57 64.16
CA ILE W 251 -7.96 -21.84 64.42
C ILE W 251 -8.85 -21.85 63.19
N GLU W 252 -8.27 -21.65 62.01
CA GLU W 252 -9.07 -21.68 60.78
C GLU W 252 -9.71 -23.05 60.58
N ALA W 253 -8.96 -24.12 60.86
CA ALA W 253 -9.52 -25.46 60.73
C ALA W 253 -10.68 -25.66 61.69
N GLU W 254 -10.56 -25.17 62.93
CA GLU W 254 -11.66 -25.28 63.87
C GLU W 254 -12.88 -24.52 63.37
N LYS W 255 -12.67 -23.33 62.82
CA LYS W 255 -13.77 -22.56 62.24
C LYS W 255 -14.49 -23.37 61.16
N ILE W 256 -13.70 -23.98 60.26
CA ILE W 256 -14.30 -24.77 59.19
C ILE W 256 -15.12 -25.92 59.77
N ALA W 257 -14.58 -26.57 60.80
CA ALA W 257 -15.28 -27.71 61.40
C ALA W 257 -16.64 -27.28 61.96
N GLN W 258 -16.67 -26.19 62.72
CA GLN W 258 -17.92 -25.76 63.33
C GLN W 258 -18.92 -25.29 62.28
N VAL W 259 -18.45 -24.57 61.27
CA VAL W 259 -19.34 -24.14 60.19
C VAL W 259 -19.95 -25.36 59.50
N ALA W 260 -19.13 -26.38 59.25
CA ALA W 260 -19.64 -27.59 58.62
C ALA W 260 -20.67 -28.27 59.49
N LYS W 261 -20.46 -28.28 60.82
CA LYS W 261 -21.44 -28.88 61.72
C LYS W 261 -22.79 -28.18 61.56
N ILE W 262 -22.80 -26.85 61.59
CA ILE W 262 -24.05 -26.13 61.43
C ILE W 262 -24.69 -26.44 60.07
N ARG W 263 -23.87 -26.43 59.01
CA ARG W 263 -24.38 -26.67 57.67
C ARG W 263 -25.04 -28.03 57.58
N PHE W 264 -24.46 -29.04 58.22
CA PHE W 264 -25.00 -30.39 58.12
C PHE W 264 -26.25 -30.58 58.96
N GLN W 265 -26.35 -29.90 60.10
CA GLN W 265 -27.64 -29.89 60.79
C GLN W 265 -28.72 -29.29 59.89
N GLN W 266 -28.38 -28.20 59.20
CA GLN W 266 -29.33 -27.63 58.24
C GLN W 266 -29.70 -28.64 57.17
N LYS W 267 -28.71 -29.41 56.69
CA LYS W 267 -28.98 -30.41 55.66
C LYS W 267 -29.98 -31.45 56.17
N VAL W 268 -29.80 -31.90 57.42
CA VAL W 268 -30.72 -32.89 57.98
C VAL W 268 -32.13 -32.32 58.01
N MET W 269 -32.28 -31.07 58.47
CA MET W 269 -33.61 -30.47 58.49
C MET W 269 -34.20 -30.39 57.09
N GLU W 270 -33.40 -29.99 56.11
CA GLU W 270 -33.88 -29.90 54.74
C GLU W 270 -34.37 -31.25 54.23
N LYS W 271 -33.63 -32.32 54.56
CA LYS W 271 -34.03 -33.64 54.10
C LYS W 271 -35.33 -34.09 54.76
N GLU W 272 -35.52 -33.75 56.04
CA GLU W 272 -36.79 -34.07 56.68
C GLU W 272 -37.95 -33.37 55.96
N THR W 273 -37.77 -32.08 55.66
CA THR W 273 -38.81 -31.37 54.94
C THR W 273 -39.04 -31.97 53.56
N GLU W 274 -37.98 -32.41 52.90
CA GLU W 274 -38.11 -33.05 51.60
C GLU W 274 -38.91 -34.35 51.70
N LYS W 275 -38.71 -35.09 52.80
CA LYS W 275 -39.52 -36.29 53.01
C LYS W 275 -41.00 -35.94 53.12
N ARG W 276 -41.32 -34.89 53.88
CA ARG W 276 -42.72 -34.48 53.98
C ARG W 276 -43.28 -34.07 52.62
N ILE W 277 -42.48 -33.33 51.84
CA ILE W 277 -42.90 -32.91 50.52
C ILE W 277 -43.17 -34.12 49.63
N SER W 278 -42.30 -35.14 49.72
CA SER W 278 -42.50 -36.35 48.94
C SER W 278 -43.77 -37.07 49.37
N GLU W 279 -44.07 -37.05 50.67
CA GLU W 279 -45.33 -37.64 51.13
C GLU W 279 -46.52 -36.94 50.48
N ILE W 280 -46.50 -35.61 50.44
CA ILE W 280 -47.60 -34.89 49.79
C ILE W 280 -47.64 -35.22 48.30
N GLU W 281 -46.48 -35.35 47.67
CA GLU W 281 -46.44 -35.72 46.25
C GLU W 281 -47.10 -37.07 46.03
N ASP W 282 -46.82 -38.05 46.88
CA ASP W 282 -47.46 -39.35 46.73
C ASP W 282 -48.96 -39.25 46.96
N ALA W 283 -49.37 -38.46 47.95
CA ALA W 283 -50.80 -38.28 48.19
C ALA W 283 -51.50 -37.73 46.96
N ALA W 284 -50.84 -36.80 46.26
CA ALA W 284 -51.41 -36.24 45.04
C ALA W 284 -51.23 -37.15 43.84
N PHE W 285 -50.32 -38.12 43.91
CA PHE W 285 -50.07 -39.01 42.79
C PHE W 285 -51.16 -40.07 42.64
N LEU W 286 -51.67 -40.58 43.77
CA LEU W 286 -52.71 -41.60 43.69
C LEU W 286 -53.97 -41.05 43.04
N ALA W 287 -54.38 -39.84 43.44
CA ALA W 287 -55.59 -39.26 42.87
C ALA W 287 -55.47 -39.08 41.37
N ARG W 288 -54.32 -38.58 40.91
CA ARG W 288 -54.13 -38.41 39.47
C ARG W 288 -54.22 -39.74 38.74
N GLU W 289 -53.60 -40.78 39.27
CA GLU W 289 -53.65 -42.08 38.62
C GLU W 289 -55.02 -42.74 38.76
N LYS W 290 -55.71 -42.50 39.87
CA LYS W 290 -57.07 -43.01 40.00
C LYS W 290 -57.99 -42.36 38.99
N ALA W 291 -57.82 -41.05 38.75
CA ALA W 291 -58.64 -40.37 37.76
C ALA W 291 -58.41 -40.94 36.37
N LYS W 292 -57.15 -41.18 36.01
CA LYS W 292 -56.87 -41.73 34.69
C LYS W 292 -57.46 -43.12 34.52
N ALA W 293 -57.37 -43.96 35.56
CA ALA W 293 -57.94 -45.29 35.48
C ALA W 293 -59.45 -45.22 35.28
N ASP W 294 -60.12 -44.37 36.07
CA ASP W 294 -61.57 -44.23 35.93
C ASP W 294 -61.94 -43.68 34.56
N ALA W 295 -61.20 -42.68 34.09
CA ALA W 295 -61.47 -42.12 32.77
C ALA W 295 -61.23 -43.14 31.68
N GLU W 296 -60.15 -43.92 31.79
CA GLU W 296 -59.85 -44.94 30.79
C GLU W 296 -60.92 -46.02 30.78
N TYR W 297 -61.41 -46.41 31.96
CA TYR W 297 -62.42 -47.45 32.02
C TYR W 297 -63.70 -47.02 31.30
N TYR W 298 -64.14 -45.78 31.53
CA TYR W 298 -65.35 -45.30 30.88
C TYR W 298 -65.21 -45.31 29.37
N ALA W 299 -64.07 -44.82 28.86
CA ALA W 299 -63.86 -44.78 27.42
C ALA W 299 -63.87 -46.18 26.83
N ALA W 300 -63.20 -47.13 27.48
CA ALA W 300 -63.22 -48.51 27.00
C ALA W 300 -64.62 -49.11 27.10
N HIS W 301 -65.34 -48.81 28.18
CA HIS W 301 -66.69 -49.34 28.33
C HIS W 301 -67.59 -48.83 27.22
N LYS W 302 -67.55 -47.52 26.94
CA LYS W 302 -68.33 -46.99 25.83
C LYS W 302 -67.83 -47.54 24.50
N TYR W 303 -66.51 -47.63 24.33
CA TYR W 303 -65.94 -48.18 23.12
C TYR W 303 -66.31 -49.64 22.92
N ALA W 304 -66.78 -50.31 23.96
CA ALA W 304 -67.19 -51.71 23.87
C ALA W 304 -68.63 -51.84 23.40
N THR W 305 -69.55 -51.12 24.04
CA THR W 305 -70.95 -51.18 23.62
C THR W 305 -71.18 -50.57 22.25
N SER W 306 -70.23 -49.75 21.77
CA SER W 306 -70.33 -49.21 20.43
C SER W 306 -69.96 -50.24 19.37
N ASN W 307 -69.00 -51.12 19.67
CA ASN W 307 -68.59 -52.14 18.72
C ASN W 307 -69.65 -53.22 18.51
N LYS W 308 -70.63 -53.31 19.41
CA LYS W 308 -71.67 -54.31 19.24
C LYS W 308 -72.49 -54.09 17.97
N HIS W 309 -72.43 -52.88 17.40
CA HIS W 309 -73.12 -52.56 16.16
C HIS W 309 -72.18 -52.36 14.99
N LYS W 310 -71.03 -51.73 15.22
CA LYS W 310 -70.16 -51.30 14.12
C LYS W 310 -69.37 -52.44 13.51
N LEU W 311 -69.21 -53.56 14.21
CA LEU W 311 -68.31 -54.64 13.78
C LEU W 311 -69.06 -55.76 13.08
N THR W 312 -70.08 -55.43 12.30
CA THR W 312 -70.82 -56.43 11.54
C THR W 312 -69.88 -57.20 10.63
N PRO W 313 -70.33 -58.34 10.09
CA PRO W 313 -69.44 -59.11 9.21
C PRO W 313 -68.95 -58.32 8.01
N GLU W 314 -69.79 -57.46 7.44
CA GLU W 314 -69.37 -56.70 6.26
C GLU W 314 -68.30 -55.67 6.63
N TYR W 315 -68.46 -55.00 7.76
CA TYR W 315 -67.44 -54.05 8.20
C TYR W 315 -66.13 -54.77 8.47
N LEU W 316 -66.20 -55.93 9.12
CA LEU W 316 -64.98 -56.70 9.36
C LEU W 316 -64.34 -57.12 8.04
N GLU W 317 -65.15 -57.49 7.05
CA GLU W 317 -64.61 -57.87 5.75
C GLU W 317 -63.92 -56.69 5.08
N LEU W 318 -64.52 -55.51 5.15
CA LEU W 318 -63.90 -54.32 4.57
C LEU W 318 -62.56 -54.02 5.24
N LYS W 319 -62.54 -54.08 6.57
CA LYS W 319 -61.28 -53.85 7.28
C LYS W 319 -60.25 -54.90 6.92
N LYS W 320 -60.68 -56.14 6.73
CA LYS W 320 -59.78 -57.20 6.29
C LYS W 320 -59.18 -56.88 4.93
N TYR W 321 -60.03 -56.43 3.99
CA TYR W 321 -59.52 -56.03 2.68
C TYR W 321 -58.45 -54.97 2.82
N GLN W 322 -58.75 -53.90 3.57
CA GLN W 322 -57.82 -52.79 3.68
C GLN W 322 -56.50 -53.26 4.31
N ALA W 323 -56.58 -54.01 5.41
CA ALA W 323 -55.37 -54.43 6.11
C ALA W 323 -54.53 -55.36 5.25
N ILE W 324 -55.16 -56.32 4.59
CA ILE W 324 -54.41 -57.27 3.78
C ILE W 324 -53.75 -56.55 2.61
N ALA W 325 -54.48 -55.65 1.95
CA ALA W 325 -53.94 -55.00 0.75
C ALA W 325 -52.99 -53.85 1.06
N SER W 326 -52.95 -53.38 2.30
CA SER W 326 -52.08 -52.26 2.63
C SER W 326 -50.61 -52.67 2.59
N ASN W 327 -49.80 -51.89 1.88
CA ASN W 327 -48.36 -52.10 1.82
C ASN W 327 -48.02 -53.54 1.43
N SER W 328 -48.56 -53.96 0.28
CA SER W 328 -48.41 -55.32 -0.19
C SER W 328 -47.97 -55.32 -1.64
N LYS W 329 -47.02 -56.19 -1.97
CA LYS W 329 -46.64 -56.47 -3.34
C LYS W 329 -47.37 -57.72 -3.82
N ILE W 330 -47.55 -57.82 -5.13
CA ILE W 330 -48.34 -58.90 -5.72
C ILE W 330 -47.57 -59.53 -6.87
N TYR W 331 -47.59 -60.86 -6.91
CA TYR W 331 -47.06 -61.63 -8.04
C TYR W 331 -48.15 -62.61 -8.43
N PHE W 332 -49.06 -62.16 -9.29
CA PHE W 332 -50.21 -62.96 -9.69
C PHE W 332 -50.07 -63.37 -11.15
N GLY W 333 -50.50 -64.57 -11.47
CA GLY W 333 -50.40 -65.09 -12.82
C GLY W 333 -50.35 -66.60 -12.80
N SER W 334 -50.78 -67.20 -13.91
CA SER W 334 -50.85 -68.65 -13.98
C SER W 334 -49.47 -69.27 -13.84
N ASN W 335 -48.51 -68.83 -14.66
CA ASN W 335 -47.18 -69.42 -14.69
C ASN W 335 -46.20 -68.56 -13.89
N ILE W 336 -46.41 -68.54 -12.57
CA ILE W 336 -45.44 -67.86 -11.71
C ILE W 336 -44.11 -68.60 -11.79
N PRO W 337 -42.97 -67.92 -11.89
CA PRO W 337 -41.70 -68.63 -11.90
C PRO W 337 -41.37 -69.18 -10.52
N ASN W 338 -40.49 -70.18 -10.49
CA ASN W 338 -40.07 -70.84 -9.27
C ASN W 338 -38.75 -70.29 -8.75
N MET W 339 -38.54 -68.98 -8.91
CA MET W 339 -37.31 -68.33 -8.52
C MET W 339 -37.61 -66.96 -7.94
N PHE W 340 -36.68 -66.47 -7.12
CA PHE W 340 -36.83 -65.15 -6.53
C PHE W 340 -35.52 -64.74 -5.87
N VAL W 341 -35.26 -63.43 -5.88
CA VAL W 341 -34.06 -62.89 -5.26
C VAL W 341 -34.36 -61.44 -4.90
N ASP W 342 -33.76 -60.98 -3.80
CA ASP W 342 -33.93 -59.59 -3.39
C ASP W 342 -32.83 -59.18 -2.42
N SER X 18 70.06 34.27 97.81
CA SER X 18 70.81 33.16 98.35
C SER X 18 69.99 32.36 99.34
N LEU X 19 69.34 33.08 100.28
CA LEU X 19 68.48 32.41 101.23
C LEU X 19 67.32 31.72 100.54
N PHE X 20 66.79 32.33 99.48
CA PHE X 20 65.71 31.71 98.71
C PHE X 20 66.17 30.39 98.12
N SER X 21 67.37 30.37 97.53
CA SER X 21 67.90 29.13 96.97
C SER X 21 68.14 28.08 98.06
N ALA X 22 68.67 28.52 99.21
CA ALA X 22 68.95 27.58 100.28
C ALA X 22 67.66 26.95 100.83
N VAL X 23 66.62 27.76 100.97
CA VAL X 23 65.36 27.30 101.56
C VAL X 23 64.51 26.66 100.47
N HIS X 24 63.83 25.56 100.83
CA HIS X 24 62.97 24.85 99.90
C HIS X 24 61.88 24.15 100.69
N LYS X 25 60.85 23.71 99.97
CA LYS X 25 59.66 23.12 100.58
C LYS X 25 59.40 21.76 99.97
N ILE X 26 58.95 20.81 100.79
CA ILE X 26 58.60 19.46 100.37
C ILE X 26 57.15 19.23 100.73
N GLU X 27 56.31 18.99 99.71
CA GLU X 27 54.89 18.82 99.94
C GLU X 27 54.63 17.54 100.73
N GLU X 28 53.44 17.48 101.34
CA GLU X 28 53.06 16.30 102.10
C GLU X 28 52.90 15.10 101.17
N GLY X 29 53.21 13.92 101.70
CA GLY X 29 53.15 12.71 100.92
C GLY X 29 54.26 12.55 99.91
N HIS X 30 55.20 13.49 99.85
CA HIS X 30 56.35 13.42 98.96
C HIS X 30 57.60 13.14 99.79
N ILE X 31 58.75 13.12 99.12
CA ILE X 31 60.03 13.04 99.79
C ILE X 31 61.10 13.60 98.87
N GLY X 32 61.98 14.45 99.40
CA GLY X 32 62.92 15.18 98.59
C GLY X 32 64.22 14.41 98.38
N VAL X 33 64.79 14.58 97.19
CA VAL X 33 66.09 14.03 96.85
C VAL X 33 66.94 15.16 96.27
N TYR X 34 68.20 15.22 96.69
CA TYR X 34 69.10 16.31 96.37
C TYR X 34 70.27 15.82 95.53
N TYR X 35 70.69 16.65 94.58
CA TYR X 35 71.87 16.40 93.75
C TYR X 35 72.81 17.58 93.85
N ARG X 36 74.07 17.29 94.18
CA ARG X 36 75.14 18.29 94.22
C ARG X 36 76.20 17.86 93.22
N GLY X 37 76.32 18.59 92.12
CA GLY X 37 77.25 18.21 91.07
C GLY X 37 76.88 16.90 90.39
N GLY X 38 75.60 16.62 90.24
CA GLY X 38 75.17 15.41 89.56
C GLY X 38 75.32 14.15 90.36
N ALA X 39 75.48 14.25 91.68
CA ALA X 39 75.60 13.09 92.55
C ALA X 39 74.46 13.06 93.55
N LEU X 40 73.86 11.88 93.70
CA LEU X 40 72.71 11.71 94.59
C LEU X 40 73.20 11.67 96.03
N LEU X 41 72.93 12.73 96.77
CA LEU X 41 73.29 12.76 98.19
C LEU X 41 72.61 11.61 98.93
N THR X 42 73.39 10.94 99.78
CA THR X 42 72.87 9.78 100.49
C THR X 42 71.75 10.12 101.46
N SER X 43 71.55 11.39 101.78
CA SER X 43 70.55 11.82 102.74
C SER X 43 69.29 12.29 102.02
N THR X 44 68.14 11.90 102.56
CA THR X 44 66.83 12.32 102.05
C THR X 44 66.06 13.00 103.16
N SER X 45 65.16 13.92 102.76
CA SER X 45 64.39 14.73 103.69
C SER X 45 62.91 14.49 103.48
N GLY X 46 62.18 14.30 104.57
CA GLY X 46 60.75 14.11 104.51
C GLY X 46 60.03 15.43 104.29
N PRO X 47 58.70 15.39 104.34
CA PRO X 47 57.93 16.63 104.13
C PRO X 47 58.21 17.65 105.23
N GLY X 48 58.14 18.92 104.84
CA GLY X 48 58.35 20.03 105.75
C GLY X 48 59.38 21.00 105.19
N PHE X 49 59.64 22.04 105.99
CA PHE X 49 60.65 23.02 105.63
C PHE X 49 62.04 22.42 105.78
N HIS X 50 62.93 22.74 104.86
CA HIS X 50 64.29 22.22 104.89
C HIS X 50 65.21 23.21 104.20
N LEU X 51 66.51 23.07 104.47
CA LEU X 51 67.54 23.93 103.91
C LEU X 51 68.66 23.08 103.35
N MET X 52 69.36 23.62 102.35
CA MET X 52 70.50 22.96 101.75
C MET X 52 71.42 24.01 101.15
N LEU X 53 72.65 23.61 100.86
CA LEU X 53 73.62 24.54 100.33
C LEU X 53 73.11 25.11 99.00
N PRO X 54 73.16 26.44 98.81
CA PRO X 54 72.53 27.04 97.63
C PRO X 54 73.45 27.08 96.42
N PHE X 55 72.81 27.24 95.26
CA PHE X 55 73.42 27.44 93.95
C PHE X 55 74.09 26.19 93.40
N ILE X 56 74.26 25.13 94.18
CA ILE X 56 74.91 23.92 93.71
C ILE X 56 73.96 22.74 93.88
N THR X 57 73.34 22.64 95.06
CA THR X 57 72.50 21.51 95.38
C THR X 57 71.07 21.77 94.89
N SER X 58 70.65 21.02 93.88
CA SER X 58 69.28 21.07 93.40
C SER X 58 68.47 19.96 94.08
N TYR X 59 67.15 20.12 94.08
CA TYR X 59 66.27 19.17 94.74
C TYR X 59 65.06 18.87 93.87
N LYS X 60 64.51 17.68 94.04
CA LYS X 60 63.19 17.38 93.52
C LYS X 60 62.49 16.41 94.44
N SER X 61 61.17 16.57 94.56
CA SER X 61 60.37 15.78 95.47
C SER X 61 59.66 14.68 94.69
N VAL X 62 59.99 13.44 95.01
CA VAL X 62 59.34 12.28 94.40
C VAL X 62 58.19 11.87 95.31
N GLN X 63 57.03 11.63 94.70
CA GLN X 63 55.85 11.24 95.48
C GLN X 63 56.00 9.83 96.01
N THR X 64 55.46 9.60 97.21
CA THR X 64 55.49 8.31 97.87
C THR X 64 54.10 7.92 98.35
N THR X 65 53.08 8.26 97.58
CA THR X 65 51.70 7.94 97.90
C THR X 65 51.00 7.47 96.64
N LEU X 66 49.75 7.05 96.78
CA LEU X 66 48.96 6.60 95.64
C LEU X 66 48.96 7.67 94.55
N GLN X 67 49.33 7.27 93.34
CA GLN X 67 49.29 8.18 92.20
C GLN X 67 48.94 7.39 90.95
N THR X 68 48.27 8.05 90.01
CA THR X 68 47.72 7.40 88.83
C THR X 68 48.24 8.07 87.58
N ASP X 69 48.50 7.26 86.54
CA ASP X 69 48.82 7.80 85.23
C ASP X 69 48.45 6.75 84.18
N GLU X 70 48.19 7.23 82.97
CA GLU X 70 47.54 6.41 81.95
C GLU X 70 48.26 6.52 80.62
N VAL X 71 47.92 5.57 79.74
CA VAL X 71 48.37 5.55 78.35
C VAL X 71 47.13 5.42 77.47
N LYS X 72 47.15 6.09 76.32
CA LYS X 72 45.98 6.21 75.46
C LYS X 72 46.18 5.46 74.15
N ASN X 73 45.07 4.96 73.61
CA ASN X 73 45.05 4.30 72.31
C ASN X 73 46.13 3.23 72.20
N VAL X 74 46.10 2.31 73.16
CA VAL X 74 47.02 1.17 73.14
C VAL X 74 46.48 0.13 72.17
N PRO X 75 47.23 -0.28 71.15
CA PRO X 75 46.74 -1.33 70.25
C PRO X 75 46.80 -2.70 70.90
N CYS X 76 46.02 -3.63 70.35
CA CYS X 76 45.98 -4.99 70.85
C CYS X 76 45.48 -5.88 69.73
N GLY X 77 46.34 -6.75 69.23
CA GLY X 77 45.96 -7.66 68.16
C GLY X 77 45.45 -8.98 68.68
N THR X 78 44.16 -9.24 68.49
CA THR X 78 43.57 -10.45 69.02
C THR X 78 44.03 -11.67 68.22
N SER X 79 43.79 -12.86 68.79
CA SER X 79 44.23 -14.09 68.14
C SER X 79 43.57 -14.29 66.79
N GLY X 80 42.44 -13.61 66.53
CA GLY X 80 41.79 -13.69 65.25
C GLY X 80 42.37 -12.79 64.18
N GLY X 81 43.41 -12.02 64.51
CA GLY X 81 44.03 -11.12 63.55
C GLY X 81 43.44 -9.73 63.49
N VAL X 82 42.37 -9.48 64.22
CA VAL X 82 41.75 -8.16 64.24
C VAL X 82 42.39 -7.32 65.33
N MET X 83 42.60 -6.04 65.04
CA MET X 83 43.27 -5.12 65.95
C MET X 83 42.22 -4.24 66.63
N ILE X 84 42.25 -4.22 67.97
CA ILE X 84 41.34 -3.42 68.76
C ILE X 84 42.17 -2.50 69.65
N TYR X 85 41.71 -1.27 69.81
CA TYR X 85 42.46 -0.24 70.52
C TYR X 85 41.76 0.10 71.83
N PHE X 86 42.53 0.07 72.92
CA PHE X 86 42.04 0.51 74.22
C PHE X 86 42.28 2.01 74.33
N ASP X 87 41.20 2.78 74.50
CA ASP X 87 41.32 4.22 74.57
C ASP X 87 42.09 4.68 75.81
N ARG X 88 42.06 3.90 76.88
CA ARG X 88 42.71 4.29 78.12
C ARG X 88 43.09 3.06 78.92
N ILE X 89 44.35 3.01 79.35
CA ILE X 89 44.80 2.06 80.36
C ILE X 89 45.51 2.87 81.44
N GLU X 90 44.95 2.86 82.64
CA GLU X 90 45.45 3.64 83.76
C GLU X 90 46.05 2.72 84.81
N VAL X 91 47.21 3.09 85.33
CA VAL X 91 47.87 2.37 86.41
C VAL X 91 47.97 3.29 87.60
N VAL X 92 47.55 2.80 88.76
CA VAL X 92 47.70 3.50 90.04
C VAL X 92 48.71 2.71 90.87
N ASN X 93 49.73 3.41 91.34
CA ASN X 93 50.85 2.78 92.04
C ASN X 93 51.31 3.68 93.17
N PHE X 94 52.15 3.12 94.04
CA PHE X 94 52.76 3.91 95.10
C PHE X 94 54.11 3.32 95.47
N LEU X 95 54.96 4.17 96.04
CA LEU X 95 56.34 3.84 96.35
C LEU X 95 56.55 3.96 97.86
N VAL X 96 57.11 2.92 98.46
CA VAL X 96 57.42 2.97 99.89
C VAL X 96 58.53 3.99 100.13
N PRO X 97 58.39 4.88 101.12
CA PRO X 97 59.42 5.91 101.29
C PRO X 97 60.80 5.36 101.58
N ASN X 98 60.89 4.16 102.14
CA ASN X 98 62.19 3.60 102.49
C ASN X 98 63.06 3.39 101.25
N ALA X 99 62.46 2.91 100.16
CA ALA X 99 63.20 2.55 98.95
C ALA X 99 63.30 3.71 97.96
N VAL X 100 62.93 4.92 98.36
CA VAL X 100 62.96 6.05 97.44
C VAL X 100 64.37 6.30 96.95
N TYR X 101 65.35 6.28 97.87
CA TYR X 101 66.73 6.57 97.50
C TYR X 101 67.23 5.56 96.48
N ASP X 102 67.00 4.27 96.73
CA ASP X 102 67.44 3.25 95.80
C ASP X 102 66.75 3.41 94.46
N ILE X 103 65.44 3.69 94.46
CA ILE X 103 64.70 3.80 93.21
C ILE X 103 65.24 4.96 92.38
N VAL X 104 65.45 6.11 93.00
CA VAL X 104 65.91 7.27 92.24
C VAL X 104 67.34 7.06 91.78
N LYS X 105 68.18 6.43 92.61
CA LYS X 105 69.55 6.15 92.18
C LYS X 105 69.56 5.22 90.98
N ASN X 106 68.72 4.19 90.98
CA ASN X 106 68.73 3.21 89.90
C ASN X 106 68.13 3.78 88.62
N TYR X 107 66.99 4.46 88.72
CA TYR X 107 66.23 4.86 87.55
C TYR X 107 65.84 6.34 87.57
N THR X 108 66.51 7.16 88.36
CA THR X 108 66.22 8.59 88.41
C THR X 108 64.79 8.84 88.87
N ALA X 109 64.37 10.10 88.89
CA ALA X 109 63.02 10.43 89.34
C ALA X 109 61.97 9.92 88.36
N ASP X 110 62.24 10.03 87.05
CA ASP X 110 61.26 9.63 86.05
C ASP X 110 61.28 8.12 85.84
N TYR X 111 61.08 7.37 86.91
CA TYR X 111 61.09 5.91 86.81
C TYR X 111 59.76 5.35 86.32
N ASP X 112 58.69 6.14 86.33
CA ASP X 112 57.39 5.63 85.93
C ASP X 112 57.43 5.12 84.49
N LYS X 113 57.95 5.93 83.58
CA LYS X 113 57.98 5.54 82.17
C LYS X 113 58.85 4.30 81.98
N ALA X 114 60.02 4.26 82.61
CA ALA X 114 60.92 3.14 82.43
C ALA X 114 60.35 1.85 83.00
N LEU X 115 59.56 1.93 84.06
CA LEU X 115 59.16 0.74 84.81
C LEU X 115 57.76 0.24 84.50
N ILE X 116 56.84 1.10 84.06
CA ILE X 116 55.45 0.69 83.90
C ILE X 116 54.92 1.01 82.51
N PHE X 117 54.98 2.28 82.13
CA PHE X 117 54.23 2.75 80.97
C PHE X 117 54.98 2.55 79.66
N ASN X 118 56.24 2.13 79.69
CA ASN X 118 56.92 1.66 78.48
C ASN X 118 56.74 0.16 78.28
N LYS X 119 56.15 -0.54 79.25
CA LYS X 119 55.89 -1.97 79.15
C LYS X 119 54.41 -2.28 79.05
N ILE X 120 53.53 -1.31 79.36
CA ILE X 120 52.09 -1.58 79.35
C ILE X 120 51.66 -2.13 77.99
N HIS X 121 52.09 -1.47 76.90
CA HIS X 121 51.60 -1.86 75.58
C HIS X 121 52.10 -3.25 75.19
N HIS X 122 53.36 -3.57 75.51
CA HIS X 122 53.86 -4.90 75.21
C HIS X 122 53.13 -5.97 76.01
N GLU X 123 52.88 -5.70 77.30
CA GLU X 123 52.14 -6.67 78.11
C GLU X 123 50.73 -6.87 77.55
N LEU X 124 50.07 -5.77 77.16
CA LEU X 124 48.73 -5.88 76.61
C LEU X 124 48.73 -6.69 75.32
N ASN X 125 49.71 -6.46 74.45
CA ASN X 125 49.77 -7.22 73.20
C ASN X 125 50.02 -8.69 73.48
N GLN X 126 50.91 -8.99 74.42
CA GLN X 126 51.17 -10.38 74.77
C GLN X 126 49.92 -11.06 75.29
N PHE X 127 49.14 -10.36 76.12
CA PHE X 127 47.89 -10.92 76.61
C PHE X 127 46.88 -11.10 75.49
N CYS X 128 46.79 -10.13 74.58
CA CYS X 128 45.77 -10.18 73.53
C CYS X 128 46.06 -11.26 72.51
N SER X 129 47.34 -11.51 72.23
CA SER X 129 47.68 -12.44 71.14
C SER X 129 47.15 -13.85 71.39
N VAL X 130 46.82 -14.19 72.64
CA VAL X 130 46.37 -15.54 72.98
C VAL X 130 44.87 -15.58 73.26
N HIS X 131 44.14 -14.51 72.98
CA HIS X 131 42.71 -14.46 73.21
C HIS X 131 42.01 -13.89 71.99
N THR X 132 40.79 -14.38 71.75
CA THR X 132 40.02 -13.95 70.59
C THR X 132 39.37 -12.60 70.85
N LEU X 133 38.77 -12.04 69.79
CA LEU X 133 38.11 -10.74 69.93
C LEU X 133 36.96 -10.81 70.91
N GLN X 134 36.13 -11.85 70.82
CA GLN X 134 35.03 -12.01 71.76
C GLN X 134 35.55 -12.13 73.18
N GLU X 135 36.61 -12.93 73.38
CA GLU X 135 37.10 -13.19 74.73
C GLU X 135 37.59 -11.90 75.38
N VAL X 136 38.38 -11.11 74.66
CA VAL X 136 38.91 -9.88 75.24
C VAL X 136 37.81 -8.83 75.38
N TYR X 137 36.92 -8.74 74.40
CA TYR X 137 35.95 -7.65 74.35
C TYR X 137 34.82 -7.84 75.35
N ILE X 138 34.36 -9.09 75.55
CA ILE X 138 33.18 -9.34 76.36
C ILE X 138 33.49 -10.29 77.51
N GLU X 139 33.88 -11.52 77.18
CA GLU X 139 33.91 -12.58 78.18
C GLU X 139 34.96 -12.32 79.26
N LEU X 140 36.20 -12.02 78.84
CA LEU X 140 37.32 -11.89 79.76
C LEU X 140 37.74 -10.44 79.95
N PHE X 141 36.80 -9.50 79.83
CA PHE X 141 37.15 -8.10 80.02
C PHE X 141 37.62 -7.83 81.43
N ASP X 142 36.97 -8.44 82.43
CA ASP X 142 37.30 -8.18 83.82
C ASP X 142 38.66 -8.75 84.21
N GLN X 143 39.28 -9.56 83.35
CA GLN X 143 40.58 -10.17 83.65
C GLN X 143 41.75 -9.39 83.07
N ILE X 144 41.51 -8.45 82.16
CA ILE X 144 42.61 -7.74 81.50
C ILE X 144 43.40 -6.93 82.53
N ASP X 145 42.69 -6.21 83.40
CA ASP X 145 43.37 -5.38 84.39
C ASP X 145 44.19 -6.24 85.35
N GLU X 146 43.62 -7.35 85.81
CA GLU X 146 44.37 -8.22 86.71
C GLU X 146 45.60 -8.79 86.02
N ASN X 147 45.47 -9.21 84.77
CA ASN X 147 46.62 -9.76 84.05
C ASN X 147 47.71 -8.71 83.89
N LEU X 148 47.34 -7.49 83.52
CA LEU X 148 48.35 -6.44 83.37
C LEU X 148 49.02 -6.13 84.70
N LYS X 149 48.23 -6.04 85.77
CA LYS X 149 48.80 -5.74 87.07
C LYS X 149 49.79 -6.81 87.50
N LEU X 150 49.40 -8.09 87.33
CA LEU X 150 50.30 -9.18 87.70
C LEU X 150 51.56 -9.15 86.85
N ALA X 151 51.42 -8.92 85.54
CA ALA X 151 52.59 -8.92 84.67
C ALA X 151 53.57 -7.82 85.07
N LEU X 152 53.06 -6.61 85.33
CA LEU X 152 53.96 -5.53 85.75
C LEU X 152 54.60 -5.83 87.09
N GLN X 153 53.80 -6.30 88.07
CA GLN X 153 54.34 -6.54 89.40
C GLN X 153 55.39 -7.64 89.38
N GLN X 154 55.25 -8.63 88.50
CA GLN X 154 56.24 -9.71 88.47
C GLN X 154 57.62 -9.18 88.17
N ASP X 155 57.72 -8.23 87.23
CA ASP X 155 59.02 -7.63 86.94
C ASP X 155 59.44 -6.66 88.03
N LEU X 156 58.50 -5.85 88.54
CA LEU X 156 58.86 -4.82 89.49
C LEU X 156 59.41 -5.42 90.79
N THR X 157 58.74 -6.44 91.32
CA THR X 157 59.14 -6.98 92.62
C THR X 157 60.60 -7.41 92.62
N SER X 158 61.11 -7.83 91.47
CA SER X 158 62.51 -8.26 91.39
C SER X 158 63.44 -7.13 91.00
N MET X 159 63.08 -6.32 90.02
CA MET X 159 64.01 -5.34 89.46
C MET X 159 64.03 -4.04 90.26
N ALA X 160 62.87 -3.54 90.68
CA ALA X 160 62.76 -2.27 91.39
C ALA X 160 61.90 -2.47 92.63
N PRO X 161 62.44 -3.10 93.67
CA PRO X 161 61.65 -3.35 94.88
C PRO X 161 61.23 -2.05 95.56
N GLY X 162 60.05 -2.08 96.17
CA GLY X 162 59.50 -0.95 96.89
C GLY X 162 58.46 -0.17 96.12
N LEU X 163 58.42 -0.30 94.80
CA LEU X 163 57.40 0.33 93.97
C LEU X 163 56.34 -0.71 93.65
N VAL X 164 55.09 -0.43 94.04
CA VAL X 164 54.02 -1.43 94.01
C VAL X 164 52.85 -0.87 93.21
N ILE X 165 52.31 -1.70 92.32
CA ILE X 165 51.14 -1.35 91.52
C ILE X 165 49.90 -1.68 92.32
N GLN X 166 49.20 -0.64 92.80
CA GLN X 166 47.98 -0.87 93.57
C GLN X 166 46.86 -1.36 92.68
N ALA X 167 46.65 -0.73 91.52
CA ALA X 167 45.50 -1.10 90.71
C ALA X 167 45.73 -0.74 89.25
N VAL X 168 44.93 -1.36 88.38
CA VAL X 168 44.95 -1.12 86.95
C VAL X 168 43.51 -1.06 86.44
N ARG X 169 43.25 -0.16 85.50
CA ARG X 169 41.94 -0.01 84.89
C ARG X 169 42.11 0.12 83.38
N VAL X 170 41.15 -0.43 82.64
CA VAL X 170 41.18 -0.41 81.18
C VAL X 170 39.79 -0.08 80.66
N THR X 171 39.73 0.73 79.61
CA THR X 171 38.45 1.02 78.98
C THR X 171 38.04 -0.13 78.06
N LYS X 172 36.85 0.00 77.47
CA LYS X 172 36.36 -1.02 76.55
C LYS X 172 36.97 -0.82 75.17
N PRO X 173 37.58 -1.85 74.58
CA PRO X 173 38.28 -1.65 73.30
C PRO X 173 37.33 -1.24 72.19
N ASN X 174 37.88 -0.52 71.21
CA ASN X 174 37.12 -0.09 70.03
C ASN X 174 37.29 -1.16 68.95
N ILE X 175 36.26 -1.97 68.78
CA ILE X 175 36.26 -3.02 67.75
C ILE X 175 35.95 -2.40 66.39
N PRO X 176 36.25 -3.08 65.29
CA PRO X 176 36.00 -2.49 63.97
C PRO X 176 34.51 -2.25 63.73
N GLU X 177 34.23 -1.36 62.78
CA GLU X 177 32.84 -1.01 62.48
C GLU X 177 32.06 -2.22 61.99
N ALA X 178 32.65 -3.01 61.09
CA ALA X 178 31.92 -4.14 60.53
C ALA X 178 31.55 -5.14 61.62
N ILE X 179 32.46 -5.40 62.56
CA ILE X 179 32.14 -6.30 63.67
C ILE X 179 31.09 -5.67 64.58
N ARG X 180 31.16 -4.36 64.78
CA ARG X 180 30.20 -3.70 65.66
C ARG X 180 28.79 -3.79 65.10
N ARG X 181 28.64 -3.70 63.78
CA ARG X 181 27.32 -3.75 63.18
C ARG X 181 26.63 -5.08 63.47
N ASN X 182 27.37 -6.19 63.37
CA ASN X 182 26.77 -7.49 63.64
C ASN X 182 26.30 -7.59 65.09
N TYR X 183 27.10 -7.08 66.03
CA TYR X 183 26.71 -7.13 67.43
C TYR X 183 25.41 -6.39 67.67
N GLU X 184 25.14 -5.33 66.90
CA GLU X 184 23.86 -4.65 67.00
C GLU X 184 22.75 -5.46 66.34
N LEU X 185 23.05 -6.13 65.23
CA LEU X 185 22.06 -6.99 64.60
C LEU X 185 21.67 -8.15 65.51
N MET X 186 22.66 -8.74 66.18
CA MET X 186 22.36 -9.83 67.10
C MET X 186 21.41 -9.37 68.21
N GLU X 187 21.54 -8.12 68.66
CA GLU X 187 20.64 -7.61 69.69
C GLU X 187 19.27 -7.28 69.12
N SER X 188 19.19 -6.83 67.87
CA SER X 188 17.90 -6.57 67.26
C SER X 188 17.10 -7.86 67.15
N GLU X 189 17.74 -8.96 66.77
CA GLU X 189 17.05 -10.25 66.72
C GLU X 189 16.61 -10.69 68.10
N LYS X 190 17.33 -10.29 69.15
CA LYS X 190 16.93 -10.65 70.50
C LYS X 190 15.60 -10.00 70.89
N THR X 191 15.32 -8.82 70.37
CA THR X 191 14.06 -8.13 70.63
C THR X 191 13.03 -8.38 69.55
N LYS X 192 13.44 -8.74 68.33
CA LYS X 192 12.47 -9.13 67.31
C LYS X 192 11.69 -10.37 67.74
N LEU X 193 12.29 -11.19 68.60
CA LEU X 193 11.55 -12.32 69.16
C LEU X 193 10.38 -11.85 70.01
N LEU X 194 10.60 -10.80 70.81
CA LEU X 194 9.53 -10.30 71.67
C LEU X 194 8.37 -9.75 70.85
N ILE X 195 8.67 -9.06 69.75
CA ILE X 195 7.60 -8.53 68.91
C ILE X 195 6.73 -9.66 68.38
N ALA X 196 7.36 -10.76 67.97
CA ALA X 196 6.62 -11.91 67.46
C ALA X 196 5.72 -12.52 68.53
N ALA X 197 6.16 -12.56 69.78
CA ALA X 197 5.34 -13.13 70.85
C ALA X 197 4.03 -12.40 71.06
N GLN X 198 3.95 -11.14 70.65
CA GLN X 198 2.72 -10.34 70.74
C GLN X 198 1.95 -10.35 69.43
N LYS X 199 2.65 -10.29 68.30
CA LYS X 199 1.95 -10.46 67.03
C LYS X 199 1.24 -11.80 66.97
N GLN X 200 1.75 -12.79 67.71
CA GLN X 200 1.06 -14.07 67.80
C GLN X 200 -0.33 -13.90 68.38
N LYS X 201 -0.44 -13.21 69.51
CA LYS X 201 -1.74 -13.00 70.12
C LYS X 201 -2.64 -12.17 69.23
N VAL X 202 -2.08 -11.15 68.56
CA VAL X 202 -2.89 -10.33 67.67
C VAL X 202 -3.48 -11.18 66.55
N VAL X 203 -2.65 -12.03 65.94
CA VAL X 203 -3.13 -12.89 64.85
C VAL X 203 -4.18 -13.87 65.36
N GLU X 204 -3.95 -14.42 66.56
CA GLU X 204 -4.94 -15.33 67.14
C GLU X 204 -6.28 -14.64 67.31
N LYS X 205 -6.27 -13.41 67.82
CA LYS X 205 -7.53 -12.70 68.03
C LYS X 205 -8.23 -12.41 66.70
N GLU X 206 -7.47 -12.02 65.68
CA GLU X 206 -8.09 -11.76 64.39
C GLU X 206 -8.71 -13.04 63.82
N ALA X 207 -8.01 -14.17 63.95
CA ALA X 207 -8.56 -15.43 63.47
C ALA X 207 -9.83 -15.80 64.23
N GLU X 208 -9.85 -15.58 65.55
CA GLU X 208 -11.05 -15.86 66.32
C GLU X 208 -12.22 -14.98 65.88
N THR X 209 -11.94 -13.72 65.57
CA THR X 209 -12.99 -12.85 65.05
C THR X 209 -13.55 -13.38 63.75
N GLU X 210 -12.67 -13.82 62.85
CA GLU X 210 -13.14 -14.40 61.60
C GLU X 210 -13.99 -15.64 61.86
N ARG X 211 -13.59 -16.45 62.84
CA ARG X 211 -14.37 -17.64 63.18
C ARG X 211 -15.77 -17.27 63.64
N LYS X 212 -15.89 -16.28 64.51
CA LYS X 212 -17.20 -15.87 65.00
C LYS X 212 -18.07 -15.35 63.85
N LYS X 213 -17.47 -14.56 62.95
CA LYS X 213 -18.24 -14.07 61.80
C LYS X 213 -18.74 -15.22 60.94
N ALA X 214 -17.89 -16.21 60.68
CA ALA X 214 -18.30 -17.35 59.86
C ALA X 214 -19.43 -18.12 60.53
N LEU X 215 -19.35 -18.30 61.85
CA LEU X 215 -20.43 -19.00 62.55
C LEU X 215 -21.74 -18.24 62.43
N ILE X 216 -21.69 -16.91 62.57
CA ILE X 216 -22.93 -16.13 62.45
C ILE X 216 -23.50 -16.28 61.06
N GLU X 217 -22.65 -16.23 60.03
CA GLU X 217 -23.16 -16.39 58.66
C GLU X 217 -23.79 -17.76 58.47
N ALA X 218 -23.17 -18.81 59.03
CA ALA X 218 -23.74 -20.14 58.89
C ALA X 218 -25.12 -20.23 59.54
N GLU X 219 -25.26 -19.66 60.74
CA GLU X 219 -26.57 -19.69 61.39
C GLU X 219 -27.60 -18.91 60.60
N LYS X 220 -27.20 -17.76 60.03
CA LYS X 220 -28.10 -17.02 59.15
C LYS X 220 -28.60 -17.90 58.02
N VAL X 221 -27.68 -18.59 57.34
CA VAL X 221 -28.08 -19.43 56.22
C VAL X 221 -29.02 -20.53 56.69
N ALA X 222 -28.74 -21.10 57.86
CA ALA X 222 -29.61 -22.16 58.37
C ALA X 222 -31.04 -21.66 58.57
N GLN X 223 -31.20 -20.51 59.21
CA GLN X 223 -32.55 -20.00 59.48
C GLN X 223 -33.26 -19.63 58.18
N VAL X 224 -32.54 -19.00 57.25
CA VAL X 224 -33.15 -18.66 55.96
C VAL X 224 -33.62 -19.93 55.25
N ALA X 225 -32.81 -20.98 55.29
CA ALA X 225 -33.21 -22.24 54.67
C ALA X 225 -34.44 -22.82 55.34
N GLU X 226 -34.52 -22.72 56.66
CA GLU X 226 -35.71 -23.19 57.36
C GLU X 226 -36.96 -22.50 56.83
N ILE X 227 -36.91 -21.18 56.73
CA ILE X 227 -38.07 -20.44 56.22
C ILE X 227 -38.39 -20.87 54.79
N THR X 228 -37.35 -20.98 53.96
CA THR X 228 -37.56 -21.36 52.57
C THR X 228 -38.24 -22.71 52.45
N TYR X 229 -37.85 -23.66 53.30
CA TYR X 229 -38.41 -25.00 53.20
C TYR X 229 -39.83 -25.07 53.76
N GLY X 230 -40.15 -24.27 54.77
CA GLY X 230 -41.55 -24.12 55.13
C GLY X 230 -42.38 -23.61 53.97
N GLN X 231 -41.85 -22.62 53.24
CA GLN X 231 -42.54 -22.14 52.05
C GLN X 231 -42.70 -23.24 51.02
N LYS X 232 -41.67 -24.07 50.86
CA LYS X 232 -41.74 -25.16 49.90
C LYS X 232 -42.85 -26.14 50.26
N VAL X 233 -42.99 -26.45 51.55
CA VAL X 233 -44.05 -27.37 51.97
C VAL X 233 -45.41 -26.77 51.66
N MET X 234 -45.60 -25.48 51.95
CA MET X 234 -46.88 -24.84 51.65
C MET X 234 -47.16 -24.88 50.15
N GLU X 235 -46.14 -24.61 49.34
CA GLU X 235 -46.30 -24.65 47.89
C GLU X 235 -46.70 -26.04 47.43
N LYS X 236 -46.09 -27.08 48.01
CA LYS X 236 -46.44 -28.44 47.63
C LYS X 236 -47.88 -28.77 48.00
N GLU X 237 -48.34 -28.32 49.16
CA GLU X 237 -49.74 -28.56 49.51
C GLU X 237 -50.67 -27.89 48.52
N THR X 238 -50.38 -26.65 48.12
CA THR X 238 -51.21 -25.98 47.13
C THR X 238 -51.16 -26.71 45.80
N GLU X 239 -50.00 -27.24 45.44
CA GLU X 239 -49.89 -28.01 44.19
C GLU X 239 -50.75 -29.26 44.25
N LYS X 240 -50.80 -29.91 45.41
CA LYS X 240 -51.68 -31.06 45.56
C LYS X 240 -53.14 -30.67 45.36
N LYS X 241 -53.55 -29.55 45.94
CA LYS X 241 -54.93 -29.09 45.74
C LYS X 241 -55.20 -28.80 44.27
N ILE X 242 -54.24 -28.16 43.60
CA ILE X 242 -54.39 -27.86 42.18
C ILE X 242 -54.55 -29.14 41.37
N SER X 243 -53.74 -30.16 41.67
CA SER X 243 -53.86 -31.43 40.97
C SER X 243 -55.22 -32.06 41.24
N GLU X 244 -55.73 -31.92 42.47
CA GLU X 244 -57.06 -32.43 42.77
C GLU X 244 -58.11 -31.77 41.89
N ILE X 245 -58.02 -30.45 41.69
CA ILE X 245 -58.95 -29.77 40.80
C ILE X 245 -58.77 -30.25 39.36
N GLU X 246 -57.52 -30.38 38.93
CA GLU X 246 -57.25 -30.72 37.53
C GLU X 246 -57.72 -32.12 37.21
N ASP X 247 -57.70 -33.03 38.18
CA ASP X 247 -58.22 -34.38 37.94
C ASP X 247 -59.71 -34.34 37.62
N ALA X 248 -60.48 -33.58 38.39
CA ALA X 248 -61.90 -33.44 38.11
C ALA X 248 -62.11 -32.77 36.76
N ALA X 249 -61.29 -31.78 36.43
CA ALA X 249 -61.42 -31.13 35.13
C ALA X 249 -61.17 -32.11 33.99
N PHE X 250 -60.16 -32.98 34.15
CA PHE X 250 -59.76 -33.91 33.10
C PHE X 250 -60.72 -35.08 32.98
N LEU X 251 -61.29 -35.53 34.11
CA LEU X 251 -62.22 -36.65 34.06
C LEU X 251 -63.44 -36.32 33.22
N ALA X 252 -63.96 -35.10 33.35
CA ALA X 252 -65.11 -34.70 32.54
C ALA X 252 -64.77 -34.67 31.06
N ARG X 253 -63.57 -34.20 30.72
CA ARG X 253 -63.20 -34.12 29.31
C ARG X 253 -63.17 -35.51 28.67
N GLU X 254 -62.59 -36.49 29.36
CA GLU X 254 -62.55 -37.84 28.81
C GLU X 254 -63.93 -38.45 28.70
N LYS X 255 -64.82 -38.15 29.65
CA LYS X 255 -66.20 -38.59 29.51
C LYS X 255 -66.86 -37.98 28.30
N ALA X 256 -66.58 -36.70 28.02
CA ALA X 256 -67.14 -36.06 26.84
C ALA X 256 -66.62 -36.70 25.57
N LYS X 257 -65.32 -36.99 25.52
CA LYS X 257 -64.75 -37.60 24.31
C LYS X 257 -65.35 -38.96 24.05
N ALA X 258 -65.51 -39.78 25.09
CA ALA X 258 -66.10 -41.10 24.91
C ALA X 258 -67.53 -41.01 24.39
N ASP X 259 -68.33 -40.11 24.99
CA ASP X 259 -69.71 -39.97 24.56
C ASP X 259 -69.80 -39.45 23.13
N ALA X 260 -68.96 -38.48 22.78
CA ALA X 260 -68.92 -37.99 21.41
C ALA X 260 -68.47 -39.08 20.45
N GLU X 261 -67.44 -39.84 20.84
CA GLU X 261 -66.94 -40.92 19.98
C GLU X 261 -67.98 -42.04 19.86
N CYS X 262 -68.70 -42.34 20.95
CA CYS X 262 -69.70 -43.39 20.89
C CYS X 262 -70.81 -43.04 19.92
N TYR X 263 -71.28 -41.80 19.94
CA TYR X 263 -72.38 -41.41 19.07
C TYR X 263 -71.99 -41.55 17.60
N THR X 264 -70.81 -41.09 17.23
CA THR X 264 -70.37 -41.20 15.85
C THR X 264 -70.08 -42.64 15.43
N ALA X 265 -70.04 -43.57 16.38
CA ALA X 265 -69.87 -44.97 16.04
C ALA X 265 -71.20 -45.67 15.80
N MET X 266 -72.24 -45.34 16.56
CA MET X 266 -73.57 -45.86 16.24
C MET X 266 -74.04 -45.34 14.89
N LYS X 267 -73.78 -44.07 14.59
CA LYS X 267 -74.20 -43.51 13.31
C LYS X 267 -73.49 -44.19 12.15
N ILE X 268 -72.18 -44.45 12.30
CA ILE X 268 -71.47 -45.18 11.25
C ILE X 268 -72.01 -46.60 11.14
N ALA X 269 -72.40 -47.20 12.26
CA ALA X 269 -72.99 -48.53 12.21
C ALA X 269 -74.27 -48.53 11.39
N GLU X 270 -75.13 -47.54 11.61
CA GLU X 270 -76.38 -47.46 10.87
C GLU X 270 -76.15 -47.22 9.39
N ALA X 271 -75.20 -46.33 9.05
CA ALA X 271 -74.93 -46.05 7.65
C ALA X 271 -74.39 -47.27 6.93
N ASN X 272 -73.49 -48.01 7.56
CA ASN X 272 -72.89 -49.17 6.92
C ASN X 272 -73.89 -50.28 6.65
N LYS X 273 -75.05 -50.25 7.30
CA LYS X 273 -76.05 -51.29 7.07
C LYS X 273 -76.53 -51.26 5.63
N LEU X 274 -76.71 -50.07 5.06
CA LEU X 274 -77.11 -49.94 3.67
C LEU X 274 -75.90 -49.73 2.76
N LYS X 275 -74.88 -49.03 3.24
CA LYS X 275 -73.73 -48.72 2.39
C LYS X 275 -72.96 -49.98 2.02
N LEU X 276 -72.76 -50.90 2.98
CA LEU X 276 -71.96 -52.09 2.75
C LEU X 276 -72.85 -53.20 2.18
N THR X 277 -73.03 -53.14 0.87
CA THR X 277 -73.72 -54.17 0.11
C THR X 277 -72.69 -55.01 -0.63
N PRO X 278 -73.10 -56.17 -1.18
CA PRO X 278 -72.12 -57.01 -1.88
C PRO X 278 -71.40 -56.28 -3.00
N GLU X 279 -72.11 -55.46 -3.77
CA GLU X 279 -71.48 -54.76 -4.88
C GLU X 279 -70.46 -53.74 -4.38
N TYR X 280 -70.81 -52.98 -3.34
CA TYR X 280 -69.86 -52.02 -2.80
C TYR X 280 -68.64 -52.73 -2.22
N LEU X 281 -68.86 -53.86 -1.56
CA LEU X 281 -67.73 -54.61 -1.02
C LEU X 281 -66.82 -55.11 -2.14
N GLN X 282 -67.40 -55.56 -3.25
CA GLN X 282 -66.59 -55.96 -4.40
C GLN X 282 -65.80 -54.78 -4.94
N LEU X 283 -66.46 -53.63 -5.06
CA LEU X 283 -65.77 -52.43 -5.56
C LEU X 283 -64.61 -52.07 -4.67
N MET X 284 -64.80 -52.09 -3.35
CA MET X 284 -63.71 -51.79 -2.44
C MET X 284 -62.62 -52.84 -2.50
N LYS X 285 -63.00 -54.11 -2.65
CA LYS X 285 -62.03 -55.17 -2.81
C LYS X 285 -61.09 -54.86 -3.96
N TYR X 286 -61.64 -54.49 -5.11
CA TYR X 286 -60.78 -54.24 -6.25
C TYR X 286 -60.12 -52.86 -6.21
N LYS X 287 -60.67 -51.91 -5.46
CA LYS X 287 -60.02 -50.60 -5.33
C LYS X 287 -58.90 -50.60 -4.31
N ALA X 288 -58.87 -51.58 -3.40
CA ALA X 288 -57.82 -51.64 -2.40
C ALA X 288 -56.49 -52.13 -2.94
N ILE X 289 -56.45 -52.60 -4.18
CA ILE X 289 -55.24 -53.15 -4.79
C ILE X 289 -54.71 -52.30 -5.92
N ALA X 290 -55.34 -51.15 -6.21
CA ALA X 290 -54.94 -50.37 -7.37
C ALA X 290 -53.51 -49.87 -7.22
N SER X 291 -53.15 -49.36 -6.04
CA SER X 291 -51.82 -48.77 -5.85
C SER X 291 -50.73 -49.83 -5.71
N ASN X 292 -51.06 -51.00 -5.17
CA ASN X 292 -50.05 -52.02 -4.92
C ASN X 292 -49.36 -52.41 -6.23
N SER X 293 -48.04 -52.54 -6.16
CA SER X 293 -47.28 -53.00 -7.31
C SER X 293 -47.65 -54.45 -7.64
N LYS X 294 -47.66 -54.77 -8.93
CA LYS X 294 -48.09 -56.08 -9.38
C LYS X 294 -47.15 -56.59 -10.47
N ILE X 295 -47.11 -57.91 -10.61
CA ILE X 295 -46.42 -58.58 -11.70
C ILE X 295 -47.38 -59.62 -12.26
N TYR X 296 -47.16 -59.97 -13.53
CA TYR X 296 -48.04 -60.92 -14.20
C TYR X 296 -47.23 -61.95 -14.97
N PHE X 297 -47.75 -63.16 -15.02
CA PHE X 297 -47.20 -64.24 -15.83
C PHE X 297 -48.36 -65.06 -16.36
N GLY X 298 -48.55 -65.09 -17.67
CA GLY X 298 -49.67 -65.82 -18.23
C GLY X 298 -49.49 -66.03 -19.72
N LYS X 299 -50.46 -66.75 -20.30
CA LYS X 299 -50.41 -67.02 -21.73
C LYS X 299 -50.77 -65.79 -22.54
N ASP X 300 -51.94 -65.21 -22.28
CA ASP X 300 -52.39 -64.03 -23.00
C ASP X 300 -52.92 -63.01 -22.02
N ILE X 301 -52.95 -61.75 -22.48
CA ILE X 301 -53.32 -60.64 -21.59
C ILE X 301 -54.74 -60.81 -21.04
N PRO X 302 -55.74 -61.22 -21.84
CA PRO X 302 -57.10 -61.31 -21.28
C PRO X 302 -57.20 -62.16 -20.04
N ASN X 303 -56.35 -63.18 -19.91
CA ASN X 303 -56.34 -64.00 -18.70
C ASN X 303 -56.01 -63.18 -17.46
N MET X 304 -55.40 -62.01 -17.63
CA MET X 304 -55.10 -61.16 -16.48
C MET X 304 -56.38 -60.76 -15.75
N PHE X 305 -57.41 -60.40 -16.51
CA PHE X 305 -58.69 -60.01 -15.92
C PHE X 305 -59.66 -61.17 -15.79
N MET X 306 -59.58 -62.16 -16.69
CA MET X 306 -60.48 -63.30 -16.62
C MET X 306 -60.08 -64.23 -15.48
N ASP X 307 -60.21 -63.75 -14.25
CA ASP X 307 -59.84 -64.54 -13.08
C ASP X 307 -60.69 -65.80 -12.99
N VAL Y 52 47.91 41.91 106.05
CA VAL Y 52 47.73 42.20 107.48
C VAL Y 52 47.84 40.90 108.28
N LEU Y 53 48.53 40.98 109.42
CA LEU Y 53 48.75 39.79 110.23
C LEU Y 53 47.44 39.20 110.71
N LEU Y 54 46.52 40.04 111.20
CA LEU Y 54 45.26 39.54 111.72
C LEU Y 54 44.45 38.84 110.64
N TYR Y 55 44.34 39.47 109.46
CA TYR Y 55 43.57 38.87 108.38
C TYR Y 55 44.22 37.57 107.90
N ALA Y 56 45.55 37.56 107.79
CA ALA Y 56 46.23 36.35 107.33
C ALA Y 56 46.05 35.21 108.33
N SER Y 57 46.10 35.51 109.63
CA SER Y 57 46.01 34.47 110.63
C SER Y 57 44.57 33.97 110.83
N ILE Y 58 43.58 34.85 110.67
CA ILE Y 58 42.20 34.49 110.94
C ILE Y 58 41.62 33.78 109.74
N HIS Y 59 40.83 32.72 109.99
CA HIS Y 59 40.20 31.96 108.94
C HIS Y 59 38.89 31.39 109.48
N LYS Y 60 37.99 31.06 108.55
CA LYS Y 60 36.64 30.64 108.87
C LYS Y 60 36.40 29.23 108.34
N ILE Y 61 35.86 28.37 109.19
CA ILE Y 61 35.60 26.97 108.85
C ILE Y 61 34.08 26.76 108.88
N GLU Y 62 33.53 26.33 107.76
CA GLU Y 62 32.08 26.17 107.65
C GLU Y 62 31.60 25.00 108.50
N GLU Y 63 30.31 25.03 108.83
CA GLU Y 63 29.71 23.96 109.61
C GLU Y 63 29.72 22.66 108.82
N GLY Y 64 29.97 21.55 109.51
CA GLY Y 64 30.05 20.26 108.88
C GLY Y 64 31.38 19.94 108.24
N HIS Y 65 32.26 20.92 108.10
CA HIS Y 65 33.59 20.71 107.56
C HIS Y 65 34.59 20.46 108.70
N LEU Y 66 35.80 20.10 108.31
CA LEU Y 66 36.90 19.98 109.26
C LEU Y 66 38.17 20.46 108.57
N ALA Y 67 38.95 21.27 109.28
CA ALA Y 67 40.08 21.97 108.69
C ALA Y 67 41.38 21.21 108.93
N VAL Y 68 42.25 21.22 107.93
CA VAL Y 68 43.60 20.69 108.03
C VAL Y 68 44.56 21.78 107.59
N TYR Y 69 45.75 21.79 108.18
CA TYR Y 69 46.71 22.87 107.98
C TYR Y 69 48.00 22.32 107.41
N TYR Y 70 48.66 23.13 106.58
CA TYR Y 70 49.90 22.76 105.90
C TYR Y 70 50.93 23.85 106.16
N ARG Y 71 51.96 23.52 106.93
CA ARG Y 71 53.06 24.44 107.22
C ARG Y 71 54.28 23.96 106.45
N GLY Y 72 54.60 24.64 105.37
CA GLY Y 72 55.75 24.25 104.56
C GLY Y 72 55.62 22.87 103.96
N GLY Y 73 54.44 22.53 103.44
CA GLY Y 73 54.23 21.26 102.79
C GLY Y 73 53.96 20.10 103.72
N ALA Y 74 54.07 20.29 105.03
CA ALA Y 74 53.82 19.23 105.99
C ALA Y 74 52.42 19.39 106.58
N LEU Y 75 51.78 18.25 106.84
CA LEU Y 75 50.42 18.22 107.37
C LEU Y 75 50.50 18.21 108.89
N LEU Y 76 50.02 19.30 109.51
CA LEU Y 76 50.06 19.41 110.96
C LEU Y 76 49.17 18.34 111.59
N THR Y 77 49.58 17.86 112.76
CA THR Y 77 48.85 16.83 113.48
C THR Y 77 47.72 17.39 114.35
N SER Y 78 47.27 18.61 114.07
CA SER Y 78 46.20 19.24 114.86
C SER Y 78 45.10 19.71 113.92
N PRO Y 79 44.17 18.83 113.54
CA PRO Y 79 43.04 19.26 112.71
C PRO Y 79 41.93 19.88 113.53
N SER Y 80 41.47 21.06 113.13
CA SER Y 80 40.52 21.84 113.91
C SER Y 80 39.14 21.79 113.28
N GLY Y 81 38.11 21.75 114.12
CA GLY Y 81 36.74 21.68 113.68
C GLY Y 81 36.19 23.03 113.29
N PRO Y 82 34.87 23.12 113.11
CA PRO Y 82 34.27 24.39 112.67
C PRO Y 82 34.34 25.45 113.75
N GLY Y 83 34.37 26.70 113.30
CA GLY Y 83 34.41 27.86 114.16
C GLY Y 83 35.48 28.83 113.72
N TYR Y 84 35.75 29.82 114.56
CA TYR Y 84 36.81 30.78 114.32
C TYR Y 84 38.13 30.25 114.89
N HIS Y 85 39.19 30.38 114.10
CA HIS Y 85 40.49 29.86 114.50
C HIS Y 85 41.58 30.73 113.91
N ILE Y 86 42.79 30.59 114.46
CA ILE Y 86 43.94 31.36 114.05
C ILE Y 86 45.06 30.41 113.67
N MET Y 87 45.95 30.89 112.80
CA MET Y 87 47.07 30.10 112.30
C MET Y 87 48.26 31.03 112.11
N LEU Y 88 49.45 30.45 112.08
CA LEU Y 88 50.65 31.25 111.91
C LEU Y 88 50.59 32.00 110.58
N PRO Y 89 50.77 33.32 110.57
CA PRO Y 89 50.55 34.07 109.33
C PRO Y 89 51.48 33.64 108.21
N PHE Y 90 50.89 33.35 107.05
CA PHE Y 90 51.62 33.23 105.79
C PHE Y 90 52.65 32.10 105.76
N ILE Y 91 52.73 31.31 106.83
CA ILE Y 91 53.57 30.12 106.82
C ILE Y 91 52.68 28.92 107.10
N THR Y 92 51.41 29.02 106.69
CA THR Y 92 50.46 27.93 106.81
C THR Y 92 49.37 28.13 105.79
N THR Y 93 48.75 27.03 105.36
CA THR Y 93 47.63 27.07 104.44
C THR Y 93 46.58 26.07 104.91
N PHE Y 94 45.34 26.52 105.00
CA PHE Y 94 44.26 25.68 105.51
C PHE Y 94 43.39 25.17 104.37
N ARG Y 95 42.88 23.95 104.55
CA ARG Y 95 41.92 23.37 103.62
C ARG Y 95 40.83 22.68 104.43
N SER Y 96 39.58 22.96 104.09
CA SER Y 96 38.43 22.41 104.79
C SER Y 96 37.87 21.24 103.99
N VAL Y 97 37.92 20.05 104.57
CA VAL Y 97 37.36 18.85 103.96
C VAL Y 97 35.99 18.61 104.57
N GLN Y 98 34.98 18.43 103.72
CA GLN Y 98 33.64 18.20 104.22
C GLN Y 98 33.52 16.82 104.84
N THR Y 99 32.85 16.74 105.99
CA THR Y 99 32.60 15.48 106.67
C THR Y 99 31.16 15.02 106.59
N THR Y 100 30.22 15.92 106.36
CA THR Y 100 28.82 15.55 106.21
C THR Y 100 28.58 14.95 104.82
N LEU Y 101 27.39 14.39 104.64
CA LEU Y 101 27.07 13.74 103.37
C LEU Y 101 27.24 14.70 102.21
N GLN Y 102 27.95 14.25 101.19
CA GLN Y 102 28.18 15.04 99.99
C GLN Y 102 27.94 14.19 98.76
N THR Y 103 27.40 14.81 97.72
CA THR Y 103 26.99 14.15 96.49
C THR Y 103 27.82 14.64 95.32
N ASP Y 104 28.26 13.72 94.47
CA ASP Y 104 28.90 14.11 93.22
C ASP Y 104 28.76 13.00 92.21
N GLU Y 105 28.82 13.35 90.93
CA GLU Y 105 28.43 12.45 89.86
C GLU Y 105 29.44 12.46 88.74
N VAL Y 106 29.33 11.44 87.88
CA VAL Y 106 30.13 11.31 86.67
C VAL Y 106 29.19 11.05 85.50
N LYS Y 107 29.48 11.69 84.37
CA LYS Y 107 28.54 11.77 83.26
C LYS Y 107 28.93 10.82 82.12
N ASN Y 108 27.92 10.33 81.41
CA ASN Y 108 28.09 9.59 80.16
C ASN Y 108 29.14 8.50 80.30
N VAL Y 109 28.85 7.55 81.17
CA VAL Y 109 29.75 6.41 81.42
C VAL Y 109 29.35 5.30 80.45
N PRO Y 110 30.27 4.81 79.60
CA PRO Y 110 29.93 3.68 78.73
C PRO Y 110 29.80 2.40 79.53
N CYS Y 111 29.08 1.45 78.94
CA CYS Y 111 28.85 0.15 79.56
C CYS Y 111 28.62 -0.85 78.45
N GLY Y 112 29.53 -1.80 78.28
CA GLY Y 112 29.41 -2.78 77.23
C GLY Y 112 28.71 -4.04 77.70
N THR Y 113 27.48 -4.25 77.23
CA THR Y 113 26.71 -5.41 77.66
C THR Y 113 27.31 -6.68 77.09
N SER Y 114 26.97 -7.81 77.72
CA SER Y 114 27.51 -9.09 77.27
C SER Y 114 27.09 -9.44 75.85
N GLY Y 115 26.06 -8.78 75.34
CA GLY Y 115 25.63 -9.00 73.98
C GLY Y 115 26.46 -8.29 72.93
N GLY Y 116 27.44 -7.50 73.35
CA GLY Y 116 28.32 -6.79 72.45
C GLY Y 116 27.93 -5.35 72.22
N VAL Y 117 26.69 -4.97 72.53
CA VAL Y 117 26.23 -3.60 72.31
C VAL Y 117 26.67 -2.74 73.49
N MET Y 118 27.03 -1.49 73.19
CA MET Y 118 27.48 -0.54 74.19
C MET Y 118 26.36 0.46 74.47
N ILE Y 119 26.03 0.65 75.74
CA ILE Y 119 25.00 1.58 76.17
C ILE Y 119 25.63 2.56 77.14
N TYR Y 120 25.27 3.83 77.00
CA TYR Y 120 25.88 4.90 77.79
C TYR Y 120 24.91 5.33 78.89
N ILE Y 121 25.33 5.16 80.14
CA ILE Y 121 24.54 5.62 81.28
C ILE Y 121 24.83 7.11 81.45
N ASP Y 122 23.76 7.91 81.44
CA ASP Y 122 23.93 9.36 81.33
C ASP Y 122 24.66 9.95 82.52
N ARG Y 123 24.32 9.53 83.74
CA ARG Y 123 24.92 10.13 84.91
C ARG Y 123 24.79 9.19 86.09
N ILE Y 124 25.91 8.94 86.78
CA ILE Y 124 25.95 8.11 87.97
C ILE Y 124 26.38 8.99 89.13
N GLU Y 125 25.55 9.05 90.17
CA GLU Y 125 25.79 9.89 91.33
C GLU Y 125 26.16 9.02 92.53
N VAL Y 126 27.11 9.49 93.33
CA VAL Y 126 27.50 8.83 94.56
C VAL Y 126 27.41 9.85 95.68
N VAL Y 127 26.76 9.46 96.78
CA VAL Y 127 26.67 10.26 97.99
C VAL Y 127 27.45 9.53 99.06
N ASN Y 128 28.38 10.23 99.71
CA ASN Y 128 29.32 9.61 100.62
C ASN Y 128 29.63 10.56 101.77
N MET Y 129 30.20 9.98 102.83
CA MET Y 129 30.58 10.75 104.01
C MET Y 129 31.73 10.04 104.71
N LEU Y 130 32.56 10.81 105.42
CA LEU Y 130 33.67 10.25 106.16
C LEU Y 130 33.63 10.74 107.60
N ALA Y 131 33.90 9.84 108.54
CA ALA Y 131 33.86 10.20 109.93
C ALA Y 131 34.91 11.27 110.22
N PRO Y 132 34.62 12.23 111.11
CA PRO Y 132 35.60 13.29 111.36
C PRO Y 132 36.95 12.79 111.83
N TYR Y 133 36.99 11.71 112.63
CA TYR Y 133 38.24 11.26 113.20
C TYR Y 133 39.24 10.78 112.14
N ALA Y 134 38.76 10.37 110.96
CA ALA Y 134 39.61 9.82 109.92
C ALA Y 134 40.07 10.86 108.91
N VAL Y 135 39.69 12.13 109.09
CA VAL Y 135 40.05 13.15 108.11
C VAL Y 135 41.56 13.30 108.03
N PHE Y 136 42.24 13.28 109.16
CA PHE Y 136 43.70 13.43 109.16
C PHE Y 136 44.35 12.35 108.31
N ASP Y 137 44.02 11.08 108.57
CA ASP Y 137 44.62 9.99 107.83
C ASP Y 137 44.25 10.06 106.36
N ILE Y 138 42.99 10.34 106.05
CA ILE Y 138 42.55 10.37 104.66
C ILE Y 138 43.30 11.44 103.89
N VAL Y 139 43.41 12.63 104.48
CA VAL Y 139 44.09 13.74 103.80
C VAL Y 139 45.57 13.45 103.65
N ARG Y 140 46.19 12.86 104.67
CA ARG Y 140 47.60 12.52 104.57
C ARG Y 140 47.85 11.51 103.46
N ASN Y 141 46.98 10.50 103.36
CA ASN Y 141 47.18 9.43 102.39
C ASN Y 141 46.89 9.90 100.97
N TYR Y 142 45.78 10.62 100.77
CA TYR Y 142 45.31 10.93 99.42
C TYR Y 142 45.00 12.42 99.25
N THR Y 143 45.61 13.30 100.03
CA THR Y 143 45.38 14.73 99.88
C THR Y 143 43.92 15.05 100.12
N ALA Y 144 43.51 16.28 99.78
CA ALA Y 144 42.12 16.70 99.96
C ALA Y 144 41.24 16.36 98.77
N ASP Y 145 41.81 15.84 97.69
CA ASP Y 145 41.05 15.45 96.50
C ASP Y 145 40.81 13.94 96.47
N TYR Y 146 40.60 13.33 97.63
CA TYR Y 146 40.45 11.88 97.70
C TYR Y 146 39.25 11.37 96.90
N ASP Y 147 38.28 12.23 96.58
CA ASP Y 147 37.10 11.79 95.87
C ASP Y 147 37.47 11.19 94.51
N LYS Y 148 38.24 11.94 93.72
CA LYS Y 148 38.59 11.45 92.39
C LYS Y 148 39.41 10.17 92.47
N THR Y 149 40.33 10.11 93.42
CA THR Y 149 41.20 8.94 93.53
C THR Y 149 40.41 7.70 93.94
N LEU Y 150 39.41 7.86 94.81
CA LEU Y 150 38.82 6.72 95.48
C LEU Y 150 37.45 6.30 94.96
N ILE Y 151 36.71 7.17 94.28
CA ILE Y 151 35.35 6.83 93.89
C ILE Y 151 35.13 7.01 92.39
N PHE Y 152 35.31 8.22 91.91
CA PHE Y 152 34.83 8.60 90.58
C PHE Y 152 35.80 8.21 89.46
N ASN Y 153 36.97 7.69 89.80
CA ASN Y 153 37.81 7.05 88.80
C ASN Y 153 37.53 5.55 88.70
N LYS Y 154 37.12 4.93 89.80
CA LYS Y 154 36.73 3.53 89.79
C LYS Y 154 35.31 3.31 89.29
N ILE Y 155 34.48 4.35 89.27
CA ILE Y 155 33.07 4.16 88.92
C ILE Y 155 32.95 3.51 87.55
N HIS Y 156 33.63 4.07 86.55
CA HIS Y 156 33.43 3.59 85.19
C HIS Y 156 33.94 2.16 85.02
N HIS Y 157 35.08 1.83 85.64
CA HIS Y 157 35.59 0.47 85.53
C HIS Y 157 34.65 -0.52 86.22
N GLU Y 158 34.14 -0.17 87.40
CA GLU Y 158 33.22 -1.07 88.09
C GLU Y 158 31.95 -1.27 87.28
N LEU Y 159 31.42 -0.19 86.71
CA LEU Y 159 30.21 -0.32 85.90
C LEU Y 159 30.47 -1.18 84.67
N ASN Y 160 31.62 -1.02 84.03
CA ASN Y 160 31.93 -1.84 82.86
C ASN Y 160 32.06 -3.30 83.25
N GLN Y 161 32.70 -3.59 84.38
CA GLN Y 161 32.83 -4.97 84.82
C GLN Y 161 31.47 -5.57 85.11
N PHE Y 162 30.58 -4.81 85.74
CA PHE Y 162 29.23 -5.33 85.99
C PHE Y 162 28.48 -5.56 84.68
N CYS Y 163 28.58 -4.62 83.74
CA CYS Y 163 27.83 -4.74 82.49
C CYS Y 163 28.30 -5.92 81.65
N SER Y 164 29.61 -6.18 81.63
CA SER Y 164 30.12 -7.23 80.77
C SER Y 164 29.54 -8.60 81.12
N ALA Y 165 29.03 -8.77 82.34
CA ALA Y 165 28.47 -10.04 82.76
C ALA Y 165 26.95 -10.12 82.57
N HIS Y 166 26.33 -9.10 82.00
CA HIS Y 166 24.88 -9.07 81.83
C HIS Y 166 24.53 -8.60 80.42
N THR Y 167 23.35 -9.01 79.96
CA THR Y 167 22.88 -8.67 78.63
C THR Y 167 22.19 -7.31 78.63
N LEU Y 168 21.84 -6.85 77.42
CA LEU Y 168 21.21 -5.54 77.31
C LEU Y 168 19.88 -5.50 78.05
N GLN Y 169 19.08 -6.57 77.93
CA GLN Y 169 17.79 -6.59 78.62
C GLN Y 169 17.99 -6.53 80.13
N GLU Y 170 18.91 -7.34 80.66
CA GLU Y 170 19.10 -7.40 82.10
C GLU Y 170 19.53 -6.06 82.67
N VAL Y 171 20.47 -5.39 81.99
CA VAL Y 171 20.95 -4.10 82.48
C VAL Y 171 19.88 -3.04 82.32
N TYR Y 172 19.21 -3.01 81.17
CA TYR Y 172 18.29 -1.93 80.86
C TYR Y 172 17.02 -2.01 81.69
N ILE Y 173 16.49 -3.22 81.92
CA ILE Y 173 15.19 -3.37 82.57
C ILE Y 173 15.30 -4.22 83.83
N GLU Y 174 15.72 -5.47 83.66
CA GLU Y 174 15.55 -6.45 84.73
C GLU Y 174 16.37 -6.09 85.97
N LEU Y 175 17.64 -5.76 85.79
CA LEU Y 175 18.56 -5.56 86.91
C LEU Y 175 18.86 -4.09 87.18
N PHE Y 176 18.04 -3.18 86.63
CA PHE Y 176 18.23 -1.77 86.93
C PHE Y 176 18.07 -1.49 88.41
N ASP Y 177 17.23 -2.26 89.10
CA ASP Y 177 17.09 -2.10 90.53
C ASP Y 177 18.36 -2.52 91.27
N GLN Y 178 19.26 -3.24 90.61
CA GLN Y 178 20.44 -3.78 91.25
C GLN Y 178 21.75 -3.14 90.79
N ILE Y 179 21.73 -2.37 89.70
CA ILE Y 179 22.96 -1.73 89.25
C ILE Y 179 23.58 -0.90 90.37
N ASP Y 180 22.75 -0.05 91.00
CA ASP Y 180 23.26 0.85 92.02
C ASP Y 180 23.80 0.09 93.21
N GLU Y 181 23.08 -0.95 93.66
CA GLU Y 181 23.56 -1.71 94.80
C GLU Y 181 24.88 -2.39 94.50
N ASN Y 182 25.01 -2.97 93.30
CA ASN Y 182 26.26 -3.64 92.95
C ASN Y 182 27.41 -2.64 92.89
N LEU Y 183 27.18 -1.46 92.30
CA LEU Y 183 28.25 -0.46 92.24
C LEU Y 183 28.64 -0.01 93.64
N LYS Y 184 27.66 0.23 94.51
CA LYS Y 184 27.96 0.67 95.87
C LYS Y 184 28.77 -0.38 96.61
N GLN Y 185 28.37 -1.65 96.50
CA GLN Y 185 29.11 -2.71 97.18
C GLN Y 185 30.53 -2.82 96.62
N ALA Y 186 30.68 -2.71 95.30
CA ALA Y 186 32.01 -2.80 94.72
C ALA Y 186 32.92 -1.69 95.22
N LEU Y 187 32.41 -0.45 95.28
CA LEU Y 187 33.23 0.65 95.77
C LEU Y 187 33.57 0.48 97.25
N GLN Y 188 32.59 0.09 98.06
CA GLN Y 188 32.84 -0.04 99.49
C GLN Y 188 33.83 -1.15 99.78
N LYS Y 189 33.78 -2.24 99.00
CA LYS Y 189 34.70 -3.36 99.24
C LYS Y 189 36.15 -2.91 99.17
N ASP Y 190 36.44 -1.90 98.35
CA ASP Y 190 37.80 -1.38 98.25
C ASP Y 190 38.05 -0.25 99.25
N LEU Y 191 37.06 0.61 99.48
CA LEU Y 191 37.26 1.72 100.40
C LEU Y 191 37.51 1.22 101.82
N ASN Y 192 36.71 0.25 102.28
CA ASN Y 192 36.80 -0.16 103.67
C ASN Y 192 38.17 -0.74 104.01
N LEU Y 193 38.95 -1.16 103.01
CA LEU Y 193 40.31 -1.61 103.22
C LEU Y 193 41.35 -0.53 102.97
N MET Y 194 41.28 0.13 101.82
CA MET Y 194 42.35 1.04 101.41
C MET Y 194 42.20 2.44 101.97
N ALA Y 195 41.09 2.77 102.62
CA ALA Y 195 40.88 4.10 103.16
C ALA Y 195 39.76 4.06 104.19
N PRO Y 196 39.94 3.38 105.33
CA PRO Y 196 38.86 3.26 106.30
C PRO Y 196 38.39 4.62 106.78
N GLY Y 197 37.08 4.74 107.00
CA GLY Y 197 36.49 5.98 107.44
C GLY Y 197 35.55 6.57 106.42
N LEU Y 198 35.91 6.49 105.14
CA LEU Y 198 35.07 6.99 104.06
C LEU Y 198 34.06 5.91 103.70
N THR Y 199 32.77 6.25 103.75
CA THR Y 199 31.69 5.31 103.49
C THR Y 199 30.75 5.90 102.45
N ILE Y 200 30.34 5.07 101.50
CA ILE Y 200 29.44 5.48 100.43
C ILE Y 200 28.01 5.23 100.90
N GLN Y 201 27.33 6.30 101.29
CA GLN Y 201 25.96 6.17 101.77
C GLN Y 201 25.03 5.67 100.69
N ALA Y 202 25.14 6.20 99.47
CA ALA Y 202 24.17 5.82 98.44
C ALA Y 202 24.74 6.04 97.05
N VAL Y 203 24.11 5.38 96.08
CA VAL Y 203 24.44 5.53 94.67
C VAL Y 203 23.13 5.65 93.88
N ARG Y 204 23.23 6.26 92.70
CA ARG Y 204 22.07 6.46 91.85
C ARG Y 204 22.51 6.42 90.39
N VAL Y 205 21.68 5.81 89.54
CA VAL Y 205 21.97 5.70 88.12
C VAL Y 205 20.70 6.01 87.33
N THR Y 206 20.88 6.32 86.06
CA THR Y 206 19.78 6.59 85.14
C THR Y 206 19.64 5.45 84.14
N LYS Y 207 18.53 5.46 83.42
CA LYS Y 207 18.26 4.41 82.45
C LYS Y 207 19.24 4.52 81.29
N PRO Y 208 20.01 3.48 80.98
CA PRO Y 208 21.00 3.59 79.91
C PRO Y 208 20.36 3.88 78.55
N LYS Y 209 21.11 4.59 77.70
CA LYS Y 209 20.68 4.89 76.35
C LYS Y 209 21.00 3.71 75.45
N ILE Y 210 19.97 3.07 74.92
CA ILE Y 210 20.12 1.93 74.02
C ILE Y 210 20.26 2.47 72.59
N PRO Y 211 20.79 1.70 71.65
CA PRO Y 211 20.87 2.17 70.27
C PRO Y 211 19.48 2.43 69.70
N GLU Y 212 19.44 3.27 68.66
CA GLU Y 212 18.17 3.65 68.07
C GLU Y 212 17.44 2.43 67.51
N ALA Y 213 18.16 1.53 66.85
CA ALA Y 213 17.51 0.37 66.23
C ALA Y 213 16.81 -0.49 67.28
N ILE Y 214 17.47 -0.74 68.41
CA ILE Y 214 16.85 -1.53 69.46
C ILE Y 214 15.69 -0.76 70.09
N ARG Y 215 15.81 0.56 70.20
CA ARG Y 215 14.76 1.35 70.83
C ARG Y 215 13.46 1.23 70.06
N ARG Y 216 13.52 1.29 68.73
CA ARG Y 216 12.30 1.19 67.93
C ARG Y 216 11.63 -0.18 68.12
N ASN Y 217 12.42 -1.24 68.18
CA ASN Y 217 11.84 -2.58 68.34
C ASN Y 217 11.07 -2.67 69.65
N PHE Y 218 11.61 -2.10 70.73
CA PHE Y 218 10.86 -2.04 71.98
C PHE Y 218 9.57 -1.23 71.81
N GLU Y 219 9.55 -0.29 70.86
CA GLU Y 219 8.34 0.45 70.57
C GLU Y 219 7.29 -0.43 69.90
N LEU Y 220 7.71 -1.20 68.89
CA LEU Y 220 6.78 -2.06 68.19
C LEU Y 220 6.19 -3.11 69.13
N MET Y 221 7.01 -3.68 70.01
CA MET Y 221 6.51 -4.64 70.98
C MET Y 221 5.36 -4.06 71.78
N GLU Y 222 5.45 -2.78 72.14
CA GLU Y 222 4.37 -2.13 72.87
C GLU Y 222 3.19 -1.79 71.96
N ALA Y 223 3.44 -1.54 70.68
CA ALA Y 223 2.34 -1.31 69.75
C ALA Y 223 1.48 -2.55 69.61
N GLU Y 224 2.11 -3.73 69.59
CA GLU Y 224 1.35 -4.97 69.48
C GLU Y 224 0.45 -5.19 70.69
N LYS Y 225 0.89 -4.78 71.88
CA LYS Y 225 0.09 -4.99 73.07
C LYS Y 225 -1.24 -4.23 72.97
N THR Y 226 -1.21 -3.02 72.43
CA THR Y 226 -2.44 -2.27 72.25
C THR Y 226 -3.24 -2.78 71.06
N LYS Y 227 -2.55 -3.22 70.00
CA LYS Y 227 -3.26 -3.74 68.83
C LYS Y 227 -4.09 -4.96 69.20
N LEU Y 228 -3.68 -5.71 70.23
CA LEU Y 228 -4.51 -6.79 70.72
C LEU Y 228 -5.82 -6.26 71.29
N LEU Y 229 -5.75 -5.11 71.98
CA LEU Y 229 -6.95 -4.56 72.59
C LEU Y 229 -7.91 -4.01 71.54
N ILE Y 230 -7.39 -3.47 70.44
CA ILE Y 230 -8.26 -2.95 69.39
C ILE Y 230 -9.09 -4.07 68.79
N ALA Y 231 -8.46 -5.22 68.54
CA ALA Y 231 -9.17 -6.36 67.96
C ALA Y 231 -10.27 -6.89 68.88
N ALA Y 232 -10.09 -6.80 70.19
CA ALA Y 232 -11.12 -7.27 71.11
C ALA Y 232 -12.43 -6.51 70.93
N GLN Y 233 -12.37 -5.25 70.51
CA GLN Y 233 -13.57 -4.47 70.22
C GLN Y 233 -14.00 -4.60 68.77
N LYS Y 234 -13.03 -4.71 67.86
CA LYS Y 234 -13.39 -4.90 66.46
C LYS Y 234 -14.16 -6.19 66.26
N GLN Y 235 -13.89 -7.20 67.08
CA GLN Y 235 -14.67 -8.44 66.97
C GLN Y 235 -16.12 -8.21 67.35
N LYS Y 236 -16.38 -7.42 68.38
CA LYS Y 236 -17.76 -7.09 68.74
C LYS Y 236 -18.43 -6.32 67.61
N VAL Y 237 -17.72 -5.38 67.01
CA VAL Y 237 -18.30 -4.61 65.90
C VAL Y 237 -18.66 -5.54 64.75
N VAL Y 238 -17.76 -6.46 64.41
CA VAL Y 238 -18.00 -7.40 63.31
C VAL Y 238 -19.19 -8.29 63.64
N GLU Y 239 -19.28 -8.75 64.89
CA GLU Y 239 -20.40 -9.58 65.29
C GLU Y 239 -21.72 -8.83 65.12
N LYS Y 240 -21.77 -7.57 65.54
CA LYS Y 240 -23.00 -6.80 65.40
C LYS Y 240 -23.38 -6.63 63.94
N GLU Y 241 -22.40 -6.33 63.09
CA GLU Y 241 -22.70 -6.16 61.67
C GLU Y 241 -23.23 -7.46 61.06
N ALA Y 242 -22.61 -8.59 61.41
CA ALA Y 242 -23.06 -9.87 60.87
C ALA Y 242 -24.47 -10.20 61.36
N GLU Y 243 -24.76 -9.89 62.62
CA GLU Y 243 -26.10 -10.14 63.14
C GLU Y 243 -27.14 -9.28 62.43
N THR Y 244 -26.78 -8.03 62.13
CA THR Y 244 -27.70 -7.18 61.36
C THR Y 244 -27.96 -7.77 59.99
N GLU Y 245 -26.91 -8.26 59.33
CA GLU Y 245 -27.10 -8.88 58.02
C GLU Y 245 -27.99 -10.11 58.13
N ARG Y 246 -27.82 -10.90 59.18
CA ARG Y 246 -28.66 -12.07 59.39
C ARG Y 246 -30.12 -11.68 59.52
N LYS Y 247 -30.40 -10.64 60.31
CA LYS Y 247 -31.78 -10.21 60.49
C LYS Y 247 -32.38 -9.73 59.17
N LYS Y 248 -31.61 -8.97 58.40
CA LYS Y 248 -32.09 -8.53 57.10
C LYS Y 248 -32.43 -9.71 56.20
N ALA Y 249 -31.55 -10.71 56.16
CA ALA Y 249 -31.80 -11.87 55.31
C ALA Y 249 -33.05 -12.62 55.76
N VAL Y 250 -33.24 -12.75 57.08
CA VAL Y 250 -34.43 -13.43 57.58
C VAL Y 250 -35.69 -12.68 57.16
N ILE Y 251 -35.67 -11.35 57.26
CA ILE Y 251 -36.84 -10.57 56.85
C ILE Y 251 -37.12 -10.77 55.36
N GLU Y 252 -36.07 -10.79 54.54
CA GLU Y 252 -36.27 -11.00 53.11
C GLU Y 252 -36.88 -12.37 52.84
N ALA Y 253 -36.41 -13.39 53.56
CA ALA Y 253 -36.96 -14.73 53.39
C ALA Y 253 -38.45 -14.77 53.74
N GLU Y 254 -38.82 -14.11 54.83
CA GLU Y 254 -40.24 -14.08 55.21
C GLU Y 254 -41.07 -13.35 54.16
N LYS Y 255 -40.53 -12.26 53.61
CA LYS Y 255 -41.21 -11.57 52.52
C LYS Y 255 -41.47 -12.53 51.38
N ILE Y 256 -40.45 -13.28 50.97
CA ILE Y 256 -40.61 -14.22 49.86
C ILE Y 256 -41.68 -15.24 50.18
N ALA Y 257 -41.69 -15.75 51.41
CA ALA Y 257 -42.66 -16.76 51.79
C ALA Y 257 -44.09 -16.22 51.65
N GLN Y 258 -44.34 -15.01 52.16
CA GLN Y 258 -45.70 -14.48 52.11
C GLN Y 258 -46.12 -14.18 50.67
N VAL Y 259 -45.21 -13.62 49.86
CA VAL Y 259 -45.52 -13.38 48.46
C VAL Y 259 -45.88 -14.68 47.77
N ALA Y 260 -45.12 -15.75 48.05
CA ALA Y 260 -45.42 -17.04 47.46
C ALA Y 260 -46.80 -17.53 47.88
N LYS Y 261 -47.16 -17.35 49.15
CA LYS Y 261 -48.47 -17.76 49.61
C LYS Y 261 -49.57 -17.08 48.78
N ILE Y 262 -49.45 -15.77 48.59
CA ILE Y 262 -50.46 -15.07 47.80
C ILE Y 262 -50.48 -15.59 46.37
N ARG Y 263 -49.29 -15.77 45.77
CA ARG Y 263 -49.22 -16.24 44.40
C ARG Y 263 -49.89 -17.60 44.24
N PHE Y 264 -49.73 -18.48 45.23
CA PHE Y 264 -50.28 -19.82 45.12
C PHE Y 264 -51.78 -19.85 45.33
N GLN Y 265 -52.32 -18.98 46.20
CA GLN Y 265 -53.77 -18.84 46.25
C GLN Y 265 -54.31 -18.38 44.90
N GLN Y 266 -53.61 -17.43 44.27
CA GLN Y 266 -53.99 -17.01 42.93
C GLN Y 266 -53.96 -18.18 41.96
N LYS Y 267 -52.94 -19.03 42.06
CA LYS Y 267 -52.85 -20.19 41.18
C LYS Y 267 -54.04 -21.13 41.36
N VAL Y 268 -54.46 -21.34 42.60
CA VAL Y 268 -55.61 -22.21 42.85
C VAL Y 268 -56.86 -21.64 42.18
N MET Y 269 -57.08 -20.33 42.35
CA MET Y 269 -58.23 -19.70 41.69
C MET Y 269 -58.12 -19.86 40.17
N GLU Y 270 -56.90 -19.68 39.64
CA GLU Y 270 -56.68 -19.81 38.22
C GLU Y 270 -57.09 -21.19 37.72
N LYS Y 271 -56.70 -22.23 38.44
CA LYS Y 271 -57.02 -23.59 38.01
C LYS Y 271 -58.50 -23.88 38.13
N GLU Y 272 -59.18 -23.33 39.14
CA GLU Y 272 -60.62 -23.50 39.20
C GLU Y 272 -61.30 -22.89 37.97
N THR Y 273 -60.87 -21.68 37.60
CA THR Y 273 -61.44 -21.06 36.41
C THR Y 273 -61.12 -21.87 35.16
N GLU Y 274 -59.90 -22.44 35.10
CA GLU Y 274 -59.54 -23.27 33.96
C GLU Y 274 -60.44 -24.50 33.89
N LYS Y 275 -60.80 -25.06 35.04
CA LYS Y 275 -61.74 -26.19 35.05
C LYS Y 275 -63.08 -25.79 34.48
N ARG Y 276 -63.58 -24.60 34.86
CA ARG Y 276 -64.84 -24.14 34.28
C ARG Y 276 -64.72 -23.97 32.77
N ILE Y 277 -63.61 -23.40 32.31
CA ILE Y 277 -63.40 -23.21 30.88
C ILE Y 277 -63.35 -24.55 30.17
N SER Y 278 -62.73 -25.55 30.79
CA SER Y 278 -62.67 -26.88 30.19
C SER Y 278 -64.06 -27.50 30.11
N GLU Y 279 -64.90 -27.26 31.11
CA GLU Y 279 -66.28 -27.73 31.03
C GLU Y 279 -66.99 -27.11 29.83
N ILE Y 280 -66.83 -25.81 29.64
CA ILE Y 280 -67.45 -25.16 28.48
C ILE Y 280 -66.92 -25.75 27.18
N GLU Y 281 -65.60 -25.96 27.12
CA GLU Y 281 -64.99 -26.53 25.92
C GLU Y 281 -65.55 -27.92 25.64
N ASP Y 282 -65.76 -28.72 26.68
CA ASP Y 282 -66.33 -30.05 26.49
C ASP Y 282 -67.76 -29.95 25.98
N ALA Y 283 -68.55 -29.04 26.54
CA ALA Y 283 -69.91 -28.87 26.05
C ALA Y 283 -69.93 -28.48 24.59
N ALA Y 284 -68.98 -27.65 24.17
CA ALA Y 284 -68.92 -27.24 22.77
C ALA Y 284 -68.46 -28.38 21.87
N PHE Y 285 -67.42 -29.11 22.29
CA PHE Y 285 -66.87 -30.19 21.47
C PHE Y 285 -67.88 -31.31 21.29
N LEU Y 286 -68.64 -31.62 22.34
CA LEU Y 286 -69.60 -32.72 22.25
C LEU Y 286 -70.64 -32.45 21.17
N ALA Y 287 -71.14 -31.22 21.08
CA ALA Y 287 -72.11 -30.89 20.05
C ALA Y 287 -71.48 -30.88 18.66
N ARG Y 288 -70.22 -30.46 18.54
CA ARG Y 288 -69.58 -30.43 17.23
C ARG Y 288 -69.46 -31.82 16.64
N GLU Y 289 -69.11 -32.81 17.46
CA GLU Y 289 -68.98 -34.18 16.95
C GLU Y 289 -70.34 -34.76 16.56
N LYS Y 290 -71.41 -34.35 17.24
CA LYS Y 290 -72.74 -34.78 16.83
C LYS Y 290 -73.06 -34.27 15.42
N ALA Y 291 -72.69 -33.03 15.13
CA ALA Y 291 -72.91 -32.50 13.78
C ALA Y 291 -72.11 -33.28 12.75
N LYS Y 292 -70.85 -33.57 13.04
CA LYS Y 292 -70.03 -34.32 12.08
C LYS Y 292 -70.60 -35.70 11.84
N ALA Y 293 -71.06 -36.37 12.90
CA ALA Y 293 -71.63 -37.70 12.75
C ALA Y 293 -72.87 -37.66 11.87
N ASP Y 294 -73.75 -36.68 12.10
CA ASP Y 294 -74.97 -36.58 11.31
C ASP Y 294 -74.67 -36.20 9.87
N ALA Y 295 -73.67 -35.33 9.65
CA ALA Y 295 -73.32 -34.94 8.29
C ALA Y 295 -72.78 -36.13 7.51
N GLU Y 296 -71.94 -36.95 8.15
CA GLU Y 296 -71.41 -38.13 7.48
C GLU Y 296 -72.48 -39.20 7.30
N TYR Y 297 -73.40 -39.31 8.26
CA TYR Y 297 -74.48 -40.28 8.13
C TYR Y 297 -75.34 -39.99 6.90
N TYR Y 298 -75.68 -38.72 6.68
CA TYR Y 298 -76.49 -38.37 5.52
C TYR Y 298 -75.74 -38.67 4.22
N ALA Y 299 -74.45 -38.33 4.17
CA ALA Y 299 -73.68 -38.57 2.96
C ALA Y 299 -73.63 -40.05 2.63
N ALA Y 300 -73.43 -40.90 3.64
CA ALA Y 300 -73.39 -42.34 3.39
C ALA Y 300 -74.73 -42.85 2.89
N HIS Y 301 -75.83 -42.36 3.47
CA HIS Y 301 -77.15 -42.77 3.01
C HIS Y 301 -77.38 -42.39 1.55
N LYS Y 302 -76.97 -41.17 1.18
CA LYS Y 302 -77.10 -40.76 -0.22
C LYS Y 302 -76.18 -41.58 -1.11
N TYR Y 303 -74.95 -41.84 -0.66
CA TYR Y 303 -74.05 -42.69 -1.42
C TYR Y 303 -74.63 -44.09 -1.56
N ALA Y 304 -75.16 -44.64 -0.47
CA ALA Y 304 -75.69 -46.00 -0.49
C ALA Y 304 -76.78 -46.15 -1.53
N THR Y 305 -77.74 -45.22 -1.56
CA THR Y 305 -78.83 -45.31 -2.51
C THR Y 305 -78.41 -44.92 -3.92
N SER Y 306 -77.28 -44.24 -4.07
CA SER Y 306 -76.76 -43.94 -5.40
C SER Y 306 -76.09 -45.14 -6.05
N ASN Y 307 -75.54 -46.05 -5.24
CA ASN Y 307 -74.88 -47.23 -5.78
C ASN Y 307 -75.87 -48.25 -6.32
N LYS Y 308 -77.11 -48.23 -5.85
CA LYS Y 308 -78.08 -49.21 -6.32
C LYS Y 308 -78.32 -49.11 -7.81
N HIS Y 309 -77.97 -47.98 -8.41
CA HIS Y 309 -78.00 -47.81 -9.87
C HIS Y 309 -76.62 -47.85 -10.49
N LYS Y 310 -75.65 -47.17 -9.89
CA LYS Y 310 -74.32 -47.08 -10.47
C LYS Y 310 -73.63 -48.44 -10.52
N LEU Y 311 -73.64 -49.16 -9.41
CA LEU Y 311 -72.89 -50.41 -9.29
C LEU Y 311 -73.66 -51.51 -10.02
N THR Y 312 -73.39 -51.62 -11.31
CA THR Y 312 -73.92 -52.66 -12.17
C THR Y 312 -72.80 -53.60 -12.60
N PRO Y 313 -73.14 -54.76 -13.17
CA PRO Y 313 -72.08 -55.68 -13.62
C PRO Y 313 -71.06 -55.03 -14.54
N GLU Y 314 -71.51 -54.19 -15.48
CA GLU Y 314 -70.57 -53.60 -16.44
C GLU Y 314 -69.67 -52.57 -15.77
N TYR Y 315 -70.23 -51.74 -14.89
CA TYR Y 315 -69.41 -50.76 -14.19
C TYR Y 315 -68.38 -51.46 -13.30
N LEU Y 316 -68.81 -52.52 -12.61
CA LEU Y 316 -67.87 -53.27 -11.77
C LEU Y 316 -66.79 -53.93 -12.61
N GLU Y 317 -67.15 -54.43 -13.80
CA GLU Y 317 -66.15 -55.02 -14.68
C GLU Y 317 -65.14 -53.97 -15.14
N LEU Y 318 -65.62 -52.77 -15.46
CA LEU Y 318 -64.70 -51.71 -15.87
C LEU Y 318 -63.76 -51.34 -14.72
N LYS Y 319 -64.29 -51.21 -13.51
CA LYS Y 319 -63.45 -50.92 -12.37
C LYS Y 319 -62.45 -52.04 -12.12
N LYS Y 320 -62.88 -53.29 -12.31
CA LYS Y 320 -61.97 -54.42 -12.21
C LYS Y 320 -60.81 -54.28 -13.18
N TYR Y 321 -61.11 -54.00 -14.46
CA TYR Y 321 -60.06 -53.80 -15.43
C TYR Y 321 -59.09 -52.74 -14.98
N GLN Y 322 -59.62 -51.57 -14.61
CA GLN Y 322 -58.74 -50.44 -14.26
C GLN Y 322 -57.86 -50.77 -13.07
N ALA Y 323 -58.45 -51.36 -12.02
CA ALA Y 323 -57.68 -51.64 -10.82
C ALA Y 323 -56.63 -52.72 -11.06
N ILE Y 324 -57.01 -53.79 -11.76
CA ILE Y 324 -56.06 -54.87 -11.99
C ILE Y 324 -54.90 -54.38 -12.85
N ALA Y 325 -55.17 -53.56 -13.85
CA ALA Y 325 -54.14 -53.12 -14.78
C ALA Y 325 -53.50 -51.80 -14.37
N SER Y 326 -53.84 -51.26 -13.21
CA SER Y 326 -53.34 -49.94 -12.83
C SER Y 326 -51.82 -49.89 -12.83
N ASN Y 327 -51.18 -50.82 -12.11
CA ASN Y 327 -49.74 -50.73 -11.87
C ASN Y 327 -49.02 -52.05 -12.15
N SER Y 328 -49.57 -52.89 -13.02
CA SER Y 328 -49.04 -54.22 -13.22
C SER Y 328 -47.97 -54.24 -14.30
N LYS Y 329 -46.89 -54.96 -14.04
CA LYS Y 329 -45.93 -55.35 -15.07
C LYS Y 329 -46.35 -56.69 -15.65
N ILE Y 330 -46.24 -56.82 -16.96
CA ILE Y 330 -46.81 -57.95 -17.68
C ILE Y 330 -45.70 -58.76 -18.32
N TYR Y 331 -45.64 -60.04 -17.97
CA TYR Y 331 -44.88 -61.04 -18.72
C TYR Y 331 -45.89 -62.01 -19.30
N PHE Y 332 -45.86 -62.21 -20.61
CA PHE Y 332 -46.83 -63.08 -21.25
C PHE Y 332 -46.19 -63.72 -22.47
N GLY Y 333 -46.79 -64.82 -22.91
CA GLY Y 333 -46.30 -65.58 -24.04
C GLY Y 333 -46.26 -67.07 -23.73
N SER Y 334 -46.13 -67.84 -24.80
CA SER Y 334 -46.21 -69.29 -24.72
C SER Y 334 -44.89 -69.95 -24.34
N ASN Y 335 -43.87 -69.16 -23.99
CA ASN Y 335 -42.57 -69.70 -23.61
C ASN Y 335 -42.01 -68.96 -22.41
N ILE Y 336 -42.85 -68.70 -21.41
CA ILE Y 336 -42.34 -68.00 -20.22
C ILE Y 336 -41.24 -68.84 -19.59
N PRO Y 337 -40.08 -68.26 -19.26
CA PRO Y 337 -39.01 -69.05 -18.64
C PRO Y 337 -39.27 -69.19 -17.14
N ASN Y 338 -39.39 -70.44 -16.68
CA ASN Y 338 -39.68 -70.65 -15.26
C ASN Y 338 -38.58 -70.09 -14.38
N MET Y 339 -37.32 -70.30 -14.76
CA MET Y 339 -36.22 -69.67 -14.05
C MET Y 339 -36.34 -68.16 -14.15
N PHE Y 340 -35.97 -67.47 -13.07
CA PHE Y 340 -36.14 -66.03 -13.00
C PHE Y 340 -35.23 -65.47 -11.92
N VAL Y 341 -35.00 -64.17 -11.99
CA VAL Y 341 -34.27 -63.44 -10.95
C VAL Y 341 -34.81 -62.03 -10.90
N ASP Y 342 -34.96 -61.50 -9.70
CA ASP Y 342 -35.50 -60.16 -9.51
C ASP Y 342 -34.40 -59.15 -9.21
N SER Z 18 24.12 48.53 113.19
CA SER Z 18 24.17 47.52 114.23
C SER Z 18 22.77 46.99 114.55
N LEU Z 19 21.85 47.92 114.82
CA LEU Z 19 20.47 47.51 115.11
C LEU Z 19 19.84 46.83 113.90
N PHE Z 20 20.08 47.35 112.70
CA PHE Z 20 19.54 46.71 111.50
C PHE Z 20 20.09 45.30 111.35
N SER Z 21 21.34 45.08 111.74
CA SER Z 21 21.94 43.75 111.64
C SER Z 21 21.43 42.81 112.72
N ALA Z 22 21.13 43.32 113.92
CA ALA Z 22 20.71 42.50 115.04
C ALA Z 22 19.20 42.40 115.18
N VAL Z 23 18.44 43.01 114.28
CA VAL Z 23 16.98 43.03 114.40
C VAL Z 23 16.36 42.06 113.40
N HIS Z 24 17.08 40.99 113.07
CA HIS Z 24 16.60 40.01 112.10
C HIS Z 24 15.18 39.55 112.41
N LYS Z 25 14.49 39.03 111.40
CA LYS Z 25 13.08 38.70 111.49
C LYS Z 25 12.87 37.24 111.10
N ILE Z 26 12.02 36.54 111.87
CA ILE Z 26 11.70 35.13 111.62
C ILE Z 26 10.20 35.02 111.41
N GLU Z 27 9.81 34.50 110.24
CA GLU Z 27 8.39 34.42 109.89
C GLU Z 27 7.71 33.31 110.68
N GLU Z 28 6.38 33.32 110.65
CA GLU Z 28 5.60 32.27 111.28
C GLU Z 28 5.77 30.96 110.50
N GLY Z 29 5.69 29.85 111.22
CA GLY Z 29 5.93 28.56 110.61
C GLY Z 29 7.36 28.32 110.22
N HIS Z 30 8.28 29.17 110.65
CA HIS Z 30 9.71 29.00 110.41
C HIS Z 30 10.42 28.86 111.76
N ILE Z 31 11.71 28.57 111.68
CA ILE Z 31 12.56 28.54 112.86
C ILE Z 31 13.97 28.91 112.44
N GLY Z 32 14.66 29.67 113.28
CA GLY Z 32 15.94 30.24 112.92
C GLY Z 32 17.12 29.41 113.38
N VAL Z 33 18.18 29.44 112.58
CA VAL Z 33 19.45 28.80 112.92
C VAL Z 33 20.57 29.79 112.60
N TYR Z 34 21.53 29.89 113.51
CA TYR Z 34 22.55 30.93 113.44
C TYR Z 34 23.94 30.31 113.32
N TYR Z 35 24.79 30.97 112.53
CA TYR Z 35 26.18 30.58 112.35
C TYR Z 35 27.06 31.75 112.74
N ARG Z 36 27.97 31.53 113.70
CA ARG Z 36 28.85 32.60 114.13
C ARG Z 36 30.04 32.75 113.19
N GLY Z 37 30.88 31.73 113.12
CA GLY Z 37 32.04 31.74 112.23
C GLY Z 37 32.00 30.56 111.29
N GLY Z 38 30.81 30.26 110.77
CA GLY Z 38 30.59 29.05 110.02
C GLY Z 38 30.21 27.85 110.86
N ALA Z 39 30.11 28.02 112.17
CA ALA Z 39 29.72 26.96 113.08
C ALA Z 39 28.29 27.19 113.54
N LEU Z 40 27.46 26.16 113.41
CA LEU Z 40 26.06 26.28 113.79
C LEU Z 40 25.92 26.41 115.30
N LEU Z 41 25.14 27.39 115.73
CA LEU Z 41 24.94 27.61 117.16
C LEU Z 41 24.10 26.50 117.77
N THR Z 42 24.33 26.24 119.05
CA THR Z 42 23.59 25.19 119.74
C THR Z 42 22.17 25.58 120.07
N SER Z 43 21.84 26.88 120.01
CA SER Z 43 20.54 27.38 120.41
C SER Z 43 19.82 27.96 119.20
N THR Z 44 18.55 27.56 119.02
CA THR Z 44 17.72 28.08 117.96
C THR Z 44 16.72 29.10 118.53
N SER Z 45 16.04 29.80 117.62
CA SER Z 45 15.07 30.82 117.99
C SER Z 45 13.77 30.61 117.23
N GLY Z 46 12.65 30.76 117.94
CA GLY Z 46 11.36 30.62 117.33
C GLY Z 46 10.98 31.86 116.54
N PRO Z 47 9.77 31.83 115.98
CA PRO Z 47 9.30 32.98 115.21
C PRO Z 47 9.06 34.19 116.09
N GLY Z 48 9.26 35.38 115.51
CA GLY Z 48 9.09 36.63 116.18
C GLY Z 48 10.29 37.52 115.99
N PHE Z 49 10.40 38.54 116.84
CA PHE Z 49 11.55 39.43 116.84
C PHE Z 49 12.63 38.84 117.74
N HIS Z 50 13.86 38.82 117.24
CA HIS Z 50 14.96 38.20 117.97
C HIS Z 50 16.23 39.01 117.74
N LEU Z 51 17.17 38.88 118.67
CA LEU Z 51 18.42 39.62 118.66
C LEU Z 51 19.59 38.66 118.54
N MET Z 52 20.66 39.14 117.91
CA MET Z 52 21.88 38.36 117.74
C MET Z 52 23.06 39.31 117.66
N LEU Z 53 24.25 38.77 117.91
CA LEU Z 53 25.45 39.58 117.83
C LEU Z 53 25.67 39.99 116.38
N PRO Z 54 25.72 41.28 116.06
CA PRO Z 54 25.68 41.70 114.65
C PRO Z 54 27.04 41.66 113.99
N PHE Z 55 27.01 41.68 112.65
CA PHE Z 55 28.13 41.88 111.76
C PHE Z 55 29.05 40.66 111.66
N ILE Z 56 28.86 39.64 112.49
CA ILE Z 56 29.66 38.42 112.38
C ILE Z 56 28.72 37.24 112.19
N THR Z 57 27.67 37.17 112.99
CA THR Z 57 26.74 36.05 112.93
C THR Z 57 25.78 36.22 111.77
N SER Z 58 25.46 35.11 111.11
CA SER Z 58 24.45 35.06 110.07
C SER Z 58 23.33 34.13 110.50
N TYR Z 59 22.17 34.26 109.88
CA TYR Z 59 21.00 33.50 110.25
C TYR Z 59 20.31 32.95 109.01
N LYS Z 60 19.59 31.86 109.20
CA LYS Z 60 18.74 31.28 108.16
C LYS Z 60 17.47 30.77 108.81
N SER Z 61 16.33 31.09 108.20
CA SER Z 61 15.02 30.64 108.67
C SER Z 61 14.60 29.45 107.83
N VAL Z 62 14.45 28.29 108.46
CA VAL Z 62 14.03 27.07 107.79
C VAL Z 62 12.58 26.80 108.16
N GLN Z 63 11.76 26.51 107.17
CA GLN Z 63 10.34 26.30 107.40
C GLN Z 63 10.10 24.98 108.13
N THR Z 64 9.17 25.00 109.08
CA THR Z 64 8.81 23.81 109.85
C THR Z 64 7.40 23.34 109.56
N THR Z 65 6.65 24.03 108.72
CA THR Z 65 5.30 23.64 108.35
C THR Z 65 5.28 23.00 106.97
N LEU Z 66 4.11 22.51 106.57
CA LEU Z 66 3.99 21.80 105.31
C LEU Z 66 4.44 22.69 104.16
N GLN Z 67 5.29 22.14 103.30
CA GLN Z 67 5.78 22.82 102.13
C GLN Z 67 5.85 21.82 100.97
N THR Z 68 5.60 22.31 99.77
CA THR Z 68 5.51 21.48 98.58
C THR Z 68 6.52 21.93 97.53
N ASP Z 69 7.15 20.97 96.88
CA ASP Z 69 8.02 21.27 95.74
C ASP Z 69 8.01 20.08 94.80
N GLU Z 70 8.33 20.36 93.54
CA GLU Z 70 8.10 19.39 92.47
C GLU Z 70 9.34 19.20 91.61
N VAL Z 71 9.39 18.04 90.96
CA VAL Z 71 10.36 17.74 89.92
C VAL Z 71 9.60 17.61 88.61
N LYS Z 72 10.27 17.93 87.50
CA LYS Z 72 9.63 18.03 86.20
C LYS Z 72 10.31 17.12 85.19
N ASN Z 73 9.50 16.56 84.29
CA ASN Z 73 9.99 15.73 83.18
C ASN Z 73 10.86 14.59 83.69
N VAL Z 74 10.38 13.91 84.70
CA VAL Z 74 11.11 12.75 85.24
C VAL Z 74 10.96 11.59 84.26
N PRO Z 75 12.04 11.02 83.74
CA PRO Z 75 11.91 9.84 82.88
C PRO Z 75 11.54 8.61 83.69
N CYS Z 76 10.98 7.62 83.00
CA CYS Z 76 10.57 6.38 83.65
C CYS Z 76 10.50 5.29 82.60
N GLY Z 77 11.38 4.30 82.70
CA GLY Z 77 11.41 3.21 81.75
C GLY Z 77 10.57 2.03 82.20
N THR Z 78 9.53 1.70 81.45
CA THR Z 78 8.65 0.62 81.83
C THR Z 78 9.31 -0.72 81.53
N SER Z 79 8.76 -1.79 82.13
CA SER Z 79 9.32 -3.12 81.95
C SER Z 79 9.26 -3.57 80.49
N GLY Z 80 8.42 -2.93 79.68
CA GLY Z 80 8.38 -3.23 78.27
C GLY Z 80 9.45 -2.58 77.44
N GLY Z 81 10.31 -1.77 78.06
CA GLY Z 81 11.38 -1.10 77.35
C GLY Z 81 11.03 0.28 76.82
N VAL Z 82 9.77 0.71 76.94
CA VAL Z 82 9.35 2.01 76.45
C VAL Z 82 9.53 3.03 77.57
N MET Z 83 9.95 4.24 77.20
CA MET Z 83 10.21 5.31 78.15
C MET Z 83 9.04 6.29 78.14
N ILE Z 84 8.51 6.58 79.33
CA ILE Z 84 7.43 7.54 79.50
C ILE Z 84 7.87 8.57 80.53
N TYR Z 85 7.47 9.81 80.31
CA TYR Z 85 7.95 10.95 81.09
C TYR Z 85 6.82 11.49 81.94
N PHE Z 86 7.03 11.53 83.25
CA PHE Z 86 6.10 12.19 84.16
C PHE Z 86 6.40 13.69 84.16
N ASP Z 87 5.44 14.48 83.69
CA ASP Z 87 5.69 15.92 83.56
C ASP Z 87 5.87 16.59 84.90
N ARG Z 88 5.19 16.12 85.94
CA ARG Z 88 5.28 16.74 87.26
C ARG Z 88 5.14 15.67 88.33
N ILE Z 89 6.03 15.74 89.33
CA ILE Z 89 5.94 14.92 90.54
C ILE Z 89 6.16 15.85 91.72
N GLU Z 90 5.11 16.09 92.49
CA GLU Z 90 5.17 17.00 93.63
C GLU Z 90 5.25 16.21 94.93
N VAL Z 91 6.08 16.70 95.84
CA VAL Z 91 6.20 16.13 97.18
C VAL Z 91 5.92 17.24 98.18
N VAL Z 92 5.05 16.94 99.15
CA VAL Z 92 4.72 17.84 100.24
C VAL Z 92 5.21 17.21 101.52
N ASN Z 93 5.98 17.97 102.30
CA ASN Z 93 6.66 17.45 103.48
C ASN Z 93 6.70 18.52 104.55
N PHE Z 94 6.92 18.09 105.79
CA PHE Z 94 7.03 19.02 106.92
C PHE Z 94 8.07 18.53 107.90
N LEU Z 95 8.67 19.47 108.62
CA LEU Z 95 9.75 19.21 109.56
C LEU Z 95 9.28 19.50 110.98
N VAL Z 96 9.44 18.52 111.86
CA VAL Z 96 9.11 18.72 113.27
C VAL Z 96 10.08 19.74 113.86
N PRO Z 97 9.61 20.75 114.59
CA PRO Z 97 10.53 21.82 115.03
C PRO Z 97 11.68 21.33 115.91
N ASN Z 98 11.45 20.32 116.75
CA ASN Z 98 12.50 19.92 117.70
C ASN Z 98 13.71 19.35 116.98
N ALA Z 99 13.52 18.68 115.85
CA ALA Z 99 14.60 18.04 115.11
C ALA Z 99 15.27 18.98 114.11
N VAL Z 100 14.87 20.24 114.08
CA VAL Z 100 15.40 21.18 113.09
C VAL Z 100 16.90 21.38 113.29
N TYR Z 101 17.33 21.52 114.54
CA TYR Z 101 18.74 21.75 114.82
C TYR Z 101 19.59 20.58 114.31
N ASP Z 102 19.18 19.36 114.64
CA ASP Z 102 19.92 18.19 114.19
C ASP Z 102 19.92 18.08 112.67
N ILE Z 103 18.76 18.35 112.05
CA ILE Z 103 18.68 18.25 110.60
C ILE Z 103 19.64 19.23 109.94
N VAL Z 104 19.66 20.47 110.42
CA VAL Z 104 20.51 21.48 109.82
C VAL Z 104 21.99 21.16 110.07
N LYS Z 105 22.31 20.65 111.25
CA LYS Z 105 23.70 20.29 111.52
C LYS Z 105 24.16 19.15 110.62
N ASN Z 106 23.34 18.11 110.48
CA ASN Z 106 23.72 16.97 109.65
C ASN Z 106 23.82 17.37 108.18
N TYR Z 107 22.80 18.08 107.67
CA TYR Z 107 22.76 18.48 106.28
C TYR Z 107 22.46 19.98 106.22
N THR Z 108 22.98 20.62 105.18
CA THR Z 108 22.84 22.06 105.06
C THR Z 108 21.36 22.44 105.00
N ALA Z 109 21.11 23.75 105.06
CA ALA Z 109 19.74 24.24 105.06
C ALA Z 109 18.96 23.72 103.84
N ASP Z 110 19.66 23.46 102.73
CA ASP Z 110 19.02 22.87 101.56
C ASP Z 110 18.95 21.36 101.72
N TYR Z 111 18.41 20.90 102.85
CA TYR Z 111 18.34 19.47 103.11
C TYR Z 111 17.35 18.78 102.18
N ASP Z 112 16.25 19.46 101.86
CA ASP Z 112 15.15 18.80 101.14
C ASP Z 112 15.60 18.31 99.78
N LYS Z 113 16.44 19.09 99.09
CA LYS Z 113 16.92 18.67 97.78
C LYS Z 113 17.56 17.28 97.90
N ALA Z 114 18.67 17.22 98.64
CA ALA Z 114 19.44 15.97 98.74
C ALA Z 114 18.65 14.85 99.40
N LEU Z 115 17.61 15.18 100.17
CA LEU Z 115 16.89 14.14 100.91
C LEU Z 115 15.64 13.63 100.20
N ILE Z 116 15.12 14.36 99.22
CA ILE Z 116 13.91 13.93 98.53
C ILE Z 116 14.09 13.95 97.01
N PHE Z 117 14.50 15.11 96.49
CA PHE Z 117 14.33 15.38 95.07
C PHE Z 117 15.49 14.87 94.22
N ASN Z 118 16.58 14.46 94.83
CA ASN Z 118 17.64 13.75 94.12
C ASN Z 118 17.41 12.25 94.10
N LYS Z 119 16.42 11.76 94.84
CA LYS Z 119 16.07 10.34 94.87
C LYS Z 119 14.72 10.04 94.23
N ILE Z 120 13.90 11.07 94.01
CA ILE Z 120 12.58 10.85 93.41
C ILE Z 120 12.73 10.10 92.10
N HIS Z 121 13.65 10.58 91.24
CA HIS Z 121 13.76 9.99 89.91
C HIS Z 121 14.27 8.56 89.97
N HIS Z 122 15.18 8.26 90.89
CA HIS Z 122 15.67 6.89 91.01
C HIS Z 122 14.56 5.95 91.49
N GLU Z 123 13.80 6.36 92.51
CA GLU Z 123 12.71 5.51 92.98
C GLU Z 123 11.69 5.29 91.88
N LEU Z 124 11.35 6.35 91.14
CA LEU Z 124 10.40 6.21 90.05
C LEU Z 124 10.93 5.27 88.98
N ASN Z 125 12.22 5.37 88.66
CA ASN Z 125 12.80 4.49 87.66
C ASN Z 125 12.73 3.04 88.10
N GLN Z 126 13.02 2.76 89.37
CA GLN Z 126 12.89 1.39 89.86
C GLN Z 126 11.46 0.90 89.76
N PHE Z 127 10.50 1.72 90.16
CA PHE Z 127 9.09 1.32 90.09
C PHE Z 127 8.68 1.02 88.66
N CYS Z 128 9.07 1.89 87.72
CA CYS Z 128 8.70 1.69 86.33
C CYS Z 128 9.39 0.46 85.74
N SER Z 129 10.65 0.22 86.10
CA SER Z 129 11.32 -0.98 85.63
C SER Z 129 10.58 -2.23 86.10
N VAL Z 130 10.08 -2.21 87.34
CA VAL Z 130 9.31 -3.36 87.81
C VAL Z 130 8.01 -3.49 87.04
N HIS Z 131 7.29 -2.40 86.82
CA HIS Z 131 5.96 -2.47 86.24
C HIS Z 131 5.97 -2.20 84.73
N THR Z 132 4.85 -2.52 84.09
CA THR Z 132 4.72 -2.39 82.64
C THR Z 132 4.12 -1.03 82.27
N LEU Z 133 3.97 -0.80 80.96
CA LEU Z 133 3.43 0.48 80.51
C LEU Z 133 1.94 0.60 80.82
N GLN Z 134 1.17 -0.44 80.52
CA GLN Z 134 -0.25 -0.40 80.83
C GLN Z 134 -0.48 -0.23 82.32
N GLU Z 135 0.25 -0.97 83.14
CA GLU Z 135 0.03 -0.92 84.59
C GLU Z 135 0.32 0.47 85.14
N VAL Z 136 1.44 1.07 84.72
CA VAL Z 136 1.80 2.39 85.24
C VAL Z 136 0.85 3.46 84.70
N TYR Z 137 0.51 3.38 83.41
CA TYR Z 137 -0.25 4.44 82.78
C TYR Z 137 -1.74 4.41 83.15
N ILE Z 138 -2.30 3.23 83.39
CA ILE Z 138 -3.75 3.10 83.57
C ILE Z 138 -4.08 2.45 84.91
N GLU Z 139 -3.65 1.20 85.09
CA GLU Z 139 -4.17 0.39 86.18
C GLU Z 139 -3.59 0.82 87.52
N LEU Z 140 -2.27 0.70 87.69
CA LEU Z 140 -1.62 1.00 88.95
C LEU Z 140 -1.27 2.47 89.11
N PHE Z 141 -1.93 3.35 88.36
CA PHE Z 141 -1.61 4.78 88.47
C PHE Z 141 -1.87 5.29 89.89
N ASP Z 142 -2.99 4.87 90.49
CA ASP Z 142 -3.32 5.35 91.83
C ASP Z 142 -2.33 4.88 92.89
N GLN Z 143 -1.46 3.90 92.55
CA GLN Z 143 -0.49 3.39 93.51
C GLN Z 143 0.90 3.97 93.33
N ILE Z 144 1.16 4.69 92.23
CA ILE Z 144 2.50 5.22 91.98
C ILE Z 144 2.92 6.15 93.11
N ASP Z 145 2.04 7.10 93.44
CA ASP Z 145 2.38 8.08 94.47
C ASP Z 145 2.54 7.40 95.82
N GLU Z 146 1.66 6.45 96.14
CA GLU Z 146 1.76 5.77 97.42
C GLU Z 146 3.08 5.01 97.54
N ASN Z 147 3.47 4.30 96.49
CA ASN Z 147 4.72 3.54 96.54
C ASN Z 147 5.93 4.47 96.64
N LEU Z 148 5.91 5.57 95.87
CA LEU Z 148 7.04 6.50 95.92
C LEU Z 148 7.14 7.14 97.31
N LYS Z 149 6.00 7.52 97.89
CA LYS Z 149 6.01 8.08 99.24
C LYS Z 149 6.53 7.08 100.24
N LEU Z 150 6.11 5.81 100.13
CA LEU Z 150 6.61 4.79 101.04
C LEU Z 150 8.12 4.66 100.93
N ALA Z 151 8.65 4.64 99.70
CA ALA Z 151 10.08 4.49 99.53
C ALA Z 151 10.83 5.66 100.14
N LEU Z 152 10.38 6.89 99.85
CA LEU Z 152 11.06 8.07 100.39
C LEU Z 152 11.03 8.08 101.91
N GLN Z 153 9.87 7.79 102.49
CA GLN Z 153 9.75 7.80 103.95
C GLN Z 153 10.62 6.71 104.58
N GLN Z 154 10.66 5.53 103.96
CA GLN Z 154 11.48 4.46 104.49
C GLN Z 154 12.95 4.85 104.47
N ASP Z 155 13.39 5.50 103.39
CA ASP Z 155 14.77 5.96 103.34
C ASP Z 155 15.05 7.01 104.40
N LEU Z 156 14.12 7.94 104.60
CA LEU Z 156 14.36 9.07 105.50
C LEU Z 156 14.29 8.69 106.97
N THR Z 157 13.43 7.74 107.34
CA THR Z 157 13.08 7.55 108.75
C THR Z 157 14.32 7.43 109.64
N SER Z 158 15.33 6.71 109.17
CA SER Z 158 16.53 6.50 109.98
C SER Z 158 17.61 7.54 109.73
N MET Z 159 17.86 7.87 108.46
CA MET Z 159 18.95 8.79 108.13
C MET Z 159 18.66 10.19 108.67
N ALA Z 160 17.45 10.69 108.48
CA ALA Z 160 17.08 12.05 108.85
C ALA Z 160 15.76 12.03 109.60
N PRO Z 161 15.75 11.55 110.84
CA PRO Z 161 14.50 11.50 111.60
C PRO Z 161 13.92 12.88 111.83
N GLY Z 162 12.58 12.97 111.80
CA GLY Z 162 11.87 14.20 112.05
C GLY Z 162 11.36 14.90 110.81
N LEU Z 163 11.91 14.58 109.63
CA LEU Z 163 11.46 15.16 108.38
C LEU Z 163 10.44 14.21 107.76
N VAL Z 164 9.17 14.52 107.92
CA VAL Z 164 8.09 13.64 107.48
C VAL Z 164 7.65 14.07 106.09
N ILE Z 165 7.31 13.09 105.25
CA ILE Z 165 6.83 13.34 103.90
C ILE Z 165 5.32 13.11 103.92
N GLN Z 166 4.55 14.21 103.95
CA GLN Z 166 3.12 14.11 104.12
C GLN Z 166 2.44 13.49 102.90
N ALA Z 167 2.78 13.96 101.70
CA ALA Z 167 2.04 13.50 100.53
C ALA Z 167 2.90 13.58 99.28
N VAL Z 168 2.47 12.82 98.26
CA VAL Z 168 3.10 12.81 96.95
C VAL Z 168 2.02 12.79 95.89
N ARG Z 169 2.23 13.53 94.81
CA ARG Z 169 1.32 13.57 93.68
C ARG Z 169 2.11 13.46 92.38
N VAL Z 170 1.51 12.88 91.36
CA VAL Z 170 2.17 12.66 90.08
C VAL Z 170 1.18 12.92 88.95
N THR Z 171 1.67 13.50 87.86
CA THR Z 171 0.86 13.63 86.67
C THR Z 171 0.91 12.34 85.85
N LYS Z 172 -0.05 12.20 84.94
CA LYS Z 172 -0.09 11.02 84.10
C LYS Z 172 1.07 11.06 83.08
N PRO Z 173 1.74 9.94 82.85
CA PRO Z 173 2.91 9.95 81.98
C PRO Z 173 2.55 10.30 80.55
N ASN Z 174 3.58 10.69 79.79
CA ASN Z 174 3.45 11.04 78.38
C ASN Z 174 3.87 9.82 77.57
N ILE Z 175 2.89 9.02 77.17
CA ILE Z 175 3.17 7.80 76.40
C ILE Z 175 3.53 8.21 74.97
N PRO Z 176 4.24 7.36 74.23
CA PRO Z 176 4.65 7.75 72.87
C PRO Z 176 3.47 7.96 71.95
N GLU Z 177 3.72 8.68 70.85
CA GLU Z 177 2.66 9.01 69.92
C GLU Z 177 2.06 7.75 69.28
N ALA Z 178 2.93 6.82 68.87
CA ALA Z 178 2.43 5.62 68.20
C ALA Z 178 1.51 4.81 69.11
N ILE Z 179 1.90 4.66 70.38
CA ILE Z 179 1.06 3.94 71.32
C ILE Z 179 -0.20 4.73 71.63
N ARG Z 180 -0.10 6.05 71.71
CA ARG Z 180 -1.27 6.87 72.00
C ARG Z 180 -2.32 6.74 70.91
N ARG Z 181 -1.87 6.66 69.65
CA ARG Z 181 -2.82 6.56 68.55
C ARG Z 181 -3.64 5.28 68.64
N ASN Z 182 -3.01 4.18 69.04
CA ASN Z 182 -3.76 2.93 69.19
C ASN Z 182 -4.81 3.03 70.28
N TYR Z 183 -4.50 3.72 71.38
CA TYR Z 183 -5.48 3.87 72.45
C TYR Z 183 -6.71 4.62 71.95
N GLU Z 184 -6.51 5.66 71.14
CA GLU Z 184 -7.64 6.36 70.55
C GLU Z 184 -8.42 5.45 69.61
N LEU Z 185 -7.72 4.60 68.85
CA LEU Z 185 -8.40 3.68 67.95
C LEU Z 185 -9.28 2.71 68.74
N MET Z 186 -8.77 2.20 69.86
CA MET Z 186 -9.59 1.31 70.69
C MET Z 186 -10.91 1.97 71.07
N GLU Z 187 -10.84 3.21 71.55
CA GLU Z 187 -12.06 3.90 71.96
C GLU Z 187 -12.97 4.17 70.76
N SER Z 188 -12.39 4.40 69.58
CA SER Z 188 -13.20 4.58 68.39
C SER Z 188 -14.01 3.33 68.08
N GLU Z 189 -13.47 2.16 68.40
CA GLU Z 189 -14.21 0.91 68.19
C GLU Z 189 -15.31 0.73 69.22
N LYS Z 190 -15.09 1.22 70.45
CA LYS Z 190 -16.12 1.11 71.48
C LYS Z 190 -17.37 1.88 71.10
N THR Z 191 -17.24 2.93 70.30
CA THR Z 191 -18.39 3.71 69.86
C THR Z 191 -18.91 3.25 68.50
N LYS Z 192 -18.06 2.63 67.67
CA LYS Z 192 -18.55 2.05 66.42
C LYS Z 192 -19.55 0.94 66.69
N LEU Z 193 -19.44 0.28 67.84
CA LEU Z 193 -20.43 -0.73 68.22
C LEU Z 193 -21.79 -0.09 68.43
N LEU Z 194 -21.83 1.09 69.04
CA LEU Z 194 -23.10 1.76 69.29
C LEU Z 194 -23.79 2.15 67.99
N ILE Z 195 -22.99 2.58 66.99
CA ILE Z 195 -23.56 2.96 65.71
C ILE Z 195 -24.26 1.78 65.05
N ALA Z 196 -23.65 0.59 65.14
CA ALA Z 196 -24.23 -0.61 64.54
C ALA Z 196 -25.56 -0.98 65.18
N ALA Z 197 -25.71 -0.79 66.49
CA ALA Z 197 -26.95 -1.11 67.16
C ALA Z 197 -28.14 -0.29 66.64
N GLN Z 198 -27.88 0.87 66.06
CA GLN Z 198 -28.93 1.69 65.46
C GLN Z 198 -29.08 1.42 63.97
N LYS Z 199 -27.96 1.22 63.27
CA LYS Z 199 -28.04 0.84 61.87
C LYS Z 199 -28.80 -0.47 61.71
N GLN Z 200 -28.76 -1.32 62.73
CA GLN Z 200 -29.55 -2.56 62.70
C GLN Z 200 -31.04 -2.24 62.57
N LYS Z 201 -31.54 -1.36 63.41
CA LYS Z 201 -32.96 -0.99 63.35
C LYS Z 201 -33.29 -0.32 62.03
N VAL Z 202 -32.39 0.53 61.54
CA VAL Z 202 -32.64 1.20 60.27
C VAL Z 202 -32.79 0.17 59.14
N VAL Z 203 -31.87 -0.80 59.09
CA VAL Z 203 -31.92 -1.82 58.05
C VAL Z 203 -33.18 -2.66 58.19
N GLU Z 204 -33.55 -3.00 59.43
CA GLU Z 204 -34.77 -3.77 59.64
C GLU Z 204 -35.98 -3.03 59.10
N LYS Z 205 -36.07 -1.73 59.38
CA LYS Z 205 -37.22 -0.96 58.90
C LYS Z 205 -37.25 -0.90 57.38
N GLU Z 206 -36.08 -0.71 56.75
CA GLU Z 206 -36.06 -0.67 55.30
C GLU Z 206 -36.50 -2.00 54.70
N ALA Z 207 -36.03 -3.11 55.28
CA ALA Z 207 -36.44 -4.42 54.78
C ALA Z 207 -37.94 -4.64 54.96
N GLU Z 208 -38.50 -4.19 56.09
CA GLU Z 208 -39.93 -4.32 56.31
C GLU Z 208 -40.71 -3.51 55.27
N THR Z 209 -40.24 -2.32 54.94
CA THR Z 209 -40.90 -1.53 53.91
C THR Z 209 -40.87 -2.26 52.57
N GLU Z 210 -39.73 -2.85 52.23
CA GLU Z 210 -39.65 -3.61 50.99
C GLU Z 210 -40.64 -4.77 51.00
N ARG Z 211 -40.76 -5.45 52.14
CA ARG Z 211 -41.69 -6.56 52.26
C ARG Z 211 -43.13 -6.09 52.02
N LYS Z 212 -43.51 -4.97 52.63
CA LYS Z 212 -44.86 -4.45 52.44
C LYS Z 212 -45.12 -4.13 50.98
N LYS Z 213 -44.14 -3.49 50.32
CA LYS Z 213 -44.32 -3.18 48.90
C LYS Z 213 -44.50 -4.45 48.08
N ALA Z 214 -43.71 -5.48 48.36
CA ALA Z 214 -43.84 -6.73 47.61
C ALA Z 214 -45.21 -7.36 47.83
N LEU Z 215 -45.72 -7.33 49.05
CA LEU Z 215 -47.04 -7.88 49.31
C LEU Z 215 -48.11 -7.13 48.54
N ILE Z 216 -48.02 -5.80 48.51
CA ILE Z 216 -49.01 -5.02 47.77
C ILE Z 216 -48.97 -5.39 46.29
N GLU Z 217 -47.76 -5.52 45.73
CA GLU Z 217 -47.64 -5.90 44.33
C GLU Z 217 -48.25 -7.27 44.07
N ALA Z 218 -48.01 -8.22 44.98
CA ALA Z 218 -48.57 -9.55 44.81
C ALA Z 218 -50.10 -9.52 44.79
N GLU Z 219 -50.70 -8.76 45.70
CA GLU Z 219 -52.16 -8.64 45.71
C GLU Z 219 -52.66 -8.00 44.41
N LYS Z 220 -51.95 -6.99 43.93
CA LYS Z 220 -52.31 -6.38 42.65
C LYS Z 220 -52.36 -7.44 41.55
N VAL Z 221 -51.30 -8.24 41.45
CA VAL Z 221 -51.24 -9.25 40.41
C VAL Z 221 -52.38 -10.25 40.57
N ALA Z 222 -52.69 -10.62 41.80
CA ALA Z 222 -53.78 -11.57 42.05
C ALA Z 222 -55.10 -11.03 41.51
N GLN Z 223 -55.42 -9.78 41.84
CA GLN Z 223 -56.70 -9.21 41.41
C GLN Z 223 -56.75 -9.07 39.88
N VAL Z 224 -55.66 -8.63 39.27
CA VAL Z 224 -55.62 -8.52 37.82
C VAL Z 224 -55.85 -9.89 37.19
N ALA Z 225 -55.21 -10.93 37.75
CA ALA Z 225 -55.40 -12.27 37.23
C ALA Z 225 -56.86 -12.70 37.33
N GLU Z 226 -57.51 -12.40 38.45
CA GLU Z 226 -58.91 -12.76 38.59
C GLU Z 226 -59.76 -12.11 37.50
N ILE Z 227 -59.52 -10.83 37.26
CA ILE Z 227 -60.32 -10.12 36.25
C ILE Z 227 -60.09 -10.74 34.87
N THR Z 228 -58.83 -10.97 34.51
CA THR Z 228 -58.56 -11.49 33.17
C THR Z 228 -59.12 -12.90 33.00
N TYR Z 229 -59.14 -13.69 34.07
CA TYR Z 229 -59.67 -15.05 33.91
C TYR Z 229 -61.20 -15.07 33.85
N GLY Z 230 -61.87 -14.16 34.54
CA GLY Z 230 -63.29 -13.97 34.25
C GLY Z 230 -63.53 -13.61 32.80
N GLN Z 231 -62.69 -12.72 32.27
CA GLN Z 231 -62.79 -12.37 30.85
C GLN Z 231 -62.62 -13.60 29.98
N LYS Z 232 -61.65 -14.46 30.32
CA LYS Z 232 -61.42 -15.66 29.50
C LYS Z 232 -62.60 -16.63 29.57
N VAL Z 233 -63.26 -16.74 30.72
CA VAL Z 233 -64.46 -17.56 30.81
C VAL Z 233 -65.53 -17.03 29.86
N MET Z 234 -65.75 -15.72 29.87
CA MET Z 234 -66.71 -15.15 28.93
C MET Z 234 -66.30 -15.42 27.49
N GLU Z 235 -65.01 -15.29 27.21
CA GLU Z 235 -64.49 -15.56 25.87
C GLU Z 235 -64.85 -16.97 25.43
N LYS Z 236 -64.65 -17.95 26.31
CA LYS Z 236 -64.92 -19.33 25.91
C LYS Z 236 -66.41 -19.60 25.77
N GLU Z 237 -67.25 -18.93 26.55
CA GLU Z 237 -68.69 -19.04 26.34
C GLU Z 237 -69.06 -18.55 24.94
N THR Z 238 -68.53 -17.39 24.55
CA THR Z 238 -68.81 -16.89 23.22
C THR Z 238 -68.25 -17.82 22.14
N GLU Z 239 -67.09 -18.42 22.40
CA GLU Z 239 -66.52 -19.36 21.44
C GLU Z 239 -67.43 -20.59 21.28
N LYS Z 240 -68.03 -21.05 22.38
CA LYS Z 240 -68.99 -22.14 22.28
C LYS Z 240 -70.16 -21.75 21.40
N LYS Z 241 -70.68 -20.52 21.57
CA LYS Z 241 -71.78 -20.08 20.71
C LYS Z 241 -71.35 -20.03 19.25
N ILE Z 242 -70.13 -19.56 19.00
CA ILE Z 242 -69.62 -19.50 17.62
C ILE Z 242 -69.53 -20.90 17.03
N SER Z 243 -69.05 -21.87 17.81
CA SER Z 243 -68.99 -23.24 17.34
C SER Z 243 -70.38 -23.77 17.05
N GLU Z 244 -71.35 -23.40 17.87
CA GLU Z 244 -72.74 -23.81 17.60
C GLU Z 244 -73.20 -23.28 16.25
N ILE Z 245 -72.89 -22.02 15.93
CA ILE Z 245 -73.26 -21.49 14.63
C ILE Z 245 -72.55 -22.24 13.51
N GLU Z 246 -71.24 -22.45 13.69
CA GLU Z 246 -70.45 -23.10 12.64
C GLU Z 246 -70.92 -24.53 12.42
N ASP Z 247 -71.51 -25.16 13.43
CA ASP Z 247 -72.05 -26.51 13.26
C ASP Z 247 -73.17 -26.51 12.23
N ALA Z 248 -74.14 -25.61 12.40
CA ALA Z 248 -75.22 -25.52 11.42
C ALA Z 248 -74.70 -25.09 10.06
N ALA Z 249 -73.70 -24.21 10.03
CA ALA Z 249 -73.13 -23.80 8.76
C ALA Z 249 -72.50 -24.98 8.02
N PHE Z 250 -71.78 -25.83 8.75
CA PHE Z 250 -71.08 -26.95 8.14
C PHE Z 250 -72.03 -28.08 7.77
N LEU Z 251 -73.05 -28.31 8.60
CA LEU Z 251 -73.96 -29.42 8.34
C LEU Z 251 -74.69 -29.21 7.02
N ALA Z 252 -75.08 -27.98 6.71
CA ALA Z 252 -75.76 -27.70 5.45
C ALA Z 252 -74.84 -27.97 4.26
N ARG Z 253 -73.56 -27.61 4.38
CA ARG Z 253 -72.63 -27.83 3.28
C ARG Z 253 -72.55 -29.30 2.90
N GLU Z 254 -72.45 -30.18 3.90
CA GLU Z 254 -72.36 -31.60 3.62
C GLU Z 254 -73.64 -32.14 3.01
N LYS Z 255 -74.79 -31.62 3.44
CA LYS Z 255 -76.05 -32.00 2.81
C LYS Z 255 -76.08 -31.55 1.34
N ALA Z 256 -75.42 -30.44 1.03
CA ALA Z 256 -75.33 -30.01 -0.35
C ALA Z 256 -74.39 -30.89 -1.15
N LYS Z 257 -73.22 -31.19 -0.58
CA LYS Z 257 -72.26 -32.06 -1.28
C LYS Z 257 -72.84 -33.43 -1.53
N ALA Z 258 -73.55 -33.98 -0.54
CA ALA Z 258 -74.16 -35.30 -0.70
C ALA Z 258 -75.16 -35.29 -1.85
N ASP Z 259 -75.99 -34.26 -1.92
CA ASP Z 259 -76.99 -34.18 -2.99
C ASP Z 259 -76.33 -33.93 -4.34
N ALA Z 260 -75.31 -33.06 -4.38
CA ALA Z 260 -74.63 -32.79 -5.63
C ALA Z 260 -73.95 -34.05 -6.17
N GLU Z 261 -73.28 -34.79 -5.29
CA GLU Z 261 -72.67 -36.05 -5.71
C GLU Z 261 -73.73 -37.10 -6.03
N CYS Z 262 -74.83 -37.12 -5.28
CA CYS Z 262 -75.88 -38.09 -5.53
C CYS Z 262 -76.47 -37.91 -6.93
N TYR Z 263 -76.73 -36.66 -7.33
CA TYR Z 263 -77.26 -36.41 -8.65
C TYR Z 263 -76.28 -36.84 -9.74
N THR Z 264 -75.00 -36.54 -9.56
CA THR Z 264 -74.01 -36.91 -10.56
C THR Z 264 -73.94 -38.42 -10.75
N ALA Z 265 -74.17 -39.18 -9.69
CA ALA Z 265 -74.06 -40.64 -9.79
C ALA Z 265 -75.22 -41.23 -10.57
N MET Z 266 -76.44 -40.72 -10.38
CA MET Z 266 -77.56 -41.22 -11.17
C MET Z 266 -77.38 -40.90 -12.65
N LYS Z 267 -76.82 -39.72 -12.96
CA LYS Z 267 -76.57 -39.39 -14.36
C LYS Z 267 -75.51 -40.30 -14.97
N ILE Z 268 -74.43 -40.57 -14.22
CA ILE Z 268 -73.44 -41.53 -14.70
C ILE Z 268 -74.04 -42.91 -14.79
N ALA Z 269 -74.94 -43.26 -13.87
CA ALA Z 269 -75.62 -44.54 -13.94
C ALA Z 269 -76.43 -44.67 -15.22
N GLU Z 270 -77.15 -43.60 -15.59
CA GLU Z 270 -77.95 -43.64 -16.81
C GLU Z 270 -77.06 -43.65 -18.05
N ALA Z 271 -76.01 -42.84 -18.06
CA ALA Z 271 -75.12 -42.79 -19.21
C ALA Z 271 -74.43 -44.13 -19.42
N ASN Z 272 -73.96 -44.75 -18.34
CA ASN Z 272 -73.26 -46.03 -18.45
C ASN Z 272 -74.17 -47.12 -18.99
N LYS Z 273 -75.49 -46.96 -18.90
CA LYS Z 273 -76.39 -48.00 -19.39
C LYS Z 273 -76.21 -48.22 -20.88
N LEU Z 274 -75.94 -47.14 -21.63
CA LEU Z 274 -75.70 -47.22 -23.06
C LEU Z 274 -74.22 -47.25 -23.41
N LYS Z 275 -73.39 -46.49 -22.68
CA LYS Z 275 -71.97 -46.44 -22.99
C LYS Z 275 -71.30 -47.79 -22.77
N LEU Z 276 -71.66 -48.50 -21.69
CA LEU Z 276 -71.00 -49.75 -21.33
C LEU Z 276 -71.57 -50.90 -22.18
N THR Z 277 -71.30 -50.82 -23.46
CA THR Z 277 -71.57 -51.90 -24.39
C THR Z 277 -70.43 -52.90 -24.34
N PRO Z 278 -70.67 -54.16 -24.69
CA PRO Z 278 -69.55 -55.13 -24.71
C PRO Z 278 -68.37 -54.67 -25.54
N GLU Z 279 -68.62 -54.01 -26.68
CA GLU Z 279 -67.53 -53.53 -27.50
C GLU Z 279 -66.71 -52.47 -26.75
N TYR Z 280 -67.38 -51.55 -26.08
CA TYR Z 280 -66.66 -50.53 -25.32
C TYR Z 280 -65.88 -51.15 -24.17
N LEU Z 281 -66.47 -52.15 -23.51
CA LEU Z 281 -65.76 -52.83 -22.43
C LEU Z 281 -64.50 -53.53 -22.95
N GLN Z 282 -64.59 -54.17 -24.11
CA GLN Z 282 -63.41 -54.77 -24.71
C GLN Z 282 -62.36 -53.72 -25.05
N LEU Z 283 -62.80 -52.60 -25.62
CA LEU Z 283 -61.87 -51.53 -25.94
C LEU Z 283 -61.14 -51.05 -24.69
N MET Z 284 -61.88 -50.84 -23.60
CA MET Z 284 -61.25 -50.40 -22.37
C MET Z 284 -60.34 -51.48 -21.81
N LYS Z 285 -60.73 -52.75 -21.93
CA LYS Z 285 -59.87 -53.84 -21.51
C LYS Z 285 -58.51 -53.72 -22.16
N TYR Z 286 -58.48 -53.60 -23.48
CA TYR Z 286 -57.21 -53.56 -24.18
C TYR Z 286 -56.51 -52.21 -24.07
N LYS Z 287 -57.23 -51.16 -23.72
CA LYS Z 287 -56.62 -49.85 -23.55
C LYS Z 287 -55.99 -49.67 -22.17
N ALA Z 288 -56.47 -50.40 -21.16
CA ALA Z 288 -55.93 -50.26 -19.81
C ALA Z 288 -54.53 -50.84 -19.68
N ILE Z 289 -54.03 -51.55 -20.69
CA ILE Z 289 -52.73 -52.22 -20.63
C ILE Z 289 -51.70 -51.55 -21.50
N ALA Z 290 -52.04 -50.45 -22.18
CA ALA Z 290 -51.11 -49.87 -23.15
C ALA Z 290 -49.83 -49.39 -22.47
N SER Z 291 -49.96 -48.72 -21.32
CA SER Z 291 -48.79 -48.12 -20.68
C SER Z 291 -47.92 -49.15 -19.98
N ASN Z 292 -48.51 -50.21 -19.44
CA ASN Z 292 -47.75 -51.17 -18.65
C ASN Z 292 -46.61 -51.76 -19.47
N SER Z 293 -45.44 -51.89 -18.85
CA SER Z 293 -44.31 -52.54 -19.49
C SER Z 293 -44.62 -54.02 -19.71
N LYS Z 294 -44.16 -54.54 -20.85
CA LYS Z 294 -44.47 -55.91 -21.23
C LYS Z 294 -43.21 -56.61 -21.73
N ILE Z 295 -43.20 -57.93 -21.59
CA ILE Z 295 -42.15 -58.78 -22.14
C ILE Z 295 -42.82 -60.00 -22.72
N TYR Z 296 -42.35 -60.45 -23.88
CA TYR Z 296 -43.00 -61.50 -24.64
C TYR Z 296 -42.02 -62.64 -24.91
N PHE Z 297 -42.45 -63.87 -24.62
CA PHE Z 297 -41.71 -65.07 -24.98
C PHE Z 297 -42.65 -65.99 -25.74
N GLY Z 298 -42.43 -66.13 -27.05
CA GLY Z 298 -43.33 -66.91 -27.87
C GLY Z 298 -42.61 -67.55 -29.04
N LYS Z 299 -43.31 -68.46 -29.71
CA LYS Z 299 -42.72 -69.16 -30.84
C LYS Z 299 -42.40 -68.20 -31.97
N ASP Z 300 -43.32 -67.29 -32.29
CA ASP Z 300 -43.14 -66.37 -33.39
C ASP Z 300 -43.90 -65.09 -33.11
N ILE Z 301 -43.55 -64.05 -33.86
CA ILE Z 301 -44.11 -62.72 -33.61
C ILE Z 301 -45.62 -62.69 -33.84
N PRO Z 302 -46.16 -63.26 -34.92
CA PRO Z 302 -47.62 -63.17 -35.13
C PRO Z 302 -48.44 -63.72 -33.99
N ASN Z 303 -47.92 -64.69 -33.24
CA ASN Z 303 -48.63 -65.25 -32.09
C ASN Z 303 -48.77 -64.24 -30.97
N MET Z 304 -48.07 -63.12 -31.03
CA MET Z 304 -48.13 -62.14 -29.94
C MET Z 304 -49.54 -61.62 -29.74
N PHE Z 305 -50.27 -61.37 -30.83
CA PHE Z 305 -51.57 -60.71 -30.78
C PHE Z 305 -52.74 -61.68 -30.71
N MET Z 306 -52.47 -62.98 -30.69
CA MET Z 306 -53.55 -63.96 -30.57
C MET Z 306 -53.99 -64.07 -29.12
N ASP Z 307 -55.03 -64.88 -28.89
CA ASP Z 307 -55.57 -65.08 -27.56
C ASP Z 307 -55.13 -66.42 -26.99
#